data_2JZ4
#
_entry.id   2JZ4
#
_entity_poly.entity_id   1
_entity_poly.type   'polypeptide(L)'
_entity_poly.pdbx_seq_one_letter_code
;AQKVEAGGGAGGASWDDGVHDGVRKVHVGQGQDGVSSINVVYAKDSQDVEGGEHGKKTLLGFETFEVDADDYIVAVQVTY
DNVFGQDSDIITSITFNTFKGKTSPPYGLETQKKFVLKDKNGGKLVGFHGRAGEALYALGAYFATTTTPVTPAKKLSAIG
GDEGTAWDDGAYDGVKKVYVGQGQDGISAVKFEYNKGAENIVGGEHGKPTLLGFEEFEIDYPSEYITAVEGTYDKIFGSD
GLIITMLRFKTNKQTSAPFGLEAGTAFELKEEGHKIVGFHGKASELLHQFGVHVMPLTN
;
_entity_poly.pdbx_strand_id   A
#
# COMPACT_ATOMS: atom_id res chain seq x y z
N ALA A 1 -17.06 -13.84 -8.77
CA ALA A 1 -16.31 -12.61 -9.05
C ALA A 1 -16.45 -12.25 -10.52
N GLN A 2 -15.52 -12.63 -11.39
CA GLN A 2 -15.58 -12.31 -12.81
C GLN A 2 -16.70 -13.12 -13.47
N LYS A 3 -17.83 -12.44 -13.72
CA LYS A 3 -19.01 -13.04 -14.35
C LYS A 3 -19.73 -11.97 -15.15
N VAL A 4 -19.56 -11.99 -16.47
CA VAL A 4 -20.17 -11.06 -17.39
C VAL A 4 -21.63 -11.44 -17.59
N GLU A 5 -22.50 -10.43 -17.79
CA GLU A 5 -23.91 -10.67 -18.01
C GLU A 5 -24.19 -10.93 -19.49
N ALA A 6 -25.22 -11.75 -19.73
CA ALA A 6 -25.70 -12.16 -21.04
C ALA A 6 -26.55 -11.04 -21.64
N GLY A 7 -25.91 -9.98 -22.14
CA GLY A 7 -26.57 -8.84 -22.73
C GLY A 7 -27.18 -9.22 -24.08
N GLY A 8 -28.51 -9.21 -24.19
CA GLY A 8 -29.21 -9.55 -25.42
C GLY A 8 -30.65 -9.96 -25.13
N GLY A 9 -31.38 -10.35 -26.18
CA GLY A 9 -32.77 -10.77 -26.09
C GLY A 9 -32.95 -12.13 -25.42
N ALA A 10 -34.21 -12.55 -25.28
CA ALA A 10 -34.61 -13.81 -24.67
C ALA A 10 -35.77 -14.43 -25.46
N GLY A 11 -35.45 -15.20 -26.49
CA GLY A 11 -36.42 -15.88 -27.36
C GLY A 11 -36.01 -17.33 -27.66
N GLY A 12 -35.16 -17.94 -26.83
CA GLY A 12 -34.69 -19.31 -27.04
C GLY A 12 -34.22 -20.00 -25.76
N ALA A 13 -33.57 -21.16 -25.89
CA ALA A 13 -33.05 -21.98 -24.82
C ALA A 13 -31.75 -22.65 -25.28
N SER A 14 -30.60 -22.16 -24.81
CA SER A 14 -29.25 -22.66 -25.11
C SER A 14 -28.14 -22.02 -24.26
N TRP A 15 -28.51 -21.20 -23.28
CA TRP A 15 -27.63 -20.54 -22.34
C TRP A 15 -26.94 -21.57 -21.42
N ASP A 16 -26.22 -21.09 -20.41
CA ASP A 16 -25.45 -21.89 -19.48
C ASP A 16 -26.20 -23.07 -18.89
N ASP A 17 -25.78 -24.24 -19.34
CA ASP A 17 -26.31 -25.53 -18.90
C ASP A 17 -25.17 -26.51 -18.71
N GLY A 18 -25.45 -27.70 -18.16
CA GLY A 18 -24.45 -28.74 -17.89
C GLY A 18 -24.55 -29.97 -18.78
N VAL A 19 -25.56 -30.06 -19.66
CA VAL A 19 -25.75 -31.20 -20.55
C VAL A 19 -24.66 -31.32 -21.64
N HIS A 20 -24.07 -30.22 -22.08
CA HIS A 20 -23.03 -30.21 -23.10
C HIS A 20 -21.79 -30.91 -22.55
N ASP A 21 -21.42 -32.07 -23.11
CA ASP A 21 -20.23 -32.79 -22.65
C ASP A 21 -18.96 -32.07 -23.14
N GLY A 22 -19.05 -31.33 -24.24
CA GLY A 22 -17.95 -30.60 -24.83
C GLY A 22 -18.40 -29.87 -26.08
N VAL A 23 -17.47 -29.21 -26.77
CA VAL A 23 -17.66 -28.45 -27.98
C VAL A 23 -16.43 -28.60 -28.90
N ARG A 24 -16.59 -28.34 -30.19
CA ARG A 24 -15.55 -28.45 -31.22
C ARG A 24 -15.59 -27.32 -32.25
N LYS A 25 -16.75 -26.91 -32.77
CA LYS A 25 -16.81 -25.83 -33.76
C LYS A 25 -18.02 -24.98 -33.53
N VAL A 26 -17.91 -23.70 -33.89
CA VAL A 26 -18.97 -22.72 -33.73
C VAL A 26 -19.18 -22.09 -35.11
N HIS A 27 -20.43 -21.89 -35.51
CA HIS A 27 -20.83 -21.31 -36.78
C HIS A 27 -21.82 -20.19 -36.46
N VAL A 28 -21.71 -19.06 -37.16
CA VAL A 28 -22.55 -17.88 -36.97
C VAL A 28 -22.86 -17.32 -38.36
N GLY A 29 -23.99 -17.70 -38.94
CA GLY A 29 -24.38 -17.23 -40.26
C GLY A 29 -25.41 -16.11 -40.15
N GLN A 30 -24.97 -14.88 -40.46
CA GLN A 30 -25.75 -13.66 -40.45
C GLN A 30 -26.70 -13.70 -41.63
N GLY A 31 -27.98 -13.83 -41.31
CA GLY A 31 -29.06 -13.85 -42.27
C GLY A 31 -29.29 -12.41 -42.73
N GLN A 32 -30.34 -12.23 -43.52
CA GLN A 32 -30.73 -10.95 -44.08
C GLN A 32 -30.94 -9.84 -43.05
N ASP A 33 -31.38 -10.20 -41.84
CA ASP A 33 -31.68 -9.24 -40.76
C ASP A 33 -31.00 -9.47 -39.40
N GLY A 34 -30.07 -10.43 -39.26
CA GLY A 34 -29.39 -10.70 -38.00
C GLY A 34 -28.81 -12.11 -37.96
N VAL A 35 -28.21 -12.58 -36.86
CA VAL A 35 -27.66 -13.94 -36.80
C VAL A 35 -28.83 -14.94 -36.79
N SER A 36 -29.16 -15.45 -37.97
CA SER A 36 -30.24 -16.39 -38.19
C SER A 36 -29.80 -17.86 -38.26
N SER A 37 -28.50 -18.20 -38.26
CA SER A 37 -28.10 -19.62 -38.32
C SER A 37 -26.91 -19.93 -37.43
N ILE A 38 -26.90 -21.15 -36.88
CA ILE A 38 -25.88 -21.67 -35.98
C ILE A 38 -25.71 -23.18 -36.22
N ASN A 39 -24.69 -23.77 -35.60
CA ASN A 39 -24.37 -25.20 -35.68
C ASN A 39 -23.67 -25.55 -34.37
N VAL A 40 -23.92 -26.71 -33.78
CA VAL A 40 -23.30 -27.13 -32.52
C VAL A 40 -22.74 -28.54 -32.68
N VAL A 41 -21.41 -28.67 -32.61
CA VAL A 41 -20.71 -29.94 -32.75
C VAL A 41 -20.07 -30.33 -31.41
N TYR A 42 -19.86 -31.62 -31.17
CA TYR A 42 -19.23 -32.12 -29.96
C TYR A 42 -18.17 -33.14 -30.37
N ALA A 43 -17.19 -33.34 -29.49
CA ALA A 43 -16.05 -34.24 -29.65
C ALA A 43 -16.09 -35.26 -28.52
N LYS A 44 -16.15 -36.55 -28.88
CA LYS A 44 -16.17 -37.65 -27.94
C LYS A 44 -14.85 -38.39 -28.04
N ASP A 45 -14.64 -39.25 -27.06
CA ASP A 45 -13.58 -40.17 -26.68
C ASP A 45 -12.94 -41.00 -27.81
N SER A 46 -13.31 -40.75 -29.07
CA SER A 46 -12.82 -41.40 -30.26
C SER A 46 -12.90 -40.42 -31.44
N GLN A 47 -14.12 -40.07 -31.87
CA GLN A 47 -14.39 -39.19 -32.98
C GLN A 47 -15.56 -38.23 -32.69
N ASP A 48 -15.67 -37.21 -33.54
CA ASP A 48 -16.69 -36.17 -33.51
C ASP A 48 -18.00 -36.72 -34.09
N VAL A 49 -19.11 -36.03 -33.83
CA VAL A 49 -20.44 -36.36 -34.34
C VAL A 49 -21.10 -35.01 -34.63
N GLU A 50 -21.77 -34.89 -35.77
CA GLU A 50 -22.45 -33.69 -36.24
C GLU A 50 -23.95 -34.01 -36.45
N GLY A 51 -24.77 -32.97 -36.51
CA GLY A 51 -26.21 -32.96 -36.70
C GLY A 51 -26.85 -31.82 -35.91
N GLY A 52 -26.10 -30.77 -35.53
CA GLY A 52 -26.57 -29.65 -34.73
C GLY A 52 -26.87 -28.36 -35.45
N GLU A 53 -27.10 -28.37 -36.76
CA GLU A 53 -27.40 -27.16 -37.51
C GLU A 53 -28.82 -26.69 -37.16
N HIS A 54 -28.95 -25.47 -36.65
CA HIS A 54 -30.22 -24.87 -36.25
C HIS A 54 -30.36 -23.48 -36.86
N GLY A 55 -31.55 -22.89 -36.73
CA GLY A 55 -31.83 -21.59 -37.30
C GLY A 55 -32.04 -21.82 -38.79
N LYS A 56 -31.79 -20.82 -39.64
CA LYS A 56 -31.97 -20.93 -41.09
C LYS A 56 -30.73 -20.52 -41.88
N LYS A 57 -29.92 -21.49 -42.31
CA LYS A 57 -28.73 -21.22 -43.08
C LYS A 57 -29.06 -20.65 -44.45
N THR A 58 -28.16 -19.84 -44.99
CA THR A 58 -28.29 -19.22 -46.31
C THR A 58 -26.89 -19.13 -46.92
N LEU A 59 -26.81 -19.02 -48.25
CA LEU A 59 -25.55 -18.93 -49.00
C LEU A 59 -24.81 -17.61 -48.71
N LEU A 60 -25.51 -16.60 -48.20
CA LEU A 60 -24.96 -15.29 -47.86
C LEU A 60 -24.84 -15.14 -46.34
N GLY A 61 -24.92 -16.22 -45.56
CA GLY A 61 -24.84 -16.12 -44.11
C GLY A 61 -24.54 -17.45 -43.45
N PHE A 62 -23.26 -17.74 -43.26
CA PHE A 62 -22.71 -18.93 -42.60
C PHE A 62 -21.25 -18.64 -42.25
N GLU A 63 -20.71 -19.29 -41.22
CA GLU A 63 -19.34 -19.14 -40.75
C GLU A 63 -18.80 -20.46 -40.26
N THR A 64 -17.48 -20.55 -40.10
CA THR A 64 -16.83 -21.76 -39.63
C THR A 64 -15.67 -21.34 -38.73
N PHE A 65 -15.59 -21.90 -37.53
CA PHE A 65 -14.55 -21.62 -36.56
C PHE A 65 -14.14 -22.96 -35.96
N GLU A 66 -12.94 -23.43 -36.28
CA GLU A 66 -12.37 -24.68 -35.79
C GLU A 66 -11.65 -24.33 -34.49
N VAL A 67 -12.10 -24.89 -33.37
CA VAL A 67 -11.52 -24.66 -32.06
C VAL A 67 -10.60 -25.83 -31.75
N ASP A 68 -9.28 -25.61 -31.72
CA ASP A 68 -8.26 -26.62 -31.45
C ASP A 68 -8.40 -27.20 -30.03
N ALA A 69 -7.86 -28.40 -29.79
CA ALA A 69 -7.85 -29.08 -28.50
C ALA A 69 -6.93 -28.34 -27.52
N ASP A 70 -6.07 -27.46 -28.05
CA ASP A 70 -5.09 -26.64 -27.35
C ASP A 70 -5.44 -25.15 -27.48
N ASP A 71 -6.59 -24.80 -28.07
CA ASP A 71 -6.99 -23.41 -28.23
C ASP A 71 -7.65 -22.94 -26.93
N TYR A 72 -7.38 -21.69 -26.56
CA TYR A 72 -7.91 -21.05 -25.38
C TYR A 72 -8.35 -19.67 -25.87
N ILE A 73 -9.65 -19.40 -25.83
CA ILE A 73 -10.22 -18.13 -26.26
C ILE A 73 -10.12 -17.22 -25.04
N VAL A 74 -9.21 -16.26 -25.07
CA VAL A 74 -8.96 -15.31 -23.98
C VAL A 74 -9.74 -14.00 -24.11
N ALA A 75 -10.21 -13.63 -25.31
CA ALA A 75 -10.96 -12.41 -25.53
C ALA A 75 -11.98 -12.60 -26.64
N VAL A 76 -13.12 -11.90 -26.57
CA VAL A 76 -14.17 -11.96 -27.58
C VAL A 76 -14.86 -10.59 -27.60
N GLN A 77 -15.28 -10.17 -28.79
CA GLN A 77 -15.99 -8.93 -29.06
C GLN A 77 -17.40 -9.37 -29.43
N VAL A 78 -18.44 -8.96 -28.68
CA VAL A 78 -19.83 -9.33 -28.93
C VAL A 78 -20.67 -8.06 -29.05
N THR A 79 -21.44 -7.99 -30.14
CA THR A 79 -22.32 -6.89 -30.51
C THR A 79 -23.75 -7.41 -30.67
N TYR A 80 -24.73 -6.55 -30.43
CA TYR A 80 -26.16 -6.84 -30.53
C TYR A 80 -26.86 -5.63 -31.14
N ASP A 81 -28.14 -5.77 -31.54
CA ASP A 81 -28.91 -4.67 -32.11
C ASP A 81 -30.40 -4.97 -31.91
N ASN A 82 -31.22 -3.93 -32.08
CA ASN A 82 -32.67 -3.95 -31.96
C ASN A 82 -33.25 -2.99 -33.01
N VAL A 83 -34.33 -3.38 -33.67
CA VAL A 83 -35.02 -2.58 -34.68
C VAL A 83 -36.53 -2.66 -34.36
N PHE A 84 -37.31 -1.71 -34.88
CA PHE A 84 -38.75 -1.62 -34.66
C PHE A 84 -39.48 -2.88 -35.13
N GLY A 85 -39.89 -3.70 -34.17
CA GLY A 85 -40.61 -4.95 -34.39
C GLY A 85 -39.89 -6.16 -33.83
N GLN A 86 -38.58 -6.08 -33.63
CA GLN A 86 -37.80 -7.18 -33.09
C GLN A 86 -38.00 -7.18 -31.57
N ASP A 87 -39.07 -7.82 -31.11
CA ASP A 87 -39.41 -7.93 -29.69
C ASP A 87 -38.45 -8.87 -28.95
N SER A 88 -37.53 -9.52 -29.68
CA SER A 88 -36.51 -10.42 -29.17
C SER A 88 -35.21 -9.97 -29.83
N ASP A 89 -34.45 -9.13 -29.11
CA ASP A 89 -33.17 -8.57 -29.54
C ASP A 89 -32.24 -9.71 -29.94
N ILE A 90 -31.39 -9.44 -30.93
CA ILE A 90 -30.46 -10.41 -31.50
C ILE A 90 -29.05 -9.87 -31.63
N ILE A 91 -28.15 -10.78 -31.95
CA ILE A 91 -26.74 -10.52 -32.15
C ILE A 91 -26.56 -10.10 -33.60
N THR A 92 -25.57 -9.24 -33.80
CA THR A 92 -25.19 -8.72 -35.10
C THR A 92 -23.80 -9.29 -35.39
N SER A 93 -22.75 -8.88 -34.67
CA SER A 93 -21.38 -9.37 -34.92
C SER A 93 -20.71 -10.02 -33.71
N ILE A 94 -19.86 -11.02 -33.98
CA ILE A 94 -19.06 -11.77 -33.01
C ILE A 94 -17.64 -11.77 -33.60
N THR A 95 -16.61 -11.78 -32.77
CA THR A 95 -15.21 -11.81 -33.21
C THR A 95 -14.43 -12.53 -32.10
N PHE A 96 -14.04 -13.79 -32.31
CA PHE A 96 -13.28 -14.54 -31.32
C PHE A 96 -11.81 -14.14 -31.42
N ASN A 97 -11.10 -14.08 -30.30
CA ASN A 97 -9.69 -13.71 -30.24
C ASN A 97 -9.05 -14.80 -29.38
N THR A 98 -8.19 -15.62 -29.97
CA THR A 98 -7.58 -16.72 -29.25
C THR A 98 -6.24 -16.36 -28.62
N PHE A 99 -5.78 -17.21 -27.71
CA PHE A 99 -4.50 -17.01 -27.04
C PHE A 99 -3.39 -17.38 -28.00
N LYS A 100 -3.68 -18.29 -28.94
CA LYS A 100 -2.73 -18.79 -29.92
C LYS A 100 -2.36 -17.71 -30.96
N GLY A 101 -3.03 -16.56 -30.92
CA GLY A 101 -2.81 -15.42 -31.79
C GLY A 101 -3.76 -15.37 -32.97
N LYS A 102 -4.75 -16.26 -33.03
CA LYS A 102 -5.69 -16.29 -34.14
C LYS A 102 -6.85 -15.35 -33.82
N THR A 103 -7.30 -14.59 -34.80
CA THR A 103 -8.39 -13.64 -34.66
C THR A 103 -9.31 -13.81 -35.86
N SER A 104 -10.52 -14.34 -35.66
CA SER A 104 -11.46 -14.51 -36.75
C SER A 104 -12.02 -13.13 -37.14
N PRO A 105 -12.49 -12.95 -38.38
CA PRO A 105 -13.07 -11.69 -38.82
C PRO A 105 -14.41 -11.43 -38.13
N PRO A 106 -14.99 -10.22 -38.25
CA PRO A 106 -16.27 -9.93 -37.63
C PRO A 106 -17.34 -10.75 -38.37
N TYR A 107 -17.90 -11.73 -37.68
CA TYR A 107 -18.93 -12.66 -38.15
C TYR A 107 -20.29 -12.00 -38.41
N GLY A 108 -20.32 -10.68 -38.48
CA GLY A 108 -21.49 -9.88 -38.74
C GLY A 108 -21.12 -8.40 -38.66
N LEU A 109 -22.14 -7.57 -38.80
CA LEU A 109 -22.05 -6.12 -38.80
C LEU A 109 -21.77 -5.51 -37.43
N GLU A 110 -20.55 -5.01 -37.27
CA GLU A 110 -20.12 -4.35 -36.05
C GLU A 110 -21.02 -3.13 -35.90
N THR A 111 -21.62 -2.99 -34.73
CA THR A 111 -22.56 -1.95 -34.37
C THR A 111 -22.13 -1.34 -33.03
N GLN A 112 -22.69 -0.17 -32.69
CA GLN A 112 -22.43 0.57 -31.46
C GLN A 112 -22.73 -0.27 -30.22
N LYS A 113 -23.93 -0.86 -30.14
CA LYS A 113 -24.39 -1.69 -29.04
C LYS A 113 -23.51 -2.92 -28.92
N LYS A 114 -22.61 -2.93 -27.93
CA LYS A 114 -21.70 -4.04 -27.72
C LYS A 114 -21.14 -4.01 -26.31
N PHE A 115 -20.46 -5.08 -25.94
CA PHE A 115 -19.80 -5.23 -24.66
C PHE A 115 -18.49 -5.98 -24.96
N VAL A 116 -17.54 -5.99 -24.02
CA VAL A 116 -16.27 -6.66 -24.25
C VAL A 116 -15.86 -7.41 -22.98
N LEU A 117 -15.40 -8.65 -23.17
CA LEU A 117 -14.98 -9.52 -22.07
C LEU A 117 -13.73 -10.29 -22.45
N LYS A 118 -12.69 -10.14 -21.61
CA LYS A 118 -11.40 -10.80 -21.75
C LYS A 118 -10.93 -11.19 -20.34
N ASP A 119 -9.98 -12.12 -20.25
CA ASP A 119 -9.43 -12.57 -18.97
C ASP A 119 -7.94 -12.26 -18.88
N LYS A 120 -7.53 -11.49 -17.85
CA LYS A 120 -6.15 -11.11 -17.57
C LYS A 120 -5.73 -11.63 -16.19
N ASN A 121 -6.71 -11.90 -15.31
CA ASN A 121 -6.45 -12.37 -13.98
C ASN A 121 -5.85 -13.79 -13.96
N GLY A 122 -6.03 -14.59 -15.02
CA GLY A 122 -5.49 -15.93 -15.12
C GLY A 122 -6.52 -17.00 -15.48
N GLY A 123 -7.82 -16.71 -15.46
CA GLY A 123 -8.85 -17.68 -15.79
C GLY A 123 -8.75 -18.15 -17.25
N LYS A 124 -9.39 -19.27 -17.54
CA LYS A 124 -9.45 -19.90 -18.86
C LYS A 124 -10.93 -20.10 -19.18
N LEU A 125 -11.33 -19.93 -20.45
CA LEU A 125 -12.73 -20.12 -20.85
C LEU A 125 -13.12 -21.56 -20.51
N VAL A 126 -14.39 -21.78 -20.14
CA VAL A 126 -14.89 -23.11 -19.78
C VAL A 126 -16.13 -23.52 -20.58
N GLY A 127 -16.95 -22.59 -21.05
CA GLY A 127 -18.16 -22.86 -21.81
C GLY A 127 -18.79 -21.55 -22.22
N PHE A 128 -20.10 -21.55 -22.40
CA PHE A 128 -20.85 -20.36 -22.81
C PHE A 128 -22.16 -20.21 -22.06
N HIS A 129 -22.79 -19.06 -22.26
CA HIS A 129 -24.07 -18.66 -21.71
C HIS A 129 -24.78 -17.83 -22.80
N GLY A 130 -26.11 -17.67 -22.75
CA GLY A 130 -26.89 -16.90 -23.72
C GLY A 130 -27.99 -17.68 -24.45
N ARG A 131 -29.27 -17.38 -24.15
CA ARG A 131 -30.46 -17.97 -24.75
C ARG A 131 -30.32 -17.81 -26.27
N ALA A 132 -30.55 -18.90 -26.99
CA ALA A 132 -30.44 -18.99 -28.44
C ALA A 132 -31.35 -20.11 -28.92
N GLY A 133 -31.62 -20.16 -30.21
CA GLY A 133 -32.48 -21.18 -30.81
C GLY A 133 -32.56 -20.87 -32.30
N GLU A 134 -33.65 -20.27 -32.75
CA GLU A 134 -33.80 -19.93 -34.17
C GLU A 134 -32.86 -18.80 -34.54
N ALA A 135 -32.71 -17.83 -33.64
CA ALA A 135 -31.85 -16.67 -33.80
C ALA A 135 -30.93 -16.64 -32.59
N LEU A 136 -29.75 -16.05 -32.78
CA LEU A 136 -28.80 -15.93 -31.68
C LEU A 136 -29.22 -14.67 -30.94
N TYR A 137 -29.96 -14.84 -29.85
CA TYR A 137 -30.45 -13.74 -29.04
C TYR A 137 -29.33 -13.11 -28.22
N ALA A 138 -28.48 -13.90 -27.53
CA ALA A 138 -27.36 -13.41 -26.73
C ALA A 138 -26.21 -14.42 -26.74
N LEU A 139 -25.01 -14.01 -26.31
CA LEU A 139 -23.80 -14.83 -26.25
C LEU A 139 -22.97 -14.34 -25.06
N GLY A 140 -22.06 -15.15 -24.53
CA GLY A 140 -21.24 -14.78 -23.39
C GLY A 140 -20.48 -16.00 -22.88
N ALA A 141 -19.42 -15.80 -22.10
CA ALA A 141 -18.62 -16.88 -21.55
C ALA A 141 -18.18 -16.45 -20.14
N TYR A 142 -18.31 -17.35 -19.17
CA TYR A 142 -17.91 -17.10 -17.80
C TYR A 142 -16.39 -17.35 -17.68
N PHE A 143 -15.77 -16.95 -16.57
CA PHE A 143 -14.33 -17.13 -16.36
C PHE A 143 -14.07 -17.77 -15.01
N ALA A 144 -12.85 -18.30 -14.84
CA ALA A 144 -12.38 -18.91 -13.61
C ALA A 144 -11.83 -17.76 -12.79
N THR A 145 -12.48 -17.51 -11.67
CA THR A 145 -12.18 -16.44 -10.76
C THR A 145 -12.14 -17.01 -9.34
N THR A 146 -11.61 -16.25 -8.37
CA THR A 146 -11.52 -16.70 -6.98
C THR A 146 -12.37 -15.81 -6.08
N THR A 147 -12.46 -16.15 -4.79
CA THR A 147 -13.22 -15.40 -3.80
C THR A 147 -12.20 -14.89 -2.80
N THR A 148 -12.11 -13.57 -2.65
CA THR A 148 -11.19 -12.93 -1.72
C THR A 148 -11.92 -11.77 -1.04
N PRO A 149 -11.49 -11.33 0.16
CA PRO A 149 -12.12 -10.22 0.85
C PRO A 149 -11.73 -8.91 0.17
N VAL A 150 -12.30 -7.80 0.64
CA VAL A 150 -11.97 -6.48 0.12
C VAL A 150 -10.51 -6.27 0.52
N THR A 151 -9.69 -5.68 -0.36
CA THR A 151 -8.27 -5.46 -0.10
C THR A 151 -7.88 -4.01 -0.40
N PRO A 152 -6.74 -3.51 0.12
CA PRO A 152 -6.27 -2.14 -0.10
C PRO A 152 -5.64 -1.99 -1.49
N ALA A 153 -5.05 -0.83 -1.74
CA ALA A 153 -4.41 -0.49 -3.01
C ALA A 153 -3.17 -1.37 -3.17
N LYS A 154 -2.94 -1.82 -4.40
CA LYS A 154 -1.83 -2.68 -4.77
C LYS A 154 -0.58 -1.85 -5.02
N LYS A 155 0.55 -2.28 -4.48
CA LYS A 155 1.82 -1.61 -4.69
C LYS A 155 2.36 -2.22 -5.98
N LEU A 156 3.09 -1.47 -6.81
CA LEU A 156 3.66 -2.02 -8.06
C LEU A 156 5.19 -2.01 -7.90
N SER A 157 5.93 -2.20 -8.99
CA SER A 157 7.37 -2.19 -9.02
C SER A 157 7.81 -1.61 -10.37
N ALA A 158 8.65 -0.59 -10.31
CA ALA A 158 9.22 0.15 -11.42
C ALA A 158 10.71 -0.20 -11.52
N ILE A 159 11.52 0.64 -12.17
CA ILE A 159 12.96 0.46 -12.34
C ILE A 159 13.58 1.85 -12.39
N GLY A 160 14.84 2.01 -11.97
CA GLY A 160 15.52 3.30 -12.01
C GLY A 160 16.74 3.38 -11.09
N GLY A 161 16.70 2.80 -9.89
CA GLY A 161 17.84 2.85 -8.99
C GLY A 161 17.56 2.24 -7.63
N ASP A 162 18.61 1.91 -6.90
CA ASP A 162 18.60 1.31 -5.57
C ASP A 162 19.13 2.24 -4.50
N GLU A 163 19.53 3.47 -4.82
CA GLU A 163 20.03 4.44 -3.85
C GLU A 163 19.33 5.78 -4.05
N GLY A 164 18.92 6.37 -2.93
CA GLY A 164 18.22 7.64 -2.80
C GLY A 164 17.02 7.47 -1.86
N THR A 165 16.54 8.57 -1.30
CA THR A 165 15.43 8.63 -0.36
C THR A 165 14.10 8.27 -1.02
N ALA A 166 13.29 7.45 -0.36
CA ALA A 166 11.98 7.05 -0.85
C ALA A 166 11.00 8.19 -0.52
N TRP A 167 10.15 8.57 -1.48
CA TRP A 167 9.16 9.65 -1.36
C TRP A 167 7.78 9.14 -1.74
N ASP A 168 7.47 7.88 -1.47
CA ASP A 168 6.18 7.27 -1.79
C ASP A 168 5.01 8.01 -1.16
N ASP A 169 4.24 8.72 -1.99
CA ASP A 169 3.06 9.47 -1.56
C ASP A 169 1.89 8.52 -1.30
N GLY A 170 1.97 7.28 -1.81
CA GLY A 170 0.95 6.27 -1.63
C GLY A 170 -0.25 6.56 -2.53
N ALA A 171 -1.06 7.56 -2.17
CA ALA A 171 -2.24 8.03 -2.88
C ALA A 171 -2.72 9.32 -2.21
N TYR A 172 -3.28 10.23 -3.01
CA TYR A 172 -3.84 11.53 -2.61
C TYR A 172 -5.28 11.56 -3.13
N ASP A 173 -6.08 12.53 -2.68
CA ASP A 173 -7.49 12.69 -3.06
C ASP A 173 -7.70 12.85 -4.56
N GLY A 174 -6.71 13.32 -5.30
CA GLY A 174 -6.78 13.52 -6.74
C GLY A 174 -5.62 14.36 -7.23
N VAL A 175 -5.65 14.68 -8.51
CA VAL A 175 -4.66 15.47 -9.20
C VAL A 175 -5.44 16.61 -9.85
N LYS A 176 -5.16 17.85 -9.44
CA LYS A 176 -5.86 19.01 -10.00
C LYS A 176 -4.99 19.70 -11.04
N LYS A 177 -3.68 19.81 -10.83
CA LYS A 177 -2.76 20.42 -11.78
C LYS A 177 -1.44 19.67 -11.70
N VAL A 178 -0.69 19.62 -12.81
CA VAL A 178 0.59 18.93 -12.88
C VAL A 178 1.60 19.84 -13.55
N TYR A 179 2.88 19.68 -13.17
CA TYR A 179 4.00 20.42 -13.71
C TYR A 179 5.19 19.49 -13.83
N VAL A 180 6.11 19.83 -14.72
CA VAL A 180 7.32 19.09 -15.02
C VAL A 180 8.46 20.11 -14.97
N GLY A 181 9.54 19.84 -14.24
CA GLY A 181 10.69 20.72 -14.11
C GLY A 181 11.90 19.96 -14.64
N GLN A 182 12.21 20.15 -15.92
CA GLN A 182 13.36 19.49 -16.52
C GLN A 182 14.66 20.09 -15.98
N GLY A 183 15.71 19.28 -16.03
CA GLY A 183 17.05 19.59 -15.60
C GLY A 183 17.99 19.56 -16.81
N GLN A 184 19.29 19.57 -16.54
CA GLN A 184 20.32 19.52 -17.59
C GLN A 184 20.69 18.06 -17.91
N ASP A 185 20.19 17.13 -17.11
CA ASP A 185 20.38 15.70 -17.12
C ASP A 185 19.10 14.91 -17.36
N GLY A 186 17.94 15.40 -16.92
CA GLY A 186 16.66 14.74 -17.09
C GLY A 186 15.65 15.35 -16.12
N ILE A 187 14.58 14.61 -15.80
CA ILE A 187 13.56 15.07 -14.87
C ILE A 187 14.17 15.00 -13.49
N SER A 188 14.42 16.17 -12.92
CA SER A 188 15.00 16.30 -11.60
C SER A 188 14.03 16.97 -10.62
N ALA A 189 12.92 17.58 -11.09
CA ALA A 189 11.92 18.22 -10.26
C ALA A 189 10.51 17.88 -10.77
N VAL A 190 9.62 17.44 -9.88
CA VAL A 190 8.22 17.11 -10.20
C VAL A 190 7.37 17.72 -9.08
N LYS A 191 6.25 18.36 -9.44
CA LYS A 191 5.35 18.99 -8.48
C LYS A 191 3.93 18.91 -9.03
N PHE A 192 2.95 18.63 -8.16
CA PHE A 192 1.55 18.48 -8.49
C PHE A 192 0.72 19.29 -7.49
N GLU A 193 -0.56 19.55 -7.81
CA GLU A 193 -1.48 20.30 -6.95
C GLU A 193 -2.71 19.41 -6.69
N TYR A 194 -3.37 19.58 -5.54
CA TYR A 194 -4.54 18.80 -5.14
C TYR A 194 -5.33 19.50 -4.04
N ASN A 195 -6.55 19.01 -3.78
CA ASN A 195 -7.45 19.53 -2.75
C ASN A 195 -7.73 18.41 -1.77
N LYS A 196 -7.26 18.52 -0.52
CA LYS A 196 -7.49 17.49 0.50
C LYS A 196 -8.51 18.03 1.48
N GLY A 197 -9.60 17.30 1.65
CA GLY A 197 -10.71 17.64 2.52
C GLY A 197 -11.45 18.85 1.95
N ALA A 198 -10.94 20.05 2.26
CA ALA A 198 -11.44 21.34 1.83
C ALA A 198 -10.27 22.30 1.51
N GLU A 199 -9.03 21.87 1.76
CA GLU A 199 -7.82 22.63 1.52
C GLU A 199 -7.48 22.67 0.03
N ASN A 200 -6.53 23.54 -0.34
CA ASN A 200 -6.02 23.78 -1.68
C ASN A 200 -4.50 23.76 -1.55
N ILE A 201 -3.87 22.65 -1.94
CA ILE A 201 -2.43 22.45 -1.85
C ILE A 201 -1.78 22.90 -3.15
N VAL A 202 -0.91 23.90 -3.05
CA VAL A 202 -0.16 24.49 -4.15
C VAL A 202 1.32 24.38 -3.79
N GLY A 203 2.14 23.84 -4.69
CA GLY A 203 3.58 23.67 -4.48
C GLY A 203 3.95 22.22 -4.77
N GLY A 204 4.84 21.62 -3.98
CA GLY A 204 5.25 20.23 -4.15
C GLY A 204 6.68 20.00 -4.65
N GLU A 205 7.52 21.03 -4.70
CA GLU A 205 8.90 20.88 -5.15
C GLU A 205 9.68 20.05 -4.11
N HIS A 206 10.01 18.82 -4.50
CA HIS A 206 10.73 17.82 -3.73
C HIS A 206 11.89 17.25 -4.56
N GLY A 207 12.40 18.04 -5.50
CA GLY A 207 13.48 17.66 -6.40
C GLY A 207 14.36 18.86 -6.68
N LYS A 208 15.39 18.68 -7.51
CA LYS A 208 16.33 19.72 -7.89
C LYS A 208 15.81 20.55 -9.07
N PRO A 209 15.13 21.71 -8.88
CA PRO A 209 14.67 22.51 -10.02
C PRO A 209 15.91 23.05 -10.75
N THR A 210 15.73 23.49 -11.99
CA THR A 210 16.80 24.04 -12.81
C THR A 210 16.26 25.27 -13.55
N LEU A 211 17.17 26.07 -14.13
CA LEU A 211 16.84 27.29 -14.88
C LEU A 211 16.01 27.04 -16.14
N LEU A 212 15.72 25.77 -16.47
CA LEU A 212 14.91 25.38 -17.62
C LEU A 212 13.44 25.75 -17.35
N GLY A 213 13.10 26.19 -16.11
CA GLY A 213 11.75 26.57 -15.74
C GLY A 213 10.91 25.33 -15.46
N PHE A 214 9.61 25.45 -15.73
CA PHE A 214 8.62 24.40 -15.55
C PHE A 214 7.64 24.45 -16.71
N GLU A 215 6.99 23.31 -16.94
CA GLU A 215 5.98 23.04 -17.94
C GLU A 215 4.73 22.72 -17.12
N GLU A 216 3.52 22.92 -17.66
CA GLU A 216 2.28 22.71 -16.91
C GLU A 216 1.07 22.26 -17.74
N PHE A 217 0.27 21.34 -17.18
CA PHE A 217 -0.94 20.82 -17.80
C PHE A 217 -1.99 20.60 -16.70
N GLU A 218 -3.21 21.07 -16.92
CA GLU A 218 -4.33 20.93 -16.02
C GLU A 218 -5.24 19.87 -16.62
N ILE A 219 -5.14 18.61 -16.18
CA ILE A 219 -5.97 17.54 -16.69
C ILE A 219 -7.37 17.67 -16.07
N ASP A 220 -8.40 17.42 -16.87
CA ASP A 220 -9.79 17.47 -16.45
C ASP A 220 -10.08 16.18 -15.70
N TYR A 221 -9.85 16.17 -14.39
CA TYR A 221 -10.04 15.03 -13.50
C TYR A 221 -11.42 14.34 -13.66
N PRO A 222 -12.57 15.03 -13.53
CA PRO A 222 -13.88 14.40 -13.68
C PRO A 222 -14.27 14.04 -15.12
N SER A 223 -13.53 14.50 -16.13
CA SER A 223 -13.84 14.25 -17.54
C SER A 223 -12.95 13.19 -18.19
N GLU A 224 -11.65 13.17 -17.87
CA GLU A 224 -10.66 12.28 -18.43
C GLU A 224 -9.87 11.52 -17.36
N TYR A 225 -9.03 10.57 -17.78
CA TYR A 225 -8.25 9.77 -16.84
C TYR A 225 -6.92 9.30 -17.42
N ILE A 226 -5.89 9.15 -16.58
CA ILE A 226 -4.58 8.69 -17.00
C ILE A 226 -4.77 7.17 -16.99
N THR A 227 -4.99 6.57 -18.15
CA THR A 227 -5.21 5.14 -18.25
C THR A 227 -3.92 4.33 -18.04
N ALA A 228 -2.75 4.89 -18.38
CA ALA A 228 -1.44 4.25 -18.26
C ALA A 228 -0.36 5.34 -18.38
N VAL A 229 0.89 4.97 -18.10
CA VAL A 229 2.05 5.87 -18.16
C VAL A 229 3.07 5.28 -19.15
N GLU A 230 3.86 6.13 -19.80
CA GLU A 230 4.92 5.79 -20.76
C GLU A 230 6.18 6.60 -20.43
N GLY A 231 7.32 6.24 -21.01
CA GLY A 231 8.56 6.96 -20.79
C GLY A 231 9.74 6.18 -21.34
N THR A 232 10.89 6.84 -21.44
CA THR A 232 12.11 6.25 -21.90
C THR A 232 13.23 6.74 -21.00
N TYR A 233 14.09 5.83 -20.56
CA TYR A 233 15.24 6.11 -19.70
C TYR A 233 16.53 5.77 -20.43
N ASP A 234 17.56 6.61 -20.31
CA ASP A 234 18.86 6.33 -20.93
C ASP A 234 19.92 6.24 -19.84
N LYS A 235 20.90 5.38 -20.07
CA LYS A 235 21.99 5.12 -19.14
C LYS A 235 22.95 6.28 -19.00
N ILE A 236 23.21 6.64 -17.76
CA ILE A 236 24.14 7.69 -17.39
C ILE A 236 25.49 6.97 -17.24
N PHE A 237 26.59 7.69 -17.41
CA PHE A 237 27.93 7.13 -17.30
C PHE A 237 28.48 7.29 -15.88
N GLY A 238 29.65 6.69 -15.63
CA GLY A 238 30.36 6.72 -14.36
C GLY A 238 29.80 5.79 -13.28
N SER A 239 28.51 5.43 -13.34
CA SER A 239 27.86 4.54 -12.39
C SER A 239 26.87 3.64 -13.12
N ASP A 240 26.34 2.61 -12.45
CA ASP A 240 25.37 1.67 -13.03
C ASP A 240 23.94 2.23 -12.90
N GLY A 241 23.78 3.50 -12.55
CA GLY A 241 22.49 4.16 -12.39
C GLY A 241 21.80 4.43 -13.71
N LEU A 242 20.66 5.12 -13.60
CA LEU A 242 19.78 5.51 -14.68
C LEU A 242 19.08 6.83 -14.32
N ILE A 243 18.46 7.47 -15.30
CA ILE A 243 17.70 8.70 -15.17
C ILE A 243 16.58 8.64 -16.20
N ILE A 244 15.65 9.60 -16.18
CA ILE A 244 14.51 9.70 -17.07
C ILE A 244 14.45 11.10 -17.64
N THR A 245 14.68 11.24 -18.94
CA THR A 245 14.68 12.52 -19.65
C THR A 245 13.44 12.70 -20.53
N MET A 246 12.56 11.69 -20.66
CA MET A 246 11.35 11.80 -21.46
C MET A 246 10.29 10.94 -20.79
N LEU A 247 9.25 11.56 -20.21
CA LEU A 247 8.16 10.90 -19.51
C LEU A 247 6.85 11.36 -20.12
N ARG A 248 5.96 10.41 -20.41
CA ARG A 248 4.65 10.65 -21.01
C ARG A 248 3.55 9.98 -20.21
N PHE A 249 2.32 10.38 -20.51
CA PHE A 249 1.13 9.86 -19.88
C PHE A 249 0.15 9.55 -21.00
N LYS A 250 -0.52 8.39 -20.96
CA LYS A 250 -1.50 8.07 -22.00
C LYS A 250 -2.68 8.95 -21.70
N THR A 251 -3.20 9.65 -22.70
CA THR A 251 -4.32 10.57 -22.54
C THR A 251 -5.24 10.40 -23.74
N ASN A 252 -6.54 10.24 -23.46
CA ASN A 252 -7.61 10.07 -24.44
C ASN A 252 -8.32 11.41 -24.58
N LYS A 253 -8.99 11.65 -25.72
CA LYS A 253 -9.74 12.87 -26.10
C LYS A 253 -8.92 14.17 -26.13
N GLN A 254 -7.71 14.14 -25.58
CA GLN A 254 -6.73 15.20 -25.47
C GLN A 254 -5.37 14.67 -25.92
N THR A 255 -4.38 15.55 -25.99
CA THR A 255 -3.01 15.25 -26.38
C THR A 255 -2.05 15.83 -25.34
N SER A 256 -1.41 14.99 -24.54
CA SER A 256 -0.44 15.46 -23.55
C SER A 256 0.87 15.69 -24.33
N ALA A 257 1.55 16.81 -24.08
CA ALA A 257 2.79 17.15 -24.77
C ALA A 257 3.92 16.13 -24.51
N PRO A 258 4.89 16.02 -25.44
CA PRO A 258 6.04 15.12 -25.29
C PRO A 258 7.06 15.83 -24.40
N PHE A 259 6.96 15.66 -23.09
CA PHE A 259 7.87 16.30 -22.15
C PHE A 259 9.23 15.63 -22.31
N GLY A 260 10.19 16.30 -22.94
CA GLY A 260 11.55 15.77 -23.14
C GLY A 260 11.79 15.22 -24.53
N LEU A 261 12.95 14.58 -24.72
CA LEU A 261 13.40 13.97 -25.97
C LEU A 261 13.56 12.47 -25.80
N GLU A 262 12.73 11.69 -26.49
CA GLU A 262 12.73 10.24 -26.48
C GLU A 262 14.07 9.71 -26.98
N ALA A 263 14.66 8.77 -26.24
CA ALA A 263 15.91 8.06 -26.46
C ALA A 263 16.06 7.08 -25.30
N GLY A 264 17.00 6.14 -25.36
CA GLY A 264 17.17 5.18 -24.28
C GLY A 264 16.18 4.02 -24.43
N THR A 265 16.02 3.21 -23.38
CA THR A 265 15.12 2.08 -23.32
C THR A 265 13.73 2.59 -22.92
N ALA A 266 12.66 1.98 -23.44
CA ALA A 266 11.29 2.40 -23.14
C ALA A 266 10.60 1.53 -22.11
N PHE A 267 9.67 2.15 -21.37
CA PHE A 267 8.86 1.49 -20.35
C PHE A 267 7.43 2.06 -20.32
N GLU A 268 6.53 1.32 -19.68
CA GLU A 268 5.13 1.66 -19.50
C GLU A 268 4.61 1.05 -18.20
N LEU A 269 3.58 1.65 -17.61
CA LEU A 269 2.94 1.21 -16.37
C LEU A 269 1.44 1.20 -16.64
N LYS A 270 0.85 0.00 -16.79
CA LYS A 270 -0.57 -0.17 -17.08
C LYS A 270 -1.19 -1.34 -16.31
N GLU A 271 -2.44 -1.21 -15.88
CA GLU A 271 -3.24 -2.22 -15.15
C GLU A 271 -4.69 -2.06 -15.65
N GLU A 272 -5.52 -3.10 -15.60
CA GLU A 272 -6.91 -3.04 -16.06
C GLU A 272 -7.86 -2.57 -14.95
N GLY A 273 -8.92 -1.82 -15.31
CA GLY A 273 -9.96 -1.30 -14.42
C GLY A 273 -9.54 -0.16 -13.50
N HIS A 274 -8.37 -0.29 -12.90
CA HIS A 274 -7.80 0.67 -11.99
C HIS A 274 -7.29 1.92 -12.71
N LYS A 275 -7.16 3.00 -11.96
CA LYS A 275 -6.65 4.31 -12.39
C LYS A 275 -5.51 4.64 -11.40
N ILE A 276 -4.78 5.74 -11.63
CA ILE A 276 -3.66 6.13 -10.78
C ILE A 276 -4.05 7.37 -9.96
N VAL A 277 -3.62 7.39 -8.70
CA VAL A 277 -3.83 8.42 -7.69
C VAL A 277 -2.56 8.62 -6.82
N GLY A 278 -1.50 7.83 -6.98
CA GLY A 278 -0.28 8.01 -6.18
C GLY A 278 0.96 7.37 -6.77
N PHE A 279 2.13 7.89 -6.36
CA PHE A 279 3.44 7.45 -6.81
C PHE A 279 4.25 6.83 -5.68
N HIS A 280 5.29 6.10 -6.09
CA HIS A 280 6.24 5.43 -5.24
C HIS A 280 7.53 5.40 -6.04
N GLY A 281 8.67 5.67 -5.40
CA GLY A 281 9.95 5.68 -6.06
C GLY A 281 10.96 6.28 -5.11
N LYS A 282 12.08 6.75 -5.65
CA LYS A 282 13.13 7.36 -4.85
C LYS A 282 13.83 8.49 -5.60
N ALA A 283 14.19 9.51 -4.85
CA ALA A 283 14.88 10.71 -5.28
C ALA A 283 15.43 11.38 -4.03
N SER A 284 16.57 12.05 -4.21
CA SER A 284 17.30 12.80 -3.21
C SER A 284 17.63 14.17 -3.83
N GLU A 285 17.88 14.19 -5.14
CA GLU A 285 18.17 15.36 -5.95
C GLU A 285 17.53 15.15 -7.31
N LEU A 286 17.91 14.04 -7.96
CA LEU A 286 17.49 13.64 -9.29
C LEU A 286 16.46 12.51 -9.20
N LEU A 287 15.53 12.43 -10.15
CA LEU A 287 14.49 11.39 -10.13
C LEU A 287 15.05 10.06 -10.65
N HIS A 288 15.63 9.26 -9.75
CA HIS A 288 16.22 7.97 -10.11
C HIS A 288 15.13 6.96 -10.52
N GLN A 289 14.16 6.68 -9.64
CA GLN A 289 13.10 5.71 -9.93
C GLN A 289 11.72 6.33 -9.71
N PHE A 290 10.81 6.07 -10.65
CA PHE A 290 9.45 6.55 -10.66
C PHE A 290 8.50 5.38 -10.94
N GLY A 291 7.54 5.12 -10.06
CA GLY A 291 6.55 4.07 -10.18
C GLY A 291 5.18 4.59 -9.77
N VAL A 292 4.14 3.79 -10.01
CA VAL A 292 2.76 4.16 -9.70
C VAL A 292 2.06 3.04 -8.91
N HIS A 293 0.85 3.34 -8.43
CA HIS A 293 -0.03 2.46 -7.67
C HIS A 293 -1.32 2.37 -8.47
N VAL A 294 -2.19 1.42 -8.15
CA VAL A 294 -3.44 1.25 -8.87
C VAL A 294 -4.58 1.12 -7.86
N MET A 295 -5.70 1.79 -8.10
CA MET A 295 -6.90 1.77 -7.26
C MET A 295 -8.13 1.66 -8.17
N PRO A 296 -9.16 0.87 -7.78
CA PRO A 296 -10.37 0.68 -8.56
C PRO A 296 -11.23 1.94 -8.48
N LEU A 297 -11.25 2.72 -9.56
CA LEU A 297 -12.00 3.98 -9.67
C LEU A 297 -13.00 3.87 -10.82
N THR A 298 -13.72 2.75 -10.88
CA THR A 298 -14.73 2.47 -11.89
C THR A 298 -16.11 2.54 -11.21
N ASN A 299 -17.18 2.60 -11.99
CA ASN A 299 -18.54 2.67 -11.47
C ASN A 299 -18.91 1.41 -10.73
N ALA A 1 12.27 -1.67 5.84
CA ALA A 1 13.13 -0.49 5.82
C ALA A 1 14.23 -0.71 6.84
N GLN A 2 14.21 0.04 7.94
CA GLN A 2 15.20 -0.07 8.99
C GLN A 2 14.94 -1.34 9.81
N LYS A 3 15.72 -2.38 9.50
CA LYS A 3 15.79 -3.72 10.06
C LYS A 3 17.25 -4.14 9.92
N VAL A 4 17.81 -4.78 10.94
CA VAL A 4 19.20 -5.25 10.91
C VAL A 4 19.16 -6.76 11.08
N GLU A 5 20.09 -7.46 10.43
CA GLU A 5 20.17 -8.90 10.50
C GLU A 5 21.05 -9.36 11.66
N ALA A 6 20.88 -10.63 12.02
CA ALA A 6 21.61 -11.26 13.09
C ALA A 6 22.90 -11.87 12.54
N GLY A 7 23.99 -11.10 12.53
CA GLY A 7 25.29 -11.55 12.04
C GLY A 7 25.84 -12.57 13.03
N GLY A 8 25.79 -13.86 12.69
CA GLY A 8 26.25 -14.99 13.48
C GLY A 8 25.79 -16.29 12.81
N GLY A 9 26.07 -17.44 13.42
CA GLY A 9 25.69 -18.74 12.86
C GLY A 9 24.18 -18.94 12.84
N ALA A 10 23.75 -19.91 12.02
CA ALA A 10 22.33 -20.23 11.85
C ALA A 10 21.86 -21.39 12.76
N GLY A 11 22.75 -21.94 13.58
CA GLY A 11 22.43 -23.01 14.50
C GLY A 11 21.83 -22.41 15.77
N GLY A 12 21.22 -23.24 16.62
CA GLY A 12 20.62 -22.83 17.87
C GLY A 12 19.09 -22.82 17.82
N ALA A 13 18.49 -22.56 18.97
CA ALA A 13 17.05 -22.52 19.14
C ALA A 13 16.60 -21.12 18.75
N SER A 14 15.58 -20.98 17.91
CA SER A 14 15.13 -19.66 17.51
C SER A 14 14.44 -18.95 18.67
N TRP A 15 14.84 -17.72 18.99
CA TRP A 15 14.22 -16.95 20.08
C TRP A 15 13.64 -15.61 19.59
N ASP A 16 13.66 -15.34 18.28
CA ASP A 16 13.11 -14.11 17.72
C ASP A 16 11.60 -14.11 17.98
N ASP A 17 11.09 -12.96 18.40
CA ASP A 17 9.70 -12.68 18.73
C ASP A 17 9.31 -13.37 20.04
N GLY A 18 10.27 -13.91 20.80
CA GLY A 18 10.02 -14.57 22.07
C GLY A 18 9.36 -13.60 23.04
N VAL A 19 8.63 -14.13 24.02
CA VAL A 19 7.92 -13.33 25.01
C VAL A 19 8.88 -12.54 25.90
N HIS A 20 8.81 -11.22 25.85
CA HIS A 20 9.60 -10.24 26.60
C HIS A 20 8.70 -9.06 26.96
N ASP A 21 9.15 -8.13 27.82
CA ASP A 21 8.36 -6.95 28.23
C ASP A 21 9.22 -5.71 28.50
N GLY A 22 10.54 -5.88 28.58
CA GLY A 22 11.52 -4.83 28.84
C GLY A 22 12.81 -5.49 29.30
N VAL A 23 13.89 -4.73 29.45
CA VAL A 23 15.20 -5.24 29.89
C VAL A 23 15.81 -4.24 30.87
N ARG A 24 16.68 -4.72 31.76
CA ARG A 24 17.38 -3.94 32.79
C ARG A 24 18.85 -4.24 32.79
N LYS A 25 19.20 -5.52 32.87
CA LYS A 25 20.57 -5.98 32.86
C LYS A 25 20.73 -7.01 31.77
N VAL A 26 21.97 -7.23 31.38
CA VAL A 26 22.43 -8.15 30.36
C VAL A 26 23.59 -8.87 31.05
N HIS A 27 23.58 -10.20 31.02
CA HIS A 27 24.59 -11.04 31.63
C HIS A 27 25.06 -12.00 30.55
N VAL A 28 26.36 -11.96 30.22
CA VAL A 28 26.95 -12.82 29.19
C VAL A 28 28.29 -13.31 29.73
N GLY A 29 28.30 -14.48 30.38
CA GLY A 29 29.50 -15.05 30.96
C GLY A 29 30.20 -15.96 29.95
N GLN A 30 31.53 -15.94 30.00
CA GLN A 30 32.40 -16.73 29.14
C GLN A 30 32.27 -18.23 29.50
N GLY A 31 32.94 -19.08 28.72
CA GLY A 31 32.95 -20.52 28.87
C GLY A 31 34.04 -21.07 27.96
N GLN A 32 34.27 -22.38 28.03
CA GLN A 32 35.27 -23.05 27.19
C GLN A 32 34.81 -22.96 25.73
N ASP A 33 33.50 -23.08 25.55
CA ASP A 33 32.70 -23.05 24.33
C ASP A 33 32.40 -21.60 23.92
N GLY A 34 32.95 -20.61 24.64
CA GLY A 34 32.73 -19.19 24.39
C GLY A 34 31.60 -18.75 25.33
N VAL A 35 31.03 -17.56 25.13
CA VAL A 35 29.94 -17.10 26.01
C VAL A 35 28.84 -18.16 25.89
N SER A 36 28.47 -18.74 27.03
CA SER A 36 27.46 -19.78 27.11
C SER A 36 26.48 -19.56 28.26
N SER A 37 26.83 -18.78 29.27
CA SER A 37 26.00 -18.48 30.43
C SER A 37 25.35 -17.13 30.19
N ILE A 38 24.02 -17.09 30.01
CA ILE A 38 23.31 -15.84 29.78
C ILE A 38 22.06 -15.76 30.66
N ASN A 39 21.75 -14.56 31.12
CA ASN A 39 20.62 -14.23 31.98
C ASN A 39 20.16 -12.82 31.64
N VAL A 40 18.89 -12.51 31.82
CA VAL A 40 18.28 -11.21 31.54
C VAL A 40 17.31 -10.88 32.67
N VAL A 41 16.98 -9.60 32.86
CA VAL A 41 16.06 -9.17 33.90
C VAL A 41 14.99 -8.30 33.22
N TYR A 42 13.75 -8.78 33.24
CA TYR A 42 12.60 -8.13 32.66
C TYR A 42 11.96 -7.20 33.70
N ALA A 43 12.15 -5.88 33.54
CA ALA A 43 11.58 -4.91 34.46
C ALA A 43 10.07 -4.88 34.33
N LYS A 44 9.38 -5.05 35.46
CA LYS A 44 7.93 -5.01 35.54
C LYS A 44 7.60 -3.79 36.38
N ASP A 45 6.50 -3.11 36.09
CA ASP A 45 6.11 -1.93 36.86
C ASP A 45 5.92 -2.29 38.34
N SER A 46 5.39 -3.49 38.62
CA SER A 46 5.18 -3.96 39.97
C SER A 46 6.56 -4.11 40.64
N GLN A 47 7.42 -5.00 40.13
CA GLN A 47 8.76 -5.24 40.65
C GLN A 47 9.62 -5.83 39.54
N ASP A 48 10.89 -5.43 39.47
CA ASP A 48 11.86 -5.93 38.50
C ASP A 48 12.25 -7.31 39.00
N VAL A 49 11.88 -8.38 38.29
CA VAL A 49 12.17 -9.75 38.69
C VAL A 49 12.82 -10.57 37.59
N GLU A 50 13.84 -11.33 37.98
CA GLU A 50 14.63 -12.23 37.14
C GLU A 50 13.84 -13.52 36.88
N GLY A 51 14.24 -14.29 35.86
CA GLY A 51 13.65 -15.57 35.48
C GLY A 51 14.72 -16.67 35.44
N GLY A 52 15.95 -16.38 35.87
CA GLY A 52 17.07 -17.30 35.91
C GLY A 52 17.79 -17.45 34.57
N GLU A 53 19.03 -17.94 34.66
CA GLU A 53 19.88 -18.18 33.51
C GLU A 53 19.30 -19.31 32.66
N HIS A 54 19.31 -19.15 31.35
CA HIS A 54 18.84 -20.15 30.40
C HIS A 54 20.01 -20.47 29.45
N GLY A 55 21.16 -20.78 30.05
CA GLY A 55 22.40 -21.11 29.37
C GLY A 55 23.29 -22.00 30.24
N LYS A 56 24.47 -22.31 29.73
CA LYS A 56 25.47 -23.14 30.38
C LYS A 56 26.21 -22.35 31.46
N LYS A 57 25.62 -22.30 32.64
CA LYS A 57 26.17 -21.59 33.79
C LYS A 57 27.57 -22.10 34.10
N THR A 58 28.50 -21.17 34.29
CA THR A 58 29.89 -21.47 34.60
C THR A 58 30.28 -20.64 35.82
N LEU A 59 31.17 -21.17 36.65
CA LEU A 59 31.61 -20.51 37.88
C LEU A 59 32.57 -19.37 37.58
N LEU A 60 33.41 -19.57 36.58
CA LEU A 60 34.39 -18.59 36.12
C LEU A 60 33.84 -17.95 34.84
N GLY A 61 32.51 -17.98 34.64
CA GLY A 61 31.90 -17.42 33.45
C GLY A 61 30.53 -16.84 33.73
N PHE A 62 30.50 -15.55 34.04
CA PHE A 62 29.34 -14.72 34.32
C PHE A 62 29.82 -13.28 34.15
N GLU A 63 28.92 -12.35 33.83
CA GLU A 63 29.18 -10.93 33.62
C GLU A 63 27.96 -10.12 34.01
N THR A 64 28.09 -8.82 34.18
CA THR A 64 26.97 -7.94 34.55
C THR A 64 27.12 -6.58 33.87
N PHE A 65 26.11 -6.20 33.09
CA PHE A 65 26.02 -4.93 32.37
C PHE A 65 24.63 -4.38 32.67
N GLU A 66 24.53 -3.11 33.05
CA GLU A 66 23.27 -2.44 33.37
C GLU A 66 22.96 -1.44 32.25
N VAL A 67 21.68 -1.35 31.90
CA VAL A 67 21.14 -0.48 30.88
C VAL A 67 20.33 0.58 31.64
N ASP A 68 20.79 1.82 31.61
CA ASP A 68 20.20 3.00 32.27
C ASP A 68 18.90 3.44 31.57
N ALA A 69 18.23 4.45 32.12
CA ALA A 69 16.97 5.00 31.62
C ALA A 69 17.12 6.05 30.51
N ASP A 70 18.02 7.02 30.68
CA ASP A 70 18.32 8.13 29.77
C ASP A 70 19.58 7.92 28.94
N ASP A 71 20.30 6.85 29.22
CA ASP A 71 21.52 6.47 28.52
C ASP A 71 21.07 5.49 27.43
N TYR A 72 21.60 5.60 26.21
CA TYR A 72 21.22 4.71 25.12
C TYR A 72 22.45 4.01 24.52
N ILE A 73 22.23 2.93 23.78
CA ILE A 73 23.27 2.14 23.16
C ILE A 73 23.57 2.78 21.80
N VAL A 74 24.79 3.26 21.60
CA VAL A 74 25.26 3.91 20.38
C VAL A 74 25.62 2.86 19.34
N ALA A 75 26.36 1.82 19.75
CA ALA A 75 26.80 0.74 18.89
C ALA A 75 26.88 -0.55 19.70
N VAL A 76 26.99 -1.67 19.01
CA VAL A 76 27.13 -3.00 19.56
C VAL A 76 28.12 -3.68 18.64
N GLN A 77 29.37 -3.82 19.09
CA GLN A 77 30.40 -4.50 18.30
C GLN A 77 30.19 -5.97 18.59
N VAL A 78 30.22 -6.82 17.56
CA VAL A 78 30.03 -8.25 17.68
C VAL A 78 31.14 -8.89 16.86
N THR A 79 31.89 -9.81 17.47
CA THR A 79 32.99 -10.55 16.86
C THR A 79 32.55 -12.00 16.81
N TYR A 80 32.99 -12.78 15.83
CA TYR A 80 32.60 -14.17 15.69
C TYR A 80 33.69 -14.96 14.99
N ASP A 81 33.59 -16.29 15.00
CA ASP A 81 34.56 -17.17 14.34
C ASP A 81 33.86 -18.48 13.98
N ASN A 82 34.36 -19.12 12.92
CA ASN A 82 33.88 -20.38 12.35
C ASN A 82 35.12 -21.27 12.24
N VAL A 83 35.05 -22.49 12.77
CA VAL A 83 36.14 -23.46 12.77
C VAL A 83 35.76 -24.71 11.98
N PHE A 84 36.76 -25.55 11.68
CA PHE A 84 36.53 -26.79 10.96
C PHE A 84 35.70 -27.73 11.83
N GLY A 85 35.01 -28.68 11.19
CA GLY A 85 34.17 -29.66 11.88
C GLY A 85 32.83 -29.10 12.36
N GLN A 86 32.65 -27.78 12.39
CA GLN A 86 31.43 -27.11 12.82
C GLN A 86 31.05 -26.10 11.74
N ASP A 87 30.00 -26.39 10.98
CA ASP A 87 29.51 -25.52 9.91
C ASP A 87 28.91 -24.23 10.48
N SER A 88 28.64 -24.20 11.78
CA SER A 88 28.09 -23.07 12.51
C SER A 88 29.15 -21.96 12.64
N ASP A 89 28.77 -20.85 13.22
CA ASP A 89 29.58 -19.65 13.47
C ASP A 89 29.09 -19.19 14.85
N ILE A 90 30.00 -18.82 15.75
CA ILE A 90 29.62 -18.38 17.10
C ILE A 90 30.26 -17.03 17.41
N ILE A 91 29.62 -16.30 18.32
CA ILE A 91 30.03 -14.98 18.76
C ILE A 91 31.20 -15.15 19.74
N THR A 92 32.41 -14.73 19.36
CA THR A 92 33.59 -14.86 20.21
C THR A 92 33.61 -13.81 21.31
N SER A 93 33.15 -12.58 21.05
CA SER A 93 33.10 -11.45 21.98
C SER A 93 32.07 -10.43 21.47
N ILE A 94 31.58 -9.60 22.39
CA ILE A 94 30.63 -8.53 22.17
C ILE A 94 31.12 -7.32 22.97
N THR A 95 30.80 -6.11 22.53
CA THR A 95 31.20 -4.90 23.23
C THR A 95 30.16 -3.81 22.96
N PHE A 96 29.38 -3.47 23.98
CA PHE A 96 28.37 -2.44 23.90
C PHE A 96 29.09 -1.09 23.97
N ASN A 97 28.46 -0.03 23.48
CA ASN A 97 28.98 1.34 23.48
C ASN A 97 27.80 2.17 23.94
N THR A 98 27.91 2.93 25.03
CA THR A 98 26.81 3.73 25.53
C THR A 98 27.02 5.22 25.31
N PHE A 99 25.93 5.99 25.35
CA PHE A 99 25.95 7.41 25.18
C PHE A 99 26.65 8.08 26.36
N LYS A 100 26.44 7.56 27.58
CA LYS A 100 27.05 8.11 28.79
C LYS A 100 28.55 7.91 28.86
N GLY A 101 29.14 7.03 28.04
CA GLY A 101 30.58 6.79 28.06
C GLY A 101 30.94 5.50 28.78
N LYS A 102 29.96 4.71 29.22
CA LYS A 102 30.18 3.44 29.89
C LYS A 102 30.40 2.41 28.78
N THR A 103 31.63 2.10 28.39
CA THR A 103 31.90 1.12 27.34
C THR A 103 32.37 -0.13 28.04
N SER A 104 31.66 -1.23 27.82
CA SER A 104 31.95 -2.52 28.44
C SER A 104 33.24 -3.13 27.89
N PRO A 105 33.86 -4.07 28.62
CA PRO A 105 35.06 -4.75 28.14
C PRO A 105 34.61 -5.79 27.07
N PRO A 106 35.53 -6.42 26.32
CA PRO A 106 35.16 -7.44 25.33
C PRO A 106 34.65 -8.64 26.11
N TYR A 107 33.35 -8.94 26.06
CA TYR A 107 32.82 -10.08 26.81
C TYR A 107 33.09 -11.34 25.99
N GLY A 108 34.35 -11.80 26.03
CA GLY A 108 34.84 -12.97 25.33
C GLY A 108 36.20 -12.68 24.70
N LEU A 109 36.50 -13.34 23.58
CA LEU A 109 37.74 -13.19 22.83
C LEU A 109 37.51 -12.38 21.55
N GLU A 110 38.28 -11.31 21.37
CA GLU A 110 38.22 -10.45 20.19
C GLU A 110 38.76 -11.26 18.99
N THR A 111 38.13 -11.13 17.82
CA THR A 111 38.51 -11.83 16.60
C THR A 111 38.50 -10.85 15.41
N GLN A 112 39.24 -11.14 14.34
CA GLN A 112 39.29 -10.30 13.15
C GLN A 112 37.90 -10.20 12.52
N LYS A 113 37.22 -11.34 12.41
CA LYS A 113 35.88 -11.50 11.87
C LYS A 113 34.92 -10.77 12.81
N LYS A 114 34.32 -9.65 12.39
CA LYS A 114 33.40 -8.87 13.23
C LYS A 114 32.57 -7.90 12.41
N PHE A 115 31.54 -7.35 13.05
CA PHE A 115 30.61 -6.37 12.49
C PHE A 115 30.07 -5.49 13.63
N VAL A 116 29.41 -4.40 13.29
CA VAL A 116 28.81 -3.45 14.22
C VAL A 116 27.44 -3.11 13.66
N LEU A 117 26.43 -2.94 14.52
CA LEU A 117 25.06 -2.62 14.13
C LEU A 117 24.62 -1.29 14.70
N LYS A 118 24.08 -0.42 13.84
CA LYS A 118 23.57 0.90 14.19
C LYS A 118 22.51 1.28 13.15
N ASP A 119 21.51 2.03 13.59
CA ASP A 119 20.42 2.45 12.72
C ASP A 119 20.83 3.60 11.79
N LYS A 120 19.94 4.01 10.87
CA LYS A 120 20.14 5.09 9.90
C LYS A 120 20.62 6.33 10.62
N ASN A 121 19.90 6.76 11.65
CA ASN A 121 20.25 7.95 12.42
C ASN A 121 20.62 7.65 13.87
N GLY A 122 20.18 6.53 14.47
CA GLY A 122 20.50 6.17 15.85
C GLY A 122 19.27 5.87 16.71
N GLY A 123 18.44 4.92 16.28
CA GLY A 123 17.26 4.54 17.03
C GLY A 123 17.66 3.75 18.28
N LYS A 124 17.01 4.02 19.42
CA LYS A 124 17.32 3.30 20.65
C LYS A 124 16.91 1.84 20.42
N LEU A 125 17.68 0.91 21.00
CA LEU A 125 17.48 -0.53 20.93
C LEU A 125 16.13 -0.84 21.58
N VAL A 126 15.07 -0.99 20.79
CA VAL A 126 13.73 -1.30 21.27
C VAL A 126 13.75 -2.69 21.88
N GLY A 127 14.24 -3.69 21.16
CA GLY A 127 14.34 -5.07 21.58
C GLY A 127 15.10 -5.88 20.54
N PHE A 128 15.94 -6.80 21.00
CA PHE A 128 16.75 -7.67 20.17
C PHE A 128 15.99 -8.94 19.79
N HIS A 129 16.64 -9.78 18.99
CA HIS A 129 16.18 -11.06 18.48
C HIS A 129 17.41 -11.97 18.35
N GLY A 130 17.22 -13.28 18.11
CA GLY A 130 18.34 -14.20 17.96
C GLY A 130 17.87 -15.64 17.80
N ARG A 131 18.84 -16.55 17.70
CA ARG A 131 18.70 -17.98 17.55
C ARG A 131 19.80 -18.68 18.37
N ALA A 132 19.96 -18.33 19.64
CA ALA A 132 20.96 -18.91 20.54
C ALA A 132 20.39 -20.19 21.17
N GLY A 133 21.23 -21.03 21.74
CA GLY A 133 20.72 -22.25 22.35
C GLY A 133 21.74 -22.80 23.31
N GLU A 134 22.42 -23.85 22.88
CA GLU A 134 23.45 -24.51 23.69
C GLU A 134 24.73 -23.68 23.74
N ALA A 135 24.85 -22.70 22.83
CA ALA A 135 25.96 -21.79 22.66
C ALA A 135 25.38 -20.47 22.11
N LEU A 136 26.21 -19.45 21.98
CA LEU A 136 25.83 -18.15 21.47
C LEU A 136 26.24 -18.08 20.00
N TYR A 137 25.32 -18.53 19.14
CA TYR A 137 25.51 -18.58 17.70
C TYR A 137 25.29 -17.20 17.07
N ALA A 138 24.15 -16.56 17.33
CA ALA A 138 23.83 -15.26 16.77
C ALA A 138 22.84 -14.49 17.64
N LEU A 139 22.87 -13.16 17.43
CA LEU A 139 22.10 -12.10 18.06
C LEU A 139 21.92 -11.01 16.98
N GLY A 140 20.80 -10.30 16.99
CA GLY A 140 20.50 -9.22 16.06
C GLY A 140 19.71 -8.12 16.78
N ALA A 141 19.21 -7.11 16.06
CA ALA A 141 18.45 -6.01 16.65
C ALA A 141 17.54 -5.39 15.62
N TYR A 142 16.46 -4.74 16.09
CA TYR A 142 15.52 -4.08 15.19
C TYR A 142 15.35 -2.68 15.71
N PHE A 143 15.87 -1.68 14.98
CA PHE A 143 15.76 -0.28 15.38
C PHE A 143 14.77 0.32 14.38
N ALA A 144 13.51 0.46 14.80
CA ALA A 144 12.43 1.01 13.99
C ALA A 144 11.55 1.76 14.98
N THR A 145 11.67 3.09 15.02
CA THR A 145 10.87 3.90 15.93
C THR A 145 10.26 5.05 15.12
N THR A 146 8.97 4.89 14.81
CA THR A 146 8.15 5.81 14.07
C THR A 146 6.69 5.42 14.33
N THR A 147 5.75 6.31 14.01
CA THR A 147 4.32 6.09 14.19
C THR A 147 3.62 6.72 12.98
N THR A 148 3.88 6.16 11.80
CA THR A 148 3.29 6.66 10.57
C THR A 148 1.79 6.29 10.53
N PRO A 149 0.98 6.99 9.72
CA PRO A 149 -0.44 6.73 9.59
C PRO A 149 -0.67 5.43 8.80
N VAL A 150 -1.93 5.20 8.42
CA VAL A 150 -2.38 4.03 7.66
C VAL A 150 -1.52 3.89 6.39
N THR A 151 -1.33 2.66 5.91
CA THR A 151 -0.52 2.41 4.74
C THR A 151 -1.30 2.86 3.48
N PRO A 152 -0.60 3.37 2.45
CA PRO A 152 -1.18 3.88 1.22
C PRO A 152 -1.83 2.82 0.31
N ALA A 153 -2.10 3.23 -0.93
CA ALA A 153 -2.71 2.46 -1.99
C ALA A 153 -1.76 1.35 -2.47
N LYS A 154 -2.18 0.52 -3.43
CA LYS A 154 -1.32 -0.56 -3.89
C LYS A 154 -0.24 0.07 -4.76
N LYS A 155 1.00 -0.31 -4.49
CA LYS A 155 2.21 0.13 -5.16
C LYS A 155 2.76 -1.08 -5.89
N LEU A 156 3.39 -0.81 -7.02
CA LEU A 156 3.99 -1.79 -7.90
C LEU A 156 5.50 -1.61 -7.85
N SER A 157 6.25 -2.57 -8.39
CA SER A 157 7.70 -2.50 -8.43
C SER A 157 8.08 -1.46 -9.49
N ALA A 158 8.54 -0.30 -9.03
CA ALA A 158 8.95 0.79 -9.89
C ALA A 158 10.26 0.43 -10.60
N ILE A 159 10.68 1.24 -11.56
CA ILE A 159 11.90 1.02 -12.35
C ILE A 159 12.69 2.31 -12.41
N GLY A 160 14.00 2.17 -12.47
CA GLY A 160 14.96 3.26 -12.53
C GLY A 160 16.34 2.81 -12.10
N GLY A 161 16.79 3.33 -10.96
CA GLY A 161 18.09 3.06 -10.35
C GLY A 161 17.90 2.36 -9.01
N ASP A 162 18.98 1.75 -8.49
CA ASP A 162 19.01 1.02 -7.24
C ASP A 162 19.51 1.87 -6.08
N GLU A 163 19.97 3.09 -6.34
CA GLU A 163 20.50 4.01 -5.35
C GLU A 163 19.56 5.22 -5.20
N GLY A 164 19.42 5.74 -3.98
CA GLY A 164 18.57 6.88 -3.69
C GLY A 164 17.66 6.67 -2.49
N THR A 165 17.00 7.73 -2.06
CA THR A 165 16.09 7.72 -0.94
C THR A 165 14.73 7.20 -1.40
N ALA A 166 14.29 6.05 -0.86
CA ALA A 166 13.00 5.45 -1.19
C ALA A 166 11.91 6.34 -0.61
N TRP A 167 10.95 6.76 -1.44
CA TRP A 167 9.85 7.63 -1.05
C TRP A 167 8.51 7.13 -1.59
N ASP A 168 7.54 6.97 -0.69
CA ASP A 168 6.17 6.56 -0.97
C ASP A 168 5.29 7.80 -1.03
N ASP A 169 4.15 7.75 -1.73
CA ASP A 169 3.25 8.88 -1.83
C ASP A 169 1.83 8.37 -2.03
N GLY A 170 1.04 8.35 -0.95
CA GLY A 170 -0.35 7.86 -1.00
C GLY A 170 -1.23 8.54 -2.05
N ALA A 171 -2.33 7.88 -2.39
CA ALA A 171 -3.28 8.40 -3.37
C ALA A 171 -4.01 9.59 -2.75
N TYR A 172 -4.31 10.61 -3.56
CA TYR A 172 -4.99 11.84 -3.14
C TYR A 172 -6.45 11.84 -3.60
N ASP A 173 -7.16 12.93 -3.23
CA ASP A 173 -8.56 13.18 -3.54
C ASP A 173 -8.86 13.06 -5.03
N GLY A 174 -7.98 13.67 -5.83
CA GLY A 174 -7.96 13.77 -7.26
C GLY A 174 -6.80 14.68 -7.62
N VAL A 175 -6.63 14.98 -8.90
CA VAL A 175 -5.56 15.84 -9.40
C VAL A 175 -6.16 16.80 -10.42
N LYS A 176 -5.72 18.06 -10.43
CA LYS A 176 -6.24 19.05 -11.38
C LYS A 176 -5.16 19.66 -12.26
N LYS A 177 -3.89 19.60 -11.86
CA LYS A 177 -2.78 20.15 -12.64
C LYS A 177 -1.59 19.23 -12.46
N VAL A 178 -0.67 19.32 -13.42
CA VAL A 178 0.57 18.57 -13.48
C VAL A 178 1.67 19.61 -13.79
N TYR A 179 2.87 19.41 -13.25
CA TYR A 179 4.04 20.28 -13.47
C TYR A 179 5.16 19.33 -13.88
N VAL A 180 6.18 19.79 -14.59
CA VAL A 180 7.31 18.97 -15.02
C VAL A 180 8.59 19.78 -14.78
N GLY A 181 9.55 19.24 -14.01
CA GLY A 181 10.80 19.90 -13.67
C GLY A 181 12.02 19.40 -14.45
N GLN A 182 11.98 19.47 -15.77
CA GLN A 182 13.08 19.06 -16.64
C GLN A 182 14.27 20.02 -16.48
N GLY A 183 15.48 19.61 -16.86
CA GLY A 183 16.72 20.38 -16.78
C GLY A 183 17.57 20.15 -18.01
N GLN A 184 18.88 20.04 -17.82
CA GLN A 184 19.85 19.81 -18.88
C GLN A 184 19.93 18.33 -19.25
N ASP A 185 19.81 17.49 -18.23
CA ASP A 185 19.90 16.04 -18.28
C ASP A 185 18.55 15.34 -18.29
N GLY A 186 17.52 15.89 -17.66
CA GLY A 186 16.22 15.23 -17.61
C GLY A 186 15.38 15.75 -16.45
N ILE A 187 14.40 14.94 -16.05
CA ILE A 187 13.50 15.25 -14.94
C ILE A 187 14.36 15.32 -13.68
N SER A 188 14.59 16.53 -13.19
CA SER A 188 15.38 16.81 -12.02
C SER A 188 14.51 16.94 -10.76
N ALA A 189 13.23 17.26 -10.94
CA ALA A 189 12.24 17.43 -9.88
C ALA A 189 10.84 17.17 -10.44
N VAL A 190 9.91 16.82 -9.55
CA VAL A 190 8.50 16.57 -9.84
C VAL A 190 7.71 17.22 -8.70
N LYS A 191 6.44 17.54 -8.95
CA LYS A 191 5.46 18.16 -8.05
C LYS A 191 4.13 18.16 -8.82
N PHE A 192 3.01 17.77 -8.19
CA PHE A 192 1.69 17.72 -8.83
C PHE A 192 0.70 18.53 -7.97
N GLU A 193 -0.46 18.93 -8.52
CA GLU A 193 -1.49 19.70 -7.83
C GLU A 193 -2.64 18.77 -7.43
N TYR A 194 -3.37 19.11 -6.36
CA TYR A 194 -4.50 18.36 -5.85
C TYR A 194 -5.31 19.23 -4.90
N ASN A 195 -6.54 18.79 -4.63
CA ASN A 195 -7.51 19.41 -3.74
C ASN A 195 -7.60 18.54 -2.50
N LYS A 196 -7.80 19.13 -1.32
CA LYS A 196 -7.93 18.40 -0.07
C LYS A 196 -9.03 19.09 0.71
N GLY A 197 -10.25 18.58 0.65
CA GLY A 197 -11.36 19.20 1.36
C GLY A 197 -11.59 20.57 0.73
N ALA A 198 -11.94 21.55 1.56
CA ALA A 198 -12.18 22.92 1.13
C ALA A 198 -10.87 23.69 0.89
N GLU A 199 -9.71 23.04 1.00
CA GLU A 199 -8.40 23.66 0.82
C GLU A 199 -7.75 23.20 -0.48
N ASN A 200 -6.66 23.87 -0.86
CA ASN A 200 -5.89 23.63 -2.07
C ASN A 200 -4.42 23.59 -1.67
N ILE A 201 -3.62 22.72 -2.29
CA ILE A 201 -2.19 22.55 -2.01
C ILE A 201 -1.47 22.56 -3.35
N VAL A 202 -0.86 23.68 -3.68
CA VAL A 202 -0.11 23.88 -4.91
C VAL A 202 1.35 23.74 -4.49
N GLY A 203 2.00 22.61 -4.82
CA GLY A 203 3.40 22.38 -4.50
C GLY A 203 3.71 20.95 -4.04
N GLY A 204 5.00 20.66 -3.94
CA GLY A 204 5.58 19.39 -3.53
C GLY A 204 7.01 19.28 -4.07
N GLU A 205 7.79 20.35 -3.93
CA GLU A 205 9.17 20.43 -4.39
C GLU A 205 10.08 19.60 -3.47
N HIS A 206 10.43 18.38 -3.93
CA HIS A 206 11.27 17.45 -3.19
C HIS A 206 12.59 17.15 -3.93
N GLY A 207 12.64 17.31 -5.25
CA GLY A 207 13.84 17.09 -6.06
C GLY A 207 14.62 18.38 -6.22
N LYS A 208 15.75 18.36 -6.95
CA LYS A 208 16.58 19.55 -7.17
C LYS A 208 16.21 20.17 -8.53
N PRO A 209 15.27 21.13 -8.62
CA PRO A 209 14.93 21.73 -9.90
C PRO A 209 16.09 22.62 -10.36
N THR A 210 16.16 22.84 -11.66
CA THR A 210 17.17 23.68 -12.28
C THR A 210 16.54 25.05 -12.55
N LEU A 211 17.34 26.01 -13.00
CA LEU A 211 16.87 27.37 -13.31
C LEU A 211 15.99 27.38 -14.56
N LEU A 212 15.95 26.28 -15.32
CA LEU A 212 15.15 26.14 -16.53
C LEU A 212 13.69 26.50 -16.24
N GLY A 213 13.21 26.09 -15.06
CA GLY A 213 11.86 26.30 -14.58
C GLY A 213 11.00 25.05 -14.75
N PHE A 214 9.76 25.11 -14.26
CA PHE A 214 8.79 24.02 -14.34
C PHE A 214 7.77 24.32 -15.44
N GLU A 215 7.43 23.30 -16.20
CA GLU A 215 6.45 23.27 -17.30
C GLU A 215 5.12 22.82 -16.69
N GLU A 216 3.95 22.98 -17.33
CA GLU A 216 2.68 22.56 -16.75
C GLU A 216 1.66 21.99 -17.75
N PHE A 217 0.72 21.18 -17.24
CA PHE A 217 -0.34 20.55 -18.01
C PHE A 217 -1.64 20.52 -17.19
N GLU A 218 -2.79 20.71 -17.84
CA GLU A 218 -4.13 20.72 -17.23
C GLU A 218 -4.78 19.34 -17.44
N ILE A 219 -5.19 18.69 -16.34
CA ILE A 219 -5.84 17.39 -16.29
C ILE A 219 -7.11 17.57 -15.48
N ASP A 220 -8.29 17.35 -16.04
CA ASP A 220 -9.55 17.50 -15.31
C ASP A 220 -9.98 16.15 -14.74
N TYR A 221 -9.84 15.94 -13.43
CA TYR A 221 -10.18 14.70 -12.75
C TYR A 221 -11.47 14.00 -13.25
N PRO A 222 -12.68 14.59 -13.19
CA PRO A 222 -13.89 13.92 -13.65
C PRO A 222 -14.03 13.75 -15.18
N SER A 223 -13.33 14.51 -16.04
CA SER A 223 -13.45 14.39 -17.50
C SER A 223 -12.26 13.72 -18.20
N GLU A 224 -11.13 13.54 -17.52
CA GLU A 224 -9.91 12.94 -18.03
C GLU A 224 -9.78 11.55 -17.38
N TYR A 225 -9.00 10.63 -17.94
CA TYR A 225 -8.82 9.29 -17.40
C TYR A 225 -7.45 8.75 -17.79
N ILE A 226 -6.53 8.70 -16.83
CA ILE A 226 -5.17 8.21 -16.98
C ILE A 226 -5.25 6.67 -16.98
N THR A 227 -5.81 6.07 -18.02
CA THR A 227 -5.95 4.62 -18.12
C THR A 227 -4.61 3.90 -18.27
N ALA A 228 -3.53 4.60 -18.63
CA ALA A 228 -2.19 4.07 -18.82
C ALA A 228 -1.19 5.22 -18.68
N VAL A 229 0.10 4.93 -18.57
CA VAL A 229 1.16 5.93 -18.44
C VAL A 229 2.32 5.50 -19.35
N GLU A 230 3.19 6.43 -19.71
CA GLU A 230 4.35 6.21 -20.57
C GLU A 230 5.57 6.84 -19.90
N GLY A 231 6.76 6.61 -20.45
CA GLY A 231 8.00 7.14 -19.95
C GLY A 231 9.15 6.50 -20.73
N THR A 232 10.36 6.87 -20.39
CA THR A 232 11.58 6.38 -20.99
C THR A 232 12.68 6.62 -19.95
N TYR A 233 13.70 5.77 -19.98
CA TYR A 233 14.84 5.87 -19.09
C TYR A 233 16.10 5.59 -19.89
N ASP A 234 17.22 6.11 -19.42
CA ASP A 234 18.51 5.92 -20.04
C ASP A 234 19.60 6.05 -18.97
N LYS A 235 20.80 5.59 -19.33
CA LYS A 235 22.00 5.55 -18.51
C LYS A 235 22.58 6.92 -18.25
N ILE A 236 23.19 7.02 -17.07
CA ILE A 236 23.87 8.20 -16.57
C ILE A 236 25.32 8.00 -17.06
N PHE A 237 26.04 9.08 -17.29
CA PHE A 237 27.43 9.02 -17.72
C PHE A 237 28.23 9.48 -16.52
N GLY A 238 28.38 8.57 -15.55
CA GLY A 238 29.14 8.85 -14.34
C GLY A 238 28.66 8.11 -13.10
N SER A 239 27.45 7.57 -13.11
CA SER A 239 26.89 6.86 -11.96
C SER A 239 26.31 5.54 -12.46
N ASP A 240 26.33 4.51 -11.61
CA ASP A 240 25.83 3.17 -11.93
C ASP A 240 24.35 3.10 -11.61
N GLY A 241 23.55 3.51 -12.59
CA GLY A 241 22.10 3.53 -12.52
C GLY A 241 21.53 4.10 -13.82
N LEU A 242 20.22 4.36 -13.79
CA LEU A 242 19.42 4.93 -14.86
C LEU A 242 18.73 6.14 -14.26
N ILE A 243 18.35 7.08 -15.11
CA ILE A 243 17.69 8.32 -14.75
C ILE A 243 16.51 8.52 -15.71
N ILE A 244 15.61 9.46 -15.41
CA ILE A 244 14.42 9.76 -16.21
C ILE A 244 14.65 10.99 -17.11
N THR A 245 15.07 10.80 -18.36
CA THR A 245 15.28 11.92 -19.28
C THR A 245 14.02 12.33 -20.04
N MET A 246 13.01 11.45 -20.19
CA MET A 246 11.79 11.78 -20.92
C MET A 246 10.57 11.24 -20.16
N LEU A 247 9.44 11.94 -20.17
CA LEU A 247 8.22 11.49 -19.48
C LEU A 247 6.98 11.87 -20.32
N ARG A 248 5.91 11.08 -20.22
CA ARG A 248 4.65 11.26 -20.93
C ARG A 248 3.51 10.75 -20.07
N PHE A 249 2.32 11.22 -20.38
CA PHE A 249 1.09 10.82 -19.70
C PHE A 249 0.02 10.65 -20.77
N LYS A 250 -0.51 9.43 -20.95
CA LYS A 250 -1.58 9.22 -21.94
C LYS A 250 -2.82 9.83 -21.31
N THR A 251 -3.74 10.35 -22.12
CA THR A 251 -4.94 10.99 -21.61
C THR A 251 -6.12 10.72 -22.55
N ASN A 252 -7.32 10.98 -22.07
CA ASN A 252 -8.59 10.85 -22.75
C ASN A 252 -8.96 12.25 -23.20
N LYS A 253 -9.39 12.42 -24.45
CA LYS A 253 -9.79 13.68 -25.09
C LYS A 253 -8.70 14.79 -25.11
N GLN A 254 -7.67 14.74 -24.27
CA GLN A 254 -6.57 15.67 -24.17
C GLN A 254 -5.44 15.22 -25.11
N THR A 255 -4.42 16.05 -25.29
CA THR A 255 -3.27 15.77 -26.13
C THR A 255 -2.02 16.32 -25.42
N SER A 256 -1.28 15.42 -24.76
CA SER A 256 -0.07 15.74 -24.02
C SER A 256 1.15 15.80 -24.97
N ALA A 257 2.30 16.23 -24.44
CA ALA A 257 3.55 16.36 -25.17
C ALA A 257 4.66 15.50 -24.54
N PRO A 258 5.72 15.14 -25.31
CA PRO A 258 6.83 14.35 -24.80
C PRO A 258 7.75 15.29 -24.02
N PHE A 259 7.77 15.22 -22.68
CA PHE A 259 8.61 16.10 -21.90
C PHE A 259 10.02 15.51 -21.88
N GLY A 260 10.87 15.93 -22.83
CA GLY A 260 12.25 15.48 -22.99
C GLY A 260 12.45 14.76 -24.32
N LEU A 261 13.69 14.41 -24.63
CA LEU A 261 14.08 13.71 -25.85
C LEU A 261 14.18 12.22 -25.54
N GLU A 262 13.84 11.36 -26.51
CA GLU A 262 13.89 9.92 -26.34
C GLU A 262 15.34 9.42 -26.29
N ALA A 263 15.55 8.38 -25.50
CA ALA A 263 16.84 7.74 -25.29
C ALA A 263 16.64 6.35 -24.68
N GLY A 264 17.74 5.64 -24.43
CA GLY A 264 17.81 4.31 -23.82
C GLY A 264 16.69 3.33 -24.21
N THR A 265 15.65 3.22 -23.38
CA THR A 265 14.52 2.33 -23.61
C THR A 265 13.24 2.95 -23.07
N ALA A 266 12.20 2.98 -23.91
CA ALA A 266 10.88 3.50 -23.56
C ALA A 266 10.17 2.44 -22.72
N PHE A 267 9.33 2.87 -21.79
CA PHE A 267 8.57 1.97 -20.93
C PHE A 267 7.16 2.52 -20.69
N GLU A 268 6.24 1.66 -20.27
CA GLU A 268 4.86 2.03 -19.99
C GLU A 268 4.29 1.13 -18.89
N LEU A 269 3.29 1.62 -18.16
CA LEU A 269 2.66 0.89 -17.07
C LEU A 269 1.16 0.87 -17.33
N LYS A 270 0.52 -0.18 -16.82
CA LYS A 270 -0.89 -0.50 -16.89
C LYS A 270 -1.20 -1.46 -15.76
N GLU A 271 -2.47 -1.79 -15.57
CA GLU A 271 -2.95 -2.72 -14.54
C GLU A 271 -4.15 -3.47 -15.15
N GLU A 272 -4.56 -4.58 -14.54
CA GLU A 272 -5.68 -5.38 -15.06
C GLU A 272 -7.07 -4.80 -14.77
N GLY A 273 -7.24 -3.88 -13.82
CA GLY A 273 -8.56 -3.35 -13.52
C GLY A 273 -8.56 -2.39 -12.34
N HIS A 274 -7.86 -1.28 -12.48
CA HIS A 274 -7.71 -0.22 -11.49
C HIS A 274 -7.46 1.08 -12.27
N LYS A 275 -7.39 2.22 -11.56
CA LYS A 275 -7.11 3.54 -12.12
C LYS A 275 -5.78 4.01 -11.54
N ILE A 276 -5.06 4.86 -12.26
CA ILE A 276 -3.77 5.42 -11.86
C ILE A 276 -4.09 6.66 -11.03
N VAL A 277 -3.66 6.69 -9.76
CA VAL A 277 -3.88 7.82 -8.86
C VAL A 277 -2.70 7.96 -7.88
N GLY A 278 -1.52 8.37 -8.34
CA GLY A 278 -0.34 8.58 -7.49
C GLY A 278 0.95 8.00 -8.05
N PHE A 279 2.06 8.12 -7.32
CA PHE A 279 3.38 7.64 -7.71
C PHE A 279 4.16 7.14 -6.49
N HIS A 280 5.19 6.34 -6.73
CA HIS A 280 6.04 5.75 -5.71
C HIS A 280 7.36 5.40 -6.39
N GLY A 281 8.50 5.75 -5.79
CA GLY A 281 9.81 5.46 -6.37
C GLY A 281 10.93 5.87 -5.42
N LYS A 282 12.11 6.19 -5.97
CA LYS A 282 13.27 6.63 -5.19
C LYS A 282 14.01 7.69 -5.99
N ALA A 283 14.61 8.64 -5.29
CA ALA A 283 15.36 9.74 -5.85
C ALA A 283 16.25 10.32 -4.75
N SER A 284 17.32 10.98 -5.15
CA SER A 284 18.24 11.64 -4.24
C SER A 284 18.32 13.05 -4.79
N GLU A 285 19.25 13.35 -5.70
CA GLU A 285 19.36 14.68 -6.29
C GLU A 285 18.30 14.81 -7.39
N LEU A 286 18.34 13.90 -8.37
CA LEU A 286 17.45 13.85 -9.53
C LEU A 286 16.51 12.65 -9.48
N LEU A 287 15.46 12.64 -10.32
CA LEU A 287 14.47 11.56 -10.37
C LEU A 287 15.10 10.34 -11.04
N HIS A 288 15.40 9.31 -10.23
CA HIS A 288 15.99 8.08 -10.73
C HIS A 288 14.96 6.99 -10.99
N GLN A 289 14.01 6.77 -10.06
CA GLN A 289 12.98 5.74 -10.19
C GLN A 289 11.57 6.31 -10.12
N PHE A 290 10.70 5.82 -11.00
CA PHE A 290 9.30 6.21 -11.09
C PHE A 290 8.43 4.99 -11.31
N GLY A 291 7.19 5.06 -10.81
CA GLY A 291 6.16 4.05 -10.88
C GLY A 291 4.87 4.70 -10.40
N VAL A 292 3.71 4.20 -10.83
CA VAL A 292 2.40 4.77 -10.47
C VAL A 292 1.65 3.90 -9.45
N HIS A 293 0.81 4.52 -8.62
CA HIS A 293 -0.01 3.84 -7.62
C HIS A 293 -1.32 3.41 -8.28
N VAL A 294 -1.96 2.36 -7.77
CA VAL A 294 -3.21 1.84 -8.32
C VAL A 294 -4.27 1.67 -7.23
N MET A 295 -5.52 1.98 -7.58
CA MET A 295 -6.72 1.90 -6.74
C MET A 295 -7.89 1.49 -7.63
N PRO A 296 -8.85 0.68 -7.17
CA PRO A 296 -9.97 0.28 -8.02
C PRO A 296 -10.88 1.49 -8.30
N LEU A 297 -11.66 1.37 -9.37
CA LEU A 297 -12.60 2.39 -9.80
C LEU A 297 -13.75 2.53 -8.80
N THR A 298 -14.59 3.54 -8.99
CA THR A 298 -15.75 3.81 -8.14
C THR A 298 -17.06 3.74 -8.93
N ASN A 299 -17.00 3.80 -10.26
CA ASN A 299 -18.16 3.72 -11.13
C ASN A 299 -18.01 2.40 -11.88
N ALA A 1 -29.28 3.31 -4.31
CA ALA A 1 -30.34 2.30 -4.30
C ALA A 1 -31.71 2.96 -4.28
N GLN A 2 -32.74 2.27 -4.75
CA GLN A 2 -34.13 2.70 -4.85
C GLN A 2 -35.06 1.65 -4.26
N LYS A 3 -36.22 2.10 -3.81
CA LYS A 3 -37.28 1.30 -3.21
C LYS A 3 -38.58 1.67 -3.92
N VAL A 4 -39.41 0.68 -4.21
CA VAL A 4 -40.71 0.86 -4.86
C VAL A 4 -41.70 0.20 -3.91
N GLU A 5 -42.52 1.01 -3.25
CA GLU A 5 -43.51 0.53 -2.31
C GLU A 5 -44.60 -0.27 -3.01
N ALA A 6 -45.37 -0.98 -2.20
CA ALA A 6 -46.50 -1.79 -2.62
C ALA A 6 -47.78 -1.05 -2.20
N GLY A 7 -48.90 -1.45 -2.78
CA GLY A 7 -50.20 -0.86 -2.50
C GLY A 7 -51.29 -1.78 -3.01
N GLY A 8 -52.46 -1.70 -2.41
CA GLY A 8 -53.62 -2.51 -2.74
C GLY A 8 -54.43 -2.64 -1.47
N GLY A 9 -55.18 -3.73 -1.36
CA GLY A 9 -56.05 -4.01 -0.25
C GLY A 9 -55.38 -3.93 1.12
N ALA A 10 -55.92 -3.06 1.97
CA ALA A 10 -55.44 -2.84 3.32
C ALA A 10 -55.89 -3.96 4.28
N GLY A 11 -56.78 -4.86 3.85
CA GLY A 11 -57.30 -5.95 4.66
C GLY A 11 -56.25 -6.95 5.12
N GLY A 12 -55.07 -7.03 4.49
CA GLY A 12 -54.04 -7.97 4.88
C GLY A 12 -52.96 -7.34 5.76
N ALA A 13 -52.25 -8.23 6.48
CA ALA A 13 -51.15 -7.90 7.37
C ALA A 13 -49.89 -7.66 6.52
N SER A 14 -48.92 -6.92 7.04
CA SER A 14 -47.67 -6.63 6.34
C SER A 14 -46.84 -7.91 6.24
N TRP A 15 -46.54 -8.38 5.01
CA TRP A 15 -45.72 -9.59 4.88
C TRP A 15 -44.26 -9.21 4.91
N ASP A 16 -43.77 -8.55 3.85
CA ASP A 16 -42.38 -8.07 3.73
C ASP A 16 -41.34 -9.20 3.87
N ASP A 17 -41.75 -10.46 3.73
CA ASP A 17 -40.81 -11.59 3.83
C ASP A 17 -39.79 -11.52 2.71
N GLY A 18 -38.52 -11.73 3.04
CA GLY A 18 -37.40 -11.70 2.13
C GLY A 18 -36.15 -11.58 2.97
N VAL A 19 -35.72 -12.71 3.54
CA VAL A 19 -34.56 -12.81 4.42
C VAL A 19 -33.70 -14.06 4.07
N HIS A 20 -34.01 -14.75 2.96
CA HIS A 20 -33.28 -15.96 2.54
C HIS A 20 -32.75 -15.87 1.11
N ASP A 21 -33.27 -14.96 0.29
CA ASP A 21 -32.89 -14.72 -1.11
C ASP A 21 -32.80 -16.02 -1.90
N GLY A 22 -33.69 -16.98 -1.62
CA GLY A 22 -33.71 -18.28 -2.25
C GLY A 22 -34.85 -18.61 -3.21
N VAL A 23 -35.76 -17.69 -3.52
CA VAL A 23 -36.87 -17.97 -4.43
C VAL A 23 -36.36 -18.31 -5.83
N ARG A 24 -36.78 -19.48 -6.32
CA ARG A 24 -36.42 -20.01 -7.63
C ARG A 24 -37.58 -19.87 -8.59
N LYS A 25 -38.64 -20.66 -8.41
CA LYS A 25 -39.83 -20.67 -9.27
C LYS A 25 -41.01 -20.11 -8.50
N VAL A 26 -41.96 -19.51 -9.18
CA VAL A 26 -43.16 -18.93 -8.58
C VAL A 26 -44.35 -19.57 -9.28
N HIS A 27 -45.39 -19.85 -8.50
CA HIS A 27 -46.62 -20.47 -8.94
C HIS A 27 -47.76 -19.53 -8.56
N VAL A 28 -48.51 -19.07 -9.55
CA VAL A 28 -49.64 -18.16 -9.37
C VAL A 28 -50.85 -18.86 -9.98
N GLY A 29 -51.71 -19.41 -9.14
CA GLY A 29 -52.90 -20.10 -9.58
C GLY A 29 -54.06 -19.12 -9.63
N GLN A 30 -54.74 -19.11 -10.77
CA GLN A 30 -55.89 -18.26 -10.99
C GLN A 30 -57.09 -18.83 -10.21
N GLY A 31 -58.14 -18.02 -10.11
CA GLY A 31 -59.38 -18.34 -9.45
C GLY A 31 -60.45 -17.46 -10.07
N GLN A 32 -61.69 -17.86 -9.84
CA GLN A 32 -62.88 -17.19 -10.31
C GLN A 32 -62.92 -15.72 -9.85
N ASP A 33 -62.52 -15.54 -8.61
CA ASP A 33 -62.47 -14.33 -7.83
C ASP A 33 -61.12 -13.61 -7.87
N GLY A 34 -60.14 -14.11 -8.65
CA GLY A 34 -58.81 -13.51 -8.76
C GLY A 34 -57.71 -14.44 -8.24
N VAL A 35 -56.47 -13.92 -8.14
CA VAL A 35 -55.32 -14.67 -7.64
C VAL A 35 -55.61 -15.04 -6.20
N SER A 36 -55.90 -16.31 -5.97
CA SER A 36 -56.25 -16.86 -4.66
C SER A 36 -55.33 -18.00 -4.23
N SER A 37 -54.66 -18.69 -5.14
CA SER A 37 -53.77 -19.81 -4.85
C SER A 37 -52.35 -19.46 -5.28
N ILE A 38 -51.35 -19.68 -4.42
CA ILE A 38 -49.96 -19.39 -4.75
C ILE A 38 -49.01 -20.37 -4.06
N ASN A 39 -47.84 -20.56 -4.63
CA ASN A 39 -46.75 -21.40 -4.12
C ASN A 39 -45.46 -20.71 -4.57
N VAL A 40 -44.37 -20.86 -3.82
CA VAL A 40 -43.09 -20.25 -4.10
C VAL A 40 -42.01 -21.25 -3.69
N VAL A 41 -41.33 -21.81 -4.68
CA VAL A 41 -40.27 -22.78 -4.46
C VAL A 41 -39.06 -21.95 -4.00
N TYR A 42 -38.58 -22.18 -2.79
CA TYR A 42 -37.43 -21.50 -2.20
C TYR A 42 -36.25 -22.47 -2.19
N ALA A 43 -35.07 -21.98 -1.83
CA ALA A 43 -33.88 -22.81 -1.80
C ALA A 43 -33.02 -22.38 -0.63
N LYS A 44 -32.95 -23.22 0.40
CA LYS A 44 -32.15 -23.05 1.59
C LYS A 44 -31.12 -24.15 1.66
N ASP A 45 -30.12 -23.96 2.51
CA ASP A 45 -29.01 -24.90 2.74
C ASP A 45 -28.48 -25.44 1.40
N SER A 46 -28.33 -24.50 0.47
CA SER A 46 -27.84 -24.61 -0.89
C SER A 46 -28.50 -25.74 -1.70
N GLN A 47 -29.78 -26.02 -1.45
CA GLN A 47 -30.59 -27.05 -2.10
C GLN A 47 -32.02 -26.53 -2.35
N ASP A 48 -32.77 -27.22 -3.19
CA ASP A 48 -34.17 -26.92 -3.58
C ASP A 48 -35.11 -27.38 -2.46
N VAL A 49 -36.00 -26.51 -1.96
CA VAL A 49 -36.94 -26.82 -0.89
C VAL A 49 -38.33 -26.27 -1.28
N GLU A 50 -39.30 -27.15 -1.44
CA GLU A 50 -40.67 -26.81 -1.82
C GLU A 50 -41.41 -26.03 -0.70
N GLY A 51 -42.47 -25.31 -1.06
CA GLY A 51 -43.28 -24.51 -0.15
C GLY A 51 -44.76 -24.88 -0.08
N GLY A 52 -45.32 -25.63 -1.04
CA GLY A 52 -46.72 -26.03 -1.04
C GLY A 52 -47.69 -24.89 -1.38
N GLU A 53 -48.85 -25.27 -1.91
CA GLU A 53 -49.91 -24.33 -2.31
C GLU A 53 -50.68 -23.75 -1.12
N HIS A 54 -50.39 -22.49 -0.84
CA HIS A 54 -50.95 -21.64 0.16
C HIS A 54 -52.12 -20.84 -0.43
N GLY A 55 -52.77 -20.06 0.43
CA GLY A 55 -53.91 -19.25 0.04
C GLY A 55 -55.11 -20.18 -0.17
N LYS A 56 -56.14 -19.70 -0.86
CA LYS A 56 -57.31 -20.52 -1.13
C LYS A 56 -56.98 -21.31 -2.37
N LYS A 57 -56.59 -22.59 -2.23
CA LYS A 57 -56.24 -23.36 -3.40
C LYS A 57 -57.40 -23.50 -4.37
N THR A 58 -57.07 -23.61 -5.65
CA THR A 58 -58.02 -23.77 -6.74
C THR A 58 -57.67 -25.04 -7.52
N LEU A 59 -58.66 -25.59 -8.23
CA LEU A 59 -58.49 -26.79 -9.05
C LEU A 59 -58.10 -26.46 -10.50
N LEU A 60 -58.66 -25.39 -11.06
CA LEU A 60 -58.43 -24.95 -12.44
C LEU A 60 -57.46 -23.75 -12.52
N GLY A 61 -56.48 -23.66 -11.63
CA GLY A 61 -55.53 -22.56 -11.65
C GLY A 61 -54.22 -22.97 -11.01
N PHE A 62 -53.19 -23.13 -11.82
CA PHE A 62 -51.85 -23.48 -11.42
C PHE A 62 -50.92 -23.14 -12.57
N GLU A 63 -49.71 -22.72 -12.22
CA GLU A 63 -48.61 -22.32 -13.08
C GLU A 63 -47.31 -22.62 -12.36
N THR A 64 -46.22 -22.69 -13.10
CA THR A 64 -44.88 -22.93 -12.63
C THR A 64 -43.98 -22.07 -13.53
N PHE A 65 -43.63 -20.87 -13.07
CA PHE A 65 -42.79 -19.97 -13.85
C PHE A 65 -41.33 -20.33 -13.56
N GLU A 66 -40.64 -20.78 -14.59
CA GLU A 66 -39.24 -21.17 -14.54
C GLU A 66 -38.38 -19.92 -14.70
N VAL A 67 -37.37 -19.80 -13.84
CA VAL A 67 -36.43 -18.68 -13.82
C VAL A 67 -35.09 -19.24 -14.31
N ASP A 68 -34.69 -18.88 -15.53
CA ASP A 68 -33.44 -19.33 -16.17
C ASP A 68 -32.22 -18.92 -15.35
N ALA A 69 -31.07 -19.58 -15.56
CA ALA A 69 -29.86 -19.25 -14.85
C ALA A 69 -29.30 -17.89 -15.26
N ASP A 70 -29.34 -17.55 -16.55
CA ASP A 70 -28.81 -16.28 -17.05
C ASP A 70 -29.88 -15.20 -17.14
N ASP A 71 -31.16 -15.59 -17.18
CA ASP A 71 -32.27 -14.65 -17.31
C ASP A 71 -32.59 -14.04 -15.94
N TYR A 72 -32.90 -12.74 -15.89
CA TYR A 72 -33.23 -12.05 -14.65
C TYR A 72 -34.44 -11.16 -14.82
N ILE A 73 -35.17 -10.88 -13.75
CA ILE A 73 -36.35 -10.03 -13.77
C ILE A 73 -35.87 -8.58 -13.86
N VAL A 74 -36.48 -7.80 -14.75
CA VAL A 74 -36.15 -6.39 -14.96
C VAL A 74 -37.39 -5.50 -14.83
N ALA A 75 -38.58 -6.06 -15.06
CA ALA A 75 -39.83 -5.33 -14.92
C ALA A 75 -40.88 -6.33 -14.46
N VAL A 76 -41.91 -5.81 -13.83
CA VAL A 76 -43.04 -6.57 -13.33
C VAL A 76 -44.25 -5.70 -13.65
N GLN A 77 -45.37 -6.34 -13.95
CA GLN A 77 -46.63 -5.72 -14.26
C GLN A 77 -47.63 -6.47 -13.40
N VAL A 78 -48.26 -5.81 -12.45
CA VAL A 78 -49.23 -6.46 -11.57
C VAL A 78 -50.53 -5.69 -11.66
N THR A 79 -51.59 -6.43 -12.00
CA THR A 79 -52.94 -5.96 -12.17
C THR A 79 -53.70 -6.30 -10.89
N TYR A 80 -54.52 -5.36 -10.43
CA TYR A 80 -55.31 -5.50 -9.23
C TYR A 80 -56.53 -4.62 -9.38
N ASP A 81 -57.62 -4.91 -8.68
CA ASP A 81 -58.84 -4.10 -8.76
C ASP A 81 -59.68 -4.40 -7.53
N ASN A 82 -60.72 -3.60 -7.29
CA ASN A 82 -61.64 -3.74 -6.16
C ASN A 82 -63.08 -3.76 -6.66
N VAL A 83 -64.00 -4.27 -5.85
CA VAL A 83 -65.41 -4.37 -6.19
C VAL A 83 -66.22 -3.66 -5.11
N PHE A 84 -67.38 -3.16 -5.52
CA PHE A 84 -68.31 -2.44 -4.66
C PHE A 84 -68.70 -3.36 -3.49
N GLY A 85 -68.28 -2.98 -2.29
CA GLY A 85 -68.54 -3.72 -1.06
C GLY A 85 -67.31 -4.48 -0.55
N GLN A 86 -66.14 -4.34 -1.18
CA GLN A 86 -64.89 -4.98 -0.81
C GLN A 86 -63.83 -3.89 -0.87
N ASP A 87 -63.71 -3.13 0.21
CA ASP A 87 -62.82 -2.00 0.51
C ASP A 87 -61.32 -2.41 0.57
N SER A 88 -60.95 -3.49 -0.10
CA SER A 88 -59.60 -4.02 -0.14
C SER A 88 -59.39 -4.72 -1.47
N ASP A 89 -58.58 -4.06 -2.31
CA ASP A 89 -58.19 -4.50 -3.65
C ASP A 89 -57.54 -5.88 -3.56
N ILE A 90 -57.56 -6.61 -4.67
CA ILE A 90 -57.00 -7.95 -4.82
C ILE A 90 -56.32 -8.03 -6.18
N ILE A 91 -55.25 -8.82 -6.26
CA ILE A 91 -54.48 -9.02 -7.48
C ILE A 91 -55.34 -9.85 -8.45
N THR A 92 -55.76 -9.26 -9.56
CA THR A 92 -56.57 -9.95 -10.56
C THR A 92 -55.66 -10.81 -11.45
N SER A 93 -54.44 -10.36 -11.74
CA SER A 93 -53.44 -11.05 -12.55
C SER A 93 -52.07 -10.41 -12.34
N ILE A 94 -51.01 -11.11 -12.74
CA ILE A 94 -49.65 -10.63 -12.65
C ILE A 94 -48.94 -11.08 -13.90
N THR A 95 -47.90 -10.37 -14.29
CA THR A 95 -47.11 -10.65 -15.47
C THR A 95 -45.67 -10.26 -15.12
N PHE A 96 -44.70 -11.02 -15.61
CA PHE A 96 -43.30 -10.75 -15.36
C PHE A 96 -42.65 -10.42 -16.70
N ASN A 97 -41.53 -9.69 -16.64
CA ASN A 97 -40.78 -9.27 -17.80
C ASN A 97 -39.32 -9.48 -17.43
N THR A 98 -38.65 -10.41 -18.12
CA THR A 98 -37.26 -10.72 -17.86
C THR A 98 -36.36 -10.12 -18.93
N PHE A 99 -35.07 -10.06 -18.66
CA PHE A 99 -34.11 -9.48 -19.57
C PHE A 99 -34.09 -10.17 -20.92
N LYS A 100 -34.26 -11.50 -20.98
CA LYS A 100 -34.27 -12.23 -22.25
C LYS A 100 -35.36 -11.72 -23.19
N GLY A 101 -36.46 -11.21 -22.64
CA GLY A 101 -37.60 -10.72 -23.40
C GLY A 101 -38.74 -11.74 -23.38
N LYS A 102 -38.61 -12.83 -22.61
CA LYS A 102 -39.64 -13.86 -22.48
C LYS A 102 -40.76 -13.26 -21.64
N THR A 103 -41.71 -12.60 -22.30
CA THR A 103 -42.84 -11.95 -21.65
C THR A 103 -43.92 -13.02 -21.46
N SER A 104 -44.11 -13.39 -20.21
CA SER A 104 -45.09 -14.37 -19.76
C SER A 104 -46.51 -13.80 -19.90
N PRO A 105 -47.55 -14.66 -19.90
CA PRO A 105 -48.93 -14.22 -19.99
C PRO A 105 -49.45 -13.76 -18.61
N PRO A 106 -50.58 -13.05 -18.53
CA PRO A 106 -51.16 -12.60 -17.25
C PRO A 106 -51.70 -13.82 -16.51
N TYR A 107 -51.18 -14.11 -15.32
CA TYR A 107 -51.65 -15.25 -14.54
C TYR A 107 -52.93 -14.82 -13.81
N GLY A 108 -54.05 -14.78 -14.53
CA GLY A 108 -55.35 -14.40 -14.00
C GLY A 108 -56.12 -13.55 -15.01
N LEU A 109 -57.05 -12.74 -14.50
CA LEU A 109 -57.90 -11.85 -15.28
C LEU A 109 -57.21 -10.50 -15.46
N GLU A 110 -56.95 -10.11 -16.70
CA GLU A 110 -56.32 -8.82 -17.02
C GLU A 110 -57.31 -7.71 -16.68
N THR A 111 -56.84 -6.51 -16.33
CA THR A 111 -57.70 -5.38 -15.97
C THR A 111 -56.96 -4.06 -16.27
N GLN A 112 -57.68 -2.93 -16.21
CA GLN A 112 -57.06 -1.63 -16.45
C GLN A 112 -56.19 -1.24 -15.26
N LYS A 113 -56.72 -1.37 -14.04
CA LYS A 113 -55.98 -1.05 -12.83
C LYS A 113 -54.79 -1.99 -12.71
N LYS A 114 -53.60 -1.42 -12.91
CA LYS A 114 -52.32 -2.11 -12.82
C LYS A 114 -51.22 -1.08 -12.72
N PHE A 115 -50.03 -1.52 -12.36
CA PHE A 115 -48.87 -0.67 -12.27
C PHE A 115 -47.67 -1.52 -12.71
N VAL A 116 -46.57 -0.84 -12.99
CA VAL A 116 -45.33 -1.43 -13.43
C VAL A 116 -44.23 -0.85 -12.56
N LEU A 117 -43.18 -1.64 -12.31
CA LEU A 117 -42.04 -1.27 -11.49
C LEU A 117 -40.78 -1.82 -12.15
N LYS A 118 -39.71 -1.02 -12.10
CA LYS A 118 -38.40 -1.35 -12.67
C LYS A 118 -37.29 -0.54 -11.99
N ASP A 119 -36.04 -0.97 -12.17
CA ASP A 119 -34.86 -0.30 -11.65
C ASP A 119 -34.51 0.87 -12.58
N LYS A 120 -33.57 1.73 -12.17
CA LYS A 120 -33.12 2.87 -12.95
C LYS A 120 -32.41 2.37 -14.21
N ASN A 121 -31.37 1.55 -14.08
CA ASN A 121 -30.59 1.04 -15.22
C ASN A 121 -30.63 -0.47 -15.39
N GLY A 122 -31.10 -1.24 -14.40
CA GLY A 122 -31.17 -2.69 -14.48
C GLY A 122 -31.23 -3.28 -13.08
N GLY A 123 -30.16 -3.09 -12.29
CA GLY A 123 -30.10 -3.61 -10.94
C GLY A 123 -30.43 -5.10 -10.92
N LYS A 124 -31.12 -5.56 -9.88
CA LYS A 124 -31.55 -6.94 -9.72
C LYS A 124 -32.64 -6.93 -8.65
N LEU A 125 -33.73 -7.67 -8.85
CA LEU A 125 -34.82 -7.77 -7.89
C LEU A 125 -34.24 -8.54 -6.71
N VAL A 126 -34.51 -8.14 -5.46
CA VAL A 126 -34.00 -8.86 -4.30
C VAL A 126 -35.10 -9.52 -3.49
N GLY A 127 -36.29 -8.92 -3.42
CA GLY A 127 -37.40 -9.48 -2.68
C GLY A 127 -38.67 -8.75 -3.05
N PHE A 128 -39.79 -9.27 -2.54
CA PHE A 128 -41.12 -8.75 -2.76
C PHE A 128 -41.76 -8.51 -1.41
N HIS A 129 -42.69 -7.56 -1.38
CA HIS A 129 -43.43 -7.18 -0.19
C HIS A 129 -44.85 -6.81 -0.61
N GLY A 130 -45.76 -6.83 0.33
CA GLY A 130 -47.15 -6.50 0.07
C GLY A 130 -48.05 -7.28 1.00
N ARG A 131 -49.05 -6.58 1.49
CA ARG A 131 -50.08 -7.06 2.40
C ARG A 131 -50.89 -8.17 1.74
N ALA A 132 -51.16 -9.25 2.47
CA ALA A 132 -51.91 -10.42 2.02
C ALA A 132 -52.57 -11.08 3.23
N GLY A 133 -53.53 -11.96 2.98
CA GLY A 133 -54.25 -12.70 4.00
C GLY A 133 -55.01 -13.83 3.31
N GLU A 134 -56.33 -13.71 3.20
CA GLU A 134 -57.15 -14.73 2.53
C GLU A 134 -56.87 -14.78 1.03
N ALA A 135 -56.44 -13.65 0.49
CA ALA A 135 -56.08 -13.44 -0.90
C ALA A 135 -54.86 -12.53 -0.95
N LEU A 136 -54.31 -12.38 -2.14
CA LEU A 136 -53.16 -11.54 -2.40
C LEU A 136 -53.76 -10.14 -2.60
N TYR A 137 -53.70 -9.31 -1.56
CA TYR A 137 -54.26 -7.96 -1.59
C TYR A 137 -53.33 -6.94 -2.26
N ALA A 138 -52.01 -7.01 -2.03
CA ALA A 138 -51.02 -6.12 -2.61
C ALA A 138 -49.74 -6.90 -2.86
N LEU A 139 -48.99 -6.57 -3.92
CA LEU A 139 -47.74 -7.25 -4.23
C LEU A 139 -46.79 -6.38 -5.07
N GLY A 140 -45.80 -5.76 -4.42
CA GLY A 140 -44.77 -4.91 -5.02
C GLY A 140 -43.38 -5.54 -4.78
N ALA A 141 -42.29 -4.94 -5.27
CA ALA A 141 -40.95 -5.48 -5.09
C ALA A 141 -39.92 -4.36 -5.18
N TYR A 142 -38.69 -4.60 -4.72
CA TYR A 142 -37.60 -3.64 -4.75
C TYR A 142 -36.38 -4.29 -5.40
N PHE A 143 -35.67 -3.45 -6.15
CA PHE A 143 -34.47 -3.77 -6.92
C PHE A 143 -33.33 -3.04 -6.22
N ALA A 144 -32.47 -3.74 -5.47
CA ALA A 144 -31.36 -3.12 -4.75
C ALA A 144 -30.14 -4.05 -4.74
N THR A 145 -29.16 -3.79 -5.60
CA THR A 145 -27.92 -4.55 -5.73
C THR A 145 -26.82 -3.53 -5.48
N THR A 146 -26.21 -3.63 -4.31
CA THR A 146 -25.14 -2.75 -3.85
C THR A 146 -24.35 -3.52 -2.78
N THR A 147 -23.34 -4.30 -3.18
CA THR A 147 -22.50 -5.09 -2.29
C THR A 147 -21.10 -5.24 -2.93
N THR A 148 -20.05 -4.67 -2.33
CA THR A 148 -18.69 -4.76 -2.86
C THR A 148 -17.64 -4.81 -1.73
N PRO A 149 -16.51 -5.51 -1.93
CA PRO A 149 -15.42 -5.61 -0.96
C PRO A 149 -14.51 -4.38 -1.10
N VAL A 150 -13.43 -4.33 -0.31
CA VAL A 150 -12.45 -3.25 -0.35
C VAL A 150 -11.05 -3.82 -0.08
N THR A 151 -10.03 -3.19 -0.66
CA THR A 151 -8.63 -3.54 -0.52
C THR A 151 -7.80 -2.25 -0.34
N PRO A 152 -6.56 -2.34 0.19
CA PRO A 152 -5.69 -1.19 0.36
C PRO A 152 -5.10 -0.84 -1.02
N ALA A 153 -4.25 0.19 -1.10
CA ALA A 153 -3.67 0.58 -2.38
C ALA A 153 -2.69 -0.49 -2.87
N LYS A 154 -2.51 -0.58 -4.18
CA LYS A 154 -1.61 -1.54 -4.82
C LYS A 154 -0.42 -0.78 -5.35
N LYS A 155 0.79 -1.29 -5.11
CA LYS A 155 2.03 -0.65 -5.55
C LYS A 155 2.75 -1.51 -6.58
N LEU A 156 2.99 -0.96 -7.78
CA LEU A 156 3.70 -1.66 -8.85
C LEU A 156 5.21 -1.61 -8.52
N SER A 157 6.09 -1.98 -9.46
CA SER A 157 7.53 -1.96 -9.28
C SER A 157 8.15 -1.39 -10.55
N ALA A 158 8.80 -0.22 -10.43
CA ALA A 158 9.47 0.45 -11.52
C ALA A 158 10.83 -0.21 -11.80
N ILE A 159 11.63 0.42 -12.65
CA ILE A 159 12.97 -0.02 -13.04
C ILE A 159 13.88 1.16 -12.71
N GLY A 160 15.15 0.91 -12.43
CA GLY A 160 16.14 1.93 -12.13
C GLY A 160 17.17 1.43 -11.14
N GLY A 161 16.78 1.28 -9.87
CA GLY A 161 17.63 0.81 -8.80
C GLY A 161 16.82 0.72 -7.51
N ASP A 162 17.10 -0.30 -6.71
CA ASP A 162 16.45 -0.58 -5.43
C ASP A 162 17.16 0.11 -4.26
N GLU A 163 17.44 1.41 -4.42
CA GLU A 163 18.10 2.25 -3.42
C GLU A 163 17.72 3.71 -3.71
N GLY A 164 17.70 4.55 -2.67
CA GLY A 164 17.39 5.97 -2.74
C GLY A 164 16.26 6.40 -1.81
N THR A 165 16.12 7.72 -1.63
CA THR A 165 15.10 8.33 -0.80
C THR A 165 13.71 8.05 -1.40
N ALA A 166 12.78 7.54 -0.59
CA ALA A 166 11.43 7.25 -1.03
C ALA A 166 10.65 8.57 -1.11
N TRP A 167 10.35 9.00 -2.35
CA TRP A 167 9.64 10.23 -2.63
C TRP A 167 8.14 10.00 -2.83
N ASP A 168 7.64 8.78 -2.57
CA ASP A 168 6.23 8.47 -2.74
C ASP A 168 5.34 9.28 -1.81
N ASP A 169 4.29 9.84 -2.40
CA ASP A 169 3.28 10.69 -1.75
C ASP A 169 1.96 9.94 -1.56
N GLY A 170 1.81 8.75 -2.16
CA GLY A 170 0.59 7.97 -2.03
C GLY A 170 -0.56 8.58 -2.84
N ALA A 171 -1.80 8.29 -2.46
CA ALA A 171 -3.02 8.76 -3.10
C ALA A 171 -3.75 9.79 -2.22
N TYR A 172 -4.68 10.52 -2.82
CA TYR A 172 -5.48 11.58 -2.20
C TYR A 172 -6.87 11.64 -2.84
N ASP A 173 -7.66 12.68 -2.53
CA ASP A 173 -9.01 12.86 -3.07
C ASP A 173 -8.97 12.93 -4.60
N GLY A 174 -8.05 13.71 -5.14
CA GLY A 174 -7.87 13.92 -6.56
C GLY A 174 -6.67 14.82 -6.80
N VAL A 175 -6.52 15.25 -8.05
CA VAL A 175 -5.43 16.11 -8.51
C VAL A 175 -6.02 17.36 -9.15
N LYS A 176 -5.25 18.45 -9.20
CA LYS A 176 -5.64 19.70 -9.79
C LYS A 176 -4.71 19.99 -10.97
N LYS A 177 -3.38 20.01 -10.77
CA LYS A 177 -2.45 20.24 -11.87
C LYS A 177 -1.11 19.55 -11.62
N VAL A 178 -0.28 19.43 -12.66
CA VAL A 178 1.03 18.81 -12.66
C VAL A 178 2.03 19.82 -13.23
N TYR A 179 3.28 19.73 -12.78
CA TYR A 179 4.39 20.57 -13.19
C TYR A 179 5.61 19.67 -13.36
N VAL A 180 6.19 19.61 -14.56
CA VAL A 180 7.37 18.79 -14.84
C VAL A 180 8.60 19.70 -14.74
N GLY A 181 9.70 19.24 -14.16
CA GLY A 181 10.92 20.03 -14.01
C GLY A 181 12.06 19.34 -14.73
N GLN A 182 12.15 19.58 -16.05
CA GLN A 182 13.19 18.99 -16.88
C GLN A 182 14.56 19.67 -16.63
N GLY A 183 15.53 19.33 -17.46
CA GLY A 183 16.89 19.83 -17.43
C GLY A 183 17.65 19.19 -18.58
N GLN A 184 18.88 19.64 -18.81
CA GLN A 184 19.75 19.16 -19.87
C GLN A 184 20.07 17.67 -19.69
N ASP A 185 20.24 17.27 -18.44
CA ASP A 185 20.58 15.96 -17.92
C ASP A 185 19.40 14.99 -17.92
N GLY A 186 18.17 15.49 -18.08
CA GLY A 186 16.92 14.75 -18.09
C GLY A 186 16.02 15.31 -16.98
N ILE A 187 14.85 14.71 -16.77
CA ILE A 187 13.89 15.16 -15.77
C ILE A 187 14.45 14.90 -14.38
N SER A 188 14.87 15.99 -13.73
CA SER A 188 15.45 15.96 -12.41
C SER A 188 14.41 16.33 -11.33
N ALA A 189 13.34 17.07 -11.67
CA ALA A 189 12.30 17.48 -10.72
C ALA A 189 10.90 17.16 -11.19
N VAL A 190 10.00 16.98 -10.23
CA VAL A 190 8.59 16.68 -10.39
C VAL A 190 7.86 17.34 -9.22
N LYS A 191 6.65 17.84 -9.46
CA LYS A 191 5.80 18.50 -8.45
C LYS A 191 4.35 18.54 -8.92
N PHE A 192 3.43 18.91 -8.03
CA PHE A 192 2.02 18.95 -8.37
C PHE A 192 1.23 19.95 -7.53
N GLU A 193 -0.05 20.09 -7.87
CA GLU A 193 -1.05 20.92 -7.23
C GLU A 193 -2.20 19.92 -6.97
N TYR A 194 -2.50 19.65 -5.70
CA TYR A 194 -3.54 18.72 -5.24
C TYR A 194 -4.40 19.43 -4.20
N ASN A 195 -5.69 19.09 -4.13
CA ASN A 195 -6.62 19.69 -3.16
C ASN A 195 -7.05 18.65 -2.14
N LYS A 196 -7.47 19.12 -0.96
CA LYS A 196 -7.90 18.31 0.16
C LYS A 196 -9.14 18.93 0.78
N GLY A 197 -10.32 18.61 0.25
CA GLY A 197 -11.57 19.12 0.74
C GLY A 197 -11.75 20.57 0.34
N ALA A 198 -11.11 21.50 1.06
CA ALA A 198 -11.15 22.94 0.81
C ALA A 198 -9.73 23.48 0.62
N GLU A 199 -8.75 22.94 1.34
CA GLU A 199 -7.37 23.40 1.20
C GLU A 199 -6.82 22.96 -0.17
N ASN A 200 -5.93 23.80 -0.69
CA ASN A 200 -5.22 23.65 -1.95
C ASN A 200 -3.76 23.60 -1.53
N ILE A 201 -2.98 22.68 -2.10
CA ILE A 201 -1.56 22.51 -1.80
C ILE A 201 -0.84 22.73 -3.12
N VAL A 202 -0.03 23.78 -3.15
CA VAL A 202 0.80 24.23 -4.25
C VAL A 202 2.22 24.31 -3.68
N GLY A 203 3.11 23.41 -4.10
CA GLY A 203 4.49 23.42 -3.60
C GLY A 203 5.09 22.05 -3.28
N GLY A 204 4.37 20.94 -3.49
CA GLY A 204 4.89 19.61 -3.21
C GLY A 204 5.90 19.23 -4.30
N GLU A 205 7.15 19.69 -4.14
CA GLU A 205 8.29 19.51 -5.01
C GLU A 205 9.28 18.63 -4.25
N HIS A 206 9.85 17.62 -4.92
CA HIS A 206 10.80 16.68 -4.29
C HIS A 206 12.11 16.53 -5.08
N GLY A 207 12.03 16.40 -6.41
CA GLY A 207 13.23 16.22 -7.21
C GLY A 207 13.96 17.56 -7.40
N LYS A 208 15.28 17.47 -7.60
CA LYS A 208 16.19 18.59 -7.79
C LYS A 208 15.90 19.37 -9.08
N PRO A 209 15.42 20.64 -9.02
CA PRO A 209 15.15 21.41 -10.22
C PRO A 209 16.45 21.95 -10.83
N THR A 210 16.35 22.53 -12.03
CA THR A 210 17.47 23.11 -12.76
C THR A 210 17.08 24.53 -13.20
N LEU A 211 17.99 25.27 -13.84
CA LEU A 211 17.69 26.61 -14.34
C LEU A 211 16.65 26.58 -15.46
N LEU A 212 16.32 25.41 -15.99
CA LEU A 212 15.33 25.21 -17.05
C LEU A 212 13.93 25.62 -16.55
N GLY A 213 13.71 25.60 -15.23
CA GLY A 213 12.44 25.97 -14.64
C GLY A 213 11.52 24.75 -14.58
N PHE A 214 10.25 24.96 -14.88
CA PHE A 214 9.22 23.93 -14.88
C PHE A 214 8.23 24.20 -16.01
N GLU A 215 7.53 23.15 -16.41
CA GLU A 215 6.49 23.08 -17.44
C GLU A 215 5.18 22.84 -16.70
N GLU A 216 4.03 23.03 -17.36
CA GLU A 216 2.71 22.84 -16.76
C GLU A 216 1.78 22.09 -17.70
N PHE A 217 0.98 21.14 -17.18
CA PHE A 217 0.03 20.39 -17.98
C PHE A 217 -1.27 20.14 -17.22
N GLU A 218 -2.41 20.55 -17.78
CA GLU A 218 -3.74 20.37 -17.19
C GLU A 218 -4.27 18.99 -17.55
N ILE A 219 -4.75 18.25 -16.54
CA ILE A 219 -5.31 16.92 -16.64
C ILE A 219 -6.66 17.04 -15.95
N ASP A 220 -7.73 16.69 -16.64
CA ASP A 220 -9.05 16.79 -16.06
C ASP A 220 -9.30 15.61 -15.16
N TYR A 221 -8.91 15.73 -13.89
CA TYR A 221 -9.10 14.68 -12.91
C TYR A 221 -10.57 14.23 -12.87
N PRO A 222 -11.58 15.11 -12.70
CA PRO A 222 -12.98 14.70 -12.68
C PRO A 222 -13.57 14.33 -14.05
N SER A 223 -12.84 14.40 -15.17
CA SER A 223 -13.42 14.08 -16.49
C SER A 223 -12.69 13.03 -17.32
N GLU A 224 -11.38 12.87 -17.16
CA GLU A 224 -10.58 11.91 -17.91
C GLU A 224 -9.89 10.96 -16.93
N TYR A 225 -9.45 9.80 -17.41
CA TYR A 225 -8.78 8.80 -16.60
C TYR A 225 -7.48 8.41 -17.30
N ILE A 226 -6.36 8.53 -16.60
CA ILE A 226 -5.01 8.20 -17.06
C ILE A 226 -4.95 6.66 -17.04
N THR A 227 -5.10 6.03 -18.20
CA THR A 227 -5.05 4.57 -18.28
C THR A 227 -3.62 4.06 -18.00
N ALA A 228 -2.57 4.78 -18.44
CA ALA A 228 -1.19 4.37 -18.23
C ALA A 228 -0.22 5.55 -18.30
N VAL A 229 1.02 5.30 -17.91
CA VAL A 229 2.13 6.24 -17.97
C VAL A 229 3.01 5.73 -19.10
N GLU A 230 3.74 6.59 -19.79
CA GLU A 230 4.65 6.28 -20.89
C GLU A 230 5.97 7.04 -20.59
N GLY A 231 7.05 6.82 -21.33
CA GLY A 231 8.32 7.52 -21.08
C GLY A 231 9.53 6.64 -21.31
N THR A 232 10.71 7.18 -21.03
CA THR A 232 11.97 6.48 -21.18
C THR A 232 12.92 6.81 -20.01
N TYR A 233 13.73 5.83 -19.62
CA TYR A 233 14.72 5.96 -18.55
C TYR A 233 16.07 5.49 -19.08
N ASP A 234 17.15 6.14 -18.66
CA ASP A 234 18.52 5.80 -19.07
C ASP A 234 19.52 6.29 -18.00
N LYS A 235 20.79 5.89 -18.15
CA LYS A 235 21.92 6.21 -17.29
C LYS A 235 22.40 7.64 -17.54
N ILE A 236 22.91 8.28 -16.49
CA ILE A 236 23.45 9.64 -16.54
C ILE A 236 24.98 9.58 -16.56
N PHE A 237 25.61 10.65 -17.05
CA PHE A 237 27.06 10.72 -17.07
C PHE A 237 27.52 11.11 -15.65
N GLY A 238 28.83 11.04 -15.39
CA GLY A 238 29.42 11.39 -14.10
C GLY A 238 29.24 10.36 -13.00
N SER A 239 28.07 9.74 -12.86
CA SER A 239 27.77 8.71 -11.88
C SER A 239 26.89 7.65 -12.53
N ASP A 240 26.83 6.44 -11.96
CA ASP A 240 26.04 5.34 -12.50
C ASP A 240 24.53 5.42 -12.21
N GLY A 241 24.03 6.61 -11.84
CA GLY A 241 22.63 6.85 -11.54
C GLY A 241 21.78 6.74 -12.78
N LEU A 242 20.47 6.75 -12.56
CA LEU A 242 19.43 6.67 -13.58
C LEU A 242 18.57 7.91 -13.49
N ILE A 243 17.89 8.25 -14.59
CA ILE A 243 17.00 9.38 -14.69
C ILE A 243 15.93 9.05 -15.72
N ILE A 244 14.89 9.88 -15.77
CA ILE A 244 13.77 9.77 -16.69
C ILE A 244 14.09 10.90 -17.67
N THR A 245 14.60 10.62 -18.87
CA THR A 245 14.92 11.69 -19.81
C THR A 245 13.69 12.16 -20.58
N MET A 246 12.63 11.37 -20.61
CA MET A 246 11.37 11.71 -21.28
C MET A 246 10.25 11.03 -20.53
N LEU A 247 9.16 11.72 -20.28
CA LEU A 247 8.00 11.19 -19.57
C LEU A 247 6.73 11.59 -20.30
N ARG A 248 5.76 10.68 -20.35
CA ARG A 248 4.47 10.89 -20.99
C ARG A 248 3.38 10.35 -20.09
N PHE A 249 2.17 10.84 -20.30
CA PHE A 249 1.00 10.43 -19.54
C PHE A 249 -0.10 10.19 -20.54
N LYS A 250 -0.62 8.96 -20.61
CA LYS A 250 -1.70 8.64 -21.53
C LYS A 250 -2.91 9.40 -21.00
N THR A 251 -3.62 10.03 -21.91
CA THR A 251 -4.77 10.85 -21.62
C THR A 251 -5.95 10.42 -22.47
N ASN A 252 -7.15 10.86 -22.12
CA ASN A 252 -8.35 10.52 -22.88
C ASN A 252 -9.08 11.83 -23.14
N LYS A 253 -9.74 11.96 -24.30
CA LYS A 253 -10.47 13.18 -24.73
C LYS A 253 -9.51 14.31 -25.11
N GLN A 254 -8.28 14.36 -24.57
CA GLN A 254 -7.29 15.38 -24.89
C GLN A 254 -6.00 14.71 -25.38
N THR A 255 -5.04 15.51 -25.83
CA THR A 255 -3.73 15.07 -26.32
C THR A 255 -2.67 15.67 -25.40
N SER A 256 -1.60 14.92 -25.14
CA SER A 256 -0.50 15.32 -24.30
C SER A 256 0.81 15.30 -25.09
N ALA A 257 1.77 16.11 -24.68
CA ALA A 257 3.08 16.24 -25.31
C ALA A 257 4.14 15.40 -24.59
N PRO A 258 5.26 15.06 -25.27
CA PRO A 258 6.35 14.30 -24.68
C PRO A 258 7.20 15.27 -23.86
N PHE A 259 7.27 15.10 -22.54
CA PHE A 259 8.08 15.97 -21.70
C PHE A 259 9.50 15.43 -21.76
N GLY A 260 10.32 15.93 -22.67
CA GLY A 260 11.71 15.52 -22.83
C GLY A 260 11.99 14.92 -24.20
N LEU A 261 13.24 14.50 -24.42
CA LEU A 261 13.70 13.90 -25.68
C LEU A 261 13.57 12.39 -25.56
N GLU A 262 12.64 11.80 -26.31
CA GLU A 262 12.41 10.36 -26.32
C GLU A 262 13.69 9.65 -26.80
N ALA A 263 14.37 8.98 -25.88
CA ALA A 263 15.60 8.24 -26.08
C ALA A 263 15.79 7.33 -24.86
N GLY A 264 16.55 6.24 -25.02
CA GLY A 264 16.80 5.29 -23.94
C GLY A 264 15.69 4.25 -23.82
N THR A 265 15.81 3.37 -22.83
CA THR A 265 14.86 2.29 -22.57
C THR A 265 13.44 2.83 -22.30
N ALA A 266 12.50 2.58 -23.22
CA ALA A 266 11.12 3.04 -23.07
C ALA A 266 10.33 2.06 -22.22
N PHE A 267 9.38 2.58 -21.44
CA PHE A 267 8.50 1.84 -20.55
C PHE A 267 7.10 2.46 -20.53
N GLU A 268 6.08 1.68 -20.11
CA GLU A 268 4.69 2.12 -20.01
C GLU A 268 4.08 1.36 -18.81
N LEU A 269 3.45 2.05 -17.85
CA LEU A 269 2.85 1.43 -16.66
C LEU A 269 1.32 1.35 -16.80
N LYS A 270 0.76 0.19 -17.13
CA LYS A 270 -0.68 -0.03 -17.30
C LYS A 270 -1.17 -1.16 -16.37
N GLU A 271 -2.44 -1.13 -15.97
CA GLU A 271 -3.07 -2.13 -15.11
C GLU A 271 -4.53 -2.30 -15.58
N GLU A 272 -5.11 -3.48 -15.39
CA GLU A 272 -6.49 -3.80 -15.79
C GLU A 272 -7.42 -3.70 -14.58
N GLY A 273 -8.65 -3.21 -14.75
CA GLY A 273 -9.63 -3.07 -13.67
C GLY A 273 -9.28 -2.03 -12.61
N HIS A 274 -8.25 -1.22 -12.84
CA HIS A 274 -7.77 -0.17 -11.94
C HIS A 274 -7.51 1.12 -12.71
N LYS A 275 -7.16 2.19 -11.98
CA LYS A 275 -6.80 3.50 -12.50
C LYS A 275 -5.56 4.01 -11.75
N ILE A 276 -4.86 5.00 -12.30
CA ILE A 276 -3.66 5.58 -11.70
C ILE A 276 -4.11 6.81 -10.91
N VAL A 277 -3.53 7.05 -9.74
CA VAL A 277 -3.89 8.18 -8.87
C VAL A 277 -2.69 8.93 -8.28
N GLY A 278 -1.45 8.51 -8.55
CA GLY A 278 -0.25 9.16 -8.02
C GLY A 278 1.00 8.44 -8.48
N PHE A 279 2.15 8.75 -7.88
CA PHE A 279 3.44 8.14 -8.22
C PHE A 279 4.15 7.64 -6.95
N HIS A 280 5.18 6.83 -7.12
CA HIS A 280 5.99 6.27 -6.05
C HIS A 280 7.34 5.86 -6.65
N GLY A 281 8.36 5.63 -5.82
CA GLY A 281 9.66 5.24 -6.30
C GLY A 281 10.74 5.74 -5.34
N LYS A 282 11.98 5.78 -5.84
CA LYS A 282 13.15 6.23 -5.11
C LYS A 282 13.84 7.30 -5.95
N ALA A 283 14.28 8.38 -5.33
CA ALA A 283 14.94 9.50 -5.96
C ALA A 283 15.74 10.24 -4.88
N SER A 284 17.03 9.94 -4.76
CA SER A 284 17.88 10.60 -3.76
C SER A 284 18.12 12.08 -4.07
N GLU A 285 17.98 12.46 -5.33
CA GLU A 285 18.14 13.81 -5.85
C GLU A 285 17.53 13.74 -7.25
N LEU A 286 18.16 12.88 -8.04
CA LEU A 286 17.84 12.55 -9.41
C LEU A 286 16.75 11.48 -9.36
N LEU A 287 15.85 11.45 -10.34
CA LEU A 287 14.74 10.52 -10.40
C LEU A 287 15.20 9.08 -10.78
N HIS A 288 15.72 8.34 -9.81
CA HIS A 288 16.22 6.97 -10.00
C HIS A 288 15.13 5.98 -10.41
N GLN A 289 13.92 6.04 -9.84
CA GLN A 289 12.82 5.15 -10.17
C GLN A 289 11.50 5.89 -10.19
N PHE A 290 10.73 5.72 -11.27
CA PHE A 290 9.42 6.33 -11.46
C PHE A 290 8.40 5.19 -11.63
N GLY A 291 7.57 4.98 -10.61
CA GLY A 291 6.53 3.95 -10.58
C GLY A 291 5.25 4.60 -10.09
N VAL A 292 4.16 3.82 -9.99
CA VAL A 292 2.88 4.33 -9.54
C VAL A 292 2.15 3.31 -8.67
N HIS A 293 1.06 3.75 -8.05
CA HIS A 293 0.16 2.97 -7.24
C HIS A 293 -1.15 3.01 -8.03
N VAL A 294 -1.99 2.02 -7.80
CA VAL A 294 -3.28 1.89 -8.45
C VAL A 294 -4.34 1.56 -7.41
N MET A 295 -5.59 1.81 -7.79
CA MET A 295 -6.80 1.59 -7.01
C MET A 295 -7.81 1.00 -7.99
N PRO A 296 -8.69 0.07 -7.58
CA PRO A 296 -9.67 -0.52 -8.49
C PRO A 296 -10.70 0.54 -8.90
N LEU A 297 -11.24 0.43 -10.11
CA LEU A 297 -12.25 1.35 -10.65
C LEU A 297 -13.65 0.73 -10.67
N THR A 298 -14.64 1.55 -11.02
CA THR A 298 -16.05 1.20 -11.10
C THR A 298 -16.66 1.96 -12.29
N ASN A 299 -16.07 1.84 -13.48
CA ASN A 299 -16.51 2.49 -14.72
C ASN A 299 -16.07 1.65 -15.90
N ALA A 1 -8.14 -3.15 22.35
CA ALA A 1 -7.53 -4.24 23.13
C ALA A 1 -7.94 -4.19 24.59
N GLN A 2 -7.80 -3.04 25.21
CA GLN A 2 -8.11 -2.79 26.62
C GLN A 2 -9.62 -2.82 26.88
N LYS A 3 -10.06 -3.85 27.60
CA LYS A 3 -11.44 -4.10 28.00
C LYS A 3 -11.40 -4.79 29.36
N VAL A 4 -12.32 -4.42 30.26
CA VAL A 4 -12.40 -4.98 31.59
C VAL A 4 -13.84 -5.36 31.87
N GLU A 5 -14.08 -6.64 32.12
CA GLU A 5 -15.41 -7.16 32.42
C GLU A 5 -15.88 -6.59 33.75
N ALA A 6 -17.16 -6.22 33.76
CA ALA A 6 -17.87 -5.65 34.90
C ALA A 6 -17.87 -6.66 36.05
N GLY A 7 -18.41 -7.85 35.81
CA GLY A 7 -18.48 -8.94 36.77
C GLY A 7 -19.89 -9.20 37.27
N GLY A 8 -20.78 -8.21 37.21
CA GLY A 8 -22.16 -8.35 37.64
C GLY A 8 -22.94 -9.34 36.76
N GLY A 9 -24.17 -9.64 37.14
CA GLY A 9 -25.01 -10.57 36.42
C GLY A 9 -25.63 -9.99 35.15
N ALA A 10 -26.30 -10.87 34.41
CA ALA A 10 -26.99 -10.58 33.15
C ALA A 10 -28.40 -10.02 33.34
N GLY A 11 -28.80 -9.69 34.57
CA GLY A 11 -30.10 -9.15 34.87
C GLY A 11 -30.23 -7.70 34.38
N GLY A 12 -31.41 -7.13 34.51
CA GLY A 12 -31.69 -5.76 34.08
C GLY A 12 -31.50 -5.62 32.59
N ALA A 13 -30.65 -4.69 32.17
CA ALA A 13 -30.34 -4.37 30.79
C ALA A 13 -28.86 -4.01 30.67
N SER A 14 -28.29 -4.09 29.46
CA SER A 14 -26.88 -3.81 29.20
C SER A 14 -26.65 -2.44 28.57
N TRP A 15 -26.20 -1.45 29.33
CA TRP A 15 -25.90 -0.12 28.80
C TRP A 15 -24.48 -0.27 28.24
N ASP A 16 -24.31 -0.11 26.93
CA ASP A 16 -23.01 -0.22 26.26
C ASP A 16 -22.96 0.89 25.22
N ASP A 17 -22.00 1.81 25.35
CA ASP A 17 -21.82 2.94 24.44
C ASP A 17 -20.35 3.09 24.04
N GLY A 18 -19.48 3.40 25.01
CA GLY A 18 -18.06 3.57 24.78
C GLY A 18 -17.49 4.83 25.43
N VAL A 19 -17.74 6.00 24.83
CA VAL A 19 -17.20 7.28 25.32
C VAL A 19 -18.26 8.37 25.59
N HIS A 20 -19.49 8.26 25.08
CA HIS A 20 -20.50 9.29 25.33
C HIS A 20 -20.99 9.21 26.79
N ASP A 21 -21.98 10.03 27.14
CA ASP A 21 -22.58 10.13 28.47
C ASP A 21 -21.53 10.51 29.51
N GLY A 22 -20.86 11.64 29.28
CA GLY A 22 -19.84 12.15 30.19
C GLY A 22 -20.55 12.53 31.49
N VAL A 23 -20.41 11.69 32.52
CA VAL A 23 -21.01 11.84 33.83
C VAL A 23 -20.41 13.01 34.62
N ARG A 24 -21.15 13.53 35.61
CA ARG A 24 -20.76 14.64 36.47
C ARG A 24 -20.98 14.36 37.96
N LYS A 25 -21.88 13.43 38.30
CA LYS A 25 -22.22 13.03 39.65
C LYS A 25 -22.72 11.60 39.57
N VAL A 26 -22.61 10.85 40.65
CA VAL A 26 -23.08 9.48 40.79
C VAL A 26 -23.80 9.45 42.13
N HIS A 27 -24.83 8.62 42.26
CA HIS A 27 -25.60 8.50 43.49
C HIS A 27 -25.74 7.00 43.75
N VAL A 28 -25.73 6.63 45.03
CA VAL A 28 -25.84 5.27 45.55
C VAL A 28 -26.66 5.35 46.83
N GLY A 29 -27.42 4.32 47.18
CA GLY A 29 -28.20 4.31 48.41
C GLY A 29 -28.06 2.95 49.04
N GLN A 30 -29.13 2.15 49.09
CA GLN A 30 -29.01 0.82 49.68
C GLN A 30 -27.95 0.03 48.90
N GLY A 31 -27.25 -0.86 49.59
CA GLY A 31 -26.17 -1.72 49.09
C GLY A 31 -26.14 -3.08 49.76
N GLN A 32 -26.75 -3.19 50.94
CA GLN A 32 -26.88 -4.38 51.76
C GLN A 32 -27.53 -5.51 50.97
N ASP A 33 -28.54 -5.11 50.20
CA ASP A 33 -29.39 -5.88 49.31
C ASP A 33 -29.00 -5.61 47.84
N GLY A 34 -27.89 -4.88 47.64
CA GLY A 34 -27.34 -4.51 46.35
C GLY A 34 -27.64 -3.04 46.08
N VAL A 35 -26.87 -2.44 45.17
CA VAL A 35 -27.00 -1.05 44.76
C VAL A 35 -28.39 -0.92 44.13
N SER A 36 -29.35 -0.46 44.93
CA SER A 36 -30.74 -0.35 44.53
C SER A 36 -31.15 1.00 43.92
N SER A 37 -30.42 2.09 44.15
CA SER A 37 -30.78 3.41 43.60
C SER A 37 -29.61 4.02 42.86
N ILE A 38 -29.81 4.44 41.62
CA ILE A 38 -28.77 5.04 40.79
C ILE A 38 -29.31 6.25 40.08
N ASN A 39 -28.49 7.28 40.08
CA ASN A 39 -28.77 8.57 39.45
C ASN A 39 -27.44 9.11 38.98
N VAL A 40 -27.40 9.69 37.78
CA VAL A 40 -26.18 10.23 37.20
C VAL A 40 -26.55 11.40 36.28
N VAL A 41 -25.79 12.48 36.37
CA VAL A 41 -25.98 13.67 35.54
C VAL A 41 -25.00 13.49 34.39
N TYR A 42 -25.46 13.52 33.14
CA TYR A 42 -24.63 13.38 31.95
C TYR A 42 -24.70 14.68 31.15
N ALA A 43 -23.78 14.86 30.19
CA ALA A 43 -23.75 16.03 29.30
C ALA A 43 -23.16 15.57 27.96
N LYS A 44 -23.97 15.47 26.91
CA LYS A 44 -23.55 15.08 25.56
C LYS A 44 -23.80 16.24 24.58
N ASP A 45 -22.74 16.80 24.00
CA ASP A 45 -22.76 17.92 23.04
C ASP A 45 -23.63 19.11 23.50
N SER A 46 -23.80 19.30 24.81
CA SER A 46 -24.60 20.37 25.39
C SER A 46 -24.22 20.52 26.87
N GLN A 47 -25.11 21.13 27.64
CA GLN A 47 -24.96 21.37 29.07
C GLN A 47 -25.38 20.08 29.78
N ASP A 48 -25.04 19.95 31.06
CA ASP A 48 -25.37 18.80 31.89
C ASP A 48 -26.83 18.95 32.28
N VAL A 49 -27.69 18.02 31.86
CA VAL A 49 -29.11 18.04 32.17
C VAL A 49 -29.52 16.64 32.62
N GLU A 50 -29.81 16.47 33.90
CA GLU A 50 -30.22 15.20 34.47
C GLU A 50 -31.64 14.84 34.00
N GLY A 51 -32.02 13.58 34.12
CA GLY A 51 -33.33 13.05 33.74
C GLY A 51 -34.02 12.34 34.92
N GLY A 52 -33.43 12.33 36.11
CA GLY A 52 -33.98 11.69 37.30
C GLY A 52 -33.33 10.34 37.58
N GLU A 53 -33.56 9.88 38.81
CA GLU A 53 -33.07 8.63 39.38
C GLU A 53 -33.80 7.43 38.76
N HIS A 54 -33.09 6.32 38.64
CA HIS A 54 -33.54 5.05 38.10
C HIS A 54 -33.15 3.99 39.12
N GLY A 55 -34.13 3.51 39.88
CA GLY A 55 -33.92 2.51 40.91
C GLY A 55 -34.94 2.74 42.00
N LYS A 56 -34.62 2.27 43.21
CA LYS A 56 -35.45 2.39 44.39
C LYS A 56 -34.62 3.00 45.50
N LYS A 57 -34.82 4.29 45.79
CA LYS A 57 -34.06 4.97 46.84
C LYS A 57 -34.86 5.17 48.11
N THR A 58 -34.16 5.44 49.20
CA THR A 58 -34.71 5.71 50.53
C THR A 58 -33.61 6.54 51.23
N LEU A 59 -34.01 7.41 52.16
CA LEU A 59 -33.09 8.28 52.89
C LEU A 59 -32.24 7.53 53.93
N LEU A 60 -32.52 6.26 54.19
CA LEU A 60 -31.80 5.43 55.17
C LEU A 60 -30.33 5.15 54.80
N GLY A 61 -29.85 5.57 53.63
CA GLY A 61 -28.46 5.36 53.22
C GLY A 61 -28.10 5.97 51.87
N PHE A 62 -28.93 6.89 51.33
CA PHE A 62 -28.72 7.55 50.06
C PHE A 62 -27.63 8.62 50.19
N GLU A 63 -26.65 8.55 49.29
CA GLU A 63 -25.48 9.39 49.17
C GLU A 63 -25.28 9.86 47.71
N THR A 64 -24.45 10.89 47.56
CA THR A 64 -24.09 11.50 46.28
C THR A 64 -22.58 11.67 46.24
N PHE A 65 -21.97 11.39 45.08
CA PHE A 65 -20.54 11.49 44.82
C PHE A 65 -20.39 12.46 43.66
N GLU A 66 -19.87 13.65 43.94
CA GLU A 66 -19.62 14.71 42.97
C GLU A 66 -18.22 14.55 42.38
N VAL A 67 -17.96 15.23 41.27
CA VAL A 67 -16.67 15.17 40.60
C VAL A 67 -15.94 16.51 40.74
N ASP A 68 -14.60 16.46 40.70
CA ASP A 68 -13.73 17.63 40.81
C ASP A 68 -13.28 18.09 39.43
N ALA A 69 -12.74 19.31 39.34
CA ALA A 69 -12.23 19.88 38.11
C ALA A 69 -10.79 19.43 37.87
N ASP A 70 -10.01 19.29 38.94
CA ASP A 70 -8.59 18.94 38.89
C ASP A 70 -8.29 17.49 39.30
N ASP A 71 -9.28 16.68 39.64
CA ASP A 71 -9.08 15.28 40.03
C ASP A 71 -9.91 14.46 39.05
N TYR A 72 -9.38 13.33 38.59
CA TYR A 72 -10.01 12.43 37.65
C TYR A 72 -9.87 11.00 38.15
N ILE A 73 -10.83 10.16 37.77
CA ILE A 73 -10.89 8.76 38.12
C ILE A 73 -10.00 7.99 37.16
N VAL A 74 -9.34 6.97 37.72
CA VAL A 74 -8.42 6.10 37.01
C VAL A 74 -8.61 4.63 37.38
N ALA A 75 -9.26 4.35 38.52
CA ALA A 75 -9.53 3.01 39.02
C ALA A 75 -10.86 3.09 39.79
N VAL A 76 -11.68 2.03 39.76
CA VAL A 76 -12.96 1.98 40.44
C VAL A 76 -13.18 0.55 40.93
N GLN A 77 -12.85 0.26 42.18
CA GLN A 77 -13.04 -1.07 42.75
C GLN A 77 -14.55 -1.33 42.78
N VAL A 78 -14.98 -2.55 42.43
CA VAL A 78 -16.39 -2.91 42.45
C VAL A 78 -16.50 -4.32 43.05
N THR A 79 -17.62 -4.57 43.71
CA THR A 79 -17.97 -5.81 44.38
C THR A 79 -19.33 -6.25 43.82
N TYR A 80 -19.49 -7.54 43.60
CA TYR A 80 -20.70 -8.14 43.07
C TYR A 80 -20.77 -9.56 43.61
N ASP A 81 -21.94 -10.13 43.81
CA ASP A 81 -22.04 -11.51 44.30
C ASP A 81 -23.40 -12.12 43.97
N ASN A 82 -23.52 -13.44 44.15
CA ASN A 82 -24.72 -14.22 43.89
C ASN A 82 -25.44 -14.57 45.19
N VAL A 83 -26.75 -14.81 45.14
CA VAL A 83 -27.56 -15.17 46.29
C VAL A 83 -28.42 -16.37 45.87
N PHE A 84 -28.70 -17.28 46.80
CA PHE A 84 -29.52 -18.47 46.55
C PHE A 84 -30.98 -18.01 46.50
N GLY A 85 -31.32 -17.41 45.36
CA GLY A 85 -32.62 -16.85 45.02
C GLY A 85 -32.48 -15.65 44.07
N GLN A 86 -31.31 -15.44 43.44
CA GLN A 86 -31.04 -14.35 42.53
C GLN A 86 -30.56 -14.92 41.19
N ASP A 87 -31.39 -14.76 40.16
CA ASP A 87 -31.13 -15.22 38.79
C ASP A 87 -29.97 -14.43 38.14
N SER A 88 -29.43 -13.42 38.85
CA SER A 88 -28.36 -12.57 38.40
C SER A 88 -27.60 -12.04 39.61
N ASP A 89 -26.27 -12.03 39.51
CA ASP A 89 -25.39 -11.49 40.54
C ASP A 89 -25.72 -9.98 40.50
N ILE A 90 -25.55 -9.30 41.62
CA ILE A 90 -25.85 -7.87 41.76
C ILE A 90 -24.67 -7.17 42.41
N ILE A 91 -24.52 -5.87 42.15
CA ILE A 91 -23.43 -5.04 42.68
C ILE A 91 -23.70 -4.78 44.15
N THR A 92 -22.79 -5.19 45.03
CA THR A 92 -22.94 -5.01 46.47
C THR A 92 -22.20 -3.75 46.97
N SER A 93 -21.09 -3.32 46.35
CA SER A 93 -20.35 -2.11 46.75
C SER A 93 -19.51 -1.58 45.59
N ILE A 94 -19.05 -0.34 45.69
CA ILE A 94 -18.24 0.37 44.71
C ILE A 94 -17.30 1.30 45.46
N THR A 95 -16.09 1.55 44.96
CA THR A 95 -15.10 2.42 45.61
C THR A 95 -14.31 3.18 44.53
N PHE A 96 -14.58 4.48 44.36
CA PHE A 96 -13.89 5.32 43.38
C PHE A 96 -12.44 5.55 43.83
N ASN A 97 -11.53 5.71 42.87
CA ASN A 97 -10.11 5.93 43.12
C ASN A 97 -9.62 7.03 42.18
N THR A 98 -9.23 8.18 42.72
CA THR A 98 -8.74 9.30 41.92
C THR A 98 -7.25 9.11 41.65
N PHE A 99 -6.72 9.76 40.61
CA PHE A 99 -5.30 9.66 40.30
C PHE A 99 -4.48 10.34 41.41
N LYS A 100 -5.05 11.36 42.05
CA LYS A 100 -4.41 12.11 43.13
C LYS A 100 -4.04 11.15 44.25
N GLY A 101 -4.97 10.29 44.64
CA GLY A 101 -4.81 9.29 45.69
C GLY A 101 -6.05 9.21 46.59
N LYS A 102 -6.95 10.19 46.52
CA LYS A 102 -8.17 10.18 47.32
C LYS A 102 -9.07 9.04 46.82
N THR A 103 -9.80 8.40 47.72
CA THR A 103 -10.71 7.29 47.43
C THR A 103 -12.03 7.53 48.15
N SER A 104 -13.15 7.08 47.57
CA SER A 104 -14.45 7.22 48.20
C SER A 104 -14.65 6.03 49.17
N PRO A 105 -15.59 6.08 50.12
CA PRO A 105 -15.83 4.93 50.98
C PRO A 105 -16.52 3.84 50.12
N PRO A 106 -16.57 2.57 50.56
CA PRO A 106 -17.25 1.50 49.83
C PRO A 106 -18.73 1.82 49.92
N TYR A 107 -19.34 2.29 48.83
CA TYR A 107 -20.76 2.61 48.83
C TYR A 107 -21.49 1.29 48.66
N GLY A 108 -21.65 0.58 49.78
CA GLY A 108 -22.30 -0.71 49.86
C GLY A 108 -21.48 -1.72 50.67
N LEU A 109 -21.98 -2.95 50.77
CA LEU A 109 -21.34 -4.04 51.50
C LEU A 109 -20.28 -4.76 50.69
N GLU A 110 -19.01 -4.61 51.09
CA GLU A 110 -17.91 -5.31 50.44
C GLU A 110 -18.13 -6.80 50.72
N THR A 111 -17.87 -7.65 49.73
CA THR A 111 -18.07 -9.09 49.76
C THR A 111 -16.78 -9.79 49.32
N GLN A 112 -16.75 -11.13 49.36
CA GLN A 112 -15.59 -11.92 48.93
C GLN A 112 -15.33 -11.66 47.45
N LYS A 113 -16.37 -11.76 46.61
CA LYS A 113 -16.27 -11.52 45.18
C LYS A 113 -16.10 -10.02 44.99
N LYS A 114 -15.02 -9.63 44.33
CA LYS A 114 -14.65 -8.24 44.03
C LYS A 114 -13.29 -8.25 43.34
N PHE A 115 -12.93 -7.16 42.69
CA PHE A 115 -11.68 -7.02 41.98
C PHE A 115 -11.31 -5.54 41.82
N VAL A 116 -10.07 -5.30 41.41
CA VAL A 116 -9.49 -3.99 41.16
C VAL A 116 -9.18 -3.90 39.66
N LEU A 117 -9.24 -2.70 39.10
CA LEU A 117 -8.98 -2.38 37.70
C LEU A 117 -8.46 -0.96 37.65
N LYS A 118 -7.42 -0.71 36.85
CA LYS A 118 -6.82 0.61 36.71
C LYS A 118 -6.41 0.85 35.27
N ASP A 119 -6.17 2.11 34.92
CA ASP A 119 -5.74 2.58 33.62
C ASP A 119 -4.24 2.29 33.45
N LYS A 120 -3.84 1.04 33.22
CA LYS A 120 -2.41 0.70 33.08
C LYS A 120 -1.66 1.50 32.01
N ASN A 121 -2.38 2.01 31.01
CA ASN A 121 -1.84 2.79 29.90
C ASN A 121 -1.87 4.30 30.16
N GLY A 122 -2.51 4.77 31.23
CA GLY A 122 -2.62 6.18 31.62
C GLY A 122 -3.86 6.92 31.12
N GLY A 123 -4.72 6.30 30.29
CA GLY A 123 -5.92 6.94 29.78
C GLY A 123 -6.97 7.09 30.87
N LYS A 124 -7.44 8.33 31.11
CA LYS A 124 -8.45 8.62 32.12
C LYS A 124 -9.74 7.87 31.80
N LEU A 125 -10.60 7.74 32.82
CA LEU A 125 -11.88 7.07 32.69
C LEU A 125 -12.76 7.81 31.67
N VAL A 126 -13.62 7.09 30.95
CA VAL A 126 -14.54 7.66 29.95
C VAL A 126 -15.99 7.46 30.40
N GLY A 127 -16.33 6.35 31.06
CA GLY A 127 -17.68 6.06 31.52
C GLY A 127 -17.72 4.69 32.21
N PHE A 128 -18.85 4.00 32.08
CA PHE A 128 -19.09 2.68 32.64
C PHE A 128 -20.14 1.96 31.78
N HIS A 129 -20.21 0.64 31.88
CA HIS A 129 -21.15 -0.19 31.13
C HIS A 129 -22.00 -0.98 32.13
N GLY A 130 -23.24 -1.27 31.75
CA GLY A 130 -24.24 -2.00 32.53
C GLY A 130 -25.39 -1.04 32.88
N ARG A 131 -26.64 -1.45 32.62
CA ARG A 131 -27.81 -0.64 32.93
C ARG A 131 -28.33 -1.05 34.31
N ALA A 132 -29.42 -0.42 34.70
CA ALA A 132 -30.13 -0.61 35.94
C ALA A 132 -31.62 -0.68 35.60
N GLY A 133 -32.41 -1.17 36.54
CA GLY A 133 -33.85 -1.29 36.41
C GLY A 133 -34.37 -1.11 37.82
N GLU A 134 -34.75 -2.21 38.47
CA GLU A 134 -35.23 -2.14 39.86
C GLU A 134 -34.07 -1.86 40.82
N ALA A 135 -32.85 -2.25 40.41
CA ALA A 135 -31.56 -2.13 41.07
C ALA A 135 -30.47 -2.20 39.97
N LEU A 136 -29.20 -2.22 40.38
CA LEU A 136 -28.02 -2.30 39.52
C LEU A 136 -27.58 -3.76 39.43
N TYR A 137 -27.38 -4.26 38.21
CA TYR A 137 -26.98 -5.65 37.98
C TYR A 137 -25.49 -5.77 37.67
N ALA A 138 -24.95 -4.93 36.78
CA ALA A 138 -23.54 -4.92 36.41
C ALA A 138 -23.06 -3.48 36.33
N LEU A 139 -21.76 -3.25 36.54
CA LEU A 139 -21.18 -1.91 36.48
C LEU A 139 -19.67 -2.02 36.32
N GLY A 140 -19.19 -2.03 35.09
CA GLY A 140 -17.77 -2.12 34.77
C GLY A 140 -17.31 -0.83 34.10
N ALA A 141 -16.01 -0.69 33.88
CA ALA A 141 -15.41 0.48 33.25
C ALA A 141 -14.39 -0.01 32.23
N TYR A 142 -14.10 0.81 31.25
CA TYR A 142 -13.14 0.52 30.19
C TYR A 142 -12.11 1.66 30.19
N PHE A 143 -10.93 1.43 29.61
CA PHE A 143 -9.86 2.42 29.53
C PHE A 143 -9.26 2.19 28.14
N ALA A 144 -9.05 3.23 27.33
CA ALA A 144 -8.53 3.09 25.99
C ALA A 144 -7.63 4.26 25.58
N THR A 145 -6.89 4.05 24.48
CA THR A 145 -6.01 5.00 23.85
C THR A 145 -6.28 4.92 22.34
N THR A 146 -5.77 5.87 21.56
CA THR A 146 -5.92 5.94 20.11
C THR A 146 -5.25 4.71 19.45
N THR A 147 -5.35 4.62 18.12
CA THR A 147 -4.79 3.54 17.33
C THR A 147 -4.11 4.13 16.09
N THR A 148 -3.39 3.31 15.32
CA THR A 148 -2.69 3.78 14.15
C THR A 148 -3.65 4.11 12.99
N PRO A 149 -3.25 4.99 12.06
CA PRO A 149 -4.04 5.39 10.91
C PRO A 149 -4.13 4.29 9.85
N VAL A 150 -4.94 4.54 8.81
CA VAL A 150 -5.13 3.61 7.71
C VAL A 150 -3.90 3.67 6.82
N THR A 151 -3.50 2.54 6.25
CA THR A 151 -2.34 2.49 5.38
C THR A 151 -2.70 3.15 4.04
N PRO A 152 -1.71 3.71 3.33
CA PRO A 152 -1.92 4.38 2.06
C PRO A 152 -2.23 3.38 0.94
N ALA A 153 -2.31 3.90 -0.28
CA ALA A 153 -2.58 3.12 -1.48
C ALA A 153 -1.39 2.21 -1.80
N LYS A 154 -1.59 1.27 -2.73
CA LYS A 154 -0.57 0.30 -3.11
C LYS A 154 0.52 0.88 -4.02
N LYS A 155 1.78 0.60 -3.65
CA LYS A 155 2.97 1.00 -4.39
C LYS A 155 3.28 -0.21 -5.28
N LEU A 156 3.18 -0.06 -6.59
CA LEU A 156 3.45 -1.13 -7.55
C LEU A 156 4.97 -1.26 -7.75
N SER A 157 5.37 -2.09 -8.70
CA SER A 157 6.77 -2.32 -9.03
C SER A 157 7.30 -1.13 -9.86
N ALA A 158 8.63 -0.90 -9.83
CA ALA A 158 9.32 0.16 -10.56
C ALA A 158 10.78 -0.23 -10.77
N ILE A 159 11.43 0.35 -11.77
CA ILE A 159 12.83 0.15 -12.13
C ILE A 159 13.50 1.53 -12.22
N GLY A 160 14.82 1.55 -12.29
CA GLY A 160 15.67 2.74 -12.35
C GLY A 160 16.89 2.42 -11.51
N GLY A 161 17.06 3.13 -10.41
CA GLY A 161 18.16 2.96 -9.48
C GLY A 161 17.61 2.76 -8.07
N ASP A 162 18.46 2.28 -7.17
CA ASP A 162 18.17 2.02 -5.76
C ASP A 162 18.81 3.08 -4.87
N GLU A 163 19.41 4.12 -5.43
CA GLU A 163 20.06 5.22 -4.73
C GLU A 163 19.14 6.45 -4.68
N GLY A 164 18.85 6.93 -3.46
CA GLY A 164 18.01 8.10 -3.13
C GLY A 164 17.05 7.81 -1.99
N THR A 165 16.26 8.78 -1.54
CA THR A 165 15.30 8.63 -0.43
C THR A 165 13.87 8.49 -0.96
N ALA A 166 12.98 7.84 -0.21
CA ALA A 166 11.58 7.61 -0.57
C ALA A 166 10.74 8.90 -0.49
N TRP A 167 9.65 8.95 -1.26
CA TRP A 167 8.70 10.06 -1.30
C TRP A 167 7.28 9.51 -1.47
N ASP A 168 7.00 8.39 -0.80
CA ASP A 168 5.74 7.64 -0.79
C ASP A 168 4.52 8.51 -0.49
N ASP A 169 3.78 8.78 -1.56
CA ASP A 169 2.56 9.59 -1.65
C ASP A 169 1.27 8.83 -1.32
N GLY A 170 1.16 7.58 -1.79
CA GLY A 170 -0.01 6.78 -1.57
C GLY A 170 -1.08 7.24 -2.57
N ALA A 171 -1.98 8.12 -2.12
CA ALA A 171 -3.06 8.68 -2.90
C ALA A 171 -3.67 9.85 -2.14
N TYR A 172 -4.52 10.56 -2.86
CA TYR A 172 -5.28 11.73 -2.43
C TYR A 172 -6.71 11.52 -2.95
N ASP A 173 -7.55 12.55 -2.88
CA ASP A 173 -8.93 12.50 -3.34
C ASP A 173 -8.99 12.17 -4.85
N GLY A 174 -7.99 12.64 -5.59
CA GLY A 174 -7.71 12.54 -7.01
C GLY A 174 -6.40 13.28 -7.29
N VAL A 175 -6.25 13.83 -8.49
CA VAL A 175 -5.10 14.60 -8.96
C VAL A 175 -5.68 15.82 -9.68
N LYS A 176 -4.94 16.94 -9.79
CA LYS A 176 -5.42 18.17 -10.44
C LYS A 176 -4.50 18.65 -11.56
N LYS A 177 -3.20 18.85 -11.33
CA LYS A 177 -2.30 19.32 -12.39
C LYS A 177 -0.93 18.70 -12.19
N VAL A 178 -0.31 18.24 -13.27
CA VAL A 178 1.01 17.63 -13.26
C VAL A 178 2.03 18.75 -13.48
N TYR A 179 3.22 18.64 -12.87
CA TYR A 179 4.31 19.60 -12.97
C TYR A 179 5.63 18.82 -13.03
N VAL A 180 6.29 18.82 -14.19
CA VAL A 180 7.57 18.14 -14.40
C VAL A 180 8.64 19.22 -14.20
N GLY A 181 9.75 18.89 -13.52
CA GLY A 181 10.86 19.80 -13.24
C GLY A 181 12.11 19.29 -13.92
N GLN A 182 12.34 19.77 -15.14
CA GLN A 182 13.49 19.39 -15.95
C GLN A 182 14.76 19.96 -15.31
N GLY A 183 15.89 19.39 -15.71
CA GLY A 183 17.21 19.76 -15.26
C GLY A 183 18.18 19.70 -16.42
N GLN A 184 19.46 19.82 -16.09
CA GLN A 184 20.56 19.81 -17.03
C GLN A 184 20.89 18.39 -17.52
N ASP A 185 20.98 17.43 -16.59
CA ASP A 185 21.34 16.05 -16.83
C ASP A 185 20.15 15.11 -17.08
N GLY A 186 18.93 15.63 -16.97
CA GLY A 186 17.68 14.90 -17.16
C GLY A 186 16.66 15.52 -16.21
N ILE A 187 15.64 14.78 -15.78
CA ILE A 187 14.63 15.31 -14.87
C ILE A 187 15.25 15.40 -13.46
N SER A 188 15.06 16.54 -12.77
CA SER A 188 15.59 16.79 -11.43
C SER A 188 14.51 16.96 -10.36
N ALA A 189 13.28 17.31 -10.74
CA ALA A 189 12.17 17.52 -9.83
C ALA A 189 10.86 17.15 -10.51
N VAL A 190 9.81 17.08 -9.71
CA VAL A 190 8.45 16.78 -10.07
C VAL A 190 7.62 17.19 -8.87
N LYS A 191 6.39 17.61 -9.15
CA LYS A 191 5.39 18.03 -8.19
C LYS A 191 4.04 17.93 -8.88
N PHE A 192 2.96 18.19 -8.15
CA PHE A 192 1.61 18.16 -8.69
C PHE A 192 0.67 18.91 -7.75
N GLU A 193 -0.57 19.05 -8.16
CA GLU A 193 -1.64 19.70 -7.42
C GLU A 193 -2.71 18.61 -7.25
N TYR A 194 -3.45 18.69 -6.16
CA TYR A 194 -4.50 17.74 -5.80
C TYR A 194 -5.51 18.47 -4.92
N ASN A 195 -6.67 17.88 -4.67
CA ASN A 195 -7.70 18.46 -3.81
C ASN A 195 -7.90 17.57 -2.59
N LYS A 196 -8.57 18.09 -1.57
CA LYS A 196 -8.86 17.38 -0.33
C LYS A 196 -10.28 17.82 0.01
N GLY A 197 -11.28 17.05 -0.41
CA GLY A 197 -12.66 17.41 -0.18
C GLY A 197 -12.93 18.70 -0.93
N ALA A 198 -13.29 19.76 -0.22
CA ALA A 198 -13.56 21.09 -0.77
C ALA A 198 -12.32 22.00 -0.84
N GLU A 199 -11.14 21.55 -0.44
CA GLU A 199 -9.90 22.32 -0.45
C GLU A 199 -9.01 21.95 -1.64
N ASN A 200 -8.12 22.87 -2.02
CA ASN A 200 -7.16 22.73 -3.12
C ASN A 200 -5.78 22.73 -2.47
N ILE A 201 -4.96 21.73 -2.72
CA ILE A 201 -3.63 21.55 -2.15
C ILE A 201 -2.56 21.51 -3.26
N VAL A 202 -1.40 22.08 -2.96
CA VAL A 202 -0.25 22.13 -3.86
C VAL A 202 0.86 21.35 -3.15
N GLY A 203 1.58 20.50 -3.90
CA GLY A 203 2.66 19.70 -3.35
C GLY A 203 3.95 20.50 -3.18
N GLY A 204 4.83 20.02 -2.30
CA GLY A 204 6.12 20.60 -1.97
C GLY A 204 7.17 19.87 -2.79
N GLU A 205 7.71 20.54 -3.82
CA GLU A 205 8.72 20.05 -4.75
C GLU A 205 9.78 19.19 -4.06
N HIS A 206 9.80 17.90 -4.39
CA HIS A 206 10.72 16.93 -3.82
C HIS A 206 11.97 16.79 -4.68
N GLY A 207 12.38 17.84 -5.39
CA GLY A 207 13.55 17.79 -6.26
C GLY A 207 14.30 19.11 -6.30
N LYS A 208 15.35 19.14 -7.13
CA LYS A 208 16.18 20.30 -7.32
C LYS A 208 15.63 21.13 -8.49
N PRO A 209 15.08 22.34 -8.26
CA PRO A 209 14.56 23.15 -9.34
C PRO A 209 15.71 23.74 -10.15
N THR A 210 15.45 24.12 -11.41
CA THR A 210 16.45 24.71 -12.27
C THR A 210 15.84 25.94 -12.96
N LEU A 211 16.69 26.77 -13.57
CA LEU A 211 16.25 27.98 -14.27
C LEU A 211 15.43 27.66 -15.53
N LEU A 212 15.44 26.40 -15.98
CA LEU A 212 14.70 25.95 -17.16
C LEU A 212 13.20 26.16 -16.94
N GLY A 213 12.74 26.04 -15.70
CA GLY A 213 11.35 26.21 -15.33
C GLY A 213 10.72 24.85 -15.01
N PHE A 214 9.41 24.75 -15.18
CA PHE A 214 8.60 23.55 -14.94
C PHE A 214 7.57 23.45 -16.06
N GLU A 215 7.29 22.23 -16.51
CA GLU A 215 6.29 21.97 -17.54
C GLU A 215 5.04 21.57 -16.76
N GLU A 216 4.03 22.43 -16.80
CA GLU A 216 2.77 22.21 -16.10
C GLU A 216 1.69 21.85 -17.12
N PHE A 217 0.89 20.81 -16.81
CA PHE A 217 -0.17 20.35 -17.70
C PHE A 217 -1.41 19.94 -16.89
N GLU A 218 -2.48 20.72 -17.04
CA GLU A 218 -3.76 20.53 -16.37
C GLU A 218 -4.47 19.30 -16.91
N ILE A 219 -4.94 18.44 -16.01
CA ILE A 219 -5.68 17.23 -16.33
C ILE A 219 -6.94 17.32 -15.48
N ASP A 220 -8.11 17.21 -16.10
CA ASP A 220 -9.37 17.27 -15.37
C ASP A 220 -9.52 16.05 -14.47
N TYR A 221 -9.85 16.23 -13.20
CA TYR A 221 -10.03 15.11 -12.29
C TYR A 221 -11.23 14.23 -12.71
N PRO A 222 -12.48 14.73 -12.71
CA PRO A 222 -13.62 13.90 -13.09
C PRO A 222 -13.88 13.86 -14.61
N SER A 223 -13.57 14.92 -15.37
CA SER A 223 -13.85 14.94 -16.81
C SER A 223 -12.83 14.11 -17.61
N GLU A 224 -11.60 13.94 -17.12
CA GLU A 224 -10.53 13.20 -17.79
C GLU A 224 -10.01 12.14 -16.82
N TYR A 225 -9.12 11.24 -17.27
CA TYR A 225 -8.60 10.19 -16.42
C TYR A 225 -7.26 9.66 -16.94
N ILE A 226 -6.18 9.82 -16.16
CA ILE A 226 -4.86 9.31 -16.55
C ILE A 226 -5.03 7.80 -16.50
N THR A 227 -4.96 7.14 -17.66
CA THR A 227 -5.14 5.70 -17.78
C THR A 227 -3.80 4.95 -17.73
N ALA A 228 -2.69 5.58 -18.12
CA ALA A 228 -1.36 4.99 -18.11
C ALA A 228 -0.31 6.11 -18.20
N VAL A 229 0.96 5.77 -17.99
CA VAL A 229 2.10 6.68 -18.04
C VAL A 229 3.20 5.95 -18.81
N GLU A 230 4.00 6.70 -19.56
CA GLU A 230 5.12 6.26 -20.39
C GLU A 230 6.32 7.18 -20.13
N GLY A 231 7.45 6.91 -20.77
CA GLY A 231 8.68 7.69 -20.65
C GLY A 231 9.84 6.92 -21.26
N THR A 232 11.05 7.49 -21.20
CA THR A 232 12.24 6.85 -21.73
C THR A 232 13.42 7.09 -20.78
N TYR A 233 14.20 6.04 -20.52
CA TYR A 233 15.36 6.09 -19.63
C TYR A 233 16.61 5.47 -20.25
N ASP A 234 17.80 5.86 -19.79
CA ASP A 234 19.07 5.32 -20.27
C ASP A 234 20.12 5.32 -19.16
N LYS A 235 21.18 4.53 -19.34
CA LYS A 235 22.29 4.38 -18.41
C LYS A 235 23.22 5.58 -18.47
N ILE A 236 23.63 6.08 -17.31
CA ILE A 236 24.54 7.21 -17.18
C ILE A 236 25.90 6.63 -17.58
N PHE A 237 26.40 7.05 -18.74
CA PHE A 237 27.68 6.59 -19.29
C PHE A 237 28.77 6.65 -18.22
N GLY A 238 29.36 5.49 -17.95
CA GLY A 238 30.42 5.30 -16.96
C GLY A 238 29.93 4.40 -15.83
N SER A 239 28.61 4.16 -15.74
CA SER A 239 27.97 3.34 -14.74
C SER A 239 26.83 2.54 -15.39
N ASP A 240 26.34 1.52 -14.69
CA ASP A 240 25.25 0.67 -15.16
C ASP A 240 23.89 1.27 -14.74
N GLY A 241 23.90 2.23 -13.80
CA GLY A 241 22.73 2.90 -13.28
C GLY A 241 22.15 3.78 -14.37
N LEU A 242 20.82 3.88 -14.35
CA LEU A 242 20.02 4.64 -15.28
C LEU A 242 19.19 5.74 -14.63
N ILE A 243 18.79 6.71 -15.45
CA ILE A 243 18.01 7.89 -15.11
C ILE A 243 16.95 8.08 -16.20
N ILE A 244 15.81 8.69 -15.86
CA ILE A 244 14.72 8.95 -16.79
C ILE A 244 14.88 10.40 -17.26
N THR A 245 14.76 10.63 -18.57
CA THR A 245 14.92 11.96 -19.15
C THR A 245 13.70 12.45 -19.93
N MET A 246 12.69 11.59 -20.13
CA MET A 246 11.46 11.95 -20.82
C MET A 246 10.30 11.16 -20.22
N LEU A 247 9.14 11.79 -20.07
CA LEU A 247 7.91 11.23 -19.54
C LEU A 247 6.77 11.49 -20.53
N ARG A 248 5.73 10.67 -20.50
CA ARG A 248 4.54 10.76 -21.35
C ARG A 248 3.35 10.32 -20.51
N PHE A 249 2.17 10.79 -20.88
CA PHE A 249 0.93 10.46 -20.18
C PHE A 249 -0.06 9.98 -21.22
N LYS A 250 -1.00 9.15 -20.78
CA LYS A 250 -2.00 8.55 -21.63
C LYS A 250 -3.34 8.99 -21.09
N THR A 251 -4.00 9.77 -21.93
CA THR A 251 -5.28 10.41 -21.74
C THR A 251 -6.10 10.18 -23.03
N ASN A 252 -7.41 10.43 -22.98
CA ASN A 252 -8.33 10.30 -24.10
C ASN A 252 -8.81 11.71 -24.45
N LYS A 253 -9.33 11.91 -25.66
CA LYS A 253 -9.80 13.22 -26.19
C LYS A 253 -8.67 14.23 -26.39
N GLN A 254 -7.49 14.02 -25.79
CA GLN A 254 -6.30 14.85 -25.83
C GLN A 254 -5.06 13.93 -25.79
N THR A 255 -3.88 14.52 -25.95
CA THR A 255 -2.59 13.84 -25.91
C THR A 255 -1.65 14.84 -25.24
N SER A 256 -1.27 14.56 -24.00
CA SER A 256 -0.42 15.41 -23.16
C SER A 256 0.98 15.73 -23.70
N ALA A 257 1.43 15.06 -24.76
CA ALA A 257 2.74 15.23 -25.42
C ALA A 257 3.90 14.72 -24.54
N PRO A 258 5.11 14.55 -25.11
CA PRO A 258 6.29 14.10 -24.38
C PRO A 258 6.87 15.27 -23.58
N PHE A 259 7.27 15.00 -22.35
CA PHE A 259 7.87 15.93 -21.40
C PHE A 259 9.33 15.54 -21.30
N GLY A 260 10.20 16.16 -22.10
CA GLY A 260 11.63 15.89 -22.11
C GLY A 260 12.12 15.37 -23.45
N LEU A 261 13.44 15.14 -23.56
CA LEU A 261 14.10 14.66 -24.77
C LEU A 261 13.98 13.15 -24.87
N GLU A 262 13.25 12.66 -25.87
CA GLU A 262 13.05 11.24 -26.13
C GLU A 262 14.40 10.60 -26.46
N ALA A 263 14.91 9.78 -25.53
CA ALA A 263 16.17 9.07 -25.65
C ALA A 263 16.17 7.88 -24.68
N GLY A 264 16.86 6.80 -25.04
CA GLY A 264 16.95 5.61 -24.22
C GLY A 264 15.80 4.65 -24.43
N THR A 265 15.78 3.58 -23.64
CA THR A 265 14.78 2.54 -23.65
C THR A 265 13.45 3.13 -23.19
N ALA A 266 12.39 2.94 -23.98
CA ALA A 266 11.07 3.43 -23.65
C ALA A 266 10.34 2.42 -22.76
N PHE A 267 9.49 2.93 -21.87
CA PHE A 267 8.67 2.14 -20.97
C PHE A 267 7.24 2.69 -20.91
N GLU A 268 6.32 1.86 -20.39
CA GLU A 268 4.91 2.13 -20.19
C GLU A 268 4.49 1.39 -18.91
N LEU A 269 3.53 1.93 -18.14
CA LEU A 269 3.03 1.32 -16.89
C LEU A 269 1.51 1.55 -16.81
N LYS A 270 0.78 0.55 -16.31
CA LYS A 270 -0.69 0.54 -16.18
C LYS A 270 -1.12 -0.58 -15.23
N GLU A 271 -2.43 -0.72 -15.00
CA GLU A 271 -3.09 -1.71 -14.17
C GLU A 271 -4.40 -2.04 -14.90
N GLU A 272 -4.98 -3.23 -14.75
CA GLU A 272 -6.22 -3.60 -15.45
C GLU A 272 -7.47 -3.16 -14.69
N GLY A 273 -7.74 -1.86 -14.66
CA GLY A 273 -8.92 -1.30 -14.01
C GLY A 273 -8.62 -0.07 -13.15
N HIS A 274 -7.76 -0.24 -12.15
CA HIS A 274 -7.38 0.83 -11.23
C HIS A 274 -6.83 2.05 -11.99
N LYS A 275 -6.91 3.23 -11.36
CA LYS A 275 -6.44 4.50 -11.91
C LYS A 275 -5.16 4.89 -11.20
N ILE A 276 -4.44 5.84 -11.79
CA ILE A 276 -3.19 6.36 -11.27
C ILE A 276 -3.56 7.63 -10.50
N VAL A 277 -3.08 7.78 -9.26
CA VAL A 277 -3.35 8.94 -8.40
C VAL A 277 -2.05 9.54 -7.83
N GLY A 278 -0.89 9.08 -8.30
CA GLY A 278 0.41 9.55 -7.85
C GLY A 278 1.50 8.72 -8.51
N PHE A 279 2.76 9.02 -8.20
CA PHE A 279 3.94 8.32 -8.72
C PHE A 279 4.59 7.63 -7.52
N HIS A 280 5.71 6.92 -7.70
CA HIS A 280 6.42 6.27 -6.61
C HIS A 280 7.81 5.84 -7.02
N GLY A 281 8.67 5.66 -6.03
CA GLY A 281 10.04 5.23 -6.19
C GLY A 281 10.88 5.93 -5.15
N LYS A 282 11.68 6.90 -5.59
CA LYS A 282 12.58 7.66 -4.74
C LYS A 282 12.98 8.96 -5.43
N ALA A 283 13.55 9.90 -4.70
CA ALA A 283 14.01 11.19 -5.18
C ALA A 283 15.32 11.51 -4.45
N SER A 284 16.24 12.20 -5.13
CA SER A 284 17.53 12.61 -4.63
C SER A 284 18.13 13.49 -5.72
N GLU A 285 17.56 14.68 -5.89
CA GLU A 285 17.89 15.75 -6.86
C GLU A 285 17.78 15.32 -8.33
N LEU A 286 17.56 14.04 -8.60
CA LEU A 286 17.48 13.42 -9.91
C LEU A 286 16.30 12.44 -9.95
N LEU A 287 15.94 11.98 -11.15
CA LEU A 287 14.84 11.06 -11.42
C LEU A 287 15.41 9.69 -11.83
N HIS A 288 15.90 8.93 -10.86
CA HIS A 288 16.48 7.60 -11.06
C HIS A 288 15.38 6.57 -11.27
N GLN A 289 14.49 6.42 -10.30
CA GLN A 289 13.40 5.44 -10.31
C GLN A 289 12.04 6.12 -10.46
N PHE A 290 11.05 5.43 -11.04
CA PHE A 290 9.71 5.95 -11.22
C PHE A 290 8.71 4.81 -11.42
N GLY A 291 7.49 4.97 -10.92
CA GLY A 291 6.39 4.02 -11.00
C GLY A 291 5.09 4.78 -10.71
N VAL A 292 3.95 4.08 -10.64
CA VAL A 292 2.66 4.72 -10.40
C VAL A 292 1.80 4.01 -9.35
N HIS A 293 1.29 4.78 -8.39
CA HIS A 293 0.42 4.26 -7.33
C HIS A 293 -0.95 3.97 -7.96
N VAL A 294 -1.73 3.06 -7.37
CA VAL A 294 -3.05 2.70 -7.89
C VAL A 294 -4.11 2.73 -6.81
N MET A 295 -5.34 3.05 -7.23
CA MET A 295 -6.56 3.12 -6.44
C MET A 295 -7.70 2.78 -7.40
N PRO A 296 -8.84 2.27 -6.90
CA PRO A 296 -9.96 1.94 -7.75
C PRO A 296 -10.65 3.20 -8.28
N LEU A 297 -11.50 2.99 -9.28
CA LEU A 297 -12.32 3.98 -9.96
C LEU A 297 -13.73 3.41 -10.11
N THR A 298 -14.68 4.21 -10.58
CA THR A 298 -16.06 3.80 -10.78
C THR A 298 -16.74 4.80 -11.74
N ASN A 299 -17.97 4.50 -12.15
CA ASN A 299 -18.77 5.33 -13.04
C ASN A 299 -19.42 6.45 -12.24
N ALA A 1 -8.23 -9.95 8.13
CA ALA A 1 -8.97 -10.46 6.95
C ALA A 1 -8.61 -11.90 6.54
N GLN A 2 -7.38 -12.36 6.79
CA GLN A 2 -6.92 -13.70 6.41
C GLN A 2 -7.60 -14.77 7.27
N LYS A 3 -7.88 -15.92 6.65
CA LYS A 3 -8.47 -17.08 7.29
C LYS A 3 -7.95 -18.33 6.58
N VAL A 4 -7.51 -19.33 7.33
CA VAL A 4 -7.01 -20.58 6.77
C VAL A 4 -8.09 -21.60 7.07
N GLU A 5 -8.28 -22.54 6.16
CA GLU A 5 -9.26 -23.60 6.23
C GLU A 5 -8.54 -24.94 6.37
N ALA A 6 -9.13 -25.84 7.15
CA ALA A 6 -8.63 -27.18 7.40
C ALA A 6 -8.77 -28.01 6.13
N GLY A 7 -8.26 -29.24 6.16
CA GLY A 7 -8.31 -30.13 5.01
C GLY A 7 -8.23 -31.60 5.41
N GLY A 8 -8.98 -32.01 6.43
CA GLY A 8 -9.01 -33.39 6.90
C GLY A 8 -10.26 -34.11 6.44
N GLY A 9 -10.39 -35.38 6.84
CA GLY A 9 -11.48 -36.28 6.50
C GLY A 9 -12.88 -35.73 6.79
N ALA A 10 -13.88 -36.34 6.16
CA ALA A 10 -15.30 -36.01 6.26
C ALA A 10 -16.09 -36.94 7.20
N GLY A 11 -15.42 -37.88 7.86
CA GLY A 11 -16.04 -38.85 8.77
C GLY A 11 -16.57 -38.26 10.08
N GLY A 12 -16.35 -36.97 10.33
CA GLY A 12 -16.80 -36.24 11.51
C GLY A 12 -17.61 -35.04 11.04
N ALA A 13 -18.47 -34.50 11.91
CA ALA A 13 -19.32 -33.36 11.59
C ALA A 13 -18.51 -32.07 11.64
N SER A 14 -18.99 -31.03 10.94
CA SER A 14 -18.36 -29.71 10.88
C SER A 14 -17.98 -29.24 12.28
N TRP A 15 -16.73 -28.79 12.45
CA TRP A 15 -16.24 -28.30 13.71
C TRP A 15 -15.57 -26.96 13.44
N ASP A 16 -16.02 -25.90 14.09
CA ASP A 16 -15.52 -24.54 13.97
C ASP A 16 -16.02 -23.79 15.20
N ASP A 17 -15.22 -22.91 15.79
CA ASP A 17 -15.63 -22.16 17.00
C ASP A 17 -15.38 -20.65 16.87
N GLY A 18 -14.51 -20.20 15.98
CA GLY A 18 -14.17 -18.80 15.74
C GLY A 18 -13.71 -18.04 16.98
N VAL A 19 -13.20 -18.74 17.99
CA VAL A 19 -12.72 -18.18 19.24
C VAL A 19 -11.40 -18.88 19.60
N HIS A 20 -10.92 -18.62 20.81
CA HIS A 20 -9.72 -19.16 21.43
C HIS A 20 -10.05 -19.18 22.91
N ASP A 21 -9.33 -19.94 23.73
CA ASP A 21 -9.61 -20.03 25.16
C ASP A 21 -8.34 -19.92 25.99
N GLY A 22 -7.34 -20.78 25.81
CA GLY A 22 -6.11 -20.73 26.58
C GLY A 22 -5.43 -22.08 26.71
N VAL A 23 -5.13 -22.73 25.60
CA VAL A 23 -4.49 -24.04 25.51
C VAL A 23 -3.06 -23.96 26.07
N ARG A 24 -2.93 -24.20 27.37
CA ARG A 24 -1.66 -24.16 28.11
C ARG A 24 -0.66 -25.21 27.62
N LYS A 25 -1.12 -26.42 27.28
CA LYS A 25 -0.30 -27.51 26.78
C LYS A 25 -1.10 -28.29 25.76
N VAL A 26 -0.43 -29.09 24.94
CA VAL A 26 -1.01 -29.94 23.91
C VAL A 26 -0.29 -31.27 24.04
N HIS A 27 -1.03 -32.31 24.41
CA HIS A 27 -0.53 -33.66 24.57
C HIS A 27 -1.18 -34.46 23.46
N VAL A 28 -0.40 -35.26 22.75
CA VAL A 28 -0.88 -36.09 21.64
C VAL A 28 -0.15 -37.42 21.73
N GLY A 29 -0.82 -38.51 21.38
CA GLY A 29 -0.24 -39.84 21.37
C GLY A 29 -0.96 -40.69 20.35
N GLN A 30 -0.18 -41.50 19.64
CA GLN A 30 -0.60 -42.40 18.59
C GLN A 30 -0.90 -43.76 19.22
N GLY A 31 -1.92 -44.40 18.68
CA GLY A 31 -2.43 -45.70 19.04
C GLY A 31 -2.38 -46.60 17.80
N GLN A 32 -2.80 -47.86 17.97
CA GLN A 32 -2.84 -48.83 16.87
C GLN A 32 -3.86 -48.37 15.81
N ASP A 33 -4.85 -47.61 16.27
CA ASP A 33 -5.97 -46.97 15.62
C ASP A 33 -5.58 -45.62 14.99
N GLY A 34 -4.36 -45.11 15.21
CA GLY A 34 -3.89 -43.83 14.66
C GLY A 34 -3.86 -42.80 15.80
N VAL A 35 -3.85 -41.49 15.49
CA VAL A 35 -3.85 -40.48 16.55
C VAL A 35 -5.23 -40.56 17.20
N SER A 36 -5.30 -41.05 18.46
CA SER A 36 -6.57 -41.20 19.17
C SER A 36 -6.52 -40.82 20.66
N SER A 37 -5.38 -40.38 21.20
CA SER A 37 -5.25 -39.96 22.60
C SER A 37 -4.73 -38.53 22.60
N ILE A 38 -5.49 -37.58 23.15
CA ILE A 38 -5.12 -36.17 23.21
C ILE A 38 -5.64 -35.53 24.50
N ASN A 39 -5.00 -34.46 24.95
CA ASN A 39 -5.40 -33.72 26.15
C ASN A 39 -4.86 -32.29 26.09
N VAL A 40 -5.62 -31.35 26.65
CA VAL A 40 -5.30 -29.93 26.69
C VAL A 40 -5.72 -29.38 28.06
N VAL A 41 -5.12 -28.25 28.42
CA VAL A 41 -5.38 -27.54 29.67
C VAL A 41 -6.04 -26.24 29.25
N TYR A 42 -7.10 -25.81 29.93
CA TYR A 42 -7.81 -24.59 29.59
C TYR A 42 -7.55 -23.53 30.65
N ALA A 43 -6.70 -22.57 30.31
CA ALA A 43 -6.32 -21.49 31.19
C ALA A 43 -7.06 -20.21 30.84
N LYS A 44 -7.97 -19.78 31.72
CA LYS A 44 -8.69 -18.52 31.52
C LYS A 44 -7.67 -17.46 31.95
N ASP A 45 -7.88 -16.18 31.64
CA ASP A 45 -6.92 -15.16 32.06
C ASP A 45 -6.80 -15.00 33.59
N SER A 46 -7.68 -15.62 34.37
CA SER A 46 -7.70 -15.53 35.83
C SER A 46 -7.54 -16.85 36.59
N GLN A 47 -7.74 -18.02 35.98
CA GLN A 47 -7.62 -19.32 36.63
C GLN A 47 -7.30 -20.39 35.58
N ASP A 48 -6.57 -21.43 35.96
CA ASP A 48 -6.15 -22.54 35.09
C ASP A 48 -6.79 -23.86 35.55
N VAL A 49 -7.30 -24.65 34.61
CA VAL A 49 -7.97 -25.93 34.87
C VAL A 49 -7.62 -26.94 33.78
N GLU A 50 -7.06 -28.09 34.16
CA GLU A 50 -6.71 -29.16 33.23
C GLU A 50 -8.02 -29.92 32.99
N GLY A 51 -8.44 -30.06 31.73
CA GLY A 51 -9.69 -30.74 31.37
C GLY A 51 -9.65 -32.26 31.38
N GLY A 52 -8.49 -32.88 31.63
CA GLY A 52 -8.34 -34.33 31.63
C GLY A 52 -8.08 -34.84 30.22
N GLU A 53 -7.81 -36.14 30.10
CA GLU A 53 -7.52 -36.77 28.81
C GLU A 53 -8.84 -37.10 28.08
N HIS A 54 -8.78 -37.13 26.75
CA HIS A 54 -9.90 -37.43 25.90
C HIS A 54 -9.44 -38.43 24.84
N GLY A 55 -10.39 -39.21 24.33
CA GLY A 55 -10.13 -40.22 23.31
C GLY A 55 -9.75 -41.53 23.97
N LYS A 56 -9.11 -42.41 23.20
CA LYS A 56 -8.66 -43.72 23.62
C LYS A 56 -7.20 -43.60 24.02
N LYS A 57 -6.90 -43.62 25.31
CA LYS A 57 -5.56 -43.53 25.82
C LYS A 57 -4.67 -44.58 25.20
N THR A 58 -3.61 -44.12 24.55
CA THR A 58 -2.63 -44.96 23.90
C THR A 58 -1.25 -44.38 24.17
N LEU A 59 -0.61 -44.93 25.20
CA LEU A 59 0.73 -44.54 25.64
C LEU A 59 1.83 -45.11 24.73
N LEU A 60 1.45 -45.81 23.66
CA LEU A 60 2.30 -46.44 22.67
C LEU A 60 3.26 -45.46 22.00
N GLY A 61 3.02 -44.15 22.11
CA GLY A 61 3.87 -43.13 21.53
C GLY A 61 3.18 -41.78 21.70
N PHE A 62 3.28 -41.19 22.89
CA PHE A 62 2.71 -39.91 23.27
C PHE A 62 3.79 -38.92 23.68
N GLU A 63 3.43 -37.64 23.63
CA GLU A 63 4.25 -36.48 23.92
C GLU A 63 3.52 -35.45 24.78
N THR A 64 4.29 -34.54 25.36
CA THR A 64 3.83 -33.46 26.20
C THR A 64 4.54 -32.20 25.71
N PHE A 65 3.87 -31.43 24.84
CA PHE A 65 4.41 -30.20 24.30
C PHE A 65 3.83 -29.06 25.13
N GLU A 66 4.68 -28.21 25.70
CA GLU A 66 4.26 -27.07 26.51
C GLU A 66 4.38 -25.79 25.70
N VAL A 67 3.35 -24.93 25.77
CA VAL A 67 3.35 -23.66 25.07
C VAL A 67 4.16 -22.68 25.92
N ASP A 68 5.35 -22.29 25.48
CA ASP A 68 6.11 -21.29 26.25
C ASP A 68 5.27 -20.02 26.07
N ALA A 69 4.92 -19.28 27.13
CA ALA A 69 4.10 -18.08 26.97
C ALA A 69 4.81 -17.05 26.08
N ASP A 70 6.15 -17.07 26.05
CA ASP A 70 7.00 -16.19 25.26
C ASP A 70 7.16 -16.70 23.83
N ASP A 71 6.66 -17.90 23.52
CA ASP A 71 6.75 -18.49 22.20
C ASP A 71 5.37 -18.48 21.53
N TYR A 72 5.37 -18.41 20.21
CA TYR A 72 4.16 -18.37 19.40
C TYR A 72 4.30 -19.34 18.24
N ILE A 73 3.22 -20.04 17.92
CA ILE A 73 3.19 -20.99 16.83
C ILE A 73 3.05 -20.17 15.55
N VAL A 74 4.05 -20.26 14.66
CA VAL A 74 4.05 -19.55 13.39
C VAL A 74 3.72 -20.48 12.21
N ALA A 75 4.01 -21.79 12.33
CA ALA A 75 3.75 -22.77 11.29
C ALA A 75 3.41 -24.13 11.92
N VAL A 76 2.63 -24.95 11.21
CA VAL A 76 2.22 -26.28 11.65
C VAL A 76 2.19 -27.17 10.40
N GLN A 77 2.40 -28.47 10.61
CA GLN A 77 2.44 -29.56 9.65
C GLN A 77 1.62 -30.70 10.24
N VAL A 78 0.64 -31.26 9.51
CA VAL A 78 -0.22 -32.35 9.97
C VAL A 78 -0.47 -33.33 8.84
N THR A 79 -0.03 -34.59 8.93
CA THR A 79 -0.29 -35.57 7.88
C THR A 79 -1.65 -36.21 8.17
N TYR A 80 -2.36 -36.68 7.14
CA TYR A 80 -3.65 -37.32 7.29
C TYR A 80 -3.81 -38.32 6.15
N ASP A 81 -4.41 -39.48 6.40
CA ASP A 81 -4.65 -40.49 5.37
C ASP A 81 -5.74 -41.44 5.85
N ASN A 82 -6.35 -42.17 4.94
CA ASN A 82 -7.41 -43.14 5.19
C ASN A 82 -6.69 -44.43 5.58
N VAL A 83 -7.11 -45.07 6.66
CA VAL A 83 -6.49 -46.30 7.17
C VAL A 83 -7.30 -47.56 6.84
N PHE A 84 -6.74 -48.71 7.19
CA PHE A 84 -7.35 -50.02 6.97
C PHE A 84 -8.68 -50.08 7.73
N GLY A 85 -9.77 -50.30 7.01
CA GLY A 85 -11.11 -50.39 7.58
C GLY A 85 -11.86 -49.06 7.59
N GLN A 86 -11.29 -47.99 7.05
CA GLN A 86 -11.89 -46.67 7.00
C GLN A 86 -12.02 -46.18 5.57
N ASP A 87 -12.94 -45.22 5.38
CA ASP A 87 -13.18 -44.56 4.10
C ASP A 87 -12.60 -43.17 4.24
N SER A 88 -12.95 -42.47 5.33
CA SER A 88 -12.45 -41.13 5.60
C SER A 88 -11.04 -41.18 6.16
N ASP A 89 -10.26 -40.17 5.77
CA ASP A 89 -8.89 -39.97 6.18
C ASP A 89 -8.96 -39.54 7.64
N ILE A 90 -7.90 -39.75 8.40
CA ILE A 90 -7.77 -39.36 9.80
C ILE A 90 -6.35 -38.84 9.97
N ILE A 91 -6.09 -38.06 11.02
CA ILE A 91 -4.76 -37.49 11.24
C ILE A 91 -3.78 -38.63 11.54
N THR A 92 -2.69 -38.70 10.77
CA THR A 92 -1.65 -39.70 10.90
C THR A 92 -0.44 -39.16 11.66
N SER A 93 -0.15 -37.84 11.61
CA SER A 93 0.98 -37.22 12.31
C SER A 93 0.70 -35.74 12.49
N ILE A 94 1.49 -35.12 13.36
CA ILE A 94 1.45 -33.71 13.73
C ILE A 94 2.90 -33.28 13.95
N THR A 95 3.24 -32.03 13.61
CA THR A 95 4.55 -31.44 13.77
C THR A 95 4.34 -29.94 13.99
N PHE A 96 4.74 -29.40 15.13
CA PHE A 96 4.60 -27.98 15.44
C PHE A 96 5.95 -27.31 15.15
N ASN A 97 5.94 -25.99 14.91
CA ASN A 97 7.15 -25.21 14.63
C ASN A 97 7.11 -23.95 15.48
N THR A 98 8.19 -23.66 16.21
CA THR A 98 8.27 -22.48 17.06
C THR A 98 9.07 -21.37 16.37
N PHE A 99 8.81 -20.11 16.75
CA PHE A 99 9.58 -19.01 16.19
C PHE A 99 10.97 -19.06 16.84
N LYS A 100 11.05 -19.58 18.08
CA LYS A 100 12.28 -19.73 18.85
C LYS A 100 13.34 -20.39 18.00
N GLY A 101 12.99 -21.45 17.26
CA GLY A 101 13.90 -22.15 16.37
C GLY A 101 13.80 -23.67 16.45
N LYS A 102 13.02 -24.22 17.38
CA LYS A 102 12.87 -25.67 17.52
C LYS A 102 11.56 -26.17 16.93
N THR A 103 11.52 -27.44 16.57
CA THR A 103 10.37 -28.13 15.99
C THR A 103 10.19 -29.45 16.72
N SER A 104 8.96 -29.93 16.86
CA SER A 104 8.74 -31.22 17.53
C SER A 104 8.91 -32.34 16.50
N PRO A 105 9.17 -33.59 16.93
CA PRO A 105 9.29 -34.70 16.00
C PRO A 105 7.86 -35.05 15.49
N PRO A 106 7.71 -35.88 14.44
CA PRO A 106 6.41 -36.26 13.92
C PRO A 106 5.64 -37.09 14.95
N TYR A 107 4.58 -36.51 15.53
CA TYR A 107 3.72 -37.14 16.52
C TYR A 107 2.74 -38.07 15.79
N GLY A 108 3.30 -39.08 15.13
CA GLY A 108 2.58 -40.08 14.36
C GLY A 108 3.30 -40.36 13.04
N LEU A 109 2.78 -41.30 12.25
CA LEU A 109 3.33 -41.72 10.97
C LEU A 109 3.13 -40.69 9.85
N GLU A 110 4.23 -40.08 9.44
CA GLU A 110 4.25 -39.10 8.36
C GLU A 110 3.76 -39.81 7.10
N THR A 111 2.75 -39.26 6.44
CA THR A 111 2.17 -39.84 5.23
C THR A 111 2.23 -38.84 4.06
N GLN A 112 1.89 -39.30 2.84
CA GLN A 112 1.90 -38.49 1.62
C GLN A 112 0.90 -37.34 1.76
N LYS A 113 -0.37 -37.66 2.00
CA LYS A 113 -1.43 -36.68 2.18
C LYS A 113 -1.14 -35.94 3.49
N LYS A 114 -1.14 -34.61 3.42
CA LYS A 114 -0.88 -33.76 4.57
C LYS A 114 -1.40 -32.36 4.35
N PHE A 115 -1.38 -31.59 5.42
CA PHE A 115 -1.80 -30.22 5.56
C PHE A 115 -0.59 -29.44 6.05
N VAL A 116 -0.37 -28.25 5.52
CA VAL A 116 0.73 -27.37 5.87
C VAL A 116 0.18 -25.95 5.83
N LEU A 117 0.45 -25.15 6.86
CA LEU A 117 -0.02 -23.77 6.97
C LEU A 117 0.96 -22.99 7.84
N LYS A 118 1.05 -21.68 7.60
CA LYS A 118 1.92 -20.78 8.35
C LYS A 118 1.48 -19.35 8.12
N ASP A 119 1.81 -18.46 9.04
CA ASP A 119 1.49 -17.04 8.96
C ASP A 119 2.70 -16.30 8.38
N LYS A 120 2.52 -15.06 7.95
CA LYS A 120 3.60 -14.22 7.44
C LYS A 120 3.35 -12.83 8.02
N ASN A 121 2.37 -12.11 7.48
CA ASN A 121 1.98 -10.77 7.92
C ASN A 121 0.47 -10.74 8.18
N GLY A 122 -0.21 -11.90 8.26
CA GLY A 122 -1.64 -11.98 8.46
C GLY A 122 -2.12 -12.16 9.89
N GLY A 123 -1.27 -12.59 10.83
CA GLY A 123 -1.66 -12.82 12.22
C GLY A 123 -0.80 -13.90 12.86
N LYS A 124 -1.28 -14.52 13.92
CA LYS A 124 -0.60 -15.60 14.64
C LYS A 124 -1.65 -16.68 14.94
N LEU A 125 -1.24 -17.89 15.33
CA LEU A 125 -2.19 -18.96 15.65
C LEU A 125 -3.03 -18.51 16.85
N VAL A 126 -4.35 -18.60 16.73
CA VAL A 126 -5.27 -18.21 17.81
C VAL A 126 -6.24 -19.34 18.15
N GLY A 127 -7.07 -19.81 17.20
CA GLY A 127 -8.05 -20.88 17.42
C GLY A 127 -7.89 -22.00 16.40
N PHE A 128 -8.69 -23.06 16.56
CA PHE A 128 -8.70 -24.26 15.73
C PHE A 128 -10.09 -24.56 15.17
N HIS A 129 -10.15 -25.42 14.14
CA HIS A 129 -11.37 -25.85 13.45
C HIS A 129 -11.06 -27.04 12.56
N GLY A 130 -12.09 -27.68 11.99
CA GLY A 130 -11.98 -28.81 11.10
C GLY A 130 -13.30 -29.54 11.02
N ARG A 131 -13.28 -30.81 11.41
CA ARG A 131 -14.36 -31.77 11.48
C ARG A 131 -13.90 -32.75 12.53
N ALA A 132 -14.55 -32.77 13.69
CA ALA A 132 -14.24 -33.65 14.80
C ALA A 132 -15.50 -34.44 15.15
N GLY A 133 -15.33 -35.50 15.92
CA GLY A 133 -16.37 -36.38 16.38
C GLY A 133 -15.66 -37.53 17.09
N GLU A 134 -16.03 -38.75 16.74
CA GLU A 134 -15.52 -39.99 17.31
C GLU A 134 -14.00 -40.18 17.16
N ALA A 135 -13.34 -39.44 16.26
CA ALA A 135 -11.91 -39.53 16.02
C ALA A 135 -11.36 -38.17 15.59
N LEU A 136 -10.03 -38.07 15.54
CA LEU A 136 -9.34 -36.85 15.13
C LEU A 136 -9.21 -36.88 13.60
N TYR A 137 -10.22 -36.38 12.87
CA TYR A 137 -10.23 -36.39 11.40
C TYR A 137 -9.55 -35.19 10.73
N ALA A 138 -9.59 -34.01 11.34
CA ALA A 138 -9.01 -32.81 10.74
C ALA A 138 -8.50 -31.81 11.78
N LEU A 139 -7.64 -30.87 11.37
CA LEU A 139 -7.12 -29.85 12.28
C LEU A 139 -6.54 -28.68 11.50
N GLY A 140 -7.25 -27.55 11.47
CA GLY A 140 -6.89 -26.29 10.84
C GLY A 140 -6.83 -25.24 11.94
N ALA A 141 -6.25 -24.06 11.66
CA ALA A 141 -6.15 -22.99 12.63
C ALA A 141 -6.40 -21.66 11.92
N TYR A 142 -6.72 -20.63 12.70
CA TYR A 142 -7.00 -19.29 12.18
C TYR A 142 -5.75 -18.41 12.38
N PHE A 143 -5.49 -17.48 11.45
CA PHE A 143 -4.36 -16.55 11.51
C PHE A 143 -4.92 -15.18 11.14
N ALA A 144 -5.19 -14.33 12.12
CA ALA A 144 -5.73 -13.00 11.91
C ALA A 144 -5.08 -12.03 12.91
N THR A 145 -5.13 -10.73 12.63
CA THR A 145 -4.57 -9.70 13.49
C THR A 145 -5.58 -8.56 13.64
N THR A 146 -5.62 -7.96 14.83
CA THR A 146 -6.49 -6.85 15.21
C THR A 146 -5.67 -5.67 15.73
N THR A 147 -4.34 -5.77 15.79
CA THR A 147 -3.45 -4.71 16.26
C THR A 147 -2.95 -3.79 15.14
N THR A 148 -3.50 -3.85 13.93
CA THR A 148 -3.06 -3.03 12.80
C THR A 148 -4.19 -2.23 12.15
N PRO A 149 -3.90 -1.07 11.53
CA PRO A 149 -4.87 -0.22 10.85
C PRO A 149 -5.14 -0.76 9.44
N VAL A 150 -5.78 0.05 8.59
CA VAL A 150 -6.09 -0.31 7.20
C VAL A 150 -4.80 -0.23 6.36
N THR A 151 -4.85 -0.80 5.15
CA THR A 151 -3.74 -0.80 4.20
C THR A 151 -3.98 0.30 3.16
N PRO A 152 -2.92 0.85 2.55
CA PRO A 152 -2.99 1.89 1.52
C PRO A 152 -3.34 1.25 0.16
N ALA A 153 -3.07 1.98 -0.93
CA ALA A 153 -3.32 1.54 -2.29
C ALA A 153 -2.35 0.41 -2.67
N LYS A 154 -2.55 -0.20 -3.84
CA LYS A 154 -1.71 -1.30 -4.32
C LYS A 154 -0.39 -0.70 -4.79
N LYS A 155 0.74 -1.34 -4.48
CA LYS A 155 2.08 -0.88 -4.83
C LYS A 155 2.69 -1.70 -5.96
N LEU A 156 2.85 -1.10 -7.14
CA LEU A 156 3.44 -1.69 -8.33
C LEU A 156 4.94 -1.91 -8.08
N SER A 157 5.61 -2.55 -9.01
CA SER A 157 7.04 -2.82 -8.94
C SER A 157 7.75 -1.75 -9.78
N ALA A 158 8.37 -0.77 -9.11
CA ALA A 158 9.11 0.30 -9.78
C ALA A 158 10.53 -0.22 -10.09
N ILE A 159 11.32 0.53 -10.86
CA ILE A 159 12.70 0.19 -11.24
C ILE A 159 13.33 1.48 -11.77
N GLY A 160 14.67 1.59 -11.82
CA GLY A 160 15.36 2.77 -12.34
C GLY A 160 16.70 3.09 -11.69
N GLY A 161 16.97 2.58 -10.49
CA GLY A 161 18.24 2.83 -9.80
C GLY A 161 18.17 2.63 -8.29
N ASP A 162 16.97 2.74 -7.68
CA ASP A 162 16.74 2.56 -6.25
C ASP A 162 17.52 3.55 -5.37
N GLU A 163 18.13 4.58 -5.95
CA GLU A 163 18.90 5.59 -5.23
C GLU A 163 17.99 6.81 -4.97
N GLY A 164 18.28 7.52 -3.87
CA GLY A 164 17.53 8.69 -3.43
C GLY A 164 16.80 8.41 -2.12
N THR A 165 16.08 9.41 -1.62
CA THR A 165 15.28 9.34 -0.41
C THR A 165 14.03 8.53 -0.74
N ALA A 166 13.76 7.44 0.00
CA ALA A 166 12.59 6.60 -0.21
C ALA A 166 11.38 7.15 0.54
N TRP A 167 10.25 7.25 -0.13
CA TRP A 167 9.00 7.75 0.45
C TRP A 167 7.82 7.26 -0.39
N ASP A 168 6.79 6.70 0.24
CA ASP A 168 5.58 6.26 -0.45
C ASP A 168 4.55 7.37 -0.28
N ASP A 169 3.88 7.69 -1.38
CA ASP A 169 2.87 8.72 -1.50
C ASP A 169 1.60 8.05 -2.03
N GLY A 170 1.13 7.08 -1.25
CA GLY A 170 -0.03 6.22 -1.44
C GLY A 170 -1.12 6.79 -2.33
N ALA A 171 -1.99 7.64 -1.78
CA ALA A 171 -3.09 8.28 -2.52
C ALA A 171 -3.79 9.37 -1.72
N TYR A 172 -4.54 10.20 -2.44
CA TYR A 172 -5.34 11.32 -1.97
C TYR A 172 -6.77 11.19 -2.55
N ASP A 173 -7.59 12.24 -2.50
CA ASP A 173 -8.97 12.24 -3.02
C ASP A 173 -8.98 12.11 -4.54
N GLY A 174 -8.12 12.88 -5.22
CA GLY A 174 -8.00 12.88 -6.66
C GLY A 174 -6.91 13.82 -7.15
N VAL A 175 -6.51 13.66 -8.41
CA VAL A 175 -5.49 14.47 -9.07
C VAL A 175 -6.02 15.86 -9.44
N LYS A 176 -5.11 16.82 -9.61
CA LYS A 176 -5.42 18.20 -9.98
C LYS A 176 -4.49 18.64 -11.10
N LYS A 177 -3.18 18.74 -10.83
CA LYS A 177 -2.20 19.16 -11.84
C LYS A 177 -0.93 18.35 -11.71
N VAL A 178 -0.19 18.26 -12.81
CA VAL A 178 1.06 17.54 -12.95
C VAL A 178 2.10 18.53 -13.48
N TYR A 179 3.36 18.35 -13.10
CA TYR A 179 4.49 19.17 -13.52
C TYR A 179 5.68 18.27 -13.80
N VAL A 180 6.70 18.77 -14.51
CA VAL A 180 7.92 18.03 -14.84
C VAL A 180 9.08 19.03 -14.74
N GLY A 181 10.10 18.75 -13.93
CA GLY A 181 11.25 19.62 -13.75
C GLY A 181 12.42 19.09 -14.56
N GLN A 182 12.39 19.31 -15.89
CA GLN A 182 13.44 18.87 -16.79
C GLN A 182 14.77 19.61 -16.56
N GLY A 183 15.76 19.33 -17.39
CA GLY A 183 17.08 19.93 -17.31
C GLY A 183 17.91 19.53 -18.51
N GLN A 184 19.18 19.90 -18.45
CA GLN A 184 20.23 19.67 -19.42
C GLN A 184 20.54 18.20 -19.72
N ASP A 185 20.31 17.36 -18.71
CA ASP A 185 20.55 15.92 -18.66
C ASP A 185 19.25 15.13 -18.51
N GLY A 186 18.25 15.67 -17.85
CA GLY A 186 16.98 15.00 -17.65
C GLY A 186 16.22 15.60 -16.49
N ILE A 187 15.16 14.91 -16.07
CA ILE A 187 14.32 15.36 -14.99
C ILE A 187 15.17 15.35 -13.71
N SER A 188 15.38 16.54 -13.17
CA SER A 188 16.15 16.81 -11.97
C SER A 188 15.25 17.12 -10.76
N ALA A 189 14.03 17.61 -10.99
CA ALA A 189 13.08 17.95 -9.94
C ALA A 189 11.71 17.39 -10.32
N VAL A 190 10.86 17.14 -9.32
CA VAL A 190 9.51 16.60 -9.49
C VAL A 190 8.56 17.33 -8.53
N LYS A 191 7.27 17.37 -8.86
CA LYS A 191 6.18 17.99 -8.08
C LYS A 191 4.83 17.74 -8.73
N PHE A 192 3.77 17.72 -7.92
CA PHE A 192 2.39 17.50 -8.33
C PHE A 192 1.49 18.41 -7.48
N GLU A 193 0.25 18.64 -7.93
CA GLU A 193 -0.73 19.48 -7.24
C GLU A 193 -1.93 18.61 -6.85
N TYR A 194 -2.63 18.95 -5.77
CA TYR A 194 -3.78 18.18 -5.29
C TYR A 194 -4.61 19.01 -4.30
N ASN A 195 -5.89 18.68 -4.20
CA ASN A 195 -6.88 19.28 -3.30
C ASN A 195 -7.15 18.17 -2.29
N LYS A 196 -6.98 18.41 -1.00
CA LYS A 196 -7.20 17.41 0.04
C LYS A 196 -7.87 18.10 1.21
N GLY A 197 -8.77 17.39 1.89
CA GLY A 197 -9.49 17.95 3.03
C GLY A 197 -10.19 19.23 2.61
N ALA A 198 -10.69 19.25 1.36
CA ALA A 198 -11.39 20.31 0.64
C ALA A 198 -10.53 21.52 0.29
N GLU A 199 -9.33 21.65 0.87
CA GLU A 199 -8.39 22.74 0.64
C GLU A 199 -7.46 22.42 -0.53
N ASN A 200 -6.91 23.45 -1.18
CA ASN A 200 -6.00 23.31 -2.32
C ASN A 200 -4.57 23.35 -1.80
N ILE A 201 -3.72 22.40 -2.20
CA ILE A 201 -2.33 22.33 -1.78
C ILE A 201 -1.49 22.43 -3.06
N VAL A 202 -0.60 23.42 -3.08
CA VAL A 202 0.31 23.68 -4.20
C VAL A 202 1.71 23.61 -3.59
N GLY A 203 2.56 22.72 -4.12
CA GLY A 203 3.91 22.55 -3.63
C GLY A 203 4.58 21.41 -4.38
N GLY A 204 4.84 20.31 -3.69
CA GLY A 204 5.45 19.08 -4.18
C GLY A 204 6.92 19.18 -4.60
N GLU A 205 7.54 20.36 -4.61
CA GLU A 205 8.94 20.52 -5.00
C GLU A 205 9.84 19.88 -3.94
N HIS A 206 10.70 18.95 -4.36
CA HIS A 206 11.63 18.19 -3.52
C HIS A 206 12.96 17.88 -4.27
N GLY A 207 13.27 18.57 -5.37
CA GLY A 207 14.49 18.33 -6.14
C GLY A 207 14.98 19.64 -6.75
N LYS A 208 16.29 19.78 -6.97
CA LYS A 208 16.95 20.96 -7.53
C LYS A 208 16.12 21.69 -8.61
N PRO A 209 15.40 22.79 -8.30
CA PRO A 209 14.61 23.51 -9.29
C PRO A 209 15.57 24.11 -10.31
N THR A 210 15.49 23.63 -11.54
CA THR A 210 16.33 24.06 -12.63
C THR A 210 15.83 25.40 -13.19
N LEU A 211 16.76 26.26 -13.64
CA LEU A 211 16.41 27.55 -14.22
C LEU A 211 15.72 27.34 -15.59
N LEU A 212 15.70 26.10 -16.08
CA LEU A 212 15.09 25.65 -17.32
C LEU A 212 13.58 25.89 -17.23
N GLY A 213 13.02 25.86 -16.02
CA GLY A 213 11.61 26.05 -15.76
C GLY A 213 11.00 24.71 -15.35
N PHE A 214 9.68 24.62 -15.43
CA PHE A 214 8.93 23.43 -15.11
C PHE A 214 7.80 23.33 -16.12
N GLU A 215 7.66 22.18 -16.74
CA GLU A 215 6.58 21.94 -17.68
C GLU A 215 5.36 21.65 -16.81
N GLU A 216 4.17 21.75 -17.38
CA GLU A 216 2.94 21.48 -16.66
C GLU A 216 1.90 20.82 -17.53
N PHE A 217 0.95 20.12 -16.90
CA PHE A 217 -0.15 19.45 -17.55
C PHE A 217 -1.38 19.60 -16.65
N GLU A 218 -2.40 20.29 -17.15
CA GLU A 218 -3.65 20.52 -16.43
C GLU A 218 -4.63 19.50 -17.02
N ILE A 219 -5.10 18.56 -16.20
CA ILE A 219 -6.04 17.52 -16.59
C ILE A 219 -7.17 17.62 -15.57
N ASP A 220 -8.31 18.13 -16.01
CA ASP A 220 -9.48 18.31 -15.17
C ASP A 220 -10.06 16.96 -14.74
N TYR A 221 -9.82 16.57 -13.50
CA TYR A 221 -10.25 15.32 -12.86
C TYR A 221 -11.65 14.81 -13.25
N PRO A 222 -12.75 15.57 -13.12
CA PRO A 222 -14.08 15.08 -13.48
C PRO A 222 -14.39 15.12 -14.99
N SER A 223 -13.66 15.87 -15.82
CA SER A 223 -13.93 15.96 -17.26
C SER A 223 -12.99 15.11 -18.10
N GLU A 224 -11.93 14.55 -17.52
CA GLU A 224 -10.97 13.71 -18.20
C GLU A 224 -10.60 12.57 -17.25
N TYR A 225 -9.56 11.78 -17.54
CA TYR A 225 -9.10 10.64 -16.77
C TYR A 225 -7.73 10.26 -17.34
N ILE A 226 -6.79 9.89 -16.47
CA ILE A 226 -5.43 9.48 -16.76
C ILE A 226 -5.35 7.98 -16.48
N THR A 227 -5.11 7.16 -17.52
CA THR A 227 -5.02 5.71 -17.32
C THR A 227 -3.57 5.25 -17.12
N ALA A 228 -2.76 5.28 -18.16
CA ALA A 228 -1.38 4.84 -18.16
C ALA A 228 -0.37 5.97 -18.24
N VAL A 229 0.90 5.61 -18.03
CA VAL A 229 2.05 6.49 -18.07
C VAL A 229 3.13 5.82 -18.91
N GLU A 230 3.89 6.63 -19.65
CA GLU A 230 4.99 6.20 -20.51
C GLU A 230 6.18 7.12 -20.22
N GLY A 231 7.37 6.82 -20.73
CA GLY A 231 8.55 7.63 -20.54
C GLY A 231 9.72 7.00 -21.29
N THR A 232 10.90 7.57 -21.12
CA THR A 232 12.12 7.08 -21.74
C THR A 232 13.22 7.42 -20.74
N TYR A 233 14.12 6.46 -20.53
CA TYR A 233 15.24 6.56 -19.60
C TYR A 233 16.46 5.92 -20.23
N ASP A 234 17.65 6.45 -19.95
CA ASP A 234 18.90 5.90 -20.50
C ASP A 234 20.00 5.83 -19.46
N LYS A 235 21.04 5.08 -19.80
CA LYS A 235 22.19 4.85 -18.95
C LYS A 235 23.07 6.09 -18.87
N ILE A 236 23.60 6.34 -17.69
CA ILE A 236 24.46 7.46 -17.33
C ILE A 236 25.80 6.91 -16.86
N PHE A 237 26.86 7.73 -16.92
CA PHE A 237 28.19 7.35 -16.47
C PHE A 237 28.48 8.09 -15.17
N GLY A 238 28.44 7.36 -14.06
CA GLY A 238 28.70 7.89 -12.75
C GLY A 238 28.14 7.00 -11.66
N SER A 239 26.88 6.59 -11.79
CA SER A 239 26.18 5.75 -10.82
C SER A 239 25.40 4.63 -11.50
N ASP A 240 24.83 3.73 -10.71
CA ASP A 240 24.04 2.59 -11.22
C ASP A 240 22.61 2.98 -11.56
N GLY A 241 22.15 4.17 -11.15
CA GLY A 241 20.81 4.65 -11.41
C GLY A 241 20.77 5.45 -12.69
N LEU A 242 19.96 4.98 -13.62
CA LEU A 242 19.71 5.57 -14.94
C LEU A 242 18.88 6.86 -14.70
N ILE A 243 18.64 7.68 -15.73
CA ILE A 243 17.85 8.91 -15.55
C ILE A 243 16.68 8.97 -16.52
N ILE A 244 15.50 9.33 -16.01
CA ILE A 244 14.30 9.49 -16.83
C ILE A 244 14.48 10.86 -17.47
N THR A 245 14.47 10.92 -18.80
CA THR A 245 14.65 12.16 -19.55
C THR A 245 13.40 12.51 -20.39
N MET A 246 12.41 11.62 -20.46
CA MET A 246 11.17 11.85 -21.19
C MET A 246 10.00 11.23 -20.43
N LEU A 247 8.83 11.85 -20.51
CA LEU A 247 7.60 11.44 -19.85
C LEU A 247 6.41 11.61 -20.80
N ARG A 248 5.39 10.76 -20.66
CA ARG A 248 4.15 10.75 -21.43
C ARG A 248 3.07 10.23 -20.51
N PHE A 249 1.83 10.61 -20.77
CA PHE A 249 0.65 10.18 -20.01
C PHE A 249 -0.43 9.91 -21.04
N LYS A 250 -1.22 8.84 -20.88
CA LYS A 250 -2.25 8.52 -21.87
C LYS A 250 -3.54 9.22 -21.49
N THR A 251 -3.97 10.17 -22.31
CA THR A 251 -5.17 10.98 -22.17
C THR A 251 -6.31 10.41 -23.00
N ASN A 252 -7.53 10.87 -22.75
CA ASN A 252 -8.73 10.43 -23.48
C ASN A 252 -9.28 11.71 -24.12
N LYS A 253 -9.66 11.63 -25.40
CA LYS A 253 -10.18 12.70 -26.25
C LYS A 253 -8.99 13.58 -26.65
N GLN A 254 -8.21 14.02 -25.67
CA GLN A 254 -7.02 14.84 -25.81
C GLN A 254 -5.84 13.92 -26.16
N THR A 255 -4.83 14.51 -26.80
CA THR A 255 -3.60 13.86 -27.22
C THR A 255 -2.49 14.60 -26.46
N SER A 256 -1.80 13.92 -25.56
CA SER A 256 -0.72 14.47 -24.75
C SER A 256 0.51 14.79 -25.60
N ALA A 257 1.46 15.52 -25.00
CA ALA A 257 2.72 15.94 -25.61
C ALA A 257 3.88 15.17 -24.97
N PRO A 258 5.00 14.98 -25.68
CA PRO A 258 6.17 14.29 -25.13
C PRO A 258 6.94 15.27 -24.23
N PHE A 259 6.91 15.07 -22.92
CA PHE A 259 7.62 15.93 -21.99
C PHE A 259 9.07 15.45 -22.02
N GLY A 260 9.92 16.03 -22.88
CA GLY A 260 11.32 15.65 -23.04
C GLY A 260 11.58 15.02 -24.41
N LEU A 261 12.79 14.48 -24.63
CA LEU A 261 13.21 13.85 -25.88
C LEU A 261 13.34 12.34 -25.71
N GLU A 262 12.80 11.56 -26.63
CA GLU A 262 12.88 10.10 -26.59
C GLU A 262 14.35 9.71 -26.82
N ALA A 263 15.01 9.25 -25.78
CA ALA A 263 16.39 8.81 -25.77
C ALA A 263 16.47 7.68 -24.73
N GLY A 264 16.98 6.53 -25.15
CA GLY A 264 17.12 5.36 -24.29
C GLY A 264 15.98 4.38 -24.48
N THR A 265 15.75 3.56 -23.46
CA THR A 265 14.72 2.53 -23.45
C THR A 265 13.35 3.16 -23.17
N ALA A 266 12.43 3.04 -24.12
CA ALA A 266 11.06 3.53 -23.99
C ALA A 266 10.37 2.54 -23.05
N PHE A 267 9.71 3.03 -22.01
CA PHE A 267 9.03 2.17 -21.05
C PHE A 267 7.66 2.74 -20.72
N GLU A 268 6.70 1.87 -20.37
CA GLU A 268 5.35 2.25 -20.01
C GLU A 268 4.93 1.45 -18.78
N LEU A 269 3.97 1.97 -18.01
CA LEU A 269 3.47 1.33 -16.80
C LEU A 269 1.96 1.56 -16.72
N LYS A 270 1.20 0.49 -16.48
CA LYS A 270 -0.25 0.50 -16.33
C LYS A 270 -0.72 -0.85 -15.82
N GLU A 271 -1.96 -0.89 -15.36
CA GLU A 271 -2.65 -2.04 -14.85
C GLU A 271 -4.02 -1.97 -15.52
N GLU A 272 -4.48 -3.10 -16.03
CA GLU A 272 -5.75 -3.22 -16.71
C GLU A 272 -6.89 -2.92 -15.74
N GLY A 273 -7.79 -2.01 -16.10
CA GLY A 273 -8.94 -1.66 -15.26
C GLY A 273 -8.65 -0.83 -14.02
N HIS A 274 -7.59 -0.01 -14.00
CA HIS A 274 -7.24 0.84 -12.86
C HIS A 274 -6.84 2.25 -13.32
N LYS A 275 -6.85 3.22 -12.39
CA LYS A 275 -6.48 4.62 -12.62
C LYS A 275 -5.32 5.02 -11.70
N ILE A 276 -4.62 6.12 -12.01
CA ILE A 276 -3.47 6.58 -11.20
C ILE A 276 -3.99 7.33 -9.98
N VAL A 277 -3.30 7.22 -8.84
CA VAL A 277 -3.67 7.89 -7.60
C VAL A 277 -2.48 8.35 -6.73
N GLY A 278 -1.24 7.93 -6.99
CA GLY A 278 -0.08 8.32 -6.19
C GLY A 278 1.22 7.78 -6.78
N PHE A 279 2.33 7.81 -6.04
CA PHE A 279 3.66 7.36 -6.46
C PHE A 279 4.40 6.74 -5.25
N HIS A 280 5.39 5.87 -5.50
CA HIS A 280 6.26 5.19 -4.55
C HIS A 280 7.57 4.99 -5.31
N GLY A 281 8.70 4.98 -4.60
CA GLY A 281 10.03 4.82 -5.18
C GLY A 281 10.98 5.69 -4.38
N LYS A 282 11.86 6.42 -5.05
CA LYS A 282 12.82 7.30 -4.40
C LYS A 282 12.96 8.57 -5.20
N ALA A 283 13.41 9.63 -4.55
CA ALA A 283 13.62 10.92 -5.20
C ALA A 283 15.01 11.42 -4.85
N SER A 284 15.57 12.16 -5.78
CA SER A 284 16.88 12.74 -5.69
C SER A 284 16.98 13.89 -6.68
N GLU A 285 18.15 14.53 -6.76
CA GLU A 285 18.41 15.64 -7.68
C GLU A 285 18.43 15.18 -9.14
N LEU A 286 18.19 13.89 -9.37
CA LEU A 286 18.13 13.18 -10.63
C LEU A 286 16.98 12.21 -10.41
N LEU A 287 16.10 12.06 -11.40
CA LEU A 287 14.96 11.17 -11.32
C LEU A 287 15.38 9.77 -11.75
N HIS A 288 15.72 8.90 -10.79
CA HIS A 288 16.15 7.54 -11.08
C HIS A 288 14.96 6.57 -11.13
N GLN A 289 14.33 6.27 -9.99
CA GLN A 289 13.21 5.34 -9.87
C GLN A 289 11.88 6.06 -9.66
N PHE A 290 11.01 6.00 -10.65
CA PHE A 290 9.68 6.59 -10.60
C PHE A 290 8.68 5.43 -10.72
N GLY A 291 7.43 5.65 -10.32
CA GLY A 291 6.38 4.66 -10.36
C GLY A 291 5.04 5.34 -10.14
N VAL A 292 3.95 4.60 -10.16
CA VAL A 292 2.60 5.14 -9.97
C VAL A 292 1.75 4.11 -9.23
N HIS A 293 0.90 4.55 -8.30
CA HIS A 293 -0.01 3.70 -7.52
C HIS A 293 -1.26 3.49 -8.38
N VAL A 294 -1.98 2.39 -8.13
CA VAL A 294 -3.20 2.05 -8.87
C VAL A 294 -4.35 1.84 -7.88
N MET A 295 -5.57 1.96 -8.39
CA MET A 295 -6.85 1.77 -7.71
C MET A 295 -7.86 1.47 -8.82
N PRO A 296 -8.87 0.62 -8.58
CA PRO A 296 -9.86 0.32 -9.58
C PRO A 296 -10.74 1.57 -9.77
N LEU A 297 -11.37 1.70 -10.94
CA LEU A 297 -12.24 2.84 -11.19
C LEU A 297 -13.46 2.71 -10.27
N THR A 298 -14.04 3.86 -9.90
CA THR A 298 -15.20 3.97 -9.04
C THR A 298 -15.79 5.37 -9.32
N ASN A 299 -17.11 5.50 -9.30
CA ASN A 299 -17.81 6.76 -9.58
C ASN A 299 -18.47 7.23 -8.31
N ALA A 1 11.56 -3.49 18.57
CA ALA A 1 10.85 -2.21 18.73
C ALA A 1 11.51 -1.42 19.86
N GLN A 2 11.38 -0.09 19.86
CA GLN A 2 11.97 0.75 20.87
C GLN A 2 11.25 0.58 22.21
N LYS A 3 11.99 0.14 23.23
CA LYS A 3 11.49 -0.09 24.57
C LYS A 3 12.65 0.19 25.53
N VAL A 4 12.40 0.82 26.68
CA VAL A 4 13.45 1.14 27.63
C VAL A 4 13.03 0.67 29.02
N GLU A 5 13.44 -0.55 29.34
CA GLU A 5 13.15 -1.20 30.60
C GLU A 5 13.57 -0.38 31.81
N ALA A 6 12.78 -0.51 32.86
CA ALA A 6 12.96 0.18 34.12
C ALA A 6 14.23 -0.37 34.80
N GLY A 7 14.88 0.48 35.59
CA GLY A 7 16.10 0.13 36.31
C GLY A 7 15.89 -0.35 37.74
N GLY A 8 14.65 -0.58 38.17
CA GLY A 8 14.36 -1.03 39.52
C GLY A 8 14.35 -2.56 39.62
N GLY A 9 14.10 -3.08 40.82
CA GLY A 9 14.05 -4.53 41.04
C GLY A 9 12.79 -5.14 40.43
N ALA A 10 11.71 -4.34 40.40
CA ALA A 10 10.38 -4.68 39.86
C ALA A 10 9.64 -5.77 40.67
N GLY A 11 10.16 -6.08 41.86
CA GLY A 11 9.66 -7.08 42.78
C GLY A 11 8.16 -7.02 43.10
N GLY A 12 7.51 -5.84 43.05
CA GLY A 12 6.09 -5.73 43.34
C GLY A 12 5.26 -6.24 42.17
N ALA A 13 5.08 -5.38 41.17
CA ALA A 13 4.30 -5.67 39.98
C ALA A 13 4.93 -4.98 38.76
N SER A 14 4.63 -5.45 37.55
CA SER A 14 5.16 -4.93 36.30
C SER A 14 4.03 -4.40 35.40
N TRP A 15 3.82 -3.08 35.43
CA TRP A 15 2.81 -2.36 34.63
C TRP A 15 3.11 -2.38 33.12
N ASP A 16 4.19 -3.02 32.69
CA ASP A 16 4.57 -3.09 31.29
C ASP A 16 3.54 -3.86 30.48
N ASP A 17 2.80 -3.15 29.64
CA ASP A 17 1.76 -3.69 28.77
C ASP A 17 2.05 -3.33 27.32
N GLY A 18 1.38 -3.99 26.39
CA GLY A 18 1.53 -3.78 24.97
C GLY A 18 0.66 -2.66 24.43
N VAL A 19 -0.19 -2.03 25.25
CA VAL A 19 -1.06 -0.94 24.83
C VAL A 19 -0.71 0.33 25.61
N HIS A 20 -1.04 1.47 25.01
CA HIS A 20 -0.81 2.78 25.61
C HIS A 20 -1.83 3.01 26.71
N ASP A 21 -1.59 3.99 27.57
CA ASP A 21 -2.48 4.34 28.68
C ASP A 21 -2.53 5.86 28.75
N GLY A 22 -1.70 6.49 29.58
CA GLY A 22 -1.66 7.93 29.70
C GLY A 22 -0.97 8.39 30.96
N VAL A 23 -0.64 9.68 31.00
CA VAL A 23 0.03 10.34 32.11
C VAL A 23 -0.58 11.76 32.21
N ARG A 24 -1.55 11.91 33.12
CA ARG A 24 -2.25 13.16 33.38
C ARG A 24 -1.48 14.00 34.39
N LYS A 25 -1.10 13.41 35.53
CA LYS A 25 -0.36 14.08 36.58
C LYS A 25 0.65 13.09 37.13
N VAL A 26 1.63 13.60 37.87
CA VAL A 26 2.67 12.79 38.46
C VAL A 26 2.81 13.26 39.90
N HIS A 27 2.17 12.55 40.84
CA HIS A 27 2.24 12.84 42.27
C HIS A 27 3.47 12.06 42.72
N VAL A 28 4.40 12.72 43.37
CA VAL A 28 5.64 12.10 43.86
C VAL A 28 5.93 12.74 45.21
N GLY A 29 6.32 11.94 46.20
CA GLY A 29 6.66 12.43 47.52
C GLY A 29 7.68 11.49 48.16
N GLN A 30 8.34 12.00 49.19
CA GLN A 30 9.37 11.35 49.96
C GLN A 30 8.86 10.94 51.34
N GLY A 31 9.31 9.77 51.77
CA GLY A 31 9.03 9.16 53.06
C GLY A 31 10.38 8.93 53.74
N GLN A 32 10.46 8.00 54.66
CA GLN A 32 11.71 7.64 55.35
C GLN A 32 12.35 6.43 54.66
N ASP A 33 11.58 5.83 53.75
CA ASP A 33 11.74 4.68 52.89
C ASP A 33 12.09 5.07 51.44
N GLY A 34 12.24 6.36 51.13
CA GLY A 34 12.58 6.85 49.79
C GLY A 34 11.38 7.45 49.08
N VAL A 35 11.22 7.18 47.78
CA VAL A 35 10.09 7.66 47.00
C VAL A 35 8.95 6.72 47.41
N SER A 36 8.14 7.19 48.36
CA SER A 36 7.06 6.41 48.94
C SER A 36 5.65 6.81 48.51
N SER A 37 5.42 7.76 47.61
CA SER A 37 4.06 8.12 47.18
C SER A 37 4.08 8.29 45.66
N ILE A 38 3.21 7.56 44.95
CA ILE A 38 3.06 7.57 43.50
C ILE A 38 1.59 7.48 43.10
N ASN A 39 1.25 7.70 41.81
CA ASN A 39 -0.15 7.67 41.34
C ASN A 39 -0.27 7.44 39.82
N VAL A 40 -1.38 6.86 39.37
CA VAL A 40 -1.67 6.58 37.97
C VAL A 40 -2.99 7.27 37.57
N VAL A 41 -2.92 8.35 36.77
CA VAL A 41 -4.07 9.09 36.27
C VAL A 41 -3.84 9.16 34.76
N TYR A 42 -4.70 8.54 33.95
CA TYR A 42 -4.58 8.53 32.50
C TYR A 42 -5.54 9.53 31.90
N ALA A 43 -5.03 10.47 31.12
CA ALA A 43 -5.88 11.46 30.48
C ALA A 43 -6.50 10.75 29.27
N LYS A 44 -7.83 10.76 29.16
CA LYS A 44 -8.55 10.10 28.05
C LYS A 44 -9.23 11.17 27.21
N ASP A 45 -9.31 10.95 25.90
CA ASP A 45 -9.90 11.89 24.92
C ASP A 45 -11.33 12.35 25.25
N SER A 46 -12.17 11.47 25.82
CA SER A 46 -13.53 11.83 26.17
C SER A 46 -13.55 12.61 27.49
N GLN A 47 -13.17 11.96 28.60
CA GLN A 47 -13.15 12.55 29.93
C GLN A 47 -12.06 11.87 30.74
N ASP A 48 -11.36 12.66 31.54
CA ASP A 48 -10.25 12.24 32.40
C ASP A 48 -10.80 11.44 33.58
N VAL A 49 -10.14 10.32 33.90
CA VAL A 49 -10.49 9.40 34.97
C VAL A 49 -9.22 9.23 35.82
N GLU A 50 -9.38 9.04 37.13
CA GLU A 50 -8.29 8.88 38.08
C GLU A 50 -8.29 7.45 38.63
N GLY A 51 -7.12 6.99 39.12
CA GLY A 51 -6.89 5.67 39.68
C GLY A 51 -6.35 5.75 41.10
N GLY A 52 -6.80 6.73 41.89
CA GLY A 52 -6.36 6.93 43.26
C GLY A 52 -4.88 7.28 43.33
N GLU A 53 -4.26 6.97 44.47
CA GLU A 53 -2.86 7.19 44.78
C GLU A 53 -2.41 5.94 45.53
N HIS A 54 -1.13 5.58 45.47
CA HIS A 54 -0.56 4.42 46.14
C HIS A 54 0.67 4.85 46.94
N GLY A 55 1.11 3.98 47.82
CA GLY A 55 2.24 4.26 48.67
C GLY A 55 1.71 5.00 49.90
N LYS A 56 2.55 5.75 50.60
CA LYS A 56 2.21 6.49 51.79
C LYS A 56 2.58 7.96 51.72
N LYS A 57 1.58 8.83 51.54
CA LYS A 57 1.83 10.25 51.51
C LYS A 57 2.40 10.68 52.85
N THR A 58 3.53 11.39 52.83
CA THR A 58 4.21 11.86 54.01
C THR A 58 4.52 13.35 53.83
N LEU A 59 4.67 14.09 54.93
CA LEU A 59 4.97 15.53 54.89
C LEU A 59 6.42 15.84 54.53
N LEU A 60 7.30 14.84 54.49
CA LEU A 60 8.72 14.96 54.15
C LEU A 60 8.97 15.38 52.69
N GLY A 61 7.91 15.57 51.91
CA GLY A 61 7.95 15.97 50.52
C GLY A 61 6.83 15.29 49.76
N PHE A 62 6.06 16.03 48.99
CA PHE A 62 4.97 15.62 48.15
C PHE A 62 4.71 16.77 47.20
N GLU A 63 4.58 16.45 45.92
CA GLU A 63 4.37 17.39 44.84
C GLU A 63 3.45 16.82 43.78
N THR A 64 2.91 17.69 42.93
CA THR A 64 2.01 17.34 41.83
C THR A 64 2.42 18.03 40.54
N PHE A 65 3.16 17.33 39.69
CA PHE A 65 3.58 17.85 38.40
C PHE A 65 2.40 17.50 37.47
N GLU A 66 2.01 18.40 36.58
CA GLU A 66 0.90 18.22 35.66
C GLU A 66 1.40 18.32 34.23
N VAL A 67 1.23 17.24 33.48
CA VAL A 67 1.65 17.12 32.09
C VAL A 67 0.75 17.99 31.21
N ASP A 68 1.38 18.91 30.46
CA ASP A 68 0.73 19.84 29.55
C ASP A 68 0.28 19.11 28.28
N ALA A 69 -0.67 19.72 27.55
CA ALA A 69 -1.14 19.18 26.28
C ALA A 69 -0.21 19.64 25.16
N ASP A 70 0.41 20.81 25.36
CA ASP A 70 1.31 21.51 24.46
C ASP A 70 2.78 21.22 24.70
N ASP A 71 3.15 20.36 25.66
CA ASP A 71 4.54 20.03 25.96
C ASP A 71 4.74 18.52 25.93
N TYR A 72 5.96 18.08 25.70
CA TYR A 72 6.34 16.69 25.66
C TYR A 72 7.63 16.50 26.44
N ILE A 73 7.68 15.43 27.23
CA ILE A 73 8.81 15.06 28.07
C ILE A 73 9.85 14.51 27.10
N VAL A 74 10.88 15.30 26.78
CA VAL A 74 11.95 14.97 25.86
C VAL A 74 12.97 13.99 26.42
N ALA A 75 13.28 14.05 27.71
CA ALA A 75 14.24 13.17 28.36
C ALA A 75 13.81 12.92 29.80
N VAL A 76 14.32 11.85 30.40
CA VAL A 76 14.05 11.46 31.79
C VAL A 76 15.32 10.81 32.32
N GLN A 77 15.59 11.00 33.61
CA GLN A 77 16.71 10.45 34.35
C GLN A 77 16.09 9.86 35.61
N VAL A 78 16.52 8.69 36.03
CA VAL A 78 15.99 8.03 37.22
C VAL A 78 17.17 7.37 37.92
N THR A 79 17.21 7.44 39.25
CA THR A 79 18.26 6.84 40.07
C THR A 79 17.60 5.74 40.91
N TYR A 80 18.38 4.75 41.32
CA TYR A 80 17.93 3.63 42.11
C TYR A 80 19.12 3.07 42.89
N ASP A 81 18.87 2.19 43.85
CA ASP A 81 19.92 1.54 44.62
C ASP A 81 19.35 0.29 45.28
N ASN A 82 20.24 -0.55 45.81
CA ASN A 82 19.95 -1.81 46.50
C ASN A 82 20.39 -1.69 47.96
N VAL A 83 19.84 -2.54 48.83
CA VAL A 83 20.16 -2.55 50.24
C VAL A 83 20.55 -3.99 50.61
N PHE A 84 21.63 -4.13 51.38
CA PHE A 84 22.14 -5.42 51.83
C PHE A 84 21.05 -6.12 52.63
N GLY A 85 20.48 -7.15 52.03
CA GLY A 85 19.41 -7.96 52.61
C GLY A 85 18.16 -8.03 51.73
N GLN A 86 18.16 -7.45 50.52
CA GLN A 86 17.04 -7.46 49.59
C GLN A 86 17.57 -7.81 48.21
N ASP A 87 16.80 -8.60 47.45
CA ASP A 87 17.10 -9.07 46.10
C ASP A 87 16.50 -8.13 45.03
N SER A 88 16.12 -6.92 45.41
CA SER A 88 15.51 -5.91 44.54
C SER A 88 16.12 -4.53 44.78
N ASP A 89 15.74 -3.57 43.94
CA ASP A 89 16.19 -2.19 43.96
C ASP A 89 14.95 -1.33 44.08
N ILE A 90 15.12 -0.10 44.55
CA ILE A 90 14.07 0.90 44.74
C ILE A 90 14.58 2.21 44.12
N ILE A 91 13.66 3.04 43.64
CA ILE A 91 13.95 4.31 42.99
C ILE A 91 14.29 5.37 44.05
N THR A 92 15.48 5.98 43.94
CA THR A 92 15.95 7.01 44.87
C THR A 92 15.53 8.42 44.42
N SER A 93 15.37 8.69 43.12
CA SER A 93 14.93 9.98 42.58
C SER A 93 14.51 9.82 41.12
N ILE A 94 13.74 10.79 40.63
CA ILE A 94 13.20 10.87 39.29
C ILE A 94 13.42 12.31 38.85
N THR A 95 13.86 12.54 37.62
CA THR A 95 14.10 13.86 37.06
C THR A 95 13.52 13.86 35.65
N PHE A 96 12.74 14.88 35.30
CA PHE A 96 12.13 15.03 33.99
C PHE A 96 12.73 16.25 33.28
N ASN A 97 12.61 16.29 31.96
CA ASN A 97 13.07 17.35 31.05
C ASN A 97 11.97 17.46 29.99
N THR A 98 11.70 18.66 29.50
CA THR A 98 10.66 18.87 28.50
C THR A 98 11.10 19.77 27.36
N PHE A 99 10.30 19.77 26.28
CA PHE A 99 10.58 20.60 25.13
C PHE A 99 10.57 22.06 25.58
N LYS A 100 9.62 22.43 26.43
CA LYS A 100 9.48 23.78 27.00
C LYS A 100 10.74 24.23 27.75
N GLY A 101 11.69 23.34 28.04
CA GLY A 101 12.94 23.64 28.71
C GLY A 101 12.78 23.65 30.21
N LYS A 102 11.71 23.05 30.73
CA LYS A 102 11.46 23.02 32.16
C LYS A 102 12.14 21.80 32.74
N THR A 103 13.33 22.00 33.29
CA THR A 103 14.13 20.95 33.90
C THR A 103 13.65 20.84 35.34
N SER A 104 12.91 19.79 35.65
CA SER A 104 12.42 19.60 37.01
C SER A 104 13.58 19.10 37.89
N PRO A 105 13.54 19.29 39.21
CA PRO A 105 14.59 18.84 40.11
C PRO A 105 14.49 17.32 40.37
N PRO A 106 15.55 16.67 40.90
CA PRO A 106 15.54 15.24 41.22
C PRO A 106 14.62 15.07 42.43
N TYR A 107 13.48 14.43 42.23
CA TYR A 107 12.50 14.18 43.28
C TYR A 107 13.00 13.05 44.19
N GLY A 108 13.98 13.34 45.05
CA GLY A 108 14.59 12.40 45.98
C GLY A 108 16.09 12.64 46.10
N LEU A 109 16.89 11.57 46.19
CA LEU A 109 18.34 11.60 46.31
C LEU A 109 18.97 11.12 45.01
N GLU A 110 19.96 11.84 44.50
CA GLU A 110 20.70 11.53 43.28
C GLU A 110 21.70 10.44 43.69
N THR A 111 21.58 9.23 43.12
CA THR A 111 22.44 8.10 43.46
C THR A 111 23.35 7.65 42.30
N GLN A 112 24.36 6.85 42.62
CA GLN A 112 25.33 6.31 41.66
C GLN A 112 24.62 5.45 40.63
N LYS A 113 23.81 4.47 41.08
CA LYS A 113 23.08 3.59 40.19
C LYS A 113 21.96 4.42 39.58
N LYS A 114 21.99 4.61 38.26
CA LYS A 114 20.99 5.40 37.55
C LYS A 114 20.94 5.03 36.09
N PHE A 115 19.90 5.51 35.40
CA PHE A 115 19.66 5.31 33.99
C PHE A 115 19.08 6.60 33.43
N VAL A 116 19.03 6.70 32.10
CA VAL A 116 18.52 7.83 31.35
C VAL A 116 17.77 7.26 30.15
N LEU A 117 16.75 7.94 29.66
CA LEU A 117 15.97 7.49 28.51
C LEU A 117 15.57 8.65 27.63
N LYS A 118 15.28 8.36 26.36
CA LYS A 118 14.86 9.30 25.33
C LYS A 118 14.31 8.58 24.10
N ASP A 119 13.54 9.31 23.30
CA ASP A 119 12.94 8.86 22.04
C ASP A 119 14.02 8.97 20.94
N LYS A 120 13.70 8.56 19.71
CA LYS A 120 14.63 8.62 18.58
C LYS A 120 14.09 9.46 17.42
N ASN A 121 12.83 9.28 17.02
CA ASN A 121 12.22 9.99 15.89
C ASN A 121 11.17 11.03 16.28
N GLY A 122 11.15 11.48 17.54
CA GLY A 122 10.22 12.47 18.06
C GLY A 122 8.92 11.89 18.60
N GLY A 123 8.69 10.58 18.48
CA GLY A 123 7.47 9.98 18.97
C GLY A 123 7.41 10.15 20.48
N LYS A 124 6.39 10.85 20.98
CA LYS A 124 6.14 11.14 22.38
C LYS A 124 6.12 9.92 23.28
N LEU A 125 6.23 10.15 24.59
CA LEU A 125 6.20 9.16 25.65
C LEU A 125 4.83 8.48 25.56
N VAL A 126 4.78 7.22 25.16
CA VAL A 126 3.53 6.49 25.02
C VAL A 126 2.82 6.39 26.37
N GLY A 127 3.54 5.95 27.39
CA GLY A 127 3.10 5.78 28.76
C GLY A 127 4.29 5.28 29.56
N PHE A 128 4.08 5.04 30.85
CA PHE A 128 5.11 4.55 31.75
C PHE A 128 4.89 3.06 31.97
N HIS A 129 5.83 2.40 32.64
CA HIS A 129 5.75 0.98 32.97
C HIS A 129 6.47 0.76 34.30
N GLY A 130 6.30 -0.44 34.85
CA GLY A 130 6.88 -0.82 36.14
C GLY A 130 5.92 -0.35 37.21
N ARG A 131 5.50 -1.25 38.11
CA ARG A 131 4.57 -0.91 39.19
C ARG A 131 5.34 -0.70 40.47
N ALA A 132 4.58 -0.37 41.49
CA ALA A 132 4.93 -0.10 42.87
C ALA A 132 3.77 -0.61 43.69
N GLY A 133 4.05 -0.99 44.93
CA GLY A 133 3.05 -1.48 45.85
C GLY A 133 3.06 -0.47 46.99
N GLU A 134 3.94 -0.67 47.97
CA GLU A 134 4.05 0.24 49.13
C GLU A 134 5.16 1.28 48.90
N ALA A 135 6.16 0.93 48.10
CA ALA A 135 7.28 1.78 47.76
C ALA A 135 7.51 1.68 46.25
N LEU A 136 8.22 2.65 45.68
CA LEU A 136 8.49 2.69 44.25
C LEU A 136 9.62 1.71 43.91
N TYR A 137 9.22 0.50 43.52
CA TYR A 137 10.13 -0.59 43.17
C TYR A 137 10.64 -0.48 41.73
N ALA A 138 9.83 -0.03 40.76
CA ALA A 138 10.26 0.11 39.38
C ALA A 138 9.56 1.31 38.74
N LEU A 139 10.20 1.93 37.74
CA LEU A 139 9.70 3.07 37.02
C LEU A 139 10.48 3.19 35.70
N GLY A 140 9.83 3.56 34.61
CA GLY A 140 10.44 3.73 33.30
C GLY A 140 9.34 4.06 32.27
N ALA A 141 9.70 4.25 31.01
CA ALA A 141 8.77 4.57 29.92
C ALA A 141 9.42 4.21 28.59
N TYR A 142 8.63 4.19 27.52
CA TYR A 142 9.09 3.87 26.18
C TYR A 142 8.49 4.82 25.15
N PHE A 143 9.06 4.74 23.95
CA PHE A 143 8.68 5.54 22.81
C PHE A 143 8.57 4.50 21.69
N ALA A 144 7.35 4.05 21.42
CA ALA A 144 7.06 3.04 20.40
C ALA A 144 5.89 3.55 19.59
N THR A 145 6.18 4.08 18.42
CA THR A 145 5.20 4.60 17.49
C THR A 145 5.13 3.65 16.29
N THR A 146 4.10 3.81 15.47
CA THR A 146 3.88 2.98 14.28
C THR A 146 3.56 1.53 14.68
N THR A 147 2.77 1.34 15.74
CA THR A 147 2.35 0.02 16.22
C THR A 147 1.04 -0.41 15.54
N THR A 148 0.54 0.40 14.62
CA THR A 148 -0.70 0.24 13.89
C THR A 148 -0.53 -0.26 12.45
N PRO A 149 -1.46 -1.08 11.94
CA PRO A 149 -1.42 -1.56 10.57
C PRO A 149 -1.93 -0.42 9.68
N VAL A 150 -1.07 0.22 8.89
CA VAL A 150 -1.42 1.32 8.00
C VAL A 150 -0.50 1.22 6.78
N THR A 151 -1.05 1.12 5.58
CA THR A 151 -0.27 1.04 4.35
C THR A 151 -0.87 1.91 3.25
N PRO A 152 -0.05 2.40 2.29
CA PRO A 152 -0.50 3.22 1.17
C PRO A 152 -1.20 2.33 0.12
N ALA A 153 -1.46 2.90 -1.05
CA ALA A 153 -2.10 2.21 -2.15
C ALA A 153 -1.11 1.24 -2.83
N LYS A 154 -1.56 0.55 -3.88
CA LYS A 154 -0.75 -0.43 -4.60
C LYS A 154 0.27 0.23 -5.53
N LYS A 155 1.54 -0.15 -5.37
CA LYS A 155 2.70 0.28 -6.15
C LYS A 155 2.86 -0.60 -7.38
N LEU A 156 3.36 -0.02 -8.47
CA LEU A 156 3.65 -0.78 -9.69
C LEU A 156 5.16 -1.02 -9.72
N SER A 157 5.61 -1.97 -10.53
CA SER A 157 7.03 -2.29 -10.66
C SER A 157 7.74 -1.17 -11.42
N ALA A 158 8.91 -0.76 -10.92
CA ALA A 158 9.77 0.27 -11.49
C ALA A 158 11.23 -0.20 -11.47
N ILE A 159 12.11 0.54 -12.15
CA ILE A 159 13.56 0.27 -12.28
C ILE A 159 14.31 1.60 -12.21
N GLY A 160 15.58 1.60 -11.80
CA GLY A 160 16.39 2.81 -11.72
C GLY A 160 17.69 2.50 -11.02
N GLY A 161 17.65 2.55 -9.69
CA GLY A 161 18.75 2.29 -8.78
C GLY A 161 18.22 2.41 -7.35
N ASP A 162 19.05 2.13 -6.35
CA ASP A 162 18.67 2.19 -4.94
C ASP A 162 19.36 3.32 -4.15
N GLU A 163 20.05 4.24 -4.82
CA GLU A 163 20.70 5.39 -4.17
C GLU A 163 19.63 6.48 -3.98
N GLY A 164 19.73 7.33 -2.94
CA GLY A 164 18.79 8.43 -2.67
C GLY A 164 17.84 8.22 -1.49
N THR A 165 16.97 9.19 -1.22
CA THR A 165 15.97 9.19 -0.16
C THR A 165 14.62 8.72 -0.73
N ALA A 166 14.06 7.63 -0.24
CA ALA A 166 12.76 7.12 -0.71
C ALA A 166 11.63 8.01 -0.20
N TRP A 167 10.51 8.05 -0.92
CA TRP A 167 9.35 8.83 -0.54
C TRP A 167 8.06 8.09 -0.87
N ASP A 168 7.17 8.03 0.11
CA ASP A 168 5.85 7.42 0.02
C ASP A 168 4.83 8.51 -0.26
N ASP A 169 3.86 8.22 -1.12
CA ASP A 169 2.78 9.10 -1.51
C ASP A 169 1.58 8.17 -1.56
N GLY A 170 0.55 8.55 -0.82
CA GLY A 170 -0.71 7.83 -0.71
C GLY A 170 -1.72 8.32 -1.75
N ALA A 171 -2.90 7.69 -1.78
CA ALA A 171 -3.96 8.07 -2.70
C ALA A 171 -4.72 9.26 -2.11
N TYR A 172 -5.28 10.12 -2.98
CA TYR A 172 -6.02 11.32 -2.59
C TYR A 172 -7.35 11.41 -3.35
N ASP A 173 -8.07 12.51 -3.15
CA ASP A 173 -9.38 12.80 -3.76
C ASP A 173 -9.37 12.71 -5.28
N GLY A 174 -8.24 13.04 -5.91
CA GLY A 174 -8.01 13.03 -7.34
C GLY A 174 -6.74 13.83 -7.63
N VAL A 175 -6.58 14.32 -8.85
CA VAL A 175 -5.43 15.12 -9.27
C VAL A 175 -5.94 16.44 -9.84
N LYS A 176 -5.24 17.53 -9.53
CA LYS A 176 -5.60 18.87 -9.99
C LYS A 176 -4.57 19.39 -10.98
N LYS A 177 -3.34 19.68 -10.53
CA LYS A 177 -2.29 20.20 -11.39
C LYS A 177 -1.10 19.26 -11.42
N VAL A 178 -0.30 19.37 -12.47
CA VAL A 178 0.90 18.59 -12.75
C VAL A 178 2.00 19.56 -13.16
N TYR A 179 3.24 19.27 -12.77
CA TYR A 179 4.42 20.06 -13.10
C TYR A 179 5.59 19.09 -13.31
N VAL A 180 6.50 19.41 -14.24
CA VAL A 180 7.66 18.58 -14.58
C VAL A 180 8.89 19.48 -14.79
N GLY A 181 10.10 18.96 -14.53
CA GLY A 181 11.37 19.67 -14.70
C GLY A 181 12.33 18.75 -15.44
N GLN A 182 13.18 19.31 -16.31
CA GLN A 182 14.17 18.58 -17.13
C GLN A 182 15.58 19.13 -16.87
N GLY A 183 16.56 18.72 -17.67
CA GLY A 183 17.95 19.12 -17.61
C GLY A 183 18.78 18.30 -18.58
N GLN A 184 20.08 18.54 -18.53
CA GLN A 184 21.14 17.97 -19.31
C GLN A 184 21.27 16.43 -19.34
N ASP A 185 20.64 15.71 -18.42
CA ASP A 185 20.71 14.26 -18.35
C ASP A 185 19.33 13.60 -18.53
N GLY A 186 18.24 14.37 -18.52
CA GLY A 186 16.87 13.88 -18.64
C GLY A 186 16.00 14.63 -17.64
N ILE A 187 14.98 14.00 -17.08
CA ILE A 187 14.08 14.61 -16.10
C ILE A 187 14.90 14.96 -14.84
N SER A 188 14.46 15.98 -14.09
CA SER A 188 15.14 16.43 -12.88
C SER A 188 14.20 16.67 -11.69
N ALA A 189 12.91 16.94 -11.90
CA ALA A 189 11.94 17.21 -10.84
C ALA A 189 10.54 16.75 -11.22
N VAL A 190 9.71 16.40 -10.22
CA VAL A 190 8.33 15.95 -10.43
C VAL A 190 7.47 16.35 -9.23
N LYS A 191 6.39 17.09 -9.45
CA LYS A 191 5.47 17.49 -8.39
C LYS A 191 4.07 17.62 -8.99
N PHE A 192 3.05 17.61 -8.13
CA PHE A 192 1.65 17.72 -8.54
C PHE A 192 0.88 18.37 -7.40
N GLU A 193 -0.39 18.68 -7.66
CA GLU A 193 -1.28 19.29 -6.70
C GLU A 193 -2.59 18.53 -6.66
N TYR A 194 -3.18 18.50 -5.47
CA TYR A 194 -4.43 17.83 -5.11
C TYR A 194 -5.17 18.63 -4.04
N ASN A 195 -6.43 18.28 -3.80
CA ASN A 195 -7.32 18.89 -2.81
C ASN A 195 -7.59 17.88 -1.69
N LYS A 196 -8.05 18.34 -0.52
CA LYS A 196 -8.36 17.45 0.60
C LYS A 196 -9.70 17.81 1.20
N GLY A 197 -10.77 17.28 0.59
CA GLY A 197 -12.15 17.48 0.99
C GLY A 197 -12.63 18.88 0.65
N ALA A 198 -12.06 19.88 1.31
CA ALA A 198 -12.34 21.30 1.14
C ALA A 198 -11.02 22.06 1.09
N GLU A 199 -10.09 21.74 2.01
CA GLU A 199 -8.78 22.39 2.07
C GLU A 199 -7.98 22.15 0.79
N ASN A 200 -6.93 22.96 0.63
CA ASN A 200 -6.01 22.93 -0.50
C ASN A 200 -4.61 22.73 0.06
N ILE A 201 -3.77 22.09 -0.74
CA ILE A 201 -2.39 21.75 -0.44
C ILE A 201 -1.64 21.98 -1.74
N VAL A 202 -0.40 22.47 -1.65
CA VAL A 202 0.46 22.72 -2.79
C VAL A 202 1.56 21.65 -2.73
N GLY A 203 2.07 21.21 -3.88
CA GLY A 203 3.11 20.21 -3.94
C GLY A 203 4.43 20.83 -3.46
N GLY A 204 5.26 20.03 -2.81
CA GLY A 204 6.56 20.41 -2.29
C GLY A 204 7.57 19.77 -3.24
N GLU A 205 8.56 20.52 -3.72
CA GLU A 205 9.54 19.96 -4.65
C GLU A 205 10.39 18.92 -3.90
N HIS A 206 10.61 17.75 -4.48
CA HIS A 206 11.42 16.70 -3.87
C HIS A 206 12.78 16.58 -4.60
N GLY A 207 12.91 17.16 -5.78
CA GLY A 207 14.10 17.15 -6.60
C GLY A 207 14.89 18.46 -6.53
N LYS A 208 15.97 18.51 -7.32
CA LYS A 208 16.90 19.62 -7.50
C LYS A 208 16.63 20.17 -8.92
N PRO A 209 15.64 21.06 -9.11
CA PRO A 209 15.35 21.60 -10.44
C PRO A 209 16.30 22.72 -10.82
N THR A 210 16.59 22.86 -12.10
CA THR A 210 17.46 23.93 -12.58
C THR A 210 16.59 25.17 -12.82
N LEU A 211 17.17 26.28 -13.29
CA LEU A 211 16.43 27.51 -13.54
C LEU A 211 15.62 27.46 -14.84
N LEU A 212 15.66 26.35 -15.59
CA LEU A 212 14.95 26.22 -16.86
C LEU A 212 13.46 26.56 -16.76
N GLY A 213 12.84 26.29 -15.61
CA GLY A 213 11.44 26.53 -15.36
C GLY A 213 10.80 25.23 -14.90
N PHE A 214 9.49 25.13 -15.06
CA PHE A 214 8.70 23.97 -14.72
C PHE A 214 7.57 23.90 -15.73
N GLU A 215 7.48 22.81 -16.48
CA GLU A 215 6.42 22.58 -17.45
C GLU A 215 5.14 22.42 -16.63
N GLU A 216 3.97 22.72 -17.20
CA GLU A 216 2.72 22.62 -16.47
C GLU A 216 1.57 22.04 -17.30
N PHE A 217 0.73 21.25 -16.63
CA PHE A 217 -0.46 20.62 -17.20
C PHE A 217 -1.55 20.63 -16.12
N GLU A 218 -2.82 20.83 -16.47
CA GLU A 218 -3.94 20.83 -15.53
C GLU A 218 -4.99 19.96 -16.22
N ILE A 219 -5.01 18.67 -15.85
CA ILE A 219 -5.91 17.68 -16.41
C ILE A 219 -7.30 17.79 -15.80
N ASP A 220 -8.32 17.83 -16.67
CA ASP A 220 -9.71 17.92 -16.30
C ASP A 220 -10.20 16.58 -15.76
N TYR A 221 -10.07 16.39 -14.45
CA TYR A 221 -10.46 15.21 -13.70
C TYR A 221 -11.87 14.71 -14.07
N PRO A 222 -12.93 15.55 -14.16
CA PRO A 222 -14.26 15.08 -14.52
C PRO A 222 -14.47 14.84 -16.03
N SER A 223 -13.52 15.20 -16.91
CA SER A 223 -13.68 15.02 -18.35
C SER A 223 -12.76 13.94 -18.94
N GLU A 224 -11.76 13.47 -18.19
CA GLU A 224 -10.85 12.43 -18.67
C GLU A 224 -10.70 11.32 -17.65
N TYR A 225 -10.02 10.25 -18.05
CA TYR A 225 -9.78 9.07 -17.23
C TYR A 225 -8.40 8.54 -17.62
N ILE A 226 -7.36 9.00 -16.94
CA ILE A 226 -5.98 8.58 -17.17
C ILE A 226 -5.88 7.11 -16.79
N THR A 227 -5.90 6.23 -17.79
CA THR A 227 -5.82 4.79 -17.62
C THR A 227 -4.38 4.28 -17.56
N ALA A 228 -3.41 4.98 -18.18
CA ALA A 228 -2.03 4.56 -18.21
C ALA A 228 -1.07 5.74 -18.39
N VAL A 229 0.22 5.47 -18.25
CA VAL A 229 1.29 6.44 -18.42
C VAL A 229 2.40 5.78 -19.23
N GLU A 230 3.25 6.61 -19.84
CA GLU A 230 4.39 6.24 -20.68
C GLU A 230 5.63 6.88 -20.05
N GLY A 231 6.80 6.62 -20.62
CA GLY A 231 8.04 7.17 -20.16
C GLY A 231 9.19 6.51 -20.90
N THR A 232 10.40 6.95 -20.61
CA THR A 232 11.61 6.42 -21.21
C THR A 232 12.72 6.65 -20.22
N TYR A 233 13.62 5.69 -20.10
CA TYR A 233 14.78 5.77 -19.20
C TYR A 233 16.02 5.21 -19.89
N ASP A 234 17.21 5.66 -19.48
CA ASP A 234 18.47 5.18 -20.04
C ASP A 234 19.65 5.36 -19.09
N LYS A 235 20.80 4.79 -19.45
CA LYS A 235 22.04 4.83 -18.68
C LYS A 235 22.71 6.21 -18.78
N ILE A 236 23.25 6.68 -17.66
CA ILE A 236 23.95 7.95 -17.49
C ILE A 236 25.20 7.74 -16.63
N PHE A 237 26.18 8.63 -16.74
CA PHE A 237 27.41 8.54 -15.93
C PHE A 237 27.16 9.22 -14.58
N GLY A 238 28.15 9.19 -13.69
CA GLY A 238 28.07 9.79 -12.38
C GLY A 238 27.64 8.75 -11.37
N SER A 239 26.38 8.33 -11.46
CA SER A 239 25.79 7.35 -10.56
C SER A 239 25.86 5.94 -11.15
N ASP A 240 25.32 4.97 -10.41
CA ASP A 240 25.26 3.55 -10.77
C ASP A 240 23.84 3.12 -11.14
N GLY A 241 22.92 4.07 -11.37
CA GLY A 241 21.53 3.83 -11.70
C GLY A 241 21.08 4.58 -12.96
N LEU A 242 19.95 4.17 -13.53
CA LEU A 242 19.34 4.76 -14.75
C LEU A 242 18.66 6.09 -14.41
N ILE A 243 18.17 6.81 -15.41
CA ILE A 243 17.47 8.09 -15.22
C ILE A 243 16.30 8.18 -16.21
N ILE A 244 15.19 8.81 -15.82
CA ILE A 244 14.04 8.99 -16.71
C ILE A 244 14.48 10.12 -17.64
N THR A 245 14.27 9.97 -18.95
CA THR A 245 14.64 10.96 -19.95
C THR A 245 13.40 11.60 -20.59
N MET A 246 12.24 10.93 -20.56
CA MET A 246 10.99 11.44 -21.12
C MET A 246 9.80 10.86 -20.36
N LEU A 247 8.68 11.59 -20.34
CA LEU A 247 7.42 11.24 -19.71
C LEU A 247 6.27 11.69 -20.60
N ARG A 248 5.23 10.86 -20.68
CA ARG A 248 4.00 11.09 -21.45
C ARG A 248 2.88 10.45 -20.66
N PHE A 249 1.67 10.97 -20.84
CA PHE A 249 0.49 10.46 -20.14
C PHE A 249 -0.42 9.89 -21.21
N LYS A 250 -0.89 8.64 -21.04
CA LYS A 250 -1.77 8.06 -22.04
C LYS A 250 -3.14 8.65 -21.70
N THR A 251 -3.66 9.47 -22.61
CA THR A 251 -4.93 10.14 -22.45
C THR A 251 -5.87 9.71 -23.58
N ASN A 252 -7.14 10.00 -23.40
CA ASN A 252 -8.23 9.70 -24.29
C ASN A 252 -8.55 11.01 -24.99
N LYS A 253 -8.70 10.98 -26.31
CA LYS A 253 -9.00 12.12 -27.20
C LYS A 253 -7.83 13.11 -27.23
N GLN A 254 -7.30 13.46 -26.06
CA GLN A 254 -6.19 14.37 -25.79
C GLN A 254 -4.88 13.57 -25.74
N THR A 255 -3.74 14.25 -25.79
CA THR A 255 -2.39 13.71 -25.73
C THR A 255 -1.54 14.81 -25.10
N SER A 256 -0.92 14.55 -23.94
CA SER A 256 -0.10 15.53 -23.27
C SER A 256 1.17 15.82 -24.08
N ALA A 257 1.86 16.91 -23.76
CA ALA A 257 3.10 17.26 -24.44
C ALA A 257 4.16 16.20 -24.07
N PRO A 258 5.18 15.96 -24.92
CA PRO A 258 6.24 15.02 -24.63
C PRO A 258 7.19 15.71 -23.63
N PHE A 259 7.04 15.44 -22.35
CA PHE A 259 7.90 16.03 -21.33
C PHE A 259 9.24 15.30 -21.41
N GLY A 260 10.19 15.80 -22.18
CA GLY A 260 11.51 15.21 -22.38
C GLY A 260 11.69 14.67 -23.79
N LEU A 261 12.87 14.14 -24.10
CA LEU A 261 13.21 13.60 -25.41
C LEU A 261 13.32 12.08 -25.34
N GLU A 262 12.53 11.40 -26.16
CA GLU A 262 12.51 9.94 -26.26
C GLU A 262 13.81 9.55 -26.95
N ALA A 263 14.76 8.97 -26.19
CA ALA A 263 16.06 8.55 -26.70
C ALA A 263 16.63 7.48 -25.76
N GLY A 264 15.83 6.50 -25.37
CA GLY A 264 16.26 5.44 -24.48
C GLY A 264 15.25 4.31 -24.43
N THR A 265 15.39 3.45 -23.43
CA THR A 265 14.53 2.32 -23.20
C THR A 265 13.13 2.85 -22.82
N ALA A 266 12.17 2.79 -23.75
CA ALA A 266 10.81 3.26 -23.54
C ALA A 266 10.01 2.25 -22.71
N PHE A 267 9.09 2.76 -21.88
CA PHE A 267 8.22 1.95 -21.03
C PHE A 267 6.79 2.50 -20.94
N GLU A 268 5.90 1.71 -20.34
CA GLU A 268 4.48 1.97 -20.11
C GLU A 268 4.15 1.42 -18.72
N LEU A 269 3.14 1.98 -18.05
CA LEU A 269 2.67 1.55 -16.74
C LEU A 269 1.14 1.62 -16.81
N LYS A 270 0.48 0.47 -16.93
CA LYS A 270 -0.98 0.39 -17.01
C LYS A 270 -1.49 -0.79 -16.22
N GLU A 271 -2.71 -0.68 -15.70
CA GLU A 271 -3.37 -1.72 -14.95
C GLU A 271 -4.84 -1.60 -15.32
N GLU A 272 -5.46 -2.71 -15.69
CA GLU A 272 -6.86 -2.73 -16.09
C GLU A 272 -7.76 -2.39 -14.89
N GLY A 273 -8.78 -1.58 -15.09
CA GLY A 273 -9.75 -1.16 -14.08
C GLY A 273 -9.23 -0.18 -13.02
N HIS A 274 -7.91 0.08 -12.93
CA HIS A 274 -7.36 0.99 -11.94
C HIS A 274 -7.08 2.37 -12.52
N LYS A 275 -6.97 3.38 -11.67
CA LYS A 275 -6.69 4.77 -12.02
C LYS A 275 -5.40 5.16 -11.30
N ILE A 276 -4.62 6.04 -11.93
CA ILE A 276 -3.37 6.54 -11.39
C ILE A 276 -3.73 7.64 -10.39
N VAL A 277 -3.04 7.74 -9.25
CA VAL A 277 -3.35 8.76 -8.23
C VAL A 277 -2.11 9.53 -7.73
N GLY A 278 -0.93 8.89 -7.72
CA GLY A 278 0.33 9.45 -7.25
C GLY A 278 1.50 8.66 -7.79
N PHE A 279 2.72 9.05 -7.40
CA PHE A 279 3.98 8.46 -7.80
C PHE A 279 4.69 7.78 -6.61
N HIS A 280 5.86 7.22 -6.85
CA HIS A 280 6.74 6.56 -5.88
C HIS A 280 8.15 6.69 -6.44
N GLY A 281 9.14 6.18 -5.72
CA GLY A 281 10.53 6.20 -6.12
C GLY A 281 11.36 6.80 -5.01
N LYS A 282 12.47 7.40 -5.40
CA LYS A 282 13.39 8.05 -4.49
C LYS A 282 14.08 9.16 -5.25
N ALA A 283 14.45 10.20 -4.51
CA ALA A 283 15.12 11.38 -5.02
C ALA A 283 16.56 11.37 -4.53
N SER A 284 17.45 12.03 -5.27
CA SER A 284 18.86 12.13 -4.96
C SER A 284 19.35 13.45 -5.56
N GLU A 285 19.29 13.58 -6.88
CA GLU A 285 19.73 14.76 -7.62
C GLU A 285 18.92 14.99 -8.89
N LEU A 286 18.42 13.94 -9.57
CA LEU A 286 17.66 14.10 -10.80
C LEU A 286 16.41 13.23 -10.73
N LEU A 287 16.29 12.19 -11.55
CA LEU A 287 15.12 11.33 -11.51
C LEU A 287 15.56 9.89 -11.74
N HIS A 288 16.10 9.32 -10.67
CA HIS A 288 16.63 7.96 -10.60
C HIS A 288 15.58 6.88 -10.89
N GLN A 289 14.52 6.77 -10.08
CA GLN A 289 13.46 5.78 -10.26
C GLN A 289 12.10 6.46 -10.15
N PHE A 290 11.15 6.05 -11.00
CA PHE A 290 9.79 6.56 -11.05
C PHE A 290 8.79 5.44 -11.32
N GLY A 291 7.56 5.59 -10.84
CA GLY A 291 6.47 4.63 -11.01
C GLY A 291 5.18 5.22 -10.46
N VAL A 292 4.02 4.62 -10.77
CA VAL A 292 2.72 5.13 -10.31
C VAL A 292 2.01 4.18 -9.34
N HIS A 293 1.10 4.76 -8.55
CA HIS A 293 0.26 4.10 -7.57
C HIS A 293 -1.09 3.92 -8.27
N VAL A 294 -1.71 2.74 -8.14
CA VAL A 294 -2.98 2.43 -8.80
C VAL A 294 -4.10 2.07 -7.82
N MET A 295 -5.33 2.51 -8.09
CA MET A 295 -6.53 2.25 -7.29
C MET A 295 -7.66 1.79 -8.21
N PRO A 296 -8.35 0.68 -7.93
CA PRO A 296 -9.44 0.18 -8.76
C PRO A 296 -10.70 1.05 -8.56
N LEU A 297 -10.83 2.16 -9.31
CA LEU A 297 -11.98 3.06 -9.19
C LEU A 297 -13.08 2.80 -10.22
N THR A 298 -13.01 1.70 -10.96
CA THR A 298 -14.04 1.36 -11.93
C THR A 298 -15.23 0.75 -11.17
N ASN A 299 -16.42 0.78 -11.77
CA ASN A 299 -17.66 0.24 -11.22
C ASN A 299 -18.26 -0.55 -12.34
N ALA A 1 -4.15 -0.70 28.49
CA ALA A 1 -5.50 -0.95 29.02
C ALA A 1 -5.45 -1.70 30.34
N GLN A 2 -5.57 -3.03 30.29
CA GLN A 2 -5.58 -3.90 31.46
C GLN A 2 -4.20 -3.97 32.12
N LYS A 3 -4.23 -4.25 33.42
CA LYS A 3 -3.15 -4.38 34.38
C LYS A 3 -3.52 -5.53 35.32
N VAL A 4 -2.57 -6.36 35.70
CA VAL A 4 -2.77 -7.48 36.61
C VAL A 4 -1.71 -7.31 37.68
N GLU A 5 -2.14 -7.39 38.94
CA GLU A 5 -1.28 -7.21 40.10
C GLU A 5 -0.23 -8.30 40.25
N ALA A 6 0.71 -8.06 41.18
CA ALA A 6 1.78 -8.97 41.50
C ALA A 6 1.19 -10.12 42.30
N GLY A 7 1.05 -11.28 41.69
CA GLY A 7 0.53 -12.47 42.35
C GLY A 7 1.68 -13.02 43.17
N GLY A 8 1.42 -13.38 44.42
CA GLY A 8 2.41 -13.92 45.34
C GLY A 8 2.25 -13.18 46.67
N GLY A 9 3.33 -13.07 47.42
CA GLY A 9 3.37 -12.42 48.71
C GLY A 9 3.17 -10.91 48.66
N ALA A 10 2.97 -10.34 49.84
CA ALA A 10 2.76 -8.91 50.05
C ALA A 10 4.08 -8.18 50.32
N GLY A 11 5.13 -8.90 50.72
CA GLY A 11 6.44 -8.32 51.02
C GLY A 11 7.14 -7.77 49.79
N GLY A 12 8.23 -7.03 50.03
CA GLY A 12 9.07 -6.40 49.02
C GLY A 12 8.58 -5.02 48.64
N ALA A 13 9.41 -4.28 47.90
CA ALA A 13 9.09 -2.94 47.43
C ALA A 13 8.31 -3.07 46.13
N SER A 14 7.51 -2.06 45.78
CA SER A 14 6.68 -2.01 44.59
C SER A 14 7.56 -1.72 43.36
N TRP A 15 8.15 -2.77 42.80
CA TRP A 15 9.01 -2.61 41.61
C TRP A 15 8.12 -2.76 40.39
N ASP A 16 8.31 -1.88 39.42
CA ASP A 16 7.63 -1.81 38.14
C ASP A 16 8.59 -1.07 37.22
N ASP A 17 8.51 -1.35 35.92
CA ASP A 17 9.37 -0.75 34.91
C ASP A 17 8.48 0.11 34.00
N GLY A 18 9.05 1.15 33.39
CA GLY A 18 8.32 2.08 32.51
C GLY A 18 8.79 2.10 31.05
N VAL A 19 9.85 1.37 30.70
CA VAL A 19 10.34 1.33 29.33
C VAL A 19 9.31 0.67 28.41
N HIS A 20 9.41 0.95 27.11
CA HIS A 20 8.48 0.38 26.13
C HIS A 20 8.68 -1.11 26.01
N ASP A 21 9.94 -1.55 25.95
CA ASP A 21 10.43 -2.91 25.80
C ASP A 21 11.96 -2.83 25.97
N GLY A 22 12.66 -3.90 25.60
CA GLY A 22 14.11 -4.00 25.68
C GLY A 22 14.58 -5.27 26.41
N VAL A 23 13.80 -6.36 26.37
CA VAL A 23 14.11 -7.64 27.02
C VAL A 23 14.29 -8.71 25.95
N ARG A 24 15.23 -9.62 26.15
CA ARG A 24 15.49 -10.73 25.23
C ARG A 24 15.60 -12.06 25.93
N LYS A 25 16.12 -12.08 27.15
CA LYS A 25 16.30 -13.32 27.90
C LYS A 25 15.85 -13.15 29.33
N VAL A 26 15.59 -14.26 30.00
CA VAL A 26 15.16 -14.32 31.39
C VAL A 26 16.07 -15.34 32.06
N HIS A 27 17.20 -14.89 32.61
CA HIS A 27 18.16 -15.74 33.29
C HIS A 27 17.70 -15.81 34.73
N VAL A 28 17.23 -16.98 35.12
CA VAL A 28 16.74 -17.27 36.45
C VAL A 28 17.36 -18.59 36.87
N GLY A 29 17.63 -18.72 38.17
CA GLY A 29 18.21 -19.91 38.74
C GLY A 29 17.46 -20.26 40.03
N GLN A 30 17.79 -21.41 40.59
CA GLN A 30 17.18 -21.93 41.79
C GLN A 30 18.19 -22.48 42.78
N GLY A 31 17.78 -22.53 44.03
CA GLY A 31 18.50 -23.03 45.17
C GLY A 31 17.61 -24.07 45.84
N GLN A 32 17.76 -24.28 47.14
CA GLN A 32 16.95 -25.23 47.92
C GLN A 32 15.79 -24.50 48.60
N ASP A 33 15.83 -23.17 48.51
CA ASP A 33 14.98 -22.10 48.99
C ASP A 33 14.01 -21.59 47.92
N GLY A 34 14.15 -22.02 46.66
CA GLY A 34 13.28 -21.60 45.55
C GLY A 34 14.09 -20.79 44.55
N VAL A 35 13.46 -19.87 43.83
CA VAL A 35 14.14 -19.02 42.86
C VAL A 35 14.68 -17.82 43.63
N SER A 36 15.95 -17.46 43.45
CA SER A 36 16.57 -16.33 44.15
C SER A 36 17.65 -15.61 43.33
N SER A 37 17.72 -15.87 42.02
CA SER A 37 18.67 -15.26 41.10
C SER A 37 17.85 -14.80 39.89
N ILE A 38 17.95 -13.52 39.52
CA ILE A 38 17.22 -12.93 38.40
C ILE A 38 18.19 -11.98 37.70
N ASN A 39 18.49 -12.22 36.43
CA ASN A 39 19.37 -11.42 35.60
C ASN A 39 18.62 -11.06 34.32
N VAL A 40 18.86 -9.87 33.78
CA VAL A 40 18.20 -9.38 32.59
C VAL A 40 19.23 -8.87 31.58
N VAL A 41 19.10 -9.29 30.32
CA VAL A 41 19.95 -8.86 29.22
C VAL A 41 19.09 -7.79 28.54
N TYR A 42 19.68 -6.64 28.25
CA TYR A 42 19.00 -5.52 27.61
C TYR A 42 19.39 -5.45 26.14
N ALA A 43 18.51 -4.90 25.32
CA ALA A 43 18.67 -4.74 23.88
C ALA A 43 18.88 -3.24 23.64
N LYS A 44 20.05 -2.84 23.15
CA LYS A 44 20.39 -1.45 22.89
C LYS A 44 20.58 -1.20 21.42
N ASP A 45 20.62 0.07 21.07
CA ASP A 45 20.84 0.49 19.68
C ASP A 45 22.29 0.19 19.24
N SER A 46 23.14 -0.29 20.16
CA SER A 46 24.53 -0.64 19.91
C SER A 46 24.71 -2.16 19.85
N GLN A 47 24.53 -2.87 20.96
CA GLN A 47 24.64 -4.32 21.06
C GLN A 47 23.81 -4.78 22.25
N ASP A 48 23.52 -6.07 22.36
CA ASP A 48 22.80 -6.58 23.52
C ASP A 48 23.87 -6.59 24.63
N VAL A 49 23.50 -6.25 25.86
CA VAL A 49 24.44 -6.22 26.99
C VAL A 49 23.70 -6.64 28.26
N GLU A 50 24.36 -7.45 29.07
CA GLU A 50 23.84 -7.94 30.34
C GLU A 50 23.65 -6.74 31.27
N GLY A 51 22.53 -6.67 31.98
CA GLY A 51 22.24 -5.62 32.94
C GLY A 51 23.03 -5.95 34.19
N GLY A 52 22.67 -7.05 34.83
CA GLY A 52 23.27 -7.57 36.04
C GLY A 52 22.22 -8.37 36.78
N GLU A 53 22.63 -9.06 37.84
CA GLU A 53 21.72 -9.87 38.63
C GLU A 53 21.18 -9.07 39.82
N HIS A 54 19.93 -9.36 40.18
CA HIS A 54 19.14 -8.84 41.27
C HIS A 54 18.77 -10.14 41.99
N GLY A 55 19.68 -10.62 42.84
CA GLY A 55 19.52 -11.85 43.59
C GLY A 55 20.88 -12.37 44.02
N LYS A 56 20.98 -13.66 44.25
CA LYS A 56 22.20 -14.34 44.66
C LYS A 56 22.44 -15.49 43.69
N LYS A 57 23.51 -15.40 42.88
CA LYS A 57 23.85 -16.40 41.89
C LYS A 57 23.93 -17.77 42.55
N THR A 58 22.99 -18.60 42.17
CA THR A 58 22.77 -19.97 42.62
C THR A 58 23.70 -20.92 41.86
N LEU A 59 24.71 -21.44 42.55
CA LEU A 59 25.68 -22.37 41.95
C LEU A 59 25.03 -23.68 41.49
N LEU A 60 23.88 -24.06 42.08
CA LEU A 60 23.17 -25.30 41.76
C LEU A 60 22.01 -25.10 40.78
N GLY A 61 21.86 -23.93 40.16
CA GLY A 61 20.76 -23.72 39.23
C GLY A 61 20.86 -22.36 38.58
N PHE A 62 20.93 -22.33 37.26
CA PHE A 62 21.01 -21.16 36.40
C PHE A 62 20.62 -21.65 35.02
N GLU A 63 19.57 -21.07 34.43
CA GLU A 63 19.08 -21.47 33.11
C GLU A 63 18.93 -20.30 32.15
N THR A 64 18.80 -20.63 30.86
CA THR A 64 18.66 -19.68 29.78
C THR A 64 17.37 -19.92 29.00
N PHE A 65 16.61 -18.84 28.78
CA PHE A 65 15.37 -18.82 28.03
C PHE A 65 15.43 -17.57 27.17
N GLU A 66 15.55 -17.79 25.86
CA GLU A 66 15.61 -16.75 24.85
C GLU A 66 14.23 -16.53 24.29
N VAL A 67 13.78 -15.28 24.36
CA VAL A 67 12.50 -14.84 23.85
C VAL A 67 12.70 -14.65 22.35
N ASP A 68 12.00 -15.43 21.54
CA ASP A 68 12.07 -15.34 20.08
C ASP A 68 11.46 -13.99 19.68
N ALA A 69 12.01 -13.33 18.66
CA ALA A 69 11.50 -12.03 18.21
C ALA A 69 10.13 -12.16 17.55
N ASP A 70 9.95 -13.19 16.73
CA ASP A 70 8.71 -13.48 16.00
C ASP A 70 7.64 -14.15 16.88
N ASP A 71 8.00 -14.54 18.11
CA ASP A 71 7.13 -15.17 19.09
C ASP A 71 6.67 -14.10 20.09
N TYR A 72 5.49 -14.25 20.69
CA TYR A 72 4.95 -13.31 21.66
C TYR A 72 4.48 -14.09 22.88
N ILE A 73 4.66 -13.53 24.07
CA ILE A 73 4.24 -14.15 25.31
C ILE A 73 2.71 -14.12 25.29
N VAL A 74 2.09 -15.22 25.70
CA VAL A 74 0.63 -15.35 25.74
C VAL A 74 0.16 -15.30 27.18
N ALA A 75 0.81 -16.06 28.05
CA ALA A 75 0.51 -16.16 29.46
C ALA A 75 1.81 -16.41 30.23
N VAL A 76 1.76 -16.23 31.54
CA VAL A 76 2.89 -16.45 32.43
C VAL A 76 2.26 -17.14 33.64
N GLN A 77 2.54 -18.43 33.80
CA GLN A 77 2.04 -19.23 34.90
C GLN A 77 3.12 -19.12 35.98
N VAL A 78 2.71 -18.94 37.23
CA VAL A 78 3.63 -18.78 38.35
C VAL A 78 3.11 -19.62 39.52
N THR A 79 4.02 -20.21 40.27
CA THR A 79 3.76 -21.03 41.45
C THR A 79 4.43 -20.29 42.61
N TYR A 80 3.75 -20.30 43.74
CA TYR A 80 4.17 -19.68 44.98
C TYR A 80 3.48 -20.45 46.10
N ASP A 81 3.89 -20.27 47.35
CA ASP A 81 3.23 -20.93 48.47
C ASP A 81 3.56 -20.19 49.77
N ASN A 82 2.85 -20.54 50.84
CA ASN A 82 3.01 -19.95 52.16
C ASN A 82 3.65 -20.93 53.13
N VAL A 83 4.41 -20.40 54.08
CA VAL A 83 5.08 -21.15 55.13
C VAL A 83 4.76 -20.40 56.42
N PHE A 84 4.33 -21.12 57.46
CA PHE A 84 3.95 -20.59 58.77
C PHE A 84 5.08 -19.86 59.53
N GLY A 85 6.27 -19.79 58.93
CA GLY A 85 7.46 -19.15 59.47
C GLY A 85 7.82 -17.84 58.75
N GLN A 86 6.98 -17.32 57.85
CA GLN A 86 7.24 -16.08 57.12
C GLN A 86 5.96 -15.26 57.03
N ASP A 87 6.11 -13.94 57.12
CA ASP A 87 5.04 -12.95 57.06
C ASP A 87 4.53 -12.75 55.63
N SER A 88 5.11 -13.43 54.64
CA SER A 88 4.74 -13.32 53.24
C SER A 88 5.12 -14.60 52.49
N ASP A 89 4.33 -14.89 51.46
CA ASP A 89 4.48 -16.01 50.54
C ASP A 89 5.67 -15.63 49.64
N ILE A 90 6.23 -16.61 48.94
CA ILE A 90 7.36 -16.46 48.04
C ILE A 90 7.12 -17.30 46.78
N ILE A 91 7.70 -16.86 45.66
CA ILE A 91 7.59 -17.54 44.38
C ILE A 91 8.47 -18.79 44.45
N THR A 92 7.86 -19.96 44.30
CA THR A 92 8.57 -21.22 44.32
C THR A 92 9.02 -21.58 42.89
N SER A 93 8.25 -21.22 41.85
CA SER A 93 8.62 -21.49 40.47
C SER A 93 7.84 -20.64 39.45
N ILE A 94 8.29 -20.61 38.20
CA ILE A 94 7.68 -19.85 37.11
C ILE A 94 7.64 -20.75 35.87
N THR A 95 6.68 -20.55 34.98
CA THR A 95 6.47 -21.29 33.74
C THR A 95 6.03 -20.27 32.68
N PHE A 96 6.97 -19.89 31.82
CA PHE A 96 6.77 -18.95 30.73
C PHE A 96 6.14 -19.68 29.55
N ASN A 97 4.97 -19.24 29.09
CA ASN A 97 4.23 -19.80 27.97
C ASN A 97 4.36 -18.85 26.77
N THR A 98 4.76 -19.39 25.62
CA THR A 98 4.91 -18.64 24.37
C THR A 98 3.71 -18.86 23.44
N PHE A 99 3.64 -18.05 22.38
CA PHE A 99 2.62 -18.11 21.35
C PHE A 99 2.96 -19.31 20.45
N LYS A 100 4.25 -19.50 20.15
CA LYS A 100 4.72 -20.57 19.29
C LYS A 100 4.57 -21.98 19.85
N GLY A 101 4.55 -22.19 21.17
CA GLY A 101 4.40 -23.53 21.74
C GLY A 101 5.48 -23.91 22.74
N LYS A 102 6.58 -23.15 22.82
CA LYS A 102 7.65 -23.41 23.77
C LYS A 102 7.10 -23.06 25.14
N THR A 103 7.38 -23.88 26.15
CA THR A 103 6.97 -23.64 27.52
C THR A 103 8.22 -23.96 28.31
N SER A 104 8.65 -23.06 29.19
CA SER A 104 9.86 -23.27 29.98
C SER A 104 9.59 -24.29 31.09
N PRO A 105 10.63 -24.94 31.65
CA PRO A 105 10.44 -25.87 32.75
C PRO A 105 10.09 -25.03 33.99
N PRO A 106 9.57 -25.63 35.07
CA PRO A 106 9.23 -24.92 36.29
C PRO A 106 10.52 -24.59 37.05
N TYR A 107 11.20 -23.49 36.67
CA TYR A 107 12.44 -23.05 37.31
C TYR A 107 12.15 -22.87 38.79
N GLY A 108 12.77 -23.67 39.66
CA GLY A 108 12.57 -23.64 41.09
C GLY A 108 12.02 -24.99 41.52
N LEU A 109 10.89 -25.00 42.22
CA LEU A 109 10.22 -26.20 42.70
C LEU A 109 8.71 -25.99 42.52
N GLU A 110 8.02 -26.97 41.94
CA GLU A 110 6.57 -26.88 41.73
C GLU A 110 5.87 -26.93 43.09
N THR A 111 4.67 -26.37 43.24
CA THR A 111 3.95 -26.36 44.52
C THR A 111 2.43 -26.34 44.33
N GLN A 112 1.68 -26.42 45.43
CA GLN A 112 0.21 -26.44 45.47
C GLN A 112 -0.37 -25.18 44.83
N LYS A 113 -0.12 -24.01 45.41
CA LYS A 113 -0.70 -22.78 44.85
C LYS A 113 0.01 -22.39 43.57
N LYS A 114 -0.65 -21.52 42.83
CA LYS A 114 -0.21 -20.97 41.55
C LYS A 114 -1.31 -20.09 40.98
N PHE A 115 -0.97 -19.34 39.94
CA PHE A 115 -1.86 -18.44 39.23
C PHE A 115 -1.34 -18.31 37.80
N VAL A 116 -2.20 -17.87 36.89
CA VAL A 116 -1.87 -17.66 35.50
C VAL A 116 -2.62 -16.41 35.08
N LEU A 117 -1.96 -15.53 34.33
CA LEU A 117 -2.52 -14.29 33.84
C LEU A 117 -2.27 -14.21 32.35
N LYS A 118 -3.29 -13.77 31.62
CA LYS A 118 -3.36 -13.59 30.17
C LYS A 118 -4.68 -12.92 29.86
N ASP A 119 -4.68 -11.94 28.95
CA ASP A 119 -5.89 -11.23 28.55
C ASP A 119 -6.82 -12.24 27.90
N LYS A 120 -8.12 -12.17 28.16
CA LYS A 120 -9.10 -13.08 27.56
C LYS A 120 -9.07 -13.05 26.02
N ASN A 121 -8.68 -11.94 25.38
CA ASN A 121 -8.62 -11.85 23.91
C ASN A 121 -7.19 -12.14 23.39
N GLY A 122 -6.23 -12.49 24.26
CA GLY A 122 -4.86 -12.78 23.88
C GLY A 122 -4.03 -11.51 23.72
N GLY A 123 -3.45 -11.01 24.80
CA GLY A 123 -2.62 -9.80 24.80
C GLY A 123 -1.14 -10.18 24.88
N LYS A 124 -0.26 -9.43 24.20
CA LYS A 124 1.17 -9.68 24.21
C LYS A 124 1.74 -9.03 25.47
N LEU A 125 2.76 -9.62 26.08
CA LEU A 125 3.38 -9.06 27.28
C LEU A 125 4.24 -7.89 26.84
N VAL A 126 3.83 -6.66 27.13
CA VAL A 126 4.62 -5.48 26.75
C VAL A 126 5.65 -5.16 27.85
N GLY A 127 5.42 -5.59 29.08
CA GLY A 127 6.32 -5.35 30.20
C GLY A 127 5.85 -6.14 31.42
N PHE A 128 6.58 -6.01 32.52
CA PHE A 128 6.29 -6.68 33.78
C PHE A 128 6.66 -5.78 34.96
N HIS A 129 6.35 -6.26 36.16
CA HIS A 129 6.59 -5.64 37.45
C HIS A 129 6.58 -6.77 38.49
N GLY A 130 7.01 -6.55 39.73
CA GLY A 130 6.99 -7.61 40.74
C GLY A 130 7.62 -7.24 42.06
N ARG A 131 6.83 -7.26 43.15
CA ARG A 131 7.31 -6.96 44.49
C ARG A 131 8.41 -7.95 44.87
N ALA A 132 9.59 -7.41 45.17
CA ALA A 132 10.78 -8.14 45.53
C ALA A 132 11.60 -7.32 46.53
N GLY A 133 12.53 -7.96 47.20
CA GLY A 133 13.44 -7.36 48.17
C GLY A 133 14.50 -8.41 48.41
N GLU A 134 14.53 -8.97 49.61
CA GLU A 134 15.51 -10.00 49.97
C GLU A 134 15.28 -11.28 49.15
N ALA A 135 14.06 -11.47 48.62
CA ALA A 135 13.63 -12.59 47.81
C ALA A 135 12.54 -12.10 46.83
N LEU A 136 12.13 -12.98 45.91
CA LEU A 136 11.09 -12.70 44.92
C LEU A 136 9.75 -13.11 45.54
N TYR A 137 9.01 -12.14 46.09
CA TYR A 137 7.73 -12.40 46.74
C TYR A 137 6.56 -12.52 45.76
N ALA A 138 6.47 -11.65 44.75
CA ALA A 138 5.37 -11.66 43.79
C ALA A 138 5.82 -11.25 42.38
N LEU A 139 4.99 -11.54 41.37
CA LEU A 139 5.27 -11.24 39.96
C LEU A 139 3.97 -11.00 39.18
N GLY A 140 4.05 -10.22 38.10
CA GLY A 140 2.92 -9.86 37.24
C GLY A 140 3.40 -9.50 35.84
N ALA A 141 2.47 -9.11 34.97
CA ALA A 141 2.73 -8.75 33.59
C ALA A 141 1.70 -7.74 33.10
N TYR A 142 2.07 -6.99 32.08
CA TYR A 142 1.27 -5.97 31.42
C TYR A 142 0.93 -6.52 30.04
N PHE A 143 -0.35 -6.79 29.78
CA PHE A 143 -0.82 -7.34 28.51
C PHE A 143 -1.56 -6.29 27.70
N ALA A 144 -1.22 -6.18 26.41
CA ALA A 144 -1.84 -5.22 25.49
C ALA A 144 -1.92 -5.78 24.07
N THR A 145 -2.77 -5.16 23.24
CA THR A 145 -2.98 -5.50 21.84
C THR A 145 -3.04 -4.22 21.01
N THR A 146 -2.95 -4.30 19.68
CA THR A 146 -3.02 -3.16 18.78
C THR A 146 -3.87 -3.51 17.55
N THR A 147 -4.14 -2.52 16.70
CA THR A 147 -4.94 -2.65 15.49
C THR A 147 -4.38 -1.68 14.43
N THR A 148 -4.89 -1.70 13.20
CA THR A 148 -4.45 -0.84 12.10
C THR A 148 -5.66 -0.35 11.27
N PRO A 149 -5.58 0.82 10.63
CA PRO A 149 -6.68 1.36 9.83
C PRO A 149 -6.79 0.69 8.46
N VAL A 150 -7.84 1.04 7.72
CA VAL A 150 -8.11 0.54 6.37
C VAL A 150 -6.90 0.94 5.51
N THR A 151 -6.35 0.00 4.75
CA THR A 151 -5.19 0.22 3.90
C THR A 151 -5.50 1.04 2.63
N PRO A 152 -4.47 1.67 2.02
CA PRO A 152 -4.58 2.50 0.81
C PRO A 152 -4.69 1.66 -0.48
N ALA A 153 -4.33 2.28 -1.62
CA ALA A 153 -4.35 1.75 -2.98
C ALA A 153 -3.33 0.63 -3.22
N LYS A 154 -3.46 -0.07 -4.36
CA LYS A 154 -2.56 -1.16 -4.72
C LYS A 154 -1.27 -0.54 -5.18
N LYS A 155 -0.16 -0.99 -4.59
CA LYS A 155 1.17 -0.50 -4.89
C LYS A 155 1.81 -1.42 -5.92
N LEU A 156 2.46 -0.86 -6.93
CA LEU A 156 3.16 -1.62 -7.96
C LEU A 156 4.61 -1.80 -7.46
N SER A 157 5.45 -2.50 -8.21
CA SER A 157 6.85 -2.69 -7.83
C SER A 157 7.69 -1.69 -8.62
N ALA A 158 8.11 -0.60 -8.00
CA ALA A 158 8.94 0.39 -8.69
C ALA A 158 10.35 -0.16 -8.93
N ILE A 159 11.18 0.58 -9.66
CA ILE A 159 12.55 0.27 -10.01
C ILE A 159 13.32 1.60 -10.02
N GLY A 160 14.63 1.57 -10.15
CA GLY A 160 15.44 2.78 -10.18
C GLY A 160 16.83 2.45 -9.68
N GLY A 161 17.15 3.00 -8.51
CA GLY A 161 18.44 2.81 -7.85
C GLY A 161 18.39 2.79 -6.32
N ASP A 162 17.21 2.96 -5.73
CA ASP A 162 16.91 2.96 -4.28
C ASP A 162 17.82 3.77 -3.34
N GLU A 163 18.63 4.70 -3.87
CA GLU A 163 19.57 5.53 -3.10
C GLU A 163 18.97 6.68 -2.28
N GLY A 164 17.86 7.26 -2.71
CA GLY A 164 17.19 8.39 -2.05
C GLY A 164 16.10 8.05 -1.05
N THR A 165 15.34 9.08 -0.64
CA THR A 165 14.24 8.99 0.30
C THR A 165 12.98 8.52 -0.43
N ALA A 166 12.49 7.31 -0.13
CA ALA A 166 11.29 6.77 -0.74
C ALA A 166 10.07 7.36 -0.03
N TRP A 167 9.08 7.82 -0.79
CA TRP A 167 7.85 8.41 -0.31
C TRP A 167 6.66 7.87 -1.10
N ASP A 168 5.86 7.00 -0.48
CA ASP A 168 4.65 6.42 -1.03
C ASP A 168 3.50 7.26 -0.48
N ASP A 169 2.92 8.14 -1.29
CA ASP A 169 1.85 9.05 -0.85
C ASP A 169 0.48 8.39 -0.57
N GLY A 170 0.33 7.08 -0.77
CA GLY A 170 -0.90 6.32 -0.52
C GLY A 170 -1.94 6.51 -1.62
N ALA A 171 -2.74 7.57 -1.56
CA ALA A 171 -3.80 7.95 -2.51
C ALA A 171 -4.30 9.37 -2.22
N TYR A 172 -5.13 9.93 -3.12
CA TYR A 172 -5.70 11.27 -2.98
C TYR A 172 -7.16 11.25 -3.42
N ASP A 173 -7.99 12.04 -2.74
CA ASP A 173 -9.43 12.14 -3.01
C ASP A 173 -9.75 13.08 -4.18
N GLY A 174 -8.76 13.84 -4.66
CA GLY A 174 -8.88 14.78 -5.76
C GLY A 174 -7.50 15.25 -6.19
N VAL A 175 -7.37 15.63 -7.46
CA VAL A 175 -6.15 16.12 -8.09
C VAL A 175 -6.37 17.58 -8.50
N LYS A 176 -5.29 18.37 -8.65
CA LYS A 176 -5.36 19.77 -9.07
C LYS A 176 -4.48 19.97 -10.30
N LYS A 177 -3.17 19.68 -10.25
CA LYS A 177 -2.33 19.89 -11.43
C LYS A 177 -1.05 19.06 -11.39
N VAL A 178 -0.42 18.90 -12.54
CA VAL A 178 0.82 18.15 -12.76
C VAL A 178 1.87 19.17 -13.22
N TYR A 179 3.13 18.98 -12.82
CA TYR A 179 4.26 19.85 -13.17
C TYR A 179 5.47 18.95 -13.46
N VAL A 180 6.31 19.32 -14.42
CA VAL A 180 7.51 18.57 -14.80
C VAL A 180 8.65 19.59 -14.87
N GLY A 181 9.76 19.34 -14.17
CA GLY A 181 10.92 20.24 -14.14
C GLY A 181 12.15 19.50 -14.63
N GLN A 182 12.33 19.42 -15.95
CA GLN A 182 13.48 18.77 -16.55
C GLN A 182 14.67 19.71 -16.67
N GLY A 183 15.80 19.14 -17.08
CA GLY A 183 17.08 19.76 -17.30
C GLY A 183 17.69 19.08 -18.53
N GLN A 184 18.97 19.32 -18.78
CA GLN A 184 19.66 18.75 -19.93
C GLN A 184 19.80 17.23 -19.85
N ASP A 185 20.02 16.68 -18.65
CA ASP A 185 20.19 15.25 -18.43
C ASP A 185 18.86 14.48 -18.52
N GLY A 186 17.76 15.12 -18.11
CA GLY A 186 16.43 14.53 -18.09
C GLY A 186 15.58 15.19 -17.04
N ILE A 187 14.57 14.50 -16.50
CA ILE A 187 13.70 15.07 -15.48
C ILE A 187 14.58 15.32 -14.23
N SER A 188 14.62 16.54 -13.68
CA SER A 188 15.42 16.85 -12.49
C SER A 188 14.57 17.10 -11.25
N ALA A 189 13.31 17.52 -11.42
CA ALA A 189 12.39 17.81 -10.33
C ALA A 189 10.98 17.33 -10.67
N VAL A 190 10.30 16.79 -9.66
CA VAL A 190 8.93 16.30 -9.72
C VAL A 190 8.17 17.03 -8.62
N LYS A 191 7.03 17.61 -8.95
CA LYS A 191 6.17 18.38 -8.04
C LYS A 191 4.74 18.24 -8.59
N PHE A 192 3.74 18.18 -7.73
CA PHE A 192 2.33 18.03 -8.11
C PHE A 192 1.45 18.84 -7.15
N GLU A 193 0.18 19.00 -7.48
CA GLU A 193 -0.82 19.70 -6.68
C GLU A 193 -2.05 18.81 -6.65
N TYR A 194 -2.56 18.57 -5.44
CA TYR A 194 -3.72 17.72 -5.16
C TYR A 194 -4.69 18.44 -4.24
N ASN A 195 -5.90 17.89 -4.07
CA ASN A 195 -6.94 18.45 -3.20
C ASN A 195 -7.36 17.38 -2.20
N LYS A 196 -6.83 17.45 -0.98
CA LYS A 196 -7.09 16.55 0.14
C LYS A 196 -7.72 17.41 1.23
N GLY A 197 -8.75 16.89 1.90
CA GLY A 197 -9.45 17.61 2.97
C GLY A 197 -9.96 18.97 2.49
N ALA A 198 -10.27 19.11 1.19
CA ALA A 198 -10.76 20.29 0.50
C ALA A 198 -9.74 21.44 0.40
N GLU A 199 -8.59 21.37 1.07
CA GLU A 199 -7.60 22.45 1.05
C GLU A 199 -6.60 22.36 -0.09
N ASN A 200 -6.01 23.53 -0.38
CA ASN A 200 -5.00 23.75 -1.39
C ASN A 200 -3.65 23.45 -0.76
N ILE A 201 -3.10 22.26 -1.02
CA ILE A 201 -1.82 21.83 -0.49
C ILE A 201 -0.85 21.81 -1.66
N VAL A 202 0.41 22.17 -1.38
CA VAL A 202 1.48 22.24 -2.34
C VAL A 202 2.62 21.35 -1.84
N GLY A 203 3.12 20.49 -2.72
CA GLY A 203 4.23 19.61 -2.43
C GLY A 203 5.52 20.41 -2.58
N GLY A 204 5.53 21.36 -3.51
CA GLY A 204 6.64 22.23 -3.82
C GLY A 204 7.73 21.49 -4.60
N GLU A 205 8.75 22.23 -5.03
CA GLU A 205 9.90 21.73 -5.76
C GLU A 205 10.63 20.75 -4.87
N HIS A 206 10.42 19.46 -5.10
CA HIS A 206 11.08 18.45 -4.30
C HIS A 206 12.55 18.39 -4.74
N GLY A 207 12.75 18.27 -6.05
CA GLY A 207 14.07 18.19 -6.67
C GLY A 207 14.59 19.54 -7.10
N LYS A 208 15.88 19.54 -7.38
CA LYS A 208 16.66 20.69 -7.81
C LYS A 208 16.16 21.22 -9.16
N PRO A 209 15.49 22.38 -9.21
CA PRO A 209 15.03 22.93 -10.48
C PRO A 209 16.27 23.45 -11.23
N THR A 210 16.08 23.98 -12.44
CA THR A 210 17.17 24.52 -13.22
C THR A 210 16.64 25.68 -14.06
N LEU A 211 17.52 26.37 -14.79
CA LEU A 211 17.15 27.53 -15.63
C LEU A 211 16.11 27.21 -16.72
N LEU A 212 15.86 25.94 -17.01
CA LEU A 212 14.88 25.50 -18.00
C LEU A 212 13.46 25.88 -17.56
N GLY A 213 13.22 25.95 -16.24
CA GLY A 213 11.92 26.28 -15.68
C GLY A 213 11.18 25.00 -15.34
N PHE A 214 9.88 24.97 -15.64
CA PHE A 214 8.96 23.86 -15.42
C PHE A 214 7.86 23.97 -16.47
N GLU A 215 7.22 22.85 -16.77
CA GLU A 215 6.09 22.71 -17.68
C GLU A 215 4.93 22.28 -16.78
N GLU A 216 3.68 22.57 -17.16
CA GLU A 216 2.51 22.22 -16.37
C GLU A 216 1.40 21.64 -17.24
N PHE A 217 0.59 20.73 -16.68
CA PHE A 217 -0.54 20.14 -17.38
C PHE A 217 -1.68 19.94 -16.40
N GLU A 218 -2.79 20.67 -16.57
CA GLU A 218 -3.96 20.55 -15.70
C GLU A 218 -4.76 19.37 -16.24
N ILE A 219 -4.77 18.29 -15.47
CA ILE A 219 -5.47 17.06 -15.81
C ILE A 219 -6.62 16.96 -14.83
N ASP A 220 -7.81 17.30 -15.34
CA ASP A 220 -9.07 17.28 -14.61
C ASP A 220 -9.50 15.81 -14.53
N TYR A 221 -9.26 15.17 -13.39
CA TYR A 221 -9.59 13.75 -13.17
C TYR A 221 -11.00 13.28 -13.62
N PRO A 222 -12.13 14.01 -13.43
CA PRO A 222 -13.41 13.50 -13.90
C PRO A 222 -13.52 13.47 -15.44
N SER A 223 -12.81 14.33 -16.19
CA SER A 223 -12.89 14.34 -17.66
C SER A 223 -11.66 13.78 -18.37
N GLU A 224 -10.52 13.63 -17.68
CA GLU A 224 -9.28 13.12 -18.23
C GLU A 224 -8.87 11.86 -17.48
N TYR A 225 -8.82 10.75 -18.22
CA TYR A 225 -8.47 9.42 -17.74
C TYR A 225 -7.08 9.01 -18.23
N ILE A 226 -6.07 9.28 -17.41
CA ILE A 226 -4.70 8.88 -17.71
C ILE A 226 -4.78 7.36 -17.57
N THR A 227 -4.75 6.65 -18.68
CA THR A 227 -4.83 5.20 -18.71
C THR A 227 -3.48 4.58 -18.33
N ALA A 228 -2.38 5.18 -18.79
CA ALA A 228 -1.03 4.71 -18.54
C ALA A 228 -0.04 5.87 -18.57
N VAL A 229 1.15 5.63 -18.05
CA VAL A 229 2.25 6.59 -18.02
C VAL A 229 3.35 5.95 -18.87
N GLU A 230 4.08 6.77 -19.60
CA GLU A 230 5.16 6.40 -20.51
C GLU A 230 6.39 7.24 -20.19
N GLY A 231 7.53 6.83 -20.72
CA GLY A 231 8.78 7.53 -20.54
C GLY A 231 9.90 6.69 -21.12
N THR A 232 11.08 7.29 -21.28
CA THR A 232 12.25 6.60 -21.81
C THR A 232 13.38 6.85 -20.84
N TYR A 233 14.09 5.78 -20.47
CA TYR A 233 15.21 5.86 -19.54
C TYR A 233 16.37 5.00 -20.01
N ASP A 234 17.60 5.43 -19.70
CA ASP A 234 18.82 4.74 -20.07
C ASP A 234 19.97 5.11 -19.13
N LYS A 235 21.10 4.40 -19.24
CA LYS A 235 22.30 4.60 -18.44
C LYS A 235 23.04 5.87 -18.86
N ILE A 236 23.69 6.51 -17.89
CA ILE A 236 24.46 7.73 -18.10
C ILE A 236 25.92 7.33 -18.29
N PHE A 237 26.58 7.94 -19.29
CA PHE A 237 27.97 7.70 -19.58
C PHE A 237 28.81 8.43 -18.52
N GLY A 238 29.03 7.79 -17.38
CA GLY A 238 29.79 8.33 -16.25
C GLY A 238 29.17 7.98 -14.90
N SER A 239 27.98 7.36 -14.85
CA SER A 239 27.31 6.98 -13.62
C SER A 239 27.03 5.48 -13.64
N ASP A 240 26.60 4.93 -12.52
CA ASP A 240 26.30 3.51 -12.34
C ASP A 240 24.82 3.34 -12.02
N GLY A 241 23.97 3.93 -12.87
CA GLY A 241 22.52 3.90 -12.74
C GLY A 241 21.86 4.40 -14.03
N LEU A 242 20.54 4.52 -14.01
CA LEU A 242 19.73 4.99 -15.14
C LEU A 242 19.06 6.30 -14.78
N ILE A 243 18.68 7.09 -15.80
CA ILE A 243 18.02 8.37 -15.66
C ILE A 243 16.80 8.41 -16.57
N ILE A 244 15.67 8.91 -16.07
CA ILE A 244 14.44 9.03 -16.86
C ILE A 244 14.64 10.35 -17.61
N THR A 245 14.96 10.28 -18.89
CA THR A 245 15.21 11.45 -19.72
C THR A 245 13.92 12.03 -20.33
N MET A 246 12.82 11.26 -20.40
CA MET A 246 11.55 11.73 -20.94
C MET A 246 10.39 11.06 -20.21
N LEU A 247 9.25 11.76 -20.11
CA LEU A 247 8.02 11.34 -19.45
C LEU A 247 6.83 11.72 -20.35
N ARG A 248 5.79 10.91 -20.41
CA ARG A 248 4.57 11.11 -21.18
C ARG A 248 3.42 10.49 -20.40
N PHE A 249 2.20 10.88 -20.73
CA PHE A 249 0.99 10.38 -20.08
C PHE A 249 0.04 9.98 -21.18
N LYS A 250 -0.37 8.71 -21.28
CA LYS A 250 -1.33 8.34 -22.32
C LYS A 250 -2.57 9.04 -21.79
N THR A 251 -2.98 10.04 -22.55
CA THR A 251 -4.09 10.92 -22.29
C THR A 251 -5.23 10.52 -23.22
N ASN A 252 -6.46 10.80 -22.78
CA ASN A 252 -7.68 10.52 -23.51
C ASN A 252 -8.27 11.86 -23.91
N LYS A 253 -9.07 11.89 -24.98
CA LYS A 253 -9.75 13.09 -25.51
C LYS A 253 -8.83 14.28 -25.90
N GLN A 254 -7.54 14.22 -25.58
CA GLN A 254 -6.45 15.16 -25.82
C GLN A 254 -5.14 14.35 -25.77
N THR A 255 -4.01 14.98 -26.07
CA THR A 255 -2.69 14.34 -26.06
C THR A 255 -1.70 15.32 -25.42
N SER A 256 -0.97 14.92 -24.36
CA SER A 256 -0.01 15.82 -23.73
C SER A 256 1.27 15.96 -24.57
N ALA A 257 2.14 16.83 -24.09
CA ALA A 257 3.43 17.17 -24.66
C ALA A 257 4.51 16.13 -24.35
N PRO A 258 5.60 16.07 -25.14
CA PRO A 258 6.69 15.14 -24.90
C PRO A 258 7.62 15.80 -23.86
N PHE A 259 7.36 15.54 -22.58
CA PHE A 259 8.16 16.13 -21.52
C PHE A 259 9.54 15.45 -21.45
N GLY A 260 10.54 16.00 -22.16
CA GLY A 260 11.91 15.48 -22.19
C GLY A 260 12.34 14.97 -23.57
N LEU A 261 13.59 14.48 -23.65
CA LEU A 261 14.20 13.97 -24.88
C LEU A 261 13.92 12.48 -25.02
N GLU A 262 13.10 12.09 -25.98
CA GLU A 262 12.77 10.69 -26.22
C GLU A 262 14.05 9.96 -26.66
N ALA A 263 14.58 9.12 -25.76
CA ALA A 263 15.78 8.32 -25.92
C ALA A 263 15.82 7.33 -24.75
N GLY A 264 16.24 6.09 -25.00
CA GLY A 264 16.32 5.03 -24.00
C GLY A 264 15.17 4.06 -24.18
N THR A 265 15.06 3.06 -23.29
CA THR A 265 14.01 2.07 -23.37
C THR A 265 12.67 2.69 -22.97
N ALA A 266 11.68 2.63 -23.87
CA ALA A 266 10.35 3.14 -23.63
C ALA A 266 9.66 2.17 -22.68
N PHE A 267 9.20 2.62 -21.52
CA PHE A 267 8.52 1.77 -20.54
C PHE A 267 7.15 2.32 -20.17
N GLU A 268 6.12 1.52 -20.42
CA GLU A 268 4.73 1.88 -20.12
C GLU A 268 4.30 1.19 -18.82
N LEU A 269 3.48 1.86 -18.02
CA LEU A 269 2.93 1.36 -16.76
C LEU A 269 1.42 1.41 -16.90
N LYS A 270 0.82 0.25 -17.14
CA LYS A 270 -0.61 0.02 -17.32
C LYS A 270 -1.04 -1.18 -16.48
N GLU A 271 -2.34 -1.45 -16.38
CA GLU A 271 -2.88 -2.54 -15.58
C GLU A 271 -4.10 -3.16 -16.28
N GLU A 272 -4.54 -4.33 -15.79
CA GLU A 272 -5.69 -5.09 -16.30
C GLU A 272 -7.05 -4.43 -16.02
N GLY A 273 -7.08 -3.20 -15.50
CA GLY A 273 -8.31 -2.48 -15.21
C GLY A 273 -8.19 -1.67 -13.94
N HIS A 274 -7.32 -0.66 -13.90
CA HIS A 274 -7.09 0.24 -12.76
C HIS A 274 -6.71 1.62 -13.32
N LYS A 275 -6.97 2.70 -12.58
CA LYS A 275 -6.66 4.08 -12.95
C LYS A 275 -5.53 4.56 -12.05
N ILE A 276 -4.74 5.54 -12.49
CA ILE A 276 -3.66 6.04 -11.67
C ILE A 276 -4.26 7.03 -10.65
N VAL A 277 -3.60 7.18 -9.51
CA VAL A 277 -4.04 8.08 -8.46
C VAL A 277 -2.81 8.89 -8.04
N GLY A 278 -1.95 8.33 -7.19
CA GLY A 278 -0.74 9.02 -6.72
C GLY A 278 0.52 8.34 -7.24
N PHE A 279 1.61 8.47 -6.48
CA PHE A 279 2.92 7.93 -6.83
C PHE A 279 3.58 7.32 -5.59
N HIS A 280 4.38 6.26 -5.81
CA HIS A 280 5.13 5.53 -4.80
C HIS A 280 6.53 5.37 -5.38
N GLY A 281 7.42 6.30 -5.07
CA GLY A 281 8.77 6.22 -5.57
C GLY A 281 9.65 6.98 -4.64
N LYS A 282 10.60 7.72 -5.21
CA LYS A 282 11.55 8.48 -4.43
C LYS A 282 12.04 9.60 -5.30
N ALA A 283 12.65 10.63 -4.71
CA ALA A 283 13.16 11.71 -5.51
C ALA A 283 14.57 12.10 -5.06
N SER A 284 15.32 12.69 -5.99
CA SER A 284 16.69 13.13 -5.83
C SER A 284 16.93 14.23 -6.89
N GLU A 285 18.20 14.58 -7.08
CA GLU A 285 18.70 15.58 -8.01
C GLU A 285 18.41 15.22 -9.48
N LEU A 286 18.13 13.93 -9.73
CA LEU A 286 17.83 13.29 -11.00
C LEU A 286 16.69 12.31 -10.69
N LEU A 287 15.81 12.03 -11.65
CA LEU A 287 14.67 11.12 -11.46
C LEU A 287 15.08 9.66 -11.69
N HIS A 288 15.58 9.04 -10.64
CA HIS A 288 16.03 7.65 -10.63
C HIS A 288 14.85 6.70 -10.53
N GLN A 289 13.81 6.99 -9.72
CA GLN A 289 12.67 6.11 -9.57
C GLN A 289 11.38 6.87 -9.79
N PHE A 290 10.49 6.36 -10.62
CA PHE A 290 9.18 6.96 -10.89
C PHE A 290 8.23 5.82 -11.21
N GLY A 291 6.95 5.97 -10.87
CA GLY A 291 5.94 4.96 -11.10
C GLY A 291 4.59 5.58 -10.77
N VAL A 292 3.56 4.74 -10.61
CA VAL A 292 2.21 5.18 -10.32
C VAL A 292 1.43 4.18 -9.46
N HIS A 293 0.69 4.67 -8.46
CA HIS A 293 -0.15 3.81 -7.61
C HIS A 293 -1.40 3.56 -8.47
N VAL A 294 -2.12 2.46 -8.25
CA VAL A 294 -3.31 2.13 -9.03
C VAL A 294 -4.48 1.73 -8.15
N MET A 295 -5.70 2.04 -8.59
CA MET A 295 -6.97 1.72 -7.91
C MET A 295 -8.00 1.29 -8.96
N PRO A 296 -8.95 0.41 -8.62
CA PRO A 296 -9.97 -0.05 -9.55
C PRO A 296 -10.96 1.09 -9.80
N LEU A 297 -11.05 1.56 -11.05
CA LEU A 297 -11.96 2.63 -11.44
C LEU A 297 -13.41 2.14 -11.50
N THR A 298 -14.33 3.06 -11.73
CA THR A 298 -15.78 2.84 -11.83
C THR A 298 -16.34 3.39 -13.15
N ASN A 299 -15.50 3.99 -14.00
CA ASN A 299 -15.84 4.57 -15.29
C ASN A 299 -14.98 3.86 -16.31
N ALA A 1 -27.27 -7.46 2.13
CA ALA A 1 -26.87 -8.88 2.24
C ALA A 1 -27.98 -9.66 2.93
N GLN A 2 -27.81 -10.05 4.20
CA GLN A 2 -28.84 -10.78 4.94
C GLN A 2 -29.98 -9.81 5.24
N LYS A 3 -31.20 -10.24 4.92
CA LYS A 3 -32.43 -9.51 5.13
C LYS A 3 -33.48 -10.60 5.36
N VAL A 4 -34.40 -10.44 6.31
CA VAL A 4 -35.44 -11.41 6.61
C VAL A 4 -36.71 -10.59 6.73
N GLU A 5 -37.72 -10.95 5.95
CA GLU A 5 -38.99 -10.24 5.95
C GLU A 5 -39.87 -10.72 7.09
N ALA A 6 -40.90 -9.94 7.37
CA ALA A 6 -41.89 -10.19 8.40
C ALA A 6 -42.75 -11.39 8.02
N GLY A 7 -42.53 -12.53 8.67
CA GLY A 7 -43.22 -13.80 8.45
C GLY A 7 -44.62 -13.86 9.06
N GLY A 8 -45.44 -12.85 8.83
CA GLY A 8 -46.82 -12.75 9.30
C GLY A 8 -47.77 -12.43 8.15
N GLY A 9 -48.94 -11.85 8.44
CA GLY A 9 -49.94 -11.53 7.43
C GLY A 9 -49.67 -10.23 6.69
N ALA A 10 -50.29 -10.09 5.51
CA ALA A 10 -50.18 -8.93 4.62
C ALA A 10 -51.22 -7.84 4.95
N GLY A 11 -52.00 -8.00 6.02
CA GLY A 11 -53.04 -7.06 6.44
C GLY A 11 -52.60 -5.65 6.85
N GLY A 12 -51.32 -5.42 7.14
CA GLY A 12 -50.81 -4.11 7.55
C GLY A 12 -50.03 -3.43 6.43
N ALA A 13 -49.78 -2.13 6.58
CA ALA A 13 -49.05 -1.32 5.60
C ALA A 13 -47.56 -1.55 5.71
N SER A 14 -46.82 -1.29 4.64
CA SER A 14 -45.38 -1.47 4.58
C SER A 14 -44.65 -0.50 5.52
N TRP A 15 -43.78 -1.00 6.39
CA TRP A 15 -42.98 -0.17 7.30
C TRP A 15 -41.54 -0.69 7.25
N ASP A 16 -40.59 0.14 7.69
CA ASP A 16 -39.12 -0.05 7.75
C ASP A 16 -38.48 1.33 7.86
N ASP A 17 -37.33 1.43 8.53
CA ASP A 17 -36.58 2.69 8.67
C ASP A 17 -35.09 2.41 8.58
N GLY A 18 -34.42 3.00 7.60
CA GLY A 18 -33.01 2.88 7.27
C GLY A 18 -32.01 2.82 8.43
N VAL A 19 -32.09 3.73 9.41
CA VAL A 19 -31.16 3.74 10.54
C VAL A 19 -31.90 3.77 11.87
N HIS A 20 -31.30 3.11 12.85
CA HIS A 20 -31.80 2.97 14.19
C HIS A 20 -31.56 4.23 15.03
N ASP A 21 -32.56 4.64 15.83
CA ASP A 21 -32.42 5.81 16.71
C ASP A 21 -31.90 5.33 18.08
N GLY A 22 -31.96 4.02 18.34
CA GLY A 22 -31.51 3.36 19.56
C GLY A 22 -32.69 2.77 20.31
N VAL A 23 -32.44 1.78 21.17
CA VAL A 23 -33.48 1.12 21.94
C VAL A 23 -32.91 0.75 23.31
N ARG A 24 -33.74 0.93 24.33
CA ARG A 24 -33.44 0.64 25.73
C ARG A 24 -34.36 -0.47 26.20
N LYS A 25 -35.66 -0.22 26.17
CA LYS A 25 -36.69 -1.16 26.60
C LYS A 25 -37.70 -1.37 25.50
N VAL A 26 -38.47 -2.44 25.63
CA VAL A 26 -39.52 -2.83 24.72
C VAL A 26 -40.69 -3.25 25.61
N HIS A 27 -41.88 -2.75 25.32
CA HIS A 27 -43.11 -3.04 26.03
C HIS A 27 -44.08 -3.54 24.96
N VAL A 28 -44.62 -4.75 25.14
CA VAL A 28 -45.54 -5.38 24.22
C VAL A 28 -46.77 -5.74 25.04
N GLY A 29 -47.93 -5.15 24.70
CA GLY A 29 -49.15 -5.39 25.43
C GLY A 29 -50.00 -6.46 24.79
N GLN A 30 -50.24 -7.52 25.55
CA GLN A 30 -51.04 -8.68 25.18
C GLN A 30 -52.52 -8.27 25.12
N GLY A 31 -53.35 -9.18 24.65
CA GLY A 31 -54.78 -9.12 24.49
C GLY A 31 -55.24 -10.57 24.47
N GLN A 32 -56.55 -10.80 24.41
CA GLN A 32 -57.07 -12.16 24.37
C GLN A 32 -56.71 -12.79 23.02
N ASP A 33 -56.62 -11.92 22.01
CA ASP A 33 -56.33 -12.07 20.60
C ASP A 33 -54.83 -12.27 20.31
N GLY A 34 -53.94 -11.75 21.17
CA GLY A 34 -52.50 -11.83 21.01
C GLY A 34 -51.87 -10.46 21.29
N VAL A 35 -50.60 -10.24 20.90
CA VAL A 35 -49.92 -8.96 21.11
C VAL A 35 -50.68 -7.88 20.32
N SER A 36 -51.40 -7.04 21.06
CA SER A 36 -52.24 -5.98 20.54
C SER A 36 -51.57 -4.59 20.54
N SER A 37 -50.73 -4.28 21.53
CA SER A 37 -50.05 -2.99 21.66
C SER A 37 -48.53 -3.18 21.62
N ILE A 38 -47.81 -2.15 21.17
CA ILE A 38 -46.37 -2.09 21.06
C ILE A 38 -45.88 -0.69 21.46
N ASN A 39 -44.74 -0.64 22.15
CA ASN A 39 -44.07 0.55 22.64
C ASN A 39 -42.60 0.23 22.88
N VAL A 40 -41.73 1.24 22.76
CA VAL A 40 -40.29 1.13 22.96
C VAL A 40 -39.78 2.40 23.63
N VAL A 41 -38.62 2.31 24.27
CA VAL A 41 -37.98 3.44 24.97
C VAL A 41 -36.67 3.69 24.24
N TYR A 42 -36.47 4.93 23.79
CA TYR A 42 -35.28 5.37 23.06
C TYR A 42 -34.24 5.91 24.05
N ALA A 43 -33.00 6.12 23.59
CA ALA A 43 -31.89 6.65 24.39
C ALA A 43 -31.46 7.99 23.77
N LYS A 44 -31.70 9.08 24.49
CA LYS A 44 -31.37 10.46 24.11
C LYS A 44 -30.32 10.97 25.07
N ASP A 45 -29.09 11.15 24.60
CA ASP A 45 -27.93 11.63 25.38
C ASP A 45 -27.50 10.71 26.52
N SER A 46 -28.19 9.57 26.69
CA SER A 46 -28.09 8.47 27.66
C SER A 46 -29.39 8.34 28.47
N GLN A 47 -30.29 9.32 28.38
CA GLN A 47 -31.53 9.35 29.11
C GLN A 47 -32.59 8.55 28.34
N ASP A 48 -33.47 7.86 29.05
CA ASP A 48 -34.53 7.04 28.49
C ASP A 48 -35.67 7.99 28.09
N VAL A 49 -36.27 7.81 26.91
CA VAL A 49 -37.36 8.66 26.42
C VAL A 49 -38.54 7.80 25.99
N GLU A 50 -39.70 8.06 26.61
CA GLU A 50 -40.98 7.41 26.40
C GLU A 50 -41.97 8.53 25.99
N GLY A 51 -43.10 8.16 25.39
CA GLY A 51 -44.17 9.01 24.94
C GLY A 51 -44.92 8.42 23.75
N GLY A 52 -44.96 7.09 23.53
CA GLY A 52 -45.67 6.57 22.36
C GLY A 52 -45.97 5.09 22.35
N GLU A 53 -47.14 4.73 22.85
CA GLU A 53 -47.65 3.37 22.91
C GLU A 53 -48.82 3.33 21.92
N HIS A 54 -48.64 2.54 20.86
CA HIS A 54 -49.57 2.37 19.77
C HIS A 54 -50.07 0.94 19.65
N GLY A 55 -51.00 0.71 18.72
CA GLY A 55 -51.62 -0.58 18.48
C GLY A 55 -52.98 -0.58 19.18
N LYS A 56 -53.63 -1.75 19.25
CA LYS A 56 -54.92 -1.87 19.91
C LYS A 56 -54.59 -1.91 21.41
N LYS A 57 -54.73 -0.77 22.06
CA LYS A 57 -54.45 -0.59 23.48
C LYS A 57 -55.29 -1.54 24.32
N THR A 58 -54.67 -2.21 25.30
CA THR A 58 -55.31 -3.17 26.18
C THR A 58 -54.98 -2.82 27.64
N LEU A 59 -56.01 -2.63 28.47
CA LEU A 59 -55.84 -2.27 29.89
C LEU A 59 -55.16 -3.38 30.71
N LEU A 60 -55.21 -4.63 30.23
CA LEU A 60 -54.61 -5.80 30.86
C LEU A 60 -53.55 -6.39 29.93
N GLY A 61 -52.78 -5.55 29.23
CA GLY A 61 -51.76 -5.99 28.30
C GLY A 61 -50.52 -5.13 28.38
N PHE A 62 -49.49 -5.61 29.07
CA PHE A 62 -48.20 -4.96 29.24
C PHE A 62 -47.17 -5.97 29.74
N GLU A 63 -45.91 -5.73 29.38
CA GLU A 63 -44.69 -6.46 29.71
C GLU A 63 -43.56 -5.44 29.70
N THR A 64 -42.43 -5.74 30.34
CA THR A 64 -41.29 -4.84 30.41
C THR A 64 -39.97 -5.56 30.14
N PHE A 65 -39.47 -5.46 28.91
CA PHE A 65 -38.21 -6.08 28.54
C PHE A 65 -37.10 -5.05 28.67
N GLU A 66 -36.24 -5.20 29.68
CA GLU A 66 -35.10 -4.32 29.97
C GLU A 66 -33.85 -4.94 29.34
N VAL A 67 -33.45 -4.40 28.20
CA VAL A 67 -32.26 -4.86 27.49
C VAL A 67 -31.05 -4.29 28.26
N ASP A 68 -29.98 -5.06 28.41
CA ASP A 68 -28.80 -4.60 29.15
C ASP A 68 -27.75 -4.00 28.23
N ALA A 69 -26.98 -3.05 28.77
CA ALA A 69 -25.88 -2.37 28.09
C ALA A 69 -24.71 -3.32 27.78
N ASP A 70 -24.78 -4.56 28.25
CA ASP A 70 -23.79 -5.64 28.08
C ASP A 70 -24.34 -6.77 27.18
N ASP A 71 -25.62 -6.69 26.79
CA ASP A 71 -26.30 -7.70 25.98
C ASP A 71 -26.74 -7.19 24.61
N TYR A 72 -26.78 -8.11 23.65
CA TYR A 72 -27.17 -7.94 22.26
C TYR A 72 -28.09 -9.08 21.87
N ILE A 73 -29.20 -8.77 21.21
CA ILE A 73 -30.15 -9.78 20.78
C ILE A 73 -29.46 -10.52 19.61
N VAL A 74 -29.11 -11.79 19.78
CA VAL A 74 -28.43 -12.59 18.74
C VAL A 74 -29.41 -13.40 17.88
N ALA A 75 -30.62 -13.65 18.39
CA ALA A 75 -31.66 -14.37 17.67
C ALA A 75 -33.01 -13.83 18.12
N VAL A 76 -34.03 -14.00 17.28
CA VAL A 76 -35.38 -13.57 17.52
C VAL A 76 -36.26 -14.75 17.10
N GLN A 77 -37.30 -15.01 17.86
CA GLN A 77 -38.27 -16.08 17.63
C GLN A 77 -39.64 -15.46 17.90
N VAL A 78 -40.56 -15.60 16.95
CA VAL A 78 -41.90 -15.02 17.06
C VAL A 78 -42.90 -16.12 16.72
N THR A 79 -44.06 -16.06 17.37
CA THR A 79 -45.20 -16.95 17.30
C THR A 79 -46.34 -16.21 16.59
N TYR A 80 -47.07 -16.92 15.71
CA TYR A 80 -48.17 -16.34 14.94
C TYR A 80 -49.15 -17.44 14.53
N ASP A 81 -50.35 -17.07 14.07
CA ASP A 81 -51.36 -18.02 13.60
C ASP A 81 -52.41 -17.31 12.73
N ASN A 82 -53.25 -18.08 12.05
CA ASN A 82 -54.34 -17.65 11.17
C ASN A 82 -55.68 -18.05 11.79
N VAL A 83 -56.78 -17.39 11.40
CA VAL A 83 -58.12 -17.68 11.88
C VAL A 83 -59.06 -17.77 10.68
N PHE A 84 -60.18 -18.50 10.82
CA PHE A 84 -61.14 -18.62 9.74
C PHE A 84 -61.72 -17.22 9.47
N GLY A 85 -61.99 -16.92 8.19
CA GLY A 85 -62.53 -15.63 7.80
C GLY A 85 -61.41 -14.60 7.56
N GLN A 86 -60.15 -15.04 7.50
CA GLN A 86 -58.99 -14.21 7.25
C GLN A 86 -58.01 -14.96 6.38
N ASP A 87 -57.38 -14.21 5.49
CA ASP A 87 -56.37 -14.63 4.52
C ASP A 87 -55.01 -14.07 4.99
N SER A 88 -54.95 -13.65 6.25
CA SER A 88 -53.82 -13.06 6.93
C SER A 88 -53.36 -13.98 8.07
N ASP A 89 -52.32 -13.57 8.78
CA ASP A 89 -51.72 -14.23 9.93
C ASP A 89 -51.51 -13.08 10.91
N ILE A 90 -51.57 -13.34 12.21
CA ILE A 90 -51.38 -12.36 13.27
C ILE A 90 -50.36 -12.90 14.26
N ILE A 91 -49.52 -12.01 14.80
CA ILE A 91 -48.49 -12.36 15.76
C ILE A 91 -49.20 -12.58 17.11
N THR A 92 -48.92 -13.70 17.77
CA THR A 92 -49.54 -14.05 19.04
C THR A 92 -48.63 -13.75 20.24
N SER A 93 -47.31 -14.00 20.15
CA SER A 93 -46.34 -13.74 21.20
C SER A 93 -45.00 -13.30 20.60
N ILE A 94 -44.07 -12.82 21.43
CA ILE A 94 -42.75 -12.34 21.04
C ILE A 94 -41.71 -12.97 21.97
N THR A 95 -40.51 -13.29 21.46
CA THR A 95 -39.43 -13.85 22.25
C THR A 95 -38.09 -13.41 21.65
N PHE A 96 -37.12 -13.09 22.50
CA PHE A 96 -35.79 -12.67 22.11
C PHE A 96 -34.77 -13.59 22.77
N ASN A 97 -33.56 -13.66 22.20
CA ASN A 97 -32.48 -14.51 22.68
C ASN A 97 -31.28 -13.60 22.88
N THR A 98 -30.76 -13.57 24.10
CA THR A 98 -29.63 -12.74 24.45
C THR A 98 -28.33 -13.37 24.02
N PHE A 99 -27.30 -12.54 23.90
CA PHE A 99 -25.96 -12.95 23.55
C PHE A 99 -25.41 -13.76 24.74
N LYS A 100 -25.82 -13.39 25.95
CA LYS A 100 -25.41 -14.01 27.21
C LYS A 100 -25.91 -15.46 27.35
N GLY A 101 -26.94 -15.88 26.63
CA GLY A 101 -27.51 -17.23 26.65
C GLY A 101 -28.90 -17.31 27.31
N LYS A 102 -29.33 -16.21 27.94
CA LYS A 102 -30.62 -16.03 28.61
C LYS A 102 -31.69 -15.77 27.53
N THR A 103 -32.94 -15.99 27.88
CA THR A 103 -34.10 -15.82 27.01
C THR A 103 -35.23 -15.09 27.74
N SER A 104 -36.11 -14.45 26.97
CA SER A 104 -37.28 -13.74 27.46
C SER A 104 -38.49 -14.70 27.34
N PRO A 105 -39.56 -14.51 28.12
CA PRO A 105 -40.74 -15.37 28.02
C PRO A 105 -41.52 -15.01 26.74
N PRO A 106 -42.48 -15.87 26.30
CA PRO A 106 -43.30 -15.62 25.12
C PRO A 106 -44.33 -14.56 25.48
N TYR A 107 -43.94 -13.28 25.40
CA TYR A 107 -44.78 -12.14 25.71
C TYR A 107 -46.02 -12.22 24.83
N GLY A 108 -47.16 -12.66 25.36
CA GLY A 108 -48.40 -12.79 24.62
C GLY A 108 -48.99 -14.18 24.83
N LEU A 109 -49.59 -14.72 23.78
CA LEU A 109 -50.24 -16.03 23.77
C LEU A 109 -49.40 -17.00 22.95
N GLU A 110 -48.94 -18.11 23.54
CA GLU A 110 -48.15 -19.12 22.82
C GLU A 110 -49.09 -19.77 21.79
N THR A 111 -48.58 -20.31 20.68
CA THR A 111 -49.41 -20.93 19.65
C THR A 111 -48.64 -22.04 18.92
N GLN A 112 -49.25 -22.71 17.94
CA GLN A 112 -48.61 -23.77 17.19
C GLN A 112 -47.56 -23.22 16.22
N LYS A 113 -47.93 -22.35 15.27
CA LYS A 113 -46.91 -21.84 14.35
C LYS A 113 -45.95 -20.90 15.09
N LYS A 114 -44.83 -20.61 14.43
CA LYS A 114 -43.75 -19.75 14.88
C LYS A 114 -42.63 -19.79 13.85
N PHE A 115 -41.68 -18.87 13.98
CA PHE A 115 -40.51 -18.74 13.13
C PHE A 115 -39.37 -18.23 13.98
N VAL A 116 -38.15 -18.35 13.47
CA VAL A 116 -36.92 -17.93 14.12
C VAL A 116 -36.02 -17.35 13.04
N LEU A 117 -35.29 -16.28 13.37
CA LEU A 117 -34.37 -15.60 12.47
C LEU A 117 -33.11 -15.23 13.25
N LYS A 118 -31.96 -15.48 12.62
CA LYS A 118 -30.62 -15.24 13.15
C LYS A 118 -29.73 -14.79 12.01
N ASP A 119 -28.58 -14.20 12.35
CA ASP A 119 -27.53 -13.73 11.44
C ASP A 119 -26.27 -14.55 11.81
N LYS A 120 -25.19 -14.39 11.06
CA LYS A 120 -23.93 -15.06 11.32
C LYS A 120 -23.43 -14.55 12.70
N ASN A 121 -22.44 -15.20 13.32
CA ASN A 121 -21.96 -14.78 14.64
C ASN A 121 -21.27 -13.42 14.64
N GLY A 122 -21.00 -12.84 13.48
CA GLY A 122 -20.37 -11.54 13.35
C GLY A 122 -21.39 -10.41 13.35
N GLY A 123 -22.70 -10.69 13.27
CA GLY A 123 -23.73 -9.66 13.24
C GLY A 123 -24.37 -9.40 14.60
N LYS A 124 -24.98 -8.22 14.70
CA LYS A 124 -25.70 -7.67 15.85
C LYS A 124 -27.07 -7.22 15.35
N LEU A 125 -27.99 -6.93 16.27
CA LEU A 125 -29.31 -6.42 15.90
C LEU A 125 -29.10 -4.91 15.75
N VAL A 126 -29.83 -4.28 14.83
CA VAL A 126 -29.75 -2.86 14.53
C VAL A 126 -31.15 -2.28 14.67
N GLY A 127 -32.12 -2.76 13.88
CA GLY A 127 -33.50 -2.32 13.91
C GLY A 127 -34.42 -3.45 13.46
N PHE A 128 -35.72 -3.23 13.62
CA PHE A 128 -36.76 -4.17 13.25
C PHE A 128 -37.84 -3.41 12.49
N HIS A 129 -38.62 -4.13 11.69
CA HIS A 129 -39.70 -3.60 10.89
C HIS A 129 -40.95 -4.42 11.18
N GLY A 130 -42.13 -3.88 10.92
CA GLY A 130 -43.36 -4.59 11.19
C GLY A 130 -44.52 -3.97 10.42
N ARG A 131 -44.89 -4.57 9.29
CA ARG A 131 -45.98 -4.13 8.45
C ARG A 131 -47.27 -4.32 9.28
N ALA A 132 -47.70 -3.29 10.01
CA ALA A 132 -48.84 -3.24 10.92
C ALA A 132 -49.95 -2.31 10.46
N GLY A 133 -51.10 -2.49 11.10
CA GLY A 133 -52.33 -1.74 10.91
C GLY A 133 -53.12 -1.89 12.20
N GLU A 134 -54.34 -2.44 12.12
CA GLU A 134 -55.20 -2.63 13.30
C GLU A 134 -54.67 -3.64 14.31
N ALA A 135 -53.74 -4.49 13.89
CA ALA A 135 -53.12 -5.52 14.70
C ALA A 135 -51.69 -5.70 14.20
N LEU A 136 -50.92 -6.47 14.97
CA LEU A 136 -49.55 -6.77 14.64
C LEU A 136 -49.65 -8.03 13.76
N TYR A 137 -49.90 -7.82 12.48
CA TYR A 137 -50.04 -8.88 11.49
C TYR A 137 -48.72 -9.59 11.25
N ALA A 138 -47.65 -8.80 11.07
CA ALA A 138 -46.32 -9.30 10.80
C ALA A 138 -45.25 -8.41 11.43
N LEU A 139 -44.17 -9.04 11.89
CA LEU A 139 -43.01 -8.43 12.52
C LEU A 139 -41.80 -9.21 11.99
N GLY A 140 -40.67 -8.55 11.78
CA GLY A 140 -39.44 -9.16 11.29
C GLY A 140 -38.25 -8.33 11.75
N ALA A 141 -37.03 -8.72 11.38
CA ALA A 141 -35.82 -7.99 11.76
C ALA A 141 -34.85 -8.03 10.58
N TYR A 142 -34.03 -7.00 10.43
CA TYR A 142 -33.07 -6.86 9.34
C TYR A 142 -31.66 -6.88 9.92
N PHE A 143 -30.86 -7.91 9.62
CA PHE A 143 -29.49 -8.06 10.15
C PHE A 143 -28.44 -7.77 9.09
N ALA A 144 -27.85 -6.57 9.11
CA ALA A 144 -26.81 -6.12 8.22
C ALA A 144 -25.60 -5.76 9.10
N THR A 145 -24.43 -6.27 8.75
CA THR A 145 -23.19 -6.01 9.46
C THR A 145 -22.32 -5.03 8.65
N THR A 146 -21.28 -4.48 9.27
CA THR A 146 -20.36 -3.55 8.64
C THR A 146 -19.48 -4.35 7.68
N THR A 147 -19.69 -4.20 6.37
CA THR A 147 -18.93 -4.90 5.34
C THR A 147 -17.50 -4.33 5.26
N THR A 148 -16.65 -4.95 4.44
CA THR A 148 -15.28 -4.52 4.27
C THR A 148 -15.24 -3.20 3.48
N PRO A 149 -14.36 -2.25 3.84
CA PRO A 149 -14.23 -0.98 3.15
C PRO A 149 -13.45 -1.19 1.85
N VAL A 150 -13.30 -0.11 1.07
CA VAL A 150 -12.59 -0.11 -0.19
C VAL A 150 -11.13 -0.55 0.00
N THR A 151 -10.57 -1.26 -0.98
CA THR A 151 -9.19 -1.73 -0.96
C THR A 151 -8.22 -0.57 -1.23
N PRO A 152 -6.96 -0.71 -0.83
CA PRO A 152 -5.96 0.34 -1.05
C PRO A 152 -5.43 0.27 -2.48
N ALA A 153 -4.54 1.20 -2.79
CA ALA A 153 -3.91 1.27 -4.09
C ALA A 153 -2.81 0.23 -4.17
N LYS A 154 -2.33 -0.03 -5.39
CA LYS A 154 -1.27 -0.98 -5.67
C LYS A 154 -0.08 -0.19 -6.16
N LYS A 155 1.05 -0.25 -5.47
CA LYS A 155 2.26 0.46 -5.90
C LYS A 155 2.94 -0.55 -6.81
N LEU A 156 3.20 -0.13 -8.04
CA LEU A 156 3.84 -0.96 -9.08
C LEU A 156 5.33 -1.07 -8.80
N SER A 157 6.13 -1.56 -9.74
CA SER A 157 7.58 -1.68 -9.56
C SER A 157 8.26 -0.72 -10.52
N ALA A 158 9.15 0.11 -10.01
CA ALA A 158 9.93 1.08 -10.74
C ALA A 158 11.39 0.58 -10.79
N ILE A 159 12.19 1.16 -11.67
CA ILE A 159 13.59 0.80 -11.86
C ILE A 159 14.52 1.73 -11.08
N GLY A 160 15.83 1.54 -11.23
CA GLY A 160 16.86 2.34 -10.58
C GLY A 160 17.34 1.70 -9.31
N GLY A 161 16.99 2.29 -8.16
CA GLY A 161 17.37 1.82 -6.84
C GLY A 161 16.69 2.69 -5.80
N ASP A 162 16.15 2.07 -4.75
CA ASP A 162 15.44 2.67 -3.62
C ASP A 162 16.44 3.28 -2.62
N GLU A 163 17.33 4.15 -3.11
CA GLU A 163 18.36 4.82 -2.33
C GLU A 163 18.16 6.33 -2.33
N GLY A 164 17.46 6.82 -1.31
CA GLY A 164 17.15 8.24 -1.12
C GLY A 164 15.88 8.45 -0.31
N THR A 165 15.49 9.70 -0.13
CA THR A 165 14.31 10.14 0.61
C THR A 165 13.04 9.64 -0.08
N ALA A 166 12.31 8.74 0.58
CA ALA A 166 11.07 8.16 0.07
C ALA A 166 9.97 9.23 -0.03
N TRP A 167 9.11 9.12 -1.05
CA TRP A 167 8.00 10.03 -1.28
C TRP A 167 6.81 9.17 -1.70
N ASP A 168 6.40 8.28 -0.80
CA ASP A 168 5.28 7.39 -1.00
C ASP A 168 4.04 8.28 -0.81
N ASP A 169 3.41 8.63 -1.92
CA ASP A 169 2.25 9.49 -2.06
C ASP A 169 1.01 8.63 -2.17
N GLY A 170 0.37 8.54 -1.01
CA GLY A 170 -0.87 7.81 -0.74
C GLY A 170 -2.04 8.30 -1.60
N ALA A 171 -3.20 7.66 -1.45
CA ALA A 171 -4.38 8.02 -2.20
C ALA A 171 -5.00 9.20 -1.46
N TYR A 172 -5.12 10.33 -2.15
CA TYR A 172 -5.66 11.57 -1.62
C TYR A 172 -6.90 11.95 -2.41
N ASP A 173 -7.49 13.08 -2.05
CA ASP A 173 -8.70 13.66 -2.64
C ASP A 173 -8.58 13.94 -4.13
N GLY A 174 -7.38 13.91 -4.71
CA GLY A 174 -7.15 14.14 -6.13
C GLY A 174 -5.95 15.04 -6.37
N VAL A 175 -5.84 15.50 -7.62
CA VAL A 175 -4.81 16.36 -8.16
C VAL A 175 -5.49 17.54 -8.88
N LYS A 176 -4.77 18.65 -9.03
CA LYS A 176 -5.26 19.87 -9.68
C LYS A 176 -4.29 20.32 -10.76
N LYS A 177 -3.01 20.45 -10.43
CA LYS A 177 -1.94 20.87 -11.35
C LYS A 177 -0.75 19.95 -11.17
N VAL A 178 0.04 19.72 -12.21
CA VAL A 178 1.22 18.85 -12.19
C VAL A 178 2.40 19.64 -12.70
N TYR A 179 3.58 19.49 -12.08
CA TYR A 179 4.80 20.20 -12.44
C TYR A 179 5.96 19.21 -12.68
N VAL A 180 6.40 19.13 -13.94
CA VAL A 180 7.49 18.26 -14.39
C VAL A 180 8.74 19.12 -14.53
N GLY A 181 9.84 18.74 -13.87
CA GLY A 181 11.12 19.46 -13.89
C GLY A 181 12.17 18.56 -14.55
N GLN A 182 13.03 19.15 -15.38
CA GLN A 182 14.06 18.43 -16.09
C GLN A 182 15.38 19.18 -16.10
N GLY A 183 16.37 18.60 -16.79
CA GLY A 183 17.72 19.07 -17.01
C GLY A 183 18.20 18.42 -18.29
N GLN A 184 19.48 18.60 -18.62
CA GLN A 184 20.07 18.02 -19.82
C GLN A 184 20.06 16.49 -19.75
N ASP A 185 20.13 15.97 -18.53
CA ASP A 185 20.17 14.56 -18.15
C ASP A 185 18.82 13.86 -18.33
N GLY A 186 17.70 14.58 -18.15
CA GLY A 186 16.35 14.05 -18.25
C GLY A 186 15.50 14.60 -17.10
N ILE A 187 14.48 13.85 -16.69
CA ILE A 187 13.57 14.21 -15.60
C ILE A 187 14.35 14.24 -14.28
N SER A 188 14.59 15.44 -13.77
CA SER A 188 15.32 15.66 -12.53
C SER A 188 14.40 15.96 -11.35
N ALA A 189 13.15 16.40 -11.56
CA ALA A 189 12.21 16.69 -10.48
C ALA A 189 10.75 16.54 -10.92
N VAL A 190 9.84 16.40 -9.96
CA VAL A 190 8.39 16.26 -10.18
C VAL A 190 7.71 16.71 -8.88
N LYS A 191 6.52 17.29 -8.98
CA LYS A 191 5.68 17.75 -7.86
C LYS A 191 4.31 18.06 -8.43
N PHE A 192 3.30 18.31 -7.59
CA PHE A 192 1.96 18.61 -8.04
C PHE A 192 1.18 19.31 -6.92
N GLU A 193 0.06 19.91 -7.29
CA GLU A 193 -0.86 20.62 -6.42
C GLU A 193 -2.04 19.65 -6.22
N TYR A 194 -2.31 19.35 -4.95
CA TYR A 194 -3.35 18.44 -4.49
C TYR A 194 -4.53 19.33 -4.09
N ASN A 195 -5.76 18.85 -4.24
CA ASN A 195 -6.95 19.62 -3.86
C ASN A 195 -7.80 18.70 -3.00
N LYS A 196 -8.26 19.19 -1.85
CA LYS A 196 -9.07 18.44 -0.89
C LYS A 196 -10.50 18.95 -1.01
N GLY A 197 -11.38 18.17 -1.64
CA GLY A 197 -12.77 18.53 -1.83
C GLY A 197 -12.81 19.65 -2.86
N ALA A 198 -12.61 20.89 -2.41
CA ALA A 198 -12.56 22.12 -3.17
C ALA A 198 -11.36 22.99 -2.75
N GLU A 199 -10.79 22.73 -1.57
CA GLU A 199 -9.65 23.45 -1.03
C GLU A 199 -8.38 23.02 -1.77
N ASN A 200 -7.32 23.81 -1.66
CA ASN A 200 -6.04 23.54 -2.33
C ASN A 200 -4.97 23.23 -1.28
N ILE A 201 -4.02 22.33 -1.59
CA ILE A 201 -2.92 21.93 -0.72
C ILE A 201 -1.70 21.84 -1.63
N VAL A 202 -0.85 22.85 -1.57
CA VAL A 202 0.37 22.93 -2.38
C VAL A 202 1.33 21.84 -1.89
N GLY A 203 1.90 21.07 -2.82
CA GLY A 203 2.84 20.01 -2.47
C GLY A 203 4.23 20.59 -2.22
N GLY A 204 5.21 19.71 -2.11
CA GLY A 204 6.61 20.06 -1.90
C GLY A 204 7.38 19.99 -3.21
N GLU A 205 8.68 19.77 -3.10
CA GLU A 205 9.68 19.62 -4.15
C GLU A 205 10.26 18.22 -3.84
N HIS A 206 10.58 17.40 -4.84
CA HIS A 206 11.10 16.04 -4.63
C HIS A 206 12.54 15.92 -5.15
N GLY A 207 12.72 15.76 -6.46
CA GLY A 207 14.05 15.65 -7.08
C GLY A 207 14.67 17.05 -7.21
N LYS A 208 15.88 17.21 -7.75
CA LYS A 208 16.48 18.54 -7.87
C LYS A 208 16.32 19.11 -9.28
N PRO A 209 15.39 20.06 -9.52
CA PRO A 209 15.23 20.63 -10.85
C PRO A 209 16.45 21.48 -11.20
N THR A 210 16.65 21.73 -12.48
CA THR A 210 17.78 22.54 -12.95
C THR A 210 17.25 23.94 -13.30
N LEU A 211 18.14 24.84 -13.71
CA LEU A 211 17.78 26.21 -14.09
C LEU A 211 16.90 26.22 -15.36
N LEU A 212 16.82 25.09 -16.08
CA LEU A 212 16.04 24.91 -17.29
C LEU A 212 14.57 25.30 -17.05
N GLY A 213 14.06 25.06 -15.84
CA GLY A 213 12.70 25.38 -15.48
C GLY A 213 11.84 24.13 -15.27
N PHE A 214 10.53 24.32 -15.39
CA PHE A 214 9.47 23.33 -15.25
C PHE A 214 8.49 23.47 -16.41
N GLU A 215 7.59 22.50 -16.49
CA GLU A 215 6.51 22.34 -17.44
C GLU A 215 5.28 22.00 -16.58
N GLU A 216 4.07 22.38 -17.01
CA GLU A 216 2.86 22.07 -16.26
C GLU A 216 1.74 21.53 -17.15
N PHE A 217 0.88 20.66 -16.58
CA PHE A 217 -0.19 20.04 -17.34
C PHE A 217 -1.50 19.89 -16.58
N GLU A 218 -2.60 20.42 -17.12
CA GLU A 218 -3.93 20.36 -16.55
C GLU A 218 -4.56 18.98 -16.82
N ILE A 219 -4.93 18.25 -15.77
CA ILE A 219 -5.55 16.93 -15.76
C ILE A 219 -6.79 17.07 -14.87
N ASP A 220 -7.98 16.73 -15.37
CA ASP A 220 -9.21 16.79 -14.59
C ASP A 220 -9.56 15.36 -14.22
N TYR A 221 -9.15 14.90 -13.04
CA TYR A 221 -9.47 13.54 -12.60
C TYR A 221 -11.00 13.32 -12.52
N PRO A 222 -11.88 14.30 -12.16
CA PRO A 222 -13.31 14.02 -12.13
C PRO A 222 -13.91 14.03 -13.55
N SER A 223 -13.10 13.98 -14.60
CA SER A 223 -13.52 13.99 -15.99
C SER A 223 -12.81 12.88 -16.76
N GLU A 224 -11.48 12.80 -16.72
CA GLU A 224 -10.67 11.80 -17.39
C GLU A 224 -9.91 10.97 -16.37
N TYR A 225 -9.16 9.98 -16.83
CA TYR A 225 -8.40 9.09 -15.98
C TYR A 225 -7.17 8.54 -16.69
N ILE A 226 -5.97 8.91 -16.20
CA ILE A 226 -4.71 8.44 -16.77
C ILE A 226 -4.69 6.93 -16.55
N THR A 227 -4.99 6.19 -17.62
CA THR A 227 -5.03 4.75 -17.64
C THR A 227 -3.64 4.17 -17.93
N ALA A 228 -2.72 4.95 -18.48
CA ALA A 228 -1.38 4.47 -18.77
C ALA A 228 -0.38 5.62 -18.82
N VAL A 229 0.88 5.29 -18.57
CA VAL A 229 2.00 6.21 -18.58
C VAL A 229 3.13 5.47 -19.33
N GLU A 230 3.91 6.21 -20.10
CA GLU A 230 5.05 5.75 -20.87
C GLU A 230 6.21 6.71 -20.57
N GLY A 231 7.39 6.38 -21.08
CA GLY A 231 8.60 7.15 -20.93
C GLY A 231 9.74 6.33 -21.48
N THR A 232 10.95 6.89 -21.47
CA THR A 232 12.14 6.22 -21.95
C THR A 232 13.24 6.52 -20.94
N TYR A 233 14.15 5.58 -20.70
CA TYR A 233 15.27 5.75 -19.77
C TYR A 233 16.62 5.44 -20.44
N ASP A 234 17.60 6.32 -20.29
CA ASP A 234 18.95 6.19 -20.86
C ASP A 234 20.01 6.62 -19.84
N LYS A 235 21.31 6.38 -20.13
CA LYS A 235 22.44 6.72 -19.27
C LYS A 235 22.75 8.20 -19.29
N ILE A 236 23.15 8.74 -18.14
CA ILE A 236 23.53 10.14 -17.99
C ILE A 236 24.98 10.25 -18.48
N PHE A 237 25.28 11.28 -19.27
CA PHE A 237 26.60 11.52 -19.82
C PHE A 237 27.60 11.89 -18.72
N GLY A 238 28.22 10.89 -18.11
CA GLY A 238 29.19 11.06 -17.04
C GLY A 238 29.24 9.86 -16.10
N SER A 239 28.21 9.01 -16.08
CA SER A 239 28.14 7.86 -15.21
C SER A 239 27.54 6.66 -15.95
N ASP A 240 27.45 5.54 -15.23
CA ASP A 240 26.91 4.26 -15.64
C ASP A 240 25.39 4.25 -15.42
N GLY A 241 24.93 5.01 -14.42
CA GLY A 241 23.57 5.17 -13.99
C GLY A 241 22.65 5.63 -15.11
N LEU A 242 21.40 5.25 -14.94
CA LEU A 242 20.27 5.50 -15.83
C LEU A 242 19.31 6.47 -15.15
N ILE A 243 18.57 7.23 -15.95
CA ILE A 243 17.57 8.20 -15.52
C ILE A 243 16.42 8.17 -16.51
N ILE A 244 15.25 8.66 -16.13
CA ILE A 244 14.08 8.72 -16.97
C ILE A 244 14.34 9.92 -17.88
N THR A 245 14.66 9.66 -19.14
CA THR A 245 14.94 10.67 -20.14
C THR A 245 13.69 11.46 -20.51
N MET A 246 12.55 10.77 -20.66
CA MET A 246 11.29 11.39 -21.04
C MET A 246 10.09 10.68 -20.42
N LEU A 247 8.93 11.36 -20.33
CA LEU A 247 7.66 10.85 -19.79
C LEU A 247 6.48 11.23 -20.71
N ARG A 248 5.47 10.37 -20.77
CA ARG A 248 4.26 10.49 -21.58
C ARG A 248 3.09 10.04 -20.72
N PHE A 249 2.04 10.84 -20.60
CA PHE A 249 0.86 10.50 -19.81
C PHE A 249 -0.29 10.27 -20.77
N LYS A 250 -0.81 9.04 -20.89
CA LYS A 250 -1.90 8.80 -21.84
C LYS A 250 -3.18 9.23 -21.14
N THR A 251 -3.79 10.27 -21.68
CA THR A 251 -5.00 10.89 -21.22
C THR A 251 -6.14 10.62 -22.20
N ASN A 252 -7.37 10.89 -21.75
CA ASN A 252 -8.59 10.74 -22.52
C ASN A 252 -9.12 12.15 -22.74
N LYS A 253 -9.92 12.36 -23.79
CA LYS A 253 -10.52 13.66 -24.16
C LYS A 253 -9.52 14.77 -24.52
N GLN A 254 -8.25 14.65 -24.18
CA GLN A 254 -7.21 15.62 -24.45
C GLN A 254 -5.97 14.87 -24.96
N THR A 255 -4.97 15.61 -25.41
CA THR A 255 -3.70 15.08 -25.91
C THR A 255 -2.57 15.61 -25.04
N SER A 256 -1.45 14.88 -24.99
CA SER A 256 -0.26 15.19 -24.21
C SER A 256 0.96 15.26 -25.14
N ALA A 257 2.13 15.57 -24.58
CA ALA A 257 3.40 15.71 -25.30
C ALA A 257 4.50 14.94 -24.56
N PRO A 258 5.60 14.58 -25.24
CA PRO A 258 6.72 13.87 -24.61
C PRO A 258 7.51 14.86 -23.75
N PHE A 259 7.41 14.72 -22.42
CA PHE A 259 8.12 15.58 -21.48
C PHE A 259 9.54 15.06 -21.42
N GLY A 260 10.45 15.59 -22.24
CA GLY A 260 11.85 15.21 -22.30
C GLY A 260 12.19 14.66 -23.69
N LEU A 261 13.44 14.27 -23.89
CA LEU A 261 13.91 13.73 -25.16
C LEU A 261 13.57 12.24 -25.22
N GLU A 262 12.64 11.85 -26.09
CA GLU A 262 12.28 10.45 -26.24
C GLU A 262 13.50 9.76 -26.85
N ALA A 263 14.18 8.97 -26.01
CA ALA A 263 15.39 8.21 -26.28
C ALA A 263 15.65 7.33 -25.07
N GLY A 264 16.19 6.13 -25.32
CA GLY A 264 16.50 5.15 -24.30
C GLY A 264 15.49 4.01 -24.33
N THR A 265 15.63 3.08 -23.40
CA THR A 265 14.75 1.92 -23.29
C THR A 265 13.38 2.42 -22.87
N ALA A 266 12.34 2.12 -23.65
CA ALA A 266 10.99 2.56 -23.32
C ALA A 266 10.43 1.71 -22.18
N PHE A 267 9.63 2.33 -21.31
CA PHE A 267 8.96 1.68 -20.18
C PHE A 267 7.54 2.22 -20.06
N GLU A 268 6.58 1.37 -19.67
CA GLU A 268 5.17 1.73 -19.51
C GLU A 268 4.59 1.07 -18.26
N LEU A 269 3.53 1.67 -17.71
CA LEU A 269 2.83 1.20 -16.52
C LEU A 269 1.33 1.33 -16.79
N LYS A 270 0.58 0.22 -16.72
CA LYS A 270 -0.87 0.13 -16.94
C LYS A 270 -1.37 -1.26 -16.52
N GLU A 271 -2.47 -1.35 -15.76
CA GLU A 271 -3.06 -2.59 -15.30
C GLU A 271 -4.59 -2.45 -15.22
N GLU A 272 -5.35 -3.38 -15.81
CA GLU A 272 -6.81 -3.49 -15.85
C GLU A 272 -7.50 -2.12 -15.80
N GLY A 273 -7.10 -1.23 -16.70
CA GLY A 273 -7.60 0.13 -16.86
C GLY A 273 -7.59 0.99 -15.59
N HIS A 274 -6.90 0.57 -14.52
CA HIS A 274 -6.81 1.26 -13.24
C HIS A 274 -6.37 2.71 -13.42
N LYS A 275 -6.81 3.55 -12.48
CA LYS A 275 -6.57 4.98 -12.44
C LYS A 275 -5.36 5.27 -11.57
N ILE A 276 -4.46 6.10 -12.07
CA ILE A 276 -3.27 6.50 -11.35
C ILE A 276 -3.76 7.51 -10.31
N VAL A 277 -3.54 7.25 -9.03
CA VAL A 277 -3.95 8.14 -7.93
C VAL A 277 -2.83 8.30 -6.89
N GLY A 278 -1.58 8.30 -7.34
CA GLY A 278 -0.45 8.47 -6.43
C GLY A 278 0.87 8.11 -7.10
N PHE A 279 1.94 8.36 -6.37
CA PHE A 279 3.31 8.14 -6.76
C PHE A 279 4.03 7.36 -5.66
N HIS A 280 5.12 6.70 -6.01
CA HIS A 280 5.91 5.93 -5.05
C HIS A 280 7.36 5.97 -5.50
N GLY A 281 8.25 5.58 -4.59
CA GLY A 281 9.68 5.53 -4.82
C GLY A 281 10.35 6.57 -3.95
N LYS A 282 11.58 6.93 -4.31
CA LYS A 282 12.37 7.91 -3.58
C LYS A 282 12.91 8.98 -4.51
N ALA A 283 13.35 10.08 -3.93
CA ALA A 283 13.93 11.22 -4.60
C ALA A 283 15.26 11.48 -3.92
N SER A 284 16.18 11.99 -4.71
CA SER A 284 17.54 12.38 -4.39
C SER A 284 17.79 13.50 -5.43
N GLU A 285 19.04 13.76 -5.79
CA GLU A 285 19.40 14.78 -6.77
C GLU A 285 18.66 14.53 -8.09
N LEU A 286 18.46 13.26 -8.46
CA LEU A 286 17.80 12.83 -9.68
C LEU A 286 16.69 11.83 -9.35
N LEU A 287 15.78 11.58 -10.31
CA LEU A 287 14.70 10.62 -10.12
C LEU A 287 15.24 9.25 -10.50
N HIS A 288 16.02 8.66 -9.59
CA HIS A 288 16.61 7.35 -9.80
C HIS A 288 15.48 6.33 -9.98
N GLN A 289 14.39 6.46 -9.20
CA GLN A 289 13.23 5.61 -9.24
C GLN A 289 12.04 6.55 -9.38
N PHE A 290 11.01 6.13 -10.12
CA PHE A 290 9.80 6.90 -10.36
C PHE A 290 8.71 5.90 -10.70
N GLY A 291 7.73 5.73 -9.81
CA GLY A 291 6.61 4.81 -9.99
C GLY A 291 5.31 5.45 -9.56
N VAL A 292 4.19 4.76 -9.79
CA VAL A 292 2.85 5.23 -9.45
C VAL A 292 2.05 4.21 -8.65
N HIS A 293 0.87 4.63 -8.22
CA HIS A 293 -0.12 3.90 -7.46
C HIS A 293 -1.37 3.81 -8.33
N VAL A 294 -1.90 2.61 -8.51
CA VAL A 294 -3.09 2.33 -9.33
C VAL A 294 -4.22 1.80 -8.45
N MET A 295 -5.47 2.11 -8.80
CA MET A 295 -6.69 1.70 -8.13
C MET A 295 -7.75 1.41 -9.20
N PRO A 296 -8.63 0.40 -9.02
CA PRO A 296 -9.64 0.03 -9.99
C PRO A 296 -10.78 1.05 -10.06
N LEU A 297 -11.43 1.13 -11.21
CA LEU A 297 -12.56 2.03 -11.47
C LEU A 297 -13.88 1.28 -11.30
N THR A 298 -14.33 1.16 -10.06
CA THR A 298 -15.60 0.51 -9.68
C THR A 298 -16.79 1.29 -10.28
N ASN A 299 -16.54 2.53 -10.70
CA ASN A 299 -17.47 3.48 -11.30
C ASN A 299 -18.54 3.85 -10.28
N ALA A 1 -20.50 -8.98 13.14
CA ALA A 1 -21.42 -10.11 12.99
C ALA A 1 -22.73 -9.94 13.78
N GLN A 2 -23.01 -8.80 14.42
CA GLN A 2 -24.25 -8.60 15.16
C GLN A 2 -24.83 -7.22 14.86
N LYS A 3 -25.78 -7.17 13.94
CA LYS A 3 -26.45 -5.91 13.61
C LYS A 3 -27.57 -5.80 14.64
N VAL A 4 -27.70 -4.67 15.33
CA VAL A 4 -28.73 -4.45 16.33
C VAL A 4 -29.35 -3.12 15.96
N GLU A 5 -30.66 -3.03 15.84
CA GLU A 5 -31.35 -1.79 15.49
C GLU A 5 -31.33 -0.82 16.67
N ALA A 6 -31.45 0.46 16.34
CA ALA A 6 -31.46 1.56 17.29
C ALA A 6 -32.89 1.80 17.79
N GLY A 7 -33.19 1.33 19.00
CA GLY A 7 -34.51 1.52 19.57
C GLY A 7 -34.72 3.00 19.89
N GLY A 8 -35.98 3.44 19.89
CA GLY A 8 -36.39 4.81 20.16
C GLY A 8 -37.84 4.98 19.73
N GLY A 9 -38.41 6.16 19.93
CA GLY A 9 -39.81 6.38 19.55
C GLY A 9 -39.97 6.48 18.03
N ALA A 10 -39.15 7.32 17.38
CA ALA A 10 -39.04 7.59 15.92
C ALA A 10 -39.16 9.05 15.43
N GLY A 11 -39.35 10.05 16.29
CA GLY A 11 -39.51 11.46 15.90
C GLY A 11 -38.42 12.19 15.12
N GLY A 12 -37.25 11.60 14.82
CA GLY A 12 -36.17 12.24 14.08
C GLY A 12 -36.01 11.70 12.66
N ALA A 13 -34.95 12.17 12.01
CA ALA A 13 -34.51 11.88 10.66
C ALA A 13 -33.33 10.91 10.61
N SER A 14 -33.20 10.32 9.44
CA SER A 14 -32.23 9.36 8.93
C SER A 14 -31.06 8.97 9.84
N TRP A 15 -31.14 7.73 10.30
CA TRP A 15 -30.21 7.01 11.14
C TRP A 15 -28.85 7.00 10.46
N ASP A 16 -27.74 7.09 11.21
CA ASP A 16 -26.36 7.08 10.70
C ASP A 16 -26.01 8.19 9.70
N ASP A 17 -26.87 9.19 9.50
CA ASP A 17 -26.57 10.29 8.55
C ASP A 17 -25.19 10.89 8.81
N GLY A 18 -24.40 11.00 7.75
CA GLY A 18 -23.03 11.51 7.78
C GLY A 18 -22.04 10.36 7.94
N VAL A 19 -22.37 9.17 7.41
CA VAL A 19 -21.59 7.94 7.48
C VAL A 19 -20.10 8.20 7.23
N HIS A 20 -19.29 7.70 8.14
CA HIS A 20 -17.84 7.77 8.16
C HIS A 20 -17.36 6.73 9.18
N ASP A 21 -16.05 6.43 9.23
CA ASP A 21 -15.48 5.45 10.16
C ASP A 21 -14.11 5.88 10.70
N GLY A 22 -14.06 7.10 11.26
CA GLY A 22 -12.86 7.70 11.85
C GLY A 22 -13.16 8.38 13.19
N VAL A 23 -14.22 8.01 13.90
CA VAL A 23 -14.59 8.61 15.18
C VAL A 23 -13.49 8.44 16.23
N ARG A 24 -13.34 9.43 17.12
CA ARG A 24 -12.37 9.41 18.22
C ARG A 24 -12.90 10.00 19.53
N LYS A 25 -13.84 10.95 19.44
CA LYS A 25 -14.41 11.61 20.60
C LYS A 25 -15.87 11.92 20.29
N VAL A 26 -16.67 12.12 21.33
CA VAL A 26 -18.08 12.45 21.21
C VAL A 26 -18.41 13.46 22.31
N HIS A 27 -18.77 14.68 21.91
CA HIS A 27 -19.16 15.72 22.86
C HIS A 27 -20.66 15.52 23.06
N VAL A 28 -21.13 15.77 24.28
CA VAL A 28 -22.53 15.60 24.69
C VAL A 28 -22.90 16.73 25.63
N GLY A 29 -24.14 17.19 25.63
CA GLY A 29 -24.60 18.24 26.52
C GLY A 29 -26.01 17.88 26.95
N GLN A 30 -26.21 17.71 28.26
CA GLN A 30 -27.49 17.36 28.88
C GLN A 30 -28.34 18.63 28.98
N GLY A 31 -29.55 18.58 28.44
CA GLY A 31 -30.53 19.64 28.47
C GLY A 31 -31.65 19.19 29.40
N GLN A 32 -32.71 19.99 29.51
CA GLN A 32 -33.84 19.61 30.36
C GLN A 32 -34.47 18.34 29.76
N ASP A 33 -34.48 18.30 28.42
CA ASP A 33 -34.98 17.30 27.50
C ASP A 33 -34.06 16.07 27.42
N GLY A 34 -33.15 15.86 28.38
CA GLY A 34 -32.23 14.72 28.38
C GLY A 34 -31.08 14.97 27.41
N VAL A 35 -30.69 13.97 26.62
CA VAL A 35 -29.61 14.15 25.67
C VAL A 35 -30.23 14.90 24.49
N SER A 36 -30.09 16.23 24.46
CA SER A 36 -30.65 17.06 23.40
C SER A 36 -29.58 17.65 22.49
N SER A 37 -28.30 17.56 22.83
CA SER A 37 -27.22 18.09 22.01
C SER A 37 -26.06 17.09 21.99
N ILE A 38 -25.61 16.73 20.79
CA ILE A 38 -24.53 15.78 20.55
C ILE A 38 -23.65 16.30 19.40
N ASN A 39 -22.38 15.89 19.40
CA ASN A 39 -21.43 16.29 18.36
C ASN A 39 -20.30 15.26 18.23
N VAL A 40 -20.39 14.37 17.25
CA VAL A 40 -19.39 13.34 16.98
C VAL A 40 -18.20 14.00 16.26
N VAL A 41 -16.97 13.57 16.51
CA VAL A 41 -15.81 14.15 15.83
C VAL A 41 -15.01 13.00 15.22
N TYR A 42 -14.60 13.17 13.97
CA TYR A 42 -13.83 12.19 13.22
C TYR A 42 -12.45 12.69 12.88
N ALA A 43 -11.64 11.77 12.39
CA ALA A 43 -10.28 11.91 11.96
C ALA A 43 -10.20 11.35 10.55
N LYS A 44 -9.54 12.07 9.65
CA LYS A 44 -9.34 11.66 8.27
C LYS A 44 -7.85 11.47 8.07
N ASP A 45 -7.46 10.57 7.19
CA ASP A 45 -6.05 10.30 6.91
C ASP A 45 -5.35 11.56 6.40
N SER A 46 -6.03 12.34 5.55
CA SER A 46 -5.52 13.58 4.98
C SER A 46 -5.50 14.61 6.12
N GLN A 47 -6.66 15.09 6.59
CA GLN A 47 -6.78 16.07 7.66
C GLN A 47 -8.10 15.83 8.41
N ASP A 48 -8.06 15.95 9.75
CA ASP A 48 -9.20 15.76 10.64
C ASP A 48 -10.15 16.95 10.48
N VAL A 49 -11.46 16.70 10.51
CA VAL A 49 -12.52 17.68 10.34
C VAL A 49 -13.72 17.25 11.20
N GLU A 50 -14.47 18.21 11.73
CA GLU A 50 -15.68 17.96 12.52
C GLU A 50 -16.84 18.22 11.57
N GLY A 51 -17.89 17.38 11.59
CA GLY A 51 -19.04 17.57 10.72
C GLY A 51 -19.87 18.74 11.25
N GLY A 52 -20.49 18.55 12.41
CA GLY A 52 -21.29 19.57 13.04
C GLY A 52 -22.17 19.01 14.14
N GLU A 53 -22.33 19.82 15.17
CA GLU A 53 -23.13 19.56 16.34
C GLU A 53 -24.60 19.69 15.95
N HIS A 54 -25.44 18.74 16.34
CA HIS A 54 -26.87 18.71 16.06
C HIS A 54 -27.67 18.72 17.35
N GLY A 55 -28.98 18.91 17.22
CA GLY A 55 -29.88 18.98 18.34
C GLY A 55 -30.03 20.44 18.77
N LYS A 56 -30.32 20.67 20.05
CA LYS A 56 -30.47 21.99 20.63
C LYS A 56 -29.46 22.11 21.74
N LYS A 57 -28.40 22.89 21.50
CA LYS A 57 -27.33 23.08 22.47
C LYS A 57 -27.84 23.78 23.72
N THR A 58 -27.05 23.70 24.78
CA THR A 58 -27.35 24.29 26.06
C THR A 58 -26.06 24.90 26.62
N LEU A 59 -26.25 25.78 27.59
CA LEU A 59 -25.18 26.49 28.27
C LEU A 59 -24.67 25.72 29.50
N LEU A 60 -25.53 24.97 30.20
CA LEU A 60 -25.18 24.23 31.42
C LEU A 60 -24.96 22.72 31.19
N GLY A 61 -24.85 22.28 29.95
CA GLY A 61 -24.65 20.89 29.57
C GLY A 61 -23.62 20.85 28.46
N PHE A 62 -22.42 20.41 28.81
CA PHE A 62 -21.29 20.28 27.91
C PHE A 62 -20.28 19.32 28.54
N GLU A 63 -19.89 18.29 27.79
CA GLU A 63 -18.95 17.26 28.21
C GLU A 63 -18.16 16.75 27.00
N THR A 64 -17.06 16.06 27.26
CA THR A 64 -16.19 15.48 26.24
C THR A 64 -15.72 14.13 26.76
N PHE A 65 -15.80 13.12 25.89
CA PHE A 65 -15.37 11.76 26.15
C PHE A 65 -14.45 11.41 24.99
N GLU A 66 -13.29 10.88 25.31
CA GLU A 66 -12.28 10.49 24.35
C GLU A 66 -12.13 8.98 24.38
N VAL A 67 -11.84 8.40 23.23
CA VAL A 67 -11.68 6.97 23.06
C VAL A 67 -10.19 6.72 22.81
N ASP A 68 -9.56 5.98 23.71
CA ASP A 68 -8.16 5.62 23.63
C ASP A 68 -7.99 4.61 22.49
N ALA A 69 -6.79 4.51 21.91
CA ALA A 69 -6.56 3.55 20.84
C ALA A 69 -6.33 2.13 21.37
N ASP A 70 -6.12 1.99 22.69
CA ASP A 70 -5.87 0.73 23.38
C ASP A 70 -7.10 0.27 24.15
N ASP A 71 -8.16 1.09 24.25
CA ASP A 71 -9.38 0.75 24.98
C ASP A 71 -10.51 0.78 24.01
N TYR A 72 -11.40 -0.21 24.08
CA TYR A 72 -12.52 -0.30 23.17
C TYR A 72 -13.82 -0.47 23.95
N ILE A 73 -14.88 0.10 23.36
CA ILE A 73 -16.23 0.05 23.88
C ILE A 73 -16.68 -1.35 23.51
N VAL A 74 -17.25 -2.07 24.47
CA VAL A 74 -17.74 -3.43 24.25
C VAL A 74 -19.21 -3.55 24.64
N ALA A 75 -19.71 -2.64 25.47
CA ALA A 75 -21.09 -2.59 25.92
C ALA A 75 -21.48 -1.14 26.14
N VAL A 76 -22.75 -0.83 26.00
CA VAL A 76 -23.30 0.51 26.20
C VAL A 76 -24.70 0.32 26.78
N GLN A 77 -25.08 1.20 27.70
CA GLN A 77 -26.36 1.25 28.38
C GLN A 77 -27.01 2.52 27.81
N VAL A 78 -28.11 2.36 27.08
CA VAL A 78 -28.86 3.44 26.47
C VAL A 78 -30.14 3.56 27.27
N THR A 79 -30.44 4.75 27.80
CA THR A 79 -31.63 4.98 28.60
C THR A 79 -32.49 5.98 27.83
N TYR A 80 -33.80 5.78 27.82
CA TYR A 80 -34.75 6.62 27.12
C TYR A 80 -36.10 6.50 27.80
N ASP A 81 -37.03 7.41 27.54
CA ASP A 81 -38.39 7.35 28.10
C ASP A 81 -39.33 8.23 27.28
N ASN A 82 -40.64 8.09 27.53
CA ASN A 82 -41.73 8.80 26.86
C ASN A 82 -42.23 9.98 27.69
N VAL A 83 -42.83 10.98 27.04
CA VAL A 83 -43.40 12.15 27.69
C VAL A 83 -44.79 12.34 27.08
N PHE A 84 -45.77 12.65 27.93
CA PHE A 84 -47.15 12.88 27.51
C PHE A 84 -47.23 14.31 26.94
N GLY A 85 -46.67 14.45 25.74
CA GLY A 85 -46.59 15.70 25.00
C GLY A 85 -45.47 15.71 23.96
N GLN A 86 -44.95 14.55 23.57
CA GLN A 86 -43.90 14.38 22.58
C GLN A 86 -44.36 13.27 21.65
N ASP A 87 -43.92 13.36 20.40
CA ASP A 87 -44.27 12.42 19.35
C ASP A 87 -43.56 11.09 19.52
N SER A 88 -42.52 11.04 20.35
CA SER A 88 -41.76 9.83 20.54
C SER A 88 -40.94 9.87 21.82
N ASP A 89 -40.34 8.71 22.14
CA ASP A 89 -39.46 8.51 23.28
C ASP A 89 -38.15 9.15 22.84
N ILE A 90 -37.36 9.64 23.79
CA ILE A 90 -36.08 10.30 23.55
C ILE A 90 -35.04 9.76 24.53
N ILE A 91 -33.75 9.79 24.14
CA ILE A 91 -32.63 9.31 24.94
C ILE A 91 -32.46 10.25 26.13
N THR A 92 -32.73 9.76 27.33
CA THR A 92 -32.65 10.50 28.58
C THR A 92 -31.20 10.55 29.09
N SER A 93 -30.45 9.45 28.98
CA SER A 93 -29.05 9.30 29.41
C SER A 93 -28.40 8.14 28.66
N ILE A 94 -27.10 7.99 28.85
CA ILE A 94 -26.27 6.96 28.23
C ILE A 94 -25.04 6.69 29.09
N THR A 95 -24.45 5.50 29.00
CA THR A 95 -23.26 5.09 29.73
C THR A 95 -22.46 4.10 28.88
N PHE A 96 -21.18 4.42 28.59
CA PHE A 96 -20.28 3.58 27.81
C PHE A 96 -19.49 2.68 28.76
N ASN A 97 -19.31 1.41 28.40
CA ASN A 97 -18.58 0.42 29.18
C ASN A 97 -17.46 -0.14 28.30
N THR A 98 -16.21 0.09 28.69
CA THR A 98 -15.07 -0.40 27.93
C THR A 98 -14.65 -1.78 28.45
N PHE A 99 -13.78 -2.46 27.70
CA PHE A 99 -13.27 -3.77 28.08
C PHE A 99 -12.29 -3.63 29.26
N LYS A 100 -11.58 -2.50 29.38
CA LYS A 100 -10.61 -2.23 30.45
C LYS A 100 -11.25 -2.04 31.83
N GLY A 101 -12.57 -1.99 31.92
CA GLY A 101 -13.30 -1.80 33.16
C GLY A 101 -13.60 -0.32 33.36
N LYS A 102 -13.21 0.54 32.40
CA LYS A 102 -13.45 1.97 32.48
C LYS A 102 -14.87 2.20 32.03
N THR A 103 -15.67 2.89 32.83
CA THR A 103 -17.05 3.21 32.54
C THR A 103 -17.22 4.72 32.73
N SER A 104 -18.13 5.33 31.98
CA SER A 104 -18.42 6.76 32.04
C SER A 104 -19.67 7.02 32.90
N PRO A 105 -19.90 8.24 33.41
CA PRO A 105 -21.10 8.53 34.20
C PRO A 105 -22.32 8.66 33.27
N PRO A 106 -23.55 8.64 33.80
CA PRO A 106 -24.77 8.78 33.00
C PRO A 106 -24.79 10.18 32.37
N TYR A 107 -24.60 10.29 31.05
CA TYR A 107 -24.63 11.58 30.37
C TYR A 107 -26.10 11.92 30.16
N GLY A 108 -26.79 12.29 31.23
CA GLY A 108 -28.20 12.63 31.21
C GLY A 108 -28.89 11.98 32.41
N LEU A 109 -30.20 12.12 32.50
CA LEU A 109 -31.02 11.58 33.58
C LEU A 109 -31.25 10.08 33.38
N GLU A 110 -30.69 9.26 34.26
CA GLU A 110 -30.86 7.80 34.23
C GLU A 110 -32.37 7.54 34.38
N THR A 111 -32.91 6.41 33.89
CA THR A 111 -34.35 6.16 33.96
C THR A 111 -34.68 4.69 34.19
N GLN A 112 -35.97 4.39 34.36
CA GLN A 112 -36.45 3.02 34.55
C GLN A 112 -36.27 2.31 33.22
N LYS A 113 -36.87 2.84 32.15
CA LYS A 113 -36.73 2.29 30.82
C LYS A 113 -35.27 2.45 30.41
N LYS A 114 -34.80 1.53 29.58
CA LYS A 114 -33.44 1.46 29.05
C LYS A 114 -33.26 0.17 28.28
N PHE A 115 -32.11 0.07 27.64
CA PHE A 115 -31.69 -1.05 26.83
C PHE A 115 -30.17 -1.17 26.98
N VAL A 116 -29.62 -2.30 26.58
CA VAL A 116 -28.20 -2.60 26.64
C VAL A 116 -27.85 -3.36 25.36
N LEU A 117 -26.71 -3.03 24.79
CA LEU A 117 -26.17 -3.61 23.58
C LEU A 117 -24.69 -3.86 23.82
N LYS A 118 -24.27 -5.12 23.67
CA LYS A 118 -22.88 -5.57 23.85
C LYS A 118 -22.61 -6.72 22.89
N ASP A 119 -21.35 -7.03 22.60
CA ASP A 119 -20.98 -8.14 21.71
C ASP A 119 -20.92 -9.45 22.51
N LYS A 120 -20.67 -10.60 21.87
CA LYS A 120 -20.56 -11.92 22.49
C LYS A 120 -19.25 -12.57 22.07
N ASN A 121 -18.94 -12.59 20.77
CA ASN A 121 -17.74 -13.18 20.18
C ASN A 121 -16.44 -12.44 20.51
N GLY A 122 -16.48 -11.32 21.24
CA GLY A 122 -15.28 -10.56 21.61
C GLY A 122 -14.87 -9.61 20.49
N GLY A 123 -15.83 -8.85 19.96
CA GLY A 123 -15.62 -7.88 18.90
C GLY A 123 -15.19 -6.52 19.46
N LYS A 124 -15.29 -5.49 18.62
CA LYS A 124 -14.98 -4.10 18.90
C LYS A 124 -16.16 -3.26 18.41
N LEU A 125 -16.44 -2.09 19.01
CA LEU A 125 -17.54 -1.26 18.51
C LEU A 125 -17.06 -0.68 17.17
N VAL A 126 -17.96 -0.33 16.25
CA VAL A 126 -17.58 0.23 14.95
C VAL A 126 -18.31 1.55 14.65
N GLY A 127 -19.63 1.64 14.83
CA GLY A 127 -20.35 2.88 14.55
C GLY A 127 -21.75 2.83 15.14
N PHE A 128 -22.41 4.00 15.15
CA PHE A 128 -23.76 4.18 15.66
C PHE A 128 -24.71 4.56 14.53
N HIS A 129 -26.01 4.55 14.84
CA HIS A 129 -27.14 4.87 14.00
C HIS A 129 -28.34 5.07 14.94
N GLY A 130 -29.46 5.55 14.39
CA GLY A 130 -30.71 5.81 15.08
C GLY A 130 -31.19 7.22 14.79
N ARG A 131 -32.45 7.37 14.37
CA ARG A 131 -33.06 8.67 14.07
C ARG A 131 -32.68 9.75 15.07
N ALA A 132 -32.10 10.79 14.50
CA ALA A 132 -31.57 11.96 15.14
C ALA A 132 -31.94 13.20 14.35
N GLY A 133 -31.77 14.37 14.94
CA GLY A 133 -32.07 15.63 14.30
C GLY A 133 -32.03 16.68 15.39
N GLU A 134 -33.15 17.36 15.61
CA GLU A 134 -33.28 18.40 16.62
C GLU A 134 -33.22 17.86 18.06
N ALA A 135 -33.18 16.53 18.21
CA ALA A 135 -33.10 15.77 19.43
C ALA A 135 -32.60 14.36 19.04
N LEU A 136 -32.33 13.51 20.03
CA LEU A 136 -31.88 12.14 19.84
C LEU A 136 -33.03 11.25 20.29
N TYR A 137 -33.83 10.85 19.30
CA TYR A 137 -35.03 10.02 19.45
C TYR A 137 -34.73 8.54 19.53
N ALA A 138 -33.66 8.08 18.86
CA ALA A 138 -33.24 6.69 18.85
C ALA A 138 -31.72 6.63 18.86
N LEU A 139 -31.17 5.54 19.39
CA LEU A 139 -29.72 5.33 19.46
C LEU A 139 -29.45 3.83 19.51
N GLY A 140 -28.48 3.38 18.72
CA GLY A 140 -28.05 2.00 18.63
C GLY A 140 -26.66 1.96 17.99
N ALA A 141 -26.10 0.76 17.85
CA ALA A 141 -24.78 0.58 17.26
C ALA A 141 -24.65 -0.79 16.61
N TYR A 142 -23.53 -0.96 15.91
CA TYR A 142 -23.19 -2.18 15.20
C TYR A 142 -21.93 -2.77 15.85
N PHE A 143 -21.82 -4.09 15.78
CA PHE A 143 -20.72 -4.87 16.32
C PHE A 143 -20.19 -5.69 15.16
N ALA A 144 -18.97 -5.37 14.72
CA ALA A 144 -18.31 -6.06 13.62
C ALA A 144 -16.85 -6.31 13.99
N THR A 145 -16.38 -7.49 13.58
CA THR A 145 -15.03 -7.98 13.77
C THR A 145 -14.55 -8.55 12.44
N THR A 146 -13.25 -8.80 12.31
CA THR A 146 -12.59 -9.36 11.14
C THR A 146 -11.30 -10.03 11.63
N THR A 147 -10.53 -10.66 10.74
CA THR A 147 -9.27 -11.32 11.09
C THR A 147 -8.46 -11.44 9.79
N THR A 148 -8.18 -10.30 9.15
CA THR A 148 -7.43 -10.18 7.91
C THR A 148 -6.45 -8.99 7.99
N PRO A 149 -5.36 -8.99 7.21
CA PRO A 149 -4.40 -7.89 7.21
C PRO A 149 -4.96 -6.69 6.45
N VAL A 150 -4.29 -5.55 6.56
CA VAL A 150 -4.69 -4.30 5.90
C VAL A 150 -3.44 -3.71 5.28
N THR A 151 -3.45 -3.57 3.95
CA THR A 151 -2.33 -3.04 3.18
C THR A 151 -2.80 -1.93 2.23
N PRO A 152 -1.90 -1.06 1.74
CA PRO A 152 -2.23 0.00 0.80
C PRO A 152 -2.50 -0.61 -0.59
N ALA A 153 -2.57 0.22 -1.62
CA ALA A 153 -2.83 -0.23 -2.97
C ALA A 153 -1.65 -1.05 -3.55
N LYS A 154 -1.77 -1.45 -4.83
CA LYS A 154 -0.74 -2.25 -5.48
C LYS A 154 0.47 -1.39 -5.81
N LYS A 155 1.65 -1.87 -5.44
CA LYS A 155 2.92 -1.23 -5.67
C LYS A 155 3.57 -1.87 -6.89
N LEU A 156 3.59 -1.18 -8.03
CA LEU A 156 4.21 -1.72 -9.23
C LEU A 156 5.74 -1.63 -9.06
N SER A 157 6.52 -2.18 -10.00
CA SER A 157 7.97 -2.11 -9.90
C SER A 157 8.43 -0.70 -10.28
N ALA A 158 9.67 -0.37 -9.93
CA ALA A 158 10.35 0.89 -10.21
C ALA A 158 11.81 0.52 -10.45
N ILE A 159 12.44 1.11 -11.45
CA ILE A 159 13.81 0.92 -11.87
C ILE A 159 14.54 2.25 -11.71
N GLY A 160 15.77 2.23 -11.21
CA GLY A 160 16.52 3.48 -11.04
C GLY A 160 17.62 3.49 -10.02
N GLY A 161 17.49 2.70 -8.96
CA GLY A 161 18.46 2.60 -7.87
C GLY A 161 17.73 2.16 -6.61
N ASP A 162 18.41 2.21 -5.46
CA ASP A 162 17.91 1.82 -4.16
C ASP A 162 18.31 2.88 -3.13
N GLU A 163 18.90 4.01 -3.54
CA GLU A 163 19.34 5.09 -2.66
C GLU A 163 18.52 6.34 -2.93
N GLY A 164 18.29 7.13 -1.88
CA GLY A 164 17.50 8.36 -1.93
C GLY A 164 16.44 8.36 -0.84
N THR A 165 15.71 9.46 -0.71
CA THR A 165 14.64 9.64 0.26
C THR A 165 13.53 8.65 -0.13
N ALA A 166 13.13 7.77 0.79
CA ALA A 166 12.09 6.77 0.57
C ALA A 166 10.77 7.45 0.24
N TRP A 167 10.26 7.26 -0.98
CA TRP A 167 8.99 7.85 -1.37
C TRP A 167 7.87 7.03 -0.76
N ASP A 168 7.00 7.71 -0.03
CA ASP A 168 5.84 7.16 0.65
C ASP A 168 4.63 7.37 -0.24
N ASP A 169 4.08 6.25 -0.71
CA ASP A 169 2.92 6.11 -1.59
C ASP A 169 1.65 6.82 -1.10
N GLY A 170 0.91 6.23 -0.15
CA GLY A 170 -0.32 6.83 0.34
C GLY A 170 -1.38 6.89 -0.76
N ALA A 171 -2.41 7.73 -0.58
CA ALA A 171 -3.52 7.96 -1.50
C ALA A 171 -4.31 9.17 -0.98
N TYR A 172 -4.81 10.02 -1.88
CA TYR A 172 -5.60 11.24 -1.57
C TYR A 172 -6.87 11.26 -2.43
N ASP A 173 -7.72 12.31 -2.32
CA ASP A 173 -8.95 12.41 -3.12
C ASP A 173 -8.64 12.33 -4.61
N GLY A 174 -7.49 12.86 -5.02
CA GLY A 174 -7.03 12.88 -6.40
C GLY A 174 -5.99 13.96 -6.60
N VAL A 175 -5.76 14.28 -7.86
CA VAL A 175 -4.84 15.29 -8.38
C VAL A 175 -5.64 16.36 -9.11
N LYS A 176 -5.10 17.58 -9.25
CA LYS A 176 -5.81 18.67 -9.95
C LYS A 176 -5.04 19.19 -11.15
N LYS A 177 -3.74 19.45 -11.02
CA LYS A 177 -2.92 19.96 -12.13
C LYS A 177 -1.60 19.21 -12.11
N VAL A 178 -1.03 18.94 -13.28
CA VAL A 178 0.23 18.21 -13.39
C VAL A 178 1.34 19.21 -13.73
N TYR A 179 2.55 18.98 -13.22
CA TYR A 179 3.72 19.83 -13.46
C TYR A 179 4.87 18.98 -13.97
N VAL A 180 5.84 19.59 -14.67
CA VAL A 180 7.00 18.89 -15.21
C VAL A 180 8.22 19.78 -14.98
N GLY A 181 9.28 19.23 -14.41
CA GLY A 181 10.54 19.92 -14.11
C GLY A 181 11.65 19.20 -14.87
N GLN A 182 12.22 19.86 -15.86
CA GLN A 182 13.30 19.32 -16.68
C GLN A 182 14.58 20.14 -16.50
N GLY A 183 15.63 19.69 -17.17
CA GLY A 183 16.97 20.25 -17.18
C GLY A 183 17.69 19.75 -18.42
N GLN A 184 19.00 19.95 -18.49
CA GLN A 184 19.81 19.50 -19.61
C GLN A 184 20.06 17.98 -19.55
N ASP A 185 19.87 17.42 -18.36
CA ASP A 185 20.00 16.04 -17.93
C ASP A 185 18.76 15.20 -18.27
N GLY A 186 17.57 15.79 -18.28
CA GLY A 186 16.32 15.11 -18.55
C GLY A 186 15.29 15.66 -17.58
N ILE A 187 14.52 14.80 -16.92
CA ILE A 187 13.51 15.19 -15.95
C ILE A 187 14.26 15.27 -14.62
N SER A 188 14.51 16.49 -14.14
CA SER A 188 15.24 16.73 -12.90
C SER A 188 14.32 16.85 -11.68
N ALA A 189 13.04 17.21 -11.85
CA ALA A 189 12.08 17.37 -10.76
C ALA A 189 10.66 17.02 -11.19
N VAL A 190 9.86 16.54 -10.25
CA VAL A 190 8.47 16.16 -10.48
C VAL A 190 7.63 16.68 -9.31
N LYS A 191 6.49 17.31 -9.61
CA LYS A 191 5.53 17.84 -8.64
C LYS A 191 4.17 17.92 -9.34
N PHE A 192 3.10 18.21 -8.61
CA PHE A 192 1.73 18.33 -9.13
C PHE A 192 0.85 18.97 -8.04
N GLU A 193 -0.40 19.27 -8.34
CA GLU A 193 -1.35 19.85 -7.40
C GLU A 193 -2.25 18.74 -6.89
N TYR A 194 -2.51 18.72 -5.59
CA TYR A 194 -3.36 17.72 -4.96
C TYR A 194 -4.78 18.25 -4.77
N ASN A 195 -5.70 17.34 -4.45
CA ASN A 195 -7.11 17.59 -4.21
C ASN A 195 -7.43 17.14 -2.78
N LYS A 196 -7.84 18.05 -1.89
CA LYS A 196 -8.24 17.79 -0.51
C LYS A 196 -9.43 18.70 -0.25
N GLY A 197 -10.62 18.16 -0.04
CA GLY A 197 -11.84 18.93 0.25
C GLY A 197 -11.99 20.19 -0.59
N ALA A 198 -11.99 20.03 -1.91
CA ALA A 198 -12.12 21.06 -2.95
C ALA A 198 -10.99 22.09 -3.06
N GLU A 199 -9.97 22.05 -2.19
CA GLU A 199 -8.84 22.96 -2.26
C GLU A 199 -7.93 22.53 -3.41
N ASN A 200 -6.95 23.37 -3.74
CA ASN A 200 -6.00 23.14 -4.81
C ASN A 200 -4.65 23.54 -4.23
N ILE A 201 -3.79 22.58 -3.88
CA ILE A 201 -2.47 22.89 -3.30
C ILE A 201 -1.33 22.21 -4.04
N VAL A 202 -0.27 22.98 -4.27
CA VAL A 202 0.95 22.53 -4.94
C VAL A 202 1.72 21.61 -4.01
N GLY A 203 2.09 20.44 -4.53
CA GLY A 203 2.86 19.40 -3.85
C GLY A 203 4.28 19.87 -3.54
N GLY A 204 5.08 19.00 -2.93
CA GLY A 204 6.45 19.31 -2.55
C GLY A 204 7.46 18.99 -3.63
N GLU A 205 8.57 19.73 -3.64
CA GLU A 205 9.68 19.59 -4.56
C GLU A 205 10.49 18.38 -4.11
N HIS A 206 10.34 17.25 -4.80
CA HIS A 206 11.02 16.00 -4.51
C HIS A 206 12.45 16.06 -5.05
N GLY A 207 12.59 16.15 -6.37
CA GLY A 207 13.87 16.22 -7.07
C GLY A 207 14.45 17.64 -7.04
N LYS A 208 15.70 17.77 -7.48
CA LYS A 208 16.41 19.04 -7.53
C LYS A 208 15.97 19.80 -8.80
N PRO A 209 15.28 20.95 -8.69
CA PRO A 209 14.87 21.69 -9.88
C PRO A 209 16.08 22.37 -10.54
N THR A 210 15.87 22.90 -11.74
CA THR A 210 16.89 23.61 -12.51
C THR A 210 16.33 24.98 -12.90
N LEU A 211 17.17 25.83 -13.51
CA LEU A 211 16.75 27.16 -13.96
C LEU A 211 15.84 27.11 -15.18
N LEU A 212 15.63 25.93 -15.78
CA LEU A 212 14.77 25.74 -16.95
C LEU A 212 13.29 25.95 -16.59
N GLY A 213 12.98 26.24 -15.31
CA GLY A 213 11.62 26.48 -14.86
C GLY A 213 10.82 25.18 -14.84
N PHE A 214 9.49 25.31 -14.83
CA PHE A 214 8.55 24.20 -14.83
C PHE A 214 7.44 24.51 -15.82
N GLU A 215 6.70 23.48 -16.20
CA GLU A 215 5.57 23.56 -17.09
C GLU A 215 4.39 22.95 -16.34
N GLU A 216 3.18 23.31 -16.75
CA GLU A 216 1.94 22.82 -16.16
C GLU A 216 1.00 22.39 -17.26
N PHE A 217 0.17 21.40 -16.97
CA PHE A 217 -0.80 20.87 -17.90
C PHE A 217 -2.06 20.55 -17.10
N GLU A 218 -3.15 21.25 -17.41
CA GLU A 218 -4.44 21.09 -16.77
C GLU A 218 -5.17 19.89 -17.39
N ILE A 219 -5.82 19.09 -16.54
CA ILE A 219 -6.59 17.91 -16.94
C ILE A 219 -7.96 18.05 -16.30
N ASP A 220 -9.02 17.89 -17.08
CA ASP A 220 -10.40 17.98 -16.61
C ASP A 220 -10.69 16.77 -15.74
N TYR A 221 -10.45 16.87 -14.44
CA TYR A 221 -10.67 15.79 -13.47
C TYR A 221 -11.94 14.94 -13.71
N PRO A 222 -13.15 15.53 -13.88
CA PRO A 222 -14.35 14.74 -14.09
C PRO A 222 -14.54 14.26 -15.54
N SER A 223 -13.89 14.86 -16.54
CA SER A 223 -14.04 14.50 -17.96
C SER A 223 -12.85 13.75 -18.56
N GLU A 224 -11.71 13.66 -17.89
CA GLU A 224 -10.52 13.00 -18.37
C GLU A 224 -9.82 12.38 -17.16
N TYR A 225 -9.16 11.24 -17.34
CA TYR A 225 -8.51 10.54 -16.24
C TYR A 225 -7.28 9.81 -16.78
N ILE A 226 -6.14 10.07 -16.16
CA ILE A 226 -4.83 9.51 -16.47
C ILE A 226 -4.95 7.99 -16.37
N THR A 227 -4.83 7.31 -17.52
CA THR A 227 -4.90 5.85 -17.57
C THR A 227 -3.53 5.21 -17.27
N ALA A 228 -2.43 5.94 -17.49
CA ALA A 228 -1.05 5.52 -17.26
C ALA A 228 -0.12 6.73 -17.46
N VAL A 229 1.16 6.57 -17.11
CA VAL A 229 2.18 7.60 -17.25
C VAL A 229 3.36 6.96 -18.00
N GLU A 230 3.54 7.28 -19.27
CA GLU A 230 4.62 6.77 -20.10
C GLU A 230 5.87 7.62 -19.88
N GLY A 231 7.00 7.19 -20.41
CA GLY A 231 8.26 7.91 -20.28
C GLY A 231 9.40 7.06 -20.78
N THR A 232 10.62 7.61 -20.79
CA THR A 232 11.79 6.89 -21.21
C THR A 232 12.95 7.30 -20.31
N TYR A 233 13.86 6.37 -20.05
CA TYR A 233 15.04 6.61 -19.22
C TYR A 233 16.27 6.08 -19.94
N ASP A 234 17.47 6.51 -19.53
CA ASP A 234 18.73 6.05 -20.12
C ASP A 234 19.79 6.03 -19.02
N LYS A 235 20.82 5.22 -19.22
CA LYS A 235 21.94 5.00 -18.33
C LYS A 235 22.89 6.19 -18.27
N ILE A 236 23.34 6.50 -17.05
CA ILE A 236 24.30 7.57 -16.79
C ILE A 236 25.65 6.93 -17.13
N PHE A 237 26.11 7.21 -18.34
CA PHE A 237 27.35 6.70 -18.91
C PHE A 237 28.53 6.85 -17.94
N GLY A 238 29.46 5.90 -18.00
CA GLY A 238 30.64 5.87 -17.14
C GLY A 238 30.33 5.20 -15.79
N SER A 239 29.05 5.00 -15.47
CA SER A 239 28.56 4.39 -14.26
C SER A 239 27.35 3.51 -14.64
N ASP A 240 26.66 2.94 -13.66
CA ASP A 240 25.47 2.13 -13.90
C ASP A 240 24.43 2.61 -12.89
N GLY A 241 23.67 3.58 -13.37
CA GLY A 241 22.56 4.30 -12.78
C GLY A 241 21.79 4.86 -13.96
N LEU A 242 20.63 5.48 -13.77
CA LEU A 242 19.84 6.01 -14.88
C LEU A 242 19.02 7.22 -14.46
N ILE A 243 18.50 7.93 -15.46
CA ILE A 243 17.69 9.12 -15.31
C ILE A 243 16.58 9.11 -16.37
N ILE A 244 15.39 9.60 -16.01
CA ILE A 244 14.25 9.71 -16.91
C ILE A 244 14.59 10.91 -17.81
N THR A 245 14.45 10.78 -19.12
CA THR A 245 14.75 11.83 -20.09
C THR A 245 13.49 12.29 -20.85
N MET A 246 12.38 11.55 -20.76
CA MET A 246 11.10 11.88 -21.40
C MET A 246 9.96 11.42 -20.51
N LEU A 247 8.85 12.16 -20.45
CA LEU A 247 7.69 11.82 -19.63
C LEU A 247 6.38 12.27 -20.29
N ARG A 248 5.41 11.36 -20.45
CA ARG A 248 4.10 11.61 -21.04
C ARG A 248 3.01 11.05 -20.12
N PHE A 249 1.81 11.61 -20.21
CA PHE A 249 0.68 11.16 -19.41
C PHE A 249 -0.38 10.68 -20.40
N LYS A 250 -0.88 9.45 -20.26
CA LYS A 250 -1.90 8.94 -21.17
C LYS A 250 -3.18 9.67 -20.85
N THR A 251 -3.63 10.45 -21.81
CA THR A 251 -4.83 11.27 -21.80
C THR A 251 -5.87 10.68 -22.75
N ASN A 252 -7.13 11.11 -22.66
CA ASN A 252 -8.19 10.63 -23.55
C ASN A 252 -8.70 11.84 -24.29
N LYS A 253 -8.87 11.74 -25.62
CA LYS A 253 -9.35 12.83 -26.49
C LYS A 253 -8.47 14.09 -26.46
N GLN A 254 -7.31 14.04 -25.82
CA GLN A 254 -6.34 15.10 -25.69
C GLN A 254 -4.97 14.42 -25.71
N THR A 255 -3.94 15.12 -26.17
CA THR A 255 -2.55 14.69 -26.27
C THR A 255 -1.72 15.94 -25.96
N SER A 256 -0.93 15.86 -24.89
CA SER A 256 -0.06 16.93 -24.40
C SER A 256 1.24 17.02 -25.23
N ALA A 257 2.08 18.00 -24.87
CA ALA A 257 3.36 18.24 -25.53
C ALA A 257 4.37 17.15 -25.11
N PRO A 258 5.39 16.86 -25.94
CA PRO A 258 6.40 15.87 -25.61
C PRO A 258 7.41 16.48 -24.62
N PHE A 259 7.23 16.22 -23.32
CA PHE A 259 8.14 16.76 -22.31
C PHE A 259 9.41 15.90 -22.29
N GLY A 260 10.55 16.47 -22.68
CA GLY A 260 11.83 15.78 -22.71
C GLY A 260 12.14 15.27 -24.11
N LEU A 261 13.08 14.34 -24.24
CA LEU A 261 13.48 13.75 -25.52
C LEU A 261 13.40 12.24 -25.40
N GLU A 262 12.62 11.62 -26.28
CA GLU A 262 12.38 10.19 -26.35
C GLU A 262 13.67 9.47 -26.74
N ALA A 263 14.27 8.75 -25.78
CA ALA A 263 15.51 8.00 -25.98
C ALA A 263 15.73 6.98 -24.85
N GLY A 264 16.81 6.22 -24.98
CA GLY A 264 17.24 5.19 -24.05
C GLY A 264 16.35 3.95 -24.10
N THR A 265 15.42 3.82 -23.17
CA THR A 265 14.50 2.71 -23.06
C THR A 265 13.17 3.27 -22.54
N ALA A 266 12.11 3.05 -23.31
CA ALA A 266 10.77 3.51 -22.97
C ALA A 266 10.14 2.54 -21.96
N PHE A 267 9.35 3.10 -21.04
CA PHE A 267 8.64 2.35 -20.02
C PHE A 267 7.18 2.79 -19.95
N GLU A 268 6.36 1.90 -19.38
CA GLU A 268 4.93 2.08 -19.18
C GLU A 268 4.57 1.25 -17.95
N LEU A 269 3.61 1.73 -17.15
CA LEU A 269 3.12 1.10 -15.93
C LEU A 269 1.61 1.29 -15.85
N LYS A 270 0.79 0.24 -16.04
CA LYS A 270 -0.68 0.39 -15.95
C LYS A 270 -1.36 -0.93 -15.65
N GLU A 271 -2.61 -0.89 -15.23
CA GLU A 271 -3.42 -2.05 -14.88
C GLU A 271 -4.85 -1.78 -15.37
N GLU A 272 -5.64 -2.83 -15.59
CA GLU A 272 -7.02 -2.72 -16.04
C GLU A 272 -7.91 -2.25 -14.89
N GLY A 273 -8.88 -1.39 -15.18
CA GLY A 273 -9.84 -0.87 -14.23
C GLY A 273 -9.29 -0.04 -13.08
N HIS A 274 -7.99 0.28 -13.04
CA HIS A 274 -7.41 1.06 -11.96
C HIS A 274 -6.94 2.45 -12.45
N LYS A 275 -6.89 3.42 -11.54
CA LYS A 275 -6.46 4.81 -11.74
C LYS A 275 -5.22 5.03 -10.89
N ILE A 276 -4.46 6.09 -11.14
CA ILE A 276 -3.26 6.42 -10.35
C ILE A 276 -3.69 7.37 -9.23
N VAL A 277 -3.23 7.12 -7.99
CA VAL A 277 -3.53 7.94 -6.81
C VAL A 277 -2.38 7.98 -5.79
N GLY A 278 -1.25 7.30 -6.01
CA GLY A 278 -0.11 7.32 -5.09
C GLY A 278 1.18 7.27 -5.90
N PHE A 279 2.30 7.73 -5.33
CA PHE A 279 3.63 7.81 -5.94
C PHE A 279 4.67 7.21 -4.99
N HIS A 280 5.46 6.21 -5.43
CA HIS A 280 6.49 5.54 -4.65
C HIS A 280 7.83 5.56 -5.41
N GLY A 281 8.89 4.99 -4.81
CA GLY A 281 10.22 4.92 -5.39
C GLY A 281 11.21 5.64 -4.47
N LYS A 282 12.00 6.59 -4.97
CA LYS A 282 12.98 7.36 -4.22
C LYS A 282 13.39 8.64 -4.95
N ALA A 283 13.77 9.69 -4.19
CA ALA A 283 14.23 10.98 -4.70
C ALA A 283 15.72 11.13 -4.36
N SER A 284 16.48 11.80 -5.21
CA SER A 284 17.90 12.05 -5.08
C SER A 284 18.20 13.30 -5.91
N GLU A 285 19.46 13.54 -6.29
CA GLU A 285 19.81 14.69 -7.10
C GLU A 285 19.12 14.61 -8.47
N LEU A 286 19.02 13.40 -9.04
CA LEU A 286 18.42 13.13 -10.35
C LEU A 286 17.28 12.13 -10.17
N LEU A 287 16.39 12.01 -11.15
CA LEU A 287 15.25 11.09 -11.10
C LEU A 287 15.75 9.65 -11.26
N HIS A 288 15.95 8.95 -10.14
CA HIS A 288 16.40 7.57 -10.13
C HIS A 288 15.15 6.70 -10.32
N GLN A 289 14.41 6.40 -9.25
CA GLN A 289 13.19 5.59 -9.33
C GLN A 289 12.00 6.52 -9.60
N PHE A 290 10.86 5.95 -10.00
CA PHE A 290 9.61 6.63 -10.27
C PHE A 290 8.52 5.57 -10.39
N GLY A 291 7.73 5.35 -9.34
CA GLY A 291 6.67 4.36 -9.34
C GLY A 291 5.35 4.94 -8.86
N VAL A 292 4.25 4.20 -9.01
CA VAL A 292 2.91 4.64 -8.61
C VAL A 292 2.13 3.54 -7.88
N HIS A 293 0.95 3.91 -7.37
CA HIS A 293 0.00 3.08 -6.67
C HIS A 293 -1.29 3.25 -7.43
N VAL A 294 -1.84 2.12 -7.87
CA VAL A 294 -3.06 2.08 -8.65
C VAL A 294 -4.21 1.53 -7.82
N MET A 295 -5.41 2.12 -7.90
CA MET A 295 -6.60 1.69 -7.16
C MET A 295 -7.75 1.44 -8.14
N PRO A 296 -8.57 0.40 -7.95
CA PRO A 296 -9.68 0.08 -8.85
C PRO A 296 -10.80 1.12 -8.70
N LEU A 297 -11.38 1.56 -9.82
CA LEU A 297 -12.46 2.55 -9.83
C LEU A 297 -13.78 2.02 -9.29
N THR A 298 -13.93 0.71 -9.12
CA THR A 298 -15.17 0.11 -8.63
C THR A 298 -14.98 -0.67 -7.31
N ASN A 299 -13.85 -0.46 -6.63
CA ASN A 299 -13.43 -1.06 -5.37
C ASN A 299 -13.27 -2.57 -5.50
N ALA A 1 12.02 -18.81 -0.07
CA ALA A 1 10.65 -18.86 -0.59
C ALA A 1 9.98 -20.15 -0.11
N GLN A 2 8.88 -20.01 0.62
CA GLN A 2 8.11 -21.11 1.19
C GLN A 2 7.42 -21.91 0.10
N LYS A 3 7.26 -23.20 0.38
CA LYS A 3 6.64 -24.24 -0.43
C LYS A 3 5.79 -25.10 0.49
N VAL A 4 4.60 -25.50 0.05
CA VAL A 4 3.67 -26.30 0.83
C VAL A 4 3.35 -27.61 0.13
N GLU A 5 3.08 -28.65 0.91
CA GLU A 5 2.72 -29.94 0.36
C GLU A 5 1.37 -29.81 -0.34
N ALA A 6 1.31 -30.33 -1.57
CA ALA A 6 0.13 -30.33 -2.40
C ALA A 6 -0.83 -31.37 -1.82
N GLY A 7 -1.65 -30.97 -0.86
CA GLY A 7 -2.62 -31.86 -0.23
C GLY A 7 -3.71 -32.12 -1.26
N GLY A 8 -3.82 -33.38 -1.67
CA GLY A 8 -4.79 -33.84 -2.65
C GLY A 8 -4.22 -35.06 -3.36
N GLY A 9 -4.88 -35.50 -4.44
CA GLY A 9 -4.44 -36.67 -5.18
C GLY A 9 -3.58 -36.40 -6.41
N ALA A 10 -3.16 -37.49 -7.04
CA ALA A 10 -2.32 -37.53 -8.23
C ALA A 10 -3.08 -37.46 -9.56
N GLY A 11 -4.42 -37.36 -9.54
CA GLY A 11 -5.21 -37.27 -10.75
C GLY A 11 -5.17 -35.86 -11.34
N GLY A 12 -5.78 -35.66 -12.50
CA GLY A 12 -5.85 -34.38 -13.19
C GLY A 12 -4.56 -33.94 -13.87
N ALA A 13 -4.59 -32.72 -14.40
CA ALA A 13 -3.49 -32.08 -15.09
C ALA A 13 -2.50 -31.50 -14.07
N SER A 14 -1.26 -31.32 -14.53
CA SER A 14 -0.11 -30.81 -13.81
C SER A 14 -0.08 -29.30 -13.59
N TRP A 15 -0.68 -28.82 -12.50
CA TRP A 15 -0.71 -27.41 -12.16
C TRP A 15 0.25 -27.24 -11.01
N ASP A 16 1.49 -26.92 -11.35
CA ASP A 16 2.61 -26.72 -10.43
C ASP A 16 3.65 -25.83 -11.11
N ASP A 17 4.39 -25.04 -10.32
CA ASP A 17 5.47 -24.11 -10.72
C ASP A 17 5.20 -23.54 -12.12
N GLY A 18 4.04 -22.88 -12.26
CA GLY A 18 3.51 -22.28 -13.48
C GLY A 18 3.91 -20.83 -13.74
N VAL A 19 3.13 -20.22 -14.62
CA VAL A 19 3.23 -18.84 -15.12
C VAL A 19 1.91 -18.05 -14.96
N HIS A 20 0.95 -18.61 -14.22
CA HIS A 20 -0.36 -18.02 -13.98
C HIS A 20 -0.33 -17.48 -12.57
N ASP A 21 0.26 -16.30 -12.39
CA ASP A 21 0.42 -15.63 -11.10
C ASP A 21 -0.35 -14.31 -11.04
N GLY A 22 -1.57 -14.26 -11.59
CA GLY A 22 -2.40 -13.07 -11.63
C GLY A 22 -3.85 -13.26 -11.20
N VAL A 23 -4.13 -13.85 -10.04
CA VAL A 23 -5.52 -14.03 -9.62
C VAL A 23 -6.18 -12.66 -9.36
N ARG A 24 -7.51 -12.61 -9.49
CA ARG A 24 -8.32 -11.39 -9.26
C ARG A 24 -9.47 -11.70 -8.31
N LYS A 25 -10.12 -12.85 -8.48
CA LYS A 25 -11.24 -13.32 -7.68
C LYS A 25 -10.99 -14.77 -7.31
N VAL A 26 -11.83 -15.33 -6.44
CA VAL A 26 -11.76 -16.70 -5.98
C VAL A 26 -13.21 -17.17 -5.90
N HIS A 27 -13.49 -18.33 -6.49
CA HIS A 27 -14.82 -18.92 -6.50
C HIS A 27 -14.73 -20.37 -6.07
N VAL A 28 -15.75 -20.81 -5.35
CA VAL A 28 -15.93 -22.14 -4.78
C VAL A 28 -17.43 -22.38 -4.77
N GLY A 29 -17.89 -23.62 -4.95
CA GLY A 29 -19.29 -23.97 -4.92
C GLY A 29 -19.37 -25.45 -4.58
N GLN A 30 -20.26 -25.79 -3.64
CA GLN A 30 -20.46 -27.16 -3.21
C GLN A 30 -21.28 -27.89 -4.27
N GLY A 31 -21.50 -29.17 -4.06
CA GLY A 31 -22.23 -30.06 -4.93
C GLY A 31 -22.67 -31.26 -4.11
N GLN A 32 -23.00 -32.36 -4.79
CA GLN A 32 -23.42 -33.59 -4.14
C GLN A 32 -22.21 -34.33 -3.58
N ASP A 33 -21.07 -34.17 -4.25
CA ASP A 33 -19.76 -34.73 -4.00
C ASP A 33 -18.84 -33.88 -3.12
N GLY A 34 -19.01 -32.54 -3.11
CA GLY A 34 -18.18 -31.62 -2.34
C GLY A 34 -17.88 -30.41 -3.23
N VAL A 35 -16.67 -29.86 -3.19
CA VAL A 35 -16.31 -28.72 -4.03
C VAL A 35 -16.11 -29.25 -5.45
N SER A 36 -17.13 -29.15 -6.30
CA SER A 36 -17.10 -29.61 -7.68
C SER A 36 -16.97 -28.48 -8.70
N SER A 37 -17.01 -27.20 -8.30
CA SER A 37 -16.92 -26.08 -9.23
C SER A 37 -15.89 -25.04 -8.77
N ILE A 38 -15.19 -24.45 -9.74
CA ILE A 38 -14.16 -23.45 -9.51
C ILE A 38 -13.94 -22.62 -10.78
N ASN A 39 -13.93 -21.28 -10.66
CA ASN A 39 -13.74 -20.31 -11.75
C ASN A 39 -12.47 -19.50 -11.49
N VAL A 40 -11.81 -19.01 -12.55
CA VAL A 40 -10.58 -18.23 -12.48
C VAL A 40 -10.67 -17.01 -13.41
N VAL A 41 -10.14 -15.87 -12.95
CA VAL A 41 -10.12 -14.62 -13.69
C VAL A 41 -8.64 -14.19 -13.66
N TYR A 42 -7.92 -14.48 -14.74
CA TYR A 42 -6.50 -14.14 -14.84
C TYR A 42 -6.36 -12.67 -15.23
N ALA A 43 -5.98 -11.84 -14.27
CA ALA A 43 -5.78 -10.42 -14.46
C ALA A 43 -4.36 -10.23 -14.97
N LYS A 44 -4.17 -9.65 -16.15
CA LYS A 44 -2.84 -9.40 -16.70
C LYS A 44 -2.57 -7.91 -16.82
N ASP A 45 -1.29 -7.56 -16.85
CA ASP A 45 -0.76 -6.21 -17.03
C ASP A 45 -0.90 -5.81 -18.51
N SER A 46 -1.57 -6.64 -19.33
CA SER A 46 -1.82 -6.47 -20.75
C SER A 46 -3.34 -6.48 -20.99
N GLN A 47 -4.01 -7.62 -20.82
CA GLN A 47 -5.46 -7.79 -21.00
C GLN A 47 -5.86 -8.99 -20.14
N ASP A 48 -6.96 -8.86 -19.40
CA ASP A 48 -7.49 -9.90 -18.50
C ASP A 48 -8.16 -11.00 -19.30
N VAL A 49 -8.16 -12.24 -18.81
CA VAL A 49 -8.75 -13.40 -19.48
C VAL A 49 -9.51 -14.30 -18.49
N GLU A 50 -10.80 -14.52 -18.76
CA GLU A 50 -11.62 -15.39 -17.93
C GLU A 50 -11.39 -16.80 -18.46
N GLY A 51 -10.53 -17.56 -17.79
CA GLY A 51 -10.16 -18.92 -18.17
C GLY A 51 -11.36 -19.86 -18.27
N GLY A 52 -12.47 -19.56 -17.60
CA GLY A 52 -13.69 -20.34 -17.60
C GLY A 52 -13.75 -21.30 -16.41
N GLU A 53 -14.93 -21.46 -15.85
CA GLU A 53 -15.20 -22.32 -14.73
C GLU A 53 -15.18 -23.78 -15.19
N HIS A 54 -14.43 -24.62 -14.49
CA HIS A 54 -14.33 -26.04 -14.82
C HIS A 54 -14.91 -26.88 -13.70
N GLY A 55 -14.95 -28.19 -13.93
CA GLY A 55 -15.50 -29.16 -12.99
C GLY A 55 -16.96 -29.31 -13.39
N LYS A 56 -17.88 -29.30 -12.42
CA LYS A 56 -19.31 -29.42 -12.64
C LYS A 56 -19.98 -28.24 -11.95
N LYS A 57 -20.31 -27.21 -12.73
CA LYS A 57 -20.96 -26.00 -12.20
C LYS A 57 -22.33 -26.35 -11.68
N THR A 58 -22.74 -25.68 -10.60
CA THR A 58 -24.03 -25.93 -10.01
C THR A 58 -24.63 -24.63 -9.46
N LEU A 59 -25.94 -24.47 -9.58
CA LEU A 59 -26.66 -23.31 -9.05
C LEU A 59 -27.09 -23.55 -7.61
N LEU A 60 -26.86 -24.77 -7.11
CA LEU A 60 -27.21 -25.18 -5.75
C LEU A 60 -26.29 -24.52 -4.72
N GLY A 61 -25.15 -23.96 -5.13
CA GLY A 61 -24.21 -23.32 -4.22
C GLY A 61 -22.92 -23.03 -4.96
N PHE A 62 -22.57 -21.75 -5.08
CA PHE A 62 -21.39 -21.18 -5.72
C PHE A 62 -21.29 -19.76 -5.19
N GLU A 63 -20.10 -19.31 -4.81
CA GLU A 63 -19.89 -17.98 -4.26
C GLU A 63 -18.72 -17.24 -4.90
N THR A 64 -18.73 -15.92 -4.75
CA THR A 64 -17.75 -14.98 -5.26
C THR A 64 -17.06 -14.30 -4.09
N PHE A 65 -15.74 -14.47 -3.99
CA PHE A 65 -14.89 -13.89 -2.97
C PHE A 65 -13.83 -13.14 -3.77
N GLU A 66 -13.88 -11.82 -3.75
CA GLU A 66 -12.92 -11.02 -4.48
C GLU A 66 -11.66 -10.83 -3.65
N VAL A 67 -10.56 -10.47 -4.31
CA VAL A 67 -9.27 -10.23 -3.68
C VAL A 67 -9.13 -8.72 -3.67
N ASP A 68 -9.29 -8.07 -2.52
CA ASP A 68 -9.18 -6.62 -2.41
C ASP A 68 -7.77 -6.18 -2.78
N ALA A 69 -7.58 -4.93 -3.20
CA ALA A 69 -6.25 -4.42 -3.56
C ALA A 69 -5.52 -3.92 -2.30
N ASP A 70 -6.29 -3.52 -1.30
CA ASP A 70 -5.83 -3.01 -0.01
C ASP A 70 -5.46 -4.14 0.96
N ASP A 71 -6.19 -5.25 0.90
CA ASP A 71 -5.99 -6.41 1.76
C ASP A 71 -5.06 -7.43 1.11
N TYR A 72 -4.55 -8.37 1.89
CA TYR A 72 -3.66 -9.44 1.48
C TYR A 72 -4.11 -10.77 2.13
N ILE A 73 -3.40 -11.88 1.90
CA ILE A 73 -3.72 -13.20 2.45
C ILE A 73 -2.49 -13.60 3.27
N VAL A 74 -2.71 -14.20 4.44
CA VAL A 74 -1.65 -14.64 5.35
C VAL A 74 -1.60 -16.16 5.54
N ALA A 75 -2.76 -16.83 5.57
CA ALA A 75 -2.86 -18.27 5.75
C ALA A 75 -4.07 -18.79 4.98
N VAL A 76 -4.14 -20.11 4.80
CA VAL A 76 -5.23 -20.77 4.09
C VAL A 76 -5.42 -22.14 4.73
N GLN A 77 -6.44 -22.32 5.58
CA GLN A 77 -6.67 -23.62 6.19
C GLN A 77 -7.54 -24.37 5.17
N VAL A 78 -6.89 -25.15 4.32
CA VAL A 78 -7.47 -25.95 3.26
C VAL A 78 -7.61 -27.39 3.76
N THR A 79 -8.55 -28.16 3.23
CA THR A 79 -8.82 -29.54 3.60
C THR A 79 -9.09 -30.36 2.36
N TYR A 80 -8.74 -31.65 2.38
CA TYR A 80 -8.92 -32.58 1.29
C TYR A 80 -9.02 -33.99 1.87
N ASP A 81 -9.66 -34.92 1.17
CA ASP A 81 -9.77 -36.33 1.58
C ASP A 81 -10.16 -37.20 0.38
N ASN A 82 -10.09 -38.53 0.51
CA ASN A 82 -10.41 -39.48 -0.55
C ASN A 82 -11.70 -40.21 -0.19
N VAL A 83 -12.70 -40.06 -1.04
CA VAL A 83 -14.00 -40.70 -0.85
C VAL A 83 -13.95 -42.05 -1.56
N PHE A 84 -14.73 -43.03 -1.06
CA PHE A 84 -14.81 -44.38 -1.62
C PHE A 84 -15.32 -44.42 -3.08
N GLY A 85 -15.74 -43.29 -3.64
CA GLY A 85 -16.21 -43.17 -5.00
C GLY A 85 -15.15 -42.65 -5.96
N GLN A 86 -13.92 -42.34 -5.50
CA GLN A 86 -12.85 -41.85 -6.34
C GLN A 86 -11.55 -42.60 -6.07
N ASP A 87 -10.70 -42.52 -7.08
CA ASP A 87 -9.34 -43.03 -7.25
C ASP A 87 -8.30 -42.09 -6.67
N SER A 88 -8.68 -40.83 -6.48
CA SER A 88 -7.86 -39.74 -5.99
C SER A 88 -8.55 -39.02 -4.84
N ASP A 89 -7.75 -38.23 -4.14
CA ASP A 89 -8.15 -37.38 -3.04
C ASP A 89 -8.76 -36.15 -3.77
N ILE A 90 -9.64 -35.42 -3.10
CA ILE A 90 -10.34 -34.23 -3.61
C ILE A 90 -10.44 -33.20 -2.48
N ILE A 91 -10.55 -31.92 -2.82
CA ILE A 91 -10.64 -30.83 -1.85
C ILE A 91 -12.03 -30.86 -1.21
N THR A 92 -12.08 -30.83 0.12
CA THR A 92 -13.31 -30.87 0.91
C THR A 92 -13.71 -29.51 1.48
N SER A 93 -12.77 -28.68 1.98
CA SER A 93 -13.02 -27.36 2.54
C SER A 93 -11.84 -26.45 2.24
N ILE A 94 -12.10 -25.14 2.34
CA ILE A 94 -11.15 -24.07 2.09
C ILE A 94 -11.48 -22.89 3.01
N THR A 95 -10.55 -22.43 3.84
CA THR A 95 -10.74 -21.32 4.77
C THR A 95 -9.66 -20.27 4.53
N PHE A 96 -10.00 -19.12 3.93
CA PHE A 96 -9.02 -18.07 3.68
C PHE A 96 -8.86 -17.19 4.92
N ASN A 97 -7.66 -16.65 5.10
CA ASN A 97 -7.33 -15.76 6.22
C ASN A 97 -6.64 -14.58 5.58
N THR A 98 -7.30 -13.42 5.64
CA THR A 98 -6.79 -12.18 5.08
C THR A 98 -5.84 -11.50 6.08
N PHE A 99 -5.05 -10.54 5.61
CA PHE A 99 -4.12 -9.81 6.46
C PHE A 99 -4.90 -8.88 7.39
N LYS A 100 -5.97 -8.26 6.89
CA LYS A 100 -6.76 -7.36 7.73
C LYS A 100 -7.40 -8.09 8.91
N GLY A 101 -7.84 -9.33 8.72
CA GLY A 101 -8.46 -10.12 9.77
C GLY A 101 -9.81 -10.73 9.42
N LYS A 102 -10.29 -10.57 8.18
CA LYS A 102 -11.56 -11.16 7.76
C LYS A 102 -11.28 -12.64 7.54
N THR A 103 -11.55 -13.44 8.56
CA THR A 103 -11.37 -14.88 8.54
C THR A 103 -12.66 -15.42 7.95
N SER A 104 -12.62 -15.83 6.69
CA SER A 104 -13.81 -16.37 6.06
C SER A 104 -14.09 -17.75 6.66
N PRO A 105 -15.33 -18.24 6.63
CA PRO A 105 -15.66 -19.55 7.17
C PRO A 105 -15.11 -20.68 6.26
N PRO A 106 -15.07 -21.92 6.74
CA PRO A 106 -14.63 -23.08 5.97
C PRO A 106 -15.64 -23.29 4.84
N TYR A 107 -15.22 -23.07 3.59
CA TYR A 107 -16.04 -23.24 2.40
C TYR A 107 -16.12 -24.73 2.09
N GLY A 108 -16.78 -25.48 2.97
CA GLY A 108 -16.96 -26.90 2.86
C GLY A 108 -16.76 -27.58 4.21
N LEU A 109 -16.91 -28.90 4.20
CA LEU A 109 -16.80 -29.78 5.35
C LEU A 109 -15.35 -30.06 5.71
N GLU A 110 -14.97 -29.67 6.92
CA GLU A 110 -13.63 -29.91 7.44
C GLU A 110 -13.40 -31.42 7.56
N THR A 111 -12.16 -31.87 7.58
CA THR A 111 -11.80 -33.28 7.65
C THR A 111 -10.48 -33.44 8.42
N GLN A 112 -10.10 -34.70 8.71
CA GLN A 112 -8.86 -35.01 9.42
C GLN A 112 -7.68 -34.70 8.50
N LYS A 113 -7.73 -35.18 7.24
CA LYS A 113 -6.68 -34.90 6.28
C LYS A 113 -6.74 -33.41 5.99
N LYS A 114 -5.56 -32.78 5.89
CA LYS A 114 -5.32 -31.36 5.63
C LYS A 114 -3.86 -31.04 5.87
N PHE A 115 -3.46 -29.82 5.50
CA PHE A 115 -2.13 -29.27 5.63
C PHE A 115 -2.29 -27.83 6.09
N VAL A 116 -1.26 -27.25 6.74
CA VAL A 116 -1.29 -25.88 7.25
C VAL A 116 -0.13 -25.09 6.65
N LEU A 117 -0.35 -23.78 6.48
CA LEU A 117 0.61 -22.85 5.91
C LEU A 117 0.27 -21.44 6.35
N LYS A 118 1.29 -20.63 6.60
CA LYS A 118 1.14 -19.24 7.03
C LYS A 118 2.42 -18.45 6.72
N ASP A 119 2.28 -17.14 6.58
CA ASP A 119 3.36 -16.18 6.27
C ASP A 119 4.23 -15.83 7.49
N LYS A 120 5.29 -15.03 7.29
CA LYS A 120 6.16 -14.61 8.39
C LYS A 120 6.36 -13.09 8.45
N ASN A 121 6.64 -12.44 7.31
CA ASN A 121 6.89 -10.99 7.23
C ASN A 121 6.02 -10.30 6.17
N GLY A 122 4.98 -10.95 5.65
CA GLY A 122 4.05 -10.46 4.65
C GLY A 122 3.98 -11.50 3.54
N GLY A 123 4.93 -11.45 2.60
CA GLY A 123 5.05 -12.36 1.46
C GLY A 123 3.71 -12.68 0.83
N LYS A 124 3.17 -11.74 0.06
CA LYS A 124 1.87 -11.86 -0.60
C LYS A 124 1.80 -13.13 -1.43
N LEU A 125 0.80 -13.96 -1.14
CA LEU A 125 0.55 -15.22 -1.81
C LEU A 125 0.16 -14.90 -3.26
N VAL A 126 0.97 -15.33 -4.22
CA VAL A 126 0.78 -15.11 -5.66
C VAL A 126 1.02 -16.37 -6.49
N GLY A 127 1.57 -17.44 -5.92
CA GLY A 127 1.88 -18.66 -6.63
C GLY A 127 0.69 -19.55 -6.91
N PHE A 128 0.41 -20.48 -5.98
CA PHE A 128 -0.65 -21.49 -6.00
C PHE A 128 -0.24 -22.67 -6.90
N HIS A 129 -0.75 -23.84 -6.59
CA HIS A 129 -0.55 -25.10 -7.30
C HIS A 129 -1.74 -25.99 -6.94
N GLY A 130 -1.91 -27.12 -7.60
CA GLY A 130 -3.00 -28.04 -7.29
C GLY A 130 -3.47 -28.82 -8.50
N ARG A 131 -3.05 -30.09 -8.59
CA ARG A 131 -3.44 -31.00 -9.66
C ARG A 131 -4.97 -30.96 -9.75
N ALA A 132 -5.50 -30.63 -10.92
CA ALA A 132 -6.94 -30.53 -11.14
C ALA A 132 -7.25 -30.77 -12.61
N GLY A 133 -8.51 -31.02 -12.93
CA GLY A 133 -8.94 -31.26 -14.28
C GLY A 133 -10.45 -31.32 -14.28
N GLU A 134 -11.01 -32.50 -14.51
CA GLU A 134 -12.47 -32.68 -14.52
C GLU A 134 -13.08 -32.47 -13.12
N ALA A 135 -12.26 -32.43 -12.06
CA ALA A 135 -12.61 -32.21 -10.66
C ALA A 135 -11.41 -31.51 -9.99
N LEU A 136 -11.56 -31.11 -8.73
CA LEU A 136 -10.52 -30.42 -7.95
C LEU A 136 -9.88 -31.44 -7.00
N TYR A 137 -8.83 -32.09 -7.51
CA TYR A 137 -8.08 -33.13 -6.80
C TYR A 137 -7.10 -32.63 -5.75
N ALA A 138 -6.39 -31.52 -5.97
CA ALA A 138 -5.42 -30.99 -5.01
C ALA A 138 -5.32 -29.47 -5.07
N LEU A 139 -4.68 -28.88 -4.06
CA LEU A 139 -4.44 -27.45 -3.88
C LEU A 139 -3.11 -27.26 -3.14
N GLY A 140 -2.62 -26.01 -3.04
CA GLY A 140 -1.39 -25.63 -2.37
C GLY A 140 -1.05 -24.17 -2.68
N ALA A 141 -0.06 -23.57 -2.00
CA ALA A 141 0.38 -22.18 -2.19
C ALA A 141 1.85 -21.99 -1.78
N TYR A 142 2.42 -20.83 -2.15
CA TYR A 142 3.81 -20.44 -1.88
C TYR A 142 3.87 -19.04 -1.24
N PHE A 143 5.00 -18.66 -0.62
CA PHE A 143 5.18 -17.34 0.01
C PHE A 143 6.63 -16.89 -0.20
N ALA A 144 6.87 -15.64 -0.57
CA ALA A 144 8.19 -15.08 -0.82
C ALA A 144 8.36 -13.69 -0.21
N THR A 145 9.11 -13.58 0.90
CA THR A 145 9.41 -12.32 1.59
C THR A 145 10.90 -12.29 1.93
N THR A 146 11.53 -11.12 1.85
CA THR A 146 12.94 -10.93 2.20
C THR A 146 13.19 -9.44 2.40
N THR A 147 12.85 -8.58 1.44
CA THR A 147 13.06 -7.14 1.52
C THR A 147 11.93 -6.49 0.71
N THR A 148 10.81 -6.11 1.36
CA THR A 148 9.69 -5.48 0.67
C THR A 148 9.05 -4.39 1.56
N PRO A 149 8.54 -3.30 0.95
CA PRO A 149 7.91 -2.17 1.64
C PRO A 149 6.47 -2.50 2.05
N VAL A 150 5.87 -1.63 2.85
CA VAL A 150 4.50 -1.80 3.34
C VAL A 150 3.86 -0.42 3.19
N THR A 151 2.94 -0.31 2.23
CA THR A 151 2.20 0.90 1.90
C THR A 151 0.72 0.55 1.64
N PRO A 152 -0.20 1.54 1.69
CA PRO A 152 -1.63 1.35 1.50
C PRO A 152 -2.20 1.35 0.08
N ALA A 153 -1.29 1.42 -0.86
CA ALA A 153 -1.54 1.45 -2.29
C ALA A 153 -0.91 0.27 -3.02
N LYS A 154 -1.49 -0.12 -4.16
CA LYS A 154 -1.02 -1.25 -4.97
C LYS A 154 0.24 -0.83 -5.72
N LYS A 155 1.34 -1.54 -5.53
CA LYS A 155 2.60 -1.26 -6.22
C LYS A 155 2.60 -2.08 -7.51
N LEU A 156 3.19 -1.56 -8.58
CA LEU A 156 3.30 -2.22 -9.86
C LEU A 156 4.72 -2.76 -9.90
N SER A 157 5.64 -1.93 -10.36
CA SER A 157 7.06 -2.19 -10.49
C SER A 157 7.79 -0.87 -10.75
N ALA A 158 9.12 -0.88 -10.71
CA ALA A 158 10.00 0.25 -10.97
C ALA A 158 11.33 -0.31 -11.50
N ILE A 159 12.28 0.56 -11.85
CA ILE A 159 13.58 0.13 -12.38
C ILE A 159 14.80 0.89 -11.87
N GLY A 160 14.58 2.12 -11.45
CA GLY A 160 15.50 3.12 -10.92
C GLY A 160 16.80 2.62 -10.30
N GLY A 161 16.78 2.40 -8.99
CA GLY A 161 17.90 1.96 -8.16
C GLY A 161 17.54 2.18 -6.69
N ASP A 162 18.49 1.97 -5.78
CA ASP A 162 18.31 2.11 -4.33
C ASP A 162 19.13 3.23 -3.70
N GLU A 163 19.83 4.07 -4.47
CA GLU A 163 20.63 5.19 -3.92
C GLU A 163 19.76 6.42 -3.64
N GLY A 164 19.74 6.91 -2.41
CA GLY A 164 18.96 8.10 -2.01
C GLY A 164 17.94 7.78 -0.93
N THR A 165 17.01 8.71 -0.65
CA THR A 165 15.98 8.53 0.36
C THR A 165 14.61 8.29 -0.28
N ALA A 166 13.94 7.19 0.08
CA ALA A 166 12.63 6.80 -0.40
C ALA A 166 11.53 7.55 0.35
N TRP A 167 10.37 7.73 -0.28
CA TRP A 167 9.22 8.42 0.28
C TRP A 167 7.94 7.66 -0.07
N ASP A 168 7.17 7.21 0.93
CA ASP A 168 5.92 6.49 0.68
C ASP A 168 4.78 7.50 0.54
N ASP A 169 3.95 7.33 -0.50
CA ASP A 169 2.84 8.20 -0.82
C ASP A 169 1.76 7.34 -1.49
N GLY A 170 0.82 6.79 -0.71
CA GLY A 170 -0.24 5.94 -1.22
C GLY A 170 -1.09 6.58 -2.31
N ALA A 171 -1.94 7.53 -1.93
CA ALA A 171 -2.84 8.26 -2.81
C ALA A 171 -3.29 9.57 -2.16
N TYR A 172 -3.97 10.43 -2.92
CA TYR A 172 -4.49 11.72 -2.44
C TYR A 172 -6.02 11.70 -2.60
N ASP A 173 -6.72 12.78 -2.23
CA ASP A 173 -8.17 12.84 -2.34
C ASP A 173 -8.65 13.03 -3.78
N GLY A 174 -7.77 13.60 -4.60
CA GLY A 174 -7.90 13.92 -6.01
C GLY A 174 -6.69 14.76 -6.42
N VAL A 175 -6.48 14.97 -7.72
CA VAL A 175 -5.37 15.72 -8.32
C VAL A 175 -5.92 16.87 -9.18
N LYS A 176 -5.14 17.92 -9.42
CA LYS A 176 -5.59 19.09 -10.20
C LYS A 176 -4.74 19.39 -11.43
N LYS A 177 -3.42 19.17 -11.41
CA LYS A 177 -2.59 19.46 -12.58
C LYS A 177 -1.28 18.70 -12.51
N VAL A 178 -0.72 18.40 -13.68
CA VAL A 178 0.53 17.70 -13.89
C VAL A 178 1.52 18.78 -14.37
N TYR A 179 2.77 18.69 -13.92
CA TYR A 179 3.89 19.57 -14.20
C TYR A 179 5.15 18.74 -14.47
N VAL A 180 6.15 19.33 -15.12
CA VAL A 180 7.43 18.68 -15.42
C VAL A 180 8.53 19.71 -15.16
N GLY A 181 9.65 19.28 -14.56
CA GLY A 181 10.81 20.09 -14.22
C GLY A 181 12.07 19.38 -14.67
N GLN A 182 12.37 19.50 -15.97
CA GLN A 182 13.52 18.90 -16.61
C GLN A 182 14.75 19.81 -16.48
N GLY A 183 15.92 19.23 -16.70
CA GLY A 183 17.22 19.84 -16.65
C GLY A 183 17.93 19.60 -17.98
N GLN A 184 19.26 19.71 -17.97
CA GLN A 184 20.09 19.52 -19.16
C GLN A 184 20.37 18.04 -19.40
N ASP A 185 20.25 17.20 -18.37
CA ASP A 185 20.52 15.76 -18.47
C ASP A 185 19.24 14.94 -18.50
N GLY A 186 18.18 15.39 -17.83
CA GLY A 186 16.91 14.71 -17.75
C GLY A 186 16.09 15.33 -16.64
N ILE A 187 15.18 14.57 -16.02
CA ILE A 187 14.34 15.11 -14.94
C ILE A 187 15.23 15.41 -13.72
N SER A 188 14.80 16.37 -12.90
CA SER A 188 15.48 16.79 -11.68
C SER A 188 14.47 16.92 -10.54
N ALA A 189 13.22 17.31 -10.84
CA ALA A 189 12.18 17.45 -9.84
C ALA A 189 10.80 17.16 -10.40
N VAL A 190 9.85 16.94 -9.49
CA VAL A 190 8.45 16.68 -9.76
C VAL A 190 7.67 17.59 -8.78
N LYS A 191 6.48 18.04 -9.16
CA LYS A 191 5.61 18.89 -8.35
C LYS A 191 4.16 18.69 -8.79
N PHE A 192 3.18 18.95 -7.92
CA PHE A 192 1.76 18.76 -8.24
C PHE A 192 0.86 19.82 -7.60
N GLU A 193 -0.41 19.76 -7.99
CA GLU A 193 -1.54 20.57 -7.57
C GLU A 193 -2.65 19.55 -7.29
N TYR A 194 -3.45 19.78 -6.26
CA TYR A 194 -4.53 18.89 -5.84
C TYR A 194 -5.65 19.72 -5.20
N ASN A 195 -6.81 19.11 -4.99
CA ASN A 195 -7.95 19.77 -4.35
C ASN A 195 -8.52 18.75 -3.35
N LYS A 196 -8.16 18.82 -2.06
CA LYS A 196 -8.68 17.87 -1.06
C LYS A 196 -9.96 18.48 -0.53
N GLY A 197 -11.06 17.73 -0.59
CA GLY A 197 -12.36 18.23 -0.14
C GLY A 197 -12.70 19.54 -0.85
N ALA A 198 -12.23 19.68 -2.10
CA ALA A 198 -12.36 20.78 -3.04
C ALA A 198 -11.45 21.99 -2.75
N GLU A 199 -10.76 22.06 -1.61
CA GLU A 199 -9.87 23.18 -1.30
C GLU A 199 -8.58 23.04 -2.09
N ASN A 200 -8.11 24.12 -2.73
CA ASN A 200 -6.87 24.14 -3.52
C ASN A 200 -5.69 23.88 -2.61
N ILE A 201 -4.88 22.87 -2.91
CA ILE A 201 -3.71 22.49 -2.15
C ILE A 201 -2.56 22.19 -3.12
N VAL A 202 -1.61 23.12 -3.23
CA VAL A 202 -0.45 22.99 -4.09
C VAL A 202 0.51 22.10 -3.28
N GLY A 203 1.00 21.01 -3.87
CA GLY A 203 1.91 20.11 -3.17
C GLY A 203 3.35 20.59 -3.08
N GLY A 204 3.71 21.64 -3.84
CA GLY A 204 5.07 22.15 -3.85
C GLY A 204 5.97 21.20 -4.63
N GLU A 205 7.27 21.43 -4.60
CA GLU A 205 8.26 20.62 -5.29
C GLU A 205 8.73 19.48 -4.38
N HIS A 206 9.20 18.39 -4.97
CA HIS A 206 9.73 17.22 -4.25
C HIS A 206 11.20 16.99 -4.64
N GLY A 207 11.76 17.84 -5.51
CA GLY A 207 13.13 17.76 -5.98
C GLY A 207 13.69 19.15 -6.25
N LYS A 208 14.99 19.20 -6.55
CA LYS A 208 15.69 20.44 -6.85
C LYS A 208 15.19 20.99 -8.19
N PRO A 209 14.51 22.16 -8.21
CA PRO A 209 14.01 22.75 -9.44
C PRO A 209 15.17 23.19 -10.34
N THR A 210 14.87 23.48 -11.59
CA THR A 210 15.83 23.91 -12.59
C THR A 210 15.47 25.32 -13.06
N LEU A 211 16.51 26.09 -13.44
CA LEU A 211 16.35 27.48 -13.92
C LEU A 211 15.60 27.48 -15.25
N LEU A 212 15.67 26.37 -16.00
CA LEU A 212 15.02 26.15 -17.29
C LEU A 212 13.54 26.48 -17.25
N GLY A 213 12.89 26.22 -16.11
CA GLY A 213 11.47 26.46 -15.91
C GLY A 213 10.77 25.13 -15.72
N PHE A 214 9.45 25.14 -15.85
CA PHE A 214 8.57 23.98 -15.73
C PHE A 214 7.50 24.12 -16.81
N GLU A 215 6.84 23.03 -17.14
CA GLU A 215 5.76 22.92 -18.10
C GLU A 215 4.57 22.35 -17.31
N GLU A 216 3.34 22.62 -17.72
CA GLU A 216 2.13 22.11 -17.06
C GLU A 216 1.07 21.74 -18.09
N PHE A 217 0.18 20.79 -17.76
CA PHE A 217 -0.89 20.38 -18.67
C PHE A 217 -2.17 20.08 -17.90
N GLU A 218 -3.31 20.47 -18.49
CA GLU A 218 -4.66 20.32 -17.96
C GLU A 218 -5.09 18.86 -17.85
N ILE A 219 -4.98 18.29 -16.64
CA ILE A 219 -5.36 16.94 -16.29
C ILE A 219 -6.24 17.12 -15.03
N ASP A 220 -7.56 17.03 -15.13
CA ASP A 220 -8.43 17.20 -13.97
C ASP A 220 -8.87 15.84 -13.45
N TYR A 221 -8.64 15.56 -12.17
CA TYR A 221 -9.04 14.31 -11.54
C TYR A 221 -10.55 14.00 -11.69
N PRO A 222 -11.49 14.92 -11.36
CA PRO A 222 -12.91 14.66 -11.50
C PRO A 222 -13.41 14.60 -12.96
N SER A 223 -12.56 14.77 -13.98
CA SER A 223 -12.99 14.77 -15.38
C SER A 223 -12.20 13.80 -16.25
N GLU A 224 -10.90 14.03 -16.39
CA GLU A 224 -9.99 13.21 -17.18
C GLU A 224 -9.57 11.97 -16.40
N TYR A 225 -8.95 11.03 -17.10
CA TYR A 225 -8.44 9.80 -16.52
C TYR A 225 -7.18 9.39 -17.29
N ILE A 226 -6.03 9.69 -16.67
CA ILE A 226 -4.65 9.44 -17.14
C ILE A 226 -4.54 8.10 -17.92
N THR A 227 -5.03 7.04 -17.30
CA THR A 227 -5.09 5.64 -17.75
C THR A 227 -3.82 5.00 -18.35
N ALA A 228 -2.68 5.68 -18.42
CA ALA A 228 -1.41 5.16 -18.93
C ALA A 228 -0.34 6.23 -18.69
N VAL A 229 0.92 5.89 -18.89
CA VAL A 229 2.05 6.79 -18.72
C VAL A 229 3.23 6.17 -19.46
N GLU A 230 3.96 6.96 -20.24
CA GLU A 230 5.13 6.57 -21.01
C GLU A 230 6.32 7.41 -20.50
N GLY A 231 7.53 7.02 -20.86
CA GLY A 231 8.77 7.69 -20.49
C GLY A 231 9.94 6.93 -21.13
N THR A 232 11.16 7.44 -21.02
CA THR A 232 12.32 6.76 -21.60
C THR A 232 13.50 6.74 -20.62
N TYR A 233 14.30 5.67 -20.67
CA TYR A 233 15.46 5.52 -19.82
C TYR A 233 16.69 5.00 -20.56
N ASP A 234 17.85 5.46 -20.11
CA ASP A 234 19.18 5.11 -20.60
C ASP A 234 20.13 5.05 -19.40
N LYS A 235 21.21 4.29 -19.52
CA LYS A 235 22.20 4.12 -18.46
C LYS A 235 23.27 5.21 -18.53
N ILE A 236 23.81 5.58 -17.37
CA ILE A 236 24.85 6.60 -17.24
C ILE A 236 26.21 5.90 -17.17
N PHE A 237 27.12 6.23 -18.07
CA PHE A 237 28.46 5.65 -18.11
C PHE A 237 29.19 5.82 -16.78
N GLY A 238 30.10 4.92 -16.46
CA GLY A 238 30.88 4.92 -15.21
C GLY A 238 30.10 4.46 -13.98
N SER A 239 28.79 4.28 -14.08
CA SER A 239 27.89 3.84 -13.00
C SER A 239 27.08 2.63 -13.51
N ASP A 240 26.13 2.11 -12.74
CA ASP A 240 25.28 0.97 -13.12
C ASP A 240 23.85 1.16 -12.60
N GLY A 241 23.10 2.05 -13.25
CA GLY A 241 21.73 2.41 -12.98
C GLY A 241 21.20 3.32 -14.10
N LEU A 242 20.05 3.96 -13.94
CA LEU A 242 19.45 4.85 -14.93
C LEU A 242 18.74 6.04 -14.28
N ILE A 243 18.48 7.09 -15.08
CA ILE A 243 17.83 8.35 -14.68
C ILE A 243 16.89 8.79 -15.80
N ILE A 244 15.59 8.58 -15.62
CA ILE A 244 14.58 8.91 -16.62
C ILE A 244 14.77 10.36 -17.09
N THR A 245 14.88 10.54 -18.41
CA THR A 245 15.11 11.85 -19.02
C THR A 245 13.88 12.42 -19.73
N MET A 246 13.04 11.60 -20.37
CA MET A 246 11.86 12.09 -21.07
C MET A 246 10.63 11.39 -20.50
N LEU A 247 9.52 12.14 -20.43
CA LEU A 247 8.25 11.67 -19.90
C LEU A 247 7.18 11.92 -20.94
N ARG A 248 6.18 11.05 -21.01
CA ARG A 248 5.08 11.15 -21.94
C ARG A 248 3.82 10.86 -21.16
N PHE A 249 3.22 11.93 -20.69
CA PHE A 249 1.99 11.79 -19.95
C PHE A 249 0.92 11.42 -20.96
N LYS A 250 -0.08 10.66 -20.49
CA LYS A 250 -1.20 10.17 -21.27
C LYS A 250 -2.47 10.42 -20.46
N THR A 251 -3.59 10.55 -21.15
CA THR A 251 -4.90 10.81 -20.55
C THR A 251 -6.04 10.47 -21.52
N ASN A 252 -7.25 10.43 -20.98
CA ASN A 252 -8.51 10.20 -21.67
C ASN A 252 -9.18 11.57 -21.74
N LYS A 253 -9.94 11.85 -22.80
CA LYS A 253 -10.70 13.07 -23.12
C LYS A 253 -9.78 14.14 -23.69
N GLN A 254 -8.69 14.44 -22.97
CA GLN A 254 -7.69 15.44 -23.35
C GLN A 254 -6.66 14.79 -24.29
N THR A 255 -5.78 15.59 -24.90
CA THR A 255 -4.75 15.12 -25.83
C THR A 255 -3.38 15.68 -25.40
N SER A 256 -2.58 14.87 -24.71
CA SER A 256 -1.25 15.23 -24.23
C SER A 256 -0.15 15.03 -25.30
N ALA A 257 1.09 15.44 -24.99
CA ALA A 257 2.29 15.38 -25.82
C ALA A 257 3.50 15.02 -24.94
N PRO A 258 4.67 14.73 -25.54
CA PRO A 258 5.88 14.39 -24.80
C PRO A 258 6.47 15.61 -24.07
N PHE A 259 7.30 15.35 -23.06
CA PHE A 259 7.99 16.33 -22.23
C PHE A 259 9.45 15.90 -22.19
N GLY A 260 10.27 16.47 -23.07
CA GLY A 260 11.70 16.18 -23.22
C GLY A 260 11.99 15.58 -24.60
N LEU A 261 13.21 15.13 -24.84
CA LEU A 261 13.65 14.52 -26.10
C LEU A 261 13.76 13.01 -25.94
N GLU A 262 13.37 12.22 -26.95
CA GLU A 262 13.45 10.77 -26.85
C GLU A 262 14.90 10.31 -26.82
N ALA A 263 15.35 9.85 -25.65
CA ALA A 263 16.68 9.37 -25.37
C ALA A 263 16.52 8.11 -24.51
N GLY A 264 17.09 6.99 -24.96
CA GLY A 264 17.01 5.72 -24.26
C GLY A 264 15.74 4.93 -24.61
N THR A 265 15.69 3.69 -24.12
CA THR A 265 14.60 2.74 -24.30
C THR A 265 13.31 3.33 -23.73
N ALA A 266 12.21 3.23 -24.46
CA ALA A 266 10.93 3.74 -23.98
C ALA A 266 10.19 2.64 -23.23
N PHE A 267 9.48 3.03 -22.18
CA PHE A 267 8.67 2.15 -21.35
C PHE A 267 7.31 2.80 -21.12
N GLU A 268 6.32 1.98 -20.76
CA GLU A 268 4.95 2.39 -20.48
C GLU A 268 4.42 1.53 -19.34
N LEU A 269 3.45 2.05 -18.60
CA LEU A 269 2.80 1.39 -17.47
C LEU A 269 1.31 1.67 -17.59
N LYS A 270 0.48 0.64 -17.47
CA LYS A 270 -0.97 0.72 -17.56
C LYS A 270 -1.57 -0.57 -16.99
N GLU A 271 -2.64 -0.44 -16.22
CA GLU A 271 -3.38 -1.52 -15.59
C GLU A 271 -4.83 -1.08 -15.62
N GLU A 272 -5.57 -1.55 -16.62
CA GLU A 272 -6.97 -1.21 -16.83
C GLU A 272 -7.84 -1.65 -15.64
N GLY A 273 -9.08 -1.12 -15.56
CA GLY A 273 -10.03 -1.41 -14.50
C GLY A 273 -9.68 -0.75 -13.16
N HIS A 274 -8.55 -0.03 -13.10
CA HIS A 274 -7.98 0.69 -11.99
C HIS A 274 -7.46 2.03 -12.53
N LYS A 275 -7.12 2.98 -11.66
CA LYS A 275 -6.58 4.29 -12.08
C LYS A 275 -5.30 4.57 -11.31
N ILE A 276 -4.40 5.36 -11.89
CA ILE A 276 -3.14 5.74 -11.25
C ILE A 276 -3.54 6.77 -10.20
N VAL A 277 -3.00 6.67 -8.98
CA VAL A 277 -3.32 7.58 -7.89
C VAL A 277 -2.11 8.06 -7.07
N GLY A 278 -0.90 7.55 -7.31
CA GLY A 278 0.27 7.98 -6.54
C GLY A 278 1.54 7.43 -7.15
N PHE A 279 2.69 7.62 -6.48
CA PHE A 279 3.96 7.13 -6.99
C PHE A 279 4.80 6.58 -5.86
N HIS A 280 5.83 5.82 -6.19
CA HIS A 280 6.81 5.25 -5.28
C HIS A 280 8.17 5.54 -5.88
N GLY A 281 9.18 5.52 -5.03
CA GLY A 281 10.53 5.81 -5.45
C GLY A 281 11.27 6.56 -4.37
N LYS A 282 12.37 7.15 -4.80
CA LYS A 282 13.27 7.92 -3.96
C LYS A 282 13.57 9.25 -4.64
N ALA A 283 13.99 10.25 -3.88
CA ALA A 283 14.26 11.58 -4.37
C ALA A 283 15.54 12.12 -3.76
N SER A 284 16.57 12.30 -4.60
CA SER A 284 17.85 12.82 -4.16
C SER A 284 18.43 13.58 -5.35
N GLU A 285 18.08 14.85 -5.46
CA GLU A 285 18.51 15.81 -6.49
C GLU A 285 18.21 15.44 -7.95
N LEU A 286 17.78 14.22 -8.24
CA LEU A 286 17.49 13.69 -9.56
C LEU A 286 16.26 12.75 -9.48
N LEU A 287 15.96 12.05 -10.58
CA LEU A 287 14.83 11.11 -10.67
C LEU A 287 15.30 9.66 -10.99
N HIS A 288 15.62 8.87 -9.97
CA HIS A 288 16.07 7.49 -10.12
C HIS A 288 14.84 6.55 -10.24
N GLN A 289 14.29 6.13 -9.09
CA GLN A 289 13.14 5.22 -9.04
C GLN A 289 11.86 6.03 -9.14
N PHE A 290 10.97 5.63 -10.04
CA PHE A 290 9.70 6.27 -10.28
C PHE A 290 8.70 5.22 -10.76
N GLY A 291 7.85 4.72 -9.86
CA GLY A 291 6.82 3.73 -10.16
C GLY A 291 5.47 4.36 -9.81
N VAL A 292 4.38 3.96 -10.46
CA VAL A 292 3.05 4.50 -10.25
C VAL A 292 2.17 3.55 -9.45
N HIS A 293 1.45 4.08 -8.46
CA HIS A 293 0.54 3.34 -7.61
C HIS A 293 -0.81 3.37 -8.28
N VAL A 294 -1.51 2.23 -8.25
CA VAL A 294 -2.83 2.10 -8.84
C VAL A 294 -3.80 1.77 -7.72
N MET A 295 -5.07 2.11 -7.90
CA MET A 295 -6.14 1.85 -6.94
C MET A 295 -7.41 1.63 -7.77
N PRO A 296 -8.40 0.93 -7.23
CA PRO A 296 -9.63 0.67 -7.96
C PRO A 296 -10.39 1.96 -8.27
N LEU A 297 -11.21 1.88 -9.31
CA LEU A 297 -12.07 2.95 -9.79
C LEU A 297 -13.49 2.40 -9.87
N THR A 298 -14.47 3.28 -9.87
CA THR A 298 -15.89 2.96 -9.96
C THR A 298 -16.62 4.26 -10.34
N ASN A 299 -17.94 4.20 -10.49
CA ASN A 299 -18.82 5.31 -10.82
C ASN A 299 -19.96 5.16 -9.86
N ALA A 1 -13.39 -6.97 24.32
CA ALA A 1 -12.72 -8.18 24.82
C ALA A 1 -11.81 -7.89 26.01
N GLN A 2 -12.06 -6.84 26.81
CA GLN A 2 -11.21 -6.51 27.94
C GLN A 2 -12.09 -6.26 29.15
N LYS A 3 -12.16 -7.25 30.04
CA LYS A 3 -12.93 -7.20 31.26
C LYS A 3 -12.13 -7.85 32.37
N VAL A 4 -12.16 -7.24 33.55
CA VAL A 4 -11.46 -7.75 34.72
C VAL A 4 -12.56 -7.82 35.78
N GLU A 5 -13.26 -8.94 35.72
CA GLU A 5 -14.37 -9.28 36.57
C GLU A 5 -13.96 -9.23 38.03
N ALA A 6 -14.87 -8.71 38.84
CA ALA A 6 -14.71 -8.53 40.28
C ALA A 6 -14.32 -9.84 40.99
N GLY A 7 -15.26 -10.77 41.12
CA GLY A 7 -15.04 -12.06 41.77
C GLY A 7 -15.83 -12.20 43.07
N GLY A 8 -16.36 -11.10 43.62
CA GLY A 8 -17.15 -11.08 44.83
C GLY A 8 -18.58 -11.53 44.53
N GLY A 9 -19.47 -11.37 45.51
CA GLY A 9 -20.86 -11.74 45.44
C GLY A 9 -21.54 -11.28 44.16
N ALA A 10 -21.92 -12.24 43.33
CA ALA A 10 -22.61 -11.96 42.05
C ALA A 10 -24.03 -11.44 42.25
N GLY A 11 -24.51 -11.44 43.50
CA GLY A 11 -25.82 -11.01 43.97
C GLY A 11 -25.95 -9.48 43.98
N GLY A 12 -26.78 -8.96 44.88
CA GLY A 12 -27.03 -7.52 45.02
C GLY A 12 -27.81 -6.95 43.84
N ALA A 13 -27.93 -5.62 43.77
CA ALA A 13 -28.65 -4.93 42.70
C ALA A 13 -27.68 -4.70 41.55
N SER A 14 -28.09 -4.95 40.29
CA SER A 14 -27.24 -4.80 39.11
C SER A 14 -26.87 -3.36 38.73
N TRP A 15 -26.04 -2.72 39.55
CA TRP A 15 -25.53 -1.36 39.36
C TRP A 15 -24.30 -1.39 38.44
N ASP A 16 -24.18 -2.41 37.59
CA ASP A 16 -23.10 -2.62 36.65
C ASP A 16 -23.10 -1.41 35.69
N ASP A 17 -21.96 -0.74 35.54
CA ASP A 17 -21.82 0.43 34.67
C ASP A 17 -21.92 0.05 33.18
N GLY A 18 -21.79 1.02 32.27
CA GLY A 18 -21.86 0.85 30.83
C GLY A 18 -20.46 0.92 30.24
N VAL A 19 -20.27 1.89 29.33
CA VAL A 19 -19.05 2.18 28.59
C VAL A 19 -18.79 3.70 28.58
N HIS A 20 -19.35 4.42 29.56
CA HIS A 20 -19.24 5.85 29.73
C HIS A 20 -18.44 6.16 31.00
N ASP A 21 -17.75 7.30 31.02
CA ASP A 21 -16.96 7.75 32.15
C ASP A 21 -18.01 8.48 32.98
N GLY A 22 -18.57 7.79 33.97
CA GLY A 22 -19.61 8.34 34.83
C GLY A 22 -19.45 7.94 36.29
N VAL A 23 -18.52 8.58 37.00
CA VAL A 23 -18.24 8.35 38.41
C VAL A 23 -18.06 9.71 39.07
N ARG A 24 -18.90 10.06 40.04
CA ARG A 24 -18.80 11.34 40.73
C ARG A 24 -17.98 11.14 42.00
N LYS A 25 -18.46 10.29 42.92
CA LYS A 25 -17.78 10.01 44.18
C LYS A 25 -18.10 8.58 44.61
N VAL A 26 -17.25 8.02 45.45
CA VAL A 26 -17.37 6.68 46.00
C VAL A 26 -17.04 6.85 47.48
N HIS A 27 -18.00 6.57 48.35
CA HIS A 27 -17.84 6.69 49.79
C HIS A 27 -18.08 5.28 50.36
N VAL A 28 -17.13 4.77 51.14
CA VAL A 28 -17.21 3.43 51.73
C VAL A 28 -16.70 3.49 53.17
N GLY A 29 -17.32 2.74 54.08
CA GLY A 29 -16.95 2.67 55.49
C GLY A 29 -16.99 1.22 55.97
N GLN A 30 -16.36 1.01 57.13
CA GLN A 30 -16.23 -0.29 57.78
C GLN A 30 -17.56 -0.70 58.45
N GLY A 31 -17.46 -1.43 59.55
CA GLY A 31 -18.55 -1.96 60.35
C GLY A 31 -17.96 -3.05 61.23
N GLN A 32 -18.81 -3.90 61.80
CA GLN A 32 -18.40 -5.03 62.62
C GLN A 32 -18.35 -6.27 61.72
N ASP A 33 -19.26 -6.24 60.75
CA ASP A 33 -19.61 -7.13 59.66
C ASP A 33 -18.70 -6.97 58.44
N GLY A 34 -17.80 -5.99 58.42
CA GLY A 34 -16.87 -5.73 57.31
C GLY A 34 -17.23 -4.42 56.65
N VAL A 35 -16.85 -4.23 55.38
CA VAL A 35 -17.19 -3.01 54.64
C VAL A 35 -18.72 -3.03 54.55
N SER A 36 -19.41 -2.01 55.05
CA SER A 36 -20.87 -2.03 55.03
C SER A 36 -21.52 -0.74 54.53
N SER A 37 -21.27 0.40 55.17
CA SER A 37 -21.89 1.64 54.74
C SER A 37 -21.25 2.11 53.45
N ILE A 38 -22.03 2.23 52.37
CA ILE A 38 -21.56 2.66 51.06
C ILE A 38 -22.55 3.68 50.49
N ASN A 39 -22.03 4.69 49.81
CA ASN A 39 -22.77 5.77 49.15
C ASN A 39 -22.03 6.05 47.85
N VAL A 40 -22.75 6.09 46.72
CA VAL A 40 -22.15 6.35 45.41
C VAL A 40 -23.07 7.29 44.64
N VAL A 41 -22.48 8.07 43.74
CA VAL A 41 -23.14 9.04 42.89
C VAL A 41 -22.68 8.70 41.47
N TYR A 42 -23.64 8.33 40.61
CA TYR A 42 -23.43 7.94 39.23
C TYR A 42 -23.92 9.03 38.28
N ALA A 43 -23.01 9.78 37.66
CA ALA A 43 -23.39 10.84 36.73
C ALA A 43 -23.29 10.36 35.30
N LYS A 44 -24.30 10.67 34.50
CA LYS A 44 -24.37 10.37 33.08
C LYS A 44 -24.37 11.72 32.36
N ASP A 45 -24.10 11.73 31.07
CA ASP A 45 -24.09 12.93 30.22
C ASP A 45 -25.53 13.37 29.86
N SER A 46 -26.49 12.94 30.68
CA SER A 46 -27.92 13.18 30.58
C SER A 46 -28.44 13.71 31.91
N GLN A 47 -28.46 12.87 32.96
CA GLN A 47 -28.93 13.21 34.30
C GLN A 47 -28.12 12.41 35.33
N ASP A 48 -27.67 13.07 36.39
CA ASP A 48 -26.91 12.49 37.49
C ASP A 48 -27.86 11.75 38.44
N VAL A 49 -27.36 10.73 39.13
CA VAL A 49 -28.14 9.92 40.06
C VAL A 49 -27.37 9.77 41.37
N GLU A 50 -27.86 10.44 42.41
CA GLU A 50 -27.31 10.41 43.76
C GLU A 50 -28.01 9.23 44.43
N GLY A 51 -27.33 8.07 44.47
CA GLY A 51 -27.89 6.87 45.07
C GLY A 51 -28.01 6.99 46.59
N GLY A 52 -27.23 7.87 47.22
CA GLY A 52 -27.26 8.04 48.66
C GLY A 52 -26.65 6.83 49.35
N GLU A 53 -26.76 6.79 50.68
CA GLU A 53 -26.22 5.69 51.47
C GLU A 53 -27.16 4.49 51.43
N HIS A 54 -26.61 3.37 51.01
CA HIS A 54 -27.30 2.08 50.93
C HIS A 54 -27.40 1.54 52.36
N GLY A 55 -28.32 0.59 52.61
CA GLY A 55 -28.60 -0.10 53.87
C GLY A 55 -27.99 0.52 55.13
N LYS A 56 -26.74 0.13 55.45
CA LYS A 56 -26.01 0.66 56.60
C LYS A 56 -25.68 2.13 56.29
N LYS A 57 -26.41 3.06 56.89
CA LYS A 57 -26.23 4.49 56.70
C LYS A 57 -25.99 5.23 57.99
N THR A 58 -25.48 6.46 57.88
CA THR A 58 -25.15 7.39 58.97
C THR A 58 -24.07 6.85 59.92
N LEU A 59 -23.42 5.73 59.57
CA LEU A 59 -22.38 5.09 60.37
C LEU A 59 -21.17 6.01 60.58
N LEU A 60 -21.09 7.11 59.81
CA LEU A 60 -20.10 8.18 59.72
C LEU A 60 -18.61 7.77 59.61
N GLY A 61 -18.25 6.51 59.83
CA GLY A 61 -16.90 5.99 59.74
C GLY A 61 -16.63 5.50 58.32
N PHE A 62 -16.72 6.41 57.36
CA PHE A 62 -16.51 6.18 55.94
C PHE A 62 -15.57 7.23 55.35
N GLU A 63 -15.03 6.86 54.20
CA GLU A 63 -14.10 7.61 53.39
C GLU A 63 -14.86 8.30 52.27
N THR A 64 -14.24 9.28 51.60
CA THR A 64 -14.85 10.03 50.52
C THR A 64 -13.85 10.18 49.38
N PHE A 65 -13.93 9.29 48.40
CA PHE A 65 -13.06 9.31 47.24
C PHE A 65 -13.82 10.07 46.14
N GLU A 66 -13.36 11.28 45.83
CA GLU A 66 -13.95 12.12 44.80
C GLU A 66 -13.23 11.96 43.47
N VAL A 67 -13.97 11.99 42.36
CA VAL A 67 -13.44 11.88 41.00
C VAL A 67 -13.45 13.29 40.40
N ASP A 68 -12.61 13.54 39.39
CA ASP A 68 -12.49 14.81 38.68
C ASP A 68 -12.07 14.50 37.26
N ALA A 69 -12.21 15.46 36.34
CA ALA A 69 -11.82 15.25 34.96
C ALA A 69 -10.29 15.35 34.78
N ASP A 70 -9.55 15.80 35.80
CA ASP A 70 -8.09 15.95 35.80
C ASP A 70 -7.41 14.82 36.58
N ASP A 71 -8.16 13.98 37.31
CA ASP A 71 -7.61 12.88 38.10
C ASP A 71 -8.32 11.60 37.67
N TYR A 72 -7.56 10.53 37.48
CA TYR A 72 -8.08 9.24 37.10
C TYR A 72 -7.40 8.16 37.93
N ILE A 73 -8.15 7.08 38.17
CA ILE A 73 -7.70 5.93 38.94
C ILE A 73 -6.99 5.01 37.95
N VAL A 74 -5.75 4.63 38.23
CA VAL A 74 -4.95 3.73 37.38
C VAL A 74 -5.17 2.27 37.82
N ALA A 75 -5.52 2.00 39.08
CA ALA A 75 -5.77 0.65 39.59
C ALA A 75 -6.83 0.69 40.70
N VAL A 76 -7.62 -0.38 40.82
CA VAL A 76 -8.66 -0.52 41.84
C VAL A 76 -8.46 -1.86 42.55
N GLN A 77 -7.47 -1.96 43.42
CA GLN A 77 -7.21 -3.19 44.14
C GLN A 77 -8.41 -3.46 45.06
N VAL A 78 -8.92 -4.70 45.08
CA VAL A 78 -10.06 -5.09 45.90
C VAL A 78 -9.78 -6.48 46.47
N THR A 79 -10.38 -6.78 47.62
CA THR A 79 -10.27 -8.04 48.32
C THR A 79 -11.71 -8.39 48.70
N TYR A 80 -12.06 -9.67 48.63
CA TYR A 80 -13.39 -10.18 48.95
C TYR A 80 -13.19 -11.59 49.47
N ASP A 81 -14.10 -12.13 50.26
CA ASP A 81 -13.98 -13.52 50.75
C ASP A 81 -15.37 -13.94 51.22
N ASN A 82 -15.58 -15.22 51.51
CA ASN A 82 -16.87 -15.74 51.99
C ASN A 82 -16.69 -16.51 53.29
N VAL A 83 -17.79 -16.61 54.04
CA VAL A 83 -17.88 -17.31 55.31
C VAL A 83 -19.12 -18.20 55.30
N PHE A 84 -19.22 -19.13 56.25
CA PHE A 84 -20.38 -20.01 56.34
C PHE A 84 -21.57 -19.15 56.75
N GLY A 85 -22.78 -19.53 56.33
CA GLY A 85 -23.99 -18.79 56.67
C GLY A 85 -24.27 -17.62 55.74
N GLN A 86 -23.69 -17.63 54.53
CA GLN A 86 -23.86 -16.61 53.50
C GLN A 86 -24.18 -17.34 52.19
N ASP A 87 -24.63 -16.58 51.19
CA ASP A 87 -25.03 -17.05 49.86
C ASP A 87 -24.24 -16.36 48.73
N SER A 88 -23.52 -15.30 49.09
CA SER A 88 -22.72 -14.49 48.20
C SER A 88 -21.47 -13.99 48.94
N ASP A 89 -20.34 -13.87 48.23
CA ASP A 89 -19.09 -13.38 48.79
C ASP A 89 -19.30 -11.89 49.07
N ILE A 90 -18.47 -11.31 49.95
CA ILE A 90 -18.56 -9.91 50.33
C ILE A 90 -17.17 -9.29 50.35
N ILE A 91 -17.10 -7.97 50.21
CA ILE A 91 -15.84 -7.23 50.20
C ILE A 91 -15.21 -7.14 51.57
N THR A 92 -13.88 -7.29 51.60
CA THR A 92 -13.09 -7.21 52.80
C THR A 92 -12.26 -5.90 52.78
N SER A 93 -11.86 -5.39 51.61
CA SER A 93 -11.08 -4.16 51.45
C SER A 93 -11.09 -3.70 50.00
N ILE A 94 -10.66 -2.45 49.81
CA ILE A 94 -10.54 -1.71 48.57
C ILE A 94 -9.29 -0.83 48.72
N THR A 95 -8.54 -0.58 47.65
CA THR A 95 -7.35 0.26 47.67
C THR A 95 -7.24 0.90 46.28
N PHE A 96 -7.64 2.17 46.16
CA PHE A 96 -7.59 2.91 44.90
C PHE A 96 -6.21 3.55 44.74
N ASN A 97 -5.76 3.69 43.49
CA ASN A 97 -4.46 4.27 43.14
C ASN A 97 -4.70 5.26 42.02
N THR A 98 -4.36 6.54 42.19
CA THR A 98 -4.56 7.54 41.14
C THR A 98 -3.29 7.84 40.38
N PHE A 99 -3.46 8.38 39.17
CA PHE A 99 -2.34 8.74 38.32
C PHE A 99 -1.50 9.83 38.98
N LYS A 100 -2.20 10.69 39.74
CA LYS A 100 -1.73 11.84 40.50
C LYS A 100 -0.63 11.47 41.51
N GLY A 101 -0.37 10.18 41.76
CA GLY A 101 0.64 9.72 42.68
C GLY A 101 0.08 9.45 44.07
N LYS A 102 -1.20 9.05 44.17
CA LYS A 102 -1.82 8.76 45.46
C LYS A 102 -2.24 7.31 45.53
N THR A 103 -2.20 6.77 46.74
CA THR A 103 -2.54 5.40 47.08
C THR A 103 -3.40 5.51 48.33
N SER A 104 -4.68 5.14 48.27
CA SER A 104 -5.55 5.22 49.44
C SER A 104 -5.18 4.09 50.42
N PRO A 105 -5.56 4.18 51.71
CA PRO A 105 -5.29 3.11 52.64
C PRO A 105 -6.25 1.94 52.31
N PRO A 106 -6.02 0.71 52.83
CA PRO A 106 -6.91 -0.41 52.58
C PRO A 106 -8.21 -0.14 53.35
N TYR A 107 -9.29 0.16 52.62
CA TYR A 107 -10.61 0.44 53.16
C TYR A 107 -11.26 -0.85 53.68
N GLY A 108 -10.69 -1.42 54.72
CA GLY A 108 -11.15 -2.65 55.35
C GLY A 108 -9.93 -3.44 55.83
N LEU A 109 -9.85 -4.73 55.49
CA LEU A 109 -8.78 -5.64 55.86
C LEU A 109 -8.41 -6.53 54.67
N GLU A 110 -7.11 -6.73 54.43
CA GLU A 110 -6.58 -7.56 53.36
C GLU A 110 -7.04 -9.02 53.51
N THR A 111 -7.03 -9.82 52.44
CA THR A 111 -7.45 -11.22 52.52
C THR A 111 -6.83 -12.06 51.40
N GLN A 112 -7.04 -13.38 51.45
CA GLN A 112 -6.55 -14.35 50.48
C GLN A 112 -7.21 -14.08 49.13
N LYS A 113 -8.55 -14.11 49.06
CA LYS A 113 -9.27 -13.87 47.83
C LYS A 113 -9.10 -12.38 47.53
N LYS A 114 -8.27 -12.08 46.54
CA LYS A 114 -7.96 -10.73 46.09
C LYS A 114 -7.50 -10.78 44.66
N PHE A 115 -7.43 -9.62 44.01
CA PHE A 115 -6.99 -9.51 42.64
C PHE A 115 -6.50 -8.11 42.36
N VAL A 116 -5.81 -7.94 41.24
CA VAL A 116 -5.27 -6.67 40.79
C VAL A 116 -5.64 -6.47 39.33
N LEU A 117 -5.88 -5.22 38.95
CA LEU A 117 -6.27 -4.75 37.62
C LEU A 117 -5.70 -3.35 37.50
N LYS A 118 -5.12 -3.04 36.35
CA LYS A 118 -4.55 -1.73 36.06
C LYS A 118 -4.41 -1.61 34.54
N ASP A 119 -4.82 -0.47 34.00
CA ASP A 119 -4.72 -0.18 32.58
C ASP A 119 -3.29 0.34 32.33
N LYS A 120 -2.82 0.31 31.08
CA LYS A 120 -1.48 0.77 30.69
C LYS A 120 -1.53 1.47 29.33
N ASN A 121 -1.78 0.73 28.25
CA ASN A 121 -1.86 1.24 26.87
C ASN A 121 -3.17 0.79 26.21
N GLY A 122 -4.12 0.33 27.03
CA GLY A 122 -5.41 -0.16 26.62
C GLY A 122 -6.46 0.94 26.68
N GLY A 123 -7.06 1.15 27.84
CA GLY A 123 -8.11 2.15 28.00
C GLY A 123 -8.21 2.82 29.36
N LYS A 124 -8.97 3.90 29.42
CA LYS A 124 -9.20 4.64 30.66
C LYS A 124 -10.21 3.82 31.46
N LEU A 125 -10.04 3.73 32.77
CA LEU A 125 -10.95 2.99 33.66
C LEU A 125 -12.37 3.54 33.44
N VAL A 126 -13.29 2.76 32.89
CA VAL A 126 -14.67 3.21 32.60
C VAL A 126 -15.35 3.71 33.87
N GLY A 127 -15.38 2.88 34.90
CA GLY A 127 -15.98 3.19 36.17
C GLY A 127 -15.82 1.94 37.01
N PHE A 128 -16.88 1.17 37.22
CA PHE A 128 -16.83 -0.05 38.00
C PHE A 128 -18.11 -0.89 37.83
N HIS A 129 -18.11 -2.05 38.45
CA HIS A 129 -19.18 -3.03 38.51
C HIS A 129 -18.97 -3.67 39.87
N GLY A 130 -20.02 -4.18 40.52
CA GLY A 130 -19.85 -4.78 41.84
C GLY A 130 -21.15 -5.22 42.51
N ARG A 131 -22.24 -4.57 42.14
CA ARG A 131 -23.61 -4.81 42.56
C ARG A 131 -23.82 -4.59 44.06
N ALA A 132 -23.76 -3.34 44.50
CA ALA A 132 -23.98 -3.05 45.91
C ALA A 132 -25.47 -2.88 46.12
N GLY A 133 -26.07 -3.82 46.84
CA GLY A 133 -27.48 -3.77 47.17
C GLY A 133 -27.51 -3.18 48.57
N GLU A 134 -28.06 -3.95 49.51
CA GLU A 134 -28.16 -3.53 50.91
C GLU A 134 -26.82 -3.63 51.64
N ALA A 135 -25.83 -4.26 51.00
CA ALA A 135 -24.47 -4.50 51.44
C ALA A 135 -23.56 -4.42 50.21
N LEU A 136 -22.25 -4.47 50.42
CA LEU A 136 -21.25 -4.41 49.37
C LEU A 136 -20.78 -5.83 49.03
N TYR A 137 -21.37 -6.36 47.96
CA TYR A 137 -21.12 -7.70 47.44
C TYR A 137 -19.80 -7.79 46.68
N ALA A 138 -19.65 -7.12 45.53
CA ALA A 138 -18.41 -7.19 44.77
C ALA A 138 -18.02 -5.79 44.31
N LEU A 139 -16.82 -5.68 43.73
CA LEU A 139 -16.27 -4.44 43.19
C LEU A 139 -15.13 -4.86 42.27
N GLY A 140 -15.07 -4.27 41.09
CA GLY A 140 -14.07 -4.49 40.06
C GLY A 140 -14.32 -3.43 38.98
N ALA A 141 -13.50 -3.36 37.94
CA ALA A 141 -13.66 -2.39 36.88
C ALA A 141 -13.06 -2.94 35.60
N TYR A 142 -13.18 -2.20 34.50
CA TYR A 142 -12.67 -2.60 33.20
C TYR A 142 -12.23 -1.37 32.42
N PHE A 143 -11.40 -1.63 31.41
CA PHE A 143 -10.81 -0.69 30.49
C PHE A 143 -10.73 -1.45 29.17
N ALA A 144 -11.28 -0.91 28.09
CA ALA A 144 -11.27 -1.56 26.78
C ALA A 144 -11.06 -0.56 25.66
N THR A 145 -10.48 -1.02 24.55
CA THR A 145 -10.21 -0.21 23.36
C THR A 145 -10.60 -0.98 22.09
N THR A 146 -11.12 -0.27 21.09
CA THR A 146 -11.51 -0.81 19.78
C THR A 146 -10.53 -0.24 18.74
N THR A 147 -10.56 -0.72 17.51
CA THR A 147 -9.69 -0.30 16.42
C THR A 147 -10.43 -0.48 15.07
N THR A 148 -9.85 -0.01 13.97
CA THR A 148 -10.39 -0.12 12.62
C THR A 148 -9.31 -0.67 11.68
N PRO A 149 -9.64 -1.54 10.72
CA PRO A 149 -8.67 -2.11 9.79
C PRO A 149 -8.31 -1.08 8.71
N VAL A 150 -7.04 -1.04 8.29
CA VAL A 150 -6.56 -0.10 7.28
C VAL A 150 -5.49 -0.81 6.43
N THR A 151 -5.43 -0.54 5.12
CA THR A 151 -4.45 -1.13 4.20
C THR A 151 -3.87 -0.08 3.24
N PRO A 152 -2.69 -0.34 2.63
CA PRO A 152 -2.02 0.59 1.72
C PRO A 152 -2.45 0.43 0.26
N ALA A 153 -1.84 1.26 -0.60
CA ALA A 153 -2.06 1.26 -2.04
C ALA A 153 -1.30 0.07 -2.67
N LYS A 154 -1.43 -0.10 -3.99
CA LYS A 154 -0.79 -1.18 -4.75
C LYS A 154 0.21 -0.63 -5.74
N LYS A 155 1.41 -1.20 -5.80
CA LYS A 155 2.48 -0.83 -6.72
C LYS A 155 2.72 -1.98 -7.70
N LEU A 156 3.02 -1.67 -8.96
CA LEU A 156 3.29 -2.67 -9.99
C LEU A 156 4.79 -2.96 -9.91
N SER A 157 5.57 -2.19 -10.65
CA SER A 157 7.01 -2.28 -10.74
C SER A 157 7.54 -0.86 -10.97
N ALA A 158 8.83 -0.67 -10.67
CA ALA A 158 9.59 0.56 -10.80
C ALA A 158 11.04 0.18 -10.57
N ILE A 159 11.96 0.68 -11.39
CA ILE A 159 13.38 0.41 -11.25
C ILE A 159 13.97 1.58 -10.51
N GLY A 160 14.71 1.28 -9.44
CA GLY A 160 15.36 2.27 -8.61
C GLY A 160 16.74 1.81 -8.32
N GLY A 161 17.65 2.51 -8.96
CA GLY A 161 19.08 2.30 -8.84
C GLY A 161 19.53 2.61 -7.41
N ASP A 162 20.82 2.47 -7.22
CA ASP A 162 21.58 2.66 -5.98
C ASP A 162 21.59 4.10 -5.44
N GLU A 163 20.75 5.02 -5.94
CA GLU A 163 20.72 6.41 -5.50
C GLU A 163 19.34 6.93 -5.17
N GLY A 164 19.33 7.96 -4.32
CA GLY A 164 18.15 8.66 -3.86
C GLY A 164 17.67 8.16 -2.50
N THR A 165 16.88 8.99 -1.83
CA THR A 165 16.30 8.72 -0.53
C THR A 165 14.83 8.36 -0.77
N ALA A 166 14.36 7.30 -0.12
CA ALA A 166 12.98 6.85 -0.26
C ALA A 166 12.03 7.84 0.42
N TRP A 167 10.90 8.13 -0.22
CA TRP A 167 9.86 9.03 0.28
C TRP A 167 8.55 8.29 0.22
N ASP A 168 7.84 8.18 1.34
CA ASP A 168 6.56 7.49 1.43
C ASP A 168 5.45 8.45 1.04
N ASP A 169 4.92 8.25 -0.17
CA ASP A 169 3.85 9.06 -0.74
C ASP A 169 2.50 8.42 -0.39
N GLY A 170 1.67 7.98 -1.34
CA GLY A 170 0.37 7.36 -1.12
C GLY A 170 -0.71 7.97 -2.01
N ALA A 171 -1.88 7.31 -2.07
CA ALA A 171 -2.99 7.79 -2.87
C ALA A 171 -3.59 9.04 -2.20
N TYR A 172 -4.31 9.86 -2.98
CA TYR A 172 -4.94 11.10 -2.53
C TYR A 172 -6.36 11.21 -3.08
N ASP A 173 -7.10 12.25 -2.69
CA ASP A 173 -8.50 12.49 -3.11
C ASP A 173 -8.65 12.84 -4.59
N GLY A 174 -7.55 13.14 -5.27
CA GLY A 174 -7.49 13.48 -6.69
C GLY A 174 -6.25 14.29 -6.99
N VAL A 175 -6.00 14.51 -8.27
CA VAL A 175 -4.86 15.26 -8.77
C VAL A 175 -5.38 16.38 -9.68
N LYS A 176 -5.30 17.61 -9.19
CA LYS A 176 -5.72 18.83 -9.85
C LYS A 176 -4.92 19.05 -11.12
N LYS A 177 -3.58 19.02 -11.08
CA LYS A 177 -2.75 19.27 -12.26
C LYS A 177 -1.43 18.50 -12.22
N VAL A 178 -0.71 18.48 -13.35
CA VAL A 178 0.57 17.80 -13.53
C VAL A 178 1.64 18.82 -13.96
N TYR A 179 2.87 18.63 -13.49
CA TYR A 179 4.03 19.47 -13.78
C TYR A 179 5.25 18.56 -14.04
N VAL A 180 6.25 19.06 -14.75
CA VAL A 180 7.49 18.35 -15.09
C VAL A 180 8.63 19.37 -14.99
N GLY A 181 9.83 18.96 -14.57
CA GLY A 181 10.99 19.84 -14.44
C GLY A 181 12.19 19.20 -15.15
N GLN A 182 12.28 19.41 -16.47
CA GLN A 182 13.39 18.85 -17.25
C GLN A 182 14.70 19.60 -16.93
N GLY A 183 15.82 18.97 -17.24
CA GLY A 183 17.19 19.42 -17.05
C GLY A 183 18.02 19.00 -18.26
N GLN A 184 19.34 19.02 -18.12
CA GLN A 184 20.28 18.62 -19.19
C GLN A 184 20.60 17.12 -19.13
N ASP A 185 20.25 16.51 -18.01
CA ASP A 185 20.38 15.14 -17.55
C ASP A 185 19.14 14.30 -17.82
N GLY A 186 17.96 14.91 -17.86
CA GLY A 186 16.68 14.26 -18.08
C GLY A 186 15.70 15.02 -17.21
N ILE A 187 14.79 14.34 -16.50
CA ILE A 187 13.84 14.99 -15.63
C ILE A 187 14.45 14.84 -14.23
N SER A 188 15.02 15.91 -13.69
CA SER A 188 15.66 15.92 -12.37
C SER A 188 14.65 16.12 -11.24
N ALA A 189 13.52 16.78 -11.51
CA ALA A 189 12.49 17.06 -10.51
C ALA A 189 11.09 16.91 -11.12
N VAL A 190 10.13 16.46 -10.32
CA VAL A 190 8.72 16.29 -10.72
C VAL A 190 7.91 16.77 -9.52
N LYS A 191 6.77 17.40 -9.78
CA LYS A 191 5.86 17.90 -8.76
C LYS A 191 4.49 17.77 -9.39
N PHE A 192 3.46 17.66 -8.58
CA PHE A 192 2.10 17.50 -9.04
C PHE A 192 1.22 18.35 -8.14
N GLU A 193 -0.07 18.44 -8.44
CA GLU A 193 -1.02 19.23 -7.67
C GLU A 193 -2.16 18.33 -7.20
N TYR A 194 -2.39 18.22 -5.88
CA TYR A 194 -3.46 17.41 -5.28
C TYR A 194 -4.68 18.29 -5.03
N ASN A 195 -5.83 17.67 -4.77
CA ASN A 195 -7.08 18.36 -4.51
C ASN A 195 -7.87 17.57 -3.47
N LYS A 196 -8.37 18.20 -2.41
CA LYS A 196 -9.17 17.49 -1.41
C LYS A 196 -10.30 18.39 -0.93
N GLY A 197 -11.42 17.81 -0.49
CA GLY A 197 -12.59 18.52 0.00
C GLY A 197 -13.11 19.52 -1.03
N ALA A 198 -12.83 20.80 -0.80
CA ALA A 198 -13.20 21.94 -1.64
C ALA A 198 -12.01 22.91 -1.79
N GLU A 199 -10.82 22.52 -1.32
CA GLU A 199 -9.59 23.30 -1.40
C GLU A 199 -8.67 22.61 -2.41
N ASN A 200 -7.50 23.21 -2.65
CA ASN A 200 -6.51 22.73 -3.60
C ASN A 200 -5.14 22.78 -2.94
N ILE A 201 -4.25 21.80 -3.18
CA ILE A 201 -2.93 21.77 -2.56
C ILE A 201 -1.86 22.02 -3.63
N VAL A 202 -1.37 23.25 -3.69
CA VAL A 202 -0.33 23.67 -4.62
C VAL A 202 0.98 23.58 -3.87
N GLY A 203 1.74 22.54 -4.16
CA GLY A 203 3.03 22.20 -3.58
C GLY A 203 3.33 20.75 -3.92
N GLY A 204 4.51 20.24 -3.57
CA GLY A 204 4.91 18.87 -3.86
C GLY A 204 6.31 18.73 -4.43
N GLU A 205 7.21 19.69 -4.20
CA GLU A 205 8.58 19.61 -4.71
C GLU A 205 9.28 18.43 -4.01
N HIS A 206 9.83 17.52 -4.82
CA HIS A 206 10.52 16.31 -4.44
C HIS A 206 11.91 16.18 -5.10
N GLY A 207 12.29 17.08 -6.00
CA GLY A 207 13.58 17.06 -6.68
C GLY A 207 14.10 18.47 -6.79
N LYS A 208 15.42 18.59 -6.99
CA LYS A 208 16.06 19.89 -7.11
C LYS A 208 15.59 20.61 -8.38
N PRO A 209 14.91 21.76 -8.28
CA PRO A 209 14.41 22.49 -9.44
C PRO A 209 15.58 22.92 -10.32
N THR A 210 15.44 22.73 -11.63
CA THR A 210 16.44 23.06 -12.61
C THR A 210 16.32 24.56 -12.97
N LEU A 211 17.39 25.12 -13.56
CA LEU A 211 17.40 26.52 -13.98
C LEU A 211 16.43 26.76 -15.14
N LEU A 212 16.11 25.71 -15.90
CA LEU A 212 15.20 25.73 -17.04
C LEU A 212 13.77 26.08 -16.60
N GLY A 213 13.38 25.71 -15.39
CA GLY A 213 12.04 25.97 -14.87
C GLY A 213 11.22 24.68 -14.86
N PHE A 214 9.92 24.80 -15.08
CA PHE A 214 8.99 23.69 -15.12
C PHE A 214 8.00 23.88 -16.27
N GLU A 215 7.33 22.78 -16.59
CA GLU A 215 6.31 22.59 -17.60
C GLU A 215 5.05 22.23 -16.81
N GLU A 216 3.88 22.52 -17.38
CA GLU A 216 2.60 22.22 -16.76
C GLU A 216 1.54 21.97 -17.84
N PHE A 217 0.56 21.10 -17.53
CA PHE A 217 -0.52 20.78 -18.44
C PHE A 217 -1.81 20.59 -17.64
N GLU A 218 -2.93 21.13 -18.13
CA GLU A 218 -4.22 21.04 -17.48
C GLU A 218 -5.01 19.83 -17.98
N ILE A 219 -5.35 18.94 -17.05
CA ILE A 219 -6.11 17.71 -17.22
C ILE A 219 -7.22 17.84 -16.18
N ASP A 220 -8.48 17.65 -16.53
CA ASP A 220 -9.59 17.79 -15.59
C ASP A 220 -9.90 16.46 -14.91
N TYR A 221 -9.54 16.35 -13.62
CA TYR A 221 -9.71 15.17 -12.78
C TYR A 221 -11.00 14.34 -12.95
N PRO A 222 -12.23 14.88 -12.85
CA PRO A 222 -13.43 14.06 -13.01
C PRO A 222 -13.80 13.80 -14.49
N SER A 223 -13.02 14.29 -15.45
CA SER A 223 -13.28 14.12 -16.88
C SER A 223 -12.25 13.16 -17.47
N GLU A 224 -10.97 13.34 -17.15
CA GLU A 224 -9.91 12.51 -17.66
C GLU A 224 -9.42 11.52 -16.65
N TYR A 225 -8.75 10.50 -17.17
CA TYR A 225 -8.20 9.43 -16.37
C TYR A 225 -6.85 9.06 -16.93
N ILE A 226 -5.82 9.35 -16.13
CA ILE A 226 -4.45 9.04 -16.47
C ILE A 226 -4.34 7.56 -16.15
N THR A 227 -4.75 6.72 -17.12
CA THR A 227 -4.72 5.27 -17.00
C THR A 227 -3.33 4.69 -17.28
N ALA A 228 -2.42 5.48 -17.85
CA ALA A 228 -1.06 5.05 -18.17
C ALA A 228 -0.12 6.25 -18.17
N VAL A 229 1.16 5.99 -17.98
CA VAL A 229 2.23 6.97 -17.95
C VAL A 229 3.45 6.32 -18.60
N GLU A 230 4.26 7.12 -19.30
CA GLU A 230 5.49 6.73 -19.98
C GLU A 230 6.57 7.62 -19.36
N GLY A 231 7.82 7.17 -19.34
CA GLY A 231 8.94 7.89 -18.76
C GLY A 231 10.31 7.42 -19.23
N THR A 232 10.45 7.16 -20.52
CA THR A 232 11.63 6.68 -21.26
C THR A 232 12.90 7.03 -20.46
N TYR A 233 13.58 6.02 -19.90
CA TYR A 233 14.77 6.22 -19.08
C TYR A 233 16.03 5.50 -19.56
N ASP A 234 17.20 6.00 -19.18
CA ASP A 234 18.48 5.38 -19.56
C ASP A 234 19.49 5.53 -18.42
N LYS A 235 20.58 4.77 -18.51
CA LYS A 235 21.68 4.74 -17.55
C LYS A 235 22.56 5.98 -17.66
N ILE A 236 22.93 6.53 -16.51
CA ILE A 236 23.78 7.70 -16.38
C ILE A 236 25.21 7.19 -16.56
N PHE A 237 25.80 7.54 -17.71
CA PHE A 237 27.15 7.16 -18.09
C PHE A 237 28.16 7.40 -16.95
N GLY A 238 28.89 6.34 -16.60
CA GLY A 238 29.90 6.35 -15.55
C GLY A 238 29.45 5.64 -14.27
N SER A 239 28.14 5.45 -14.09
CA SER A 239 27.54 4.79 -12.94
C SER A 239 26.45 3.85 -13.43
N ASP A 240 25.79 3.11 -12.51
CA ASP A 240 24.70 2.19 -12.87
C ASP A 240 23.34 2.83 -12.57
N GLY A 241 23.32 4.12 -12.23
CA GLY A 241 22.14 4.87 -11.94
C GLY A 241 21.44 5.17 -13.25
N LEU A 242 20.18 5.57 -13.16
CA LEU A 242 19.32 5.91 -14.30
C LEU A 242 18.44 7.09 -13.95
N ILE A 243 17.88 7.72 -14.98
CA ILE A 243 17.00 8.87 -14.85
C ILE A 243 16.04 8.87 -16.04
N ILE A 244 14.82 9.35 -15.82
CA ILE A 244 13.79 9.47 -16.83
C ILE A 244 14.20 10.65 -17.70
N THR A 245 13.99 10.60 -19.02
CA THR A 245 14.35 11.70 -19.91
C THR A 245 13.14 12.27 -20.65
N MET A 246 12.04 11.53 -20.82
CA MET A 246 10.85 12.06 -21.48
C MET A 246 9.62 11.43 -20.84
N LEU A 247 8.68 12.24 -20.38
CA LEU A 247 7.45 11.81 -19.72
C LEU A 247 6.24 12.05 -20.62
N ARG A 248 5.22 11.20 -20.45
CA ARG A 248 3.94 11.25 -21.16
C ARG A 248 2.91 10.72 -20.18
N PHE A 249 1.74 11.36 -20.16
CA PHE A 249 0.62 10.99 -19.28
C PHE A 249 -0.56 10.80 -20.21
N LYS A 250 -1.09 9.58 -20.36
CA LYS A 250 -2.22 9.40 -21.27
C LYS A 250 -3.44 10.11 -20.71
N THR A 251 -4.34 10.49 -21.61
CA THR A 251 -5.58 11.18 -21.31
C THR A 251 -6.65 10.69 -22.29
N ASN A 252 -7.92 11.03 -22.02
CA ASN A 252 -9.08 10.71 -22.86
C ASN A 252 -9.72 12.05 -23.16
N LYS A 253 -10.24 12.28 -24.38
CA LYS A 253 -10.89 13.52 -24.82
C LYS A 253 -9.85 14.65 -24.99
N GLN A 254 -8.95 14.81 -24.03
CA GLN A 254 -7.86 15.78 -24.02
C GLN A 254 -6.69 15.17 -24.83
N THR A 255 -5.68 15.98 -25.16
CA THR A 255 -4.50 15.58 -25.92
C THR A 255 -3.26 16.06 -25.15
N SER A 256 -2.61 15.17 -24.40
CA SER A 256 -1.44 15.46 -23.60
C SER A 256 -0.20 15.81 -24.43
N ALA A 257 0.46 16.92 -24.13
CA ALA A 257 1.67 17.35 -24.81
C ALA A 257 2.85 16.47 -24.29
N PRO A 258 3.95 16.32 -25.06
CA PRO A 258 5.10 15.56 -24.61
C PRO A 258 5.96 16.44 -23.69
N PHE A 259 6.78 15.84 -22.82
CA PHE A 259 7.65 16.56 -21.90
C PHE A 259 9.04 15.92 -21.99
N GLY A 260 10.01 16.55 -22.65
CA GLY A 260 11.37 16.03 -22.81
C GLY A 260 11.57 15.41 -24.20
N LEU A 261 12.70 14.72 -24.43
CA LEU A 261 13.03 14.08 -25.70
C LEU A 261 13.11 12.57 -25.54
N GLU A 262 12.31 11.89 -26.35
CA GLU A 262 12.15 10.43 -26.42
C GLU A 262 13.50 9.76 -26.70
N ALA A 263 14.04 9.07 -25.71
CA ALA A 263 15.29 8.34 -25.78
C ALA A 263 15.35 7.35 -24.60
N GLY A 264 16.24 6.37 -24.69
CA GLY A 264 16.41 5.36 -23.65
C GLY A 264 15.38 4.23 -23.74
N THR A 265 15.30 3.47 -22.66
CA THR A 265 14.42 2.33 -22.45
C THR A 265 13.00 2.86 -22.22
N ALA A 266 12.12 2.67 -23.21
CA ALA A 266 10.74 3.09 -23.13
C ALA A 266 9.99 2.13 -22.21
N PHE A 267 9.10 2.65 -21.35
CA PHE A 267 8.30 1.83 -20.44
C PHE A 267 6.98 2.50 -20.08
N GLU A 268 5.86 1.85 -20.38
CA GLU A 268 4.54 2.37 -20.07
C GLU A 268 4.02 1.62 -18.83
N LEU A 269 3.66 2.35 -17.78
CA LEU A 269 3.16 1.79 -16.54
C LEU A 269 1.64 1.95 -16.58
N LYS A 270 0.92 0.83 -16.71
CA LYS A 270 -0.54 0.80 -16.75
C LYS A 270 -1.04 -0.54 -16.24
N GLU A 271 -2.32 -0.57 -15.90
CA GLU A 271 -3.08 -1.70 -15.42
C GLU A 271 -4.46 -1.50 -16.03
N GLU A 272 -5.09 -2.57 -16.53
CA GLU A 272 -6.40 -2.49 -17.15
C GLU A 272 -7.45 -1.98 -16.15
N GLY A 273 -8.21 -0.98 -16.57
CA GLY A 273 -9.27 -0.36 -15.80
C GLY A 273 -8.85 0.52 -14.61
N HIS A 274 -7.56 0.68 -14.31
CA HIS A 274 -7.12 1.49 -13.17
C HIS A 274 -6.66 2.90 -13.56
N LYS A 275 -6.64 3.78 -12.56
CA LYS A 275 -6.21 5.17 -12.60
C LYS A 275 -4.87 5.26 -11.87
N ILE A 276 -4.10 6.33 -12.11
CA ILE A 276 -2.79 6.56 -11.49
C ILE A 276 -3.00 7.57 -10.36
N VAL A 277 -2.91 7.10 -9.11
CA VAL A 277 -3.09 7.88 -7.89
C VAL A 277 -2.15 7.34 -6.80
N GLY A 278 -0.95 7.91 -6.76
CA GLY A 278 0.11 7.60 -5.80
C GLY A 278 1.44 7.41 -6.49
N PHE A 279 2.53 7.55 -5.74
CA PHE A 279 3.92 7.41 -6.14
C PHE A 279 4.64 6.51 -5.13
N HIS A 280 5.81 6.00 -5.50
CA HIS A 280 6.69 5.17 -4.67
C HIS A 280 8.07 5.25 -5.34
N GLY A 281 8.99 6.03 -4.78
CA GLY A 281 10.33 6.19 -5.36
C GLY A 281 11.41 6.48 -4.34
N LYS A 282 12.63 6.63 -4.86
CA LYS A 282 13.88 6.94 -4.17
C LYS A 282 14.56 7.90 -5.13
N ALA A 283 14.78 9.13 -4.68
CA ALA A 283 15.42 10.19 -5.44
C ALA A 283 15.87 11.25 -4.45
N SER A 284 16.89 12.02 -4.82
CA SER A 284 17.41 13.10 -4.01
C SER A 284 17.97 14.15 -4.96
N GLU A 285 19.10 13.83 -5.60
CA GLU A 285 19.76 14.72 -6.54
C GLU A 285 19.29 14.45 -7.96
N LEU A 286 19.03 13.18 -8.27
CA LEU A 286 18.59 12.71 -9.58
C LEU A 286 17.38 11.82 -9.38
N LEU A 287 16.41 11.91 -10.27
CA LEU A 287 15.17 11.15 -10.22
C LEU A 287 15.42 9.69 -10.65
N HIS A 288 15.84 8.85 -9.70
CA HIS A 288 16.12 7.44 -9.96
C HIS A 288 14.84 6.63 -10.06
N GLN A 289 14.26 6.22 -8.93
CA GLN A 289 13.05 5.42 -8.98
C GLN A 289 11.83 6.30 -9.15
N PHE A 290 11.04 6.00 -10.17
CA PHE A 290 9.81 6.68 -10.45
C PHE A 290 8.81 5.56 -10.57
N GLY A 291 8.05 5.36 -9.50
CA GLY A 291 7.00 4.36 -9.41
C GLY A 291 5.72 5.09 -9.09
N VAL A 292 4.60 4.48 -9.47
CA VAL A 292 3.26 5.01 -9.27
C VAL A 292 2.35 3.91 -8.69
N HIS A 293 1.23 4.29 -8.10
CA HIS A 293 0.26 3.37 -7.52
C HIS A 293 -0.99 3.32 -8.41
N VAL A 294 -1.78 2.28 -8.26
CA VAL A 294 -2.99 2.07 -9.04
C VAL A 294 -4.20 1.96 -8.11
N MET A 295 -5.38 2.21 -8.67
CA MET A 295 -6.68 2.13 -8.00
C MET A 295 -7.73 1.92 -9.10
N PRO A 296 -8.74 1.07 -8.90
CA PRO A 296 -9.78 0.86 -9.90
C PRO A 296 -10.67 2.11 -9.83
N LEU A 297 -10.83 2.82 -10.95
CA LEU A 297 -11.63 4.04 -11.01
C LEU A 297 -13.13 3.74 -10.95
N THR A 298 -13.93 4.79 -10.73
CA THR A 298 -15.38 4.72 -10.65
C THR A 298 -15.93 4.92 -12.06
N ASN A 299 -16.84 4.05 -12.51
CA ASN A 299 -17.44 4.12 -13.83
C ASN A 299 -18.86 3.59 -13.73
N ALA A 1 12.33 -10.59 9.70
CA ALA A 1 10.97 -10.51 10.26
C ALA A 1 10.20 -9.37 9.64
N GLN A 2 10.77 -8.19 9.80
CA GLN A 2 10.37 -6.87 9.34
C GLN A 2 11.59 -6.15 8.81
N LYS A 3 11.37 -5.21 7.91
CA LYS A 3 12.33 -4.34 7.24
C LYS A 3 13.44 -3.89 8.22
N VAL A 4 14.67 -4.33 7.99
CA VAL A 4 15.83 -4.00 8.83
C VAL A 4 16.74 -3.09 8.01
N GLU A 5 17.42 -2.15 8.66
CA GLU A 5 18.36 -1.28 7.98
C GLU A 5 19.75 -1.91 8.18
N ALA A 6 20.74 -1.43 7.44
CA ALA A 6 22.09 -1.95 7.52
C ALA A 6 22.73 -1.38 8.81
N GLY A 7 22.66 -2.14 9.91
CA GLY A 7 23.18 -1.76 11.22
C GLY A 7 24.69 -1.74 11.35
N GLY A 8 25.43 -1.89 10.24
CA GLY A 8 26.88 -1.90 10.23
C GLY A 8 27.47 -0.50 10.37
N GLY A 9 28.78 -0.44 10.17
CA GLY A 9 29.59 0.77 10.22
C GLY A 9 29.19 1.73 9.12
N ALA A 10 28.69 1.18 8.01
CA ALA A 10 28.23 1.90 6.83
C ALA A 10 29.33 2.82 6.31
N GLY A 11 30.55 2.29 6.29
CA GLY A 11 31.75 2.96 5.83
C GLY A 11 31.78 3.14 4.30
N GLY A 12 30.64 2.99 3.62
CA GLY A 12 30.48 3.11 2.18
C GLY A 12 29.16 3.82 1.85
N ALA A 13 28.97 4.08 0.57
CA ALA A 13 27.83 4.75 -0.04
C ALA A 13 26.63 3.81 -0.19
N SER A 14 25.45 4.42 -0.35
CA SER A 14 24.19 3.71 -0.54
C SER A 14 24.35 2.60 -1.60
N TRP A 15 23.76 1.45 -1.31
CA TRP A 15 23.73 0.27 -2.15
C TRP A 15 22.47 -0.44 -1.66
N ASP A 16 21.40 -0.42 -2.46
CA ASP A 16 20.10 -1.01 -2.12
C ASP A 16 19.39 -1.51 -3.38
N ASP A 17 19.93 -2.59 -3.93
CA ASP A 17 19.48 -3.28 -5.14
C ASP A 17 17.98 -3.27 -5.33
N GLY A 18 17.54 -2.84 -6.52
CA GLY A 18 16.13 -2.77 -6.89
C GLY A 18 15.55 -4.18 -6.87
N VAL A 19 14.27 -4.30 -6.52
CA VAL A 19 13.53 -5.56 -6.40
C VAL A 19 13.73 -6.51 -7.58
N HIS A 20 13.76 -6.00 -8.81
CA HIS A 20 13.95 -6.82 -10.00
C HIS A 20 15.46 -7.06 -10.17
N ASP A 21 16.07 -7.66 -9.15
CA ASP A 21 17.49 -7.97 -9.10
C ASP A 21 17.85 -9.14 -9.99
N GLY A 22 16.98 -10.15 -10.10
CA GLY A 22 17.21 -11.34 -10.91
C GLY A 22 18.64 -11.86 -10.70
N VAL A 23 19.09 -12.00 -9.44
CA VAL A 23 20.44 -12.45 -9.15
C VAL A 23 20.74 -13.82 -9.74
N ARG A 24 21.95 -13.95 -10.28
CA ARG A 24 22.49 -15.14 -10.93
C ARG A 24 23.57 -15.76 -10.06
N LYS A 25 24.62 -15.01 -9.74
CA LYS A 25 25.71 -15.51 -8.92
C LYS A 25 26.12 -14.47 -7.88
N VAL A 26 26.86 -14.92 -6.87
CA VAL A 26 27.39 -14.12 -5.79
C VAL A 26 28.78 -14.68 -5.46
N HIS A 27 29.87 -14.09 -5.98
CA HIS A 27 31.23 -14.55 -5.67
C HIS A 27 31.60 -13.77 -4.41
N VAL A 28 32.20 -14.43 -3.43
CA VAL A 28 32.64 -13.89 -2.15
C VAL A 28 33.96 -14.58 -1.80
N GLY A 29 34.88 -13.92 -1.11
CA GLY A 29 36.16 -14.53 -0.74
C GLY A 29 36.43 -14.46 0.74
N GLN A 30 37.46 -13.71 1.13
CA GLN A 30 37.85 -13.51 2.53
C GLN A 30 36.74 -12.79 3.31
N GLY A 31 36.88 -12.65 4.63
CA GLY A 31 35.90 -12.01 5.49
C GLY A 31 36.48 -11.41 6.76
N GLN A 32 37.61 -11.91 7.27
CA GLN A 32 38.23 -11.41 8.50
C GLN A 32 38.63 -9.92 8.38
N ASP A 33 38.92 -9.49 7.15
CA ASP A 33 39.29 -8.12 6.74
C ASP A 33 38.13 -7.46 5.99
N GLY A 34 37.03 -8.20 5.89
CA GLY A 34 35.78 -7.88 5.25
C GLY A 34 35.69 -8.62 3.93
N VAL A 35 34.47 -8.76 3.38
CA VAL A 35 34.29 -9.43 2.11
C VAL A 35 34.56 -8.36 1.07
N SER A 36 35.80 -8.30 0.56
CA SER A 36 36.22 -7.33 -0.44
C SER A 36 35.76 -7.78 -1.82
N SER A 37 36.30 -8.91 -2.28
CA SER A 37 36.01 -9.50 -3.57
C SER A 37 34.54 -9.85 -3.70
N ILE A 38 33.85 -9.15 -4.60
CA ILE A 38 32.44 -9.33 -4.89
C ILE A 38 32.28 -9.35 -6.40
N ASN A 39 31.45 -10.27 -6.89
CA ASN A 39 31.12 -10.43 -8.30
C ASN A 39 29.66 -10.86 -8.28
N VAL A 40 28.74 -10.03 -8.74
CA VAL A 40 27.31 -10.32 -8.77
C VAL A 40 26.83 -10.15 -10.21
N VAL A 41 25.81 -10.91 -10.61
CA VAL A 41 25.24 -10.84 -11.95
C VAL A 41 23.75 -10.63 -11.75
N TYR A 42 23.20 -9.55 -12.32
CA TYR A 42 21.79 -9.18 -12.24
C TYR A 42 21.21 -9.40 -13.63
N ALA A 43 20.45 -10.46 -13.81
CA ALA A 43 19.85 -10.77 -15.10
C ALA A 43 18.55 -10.01 -15.31
N LYS A 44 18.56 -9.04 -16.23
CA LYS A 44 17.35 -8.29 -16.56
C LYS A 44 16.57 -9.24 -17.48
N ASP A 45 15.24 -9.12 -17.52
CA ASP A 45 14.44 -10.00 -18.36
C ASP A 45 14.81 -9.95 -19.85
N SER A 46 15.15 -8.76 -20.38
CA SER A 46 15.51 -8.60 -21.77
C SER A 46 16.78 -9.36 -22.15
N GLN A 47 17.91 -9.04 -21.50
CA GLN A 47 19.23 -9.63 -21.68
C GLN A 47 19.98 -9.42 -20.36
N ASP A 48 21.00 -10.24 -20.10
CA ASP A 48 21.83 -10.12 -18.88
C ASP A 48 22.72 -8.88 -19.04
N VAL A 49 23.18 -8.30 -17.93
CA VAL A 49 24.04 -7.12 -17.96
C VAL A 49 25.11 -7.28 -16.87
N GLU A 50 26.35 -7.52 -17.29
CA GLU A 50 27.48 -7.68 -16.38
C GLU A 50 28.23 -6.35 -16.24
N GLY A 51 28.63 -6.04 -15.02
CA GLY A 51 29.37 -4.85 -14.62
C GLY A 51 30.80 -5.18 -14.17
N GLY A 52 31.17 -6.46 -14.12
CA GLY A 52 32.49 -6.89 -13.73
C GLY A 52 32.61 -7.36 -12.26
N GLU A 53 33.86 -7.48 -11.82
CA GLU A 53 34.26 -7.90 -10.48
C GLU A 53 34.75 -6.65 -9.74
N HIS A 54 34.56 -6.62 -8.42
CA HIS A 54 34.97 -5.55 -7.53
C HIS A 54 35.75 -6.17 -6.38
N GLY A 55 36.63 -5.40 -5.73
CA GLY A 55 37.44 -5.89 -4.62
C GLY A 55 38.55 -6.82 -5.11
N LYS A 56 39.39 -7.35 -4.22
CA LYS A 56 40.50 -8.22 -4.58
C LYS A 56 40.51 -9.54 -3.82
N LYS A 57 40.38 -10.65 -4.55
CA LYS A 57 40.37 -12.02 -4.04
C LYS A 57 41.78 -12.61 -4.09
N THR A 58 42.01 -13.70 -3.39
CA THR A 58 43.27 -14.42 -3.34
C THR A 58 42.94 -15.91 -3.28
N LEU A 59 43.94 -16.78 -3.48
CA LEU A 59 43.75 -18.22 -3.39
C LEU A 59 43.36 -18.61 -1.95
N LEU A 60 43.60 -17.72 -0.99
CA LEU A 60 43.30 -17.88 0.43
C LEU A 60 41.82 -17.65 0.76
N GLY A 61 40.99 -17.13 -0.15
CA GLY A 61 39.59 -16.89 0.13
C GLY A 61 38.88 -16.47 -1.14
N PHE A 62 38.16 -17.41 -1.75
CA PHE A 62 37.38 -17.27 -2.96
C PHE A 62 36.38 -18.44 -2.95
N GLU A 63 35.10 -18.15 -3.19
CA GLU A 63 33.98 -19.10 -3.22
C GLU A 63 33.02 -18.63 -4.33
N THR A 64 32.13 -19.50 -4.81
CA THR A 64 31.19 -19.19 -5.87
C THR A 64 29.78 -19.76 -5.62
N PHE A 65 28.85 -18.97 -5.06
CA PHE A 65 27.46 -19.39 -4.80
C PHE A 65 26.65 -19.02 -6.05
N GLU A 66 25.74 -19.89 -6.50
CA GLU A 66 24.90 -19.63 -7.67
C GLU A 66 23.44 -19.92 -7.32
N VAL A 67 22.57 -19.03 -7.77
CA VAL A 67 21.14 -19.07 -7.54
C VAL A 67 20.45 -19.87 -8.66
N ASP A 68 19.48 -20.71 -8.33
CA ASP A 68 18.72 -21.53 -9.29
C ASP A 68 17.61 -20.66 -9.92
N ALA A 69 16.93 -21.15 -10.95
CA ALA A 69 15.85 -20.43 -11.62
C ALA A 69 14.61 -20.27 -10.72
N ASP A 70 14.40 -21.18 -9.76
CA ASP A 70 13.26 -21.19 -8.84
C ASP A 70 13.69 -21.20 -7.36
N ASP A 71 14.92 -20.80 -7.05
CA ASP A 71 15.40 -20.73 -5.67
C ASP A 71 15.26 -19.27 -5.24
N TYR A 72 14.75 -19.06 -4.03
CA TYR A 72 14.51 -17.77 -3.41
C TYR A 72 15.20 -17.71 -2.05
N ILE A 73 15.48 -16.52 -1.52
CA ILE A 73 16.14 -16.34 -0.21
C ILE A 73 15.08 -16.11 0.87
N VAL A 74 15.02 -16.95 1.90
CA VAL A 74 14.06 -16.80 3.01
C VAL A 74 14.77 -16.59 4.34
N ALA A 75 16.05 -16.94 4.45
CA ALA A 75 16.81 -16.76 5.66
C ALA A 75 18.25 -16.45 5.30
N VAL A 76 18.84 -15.53 6.08
CA VAL A 76 20.20 -15.06 5.93
C VAL A 76 20.76 -15.04 7.36
N GLN A 77 22.03 -15.39 7.53
CA GLN A 77 22.74 -15.43 8.80
C GLN A 77 23.97 -14.56 8.54
N VAL A 78 24.13 -13.46 9.29
CA VAL A 78 25.24 -12.56 9.10
C VAL A 78 25.97 -12.38 10.43
N THR A 79 27.30 -12.37 10.34
CA THR A 79 28.23 -12.22 11.43
C THR A 79 28.99 -10.92 11.13
N TYR A 80 29.22 -10.08 12.14
CA TYR A 80 29.88 -8.80 11.97
C TYR A 80 30.83 -8.55 13.14
N ASP A 81 31.93 -7.83 12.92
CA ASP A 81 32.89 -7.56 14.00
C ASP A 81 33.59 -6.21 13.87
N ASN A 82 33.96 -5.64 15.02
CA ASN A 82 34.68 -4.40 15.19
C ASN A 82 35.61 -4.53 16.40
N VAL A 83 36.63 -3.68 16.40
CA VAL A 83 37.66 -3.57 17.43
C VAL A 83 37.82 -2.09 17.80
N PHE A 84 38.56 -1.80 18.87
CA PHE A 84 38.85 -0.45 19.37
C PHE A 84 39.73 0.38 18.42
N GLY A 85 40.11 -0.18 17.26
CA GLY A 85 40.95 0.42 16.23
C GLY A 85 40.21 0.61 14.92
N GLN A 86 38.88 0.57 14.90
CA GLN A 86 38.07 0.73 13.69
C GLN A 86 36.91 1.68 13.94
N ASP A 87 36.41 2.27 12.87
CA ASP A 87 35.27 3.21 12.84
C ASP A 87 34.10 2.68 12.02
N SER A 88 34.26 1.44 11.59
CA SER A 88 33.36 0.64 10.81
C SER A 88 33.27 -0.78 11.41
N ASP A 89 32.35 -1.56 10.85
CA ASP A 89 32.07 -2.95 11.18
C ASP A 89 32.37 -3.67 9.88
N ILE A 90 32.87 -4.89 9.94
CA ILE A 90 33.17 -5.69 8.75
C ILE A 90 32.45 -7.01 8.93
N ILE A 91 31.87 -7.51 7.84
CA ILE A 91 31.12 -8.75 7.81
C ILE A 91 32.13 -9.90 7.85
N THR A 92 32.29 -10.56 8.99
CA THR A 92 33.24 -11.66 9.08
C THR A 92 32.74 -12.93 8.37
N SER A 93 31.42 -13.16 8.32
CA SER A 93 30.77 -14.28 7.66
C SER A 93 29.39 -13.88 7.18
N ILE A 94 28.97 -14.59 6.15
CA ILE A 94 27.71 -14.50 5.44
C ILE A 94 27.29 -15.92 5.15
N THR A 95 25.98 -16.14 5.13
CA THR A 95 25.36 -17.42 4.86
C THR A 95 24.00 -17.13 4.23
N PHE A 96 23.56 -17.97 3.30
CA PHE A 96 22.27 -17.85 2.64
C PHE A 96 21.58 -19.21 2.79
N ASN A 97 20.26 -19.25 2.79
CA ASN A 97 19.52 -20.49 2.95
C ASN A 97 18.48 -20.43 1.84
N THR A 98 18.56 -21.32 0.86
CA THR A 98 17.62 -21.29 -0.24
C THR A 98 16.29 -21.93 0.11
N PHE A 99 15.27 -21.60 -0.68
CA PHE A 99 13.91 -22.09 -0.50
C PHE A 99 13.84 -23.61 -0.60
N LYS A 100 14.80 -24.20 -1.31
CA LYS A 100 14.98 -25.62 -1.53
C LYS A 100 15.38 -26.30 -0.21
N GLY A 101 15.80 -25.52 0.79
CA GLY A 101 16.24 -25.93 2.11
C GLY A 101 17.75 -26.10 2.17
N LYS A 102 18.47 -25.76 1.12
CA LYS A 102 19.92 -25.90 1.04
C LYS A 102 20.63 -24.87 1.91
N THR A 103 21.05 -25.28 3.10
CA THR A 103 21.77 -24.43 4.04
C THR A 103 23.25 -24.58 3.64
N SER A 104 23.99 -23.49 3.57
CA SER A 104 25.40 -23.45 3.21
C SER A 104 26.26 -23.14 4.44
N PRO A 105 27.58 -23.42 4.40
CA PRO A 105 28.47 -23.11 5.52
C PRO A 105 28.69 -21.58 5.59
N PRO A 106 29.16 -21.04 6.72
CA PRO A 106 29.42 -19.60 6.86
C PRO A 106 30.66 -19.26 6.03
N TYR A 107 30.48 -18.53 4.92
CA TYR A 107 31.56 -18.13 4.03
C TYR A 107 32.40 -17.04 4.71
N GLY A 108 33.31 -17.41 5.63
CA GLY A 108 34.15 -16.47 6.33
C GLY A 108 34.64 -17.03 7.66
N LEU A 109 34.62 -16.21 8.71
CA LEU A 109 35.01 -16.53 10.07
C LEU A 109 33.86 -16.15 11.00
N GLU A 110 33.22 -17.16 11.58
CA GLU A 110 32.12 -16.93 12.51
C GLU A 110 32.68 -16.34 13.80
N THR A 111 31.89 -15.45 14.39
CA THR A 111 32.18 -14.72 15.61
C THR A 111 30.91 -14.79 16.48
N GLN A 112 31.05 -14.49 17.78
CA GLN A 112 29.93 -14.49 18.72
C GLN A 112 28.91 -13.41 18.30
N LYS A 113 29.42 -12.29 17.78
CA LYS A 113 28.68 -11.14 17.29
C LYS A 113 28.03 -11.50 15.96
N LYS A 114 26.75 -11.87 15.99
CA LYS A 114 25.96 -12.24 14.83
C LYS A 114 24.50 -11.91 15.09
N PHE A 115 23.67 -11.98 14.07
CA PHE A 115 22.24 -11.74 14.20
C PHE A 115 21.49 -12.53 13.14
N VAL A 116 20.17 -12.61 13.29
CA VAL A 116 19.30 -13.34 12.39
C VAL A 116 18.32 -12.35 11.78
N LEU A 117 18.03 -12.54 10.49
CA LEU A 117 17.09 -11.73 9.75
C LEU A 117 16.43 -12.68 8.75
N LYS A 118 15.28 -13.21 9.16
CA LYS A 118 14.42 -14.14 8.44
C LYS A 118 12.99 -13.98 8.94
N ASP A 119 12.00 -14.56 8.28
CA ASP A 119 10.57 -14.52 8.61
C ASP A 119 10.08 -15.94 8.95
N LYS A 120 9.08 -16.09 9.81
CA LYS A 120 8.56 -17.41 10.21
C LYS A 120 7.87 -18.11 9.04
N ASN A 121 6.80 -17.52 8.49
CA ASN A 121 6.06 -18.12 7.38
C ASN A 121 6.85 -18.15 6.09
N GLY A 122 7.95 -17.40 5.95
CA GLY A 122 8.78 -17.39 4.76
C GLY A 122 9.02 -15.99 4.22
N GLY A 123 7.95 -15.22 3.98
CA GLY A 123 7.94 -13.84 3.48
C GLY A 123 8.99 -13.57 2.39
N LYS A 124 8.67 -13.74 1.11
CA LYS A 124 9.61 -13.53 0.01
C LYS A 124 10.26 -12.16 0.12
N LEU A 125 11.58 -12.17 0.23
CA LEU A 125 12.46 -11.01 0.38
C LEU A 125 12.28 -10.05 -0.80
N VAL A 126 12.37 -8.74 -0.56
CA VAL A 126 12.25 -7.72 -1.61
C VAL A 126 13.63 -7.29 -2.10
N GLY A 127 14.66 -7.32 -1.25
CA GLY A 127 16.02 -6.95 -1.61
C GLY A 127 16.90 -7.03 -0.37
N PHE A 128 18.20 -7.32 -0.57
CA PHE A 128 19.18 -7.45 0.49
C PHE A 128 20.29 -6.44 0.21
N HIS A 129 19.98 -5.24 0.69
CA HIS A 129 20.83 -4.07 0.55
C HIS A 129 22.17 -4.29 1.26
N GLY A 130 23.24 -3.64 0.81
CA GLY A 130 24.54 -3.83 1.43
C GLY A 130 25.52 -2.72 1.12
N ARG A 131 25.36 -1.59 1.81
CA ARG A 131 26.19 -0.39 1.68
C ARG A 131 27.66 -0.79 1.76
N ALA A 132 28.32 -0.72 0.60
CA ALA A 132 29.70 -1.06 0.35
C ALA A 132 30.40 0.14 -0.28
N GLY A 133 31.73 0.11 -0.29
CA GLY A 133 32.57 1.14 -0.88
C GLY A 133 33.65 0.40 -1.63
N GLU A 134 34.71 0.06 -0.93
CA GLU A 134 35.82 -0.70 -1.51
C GLU A 134 35.61 -2.20 -1.25
N ALA A 135 34.90 -2.51 -0.17
CA ALA A 135 34.53 -3.83 0.31
C ALA A 135 33.09 -3.77 0.85
N LEU A 136 32.48 -4.93 1.08
CA LEU A 136 31.13 -5.08 1.61
C LEU A 136 31.22 -4.87 3.12
N TYR A 137 30.88 -3.66 3.57
CA TYR A 137 30.94 -3.29 4.97
C TYR A 137 29.70 -3.73 5.75
N ALA A 138 28.50 -3.33 5.32
CA ALA A 138 27.24 -3.63 5.98
C ALA A 138 26.32 -4.40 5.03
N LEU A 139 25.31 -5.09 5.57
CA LEU A 139 24.33 -5.89 4.83
C LEU A 139 22.99 -5.84 5.57
N GLY A 140 21.90 -6.21 4.92
CA GLY A 140 20.57 -6.24 5.49
C GLY A 140 19.62 -6.99 4.58
N ALA A 141 18.36 -7.07 5.00
CA ALA A 141 17.28 -7.73 4.28
C ALA A 141 15.98 -7.07 4.74
N TYR A 142 14.98 -7.08 3.87
CA TYR A 142 13.69 -6.46 4.16
C TYR A 142 12.59 -7.50 4.21
N PHE A 143 11.58 -7.30 5.08
CA PHE A 143 10.47 -8.24 5.17
C PHE A 143 9.19 -7.44 5.41
N ALA A 144 8.02 -8.00 5.07
CA ALA A 144 6.73 -7.34 5.25
C ALA A 144 5.62 -8.34 5.61
N THR A 145 4.65 -7.91 6.42
CA THR A 145 3.53 -8.71 6.88
C THR A 145 2.20 -7.98 6.73
N THR A 146 1.11 -8.74 6.80
CA THR A 146 -0.27 -8.28 6.70
C THR A 146 -0.66 -7.40 7.90
N THR A 147 -0.34 -7.84 9.12
CA THR A 147 -0.63 -7.16 10.37
C THR A 147 0.05 -5.79 10.44
N THR A 148 -0.66 -4.76 10.02
CA THR A 148 -0.23 -3.37 10.00
C THR A 148 -1.48 -2.48 10.08
N PRO A 149 -1.33 -1.18 10.42
CA PRO A 149 -2.44 -0.23 10.49
C PRO A 149 -2.84 0.12 9.05
N VAL A 150 -3.63 1.17 8.86
CA VAL A 150 -4.05 1.61 7.52
C VAL A 150 -2.79 1.82 6.66
N THR A 151 -2.87 1.47 5.37
CA THR A 151 -1.78 1.60 4.43
C THR A 151 -2.30 2.19 3.11
N PRO A 152 -1.41 2.71 2.25
CA PRO A 152 -1.79 3.29 0.97
C PRO A 152 -2.22 2.24 -0.06
N ALA A 153 -2.41 2.68 -1.30
CA ALA A 153 -2.83 1.91 -2.46
C ALA A 153 -1.76 0.92 -2.92
N LYS A 154 -2.00 0.22 -4.03
CA LYS A 154 -1.08 -0.78 -4.55
C LYS A 154 0.07 -0.03 -5.19
N LYS A 155 1.27 -0.33 -4.71
CA LYS A 155 2.54 0.26 -5.13
C LYS A 155 3.18 -0.72 -6.09
N LEU A 156 3.42 -0.33 -7.35
CA LEU A 156 4.03 -1.22 -8.34
C LEU A 156 5.56 -1.32 -8.15
N SER A 157 6.26 -2.04 -9.04
CA SER A 157 7.70 -2.24 -8.98
C SER A 157 8.43 -1.76 -10.25
N ALA A 158 8.78 -0.49 -10.29
CA ALA A 158 9.51 0.13 -11.39
C ALA A 158 11.02 -0.19 -11.24
N ILE A 159 11.82 0.38 -12.13
CA ILE A 159 13.28 0.25 -12.20
C ILE A 159 13.86 1.66 -12.15
N GLY A 160 15.17 1.82 -11.91
CA GLY A 160 15.78 3.14 -11.86
C GLY A 160 17.26 3.12 -11.51
N GLY A 161 17.59 3.06 -10.22
CA GLY A 161 18.98 3.05 -9.76
C GLY A 161 19.11 2.75 -8.28
N ASP A 162 18.05 3.03 -7.51
CA ASP A 162 17.93 2.80 -6.08
C ASP A 162 18.91 3.50 -5.16
N GLU A 163 19.49 4.59 -5.66
CA GLU A 163 20.48 5.37 -4.93
C GLU A 163 19.86 6.39 -3.98
N GLY A 164 18.88 7.17 -4.46
CA GLY A 164 18.22 8.21 -3.69
C GLY A 164 17.42 7.69 -2.50
N THR A 165 16.89 8.61 -1.72
CA THR A 165 16.10 8.28 -0.55
C THR A 165 14.67 7.95 -0.97
N ALA A 166 14.12 6.87 -0.41
CA ALA A 166 12.79 6.40 -0.69
C ALA A 166 11.75 7.39 -0.15
N TRP A 167 10.86 7.87 -1.01
CA TRP A 167 9.81 8.80 -0.65
C TRP A 167 8.46 8.24 -1.12
N ASP A 168 7.54 8.17 -0.16
CA ASP A 168 6.16 7.76 -0.29
C ASP A 168 5.32 9.03 -0.40
N ASP A 169 4.14 8.92 -0.99
CA ASP A 169 3.18 10.00 -1.20
C ASP A 169 1.85 9.67 -0.52
N GLY A 170 1.28 8.50 -0.82
CA GLY A 170 0.01 8.04 -0.26
C GLY A 170 -1.02 8.02 -1.38
N ALA A 171 -1.95 8.97 -1.40
CA ALA A 171 -3.00 9.13 -2.41
C ALA A 171 -3.61 10.53 -2.24
N TYR A 172 -4.40 10.99 -3.22
CA TYR A 172 -5.03 12.30 -3.18
C TYR A 172 -6.54 12.16 -3.26
N ASP A 173 -7.25 13.16 -2.73
CA ASP A 173 -8.71 13.15 -2.75
C ASP A 173 -9.20 13.47 -4.17
N GLY A 174 -8.41 14.21 -4.95
CA GLY A 174 -8.66 14.64 -6.32
C GLY A 174 -7.63 15.74 -6.62
N VAL A 175 -7.09 15.74 -7.83
CA VAL A 175 -6.09 16.71 -8.29
C VAL A 175 -6.78 17.89 -8.98
N LYS A 176 -6.08 19.03 -9.01
CA LYS A 176 -6.51 20.29 -9.62
C LYS A 176 -5.51 20.77 -10.68
N LYS A 177 -4.25 20.31 -10.60
CA LYS A 177 -3.22 20.66 -11.59
C LYS A 177 -2.01 19.74 -11.43
N VAL A 178 -1.21 19.66 -12.48
CA VAL A 178 0.00 18.85 -12.58
C VAL A 178 1.17 19.81 -12.85
N TYR A 179 2.37 19.47 -12.35
CA TYR A 179 3.58 20.26 -12.52
C TYR A 179 4.74 19.28 -12.77
N VAL A 180 5.29 19.34 -13.98
CA VAL A 180 6.39 18.50 -14.42
C VAL A 180 7.53 19.43 -14.82
N GLY A 181 8.75 19.13 -14.38
CA GLY A 181 9.91 19.95 -14.69
C GLY A 181 11.11 19.10 -15.08
N GLN A 182 11.90 19.64 -16.02
CA GLN A 182 13.11 19.03 -16.53
C GLN A 182 14.22 20.06 -16.40
N GLY A 183 15.44 19.65 -16.66
CA GLY A 183 16.63 20.47 -16.58
C GLY A 183 17.54 20.12 -17.74
N GLN A 184 18.74 20.66 -17.70
CA GLN A 184 19.77 20.47 -18.72
C GLN A 184 20.24 19.02 -18.85
N ASP A 185 19.80 18.13 -17.96
CA ASP A 185 20.15 16.71 -17.92
C ASP A 185 18.93 15.79 -18.07
N GLY A 186 17.70 16.32 -18.11
CA GLY A 186 16.48 15.52 -18.23
C GLY A 186 15.49 15.83 -17.11
N ILE A 187 14.53 14.94 -16.87
CA ILE A 187 13.48 15.06 -15.86
C ILE A 187 14.20 15.26 -14.53
N SER A 188 13.84 16.31 -13.79
CA SER A 188 14.50 16.61 -12.52
C SER A 188 13.57 16.97 -11.36
N ALA A 189 12.32 17.38 -11.57
CA ALA A 189 11.43 17.75 -10.47
C ALA A 189 9.96 17.56 -10.85
N VAL A 190 9.13 17.02 -9.95
CA VAL A 190 7.69 16.83 -10.20
C VAL A 190 6.90 17.15 -8.92
N LYS A 191 5.69 17.69 -9.06
CA LYS A 191 4.78 18.05 -7.96
C LYS A 191 3.36 18.16 -8.55
N PHE A 192 2.33 18.22 -7.72
CA PHE A 192 0.94 18.35 -8.14
C PHE A 192 0.25 19.35 -7.21
N GLU A 193 -0.98 19.69 -7.56
CA GLU A 193 -1.87 20.59 -6.84
C GLU A 193 -3.13 19.77 -6.68
N TYR A 194 -3.60 19.59 -5.44
CA TYR A 194 -4.79 18.77 -5.18
C TYR A 194 -5.76 19.49 -4.26
N ASN A 195 -6.98 18.98 -4.14
CA ASN A 195 -8.00 19.57 -3.29
C ASN A 195 -8.36 18.58 -2.19
N LYS A 196 -7.66 18.70 -1.07
CA LYS A 196 -7.78 17.91 0.14
C LYS A 196 -8.32 18.85 1.21
N GLY A 197 -9.28 18.40 2.02
CA GLY A 197 -9.90 19.18 3.08
C GLY A 197 -10.52 20.49 2.57
N ALA A 198 -10.81 20.60 1.27
CA ALA A 198 -11.38 21.76 0.58
C ALA A 198 -10.44 22.99 0.54
N GLU A 199 -9.19 22.87 1.02
CA GLU A 199 -8.19 23.93 1.04
C GLU A 199 -7.32 23.92 -0.24
N ASN A 200 -6.11 24.47 -0.19
CA ASN A 200 -5.18 24.52 -1.33
C ASN A 200 -3.83 23.93 -0.94
N ILE A 201 -3.76 22.61 -0.80
CA ILE A 201 -2.52 21.92 -0.47
C ILE A 201 -1.78 21.71 -1.80
N VAL A 202 -0.45 21.83 -1.74
CA VAL A 202 0.45 21.67 -2.87
C VAL A 202 1.46 20.58 -2.47
N GLY A 203 1.89 19.77 -3.44
CA GLY A 203 2.85 18.71 -3.18
C GLY A 203 4.25 19.28 -2.97
N GLY A 204 5.11 18.53 -2.28
CA GLY A 204 6.47 18.93 -1.98
C GLY A 204 7.38 18.73 -3.19
N GLU A 205 8.51 19.43 -3.22
CA GLU A 205 9.48 19.31 -4.29
C GLU A 205 10.28 18.03 -4.05
N HIS A 206 9.83 16.94 -4.68
CA HIS A 206 10.44 15.62 -4.57
C HIS A 206 11.88 15.58 -5.09
N GLY A 207 12.26 16.51 -5.96
CA GLY A 207 13.56 16.62 -6.57
C GLY A 207 14.09 18.05 -6.59
N LYS A 208 15.26 18.20 -7.16
CA LYS A 208 15.99 19.45 -7.31
C LYS A 208 15.42 20.24 -8.50
N PRO A 209 14.84 21.44 -8.32
CA PRO A 209 14.31 22.23 -9.43
C PRO A 209 15.46 22.73 -10.31
N THR A 210 15.14 23.39 -11.43
CA THR A 210 16.14 23.90 -12.36
C THR A 210 15.74 25.28 -12.89
N LEU A 211 16.69 26.03 -13.45
CA LEU A 211 16.44 27.38 -13.99
C LEU A 211 15.51 27.33 -15.20
N LEU A 212 15.31 26.14 -15.78
CA LEU A 212 14.45 25.83 -16.92
C LEU A 212 12.96 25.95 -16.54
N GLY A 213 12.63 26.20 -15.27
CA GLY A 213 11.27 26.32 -14.80
C GLY A 213 10.52 24.99 -14.88
N PHE A 214 9.20 25.06 -14.92
CA PHE A 214 8.29 23.91 -14.98
C PHE A 214 7.30 24.08 -16.14
N GLU A 215 6.55 23.03 -16.36
CA GLU A 215 5.49 22.85 -17.32
C GLU A 215 4.31 22.44 -16.45
N GLU A 216 3.11 22.83 -16.86
CA GLU A 216 1.89 22.54 -16.12
C GLU A 216 0.83 22.02 -17.08
N PHE A 217 -0.01 21.13 -16.57
CA PHE A 217 -1.09 20.49 -17.29
C PHE A 217 -2.30 20.32 -16.37
N GLU A 218 -3.52 20.46 -16.88
CA GLU A 218 -4.73 20.28 -16.10
C GLU A 218 -5.44 19.05 -16.70
N ILE A 219 -5.95 18.16 -15.87
CA ILE A 219 -6.64 16.93 -16.25
C ILE A 219 -7.98 16.86 -15.53
N ASP A 220 -9.07 17.15 -16.26
CA ASP A 220 -10.43 17.10 -15.75
C ASP A 220 -10.75 15.64 -15.44
N TYR A 221 -10.62 15.26 -14.16
CA TYR A 221 -10.86 13.89 -13.71
C TYR A 221 -12.24 13.31 -14.05
N PRO A 222 -13.37 14.03 -13.97
CA PRO A 222 -14.65 13.41 -14.33
C PRO A 222 -14.74 13.04 -15.82
N SER A 223 -14.09 13.76 -16.75
CA SER A 223 -14.15 13.43 -18.17
C SER A 223 -13.07 12.45 -18.62
N GLU A 224 -11.86 12.41 -18.03
CA GLU A 224 -10.80 11.48 -18.44
C GLU A 224 -9.73 11.34 -17.34
N TYR A 225 -8.76 10.47 -17.55
CA TYR A 225 -7.67 10.20 -16.61
C TYR A 225 -6.43 9.71 -17.38
N ILE A 226 -5.53 8.97 -16.72
CA ILE A 226 -4.32 8.40 -17.31
C ILE A 226 -4.58 6.90 -17.14
N THR A 227 -4.96 6.25 -18.24
CA THR A 227 -5.25 4.83 -18.26
C THR A 227 -3.97 3.97 -18.37
N ALA A 228 -2.87 4.56 -18.86
CA ALA A 228 -1.58 3.91 -19.03
C ALA A 228 -0.51 4.99 -19.14
N VAL A 229 0.76 4.61 -19.06
CA VAL A 229 1.88 5.56 -19.16
C VAL A 229 3.01 4.92 -19.96
N GLU A 230 3.88 5.76 -20.51
CA GLU A 230 5.05 5.42 -21.31
C GLU A 230 6.24 6.24 -20.75
N GLY A 231 7.45 5.96 -21.22
CA GLY A 231 8.67 6.64 -20.83
C GLY A 231 9.86 5.81 -21.29
N THR A 232 11.07 6.35 -21.17
CA THR A 232 12.27 5.62 -21.57
C THR A 232 13.37 5.91 -20.55
N TYR A 233 14.22 4.92 -20.30
CA TYR A 233 15.33 5.04 -19.37
C TYR A 233 16.65 4.76 -20.08
N ASP A 234 17.71 5.46 -19.69
CA ASP A 234 19.04 5.31 -20.26
C ASP A 234 20.09 5.28 -19.15
N LYS A 235 21.28 4.77 -19.45
CA LYS A 235 22.42 4.66 -18.53
C LYS A 235 23.05 6.03 -18.34
N ILE A 236 23.63 6.29 -17.16
CA ILE A 236 24.31 7.55 -16.86
C ILE A 236 25.79 7.26 -16.61
N PHE A 237 26.66 8.15 -17.05
CA PHE A 237 28.09 8.04 -16.90
C PHE A 237 28.46 8.67 -15.56
N GLY A 238 28.65 7.85 -14.51
CA GLY A 238 29.00 8.32 -13.18
C GLY A 238 28.44 7.45 -12.05
N SER A 239 27.37 6.70 -12.32
CA SER A 239 26.73 5.79 -11.38
C SER A 239 26.30 4.55 -12.18
N ASP A 240 26.15 3.39 -11.53
CA ASP A 240 25.74 2.16 -12.23
C ASP A 240 24.27 2.18 -12.66
N GLY A 241 23.46 3.09 -12.10
CA GLY A 241 22.04 3.25 -12.36
C GLY A 241 21.68 3.84 -13.72
N LEU A 242 20.38 4.09 -13.87
CA LEU A 242 19.72 4.64 -15.06
C LEU A 242 19.05 5.97 -14.71
N ILE A 243 18.51 6.65 -15.72
CA ILE A 243 17.81 7.92 -15.61
C ILE A 243 16.60 7.87 -16.55
N ILE A 244 15.42 8.23 -16.07
CA ILE A 244 14.20 8.25 -16.87
C ILE A 244 14.14 9.67 -17.43
N THR A 245 14.96 9.90 -18.46
CA THR A 245 15.09 11.17 -19.16
C THR A 245 13.86 11.50 -20.01
N MET A 246 12.91 10.57 -20.16
CA MET A 246 11.69 10.79 -20.94
C MET A 246 10.48 10.13 -20.31
N LEU A 247 9.34 10.85 -20.29
CA LEU A 247 8.07 10.40 -19.72
C LEU A 247 6.94 10.92 -20.60
N ARG A 248 5.93 10.08 -20.87
CA ARG A 248 4.77 10.44 -21.67
C ARG A 248 3.57 9.81 -21.00
N PHE A 249 2.47 10.54 -20.94
CA PHE A 249 1.25 10.09 -20.27
C PHE A 249 0.12 9.80 -21.24
N LYS A 250 -0.29 8.53 -21.38
CA LYS A 250 -1.37 8.17 -22.29
C LYS A 250 -2.63 8.81 -21.73
N THR A 251 -3.18 9.76 -22.49
CA THR A 251 -4.36 10.51 -22.13
C THR A 251 -5.31 10.55 -23.32
N ASN A 252 -6.57 10.88 -23.06
CA ASN A 252 -7.68 11.03 -23.99
C ASN A 252 -8.23 12.44 -23.75
N LYS A 253 -9.00 13.03 -24.67
CA LYS A 253 -9.60 14.37 -24.58
C LYS A 253 -8.58 15.49 -24.81
N GLN A 254 -7.30 15.30 -24.51
CA GLN A 254 -6.24 16.29 -24.68
C GLN A 254 -4.95 15.65 -25.23
N THR A 255 -4.01 16.50 -25.65
CA THR A 255 -2.70 16.14 -26.20
C THR A 255 -1.67 16.83 -25.29
N SER A 256 -0.53 16.18 -25.03
CA SER A 256 0.54 16.71 -24.19
C SER A 256 1.87 16.51 -24.91
N ALA A 257 2.82 17.41 -24.66
CA ALA A 257 4.15 17.37 -25.27
C ALA A 257 4.96 16.15 -24.77
N PRO A 258 6.01 15.74 -25.51
CA PRO A 258 6.86 14.64 -25.13
C PRO A 258 7.82 15.23 -24.07
N PHE A 259 7.56 14.99 -22.78
CA PHE A 259 8.42 15.52 -21.73
C PHE A 259 9.71 14.70 -21.74
N GLY A 260 10.78 15.23 -22.36
CA GLY A 260 12.08 14.55 -22.43
C GLY A 260 12.55 14.19 -23.83
N LEU A 261 13.74 13.59 -23.88
CA LEU A 261 14.43 13.12 -25.08
C LEU A 261 14.42 11.60 -25.06
N GLU A 262 13.71 11.00 -26.02
CA GLU A 262 13.60 9.56 -26.17
C GLU A 262 14.98 8.93 -26.36
N ALA A 263 15.42 8.10 -25.41
CA ALA A 263 16.70 7.43 -25.48
C ALA A 263 16.77 6.24 -24.50
N GLY A 264 17.77 5.39 -24.74
CA GLY A 264 18.08 4.22 -23.95
C GLY A 264 17.19 3.03 -24.25
N THR A 265 16.10 2.86 -23.50
CA THR A 265 15.15 1.77 -23.64
C THR A 265 13.76 2.23 -23.22
N ALA A 266 12.77 2.05 -24.08
CA ALA A 266 11.41 2.42 -23.78
C ALA A 266 10.75 1.36 -22.92
N PHE A 267 9.85 1.82 -22.05
CA PHE A 267 9.06 1.00 -21.16
C PHE A 267 7.66 1.61 -21.08
N GLU A 268 6.71 0.87 -20.49
CA GLU A 268 5.33 1.27 -20.31
C GLU A 268 4.77 0.57 -19.07
N LEU A 269 3.73 1.15 -18.49
CA LEU A 269 3.04 0.64 -17.31
C LEU A 269 1.55 0.88 -17.54
N LYS A 270 0.72 -0.09 -17.18
CA LYS A 270 -0.73 -0.01 -17.32
C LYS A 270 -1.37 -1.05 -16.41
N GLU A 271 -2.64 -0.87 -16.08
CA GLU A 271 -3.42 -1.76 -15.25
C GLU A 271 -4.82 -1.73 -15.86
N GLU A 272 -5.54 -2.84 -15.78
CA GLU A 272 -6.88 -3.01 -16.32
C GLU A 272 -7.91 -2.53 -15.30
N GLY A 273 -8.72 -1.56 -15.68
CA GLY A 273 -9.77 -0.98 -14.86
C GLY A 273 -9.20 0.16 -14.04
N HIS A 274 -8.43 -0.18 -13.00
CA HIS A 274 -7.80 0.74 -12.06
C HIS A 274 -7.07 1.88 -12.81
N LYS A 275 -7.07 3.08 -12.24
CA LYS A 275 -6.40 4.24 -12.85
C LYS A 275 -5.29 4.74 -11.95
N ILE A 276 -4.37 5.50 -12.52
CA ILE A 276 -3.23 6.07 -11.80
C ILE A 276 -3.74 7.29 -11.03
N VAL A 277 -3.12 7.59 -9.89
CA VAL A 277 -3.47 8.75 -9.06
C VAL A 277 -2.16 9.38 -8.61
N GLY A 278 -1.27 8.62 -7.98
CA GLY A 278 0.00 9.11 -7.47
C GLY A 278 1.19 8.34 -7.99
N PHE A 279 2.33 8.76 -7.47
CA PHE A 279 3.67 8.29 -7.73
C PHE A 279 4.37 7.83 -6.45
N HIS A 280 5.54 7.22 -6.59
CA HIS A 280 6.39 6.73 -5.53
C HIS A 280 7.77 6.45 -6.14
N GLY A 281 8.82 6.32 -5.34
CA GLY A 281 10.15 6.04 -5.85
C GLY A 281 11.20 6.61 -4.92
N LYS A 282 12.21 7.24 -5.50
CA LYS A 282 13.30 7.89 -4.78
C LYS A 282 13.88 8.94 -5.69
N ALA A 283 14.06 10.13 -5.16
CA ALA A 283 14.58 11.29 -5.85
C ALA A 283 15.37 12.08 -4.83
N SER A 284 16.54 12.56 -5.24
CA SER A 284 17.47 13.32 -4.42
C SER A 284 18.33 14.27 -5.27
N GLU A 285 18.59 13.93 -6.53
CA GLU A 285 19.43 14.67 -7.48
C GLU A 285 18.82 14.67 -8.88
N LEU A 286 18.58 13.51 -9.48
CA LEU A 286 18.01 13.35 -10.83
C LEU A 286 16.87 12.34 -10.74
N LEU A 287 16.02 12.25 -11.77
CA LEU A 287 14.87 11.33 -11.79
C LEU A 287 15.31 9.96 -12.32
N HIS A 288 15.70 9.06 -11.42
CA HIS A 288 16.16 7.70 -11.75
C HIS A 288 15.03 6.68 -11.77
N GLN A 289 14.18 6.65 -10.74
CA GLN A 289 13.07 5.71 -10.61
C GLN A 289 11.73 6.44 -10.70
N PHE A 290 10.73 5.85 -11.37
CA PHE A 290 9.40 6.45 -11.50
C PHE A 290 8.36 5.32 -11.49
N GLY A 291 7.73 5.06 -10.35
CA GLY A 291 6.71 4.03 -10.17
C GLY A 291 5.35 4.67 -9.90
N VAL A 292 4.25 3.97 -10.16
CA VAL A 292 2.89 4.49 -9.97
C VAL A 292 2.12 3.79 -8.86
N HIS A 293 0.92 4.31 -8.59
CA HIS A 293 -0.06 3.86 -7.63
C HIS A 293 -1.36 3.76 -8.43
N VAL A 294 -1.99 2.58 -8.38
CA VAL A 294 -3.24 2.27 -9.08
C VAL A 294 -4.30 2.15 -8.00
N MET A 295 -5.50 2.66 -8.28
CA MET A 295 -6.61 2.60 -7.35
C MET A 295 -7.86 2.13 -8.09
N PRO A 296 -8.72 1.34 -7.44
CA PRO A 296 -9.96 0.87 -8.06
C PRO A 296 -10.91 2.05 -8.10
N LEU A 297 -11.65 2.20 -9.20
CA LEU A 297 -12.62 3.28 -9.38
C LEU A 297 -13.71 3.12 -8.32
N THR A 298 -14.61 2.15 -8.50
CA THR A 298 -15.66 1.89 -7.53
C THR A 298 -14.96 1.25 -6.33
N ASN A 299 -15.10 1.86 -5.15
CA ASN A 299 -14.54 1.40 -3.89
C ASN A 299 -15.23 0.09 -3.56
N ALA A 1 16.29 -4.21 -7.53
CA ALA A 1 15.55 -4.82 -6.43
C ALA A 1 15.78 -6.33 -6.36
N GLN A 2 15.90 -6.87 -5.14
CA GLN A 2 16.12 -8.29 -4.88
C GLN A 2 15.28 -8.83 -3.72
N LYS A 3 14.77 -10.06 -3.86
CA LYS A 3 13.98 -10.75 -2.84
C LYS A 3 14.24 -12.26 -3.00
N VAL A 4 15.12 -12.86 -2.21
CA VAL A 4 15.39 -14.30 -2.36
C VAL A 4 14.35 -15.08 -1.57
N GLU A 5 13.75 -16.08 -2.19
CA GLU A 5 12.74 -16.93 -1.58
C GLU A 5 13.35 -18.04 -0.73
N ALA A 6 12.52 -18.64 0.12
CA ALA A 6 12.88 -19.72 1.02
C ALA A 6 12.89 -21.06 0.29
N GLY A 7 13.42 -22.08 0.94
CA GLY A 7 13.51 -23.45 0.46
C GLY A 7 13.78 -24.31 1.68
N GLY A 8 12.72 -24.75 2.35
CA GLY A 8 12.73 -25.57 3.56
C GLY A 8 11.39 -26.26 3.69
N GLY A 9 11.13 -26.87 4.85
CA GLY A 9 9.90 -27.58 5.14
C GLY A 9 8.62 -26.76 5.03
N ALA A 10 7.49 -27.44 5.25
CA ALA A 10 6.14 -26.88 5.18
C ALA A 10 5.35 -26.92 6.49
N GLY A 11 5.96 -27.38 7.59
CA GLY A 11 5.32 -27.49 8.90
C GLY A 11 5.00 -26.17 9.61
N GLY A 12 5.36 -24.99 9.08
CA GLY A 12 5.10 -23.70 9.71
C GLY A 12 4.21 -22.77 8.90
N ALA A 13 3.85 -21.66 9.52
CA ALA A 13 3.01 -20.63 8.91
C ALA A 13 3.87 -19.74 8.01
N SER A 14 3.24 -19.06 7.05
CA SER A 14 3.93 -18.18 6.10
C SER A 14 4.42 -16.89 6.76
N TRP A 15 5.59 -16.90 7.38
CA TRP A 15 6.12 -15.69 8.00
C TRP A 15 7.03 -15.02 7.00
N ASP A 16 7.10 -13.70 7.09
CA ASP A 16 7.91 -12.85 6.24
C ASP A 16 8.48 -11.65 7.02
N ASP A 17 8.00 -11.43 8.25
CA ASP A 17 8.41 -10.37 9.16
C ASP A 17 9.93 -10.36 9.36
N GLY A 18 10.56 -9.20 9.23
CA GLY A 18 11.99 -8.98 9.40
C GLY A 18 12.26 -7.54 9.86
N VAL A 19 13.45 -7.30 10.40
CA VAL A 19 13.87 -6.00 10.91
C VAL A 19 14.27 -5.07 9.74
N HIS A 20 14.71 -3.84 10.08
CA HIS A 20 15.16 -2.83 9.12
C HIS A 20 16.68 -2.97 9.01
N ASP A 21 17.41 -2.68 10.09
CA ASP A 21 18.85 -2.73 10.24
C ASP A 21 19.14 -2.56 11.73
N GLY A 22 20.41 -2.66 12.12
CA GLY A 22 20.90 -2.54 13.49
C GLY A 22 21.24 -3.90 14.13
N VAL A 23 21.61 -4.91 13.34
CA VAL A 23 21.94 -6.24 13.84
C VAL A 23 23.12 -6.14 14.83
N ARG A 24 23.07 -6.92 15.91
CA ARG A 24 24.08 -6.93 16.96
C ARG A 24 24.64 -8.33 17.20
N LYS A 25 23.80 -9.26 17.64
CA LYS A 25 24.17 -10.64 17.93
C LYS A 25 23.03 -11.58 17.57
N VAL A 26 23.36 -12.86 17.49
CA VAL A 26 22.47 -13.96 17.19
C VAL A 26 22.92 -15.12 18.07
N HIS A 27 22.00 -15.99 18.46
CA HIS A 27 22.21 -17.19 19.26
C HIS A 27 21.37 -18.25 18.56
N VAL A 28 21.92 -19.45 18.38
CA VAL A 28 21.21 -20.54 17.71
C VAL A 28 21.59 -21.87 18.38
N GLY A 29 20.67 -22.85 18.44
CA GLY A 29 20.97 -24.15 19.06
C GLY A 29 19.91 -24.71 19.99
N GLN A 30 19.45 -25.93 19.72
CA GLN A 30 18.47 -26.68 20.51
C GLN A 30 19.06 -27.99 21.04
N GLY A 31 20.29 -28.25 20.62
CA GLY A 31 21.14 -29.39 20.93
C GLY A 31 20.64 -30.72 20.42
N GLN A 32 19.58 -31.26 21.05
CA GLN A 32 18.99 -32.54 20.70
C GLN A 32 18.55 -32.55 19.23
N ASP A 33 17.85 -31.50 18.82
CA ASP A 33 17.33 -31.31 17.46
C ASP A 33 18.37 -30.58 16.60
N GLY A 34 19.54 -30.26 17.15
CA GLY A 34 20.61 -29.57 16.46
C GLY A 34 20.49 -28.07 16.63
N VAL A 35 20.29 -27.32 15.55
CA VAL A 35 20.20 -25.88 15.52
C VAL A 35 18.78 -25.41 15.17
N SER A 36 17.97 -25.09 16.19
CA SER A 36 16.59 -24.64 16.03
C SER A 36 16.28 -23.32 16.76
N SER A 37 16.97 -23.03 17.88
CA SER A 37 16.73 -21.79 18.65
C SER A 37 17.18 -20.58 17.85
N ILE A 38 16.65 -19.41 18.21
CA ILE A 38 16.94 -18.12 17.59
C ILE A 38 16.90 -16.99 18.65
N ASN A 39 17.61 -15.89 18.42
CA ASN A 39 17.68 -14.72 19.30
C ASN A 39 18.00 -13.50 18.44
N VAL A 40 17.15 -12.48 18.47
CA VAL A 40 17.32 -11.26 17.70
C VAL A 40 17.74 -10.14 18.64
N VAL A 41 19.03 -9.84 18.65
CA VAL A 41 19.67 -8.80 19.45
C VAL A 41 20.00 -7.66 18.48
N TYR A 42 19.69 -6.42 18.86
CA TYR A 42 19.96 -5.25 18.05
C TYR A 42 20.74 -4.22 18.86
N ALA A 43 21.49 -3.38 18.15
CA ALA A 43 22.31 -2.34 18.75
C ALA A 43 21.48 -1.07 18.74
N LYS A 44 21.05 -0.62 19.92
CA LYS A 44 20.26 0.60 20.08
C LYS A 44 21.12 1.55 20.87
N ASP A 45 21.29 2.81 20.44
CA ASP A 45 22.09 3.82 21.15
C ASP A 45 23.55 3.38 21.38
N SER A 46 24.02 2.37 20.64
CA SER A 46 25.34 1.74 20.72
C SER A 46 25.47 0.90 22.00
N GLN A 47 24.32 0.47 22.52
CA GLN A 47 24.10 -0.37 23.68
C GLN A 47 23.47 -1.64 23.12
N ASP A 48 23.52 -2.74 23.88
CA ASP A 48 23.01 -4.04 23.47
C ASP A 48 21.70 -4.28 24.20
N VAL A 49 20.61 -4.42 23.45
CA VAL A 49 19.27 -4.64 23.99
C VAL A 49 18.72 -5.98 23.49
N GLU A 50 18.32 -6.81 24.46
CA GLU A 50 17.75 -8.14 24.27
C GLU A 50 16.38 -8.20 24.93
N GLY A 51 15.58 -9.18 24.53
CA GLY A 51 14.25 -9.46 25.07
C GLY A 51 14.19 -10.88 25.63
N GLY A 52 15.10 -11.75 25.16
CA GLY A 52 15.25 -13.15 25.52
C GLY A 52 15.24 -14.01 24.26
N GLU A 53 15.62 -15.27 24.40
CA GLU A 53 15.66 -16.24 23.33
C GLU A 53 14.24 -16.68 22.95
N HIS A 54 14.09 -17.23 21.75
CA HIS A 54 12.85 -17.74 21.20
C HIS A 54 13.15 -19.18 20.79
N GLY A 55 12.17 -20.05 20.97
CA GLY A 55 12.28 -21.46 20.67
C GLY A 55 12.60 -22.17 21.98
N LYS A 56 13.44 -23.20 21.88
CA LYS A 56 13.94 -24.08 22.93
C LYS A 56 15.47 -24.13 22.85
N LYS A 57 16.22 -23.65 23.85
CA LYS A 57 17.68 -23.70 23.83
C LYS A 57 18.19 -24.75 24.81
N THR A 58 19.36 -25.34 24.56
CA THR A 58 19.97 -26.32 25.45
C THR A 58 21.49 -26.15 25.33
N LEU A 59 22.25 -26.56 26.35
CA LEU A 59 23.71 -26.46 26.34
C LEU A 59 24.35 -27.58 25.49
N LEU A 60 23.56 -28.58 25.08
CA LEU A 60 23.99 -29.73 24.30
C LEU A 60 24.38 -29.43 22.85
N GLY A 61 24.20 -28.20 22.36
CA GLY A 61 24.56 -27.85 20.99
C GLY A 61 23.98 -26.48 20.67
N PHE A 62 24.80 -25.45 20.82
CA PHE A 62 24.43 -24.07 20.58
C PHE A 62 25.68 -23.27 20.21
N GLU A 63 25.47 -22.10 19.61
CA GLU A 63 26.47 -21.15 19.16
C GLU A 63 25.97 -19.70 19.34
N THR A 64 26.91 -18.77 19.28
CA THR A 64 26.71 -17.33 19.41
C THR A 64 27.48 -16.66 18.26
N PHE A 65 26.89 -15.61 17.67
CA PHE A 65 27.45 -14.86 16.57
C PHE A 65 27.33 -13.37 16.84
N GLU A 66 28.35 -12.58 16.50
CA GLU A 66 28.43 -11.14 16.69
C GLU A 66 28.63 -10.40 15.37
N VAL A 67 27.88 -9.31 15.18
CA VAL A 67 27.94 -8.40 14.03
C VAL A 67 28.47 -7.11 14.65
N ASP A 68 29.55 -6.55 14.10
CA ASP A 68 30.12 -5.31 14.63
C ASP A 68 29.28 -4.10 14.28
N ALA A 69 29.53 -2.98 14.97
CA ALA A 69 28.85 -1.70 14.79
C ALA A 69 29.05 -1.09 13.39
N ASP A 70 29.95 -1.63 12.57
CA ASP A 70 30.25 -1.18 11.22
C ASP A 70 30.18 -2.36 10.23
N ASP A 71 29.69 -3.52 10.64
CA ASP A 71 29.58 -4.69 9.77
C ASP A 71 28.18 -4.84 9.20
N TYR A 72 28.09 -5.46 8.02
CA TYR A 72 26.86 -5.73 7.31
C TYR A 72 26.97 -7.17 6.84
N ILE A 73 25.90 -7.96 7.04
CA ILE A 73 25.88 -9.35 6.64
C ILE A 73 25.91 -9.36 5.11
N VAL A 74 27.06 -9.71 4.54
CA VAL A 74 27.28 -9.76 3.10
C VAL A 74 26.31 -10.78 2.49
N ALA A 75 26.34 -12.01 3.00
CA ALA A 75 25.50 -13.09 2.55
C ALA A 75 25.21 -14.03 3.72
N VAL A 76 24.26 -14.93 3.50
CA VAL A 76 23.84 -15.95 4.43
C VAL A 76 23.82 -17.23 3.59
N GLN A 77 24.04 -18.35 4.25
CA GLN A 77 24.07 -19.68 3.66
C GLN A 77 23.25 -20.54 4.62
N VAL A 78 22.37 -21.39 4.09
CA VAL A 78 21.53 -22.26 4.90
C VAL A 78 21.41 -23.60 4.19
N THR A 79 21.53 -24.69 4.93
CA THR A 79 21.42 -26.06 4.42
C THR A 79 20.20 -26.67 5.11
N TYR A 80 19.56 -27.70 4.54
CA TYR A 80 18.38 -28.30 5.16
C TYR A 80 18.20 -29.76 4.76
N ASP A 81 17.45 -30.52 5.56
CA ASP A 81 17.15 -31.93 5.28
C ASP A 81 15.95 -32.44 6.09
N ASN A 82 15.49 -33.63 5.72
CA ASN A 82 14.38 -34.38 6.30
C ASN A 82 14.93 -35.76 6.65
N VAL A 83 14.51 -36.31 7.79
CA VAL A 83 14.97 -37.61 8.28
C VAL A 83 13.79 -38.56 8.51
N PHE A 84 14.10 -39.86 8.54
CA PHE A 84 13.10 -40.90 8.76
C PHE A 84 12.45 -40.70 10.13
N GLY A 85 11.12 -40.69 10.16
CA GLY A 85 10.34 -40.52 11.37
C GLY A 85 9.78 -39.09 11.48
N GLN A 86 10.01 -38.25 10.47
CA GLN A 86 9.57 -36.88 10.38
C GLN A 86 9.12 -36.66 8.95
N ASP A 87 7.90 -36.16 8.76
CA ASP A 87 7.36 -35.85 7.44
C ASP A 87 7.76 -34.42 7.06
N SER A 88 8.30 -33.67 8.03
CA SER A 88 8.79 -32.31 7.94
C SER A 88 10.19 -32.30 7.32
N ASP A 89 10.79 -31.12 7.26
CA ASP A 89 12.12 -30.81 6.74
C ASP A 89 12.54 -29.62 7.59
N ILE A 90 13.77 -29.60 8.11
CA ILE A 90 14.28 -28.53 8.96
C ILE A 90 15.66 -28.06 8.53
N ILE A 91 16.13 -26.98 9.15
CA ILE A 91 17.42 -26.38 8.89
C ILE A 91 18.49 -27.28 9.50
N THR A 92 19.56 -27.57 8.76
CA THR A 92 20.68 -28.39 9.23
C THR A 92 21.87 -27.51 9.56
N SER A 93 22.06 -26.37 8.87
CA SER A 93 23.16 -25.45 9.14
C SER A 93 22.81 -24.07 8.66
N ILE A 94 23.55 -23.11 9.21
CA ILE A 94 23.44 -21.69 8.96
C ILE A 94 24.87 -21.12 8.97
N THR A 95 25.13 -20.08 8.17
CA THR A 95 26.41 -19.41 8.08
C THR A 95 26.13 -17.95 7.70
N PHE A 96 26.82 -16.97 8.32
CA PHE A 96 26.66 -15.54 8.07
C PHE A 96 28.02 -14.99 7.66
N ASN A 97 28.18 -14.50 6.43
CA ASN A 97 29.45 -13.94 5.94
C ASN A 97 29.48 -12.46 6.32
N THR A 98 30.61 -11.95 6.84
CA THR A 98 30.71 -10.54 7.25
C THR A 98 31.64 -9.78 6.32
N PHE A 99 31.51 -8.46 6.29
CA PHE A 99 32.40 -7.61 5.49
C PHE A 99 33.73 -7.52 6.27
N LYS A 100 33.67 -7.69 7.59
CA LYS A 100 34.79 -7.66 8.52
C LYS A 100 35.82 -8.77 8.30
N GLY A 101 35.57 -9.79 7.49
CA GLY A 101 36.51 -10.87 7.25
C GLY A 101 36.47 -11.89 8.36
N LYS A 102 35.29 -12.06 8.97
CA LYS A 102 35.04 -12.99 10.04
C LYS A 102 33.84 -13.83 9.68
N THR A 103 34.06 -15.00 9.08
CA THR A 103 32.99 -15.91 8.70
C THR A 103 32.66 -16.79 9.89
N SER A 104 31.37 -16.99 10.15
CA SER A 104 30.93 -17.86 11.24
C SER A 104 31.07 -19.30 10.70
N PRO A 105 31.32 -20.28 11.57
CA PRO A 105 31.43 -21.67 11.12
C PRO A 105 30.00 -22.17 10.77
N PRO A 106 29.86 -23.32 10.08
CA PRO A 106 28.56 -23.87 9.74
C PRO A 106 27.86 -24.30 11.03
N TYR A 107 26.94 -23.47 11.53
CA TYR A 107 26.17 -23.70 12.75
C TYR A 107 25.21 -24.87 12.55
N GLY A 108 25.70 -26.09 12.78
CA GLY A 108 24.97 -27.33 12.67
C GLY A 108 25.83 -28.33 11.89
N LEU A 109 25.28 -28.86 10.79
CA LEU A 109 25.94 -29.82 9.92
C LEU A 109 25.59 -29.46 8.48
N GLU A 110 26.61 -29.18 7.67
CA GLU A 110 26.42 -28.83 6.26
C GLU A 110 25.69 -29.99 5.57
N THR A 111 24.92 -29.72 4.52
CA THR A 111 24.17 -30.76 3.83
C THR A 111 24.06 -30.44 2.34
N GLN A 112 23.59 -31.41 1.55
CA GLN A 112 23.41 -31.31 0.12
C GLN A 112 22.41 -30.20 -0.24
N LYS A 113 21.15 -30.31 0.20
CA LYS A 113 20.12 -29.31 -0.08
C LYS A 113 20.52 -28.02 0.63
N LYS A 114 20.55 -26.93 -0.13
CA LYS A 114 20.96 -25.61 0.35
C LYS A 114 20.75 -24.55 -0.72
N PHE A 115 20.95 -23.29 -0.37
CA PHE A 115 20.83 -22.15 -1.28
C PHE A 115 21.80 -21.02 -0.88
N VAL A 116 21.99 -20.04 -1.77
CA VAL A 116 22.86 -18.87 -1.57
C VAL A 116 22.07 -17.62 -1.94
N LEU A 117 22.40 -16.49 -1.31
CA LEU A 117 21.79 -15.19 -1.50
C LEU A 117 22.85 -14.11 -1.35
N LYS A 118 22.63 -12.94 -1.97
CA LYS A 118 23.51 -11.75 -1.97
C LYS A 118 22.85 -10.62 -2.77
N ASP A 119 23.22 -9.37 -2.50
CA ASP A 119 22.76 -8.13 -3.14
C ASP A 119 23.94 -7.45 -3.83
N LYS A 120 23.69 -6.35 -4.54
CA LYS A 120 24.67 -5.53 -5.26
C LYS A 120 25.65 -4.87 -4.26
N ASN A 121 26.65 -4.14 -4.77
CA ASN A 121 27.66 -3.45 -3.96
C ASN A 121 27.05 -2.29 -3.16
N GLY A 122 25.87 -1.80 -3.52
CA GLY A 122 25.18 -0.71 -2.83
C GLY A 122 23.87 -1.22 -2.26
N GLY A 123 23.90 -2.41 -1.66
CA GLY A 123 22.76 -3.07 -1.04
C GLY A 123 23.17 -3.59 0.32
N LYS A 124 22.20 -3.74 1.22
CA LYS A 124 22.43 -4.20 2.59
C LYS A 124 21.34 -5.21 2.99
N LEU A 125 21.66 -6.17 3.86
CA LEU A 125 20.72 -7.17 4.34
C LEU A 125 19.72 -6.43 5.21
N VAL A 126 18.43 -6.69 5.01
CA VAL A 126 17.37 -6.04 5.77
C VAL A 126 16.82 -7.02 6.79
N GLY A 127 16.09 -8.05 6.35
CA GLY A 127 15.50 -9.04 7.24
C GLY A 127 15.60 -10.45 6.67
N PHE A 128 15.35 -11.41 7.55
CA PHE A 128 15.38 -12.84 7.29
C PHE A 128 14.03 -13.40 7.70
N HIS A 129 13.32 -13.99 6.74
CA HIS A 129 12.01 -14.57 7.00
C HIS A 129 12.20 -15.99 7.52
N GLY A 130 11.30 -16.48 8.36
CA GLY A 130 11.39 -17.80 8.94
C GLY A 130 10.01 -18.41 9.12
N ARG A 131 9.57 -19.22 8.16
CA ARG A 131 8.28 -19.90 8.16
C ARG A 131 8.32 -21.06 9.15
N ALA A 132 8.45 -20.72 10.43
CA ALA A 132 8.51 -21.59 11.58
C ALA A 132 7.11 -21.68 12.18
N GLY A 133 6.94 -22.67 13.04
CA GLY A 133 5.70 -22.91 13.76
C GLY A 133 6.16 -23.29 15.14
N GLU A 134 6.13 -24.59 15.43
CA GLU A 134 6.57 -25.10 16.73
C GLU A 134 8.08 -25.37 16.74
N ALA A 135 8.74 -25.32 15.57
CA ALA A 135 10.15 -25.53 15.34
C ALA A 135 10.58 -24.76 14.07
N LEU A 136 11.88 -24.68 13.83
CA LEU A 136 12.52 -24.01 12.71
C LEU A 136 12.52 -24.90 11.46
N TYR A 137 11.51 -24.75 10.59
CA TYR A 137 11.36 -25.54 9.36
C TYR A 137 12.01 -24.93 8.12
N ALA A 138 11.92 -23.60 7.94
CA ALA A 138 12.49 -22.92 6.79
C ALA A 138 12.94 -21.51 7.17
N LEU A 139 13.98 -21.02 6.50
CA LEU A 139 14.60 -19.71 6.66
C LEU A 139 14.86 -19.11 5.28
N GLY A 140 15.62 -18.02 5.21
CA GLY A 140 16.00 -17.27 4.01
C GLY A 140 16.06 -15.78 4.34
N ALA A 141 16.54 -14.91 3.43
CA ALA A 141 16.61 -13.48 3.70
C ALA A 141 16.56 -12.68 2.40
N TYR A 142 16.34 -11.37 2.52
CA TYR A 142 16.24 -10.45 1.39
C TYR A 142 16.99 -9.15 1.69
N PHE A 143 17.16 -8.34 0.63
CA PHE A 143 17.86 -7.08 0.69
C PHE A 143 16.94 -6.13 -0.07
N ALA A 144 16.11 -5.38 0.66
CA ALA A 144 15.14 -4.44 0.09
C ALA A 144 14.89 -3.22 0.97
N THR A 145 15.19 -2.00 0.50
CA THR A 145 14.99 -0.77 1.27
C THR A 145 14.25 0.26 0.41
N THR A 146 13.10 0.77 0.89
CA THR A 146 12.19 1.74 0.28
C THR A 146 11.76 1.38 -1.16
N THR A 147 11.94 0.12 -1.54
CA THR A 147 11.64 -0.43 -2.86
C THR A 147 10.14 -0.42 -3.21
N THR A 148 9.34 -0.47 -2.16
CA THR A 148 7.88 -0.48 -2.21
C THR A 148 7.29 0.22 -0.98
N PRO A 149 6.17 0.94 -1.16
CA PRO A 149 5.46 1.64 -0.10
C PRO A 149 4.36 0.73 0.47
N VAL A 150 3.40 1.28 1.22
CA VAL A 150 2.29 0.52 1.81
C VAL A 150 0.96 1.30 1.75
N THR A 151 0.04 0.87 0.89
CA THR A 151 -1.31 1.44 0.71
C THR A 151 -2.33 0.31 0.52
N PRO A 152 -3.65 0.59 0.66
CA PRO A 152 -4.72 -0.39 0.45
C PRO A 152 -5.05 -0.66 -1.03
N ALA A 153 -4.28 0.00 -1.85
CA ALA A 153 -4.23 0.03 -3.30
C ALA A 153 -3.30 -1.09 -3.79
N LYS A 154 -3.22 -1.30 -5.11
CA LYS A 154 -2.35 -2.32 -5.65
C LYS A 154 -1.03 -1.66 -6.03
N LYS A 155 0.05 -2.20 -5.51
CA LYS A 155 1.40 -1.69 -5.77
C LYS A 155 1.93 -2.31 -7.06
N LEU A 156 2.64 -1.50 -7.85
CA LEU A 156 3.27 -1.92 -9.10
C LEU A 156 4.78 -1.97 -8.84
N SER A 157 5.49 -2.74 -9.65
CA SER A 157 6.92 -2.92 -9.53
C SER A 157 7.69 -1.70 -10.04
N ALA A 158 8.59 -1.16 -9.20
CA ALA A 158 9.44 -0.03 -9.51
C ALA A 158 10.38 -0.29 -10.69
N ILE A 159 11.17 0.73 -11.02
CA ILE A 159 12.13 0.75 -12.11
C ILE A 159 13.47 1.24 -11.50
N GLY A 160 14.56 1.15 -12.28
CA GLY A 160 15.90 1.55 -11.89
C GLY A 160 15.94 2.73 -10.98
N GLY A 161 16.33 2.46 -9.76
CA GLY A 161 16.44 3.48 -8.74
C GLY A 161 16.54 2.94 -7.34
N ASP A 162 17.63 3.26 -6.65
CA ASP A 162 17.85 2.83 -5.28
C ASP A 162 18.61 3.86 -4.46
N GLU A 163 18.92 5.04 -5.01
CA GLU A 163 19.66 6.10 -4.32
C GLU A 163 18.82 7.37 -4.24
N GLY A 164 18.40 7.73 -3.03
CA GLY A 164 17.61 8.90 -2.73
C GLY A 164 16.73 8.70 -1.50
N THR A 165 16.24 9.80 -0.93
CA THR A 165 15.36 9.74 0.24
C THR A 165 13.97 9.44 -0.33
N ALA A 166 13.19 8.61 0.35
CA ALA A 166 11.83 8.29 -0.09
C ALA A 166 10.90 9.29 0.61
N TRP A 167 9.90 9.73 -0.12
CA TRP A 167 8.88 10.69 0.31
C TRP A 167 7.49 10.32 -0.24
N ASP A 168 7.34 9.07 -0.68
CA ASP A 168 6.12 8.49 -1.25
C ASP A 168 4.87 8.90 -0.46
N ASP A 169 3.87 9.43 -1.18
CA ASP A 169 2.62 9.95 -0.62
C ASP A 169 1.51 8.90 -0.42
N GLY A 170 1.68 7.67 -0.88
CA GLY A 170 0.65 6.66 -0.75
C GLY A 170 -0.35 7.00 -1.85
N ALA A 171 -1.43 7.69 -1.48
CA ALA A 171 -2.49 8.16 -2.36
C ALA A 171 -3.24 9.28 -1.62
N TYR A 172 -3.95 10.11 -2.35
CA TYR A 172 -4.75 11.22 -1.88
C TYR A 172 -6.13 11.11 -2.56
N ASP A 173 -7.02 12.04 -2.25
CA ASP A 173 -8.37 12.10 -2.81
C ASP A 173 -8.29 12.27 -4.32
N GLY A 174 -7.42 13.15 -4.78
CA GLY A 174 -7.25 13.42 -6.19
C GLY A 174 -6.10 14.34 -6.46
N VAL A 175 -5.65 14.30 -7.70
CA VAL A 175 -4.59 15.06 -8.29
C VAL A 175 -5.26 16.05 -9.25
N LYS A 176 -4.64 17.17 -9.58
CA LYS A 176 -5.27 18.14 -10.49
C LYS A 176 -4.31 18.73 -11.50
N LYS A 177 -3.07 19.05 -11.10
CA LYS A 177 -2.10 19.65 -12.00
C LYS A 177 -0.75 18.96 -11.88
N VAL A 178 -0.07 18.77 -13.01
CA VAL A 178 1.23 18.12 -13.09
C VAL A 178 2.24 19.15 -13.60
N TYR A 179 3.27 19.43 -12.82
CA TYR A 179 4.35 20.36 -13.14
C TYR A 179 5.59 19.51 -13.33
N VAL A 180 6.11 19.45 -14.56
CA VAL A 180 7.29 18.66 -14.91
C VAL A 180 8.52 19.57 -14.82
N GLY A 181 9.55 19.14 -14.09
CA GLY A 181 10.81 19.86 -13.88
C GLY A 181 11.98 19.04 -14.38
N GLN A 182 12.44 19.33 -15.59
CA GLN A 182 13.55 18.66 -16.22
C GLN A 182 14.89 19.33 -15.90
N GLY A 183 15.95 18.72 -16.41
CA GLY A 183 17.35 19.08 -16.32
C GLY A 183 17.91 18.99 -17.74
N GLN A 184 19.23 18.99 -17.87
CA GLN A 184 19.87 18.96 -19.18
C GLN A 184 19.90 17.55 -19.77
N ASP A 185 20.31 16.59 -18.94
CA ASP A 185 20.43 15.17 -19.30
C ASP A 185 19.11 14.41 -19.18
N GLY A 186 18.24 14.79 -18.25
CA GLY A 186 16.96 14.14 -18.02
C GLY A 186 16.25 14.86 -16.87
N ILE A 187 15.28 14.20 -16.25
CA ILE A 187 14.50 14.76 -15.15
C ILE A 187 15.42 15.06 -13.97
N SER A 188 15.07 16.08 -13.18
CA SER A 188 15.82 16.50 -12.00
C SER A 188 14.87 16.69 -10.81
N ALA A 189 13.69 17.26 -11.01
CA ALA A 189 12.69 17.50 -9.97
C ALA A 189 11.33 16.91 -10.38
N VAL A 190 10.42 16.78 -9.42
CA VAL A 190 9.06 16.25 -9.59
C VAL A 190 8.23 16.90 -8.49
N LYS A 191 7.13 17.58 -8.83
CA LYS A 191 6.31 18.26 -7.82
C LYS A 191 4.94 18.59 -8.39
N PHE A 192 3.97 17.69 -8.24
CA PHE A 192 2.62 17.89 -8.77
C PHE A 192 1.71 18.51 -7.69
N GLU A 193 0.47 18.86 -8.05
CA GLU A 193 -0.53 19.47 -7.18
C GLU A 193 -1.69 18.48 -6.95
N TYR A 194 -2.21 18.45 -5.73
CA TYR A 194 -3.29 17.57 -5.29
C TYR A 194 -4.26 18.32 -4.38
N ASN A 195 -5.42 17.72 -4.10
CA ASN A 195 -6.47 18.29 -3.27
C ASN A 195 -6.61 17.49 -1.97
N LYS A 196 -7.14 18.10 -0.92
CA LYS A 196 -7.36 17.47 0.38
C LYS A 196 -8.69 17.96 0.90
N GLY A 197 -9.66 17.06 1.04
CA GLY A 197 -11.00 17.37 1.50
C GLY A 197 -11.68 18.19 0.40
N ALA A 198 -11.53 19.51 0.45
CA ALA A 198 -12.08 20.46 -0.50
C ALA A 198 -11.13 21.66 -0.63
N GLU A 199 -9.84 21.49 -0.33
CA GLU A 199 -8.84 22.54 -0.40
C GLU A 199 -7.65 22.12 -1.26
N ASN A 200 -7.15 23.11 -2.00
CA ASN A 200 -6.02 22.96 -2.92
C ASN A 200 -4.75 22.95 -2.09
N ILE A 201 -3.79 22.11 -2.49
CA ILE A 201 -2.49 21.98 -1.86
C ILE A 201 -1.48 22.27 -2.98
N VAL A 202 -0.50 23.12 -2.68
CA VAL A 202 0.55 23.51 -3.63
C VAL A 202 1.91 23.26 -2.97
N GLY A 203 2.86 22.68 -3.71
CA GLY A 203 4.19 22.39 -3.20
C GLY A 203 4.79 21.21 -3.94
N GLY A 204 5.32 20.26 -3.17
CA GLY A 204 5.93 19.03 -3.63
C GLY A 204 7.39 19.19 -4.06
N GLU A 205 7.90 20.43 -4.15
CA GLU A 205 9.27 20.68 -4.55
C GLU A 205 10.18 20.02 -3.52
N HIS A 206 11.09 19.17 -3.99
CA HIS A 206 12.02 18.45 -3.15
C HIS A 206 13.40 18.46 -3.79
N GLY A 207 13.47 18.10 -5.06
CA GLY A 207 14.70 18.03 -5.84
C GLY A 207 15.18 19.39 -6.32
N LYS A 208 16.30 19.35 -7.05
CA LYS A 208 16.98 20.47 -7.65
C LYS A 208 16.28 20.83 -8.97
N PRO A 209 15.51 21.93 -9.04
CA PRO A 209 14.87 22.32 -10.28
C PRO A 209 15.93 22.94 -11.20
N THR A 210 15.55 23.32 -12.42
CA THR A 210 16.44 23.94 -13.38
C THR A 210 15.85 25.30 -13.74
N LEU A 211 16.71 26.26 -14.10
CA LEU A 211 16.27 27.62 -14.46
C LEU A 211 15.41 27.62 -15.73
N LEU A 212 15.39 26.51 -16.47
CA LEU A 212 14.63 26.26 -17.69
C LEU A 212 13.16 26.61 -17.50
N GLY A 213 12.63 26.37 -16.30
CA GLY A 213 11.23 26.62 -15.94
C GLY A 213 10.61 25.30 -15.51
N PHE A 214 9.30 25.20 -15.62
CA PHE A 214 8.51 24.02 -15.30
C PHE A 214 7.38 23.95 -16.32
N GLU A 215 7.22 22.81 -16.97
CA GLU A 215 6.17 22.59 -17.95
C GLU A 215 4.91 22.22 -17.16
N GLU A 216 3.72 22.52 -17.69
CA GLU A 216 2.47 22.20 -17.00
C GLU A 216 1.44 21.60 -17.93
N PHE A 217 0.56 20.78 -17.37
CA PHE A 217 -0.53 20.12 -18.07
C PHE A 217 -1.73 20.10 -17.13
N GLU A 218 -2.88 20.60 -17.60
CA GLU A 218 -4.14 20.65 -16.85
C GLU A 218 -5.00 19.53 -17.43
N ILE A 219 -5.31 18.54 -16.61
CA ILE A 219 -6.15 17.40 -16.95
C ILE A 219 -7.20 17.38 -15.87
N ASP A 220 -8.41 17.81 -16.21
CA ASP A 220 -9.54 17.90 -15.30
C ASP A 220 -9.80 16.61 -14.53
N TYR A 221 -9.68 16.71 -13.21
CA TYR A 221 -9.85 15.64 -12.23
C TYR A 221 -11.13 14.80 -12.46
N PRO A 222 -12.36 15.33 -12.38
CA PRO A 222 -13.56 14.52 -12.58
C PRO A 222 -13.87 14.14 -14.04
N SER A 223 -13.56 14.98 -15.04
CA SER A 223 -13.87 14.68 -16.43
C SER A 223 -12.95 13.68 -17.14
N GLU A 224 -11.74 13.43 -16.63
CA GLU A 224 -10.77 12.53 -17.23
C GLU A 224 -10.14 11.65 -16.14
N TYR A 225 -9.38 10.62 -16.52
CA TYR A 225 -8.71 9.70 -15.61
C TYR A 225 -7.43 9.21 -16.29
N ILE A 226 -6.26 9.66 -15.82
CA ILE A 226 -4.98 9.24 -16.39
C ILE A 226 -4.92 7.74 -16.07
N THR A 227 -5.08 6.93 -17.11
CA THR A 227 -5.12 5.49 -17.03
C THR A 227 -3.74 4.81 -17.12
N ALA A 228 -2.76 5.36 -17.83
CA ALA A 228 -1.44 4.75 -17.94
C ALA A 228 -0.38 5.82 -18.16
N VAL A 229 0.89 5.43 -18.03
CA VAL A 229 2.05 6.28 -18.20
C VAL A 229 3.00 5.60 -19.19
N GLU A 230 3.75 6.42 -19.93
CA GLU A 230 4.74 6.13 -20.94
C GLU A 230 5.97 7.00 -20.62
N GLY A 231 7.07 6.88 -21.37
CA GLY A 231 8.29 7.64 -21.14
C GLY A 231 9.51 6.87 -21.63
N THR A 232 10.70 7.41 -21.43
CA THR A 232 11.97 6.79 -21.80
C THR A 232 13.03 7.20 -20.78
N TYR A 233 14.06 6.36 -20.66
CA TYR A 233 15.19 6.54 -19.77
C TYR A 233 16.46 6.19 -20.54
N ASP A 234 17.63 6.57 -20.02
CA ASP A 234 18.91 6.25 -20.66
C ASP A 234 20.03 6.13 -19.62
N LYS A 235 21.16 5.61 -20.06
CA LYS A 235 22.37 5.37 -19.30
C LYS A 235 23.00 6.72 -18.95
N ILE A 236 23.67 6.77 -17.81
CA ILE A 236 24.34 7.93 -17.26
C ILE A 236 25.73 7.53 -16.79
N PHE A 237 26.64 8.50 -16.75
CA PHE A 237 28.02 8.31 -16.32
C PHE A 237 28.17 8.94 -14.95
N GLY A 238 27.90 8.16 -13.92
CA GLY A 238 27.97 8.59 -12.53
C GLY A 238 27.32 7.56 -11.60
N SER A 239 26.37 6.78 -12.13
CA SER A 239 25.66 5.76 -11.38
C SER A 239 25.62 4.46 -12.17
N ASP A 240 25.17 3.41 -11.50
CA ASP A 240 25.04 2.06 -12.04
C ASP A 240 23.54 1.82 -12.21
N GLY A 241 23.00 2.22 -13.36
CA GLY A 241 21.59 2.11 -13.71
C GLY A 241 21.27 3.05 -14.87
N LEU A 242 20.06 3.63 -14.90
CA LEU A 242 19.59 4.55 -15.92
C LEU A 242 18.79 5.68 -15.24
N ILE A 243 18.69 6.85 -15.87
CA ILE A 243 17.96 8.02 -15.36
C ILE A 243 16.75 8.28 -16.27
N ILE A 244 15.68 8.82 -15.71
CA ILE A 244 14.48 9.14 -16.47
C ILE A 244 14.73 10.41 -17.25
N THR A 245 14.31 10.47 -18.52
CA THR A 245 14.50 11.67 -19.34
C THR A 245 13.20 12.10 -20.02
N MET A 246 12.32 11.18 -20.42
CA MET A 246 11.08 11.51 -21.10
C MET A 246 9.89 10.88 -20.38
N LEU A 247 8.73 11.55 -20.39
CA LEU A 247 7.49 11.10 -19.79
C LEU A 247 6.32 11.45 -20.71
N ARG A 248 5.29 10.60 -20.70
CA ARG A 248 4.06 10.74 -21.45
C ARG A 248 2.98 10.08 -20.60
N PHE A 249 1.73 10.49 -20.78
CA PHE A 249 0.59 9.97 -20.03
C PHE A 249 -0.55 9.87 -21.01
N LYS A 250 -1.11 8.68 -21.18
CA LYS A 250 -2.22 8.56 -22.12
C LYS A 250 -3.39 9.37 -21.57
N THR A 251 -4.24 9.85 -22.45
CA THR A 251 -5.40 10.63 -22.07
C THR A 251 -6.56 10.28 -22.98
N ASN A 252 -7.78 10.46 -22.50
CA ASN A 252 -8.98 10.21 -23.28
C ASN A 252 -9.43 11.60 -23.74
N LYS A 253 -10.24 11.69 -24.79
CA LYS A 253 -10.78 12.93 -25.39
C LYS A 253 -9.70 13.80 -26.06
N GLN A 254 -8.48 13.85 -25.55
CA GLN A 254 -7.35 14.62 -26.07
C GLN A 254 -6.07 13.79 -25.92
N THR A 255 -4.96 14.30 -26.45
CA THR A 255 -3.64 13.66 -26.41
C THR A 255 -2.68 14.50 -25.56
N SER A 256 -1.57 13.90 -25.14
CA SER A 256 -0.52 14.52 -24.34
C SER A 256 0.65 14.95 -25.22
N ALA A 257 1.66 15.58 -24.63
CA ALA A 257 2.86 16.07 -25.27
C ALA A 257 4.06 15.27 -24.77
N PRO A 258 5.17 15.21 -25.54
CA PRO A 258 6.37 14.50 -25.12
C PRO A 258 7.11 15.37 -24.09
N PHE A 259 6.97 15.09 -22.79
CA PHE A 259 7.67 15.87 -21.77
C PHE A 259 9.08 15.28 -21.67
N GLY A 260 10.03 15.83 -22.42
CA GLY A 260 11.42 15.38 -22.44
C GLY A 260 11.87 15.07 -23.86
N LEU A 261 13.00 14.37 -23.99
CA LEU A 261 13.62 13.99 -25.25
C LEU A 261 13.67 12.48 -25.35
N GLU A 262 13.22 11.93 -26.47
CA GLU A 262 13.23 10.49 -26.70
C GLU A 262 14.69 10.08 -26.92
N ALA A 263 15.16 9.18 -26.06
CA ALA A 263 16.49 8.62 -26.08
C ALA A 263 16.49 7.29 -25.33
N GLY A 264 17.67 6.65 -25.24
CA GLY A 264 17.91 5.38 -24.56
C GLY A 264 16.92 4.30 -24.96
N THR A 265 15.94 3.98 -24.10
CA THR A 265 14.93 2.97 -24.33
C THR A 265 13.63 3.41 -23.62
N ALA A 266 12.48 3.09 -24.22
CA ALA A 266 11.17 3.44 -23.70
C ALA A 266 10.66 2.49 -22.62
N PHE A 267 9.81 3.02 -21.74
CA PHE A 267 9.16 2.30 -20.64
C PHE A 267 7.73 2.80 -20.50
N GLU A 268 6.85 1.93 -20.02
CA GLU A 268 5.43 2.21 -19.84
C GLU A 268 4.85 1.38 -18.68
N LEU A 269 3.75 1.85 -18.06
CA LEU A 269 3.09 1.16 -16.94
C LEU A 269 1.59 1.37 -17.06
N LYS A 270 0.80 0.30 -17.20
CA LYS A 270 -0.66 0.36 -17.31
C LYS A 270 -1.33 -0.74 -16.51
N GLU A 271 -2.65 -0.63 -16.40
CA GLU A 271 -3.56 -1.52 -15.70
C GLU A 271 -4.88 -1.57 -16.51
N GLU A 272 -5.78 -2.47 -16.14
CA GLU A 272 -7.10 -2.64 -16.72
C GLU A 272 -8.10 -2.43 -15.58
N GLY A 273 -9.06 -1.51 -15.75
CA GLY A 273 -10.08 -1.21 -14.75
C GLY A 273 -9.62 -0.32 -13.59
N HIS A 274 -8.50 0.38 -13.71
CA HIS A 274 -7.93 1.24 -12.68
C HIS A 274 -7.47 2.60 -13.24
N LYS A 275 -7.01 3.50 -12.37
CA LYS A 275 -6.49 4.83 -12.71
C LYS A 275 -5.29 5.16 -11.81
N ILE A 276 -4.48 6.14 -12.22
CA ILE A 276 -3.30 6.57 -11.48
C ILE A 276 -3.76 7.37 -10.26
N VAL A 277 -3.06 7.25 -9.14
CA VAL A 277 -3.34 7.95 -7.88
C VAL A 277 -2.08 8.53 -7.24
N GLY A 278 -0.90 8.40 -7.84
CA GLY A 278 0.32 8.94 -7.27
C GLY A 278 1.55 8.14 -7.67
N PHE A 279 2.71 8.59 -7.18
CA PHE A 279 4.04 8.05 -7.40
C PHE A 279 4.57 7.49 -6.07
N HIS A 280 5.57 6.62 -6.14
CA HIS A 280 6.21 6.00 -4.98
C HIS A 280 7.65 5.68 -5.38
N GLY A 281 8.63 6.42 -4.89
CA GLY A 281 10.02 6.17 -5.25
C GLY A 281 10.95 6.78 -4.24
N LYS A 282 12.12 7.22 -4.71
CA LYS A 282 13.12 7.86 -3.87
C LYS A 282 13.95 8.78 -4.75
N ALA A 283 14.05 10.05 -4.36
CA ALA A 283 14.78 11.06 -5.09
C ALA A 283 15.24 12.14 -4.13
N SER A 284 16.49 12.56 -4.23
CA SER A 284 17.10 13.60 -3.41
C SER A 284 17.84 14.52 -4.37
N GLU A 285 18.92 14.04 -4.97
CA GLU A 285 19.73 14.78 -5.92
C GLU A 285 19.33 14.51 -7.36
N LEU A 286 18.88 13.29 -7.67
CA LEU A 286 18.47 12.89 -9.01
C LEU A 286 17.16 12.09 -8.91
N LEU A 287 16.57 11.72 -10.05
CA LEU A 287 15.32 10.98 -10.14
C LEU A 287 15.55 9.70 -10.95
N HIS A 288 15.72 8.57 -10.27
CA HIS A 288 15.91 7.26 -10.89
C HIS A 288 14.61 6.47 -10.73
N GLN A 289 14.25 6.14 -9.49
CA GLN A 289 13.07 5.36 -9.18
C GLN A 289 11.83 6.16 -9.52
N PHE A 290 11.05 5.67 -10.49
CA PHE A 290 9.82 6.31 -10.93
C PHE A 290 8.78 5.23 -11.20
N GLY A 291 7.51 5.62 -11.22
CA GLY A 291 6.39 4.73 -11.45
C GLY A 291 5.11 5.37 -10.96
N VAL A 292 4.05 4.56 -10.86
CA VAL A 292 2.73 4.98 -10.41
C VAL A 292 1.99 3.80 -9.77
N HIS A 293 1.07 4.10 -8.86
CA HIS A 293 0.23 3.09 -8.20
C HIS A 293 -1.07 3.00 -9.00
N VAL A 294 -1.90 1.97 -8.74
CA VAL A 294 -3.17 1.78 -9.42
C VAL A 294 -4.28 1.60 -8.37
N MET A 295 -5.48 2.12 -8.65
CA MET A 295 -6.66 2.00 -7.78
C MET A 295 -7.84 1.77 -8.72
N PRO A 296 -8.80 0.90 -8.37
CA PRO A 296 -9.94 0.58 -9.22
C PRO A 296 -10.78 1.84 -9.44
N LEU A 297 -11.26 2.03 -10.68
CA LEU A 297 -12.06 3.20 -11.08
C LEU A 297 -13.41 3.29 -10.36
N THR A 298 -13.92 2.18 -9.81
CA THR A 298 -15.17 2.12 -9.09
C THR A 298 -15.00 1.05 -8.00
N ASN A 299 -15.91 0.99 -7.03
CA ASN A 299 -15.89 0.03 -5.93
C ASN A 299 -17.32 -0.37 -5.63
N ALA A 1 2.49 -15.86 2.38
CA ALA A 1 3.42 -14.75 2.10
C ALA A 1 2.65 -13.43 2.15
N GLN A 2 1.73 -13.32 1.20
CA GLN A 2 0.79 -12.27 0.91
C GLN A 2 -0.54 -12.96 0.63
N LYS A 3 -1.64 -12.25 0.85
CA LYS A 3 -3.03 -12.71 0.65
C LYS A 3 -3.16 -13.49 -0.66
N VAL A 4 -3.30 -14.80 -0.56
CA VAL A 4 -3.45 -15.67 -1.71
C VAL A 4 -4.90 -15.58 -2.18
N GLU A 5 -5.12 -15.69 -3.50
CA GLU A 5 -6.43 -15.63 -4.12
C GLU A 5 -7.41 -16.61 -3.46
N ALA A 6 -8.66 -16.18 -3.37
CA ALA A 6 -9.71 -17.02 -2.82
C ALA A 6 -10.11 -18.02 -3.90
N GLY A 7 -10.57 -19.21 -3.51
CA GLY A 7 -11.02 -20.24 -4.46
C GLY A 7 -12.43 -19.96 -5.00
N GLY A 8 -12.94 -18.75 -4.79
CA GLY A 8 -14.26 -18.29 -5.19
C GLY A 8 -14.51 -18.44 -6.67
N GLY A 9 -15.27 -19.46 -7.00
CA GLY A 9 -15.62 -19.80 -8.37
C GLY A 9 -17.08 -19.96 -8.69
N ALA A 10 -17.94 -20.17 -7.70
CA ALA A 10 -19.37 -20.39 -7.85
C ALA A 10 -20.07 -19.07 -8.08
N GLY A 11 -19.36 -17.97 -7.82
CA GLY A 11 -19.92 -16.69 -8.02
C GLY A 11 -20.89 -16.31 -6.92
N GLY A 12 -20.53 -16.58 -5.66
CA GLY A 12 -21.35 -16.24 -4.50
C GLY A 12 -21.20 -14.75 -4.23
N ALA A 13 -20.49 -14.39 -3.16
CA ALA A 13 -20.27 -13.02 -2.74
C ALA A 13 -18.87 -12.86 -2.12
N SER A 14 -18.33 -11.64 -2.07
CA SER A 14 -17.03 -11.38 -1.48
C SER A 14 -17.23 -10.99 -0.01
N TRP A 15 -16.50 -11.63 0.90
CA TRP A 15 -16.56 -11.35 2.34
C TRP A 15 -15.50 -10.33 2.72
N ASP A 16 -14.54 -10.06 1.81
CA ASP A 16 -13.45 -9.13 2.02
C ASP A 16 -14.00 -7.71 2.15
N ASP A 17 -14.05 -7.21 3.38
CA ASP A 17 -14.52 -5.87 3.67
C ASP A 17 -13.41 -5.10 4.37
N GLY A 18 -12.89 -5.66 5.47
CA GLY A 18 -11.79 -5.07 6.24
C GLY A 18 -12.25 -4.27 7.47
N VAL A 19 -13.51 -3.86 7.56
CA VAL A 19 -14.04 -3.10 8.70
C VAL A 19 -14.00 -3.89 10.02
N HIS A 20 -13.86 -5.21 9.95
CA HIS A 20 -13.74 -6.17 11.05
C HIS A 20 -13.43 -7.50 10.36
N ASP A 21 -12.41 -8.19 10.84
CA ASP A 21 -11.95 -9.47 10.33
C ASP A 21 -11.51 -10.27 11.53
N GLY A 22 -12.51 -10.73 12.29
CA GLY A 22 -12.37 -11.50 13.50
C GLY A 22 -13.15 -12.79 13.37
N VAL A 23 -12.49 -13.91 13.65
CA VAL A 23 -13.06 -15.25 13.57
C VAL A 23 -12.65 -16.04 14.82
N ARG A 24 -13.47 -17.00 15.28
CA ARG A 24 -13.21 -17.81 16.47
C ARG A 24 -13.27 -19.31 16.21
N LYS A 25 -14.30 -19.74 15.50
CA LYS A 25 -14.55 -21.12 15.15
C LYS A 25 -15.13 -21.12 13.74
N VAL A 26 -15.07 -22.29 13.12
CA VAL A 26 -15.57 -22.54 11.78
C VAL A 26 -16.23 -23.92 11.85
N HIS A 27 -17.24 -24.17 11.01
CA HIS A 27 -17.95 -25.43 10.92
C HIS A 27 -18.00 -25.75 9.43
N VAL A 28 -17.82 -27.01 9.05
CA VAL A 28 -17.83 -27.44 7.65
C VAL A 28 -18.32 -28.88 7.62
N GLY A 29 -19.08 -29.26 6.60
CA GLY A 29 -19.58 -30.61 6.42
C GLY A 29 -20.23 -30.72 5.05
N GLN A 30 -20.12 -31.90 4.44
CA GLN A 30 -20.68 -32.18 3.12
C GLN A 30 -22.19 -31.95 3.12
N GLY A 31 -22.72 -31.50 2.00
CA GLY A 31 -24.13 -31.21 1.80
C GLY A 31 -24.71 -32.09 0.70
N GLN A 32 -25.16 -31.48 -0.41
CA GLN A 32 -25.74 -32.26 -1.50
C GLN A 32 -24.68 -32.75 -2.49
N ASP A 33 -23.81 -31.84 -2.93
CA ASP A 33 -22.73 -32.13 -3.89
C ASP A 33 -21.39 -31.68 -3.32
N GLY A 34 -21.44 -30.68 -2.44
CA GLY A 34 -20.28 -30.07 -1.79
C GLY A 34 -20.64 -29.60 -0.38
N VAL A 35 -19.65 -29.09 0.37
CA VAL A 35 -19.76 -28.60 1.74
C VAL A 35 -20.80 -27.46 1.85
N SER A 36 -22.03 -27.82 2.24
CA SER A 36 -23.14 -26.90 2.39
C SER A 36 -23.16 -26.27 3.79
N SER A 37 -23.08 -27.05 4.87
CA SER A 37 -23.10 -26.46 6.20
C SER A 37 -21.84 -25.64 6.41
N ILE A 38 -22.01 -24.34 6.67
CA ILE A 38 -20.92 -23.41 6.93
C ILE A 38 -21.28 -22.59 8.15
N ASN A 39 -20.29 -22.00 8.81
CA ASN A 39 -20.44 -21.16 10.00
C ASN A 39 -19.14 -20.42 10.23
N VAL A 40 -19.20 -19.16 10.65
CA VAL A 40 -18.04 -18.32 10.94
C VAL A 40 -18.33 -17.54 12.23
N VAL A 41 -17.85 -18.04 13.37
CA VAL A 41 -18.03 -17.39 14.67
C VAL A 41 -17.15 -16.16 14.67
N TYR A 42 -17.66 -14.99 15.02
CA TYR A 42 -16.87 -13.77 15.07
C TYR A 42 -16.50 -13.50 16.52
N ALA A 43 -15.24 -13.22 16.79
CA ALA A 43 -14.79 -12.91 18.13
C ALA A 43 -15.03 -11.41 18.28
N LYS A 44 -16.00 -10.99 19.09
CA LYS A 44 -16.27 -9.57 19.30
C LYS A 44 -15.97 -9.25 20.75
N ASP A 45 -14.99 -8.39 21.02
CA ASP A 45 -14.57 -8.01 22.38
C ASP A 45 -14.17 -9.29 23.16
N SER A 46 -13.57 -10.25 22.45
CA SER A 46 -13.11 -11.56 22.94
C SER A 46 -14.29 -12.52 23.22
N GLN A 47 -15.54 -12.10 23.03
CA GLN A 47 -16.70 -12.95 23.27
C GLN A 47 -16.99 -13.80 22.03
N ASP A 48 -17.44 -15.03 22.28
CA ASP A 48 -17.83 -16.01 21.26
C ASP A 48 -19.29 -15.65 20.99
N VAL A 49 -19.69 -15.42 19.74
CA VAL A 49 -21.06 -15.07 19.40
C VAL A 49 -21.47 -15.95 18.21
N GLU A 50 -22.37 -16.90 18.49
CA GLU A 50 -22.91 -17.86 17.54
C GLU A 50 -24.38 -17.61 17.23
N GLY A 51 -24.82 -18.20 16.12
CA GLY A 51 -26.16 -18.13 15.57
C GLY A 51 -26.00 -17.79 14.09
N GLY A 52 -25.26 -18.63 13.36
CA GLY A 52 -25.02 -18.43 11.93
C GLY A 52 -24.76 -19.71 11.15
N GLU A 53 -24.73 -20.89 11.80
CA GLU A 53 -24.51 -22.15 11.10
C GLU A 53 -25.80 -22.47 10.34
N HIS A 54 -25.72 -22.42 9.02
CA HIS A 54 -26.80 -22.71 8.10
C HIS A 54 -26.24 -23.56 6.96
N GLY A 55 -27.13 -24.14 6.16
CA GLY A 55 -26.80 -25.00 5.05
C GLY A 55 -27.20 -26.44 5.37
N LYS A 56 -26.93 -27.35 4.43
CA LYS A 56 -27.26 -28.76 4.61
C LYS A 56 -26.16 -29.42 5.42
N LYS A 57 -26.37 -29.58 6.72
CA LYS A 57 -25.39 -30.24 7.57
C LYS A 57 -25.57 -31.75 7.47
N THR A 58 -24.56 -32.49 7.89
CA THR A 58 -24.54 -33.95 7.87
C THR A 58 -24.07 -34.48 9.22
N LEU A 59 -24.14 -35.81 9.42
CA LEU A 59 -23.72 -36.49 10.65
C LEU A 59 -22.26 -36.89 10.60
N LEU A 60 -21.84 -37.51 9.48
CA LEU A 60 -20.50 -38.00 9.24
C LEU A 60 -20.00 -37.24 8.02
N GLY A 61 -19.65 -35.99 8.27
CA GLY A 61 -19.13 -35.05 7.30
C GLY A 61 -18.93 -33.72 8.01
N PHE A 62 -19.81 -33.40 8.96
CA PHE A 62 -19.78 -32.18 9.74
C PHE A 62 -18.80 -32.29 10.89
N GLU A 63 -17.90 -31.31 11.00
CA GLU A 63 -16.88 -31.18 12.00
C GLU A 63 -16.74 -29.68 12.33
N THR A 64 -16.10 -29.36 13.46
CA THR A 64 -15.88 -27.98 13.92
C THR A 64 -14.39 -27.79 14.19
N PHE A 65 -13.87 -26.59 13.94
CA PHE A 65 -12.50 -26.18 14.13
C PHE A 65 -12.53 -24.89 14.95
N GLU A 66 -11.60 -24.72 15.89
CA GLU A 66 -11.49 -23.55 16.74
C GLU A 66 -10.06 -23.04 16.70
N VAL A 67 -9.91 -21.72 16.80
CA VAL A 67 -8.63 -21.04 16.81
C VAL A 67 -8.03 -21.18 18.22
N ASP A 68 -6.72 -21.05 18.44
CA ASP A 68 -6.12 -21.19 19.77
C ASP A 68 -5.31 -19.95 20.17
N ALA A 69 -4.93 -19.88 21.44
CA ALA A 69 -4.12 -18.82 22.03
C ALA A 69 -2.63 -19.12 21.83
N ASP A 70 -2.24 -20.40 21.73
CA ASP A 70 -0.84 -20.81 21.57
C ASP A 70 -0.59 -21.60 20.29
N ASP A 71 -1.59 -21.72 19.42
CA ASP A 71 -1.53 -22.41 18.13
C ASP A 71 -1.79 -21.33 17.08
N TYR A 72 -1.32 -21.53 15.86
CA TYR A 72 -1.49 -20.64 14.72
C TYR A 72 -1.89 -21.52 13.53
N ILE A 73 -2.04 -20.93 12.35
CA ILE A 73 -2.38 -21.67 11.15
C ILE A 73 -1.17 -21.50 10.24
N VAL A 74 -0.73 -22.58 9.59
CA VAL A 74 0.44 -22.55 8.71
C VAL A 74 0.05 -22.80 7.26
N ALA A 75 -0.93 -23.67 6.99
CA ALA A 75 -1.37 -23.96 5.63
C ALA A 75 -2.86 -24.29 5.62
N VAL A 76 -3.47 -24.18 4.45
CA VAL A 76 -4.87 -24.48 4.20
C VAL A 76 -4.89 -25.03 2.78
N GLN A 77 -5.15 -26.33 2.65
CA GLN A 77 -5.25 -27.04 1.38
C GLN A 77 -6.65 -26.74 0.88
N VAL A 78 -6.83 -26.40 -0.39
CA VAL A 78 -8.11 -26.08 -1.00
C VAL A 78 -8.22 -26.85 -2.31
N THR A 79 -9.25 -27.66 -2.47
CA THR A 79 -9.54 -28.47 -3.65
C THR A 79 -10.90 -27.98 -4.18
N TYR A 80 -11.07 -27.99 -5.51
CA TYR A 80 -12.28 -27.54 -6.18
C TYR A 80 -12.49 -28.30 -7.50
N ASP A 81 -13.67 -28.14 -8.08
CA ASP A 81 -14.05 -28.75 -9.35
C ASP A 81 -15.25 -28.00 -9.93
N ASN A 82 -15.46 -28.10 -11.23
CA ASN A 82 -16.57 -27.47 -11.94
C ASN A 82 -17.02 -28.41 -13.07
N VAL A 83 -18.32 -28.61 -13.25
CA VAL A 83 -18.84 -29.49 -14.31
C VAL A 83 -18.67 -28.81 -15.67
N PHE A 84 -18.59 -29.60 -16.75
CA PHE A 84 -18.39 -29.07 -18.10
C PHE A 84 -19.53 -28.16 -18.60
N GLY A 85 -20.68 -28.16 -17.95
CA GLY A 85 -21.82 -27.33 -18.34
C GLY A 85 -22.01 -26.09 -17.47
N GLN A 86 -21.28 -25.95 -16.37
CA GLN A 86 -21.39 -24.83 -15.45
C GLN A 86 -19.98 -24.38 -15.10
N ASP A 87 -19.58 -23.25 -15.66
CA ASP A 87 -18.27 -22.61 -15.50
C ASP A 87 -17.90 -22.26 -14.07
N SER A 88 -18.89 -22.08 -13.21
CA SER A 88 -18.73 -21.72 -11.81
C SER A 88 -18.22 -22.94 -11.04
N ASP A 89 -17.07 -22.82 -10.38
CA ASP A 89 -16.40 -23.87 -9.62
C ASP A 89 -16.95 -23.89 -8.19
N ILE A 90 -16.71 -24.96 -7.45
CA ILE A 90 -17.17 -25.11 -6.08
C ILE A 90 -16.10 -25.83 -5.29
N ILE A 91 -16.00 -25.54 -3.98
CA ILE A 91 -15.02 -26.19 -3.13
C ILE A 91 -15.45 -27.65 -2.98
N THR A 92 -14.54 -28.58 -3.25
CA THR A 92 -14.77 -30.00 -3.11
C THR A 92 -14.26 -30.45 -1.74
N SER A 93 -13.11 -29.95 -1.23
CA SER A 93 -12.57 -30.27 0.10
C SER A 93 -11.56 -29.21 0.56
N ILE A 94 -11.43 -29.04 1.87
CA ILE A 94 -10.50 -28.10 2.52
C ILE A 94 -9.81 -28.91 3.62
N THR A 95 -8.50 -28.72 3.79
CA THR A 95 -7.71 -29.42 4.81
C THR A 95 -6.90 -28.35 5.57
N PHE A 96 -7.21 -28.15 6.85
CA PHE A 96 -6.52 -27.17 7.70
C PHE A 96 -5.22 -27.79 8.23
N ASN A 97 -4.25 -26.94 8.58
CA ASN A 97 -2.94 -27.33 9.13
C ASN A 97 -2.56 -26.28 10.17
N THR A 98 -2.48 -26.64 11.45
CA THR A 98 -2.10 -25.67 12.47
C THR A 98 -0.58 -25.67 12.69
N PHE A 99 -0.09 -24.70 13.45
CA PHE A 99 1.31 -24.51 13.79
C PHE A 99 1.85 -25.72 14.55
N LYS A 100 1.04 -26.35 15.41
CA LYS A 100 1.52 -27.54 16.12
C LYS A 100 1.47 -28.78 15.24
N GLY A 101 0.90 -28.66 14.05
CA GLY A 101 0.79 -29.75 13.09
C GLY A 101 -0.58 -30.42 13.18
N LYS A 102 -1.58 -29.80 13.83
CA LYS A 102 -2.90 -30.43 13.91
C LYS A 102 -3.50 -30.33 12.50
N THR A 103 -3.48 -31.40 11.73
CA THR A 103 -4.05 -31.38 10.39
C THR A 103 -5.49 -31.87 10.54
N SER A 104 -6.43 -31.26 9.82
CA SER A 104 -7.82 -31.67 9.88
C SER A 104 -8.04 -32.67 8.75
N PRO A 105 -9.10 -33.49 8.80
CA PRO A 105 -9.36 -34.38 7.69
C PRO A 105 -9.83 -33.46 6.53
N PRO A 106 -9.76 -33.92 5.27
CA PRO A 106 -10.19 -33.14 4.12
C PRO A 106 -11.72 -33.12 4.12
N TYR A 107 -12.35 -32.15 4.79
CA TYR A 107 -13.81 -32.04 4.88
C TYR A 107 -14.38 -31.90 3.46
N GLY A 108 -14.99 -32.96 2.91
CA GLY A 108 -15.56 -32.97 1.57
C GLY A 108 -15.21 -34.26 0.83
N LEU A 109 -14.99 -34.21 -0.48
CA LEU A 109 -14.65 -35.35 -1.34
C LEU A 109 -13.46 -34.96 -2.19
N GLU A 110 -12.31 -35.58 -1.93
CA GLU A 110 -11.03 -35.35 -2.62
C GLU A 110 -11.14 -35.31 -4.15
N THR A 111 -10.41 -34.38 -4.76
CA THR A 111 -10.35 -34.16 -6.20
C THR A 111 -8.94 -33.77 -6.64
N GLN A 112 -8.74 -33.57 -7.96
CA GLN A 112 -7.48 -33.22 -8.59
C GLN A 112 -7.18 -31.72 -8.58
N LYS A 113 -8.08 -30.85 -9.05
CA LYS A 113 -7.84 -29.40 -9.08
C LYS A 113 -7.75 -28.90 -7.64
N LYS A 114 -6.54 -28.55 -7.19
CA LYS A 114 -6.30 -28.06 -5.84
C LYS A 114 -5.11 -27.14 -5.79
N PHE A 115 -4.93 -26.47 -4.66
CA PHE A 115 -3.85 -25.56 -4.37
C PHE A 115 -3.71 -25.51 -2.85
N VAL A 116 -2.62 -24.96 -2.34
CA VAL A 116 -2.40 -24.84 -0.91
C VAL A 116 -1.74 -23.50 -0.66
N LEU A 117 -2.40 -22.69 0.17
CA LEU A 117 -1.94 -21.37 0.58
C LEU A 117 -1.32 -21.54 1.95
N LYS A 118 -0.14 -20.96 2.15
CA LYS A 118 0.60 -21.03 3.40
C LYS A 118 1.60 -19.90 3.50
N ASP A 119 2.15 -19.74 4.70
CA ASP A 119 3.18 -18.76 5.02
C ASP A 119 4.42 -19.53 5.48
N LYS A 120 5.55 -18.84 5.58
CA LYS A 120 6.88 -19.32 5.98
C LYS A 120 7.74 -18.14 6.41
N ASN A 121 7.44 -16.97 5.85
CA ASN A 121 8.07 -15.69 6.05
C ASN A 121 7.69 -15.06 7.38
N GLY A 122 6.77 -15.66 8.15
CA GLY A 122 6.32 -15.16 9.46
C GLY A 122 4.99 -14.41 9.38
N GLY A 123 4.30 -14.46 8.24
CA GLY A 123 3.03 -13.80 8.01
C GLY A 123 1.90 -14.55 8.70
N LYS A 124 1.67 -14.25 9.97
CA LYS A 124 0.61 -14.88 10.76
C LYS A 124 -0.74 -14.60 10.07
N LEU A 125 -1.64 -15.58 10.09
CA LEU A 125 -2.97 -15.45 9.52
C LEU A 125 -3.72 -14.47 10.43
N VAL A 126 -4.33 -13.43 9.87
CA VAL A 126 -5.08 -12.43 10.63
C VAL A 126 -6.56 -12.84 10.67
N GLY A 127 -7.14 -13.13 9.51
CA GLY A 127 -8.52 -13.53 9.34
C GLY A 127 -8.74 -14.09 7.94
N PHE A 128 -9.94 -13.97 7.36
CA PHE A 128 -10.25 -14.52 6.04
C PHE A 128 -11.09 -13.58 5.18
N HIS A 129 -11.21 -13.92 3.90
CA HIS A 129 -11.96 -13.21 2.88
C HIS A 129 -12.67 -14.29 2.03
N GLY A 130 -13.64 -13.86 1.22
CA GLY A 130 -14.43 -14.72 0.35
C GLY A 130 -15.69 -15.18 1.11
N ARG A 131 -16.88 -14.97 0.54
CA ARG A 131 -18.14 -15.37 1.19
C ARG A 131 -18.56 -16.72 0.65
N ALA A 132 -19.71 -17.17 1.13
CA ALA A 132 -20.39 -18.41 0.78
C ALA A 132 -21.80 -18.01 0.36
N GLY A 133 -22.48 -18.85 -0.40
CA GLY A 133 -23.84 -18.58 -0.83
C GLY A 133 -24.70 -19.65 -0.20
N GLU A 134 -24.77 -20.82 -0.83
CA GLU A 134 -25.52 -21.96 -0.33
C GLU A 134 -24.57 -23.05 0.16
N ALA A 135 -23.29 -22.94 -0.18
CA ALA A 135 -22.20 -23.83 0.16
C ALA A 135 -20.90 -23.02 0.08
N LEU A 136 -19.78 -23.63 0.49
CA LEU A 136 -18.47 -23.00 0.48
C LEU A 136 -17.94 -22.96 -0.97
N TYR A 137 -17.46 -21.79 -1.40
CA TYR A 137 -16.89 -21.52 -2.72
C TYR A 137 -15.65 -20.64 -2.57
N ALA A 138 -15.76 -19.48 -1.91
CA ALA A 138 -14.66 -18.55 -1.76
C ALA A 138 -14.09 -18.51 -0.34
N LEU A 139 -12.90 -19.07 -0.19
CA LEU A 139 -12.14 -19.09 1.06
C LEU A 139 -10.72 -18.62 0.71
N GLY A 140 -10.08 -17.83 1.58
CA GLY A 140 -8.73 -17.28 1.44
C GLY A 140 -8.21 -16.82 2.82
N ALA A 141 -7.01 -16.25 2.88
CA ALA A 141 -6.40 -15.75 4.11
C ALA A 141 -5.37 -14.66 3.80
N TYR A 142 -5.38 -13.58 4.58
CA TYR A 142 -4.46 -12.45 4.45
C TYR A 142 -3.15 -12.83 5.14
N PHE A 143 -1.99 -12.44 4.58
CA PHE A 143 -0.70 -12.76 5.20
C PHE A 143 0.17 -11.51 5.10
N ALA A 144 0.74 -11.05 6.22
CA ALA A 144 1.60 -9.87 6.25
C ALA A 144 2.72 -10.05 7.27
N THR A 145 3.97 -9.90 6.84
CA THR A 145 5.17 -10.00 7.67
C THR A 145 6.02 -8.81 7.28
N THR A 146 6.00 -7.80 8.16
CA THR A 146 6.69 -6.54 8.07
C THR A 146 6.54 -5.85 9.43
N THR A 147 7.25 -4.74 9.63
CA THR A 147 7.25 -3.91 10.82
C THR A 147 7.31 -2.49 10.24
N THR A 148 6.18 -2.05 9.69
CA THR A 148 6.00 -0.76 9.04
C THR A 148 4.69 -0.08 9.48
N PRO A 149 4.53 1.23 9.26
CA PRO A 149 3.30 1.94 9.59
C PRO A 149 2.25 1.54 8.53
N VAL A 150 1.21 2.34 8.39
CA VAL A 150 0.16 2.10 7.41
C VAL A 150 0.87 2.05 6.03
N THR A 151 0.69 0.95 5.28
CA THR A 151 1.31 0.75 3.97
C THR A 151 0.64 1.60 2.87
N PRO A 152 1.37 1.93 1.79
CA PRO A 152 0.85 2.71 0.68
C PRO A 152 -0.07 1.90 -0.23
N ALA A 153 -0.49 2.49 -1.34
CA ALA A 153 -1.38 1.95 -2.35
C ALA A 153 -0.73 0.79 -3.13
N LYS A 154 -1.41 0.28 -4.17
CA LYS A 154 -0.94 -0.85 -4.96
C LYS A 154 0.19 -0.36 -5.85
N LYS A 155 1.41 -0.79 -5.50
CA LYS A 155 2.63 -0.43 -6.19
C LYS A 155 2.84 -1.35 -7.39
N LEU A 156 2.89 -0.78 -8.60
CA LEU A 156 3.14 -1.54 -9.83
C LEU A 156 4.63 -1.83 -9.88
N SER A 157 5.38 -0.99 -10.56
CA SER A 157 6.83 -1.09 -10.72
C SER A 157 7.42 0.29 -11.01
N ALA A 158 8.75 0.40 -10.89
CA ALA A 158 9.62 1.57 -11.11
C ALA A 158 10.97 1.04 -11.65
N ILE A 159 11.98 1.89 -11.91
CA ILE A 159 13.29 1.48 -12.42
C ILE A 159 14.37 2.47 -11.97
N GLY A 160 15.56 1.99 -11.62
CA GLY A 160 16.71 2.76 -11.15
C GLY A 160 16.68 2.67 -9.63
N GLY A 161 16.29 3.76 -8.99
CA GLY A 161 16.19 3.87 -7.55
C GLY A 161 17.53 3.62 -6.88
N ASP A 162 18.50 4.49 -7.14
CA ASP A 162 19.87 4.45 -6.66
C ASP A 162 20.05 4.87 -5.20
N GLU A 163 19.35 4.15 -4.34
CA GLU A 163 19.34 4.29 -2.88
C GLU A 163 19.04 5.70 -2.37
N GLY A 164 18.43 6.53 -3.21
CA GLY A 164 18.04 7.89 -2.88
C GLY A 164 16.97 7.86 -1.79
N THR A 165 16.69 9.03 -1.24
CA THR A 165 15.70 9.27 -0.19
C THR A 165 14.31 8.99 -0.75
N ALA A 166 13.61 8.00 -0.20
CA ALA A 166 12.27 7.62 -0.61
C ALA A 166 11.28 8.74 -0.27
N TRP A 167 10.19 8.79 -1.01
CA TRP A 167 9.09 9.73 -0.83
C TRP A 167 7.83 8.90 -1.03
N ASP A 168 6.97 8.84 -0.02
CA ASP A 168 5.72 8.10 -0.07
C ASP A 168 4.61 9.09 -0.42
N ASP A 169 4.12 9.06 -1.65
CA ASP A 169 3.09 9.96 -2.16
C ASP A 169 1.80 9.17 -2.30
N GLY A 170 0.97 9.22 -1.26
CA GLY A 170 -0.32 8.54 -1.22
C GLY A 170 -1.27 9.11 -2.29
N ALA A 171 -2.34 8.39 -2.62
CA ALA A 171 -3.32 8.82 -3.62
C ALA A 171 -4.04 10.08 -3.15
N TYR A 172 -4.55 10.88 -4.08
CA TYR A 172 -5.26 12.11 -3.76
C TYR A 172 -6.74 12.04 -4.12
N ASP A 173 -7.47 13.02 -3.62
CA ASP A 173 -8.92 13.23 -3.79
C ASP A 173 -9.21 13.85 -5.17
N GLY A 174 -8.18 14.38 -5.81
CA GLY A 174 -8.23 15.02 -7.11
C GLY A 174 -6.92 15.79 -7.29
N VAL A 175 -6.50 15.90 -8.54
CA VAL A 175 -5.28 16.59 -8.95
C VAL A 175 -5.69 18.01 -9.33
N LYS A 176 -5.03 19.02 -8.79
CA LYS A 176 -5.31 20.41 -9.13
C LYS A 176 -4.62 20.65 -10.47
N LYS A 177 -3.32 20.36 -10.57
CA LYS A 177 -2.57 20.54 -11.81
C LYS A 177 -1.31 19.68 -11.81
N VAL A 178 -0.95 19.12 -12.96
CA VAL A 178 0.24 18.31 -13.11
C VAL A 178 1.38 19.25 -13.50
N TYR A 179 2.60 18.92 -13.09
CA TYR A 179 3.80 19.68 -13.36
C TYR A 179 4.93 18.69 -13.65
N VAL A 180 5.98 19.11 -14.34
CA VAL A 180 7.15 18.31 -14.68
C VAL A 180 8.35 19.25 -14.59
N GLY A 181 9.50 18.78 -14.10
CA GLY A 181 10.73 19.57 -13.94
C GLY A 181 11.93 18.90 -14.62
N GLN A 182 12.06 19.10 -15.93
CA GLN A 182 13.15 18.59 -16.75
C GLN A 182 14.46 19.31 -16.42
N GLY A 183 15.55 18.91 -17.06
CA GLY A 183 16.88 19.45 -16.92
C GLY A 183 17.61 19.27 -18.24
N GLN A 184 18.89 19.60 -18.27
CA GLN A 184 19.71 19.50 -19.47
C GLN A 184 19.86 18.06 -19.98
N ASP A 185 19.73 17.06 -19.11
CA ASP A 185 19.86 15.64 -19.42
C ASP A 185 18.63 14.82 -19.06
N GLY A 186 17.77 15.29 -18.15
CA GLY A 186 16.61 14.52 -17.76
C GLY A 186 15.88 15.15 -16.59
N ILE A 187 14.81 14.50 -16.15
CA ILE A 187 13.96 14.95 -15.05
C ILE A 187 14.80 15.08 -13.77
N SER A 188 14.91 16.32 -13.29
CA SER A 188 15.68 16.64 -12.09
C SER A 188 14.80 16.64 -10.84
N ALA A 189 13.54 17.09 -10.93
CA ALA A 189 12.63 17.16 -9.79
C ALA A 189 11.20 16.82 -10.15
N VAL A 190 10.39 16.61 -9.09
CA VAL A 190 8.98 16.30 -9.15
C VAL A 190 8.28 17.17 -8.10
N LYS A 191 7.02 17.52 -8.34
CA LYS A 191 6.08 18.32 -7.55
C LYS A 191 4.78 18.38 -8.35
N PHE A 192 3.62 18.50 -7.70
CA PHE A 192 2.32 18.56 -8.38
C PHE A 192 1.36 19.32 -7.48
N GLU A 193 0.34 19.98 -8.01
CA GLU A 193 -0.64 20.71 -7.20
C GLU A 193 -1.80 19.74 -6.97
N TYR A 194 -2.28 19.60 -5.73
CA TYR A 194 -3.37 18.69 -5.37
C TYR A 194 -4.34 19.33 -4.38
N ASN A 195 -5.47 18.66 -4.19
CA ASN A 195 -6.56 19.07 -3.31
C ASN A 195 -6.77 18.03 -2.22
N LYS A 196 -7.01 18.47 -0.99
CA LYS A 196 -7.26 17.60 0.16
C LYS A 196 -8.36 18.28 0.96
N GLY A 197 -9.59 18.19 0.50
CA GLY A 197 -10.72 18.81 1.18
C GLY A 197 -10.46 20.31 1.31
N ALA A 198 -10.56 20.86 2.52
CA ALA A 198 -10.36 22.27 2.82
C ALA A 198 -8.89 22.73 2.73
N GLU A 199 -7.97 21.92 2.21
CA GLU A 199 -6.54 22.24 2.07
C GLU A 199 -6.10 22.02 0.64
N ASN A 200 -5.26 22.92 0.12
CA ASN A 200 -4.75 22.88 -1.26
C ASN A 200 -3.24 22.99 -1.19
N ILE A 201 -2.54 21.86 -1.09
CA ILE A 201 -1.09 21.78 -1.01
C ILE A 201 -0.49 22.17 -2.37
N VAL A 202 0.14 23.33 -2.41
CA VAL A 202 0.79 23.91 -3.57
C VAL A 202 2.23 24.24 -3.14
N GLY A 203 3.15 23.31 -3.41
CA GLY A 203 4.58 23.41 -3.09
C GLY A 203 5.11 22.23 -2.27
N GLY A 204 6.42 22.26 -2.02
CA GLY A 204 7.17 21.27 -1.26
C GLY A 204 7.98 20.39 -2.20
N GLU A 205 9.09 20.92 -2.74
CA GLU A 205 9.93 20.15 -3.66
C GLU A 205 10.56 18.93 -2.99
N HIS A 206 10.91 17.93 -3.82
CA HIS A 206 11.54 16.67 -3.44
C HIS A 206 12.95 16.79 -4.05
N GLY A 207 13.07 16.52 -5.36
CA GLY A 207 14.34 16.60 -6.07
C GLY A 207 14.69 18.06 -6.37
N LYS A 208 15.97 18.32 -6.67
CA LYS A 208 16.51 19.65 -6.96
C LYS A 208 15.74 20.39 -8.07
N PRO A 209 15.09 21.53 -7.80
CA PRO A 209 14.37 22.27 -8.82
C PRO A 209 15.39 22.82 -9.83
N THR A 210 15.01 22.85 -11.11
CA THR A 210 15.85 23.31 -12.20
C THR A 210 15.47 24.73 -12.60
N LEU A 211 16.49 25.59 -12.80
CA LEU A 211 16.29 26.98 -13.20
C LEU A 211 15.77 27.09 -14.65
N LEU A 212 15.79 25.98 -15.39
CA LEU A 212 15.31 25.88 -16.77
C LEU A 212 13.83 26.26 -16.83
N GLY A 213 13.09 25.97 -15.76
CA GLY A 213 11.67 26.23 -15.63
C GLY A 213 10.97 24.90 -15.39
N PHE A 214 9.64 24.93 -15.41
CA PHE A 214 8.78 23.77 -15.22
C PHE A 214 7.69 23.86 -16.29
N GLU A 215 7.08 22.72 -16.55
CA GLU A 215 6.00 22.55 -17.51
C GLU A 215 4.77 22.23 -16.67
N GLU A 216 3.59 22.65 -17.12
CA GLU A 216 2.34 22.40 -16.41
C GLU A 216 1.26 21.88 -17.36
N PHE A 217 0.40 20.98 -16.88
CA PHE A 217 -0.70 20.43 -17.66
C PHE A 217 -1.93 20.21 -16.78
N GLU A 218 -3.11 20.45 -17.35
CA GLU A 218 -4.40 20.30 -16.70
C GLU A 218 -4.93 18.90 -16.97
N ILE A 219 -5.27 18.14 -15.93
CA ILE A 219 -5.80 16.79 -16.03
C ILE A 219 -7.12 16.72 -15.25
N ASP A 220 -8.20 16.55 -16.01
CA ASP A 220 -9.56 16.43 -15.53
C ASP A 220 -9.75 14.96 -15.18
N TYR A 221 -9.41 14.61 -13.93
CA TYR A 221 -9.56 13.25 -13.45
C TYR A 221 -11.02 12.74 -13.42
N PRO A 222 -12.09 13.56 -13.25
CA PRO A 222 -13.44 13.00 -13.26
C PRO A 222 -13.93 12.76 -14.69
N SER A 223 -13.73 13.72 -15.59
CA SER A 223 -14.15 13.66 -16.99
C SER A 223 -13.36 12.59 -17.77
N GLU A 224 -12.05 12.66 -17.72
CA GLU A 224 -11.10 11.78 -18.39
C GLU A 224 -10.65 10.66 -17.46
N TYR A 225 -9.60 9.91 -17.83
CA TYR A 225 -9.05 8.81 -17.04
C TYR A 225 -7.65 8.48 -17.57
N ILE A 226 -6.73 8.15 -16.67
CA ILE A 226 -5.36 7.78 -16.98
C ILE A 226 -5.36 6.26 -17.08
N THR A 227 -5.30 5.76 -18.31
CA THR A 227 -5.29 4.35 -18.62
C THR A 227 -3.94 3.74 -18.26
N ALA A 228 -2.88 4.26 -18.90
CA ALA A 228 -1.50 3.84 -18.77
C ALA A 228 -0.56 5.03 -18.62
N VAL A 229 0.69 4.74 -18.33
CA VAL A 229 1.78 5.68 -18.16
C VAL A 229 2.86 5.29 -19.17
N GLU A 230 3.63 6.26 -19.67
CA GLU A 230 4.72 6.05 -20.61
C GLU A 230 5.96 6.84 -20.16
N GLY A 231 7.13 6.45 -20.67
CA GLY A 231 8.41 7.09 -20.39
C GLY A 231 9.54 6.42 -21.16
N THR A 232 10.71 7.05 -21.20
CA THR A 232 11.90 6.53 -21.88
C THR A 232 13.07 6.70 -20.90
N TYR A 233 13.84 5.63 -20.62
CA TYR A 233 14.97 5.68 -19.68
C TYR A 233 16.33 5.30 -20.28
N ASP A 234 17.41 5.92 -19.81
CA ASP A 234 18.77 5.66 -20.28
C ASP A 234 19.82 5.69 -19.18
N LYS A 235 21.03 5.20 -19.49
CA LYS A 235 22.15 5.12 -18.56
C LYS A 235 22.85 6.46 -18.35
N ILE A 236 23.16 6.76 -17.09
CA ILE A 236 23.85 7.95 -16.60
C ILE A 236 25.20 7.52 -16.02
N PHE A 237 26.17 8.44 -15.96
CA PHE A 237 27.52 8.19 -15.44
C PHE A 237 27.70 8.78 -14.04
N GLY A 238 28.75 8.34 -13.34
CA GLY A 238 29.08 8.75 -11.98
C GLY A 238 28.39 7.84 -10.96
N SER A 239 27.38 7.09 -11.42
CA SER A 239 26.58 6.14 -10.69
C SER A 239 26.34 4.94 -11.63
N ASP A 240 25.52 4.00 -11.19
CA ASP A 240 25.13 2.79 -11.91
C ASP A 240 23.62 2.70 -11.83
N GLY A 241 22.94 3.07 -12.90
CA GLY A 241 21.49 3.05 -12.95
C GLY A 241 20.94 3.64 -14.22
N LEU A 242 19.61 3.77 -14.27
CA LEU A 242 18.85 4.29 -15.39
C LEU A 242 18.00 5.46 -14.91
N ILE A 243 17.85 6.51 -15.72
CA ILE A 243 17.04 7.68 -15.43
C ILE A 243 16.03 7.88 -16.55
N ILE A 244 14.79 8.13 -16.18
CA ILE A 244 13.69 8.38 -17.09
C ILE A 244 13.87 9.84 -17.52
N THR A 245 14.46 10.06 -18.70
CA THR A 245 14.70 11.40 -19.22
C THR A 245 13.41 12.05 -19.77
N MET A 246 12.42 11.25 -20.22
CA MET A 246 11.16 11.76 -20.76
C MET A 246 9.99 10.90 -20.31
N LEU A 247 8.81 11.52 -20.23
CA LEU A 247 7.55 10.92 -19.84
C LEU A 247 6.43 11.37 -20.79
N ARG A 248 5.40 10.52 -20.88
CA ARG A 248 4.20 10.71 -21.67
C ARG A 248 3.08 10.09 -20.86
N PHE A 249 1.87 10.59 -21.06
CA PHE A 249 0.69 10.08 -20.37
C PHE A 249 -0.28 9.53 -21.40
N LYS A 250 -0.97 8.42 -21.09
CA LYS A 250 -1.94 7.83 -22.02
C LYS A 250 -3.27 8.39 -21.60
N THR A 251 -3.84 9.17 -22.50
CA THR A 251 -5.12 9.85 -22.33
C THR A 251 -5.98 9.57 -23.55
N ASN A 252 -7.27 9.90 -23.44
CA ASN A 252 -8.28 9.75 -24.46
C ASN A 252 -8.91 11.13 -24.67
N LYS A 253 -9.56 11.37 -25.81
CA LYS A 253 -10.20 12.62 -26.25
C LYS A 253 -9.17 13.71 -26.57
N GLN A 254 -8.00 13.68 -25.95
CA GLN A 254 -6.90 14.60 -26.11
C GLN A 254 -5.57 13.88 -25.84
N THR A 255 -4.47 14.60 -26.06
CA THR A 255 -3.10 14.17 -25.85
C THR A 255 -2.40 15.28 -25.04
N SER A 256 -1.28 14.97 -24.40
CA SER A 256 -0.52 15.90 -23.57
C SER A 256 0.87 16.24 -24.09
N ALA A 257 1.34 15.49 -25.09
CA ALA A 257 2.65 15.60 -25.73
C ALA A 257 3.74 15.06 -24.77
N PRO A 258 4.94 14.74 -25.28
CA PRO A 258 6.03 14.25 -24.43
C PRO A 258 6.67 15.40 -23.64
N PHE A 259 7.17 15.09 -22.44
CA PHE A 259 7.83 16.04 -21.55
C PHE A 259 9.24 15.50 -21.35
N GLY A 260 10.20 15.99 -22.13
CA GLY A 260 11.60 15.57 -22.10
C GLY A 260 12.07 15.14 -23.50
N LEU A 261 13.32 14.67 -23.60
CA LEU A 261 13.93 14.20 -24.85
C LEU A 261 13.64 12.72 -25.05
N GLU A 262 13.09 12.32 -26.21
CA GLU A 262 12.83 10.91 -26.46
C GLU A 262 14.19 10.25 -26.71
N ALA A 263 14.66 9.47 -25.74
CA ALA A 263 15.91 8.75 -25.77
C ALA A 263 15.83 7.62 -24.73
N GLY A 264 16.62 6.56 -24.94
CA GLY A 264 16.63 5.42 -24.04
C GLY A 264 15.58 4.38 -24.42
N THR A 265 15.44 3.35 -23.60
CA THR A 265 14.48 2.27 -23.77
C THR A 265 13.11 2.80 -23.35
N ALA A 266 12.05 2.49 -24.09
CA ALA A 266 10.70 2.95 -23.76
C ALA A 266 9.97 1.92 -22.89
N PHE A 267 9.16 2.40 -21.94
CA PHE A 267 8.37 1.56 -21.05
C PHE A 267 6.97 2.13 -20.84
N GLU A 268 6.00 1.24 -20.65
CA GLU A 268 4.60 1.57 -20.40
C GLU A 268 4.04 0.59 -19.37
N LEU A 269 3.15 1.07 -18.49
CA LEU A 269 2.51 0.29 -17.45
C LEU A 269 1.01 0.65 -17.49
N LYS A 270 0.14 -0.36 -17.36
CA LYS A 270 -1.32 -0.23 -17.40
C LYS A 270 -1.93 -1.33 -16.53
N GLU A 271 -3.25 -1.36 -16.40
CA GLU A 271 -3.95 -2.38 -15.63
C GLU A 271 -5.25 -2.74 -16.37
N GLU A 272 -5.85 -3.86 -15.99
CA GLU A 272 -7.08 -4.41 -16.55
C GLU A 272 -8.34 -3.61 -16.23
N GLY A 273 -8.24 -2.44 -15.59
CA GLY A 273 -9.39 -1.61 -15.28
C GLY A 273 -9.09 -0.50 -14.27
N HIS A 274 -8.20 -0.78 -13.30
CA HIS A 274 -7.81 0.20 -12.28
C HIS A 274 -7.27 1.47 -12.96
N LYS A 275 -7.41 2.64 -12.34
CA LYS A 275 -6.96 3.91 -12.93
C LYS A 275 -5.65 4.34 -12.28
N ILE A 276 -4.85 5.18 -12.96
CA ILE A 276 -3.58 5.62 -12.42
C ILE A 276 -3.79 6.97 -11.76
N VAL A 277 -3.83 6.97 -10.43
CA VAL A 277 -4.01 8.17 -9.61
C VAL A 277 -2.82 8.26 -8.62
N GLY A 278 -1.61 7.92 -9.06
CA GLY A 278 -0.46 8.00 -8.20
C GLY A 278 0.84 7.53 -8.83
N PHE A 279 1.93 7.84 -8.13
CA PHE A 279 3.32 7.58 -8.43
C PHE A 279 4.07 7.22 -7.14
N HIS A 280 5.33 6.77 -7.25
CA HIS A 280 6.19 6.40 -6.12
C HIS A 280 7.65 6.45 -6.58
N GLY A 281 8.57 6.81 -5.69
CA GLY A 281 9.97 6.88 -6.07
C GLY A 281 10.88 7.29 -4.93
N LYS A 282 12.09 7.71 -5.32
CA LYS A 282 13.16 8.16 -4.43
C LYS A 282 13.94 9.24 -5.16
N ALA A 283 14.31 10.30 -4.46
CA ALA A 283 15.06 11.45 -4.95
C ALA A 283 16.22 11.77 -4.02
N SER A 284 17.27 12.41 -4.56
CA SER A 284 18.46 12.83 -3.82
C SER A 284 19.24 13.80 -4.70
N GLU A 285 19.43 13.47 -5.98
CA GLU A 285 20.18 14.34 -6.89
C GLU A 285 19.55 14.49 -8.27
N LEU A 286 18.64 13.60 -8.64
CA LEU A 286 17.92 13.58 -9.91
C LEU A 286 16.75 12.60 -9.72
N LEU A 287 16.03 12.27 -10.80
CA LEU A 287 14.91 11.35 -10.75
C LEU A 287 15.47 9.92 -10.83
N HIS A 288 15.86 9.33 -9.69
CA HIS A 288 16.40 7.96 -9.68
C HIS A 288 15.38 6.96 -10.22
N GLN A 289 14.09 7.18 -9.96
CA GLN A 289 13.02 6.32 -10.44
C GLN A 289 11.69 7.04 -10.38
N PHE A 290 10.75 6.47 -11.11
CA PHE A 290 9.37 6.88 -11.24
C PHE A 290 8.66 5.63 -11.76
N GLY A 291 7.51 5.35 -11.17
CA GLY A 291 6.60 4.25 -11.42
C GLY A 291 5.18 4.76 -11.26
N VAL A 292 4.23 3.84 -11.01
CA VAL A 292 2.83 4.19 -10.83
C VAL A 292 2.18 3.38 -9.71
N HIS A 293 0.96 3.78 -9.39
CA HIS A 293 0.05 3.24 -8.40
C HIS A 293 -1.30 3.14 -9.10
N VAL A 294 -2.14 2.18 -8.72
CA VAL A 294 -3.47 1.99 -9.33
C VAL A 294 -4.53 1.80 -8.25
N MET A 295 -5.68 2.44 -8.46
CA MET A 295 -6.83 2.40 -7.57
C MET A 295 -8.07 1.96 -8.36
N PRO A 296 -9.00 1.25 -7.71
CA PRO A 296 -10.22 0.82 -8.39
C PRO A 296 -11.17 2.00 -8.57
N LEU A 297 -12.01 1.92 -9.60
CA LEU A 297 -13.02 2.94 -9.88
C LEU A 297 -14.08 2.88 -8.78
N THR A 298 -14.84 3.96 -8.61
CA THR A 298 -15.92 4.07 -7.64
C THR A 298 -16.84 5.18 -8.12
N ASN A 299 -18.15 5.06 -7.88
CA ASN A 299 -19.15 6.04 -8.29
C ASN A 299 -19.89 6.54 -7.07
N ALA A 1 19.95 -0.28 9.32
CA ALA A 1 20.01 -1.16 10.49
C ALA A 1 21.32 -0.99 11.26
N GLN A 2 22.39 -1.63 10.80
CA GLN A 2 23.71 -1.60 11.41
C GLN A 2 24.81 -1.27 10.41
N LYS A 3 25.24 0.00 10.39
CA LYS A 3 26.33 0.43 9.52
C LYS A 3 27.56 0.02 10.33
N VAL A 4 28.52 -0.67 9.71
CA VAL A 4 29.73 -1.17 10.39
C VAL A 4 30.96 -0.64 9.69
N GLU A 5 31.59 0.35 10.30
CA GLU A 5 32.79 1.00 9.80
C GLU A 5 33.89 -0.02 9.57
N ALA A 6 34.66 0.21 8.49
CA ALA A 6 35.78 -0.61 8.08
C ALA A 6 36.94 -0.47 9.08
N GLY A 7 38.05 -1.18 8.82
CA GLY A 7 39.24 -1.14 9.64
C GLY A 7 40.45 -1.13 8.72
N GLY A 8 41.50 -0.39 9.12
CA GLY A 8 42.75 -0.24 8.39
C GLY A 8 43.27 1.18 8.61
N GLY A 9 43.69 1.86 7.54
CA GLY A 9 44.21 3.23 7.60
C GLY A 9 43.22 4.24 7.07
N ALA A 10 43.71 5.33 6.49
CA ALA A 10 42.90 6.40 5.91
C ALA A 10 43.52 6.96 4.62
N GLY A 11 44.57 6.33 4.09
CA GLY A 11 45.29 6.76 2.88
C GLY A 11 44.48 6.85 1.58
N GLY A 12 43.25 6.32 1.51
CA GLY A 12 42.43 6.35 0.30
C GLY A 12 41.19 7.23 0.41
N ALA A 13 40.50 7.49 -0.70
CA ALA A 13 39.29 8.30 -0.75
C ALA A 13 38.11 7.46 -0.27
N SER A 14 37.08 8.06 0.30
CA SER A 14 35.91 7.35 0.82
C SER A 14 35.15 6.58 -0.27
N TRP A 15 35.41 5.27 -0.42
CA TRP A 15 34.72 4.44 -1.40
C TRP A 15 33.71 3.62 -0.60
N ASP A 16 32.86 4.32 0.14
CA ASP A 16 31.81 3.77 1.00
C ASP A 16 30.42 4.04 0.44
N ASP A 17 30.35 4.37 -0.85
CA ASP A 17 29.11 4.68 -1.53
C ASP A 17 29.22 4.35 -3.02
N GLY A 18 28.36 3.43 -3.49
CA GLY A 18 28.29 2.97 -4.87
C GLY A 18 29.58 2.41 -5.46
N VAL A 19 30.50 1.87 -4.64
CA VAL A 19 31.77 1.33 -5.09
C VAL A 19 31.66 0.27 -6.21
N HIS A 20 30.63 -0.60 -6.17
CA HIS A 20 30.42 -1.65 -7.16
C HIS A 20 28.91 -1.91 -7.34
N ASP A 21 28.56 -2.56 -8.44
CA ASP A 21 27.21 -2.95 -8.86
C ASP A 21 26.99 -4.47 -8.73
N GLY A 22 28.03 -5.27 -8.95
CA GLY A 22 27.94 -6.72 -8.87
C GLY A 22 29.32 -7.33 -8.96
N VAL A 23 30.06 -7.39 -7.83
CA VAL A 23 31.39 -7.99 -7.83
C VAL A 23 31.28 -9.47 -8.21
N ARG A 24 32.39 -10.06 -8.68
CA ARG A 24 32.42 -11.46 -9.11
C ARG A 24 33.62 -12.27 -8.66
N LYS A 25 34.80 -11.65 -8.59
CA LYS A 25 36.05 -12.29 -8.20
C LYS A 25 36.89 -11.25 -7.48
N VAL A 26 37.82 -11.70 -6.66
CA VAL A 26 38.72 -10.84 -5.90
C VAL A 26 40.12 -11.44 -6.00
N HIS A 27 41.01 -10.84 -6.80
CA HIS A 27 42.39 -11.30 -6.91
C HIS A 27 43.13 -10.56 -5.80
N VAL A 28 44.06 -11.22 -5.12
CA VAL A 28 44.86 -10.63 -4.06
C VAL A 28 46.26 -11.22 -4.19
N GLY A 29 47.31 -10.45 -3.93
CA GLY A 29 48.67 -10.94 -4.00
C GLY A 29 49.65 -9.97 -3.35
N GLN A 30 50.75 -10.54 -2.86
CA GLN A 30 51.81 -9.82 -2.18
C GLN A 30 52.63 -8.93 -3.13
N GLY A 31 52.61 -7.64 -2.81
CA GLY A 31 53.26 -6.49 -3.44
C GLY A 31 54.66 -6.39 -2.87
N GLN A 32 55.01 -5.25 -2.27
CA GLN A 32 56.33 -5.08 -1.69
C GLN A 32 56.36 -5.40 -0.21
N ASP A 33 55.41 -4.83 0.50
CA ASP A 33 55.19 -4.86 1.94
C ASP A 33 54.04 -5.77 2.38
N GLY A 34 53.04 -6.01 1.52
CA GLY A 34 51.89 -6.82 1.91
C GLY A 34 50.97 -7.06 0.74
N VAL A 35 49.71 -7.39 0.98
CA VAL A 35 48.73 -7.64 -0.09
C VAL A 35 48.37 -6.30 -0.75
N SER A 36 49.02 -5.99 -1.87
CA SER A 36 48.84 -4.75 -2.60
C SER A 36 48.05 -4.86 -3.91
N SER A 37 48.34 -5.85 -4.76
CA SER A 37 47.60 -5.92 -6.03
C SER A 37 46.15 -6.35 -5.81
N ILE A 38 45.30 -5.82 -6.70
CA ILE A 38 43.88 -6.05 -6.77
C ILE A 38 43.46 -6.05 -8.25
N ASN A 39 42.31 -6.65 -8.52
CA ASN A 39 41.66 -6.81 -9.81
C ASN A 39 40.16 -6.59 -9.62
N VAL A 40 39.45 -6.14 -10.64
CA VAL A 40 38.01 -5.88 -10.57
C VAL A 40 37.27 -6.62 -11.69
N VAL A 41 36.19 -7.32 -11.34
CA VAL A 41 35.30 -8.06 -12.24
C VAL A 41 33.89 -7.57 -11.90
N TYR A 42 33.01 -7.42 -12.89
CA TYR A 42 31.66 -6.94 -12.68
C TYR A 42 30.68 -7.85 -13.43
N ALA A 43 29.52 -8.13 -12.84
CA ALA A 43 28.46 -8.96 -13.41
C ALA A 43 27.24 -8.10 -13.67
N LYS A 44 26.83 -8.04 -14.93
CA LYS A 44 25.67 -7.30 -15.40
C LYS A 44 24.68 -8.36 -15.87
N ASP A 45 23.41 -7.98 -16.01
CA ASP A 45 22.36 -8.88 -16.49
C ASP A 45 22.73 -9.35 -17.89
N SER A 46 23.23 -8.44 -18.73
CA SER A 46 23.62 -8.76 -20.09
C SER A 46 24.86 -9.65 -20.08
N GLN A 47 26.05 -9.17 -19.69
CA GLN A 47 27.27 -9.96 -19.70
C GLN A 47 28.24 -9.63 -18.57
N ASP A 48 29.20 -10.53 -18.38
CA ASP A 48 30.28 -10.46 -17.41
C ASP A 48 31.32 -9.49 -18.02
N VAL A 49 32.09 -8.76 -17.22
CA VAL A 49 33.09 -7.85 -17.75
C VAL A 49 34.26 -7.77 -16.80
N GLU A 50 35.44 -7.62 -17.38
CA GLU A 50 36.71 -7.52 -16.70
C GLU A 50 37.18 -6.07 -16.77
N GLY A 51 38.12 -5.73 -15.89
CA GLY A 51 38.73 -4.43 -15.78
C GLY A 51 40.26 -4.50 -15.77
N GLY A 52 40.84 -5.68 -15.56
CA GLY A 52 42.29 -5.88 -15.53
C GLY A 52 42.82 -5.81 -14.10
N GLU A 53 44.06 -6.24 -13.92
CA GLU A 53 44.77 -6.23 -12.64
C GLU A 53 45.73 -5.05 -12.73
N HIS A 54 45.41 -3.98 -12.02
CA HIS A 54 46.17 -2.75 -11.98
C HIS A 54 46.50 -2.47 -10.52
N GLY A 55 47.55 -3.14 -10.10
CA GLY A 55 48.16 -3.14 -8.79
C GLY A 55 49.57 -3.70 -8.98
N LYS A 56 50.32 -3.90 -7.90
CA LYS A 56 51.68 -4.43 -7.98
C LYS A 56 51.86 -5.66 -7.09
N LYS A 57 52.61 -6.63 -7.60
CA LYS A 57 52.99 -7.88 -6.95
C LYS A 57 54.49 -7.99 -7.14
N THR A 58 55.19 -8.61 -6.20
CA THR A 58 56.64 -8.79 -6.29
C THR A 58 56.98 -10.23 -5.94
N LEU A 59 56.45 -10.77 -4.84
CA LEU A 59 56.71 -12.17 -4.47
C LEU A 59 56.00 -13.14 -5.45
N LEU A 60 55.13 -12.60 -6.33
CA LEU A 60 54.35 -13.32 -7.35
C LEU A 60 53.31 -14.26 -6.72
N GLY A 61 53.08 -14.14 -5.41
CA GLY A 61 52.14 -14.93 -4.65
C GLY A 61 50.81 -14.20 -4.69
N PHE A 62 50.05 -14.46 -5.73
CA PHE A 62 48.72 -13.92 -5.99
C PHE A 62 47.79 -15.06 -6.36
N GLU A 63 46.52 -14.97 -5.95
CA GLU A 63 45.47 -15.96 -6.15
C GLU A 63 44.14 -15.26 -6.41
N THR A 64 43.15 -16.00 -6.93
CA THR A 64 41.83 -15.49 -7.25
C THR A 64 40.68 -16.26 -6.58
N PHE A 65 39.88 -15.54 -5.80
CA PHE A 65 38.71 -16.09 -5.11
C PHE A 65 37.55 -15.97 -6.12
N GLU A 66 36.66 -16.97 -6.17
CA GLU A 66 35.51 -17.01 -7.07
C GLU A 66 34.22 -17.12 -6.27
N VAL A 67 33.19 -16.41 -6.74
CA VAL A 67 31.88 -16.34 -6.10
C VAL A 67 30.80 -17.00 -6.97
N ASP A 68 30.20 -18.07 -6.44
CA ASP A 68 29.12 -18.84 -7.07
C ASP A 68 27.92 -17.93 -7.27
N ALA A 69 27.02 -18.25 -8.21
CA ALA A 69 25.84 -17.43 -8.42
C ALA A 69 24.94 -17.43 -7.18
N ASP A 70 25.02 -18.47 -6.33
CA ASP A 70 24.20 -18.61 -5.13
C ASP A 70 24.98 -18.65 -3.81
N ASP A 71 26.18 -18.07 -3.76
CA ASP A 71 27.04 -18.00 -2.56
C ASP A 71 26.90 -16.67 -1.81
N TYR A 72 26.94 -16.71 -0.47
CA TYR A 72 26.85 -15.61 0.48
C TYR A 72 27.94 -15.73 1.57
N ILE A 73 28.56 -14.62 1.97
CA ILE A 73 29.63 -14.56 2.96
C ILE A 73 29.11 -14.65 4.41
N VAL A 74 29.72 -15.47 5.28
CA VAL A 74 29.32 -15.60 6.70
C VAL A 74 30.36 -15.00 7.65
N ALA A 75 31.65 -15.08 7.33
CA ALA A 75 32.70 -14.51 8.18
C ALA A 75 33.83 -14.04 7.28
N VAL A 76 34.47 -12.93 7.66
CA VAL A 76 35.58 -12.33 6.94
C VAL A 76 36.65 -12.03 7.98
N GLN A 77 37.58 -12.95 8.20
CA GLN A 77 38.68 -12.79 9.14
C GLN A 77 39.68 -11.92 8.39
N VAL A 78 40.03 -10.75 8.92
CA VAL A 78 40.98 -9.85 8.25
C VAL A 78 41.68 -9.03 9.32
N THR A 79 43.00 -8.97 9.20
CA THR A 79 43.90 -8.27 10.09
C THR A 79 44.48 -7.06 9.38
N TYR A 80 44.87 -6.05 10.15
CA TYR A 80 45.41 -4.79 9.69
C TYR A 80 46.29 -4.19 10.78
N ASP A 81 47.35 -3.47 10.42
CA ASP A 81 48.21 -2.82 11.41
C ASP A 81 49.04 -1.71 10.77
N ASN A 82 49.70 -0.90 11.59
CA ASN A 82 50.57 0.22 11.17
C ASN A 82 51.95 -0.31 10.82
N VAL A 83 52.54 0.16 9.71
CA VAL A 83 53.87 -0.27 9.31
C VAL A 83 54.85 0.58 10.14
N PHE A 84 55.82 -0.09 10.76
CA PHE A 84 56.82 0.60 11.58
C PHE A 84 57.61 1.55 10.70
N GLY A 85 57.47 2.85 10.96
CA GLY A 85 58.15 3.91 10.22
C GLY A 85 57.23 4.63 9.24
N GLN A 86 55.92 4.37 9.26
CA GLN A 86 54.95 5.01 8.40
C GLN A 86 53.78 5.53 9.21
N ASP A 87 53.02 6.45 8.62
CA ASP A 87 51.85 7.06 9.23
C ASP A 87 50.58 6.34 8.77
N SER A 88 50.63 5.72 7.58
CA SER A 88 49.52 4.96 7.02
C SER A 88 49.36 3.65 7.81
N ASP A 89 48.24 2.99 7.59
CA ASP A 89 47.83 1.74 8.23
C ASP A 89 47.31 0.90 7.05
N ILE A 90 47.69 -0.40 6.97
CA ILE A 90 47.28 -1.31 5.89
C ILE A 90 46.87 -2.69 6.42
N ILE A 91 46.24 -3.50 5.55
CA ILE A 91 45.76 -4.85 5.82
C ILE A 91 46.99 -5.78 5.83
N THR A 92 47.01 -6.80 6.69
CA THR A 92 48.10 -7.77 6.80
C THR A 92 47.67 -9.13 6.24
N SER A 93 46.38 -9.48 6.31
CA SER A 93 45.80 -10.72 5.81
C SER A 93 44.30 -10.58 5.78
N ILE A 94 43.68 -11.49 5.04
CA ILE A 94 42.24 -11.57 4.84
C ILE A 94 41.82 -12.98 4.44
N THR A 95 40.58 -13.34 4.71
CA THR A 95 39.98 -14.61 4.40
C THR A 95 38.49 -14.39 4.19
N PHE A 96 37.85 -15.29 3.45
CA PHE A 96 36.43 -15.24 3.17
C PHE A 96 35.90 -16.64 3.52
N ASN A 97 34.77 -16.72 4.22
CA ASN A 97 34.18 -17.99 4.62
C ASN A 97 32.79 -18.03 4.03
N THR A 98 32.55 -18.95 3.08
CA THR A 98 31.23 -19.08 2.49
C THR A 98 30.38 -19.90 3.45
N PHE A 99 29.06 -19.81 3.29
CA PHE A 99 28.09 -20.55 4.07
C PHE A 99 27.98 -21.96 3.45
N LYS A 100 28.18 -22.06 2.13
CA LYS A 100 28.14 -23.30 1.35
C LYS A 100 29.15 -24.31 1.85
N GLY A 101 30.37 -23.88 2.17
CA GLY A 101 31.45 -24.74 2.66
C GLY A 101 32.82 -24.49 2.03
N LYS A 102 32.90 -23.63 1.01
CA LYS A 102 34.17 -23.28 0.38
C LYS A 102 34.83 -22.26 1.30
N THR A 103 36.10 -22.44 1.61
CA THR A 103 36.87 -21.56 2.47
C THR A 103 38.20 -21.33 1.75
N SER A 104 38.87 -20.22 2.06
CA SER A 104 40.14 -19.82 1.48
C SER A 104 41.22 -19.66 2.55
N PRO A 105 42.51 -19.65 2.17
CA PRO A 105 43.61 -19.45 3.11
C PRO A 105 43.75 -17.95 3.48
N PRO A 106 44.53 -17.60 4.52
CA PRO A 106 44.78 -16.22 4.92
C PRO A 106 45.64 -15.60 3.81
N TYR A 107 45.13 -14.63 3.04
CA TYR A 107 45.90 -14.01 1.97
C TYR A 107 46.82 -12.99 2.62
N GLY A 108 47.96 -13.43 3.17
CA GLY A 108 48.94 -12.58 3.82
C GLY A 108 49.49 -13.26 5.08
N LEU A 109 49.64 -12.48 6.16
CA LEU A 109 50.14 -12.94 7.46
C LEU A 109 49.17 -12.47 8.54
N GLU A 110 48.61 -13.40 9.30
CA GLU A 110 47.67 -13.09 10.39
C GLU A 110 48.34 -12.21 11.44
N THR A 111 47.56 -11.45 12.20
CA THR A 111 48.12 -10.57 13.22
C THR A 111 47.16 -10.30 14.39
N GLN A 112 47.57 -9.41 15.29
CA GLN A 112 46.87 -8.99 16.50
C GLN A 112 45.59 -8.21 16.19
N LYS A 113 45.74 -7.03 15.57
CA LYS A 113 44.67 -6.13 15.20
C LYS A 113 43.89 -6.74 14.04
N LYS A 114 42.72 -7.33 14.33
CA LYS A 114 41.90 -7.97 13.30
C LYS A 114 40.42 -7.85 13.63
N PHE A 115 39.58 -7.86 12.60
CA PHE A 115 38.13 -7.78 12.68
C PHE A 115 37.50 -8.96 11.96
N VAL A 116 36.24 -9.25 12.31
CA VAL A 116 35.47 -10.34 11.75
C VAL A 116 34.04 -9.87 11.56
N LEU A 117 33.64 -9.58 10.32
CA LEU A 117 32.30 -9.14 10.02
C LEU A 117 31.33 -10.29 10.22
N LYS A 118 30.16 -10.01 10.80
CA LYS A 118 29.06 -10.95 11.08
C LYS A 118 27.83 -10.21 11.60
N ASP A 119 26.64 -10.74 11.34
CA ASP A 119 25.37 -10.21 11.83
C ASP A 119 24.64 -11.25 12.68
N LYS A 120 23.50 -10.88 13.26
CA LYS A 120 22.60 -11.70 14.05
C LYS A 120 22.01 -12.79 13.15
N ASN A 121 21.22 -13.69 13.72
CA ASN A 121 20.54 -14.79 13.02
C ASN A 121 19.41 -14.27 12.10
N GLY A 122 19.25 -12.95 11.99
CA GLY A 122 18.27 -12.24 11.17
C GLY A 122 18.95 -11.22 10.27
N GLY A 123 20.17 -11.50 9.81
CA GLY A 123 20.93 -10.62 8.92
C GLY A 123 21.92 -11.42 8.09
N LYS A 124 22.46 -10.80 7.04
CA LYS A 124 23.42 -11.36 6.09
C LYS A 124 24.09 -10.18 5.35
N LEU A 125 25.21 -10.41 4.67
CA LEU A 125 25.90 -9.34 3.94
C LEU A 125 24.99 -8.74 2.85
N VAL A 126 25.31 -7.51 2.45
CA VAL A 126 24.64 -6.68 1.44
C VAL A 126 25.67 -6.05 0.49
N GLY A 127 26.93 -5.86 0.91
CA GLY A 127 27.98 -5.27 0.10
C GLY A 127 29.15 -4.85 0.98
N PHE A 128 30.15 -4.23 0.39
CA PHE A 128 31.32 -3.76 1.11
C PHE A 128 31.46 -2.25 0.93
N HIS A 129 32.37 -1.68 1.71
CA HIS A 129 32.70 -0.27 1.76
C HIS A 129 34.14 -0.16 2.29
N GLY A 130 34.72 1.03 2.23
CA GLY A 130 36.06 1.28 2.71
C GLY A 130 36.63 2.44 1.93
N ARG A 131 37.94 2.40 1.69
CA ARG A 131 38.74 3.35 0.98
C ARG A 131 40.00 2.61 0.54
N ALA A 132 40.39 2.82 -0.70
CA ALA A 132 41.54 2.25 -1.38
C ALA A 132 41.89 3.25 -2.48
N GLY A 133 43.07 3.16 -3.06
CA GLY A 133 43.50 4.05 -4.13
C GLY A 133 44.69 3.40 -4.79
N GLU A 134 45.86 4.02 -4.63
CA GLU A 134 47.12 3.52 -5.19
C GLU A 134 47.50 2.18 -4.53
N ALA A 135 46.90 1.85 -3.39
CA ALA A 135 47.09 0.62 -2.63
C ALA A 135 45.81 0.33 -1.84
N LEU A 136 45.81 -0.82 -1.17
CA LEU A 136 44.73 -1.33 -0.33
C LEU A 136 44.89 -0.71 1.06
N TYR A 137 43.90 0.02 1.57
CA TYR A 137 44.01 0.67 2.88
C TYR A 137 43.02 0.20 3.94
N ALA A 138 41.80 -0.23 3.59
CA ALA A 138 40.80 -0.72 4.55
C ALA A 138 39.63 -1.38 3.81
N LEU A 139 38.85 -2.19 4.51
CA LEU A 139 37.66 -2.88 3.98
C LEU A 139 36.75 -3.24 5.15
N GLY A 140 35.43 -3.27 4.93
CA GLY A 140 34.42 -3.63 5.92
C GLY A 140 33.13 -3.97 5.20
N ALA A 141 32.16 -4.55 5.92
CA ALA A 141 30.86 -4.92 5.37
C ALA A 141 29.82 -4.53 6.40
N TYR A 142 28.74 -3.90 5.92
CA TYR A 142 27.62 -3.42 6.73
C TYR A 142 26.51 -4.46 6.74
N PHE A 143 25.52 -4.28 7.59
CA PHE A 143 24.41 -5.19 7.72
C PHE A 143 23.13 -4.37 7.69
N ALA A 144 22.35 -4.52 6.62
CA ALA A 144 21.11 -3.80 6.41
C ALA A 144 19.99 -4.72 5.91
N THR A 145 18.78 -4.52 6.42
CA THR A 145 17.60 -5.27 6.02
C THR A 145 16.53 -4.18 5.90
N THR A 146 16.22 -3.79 4.67
CA THR A 146 15.24 -2.74 4.35
C THR A 146 14.81 -2.90 2.89
N THR A 147 13.62 -2.40 2.56
CA THR A 147 13.03 -2.42 1.24
C THR A 147 12.36 -1.07 1.04
N THR A 148 11.07 -1.03 1.27
CA THR A 148 10.22 0.15 1.16
C THR A 148 9.13 0.15 2.23
N PRO A 149 8.56 1.33 2.57
CA PRO A 149 7.48 1.39 3.54
C PRO A 149 6.25 0.74 2.91
N VAL A 150 5.35 0.23 3.75
CA VAL A 150 4.13 -0.42 3.26
C VAL A 150 3.17 0.70 2.86
N THR A 151 2.54 0.59 1.70
CA THR A 151 1.60 1.61 1.23
C THR A 151 0.18 1.02 1.18
N PRO A 152 -0.85 1.79 1.55
CA PRO A 152 -2.25 1.34 1.53
C PRO A 152 -2.91 1.21 0.16
N ALA A 153 -2.10 1.43 -0.84
CA ALA A 153 -2.34 1.38 -2.28
C ALA A 153 -1.48 0.31 -2.94
N LYS A 154 -1.95 -0.27 -4.06
CA LYS A 154 -1.19 -1.26 -4.80
C LYS A 154 -0.21 -0.45 -5.65
N LYS A 155 1.09 -0.72 -5.55
CA LYS A 155 2.11 0.02 -6.30
C LYS A 155 2.76 -0.85 -7.37
N LEU A 156 3.14 -0.24 -8.50
CA LEU A 156 3.80 -0.96 -9.59
C LEU A 156 5.29 -1.04 -9.28
N SER A 157 6.03 -1.81 -10.06
CA SER A 157 7.46 -2.01 -9.90
C SER A 157 8.26 -0.94 -10.65
N ALA A 158 9.05 -0.13 -9.94
CA ALA A 158 9.88 0.92 -10.53
C ALA A 158 11.24 0.37 -10.99
N ILE A 159 11.99 1.20 -11.72
CA ILE A 159 13.32 1.00 -12.31
C ILE A 159 14.08 2.32 -12.07
N GLY A 160 15.41 2.32 -12.01
CA GLY A 160 16.21 3.52 -11.79
C GLY A 160 17.53 3.18 -11.12
N GLY A 161 17.59 3.30 -9.81
CA GLY A 161 18.76 3.01 -8.99
C GLY A 161 18.29 2.83 -7.55
N ASP A 162 19.01 2.06 -6.73
CA ASP A 162 18.68 1.77 -5.33
C ASP A 162 19.26 2.77 -4.33
N GLU A 163 19.84 3.88 -4.78
CA GLU A 163 20.47 4.88 -3.92
C GLU A 163 19.83 6.25 -4.14
N GLY A 164 19.03 6.68 -3.17
CA GLY A 164 18.34 7.97 -3.20
C GLY A 164 17.37 8.08 -2.04
N THR A 165 17.00 9.29 -1.66
CA THR A 165 16.07 9.57 -0.58
C THR A 165 14.68 9.07 -1.00
N ALA A 166 14.11 8.13 -0.24
CA ALA A 166 12.79 7.59 -0.53
C ALA A 166 11.78 8.67 -0.14
N TRP A 167 10.84 8.98 -1.02
CA TRP A 167 9.80 9.98 -0.80
C TRP A 167 8.46 9.26 -1.00
N ASP A 168 7.56 9.33 -0.02
CA ASP A 168 6.24 8.70 -0.07
C ASP A 168 5.17 9.69 -0.50
N ASP A 169 4.09 9.19 -1.09
CA ASP A 169 2.93 9.89 -1.60
C ASP A 169 1.81 8.88 -1.41
N GLY A 170 0.71 9.36 -0.90
CA GLY A 170 -0.50 8.59 -0.67
C GLY A 170 -1.46 8.87 -1.83
N ALA A 171 -2.55 8.12 -1.94
CA ALA A 171 -3.53 8.36 -3.01
C ALA A 171 -4.23 9.68 -2.64
N TYR A 172 -4.62 10.47 -3.64
CA TYR A 172 -5.25 11.76 -3.36
C TYR A 172 -6.70 11.82 -3.82
N ASP A 173 -7.44 12.66 -3.09
CA ASP A 173 -8.84 12.97 -3.25
C ASP A 173 -9.15 13.63 -4.60
N GLY A 174 -8.12 14.12 -5.30
CA GLY A 174 -8.26 14.75 -6.60
C GLY A 174 -6.93 15.27 -7.12
N VAL A 175 -6.98 15.81 -8.32
CA VAL A 175 -5.86 16.37 -9.07
C VAL A 175 -6.25 17.80 -9.46
N LYS A 176 -5.26 18.66 -9.70
CA LYS A 176 -5.47 20.05 -10.09
C LYS A 176 -4.48 20.41 -11.19
N LYS A 177 -3.17 20.21 -10.98
CA LYS A 177 -2.18 20.53 -12.01
C LYS A 177 -0.95 19.64 -11.89
N VAL A 178 -0.42 19.27 -13.03
CA VAL A 178 0.78 18.49 -13.23
C VAL A 178 1.86 19.56 -13.39
N TYR A 179 3.00 19.46 -12.71
CA TYR A 179 4.08 20.44 -12.82
C TYR A 179 5.37 19.64 -12.92
N VAL A 180 5.98 19.61 -14.11
CA VAL A 180 7.22 18.90 -14.39
C VAL A 180 8.34 19.93 -14.36
N GLY A 181 9.43 19.64 -13.67
CA GLY A 181 10.59 20.50 -13.53
C GLY A 181 11.80 19.95 -14.26
N GLN A 182 11.72 19.92 -15.60
CA GLN A 182 12.77 19.45 -16.50
C GLN A 182 13.93 20.44 -16.49
N GLY A 183 15.11 20.03 -16.93
CA GLY A 183 16.32 20.84 -16.99
C GLY A 183 17.26 20.21 -17.98
N GLN A 184 18.41 20.86 -18.19
CA GLN A 184 19.44 20.42 -19.12
C GLN A 184 19.85 18.96 -18.89
N ASP A 185 20.07 18.60 -17.63
CA ASP A 185 20.49 17.25 -17.23
C ASP A 185 19.32 16.29 -17.03
N GLY A 186 18.07 16.74 -17.17
CA GLY A 186 16.91 15.89 -17.00
C GLY A 186 15.93 16.40 -15.95
N ILE A 187 14.89 15.62 -15.70
CA ILE A 187 13.84 15.90 -14.73
C ILE A 187 14.54 15.91 -13.38
N SER A 188 14.61 17.08 -12.75
CA SER A 188 15.25 17.26 -11.45
C SER A 188 14.20 17.53 -10.36
N ALA A 189 13.07 18.17 -10.70
CA ALA A 189 11.98 18.48 -9.80
C ALA A 189 10.66 18.02 -10.43
N VAL A 190 9.71 17.72 -9.57
CA VAL A 190 8.35 17.26 -9.88
C VAL A 190 7.45 17.69 -8.73
N LYS A 191 6.26 18.21 -9.03
CA LYS A 191 5.28 18.62 -8.01
C LYS A 191 3.90 18.46 -8.65
N PHE A 192 2.87 18.28 -7.84
CA PHE A 192 1.51 18.11 -8.30
C PHE A 192 0.61 18.91 -7.38
N GLU A 193 -0.27 19.72 -7.95
CA GLU A 193 -1.21 20.51 -7.18
C GLU A 193 -2.48 19.68 -7.07
N TYR A 194 -3.11 19.71 -5.90
CA TYR A 194 -4.33 18.96 -5.59
C TYR A 194 -5.10 19.71 -4.50
N ASN A 195 -6.33 19.27 -4.25
CA ASN A 195 -7.22 19.84 -3.24
C ASN A 195 -7.68 18.65 -2.39
N LYS A 196 -7.51 18.73 -1.07
CA LYS A 196 -7.90 17.70 -0.12
C LYS A 196 -8.48 18.44 1.07
N GLY A 197 -9.58 17.95 1.65
CA GLY A 197 -10.22 18.61 2.78
C GLY A 197 -10.54 20.08 2.48
N ALA A 198 -10.83 20.40 1.21
CA ALA A 198 -11.15 21.72 0.65
C ALA A 198 -9.91 22.64 0.58
N GLU A 199 -8.81 22.32 1.26
CA GLU A 199 -7.59 23.10 1.29
C GLU A 199 -6.88 23.03 -0.07
N ASN A 200 -6.41 24.19 -0.54
CA ASN A 200 -5.72 24.30 -1.82
C ASN A 200 -4.22 24.08 -1.61
N ILE A 201 -3.88 22.81 -1.52
CA ILE A 201 -2.53 22.29 -1.33
C ILE A 201 -1.69 22.56 -2.57
N VAL A 202 -0.41 22.84 -2.34
CA VAL A 202 0.60 23.11 -3.35
C VAL A 202 1.60 21.98 -3.19
N GLY A 203 1.93 21.30 -4.29
CA GLY A 203 2.85 20.18 -4.33
C GLY A 203 4.18 20.50 -3.65
N GLY A 204 4.76 19.52 -2.98
CA GLY A 204 6.03 19.66 -2.30
C GLY A 204 7.16 19.67 -3.31
N GLU A 205 8.33 20.18 -2.93
CA GLU A 205 9.48 20.21 -3.82
C GLU A 205 10.27 18.93 -3.53
N HIS A 206 9.85 17.85 -4.18
CA HIS A 206 10.42 16.51 -4.09
C HIS A 206 11.87 16.47 -4.59
N GLY A 207 12.29 17.39 -5.46
CA GLY A 207 13.65 17.43 -5.99
C GLY A 207 14.08 18.87 -6.25
N LYS A 208 15.34 19.05 -6.66
CA LYS A 208 15.88 20.37 -6.93
C LYS A 208 15.33 20.99 -8.21
N PRO A 209 15.01 22.29 -8.21
CA PRO A 209 14.49 23.00 -9.38
C PRO A 209 15.60 23.11 -10.45
N THR A 210 15.24 23.73 -11.58
CA THR A 210 16.10 23.93 -12.74
C THR A 210 15.95 25.36 -13.25
N LEU A 211 16.78 25.76 -14.23
CA LEU A 211 16.74 27.08 -14.84
C LEU A 211 15.71 27.12 -15.97
N LEU A 212 15.42 25.96 -16.57
CA LEU A 212 14.48 25.77 -17.68
C LEU A 212 13.04 26.11 -17.29
N GLY A 213 12.72 26.09 -15.99
CA GLY A 213 11.38 26.38 -15.48
C GLY A 213 10.48 25.15 -15.58
N PHE A 214 9.29 25.24 -14.99
CA PHE A 214 8.32 24.16 -14.97
C PHE A 214 7.36 24.23 -16.16
N GLU A 215 6.88 23.06 -16.57
CA GLU A 215 5.91 22.84 -17.65
C GLU A 215 4.67 22.35 -16.91
N GLU A 216 3.50 22.90 -17.24
CA GLU A 216 2.25 22.56 -16.59
C GLU A 216 1.21 21.95 -17.52
N PHE A 217 0.40 21.03 -16.98
CA PHE A 217 -0.67 20.33 -17.68
C PHE A 217 -1.85 20.16 -16.74
N GLU A 218 -3.08 20.25 -17.26
CA GLU A 218 -4.31 20.12 -16.48
C GLU A 218 -5.00 18.83 -16.93
N ILE A 219 -5.38 18.00 -15.96
CA ILE A 219 -6.04 16.72 -16.15
C ILE A 219 -7.29 16.72 -15.27
N ASP A 220 -8.45 16.82 -15.92
CA ASP A 220 -9.75 16.80 -15.23
C ASP A 220 -10.00 15.34 -14.83
N TYR A 221 -9.63 14.99 -13.60
CA TYR A 221 -9.78 13.64 -13.07
C TYR A 221 -11.21 13.05 -13.08
N PRO A 222 -12.33 13.78 -12.88
CA PRO A 222 -13.65 13.16 -12.93
C PRO A 222 -14.11 12.84 -14.36
N SER A 223 -13.65 13.55 -15.41
CA SER A 223 -14.10 13.31 -16.79
C SER A 223 -13.05 12.63 -17.68
N GLU A 224 -11.84 12.34 -17.20
CA GLU A 224 -10.79 11.70 -17.99
C GLU A 224 -9.92 10.87 -17.04
N TYR A 225 -9.22 9.86 -17.55
CA TYR A 225 -8.39 8.98 -16.73
C TYR A 225 -7.02 8.77 -17.34
N ILE A 226 -6.09 8.32 -16.50
CA ILE A 226 -4.72 8.00 -16.84
C ILE A 226 -4.78 6.52 -17.16
N THR A 227 -4.88 6.18 -18.45
CA THR A 227 -4.94 4.79 -18.85
C THR A 227 -3.64 4.08 -18.49
N ALA A 228 -2.51 4.76 -18.69
CA ALA A 228 -1.19 4.24 -18.42
C ALA A 228 -0.20 5.40 -18.40
N VAL A 229 1.02 5.08 -17.97
CA VAL A 229 2.12 6.00 -17.94
C VAL A 229 3.07 5.42 -18.98
N GLU A 230 3.75 6.29 -19.70
CA GLU A 230 4.68 5.97 -20.76
C GLU A 230 5.94 6.79 -20.49
N GLY A 231 7.00 6.56 -21.25
CA GLY A 231 8.23 7.30 -21.08
C GLY A 231 9.41 6.49 -21.58
N THR A 232 10.61 6.97 -21.31
CA THR A 232 11.84 6.31 -21.69
C THR A 232 12.85 6.57 -20.58
N TYR A 233 13.81 5.68 -20.45
CA TYR A 233 14.87 5.86 -19.44
C TYR A 233 16.20 5.63 -20.14
N ASP A 234 17.24 6.35 -19.74
CA ASP A 234 18.56 6.24 -20.35
C ASP A 234 19.61 5.85 -19.32
N LYS A 235 20.59 5.06 -19.77
CA LYS A 235 21.69 4.58 -18.96
C LYS A 235 22.63 5.75 -18.66
N ILE A 236 23.24 5.65 -17.49
CA ILE A 236 24.20 6.61 -16.92
C ILE A 236 25.54 5.87 -16.84
N PHE A 237 26.65 6.61 -16.83
CA PHE A 237 27.98 6.01 -16.77
C PHE A 237 28.58 6.14 -15.37
N GLY A 238 29.43 5.18 -15.00
CA GLY A 238 30.11 5.10 -13.72
C GLY A 238 29.23 4.40 -12.67
N SER A 239 28.00 4.04 -13.04
CA SER A 239 27.00 3.37 -12.26
C SER A 239 26.27 2.38 -13.19
N ASP A 240 25.41 1.52 -12.63
CA ASP A 240 24.62 0.53 -13.38
C ASP A 240 23.13 0.93 -13.41
N GLY A 241 22.82 2.14 -12.93
CA GLY A 241 21.47 2.68 -12.86
C GLY A 241 20.98 3.25 -14.19
N LEU A 242 19.82 3.90 -14.11
CA LEU A 242 19.08 4.54 -15.18
C LEU A 242 18.54 5.88 -14.66
N ILE A 243 18.25 6.82 -15.56
CA ILE A 243 17.70 8.13 -15.25
C ILE A 243 16.41 8.28 -16.04
N ILE A 244 15.35 8.78 -15.38
CA ILE A 244 14.06 8.98 -16.01
C ILE A 244 14.01 10.42 -16.50
N THR A 245 14.68 10.71 -17.62
CA THR A 245 14.72 12.06 -18.19
C THR A 245 13.48 12.37 -19.04
N MET A 246 12.68 11.34 -19.39
CA MET A 246 11.49 11.51 -20.21
C MET A 246 10.30 10.71 -19.70
N LEU A 247 9.13 11.34 -19.65
CA LEU A 247 7.88 10.74 -19.19
C LEU A 247 6.74 11.20 -20.08
N ARG A 248 5.71 10.38 -20.18
CA ARG A 248 4.50 10.60 -20.96
C ARG A 248 3.32 10.05 -20.17
N PHE A 249 2.13 10.51 -20.56
CA PHE A 249 0.88 10.12 -19.91
C PHE A 249 -0.13 9.71 -20.96
N LYS A 250 -0.64 8.48 -20.91
CA LYS A 250 -1.65 8.04 -21.87
C LYS A 250 -2.96 8.61 -21.37
N THR A 251 -3.52 9.51 -22.17
CA THR A 251 -4.76 10.22 -21.92
C THR A 251 -5.68 9.98 -23.11
N ASN A 252 -6.96 10.29 -22.91
CA ASN A 252 -8.03 10.21 -23.88
C ASN A 252 -8.59 11.64 -23.93
N LYS A 253 -9.33 12.00 -24.98
CA LYS A 253 -9.96 13.31 -25.20
C LYS A 253 -9.00 14.51 -25.32
N GLN A 254 -7.80 14.44 -24.73
CA GLN A 254 -6.78 15.47 -24.74
C GLN A 254 -5.45 14.80 -25.10
N THR A 255 -4.84 15.35 -26.14
CA THR A 255 -3.57 14.92 -26.69
C THR A 255 -2.46 15.48 -25.80
N SER A 256 -1.73 14.63 -25.09
CA SER A 256 -0.64 15.05 -24.23
C SER A 256 0.65 15.23 -25.06
N ALA A 257 1.62 15.95 -24.51
CA ALA A 257 2.92 16.24 -25.10
C ALA A 257 3.99 15.45 -24.32
N PRO A 258 5.12 15.08 -24.95
CA PRO A 258 6.18 14.36 -24.28
C PRO A 258 6.94 15.31 -23.36
N PHE A 259 7.16 14.92 -22.11
CA PHE A 259 7.90 15.74 -21.16
C PHE A 259 9.26 15.09 -21.11
N GLY A 260 10.19 15.56 -21.94
CA GLY A 260 11.55 15.07 -22.07
C GLY A 260 11.81 14.58 -23.49
N LEU A 261 13.08 14.31 -23.78
CA LEU A 261 13.56 13.82 -25.07
C LEU A 261 13.67 12.31 -25.01
N GLU A 262 13.41 11.62 -26.11
CA GLU A 262 13.52 10.17 -26.13
C GLU A 262 15.00 9.81 -26.09
N ALA A 263 15.38 9.02 -25.10
CA ALA A 263 16.74 8.56 -24.90
C ALA A 263 16.64 7.15 -24.35
N GLY A 264 16.95 6.13 -25.16
CA GLY A 264 16.91 4.74 -24.74
C GLY A 264 15.57 4.04 -24.94
N THR A 265 15.45 2.89 -24.27
CA THR A 265 14.29 2.01 -24.30
C THR A 265 13.09 2.73 -23.70
N ALA A 266 11.95 2.65 -24.40
CA ALA A 266 10.72 3.23 -23.93
C ALA A 266 10.06 2.21 -23.02
N PHE A 267 9.36 2.67 -21.98
CA PHE A 267 8.68 1.81 -21.03
C PHE A 267 7.20 2.18 -20.85
N GLU A 268 6.35 1.16 -20.81
CA GLU A 268 4.91 1.32 -20.63
C GLU A 268 4.51 0.47 -19.42
N LEU A 269 3.59 0.99 -18.60
CA LEU A 269 3.10 0.33 -17.41
C LEU A 269 1.62 0.71 -17.28
N LYS A 270 0.74 -0.29 -17.40
CA LYS A 270 -0.70 -0.14 -17.28
C LYS A 270 -1.31 -1.35 -16.59
N GLU A 271 -2.59 -1.28 -16.29
CA GLU A 271 -3.39 -2.33 -15.66
C GLU A 271 -4.78 -2.21 -16.30
N GLU A 272 -5.57 -3.29 -16.36
CA GLU A 272 -6.90 -3.30 -16.93
C GLU A 272 -7.94 -3.26 -15.81
N GLY A 273 -9.01 -2.49 -16.01
CA GLY A 273 -10.09 -2.34 -15.02
C GLY A 273 -9.64 -1.49 -13.84
N HIS A 274 -8.60 -0.66 -14.03
CA HIS A 274 -8.03 0.21 -13.03
C HIS A 274 -7.58 1.52 -13.71
N LYS A 275 -7.28 2.53 -12.89
CA LYS A 275 -6.80 3.87 -13.27
C LYS A 275 -5.56 4.15 -12.40
N ILE A 276 -4.83 5.25 -12.62
CA ILE A 276 -3.66 5.60 -11.81
C ILE A 276 -4.08 6.82 -10.97
N VAL A 277 -3.43 7.02 -9.81
CA VAL A 277 -3.73 8.09 -8.86
C VAL A 277 -2.49 8.89 -8.42
N GLY A 278 -1.40 8.91 -9.20
CA GLY A 278 -0.20 9.65 -8.84
C GLY A 278 1.07 8.88 -9.18
N PHE A 279 2.15 9.18 -8.46
CA PHE A 279 3.47 8.56 -8.60
C PHE A 279 4.07 8.22 -7.22
N HIS A 280 5.22 7.56 -7.20
CA HIS A 280 6.00 7.15 -6.02
C HIS A 280 7.47 6.97 -6.46
N GLY A 281 8.46 6.93 -5.55
CA GLY A 281 9.85 6.74 -5.97
C GLY A 281 10.89 7.17 -4.93
N LYS A 282 12.15 7.20 -5.35
CA LYS A 282 13.30 7.61 -4.53
C LYS A 282 14.29 8.33 -5.43
N ALA A 283 14.74 9.51 -4.99
CA ALA A 283 15.70 10.37 -5.65
C ALA A 283 16.24 11.37 -4.63
N SER A 284 17.44 11.88 -4.86
CA SER A 284 18.09 12.85 -3.99
C SER A 284 18.50 14.08 -4.80
N GLU A 285 19.22 13.89 -5.89
CA GLU A 285 19.72 14.95 -6.77
C GLU A 285 19.14 14.87 -8.19
N LEU A 286 18.84 13.68 -8.70
CA LEU A 286 18.28 13.47 -10.03
C LEU A 286 17.20 12.40 -9.91
N LEU A 287 16.27 12.32 -10.87
CA LEU A 287 15.18 11.35 -10.82
C LEU A 287 15.68 9.93 -11.10
N HIS A 288 16.01 9.21 -10.03
CA HIS A 288 16.48 7.84 -10.08
C HIS A 288 15.27 6.94 -10.35
N GLN A 289 14.44 6.62 -9.35
CA GLN A 289 13.27 5.76 -9.57
C GLN A 289 11.97 6.55 -9.70
N PHE A 290 11.05 5.99 -10.51
CA PHE A 290 9.73 6.55 -10.77
C PHE A 290 8.77 5.37 -10.83
N GLY A 291 7.67 5.42 -10.09
CA GLY A 291 6.66 4.39 -10.06
C GLY A 291 5.30 5.03 -9.88
N VAL A 292 4.24 4.22 -9.92
CA VAL A 292 2.85 4.67 -9.78
C VAL A 292 2.05 3.68 -8.93
N HIS A 293 0.80 4.03 -8.65
CA HIS A 293 -0.15 3.24 -7.88
C HIS A 293 -1.36 2.98 -8.78
N VAL A 294 -2.04 1.86 -8.57
CA VAL A 294 -3.20 1.46 -9.35
C VAL A 294 -4.37 1.26 -8.40
N MET A 295 -5.56 1.69 -8.80
CA MET A 295 -6.78 1.55 -8.00
C MET A 295 -7.92 1.18 -8.95
N PRO A 296 -8.90 0.38 -8.50
CA PRO A 296 -10.04 -0.05 -9.29
C PRO A 296 -11.04 1.10 -9.48
N LEU A 297 -10.61 2.10 -10.26
CA LEU A 297 -11.31 3.33 -10.62
C LEU A 297 -11.57 4.27 -9.43
N THR A 298 -11.30 3.83 -8.20
CA THR A 298 -11.46 4.54 -6.94
C THR A 298 -10.26 5.46 -6.68
N ASN A 299 -10.20 6.08 -5.50
CA ASN A 299 -9.16 7.01 -5.05
C ASN A 299 -8.72 6.61 -3.65
N ALA A 1 -3.55 -15.38 13.13
CA ALA A 1 -3.01 -14.82 11.88
C ALA A 1 -2.96 -15.92 10.82
N GLN A 2 -2.34 -15.65 9.68
CA GLN A 2 -2.19 -16.58 8.59
C GLN A 2 -1.21 -17.69 9.01
N LYS A 3 -1.73 -18.76 9.61
CA LYS A 3 -1.00 -19.93 10.08
C LYS A 3 -1.93 -21.11 9.85
N VAL A 4 -1.36 -22.22 9.39
CA VAL A 4 -2.06 -23.45 9.10
C VAL A 4 -1.23 -24.57 9.73
N GLU A 5 -1.88 -25.62 10.23
CA GLU A 5 -1.22 -26.77 10.81
C GLU A 5 -1.35 -27.93 9.82
N ALA A 6 -0.60 -28.99 10.10
CA ALA A 6 -0.53 -30.19 9.30
C ALA A 6 -1.86 -30.99 9.36
N GLY A 7 -2.15 -31.59 10.51
CA GLY A 7 -3.35 -32.36 10.77
C GLY A 7 -3.67 -33.44 9.74
N GLY A 8 -2.83 -34.47 9.65
CA GLY A 8 -2.99 -35.58 8.71
C GLY A 8 -2.63 -36.94 9.27
N GLY A 9 -2.62 -37.11 10.60
CA GLY A 9 -2.30 -38.33 11.33
C GLY A 9 -1.75 -37.95 12.70
N ALA A 10 -1.58 -38.96 13.56
CA ALA A 10 -1.07 -38.81 14.92
C ALA A 10 0.29 -39.48 15.15
N GLY A 11 0.85 -40.11 14.13
CA GLY A 11 2.14 -40.80 14.21
C GLY A 11 3.28 -39.87 13.77
N GLY A 12 4.50 -40.39 13.83
CA GLY A 12 5.71 -39.67 13.45
C GLY A 12 6.47 -39.09 14.64
N ALA A 13 7.54 -38.35 14.34
CA ALA A 13 8.39 -37.70 15.32
C ALA A 13 8.28 -36.19 15.15
N SER A 14 8.33 -35.44 16.24
CA SER A 14 8.21 -33.99 16.25
C SER A 14 9.40 -33.31 15.54
N TRP A 15 9.26 -32.95 14.26
CA TRP A 15 10.34 -32.28 13.55
C TRP A 15 10.05 -30.79 13.58
N ASP A 16 9.14 -30.32 12.71
CA ASP A 16 8.75 -28.92 12.59
C ASP A 16 9.94 -28.04 12.17
N ASP A 17 10.96 -28.68 11.57
CA ASP A 17 12.18 -28.06 11.07
C ASP A 17 11.82 -27.11 9.93
N GLY A 18 12.50 -25.97 9.87
CA GLY A 18 12.35 -24.89 8.91
C GLY A 18 12.41 -23.59 9.68
N VAL A 19 13.52 -22.83 9.58
CA VAL A 19 13.72 -21.56 10.26
C VAL A 19 14.29 -20.57 9.25
N HIS A 20 13.40 -19.78 8.65
CA HIS A 20 13.62 -18.72 7.67
C HIS A 20 14.83 -18.88 6.73
N ASP A 21 15.00 -20.06 6.13
CA ASP A 21 16.05 -20.36 5.16
C ASP A 21 15.36 -20.48 3.79
N GLY A 22 14.17 -21.08 3.78
CA GLY A 22 13.34 -21.28 2.60
C GLY A 22 13.83 -22.48 1.81
N VAL A 23 13.01 -22.98 0.87
CA VAL A 23 13.35 -24.13 0.04
C VAL A 23 13.51 -23.75 -1.44
N ARG A 24 14.45 -24.42 -2.13
CA ARG A 24 14.79 -24.23 -3.53
C ARG A 24 14.18 -25.28 -4.44
N LYS A 25 14.29 -26.54 -4.06
CA LYS A 25 13.78 -27.68 -4.81
C LYS A 25 13.13 -28.64 -3.84
N VAL A 26 12.32 -29.54 -4.36
CA VAL A 26 11.62 -30.57 -3.61
C VAL A 26 11.67 -31.84 -4.43
N HIS A 27 11.79 -32.96 -3.74
CA HIS A 27 11.83 -34.29 -4.30
C HIS A 27 10.91 -35.10 -3.39
N VAL A 28 10.15 -36.01 -3.98
CA VAL A 28 9.22 -36.89 -3.30
C VAL A 28 9.33 -38.23 -4.02
N GLY A 29 9.26 -39.35 -3.32
CA GLY A 29 9.34 -40.67 -3.94
C GLY A 29 8.20 -41.53 -3.44
N GLN A 30 7.32 -41.88 -4.37
CA GLN A 30 6.18 -42.72 -4.14
C GLN A 30 6.69 -44.12 -3.78
N GLY A 31 6.03 -44.78 -2.85
CA GLY A 31 6.30 -46.11 -2.36
C GLY A 31 5.06 -46.95 -2.61
N GLN A 32 5.06 -48.16 -2.08
CA GLN A 32 3.96 -49.11 -2.22
C GLN A 32 2.75 -48.69 -1.39
N ASP A 33 3.00 -48.36 -0.13
CA ASP A 33 2.00 -48.00 0.87
C ASP A 33 1.75 -46.49 0.99
N GLY A 34 2.57 -45.66 0.35
CA GLY A 34 2.46 -44.21 0.38
C GLY A 34 3.84 -43.61 0.13
N VAL A 35 4.03 -42.31 0.36
CA VAL A 35 5.32 -41.66 0.16
C VAL A 35 6.21 -42.10 1.34
N SER A 36 7.48 -42.39 1.06
CA SER A 36 8.44 -42.83 2.08
C SER A 36 9.79 -42.11 1.98
N SER A 37 9.90 -41.04 1.19
CA SER A 37 11.15 -40.30 1.04
C SER A 37 10.91 -38.92 0.46
N ILE A 38 11.74 -37.96 0.90
CA ILE A 38 11.74 -36.57 0.49
C ILE A 38 13.14 -35.99 0.67
N ASN A 39 13.48 -34.95 -0.08
CA ASN A 39 14.76 -34.25 -0.02
C ASN A 39 14.56 -32.83 -0.58
N VAL A 40 15.11 -31.83 0.10
CA VAL A 40 15.01 -30.40 -0.21
C VAL A 40 16.38 -29.72 -0.11
N VAL A 41 16.53 -28.55 -0.73
CA VAL A 41 17.76 -27.74 -0.70
C VAL A 41 17.31 -26.40 -0.13
N TYR A 42 18.10 -25.77 0.75
CA TYR A 42 17.77 -24.47 1.33
C TYR A 42 18.69 -23.39 0.73
N ALA A 43 18.39 -22.12 1.02
CA ALA A 43 19.15 -20.98 0.53
C ALA A 43 19.48 -20.04 1.69
N LYS A 44 20.65 -19.41 1.64
CA LYS A 44 21.11 -18.45 2.61
C LYS A 44 21.28 -17.10 1.93
N ASP A 45 21.41 -16.02 2.69
CA ASP A 45 21.64 -14.69 2.13
C ASP A 45 23.07 -14.62 1.52
N SER A 46 23.85 -15.69 1.66
CA SER A 46 25.21 -15.91 1.19
C SER A 46 25.23 -16.90 0.01
N GLN A 47 25.24 -18.23 0.25
CA GLN A 47 25.28 -19.30 -0.76
C GLN A 47 24.24 -20.39 -0.43
N ASP A 48 23.82 -21.19 -1.42
CA ASP A 48 22.83 -22.28 -1.30
C ASP A 48 23.48 -23.52 -0.69
N VAL A 49 22.77 -24.30 0.14
CA VAL A 49 23.29 -25.52 0.78
C VAL A 49 22.18 -26.57 0.89
N GLU A 50 22.59 -27.84 0.77
CA GLU A 50 21.75 -29.03 0.85
C GLU A 50 22.14 -29.85 2.08
N GLY A 51 21.19 -30.60 2.64
CA GLY A 51 21.35 -31.46 3.79
C GLY A 51 21.57 -32.90 3.34
N GLY A 52 20.55 -33.53 2.74
CA GLY A 52 20.59 -34.91 2.25
C GLY A 52 19.19 -35.53 2.16
N GLU A 53 19.07 -36.74 1.62
CA GLU A 53 17.79 -37.44 1.51
C GLU A 53 17.36 -37.97 2.88
N HIS A 54 16.07 -37.96 3.17
CA HIS A 54 15.49 -38.45 4.40
C HIS A 54 14.43 -39.47 3.97
N GLY A 55 14.45 -40.63 4.62
CA GLY A 55 13.55 -41.72 4.31
C GLY A 55 14.28 -42.62 3.31
N LYS A 56 13.56 -43.35 2.46
CA LYS A 56 14.14 -44.22 1.46
C LYS A 56 13.58 -43.96 0.07
N LYS A 57 14.41 -43.49 -0.87
CA LYS A 57 13.99 -43.26 -2.24
C LYS A 57 13.73 -44.60 -2.92
N THR A 58 12.61 -44.70 -3.64
CA THR A 58 12.19 -45.90 -4.33
C THR A 58 12.93 -45.99 -5.67
N LEU A 59 13.08 -47.19 -6.22
CA LEU A 59 13.76 -47.41 -7.51
C LEU A 59 13.00 -46.75 -8.66
N LEU A 60 11.67 -46.71 -8.55
CA LEU A 60 10.75 -46.15 -9.53
C LEU A 60 9.86 -45.08 -8.89
N GLY A 61 10.34 -44.42 -7.83
CA GLY A 61 9.58 -43.39 -7.15
C GLY A 61 10.54 -42.37 -6.60
N PHE A 62 10.73 -41.30 -7.35
CA PHE A 62 11.56 -40.13 -7.10
C PHE A 62 11.05 -39.07 -8.08
N GLU A 63 11.08 -37.82 -7.68
CA GLU A 63 10.63 -36.67 -8.46
C GLU A 63 11.57 -35.50 -8.20
N THR A 64 11.51 -34.47 -9.05
CA THR A 64 12.35 -33.29 -8.93
C THR A 64 11.56 -32.07 -9.37
N PHE A 65 11.10 -31.28 -8.40
CA PHE A 65 10.34 -30.04 -8.59
C PHE A 65 11.28 -28.88 -8.21
N GLU A 66 11.22 -27.78 -8.96
CA GLU A 66 12.06 -26.62 -8.73
C GLU A 66 11.22 -25.35 -8.61
N VAL A 67 11.66 -24.44 -7.74
CA VAL A 67 11.00 -23.17 -7.48
C VAL A 67 11.71 -22.12 -8.33
N ASP A 68 11.01 -21.61 -9.33
CA ASP A 68 11.57 -20.59 -10.22
C ASP A 68 11.74 -19.28 -9.44
N ALA A 69 12.65 -18.42 -9.90
CA ALA A 69 12.89 -17.15 -9.23
C ALA A 69 11.75 -16.16 -9.47
N ASP A 70 11.06 -16.31 -10.60
CA ASP A 70 9.97 -15.46 -11.09
C ASP A 70 8.59 -16.12 -10.97
N ASP A 71 8.46 -17.23 -10.25
CA ASP A 71 7.20 -17.95 -10.11
C ASP A 71 7.01 -18.42 -8.68
N TYR A 72 5.81 -18.28 -8.11
CA TYR A 72 5.51 -18.68 -6.74
C TYR A 72 4.28 -19.57 -6.69
N ILE A 73 4.09 -20.29 -5.59
CA ILE A 73 2.95 -21.18 -5.41
C ILE A 73 1.71 -20.33 -5.12
N VAL A 74 0.55 -20.84 -5.53
CA VAL A 74 -0.77 -20.21 -5.35
C VAL A 74 -1.72 -21.23 -4.70
N ALA A 75 -1.53 -22.53 -4.94
CA ALA A 75 -2.36 -23.56 -4.34
C ALA A 75 -1.51 -24.80 -4.13
N VAL A 76 -1.96 -25.64 -3.20
CA VAL A 76 -1.37 -26.91 -2.82
C VAL A 76 -2.57 -27.81 -2.64
N GLN A 77 -2.47 -29.06 -3.08
CA GLN A 77 -3.53 -30.04 -2.99
C GLN A 77 -2.89 -31.26 -2.36
N VAL A 78 -3.39 -31.60 -1.18
CA VAL A 78 -2.94 -32.71 -0.37
C VAL A 78 -4.14 -33.64 -0.21
N THR A 79 -3.92 -34.94 -0.39
CA THR A 79 -4.93 -35.97 -0.24
C THR A 79 -4.50 -36.80 0.97
N TYR A 80 -5.41 -37.51 1.63
CA TYR A 80 -5.07 -38.32 2.80
C TYR A 80 -6.04 -39.49 2.89
N ASP A 81 -5.63 -40.54 3.60
CA ASP A 81 -6.41 -41.75 3.82
C ASP A 81 -5.86 -42.48 5.05
N ASN A 82 -6.58 -43.49 5.55
CA ASN A 82 -6.21 -44.30 6.70
C ASN A 82 -6.49 -45.74 6.28
N VAL A 83 -5.44 -46.39 5.79
CA VAL A 83 -5.50 -47.76 5.29
C VAL A 83 -5.79 -48.75 6.41
N PHE A 84 -6.65 -49.73 6.10
CA PHE A 84 -7.04 -50.78 7.03
C PHE A 84 -5.79 -51.57 7.40
N GLY A 85 -5.39 -51.48 8.67
CA GLY A 85 -4.23 -52.14 9.23
C GLY A 85 -3.37 -51.18 10.03
N GLN A 86 -3.70 -49.87 10.06
CA GLN A 86 -2.99 -48.85 10.81
C GLN A 86 -4.02 -47.99 11.52
N ASP A 87 -3.58 -47.30 12.57
CA ASP A 87 -4.38 -46.42 13.43
C ASP A 87 -3.92 -44.97 13.19
N SER A 88 -3.31 -44.70 12.03
CA SER A 88 -2.78 -43.39 11.68
C SER A 88 -3.08 -43.02 10.23
N ASP A 89 -3.64 -41.83 10.06
CA ASP A 89 -3.97 -41.18 8.79
C ASP A 89 -2.62 -40.87 8.12
N ILE A 90 -2.55 -40.87 6.79
CA ILE A 90 -1.32 -40.62 6.02
C ILE A 90 -1.63 -39.84 4.73
N ILE A 91 -0.64 -39.16 4.16
CA ILE A 91 -0.79 -38.38 2.91
C ILE A 91 -0.66 -39.32 1.71
N THR A 92 -1.77 -39.69 1.07
CA THR A 92 -1.74 -40.56 -0.09
C THR A 92 -1.05 -39.90 -1.29
N SER A 93 -1.29 -38.61 -1.57
CA SER A 93 -0.65 -37.89 -2.68
C SER A 93 -0.63 -36.38 -2.44
N ILE A 94 0.17 -35.66 -3.22
CA ILE A 94 0.31 -34.22 -3.12
C ILE A 94 0.65 -33.59 -4.47
N THR A 95 0.24 -32.34 -4.67
CA THR A 95 0.44 -31.54 -5.87
C THR A 95 0.55 -30.06 -5.46
N PHE A 96 1.23 -29.26 -6.28
CA PHE A 96 1.44 -27.84 -6.12
C PHE A 96 0.97 -27.16 -7.41
N ASN A 97 0.58 -25.88 -7.31
CA ASN A 97 0.09 -25.08 -8.42
C ASN A 97 0.82 -23.75 -8.38
N THR A 98 1.60 -23.42 -9.41
CA THR A 98 2.33 -22.15 -9.43
C THR A 98 1.63 -21.06 -10.24
N PHE A 99 2.00 -19.81 -9.97
CA PHE A 99 1.46 -18.60 -10.56
C PHE A 99 1.68 -18.52 -12.07
N LYS A 100 2.79 -19.07 -12.57
CA LYS A 100 3.07 -19.06 -13.99
C LYS A 100 2.08 -19.95 -14.75
N GLY A 101 1.28 -20.78 -14.06
CA GLY A 101 0.31 -21.67 -14.67
C GLY A 101 0.97 -23.01 -14.97
N LYS A 102 1.64 -23.57 -13.98
CA LYS A 102 2.32 -24.86 -14.06
C LYS A 102 1.81 -25.66 -12.87
N THR A 103 1.56 -26.96 -13.08
CA THR A 103 1.05 -27.83 -12.04
C THR A 103 1.81 -29.14 -12.02
N SER A 104 1.98 -29.75 -10.85
CA SER A 104 2.67 -31.03 -10.69
C SER A 104 1.66 -32.19 -10.73
N PRO A 105 2.11 -33.43 -10.98
CA PRO A 105 1.23 -34.59 -10.97
C PRO A 105 0.96 -35.00 -9.49
N PRO A 106 -0.02 -35.86 -9.19
CA PRO A 106 -0.29 -36.31 -7.83
C PRO A 106 0.87 -37.23 -7.41
N TYR A 107 1.78 -36.78 -6.55
CA TYR A 107 2.92 -37.57 -6.11
C TYR A 107 2.41 -38.63 -5.12
N GLY A 108 1.93 -39.77 -5.61
CA GLY A 108 1.40 -40.86 -4.81
C GLY A 108 0.13 -41.41 -5.44
N LEU A 109 -0.89 -41.68 -4.62
CA LEU A 109 -2.19 -42.20 -5.03
C LEU A 109 -3.25 -41.14 -4.80
N GLU A 110 -4.03 -40.79 -5.82
CA GLU A 110 -5.11 -39.80 -5.73
C GLU A 110 -6.17 -40.34 -4.77
N THR A 111 -6.80 -39.50 -3.95
CA THR A 111 -7.82 -39.95 -3.02
C THR A 111 -8.90 -38.88 -2.85
N GLN A 112 -10.14 -39.33 -2.64
CA GLN A 112 -11.34 -38.53 -2.44
C GLN A 112 -11.11 -37.50 -1.32
N LYS A 113 -10.59 -37.98 -0.19
CA LYS A 113 -10.26 -37.22 0.99
C LYS A 113 -9.09 -36.32 0.64
N LYS A 114 -9.35 -35.02 0.53
CA LYS A 114 -8.37 -34.01 0.18
C LYS A 114 -8.79 -32.68 0.79
N PHE A 115 -7.86 -31.74 0.94
CA PHE A 115 -8.11 -30.43 1.52
C PHE A 115 -7.31 -29.33 0.83
N VAL A 116 -7.66 -28.08 1.11
CA VAL A 116 -7.01 -26.88 0.57
C VAL A 116 -6.62 -25.99 1.74
N LEU A 117 -5.47 -25.33 1.64
CA LEU A 117 -4.92 -24.46 2.69
C LEU A 117 -4.31 -23.13 2.23
N LYS A 118 -4.37 -22.87 0.94
CA LYS A 118 -3.81 -21.66 0.34
C LYS A 118 -4.40 -20.38 0.90
N ASP A 119 -3.58 -19.34 1.01
CA ASP A 119 -4.03 -18.04 1.50
C ASP A 119 -4.80 -17.35 0.35
N LYS A 120 -5.78 -16.51 0.63
CA LYS A 120 -6.57 -15.80 -0.39
C LYS A 120 -5.66 -15.01 -1.34
N ASN A 121 -4.57 -14.44 -0.83
CA ASN A 121 -3.63 -13.64 -1.61
C ASN A 121 -2.82 -14.48 -2.59
N GLY A 122 -2.71 -15.77 -2.34
CA GLY A 122 -1.97 -16.73 -3.14
C GLY A 122 -1.37 -17.70 -2.15
N GLY A 123 -0.41 -17.20 -1.38
CA GLY A 123 0.31 -17.95 -0.36
C GLY A 123 1.61 -18.53 -0.88
N LYS A 124 2.67 -17.72 -0.97
CA LYS A 124 3.98 -18.21 -1.42
C LYS A 124 4.40 -19.20 -0.34
N LEU A 125 4.76 -20.41 -0.74
CA LEU A 125 5.22 -21.44 0.18
C LEU A 125 6.65 -21.09 0.54
N VAL A 126 6.85 -20.28 1.58
CA VAL A 126 8.18 -19.89 2.02
C VAL A 126 8.86 -21.13 2.62
N GLY A 127 8.16 -21.82 3.52
CA GLY A 127 8.60 -23.01 4.21
C GLY A 127 7.37 -23.85 4.55
N PHE A 128 7.59 -24.93 5.29
CA PHE A 128 6.58 -25.86 5.71
C PHE A 128 7.01 -26.51 7.01
N HIS A 129 6.21 -27.44 7.54
CA HIS A 129 6.50 -28.17 8.75
C HIS A 129 5.85 -29.55 8.60
N GLY A 130 6.42 -30.60 9.19
CA GLY A 130 5.87 -31.95 9.05
C GLY A 130 6.59 -32.90 9.99
N ARG A 131 5.89 -33.36 11.02
CA ARG A 131 6.38 -34.29 12.03
C ARG A 131 6.34 -35.71 11.46
N ALA A 132 6.97 -35.94 10.31
CA ALA A 132 7.00 -37.22 9.64
C ALA A 132 8.15 -38.04 10.22
N GLY A 133 7.83 -39.20 10.79
CA GLY A 133 8.82 -40.09 11.37
C GLY A 133 9.12 -41.14 10.32
N GLU A 134 8.64 -42.36 10.60
CA GLU A 134 8.83 -43.53 9.75
C GLU A 134 8.16 -43.37 8.38
N ALA A 135 7.08 -42.59 8.32
CA ALA A 135 6.30 -42.29 7.14
C ALA A 135 5.74 -40.86 7.24
N LEU A 136 5.19 -40.37 6.13
CA LEU A 136 4.59 -39.04 6.06
C LEU A 136 3.13 -39.12 6.49
N TYR A 137 2.85 -38.72 7.75
CA TYR A 137 1.50 -38.72 8.29
C TYR A 137 0.84 -37.39 7.96
N ALA A 138 1.26 -36.31 8.60
CA ALA A 138 0.71 -34.99 8.41
C ALA A 138 1.67 -34.10 7.62
N LEU A 139 1.09 -33.15 6.86
CA LEU A 139 1.80 -32.21 6.02
C LEU A 139 1.11 -30.86 6.10
N GLY A 140 1.77 -29.88 6.71
CA GLY A 140 1.26 -28.52 6.87
C GLY A 140 2.23 -27.54 6.22
N ALA A 141 1.81 -26.28 6.10
CA ALA A 141 2.62 -25.23 5.51
C ALA A 141 2.26 -23.88 6.09
N TYR A 142 3.13 -22.89 5.85
CA TYR A 142 2.96 -21.53 6.31
C TYR A 142 3.00 -20.62 5.09
N PHE A 143 2.03 -19.71 4.98
CA PHE A 143 1.83 -18.77 3.89
C PHE A 143 1.80 -17.33 4.39
N ALA A 144 2.92 -16.61 4.24
CA ALA A 144 3.06 -15.20 4.64
C ALA A 144 4.01 -14.57 3.61
N THR A 145 3.50 -13.79 2.65
CA THR A 145 4.35 -13.16 1.64
C THR A 145 4.03 -11.68 1.39
N THR A 146 4.84 -10.79 1.94
CA THR A 146 4.75 -9.33 1.80
C THR A 146 6.14 -8.75 2.07
N THR A 147 6.52 -7.69 1.35
CA THR A 147 7.80 -6.99 1.45
C THR A 147 7.58 -5.47 1.52
N THR A 148 6.34 -5.05 1.76
CA THR A 148 5.95 -3.66 1.87
C THR A 148 5.04 -3.52 3.09
N PRO A 149 4.84 -2.30 3.63
CA PRO A 149 3.96 -2.12 4.77
C PRO A 149 2.54 -2.23 4.21
N VAL A 150 1.60 -2.67 5.04
CA VAL A 150 0.20 -2.81 4.65
C VAL A 150 -0.32 -1.39 4.40
N THR A 151 -0.87 -1.12 3.22
CA THR A 151 -1.39 0.17 2.82
C THR A 151 -2.81 0.03 2.26
N PRO A 152 -3.66 1.07 2.27
CA PRO A 152 -5.03 0.98 1.77
C PRO A 152 -5.21 1.05 0.26
N ALA A 153 -4.09 1.32 -0.36
CA ALA A 153 -3.83 1.45 -1.77
C ALA A 153 -2.80 0.40 -2.20
N LYS A 154 -2.82 0.07 -3.50
CA LYS A 154 -1.92 -0.94 -4.05
C LYS A 154 -0.75 -0.33 -4.80
N LYS A 155 0.44 -0.89 -4.57
CA LYS A 155 1.69 -0.51 -5.20
C LYS A 155 2.17 -1.67 -6.07
N LEU A 156 2.83 -1.35 -7.16
CA LEU A 156 3.39 -2.28 -8.13
C LEU A 156 4.90 -2.07 -8.11
N SER A 157 5.67 -2.94 -8.78
CA SER A 157 7.12 -2.77 -8.82
C SER A 157 7.46 -1.62 -9.77
N ALA A 158 8.73 -1.20 -9.78
CA ALA A 158 9.23 -0.13 -10.62
C ALA A 158 10.63 -0.50 -11.10
N ILE A 159 11.13 0.22 -12.10
CA ILE A 159 12.44 0.02 -12.71
C ILE A 159 13.23 1.31 -12.46
N GLY A 160 14.55 1.21 -12.36
CA GLY A 160 15.43 2.34 -12.12
C GLY A 160 16.61 1.97 -11.24
N GLY A 161 16.33 1.65 -9.97
CA GLY A 161 17.33 1.28 -8.97
C GLY A 161 16.67 1.13 -7.60
N ASP A 162 17.46 1.18 -6.53
CA ASP A 162 17.01 1.05 -5.15
C ASP A 162 17.77 2.04 -4.23
N GLU A 163 18.23 3.16 -4.77
CA GLU A 163 18.96 4.23 -4.07
C GLU A 163 18.22 5.56 -4.32
N GLY A 164 18.15 6.42 -3.30
CA GLY A 164 17.50 7.72 -3.30
C GLY A 164 16.46 7.83 -2.18
N THR A 165 16.00 9.05 -1.92
CA THR A 165 15.02 9.34 -0.87
C THR A 165 13.63 8.84 -1.26
N ALA A 166 13.04 7.99 -0.42
CA ALA A 166 11.70 7.45 -0.61
C ALA A 166 10.75 8.55 -0.13
N TRP A 167 9.92 9.10 -1.03
CA TRP A 167 8.96 10.14 -0.70
C TRP A 167 7.57 9.82 -1.23
N ASP A 168 7.18 8.54 -1.21
CA ASP A 168 5.90 8.05 -1.71
C ASP A 168 4.69 8.89 -1.29
N ASP A 169 3.71 8.96 -2.19
CA ASP A 169 2.48 9.71 -2.13
C ASP A 169 1.32 8.75 -2.31
N GLY A 170 0.60 8.60 -1.22
CA GLY A 170 -0.58 7.78 -1.08
C GLY A 170 -1.76 8.38 -1.85
N ALA A 171 -2.83 7.61 -2.00
CA ALA A 171 -4.04 8.04 -2.70
C ALA A 171 -4.65 9.19 -1.90
N TYR A 172 -4.78 10.37 -2.50
CA TYR A 172 -5.34 11.55 -1.84
C TYR A 172 -6.79 11.73 -2.28
N ASP A 173 -7.41 12.86 -1.90
CA ASP A 173 -8.79 13.18 -2.24
C ASP A 173 -8.94 13.46 -3.75
N GLY A 174 -7.84 13.48 -4.52
CA GLY A 174 -7.78 13.72 -5.94
C GLY A 174 -6.54 14.54 -6.31
N VAL A 175 -6.18 14.48 -7.58
CA VAL A 175 -5.06 15.17 -8.20
C VAL A 175 -5.56 16.51 -8.76
N LYS A 176 -4.64 17.45 -8.93
CA LYS A 176 -4.94 18.77 -9.44
C LYS A 176 -3.94 19.11 -10.55
N LYS A 177 -2.67 19.35 -10.21
CA LYS A 177 -1.65 19.70 -11.21
C LYS A 177 -0.37 18.91 -11.02
N VAL A 178 0.35 18.75 -12.12
CA VAL A 178 1.62 18.05 -12.24
C VAL A 178 2.62 19.09 -12.77
N TYR A 179 3.84 19.04 -12.25
CA TYR A 179 4.94 19.91 -12.62
C TYR A 179 6.13 19.02 -12.97
N VAL A 180 6.71 19.23 -14.14
CA VAL A 180 7.85 18.47 -14.65
C VAL A 180 9.06 19.40 -14.62
N GLY A 181 10.05 19.04 -13.82
CA GLY A 181 11.27 19.79 -13.64
C GLY A 181 12.35 19.23 -14.55
N GLN A 182 12.49 19.84 -15.73
CA GLN A 182 13.50 19.45 -16.70
C GLN A 182 14.87 19.64 -16.03
N GLY A 183 15.91 19.15 -16.67
CA GLY A 183 17.26 19.26 -16.15
C GLY A 183 18.19 19.55 -17.30
N GLN A 184 19.48 19.55 -16.96
CA GLN A 184 20.51 19.82 -17.93
C GLN A 184 20.70 18.64 -18.88
N ASP A 185 20.30 17.43 -18.49
CA ASP A 185 20.45 16.25 -19.31
C ASP A 185 19.19 15.39 -19.43
N GLY A 186 18.21 15.52 -18.53
CA GLY A 186 16.94 14.78 -18.49
C GLY A 186 16.16 15.27 -17.25
N ILE A 187 15.02 14.66 -16.89
CA ILE A 187 14.21 15.08 -15.74
C ILE A 187 14.97 14.93 -14.41
N SER A 188 15.08 16.03 -13.66
CA SER A 188 15.76 16.11 -12.38
C SER A 188 14.81 16.51 -11.24
N ALA A 189 13.65 17.13 -11.48
CA ALA A 189 12.73 17.52 -10.41
C ALA A 189 11.30 17.23 -10.79
N VAL A 190 10.49 17.07 -9.75
CA VAL A 190 9.07 16.80 -9.82
C VAL A 190 8.46 17.41 -8.56
N LYS A 191 7.20 17.81 -8.67
CA LYS A 191 6.36 18.41 -7.64
C LYS A 191 4.91 18.27 -8.13
N PHE A 192 3.95 18.47 -7.25
CA PHE A 192 2.51 18.37 -7.54
C PHE A 192 1.74 19.42 -6.75
N GLU A 193 0.45 19.48 -7.03
CA GLU A 193 -0.57 20.32 -6.43
C GLU A 193 -1.66 19.33 -6.08
N TYR A 194 -1.91 19.09 -4.79
CA TYR A 194 -2.95 18.16 -4.34
C TYR A 194 -4.15 19.00 -3.90
N ASN A 195 -5.35 18.43 -3.91
CA ASN A 195 -6.57 19.12 -3.51
C ASN A 195 -7.29 18.25 -2.49
N LYS A 196 -7.83 18.85 -1.43
CA LYS A 196 -8.59 18.20 -0.38
C LYS A 196 -9.86 19.01 -0.27
N GLY A 197 -10.92 18.57 -0.93
CA GLY A 197 -12.19 19.28 -0.91
C GLY A 197 -12.03 20.55 -1.71
N ALA A 198 -11.74 21.67 -1.03
CA ALA A 198 -11.53 22.98 -1.61
C ALA A 198 -10.12 23.49 -1.25
N GLU A 199 -9.39 22.78 -0.38
CA GLU A 199 -8.05 23.17 0.02
C GLU A 199 -7.08 22.79 -1.10
N ASN A 200 -5.97 23.51 -1.16
CA ASN A 200 -4.92 23.30 -2.17
C ASN A 200 -3.61 23.14 -1.42
N ILE A 201 -3.18 21.90 -1.27
CA ILE A 201 -1.95 21.55 -0.59
C ILE A 201 -0.82 21.83 -1.57
N VAL A 202 -0.05 22.89 -1.34
CA VAL A 202 1.08 23.24 -2.18
C VAL A 202 2.22 22.28 -1.80
N GLY A 203 2.86 21.67 -2.79
CA GLY A 203 3.96 20.73 -2.61
C GLY A 203 5.32 21.45 -2.65
N GLY A 204 6.39 20.71 -2.40
CA GLY A 204 7.77 21.18 -2.39
C GLY A 204 8.59 20.62 -3.54
N GLU A 205 9.82 21.12 -3.70
CA GLU A 205 10.74 20.69 -4.75
C GLU A 205 11.55 19.52 -4.22
N HIS A 206 11.20 18.32 -4.67
CA HIS A 206 11.84 17.08 -4.28
C HIS A 206 13.18 16.86 -4.98
N GLY A 207 13.28 17.32 -6.22
CA GLY A 207 14.47 17.19 -7.05
C GLY A 207 15.18 18.50 -7.26
N LYS A 208 16.26 18.45 -8.04
CA LYS A 208 17.12 19.58 -8.38
C LYS A 208 16.40 20.52 -9.38
N PRO A 209 15.90 21.70 -8.97
CA PRO A 209 15.25 22.62 -9.90
C PRO A 209 16.29 23.22 -10.84
N THR A 210 15.86 23.90 -11.90
CA THR A 210 16.74 24.54 -12.88
C THR A 210 16.19 25.93 -13.23
N LEU A 211 17.05 26.78 -13.78
CA LEU A 211 16.69 28.14 -14.19
C LEU A 211 15.74 28.10 -15.39
N LEU A 212 15.63 26.94 -16.07
CA LEU A 212 14.74 26.74 -17.21
C LEU A 212 13.28 26.81 -16.75
N GLY A 213 13.00 26.61 -15.46
CA GLY A 213 11.67 26.62 -14.90
C GLY A 213 11.16 25.19 -14.78
N PHE A 214 9.84 25.04 -14.83
CA PHE A 214 9.13 23.77 -14.74
C PHE A 214 7.98 23.82 -15.73
N GLU A 215 7.72 22.71 -16.40
CA GLU A 215 6.60 22.59 -17.32
C GLU A 215 5.42 22.21 -16.42
N GLU A 216 4.19 22.56 -16.78
CA GLU A 216 3.02 22.25 -15.96
C GLU A 216 1.88 21.71 -16.78
N PHE A 217 1.12 20.77 -16.20
CA PHE A 217 -0.03 20.15 -16.85
C PHE A 217 -1.12 19.91 -15.80
N GLU A 218 -2.25 20.62 -15.91
CA GLU A 218 -3.38 20.43 -15.00
C GLU A 218 -3.98 19.09 -15.43
N ILE A 219 -4.44 18.26 -14.49
CA ILE A 219 -5.01 16.95 -14.82
C ILE A 219 -6.46 16.92 -14.40
N ASP A 220 -7.33 16.81 -15.40
CA ASP A 220 -8.76 16.76 -15.21
C ASP A 220 -9.26 15.33 -15.42
N TYR A 221 -10.32 14.97 -14.69
CA TYR A 221 -10.98 13.67 -14.68
C TYR A 221 -12.53 13.68 -14.71
N PRO A 222 -13.25 14.70 -15.23
CA PRO A 222 -14.71 14.71 -15.23
C PRO A 222 -15.33 13.77 -16.26
N SER A 223 -14.67 13.49 -17.39
CA SER A 223 -15.20 12.61 -18.43
C SER A 223 -14.13 11.57 -18.73
N GLU A 224 -13.01 12.02 -19.27
CA GLU A 224 -11.85 11.23 -19.60
C GLU A 224 -11.06 10.96 -18.33
N TYR A 225 -10.05 10.10 -18.44
CA TYR A 225 -9.16 9.71 -17.35
C TYR A 225 -7.94 9.01 -17.96
N ILE A 226 -6.94 8.73 -17.14
CA ILE A 226 -5.71 8.05 -17.51
C ILE A 226 -5.96 6.55 -17.37
N THR A 227 -5.27 5.71 -18.15
CA THR A 227 -5.42 4.26 -18.08
C THR A 227 -4.09 3.50 -18.21
N ALA A 228 -2.98 4.17 -18.46
CA ALA A 228 -1.66 3.56 -18.61
C ALA A 228 -0.63 4.68 -18.56
N VAL A 229 0.65 4.33 -18.49
CA VAL A 229 1.74 5.29 -18.47
C VAL A 229 2.93 4.69 -19.21
N GLU A 230 3.63 5.53 -19.96
CA GLU A 230 4.81 5.27 -20.78
C GLU A 230 5.85 6.36 -20.49
N GLY A 231 7.12 6.05 -20.64
CA GLY A 231 8.26 6.94 -20.43
C GLY A 231 9.53 6.22 -20.87
N THR A 232 10.70 6.86 -20.79
CA THR A 232 11.95 6.25 -21.19
C THR A 232 13.04 6.55 -20.17
N TYR A 233 13.92 5.58 -19.91
CA TYR A 233 15.04 5.71 -18.98
C TYR A 233 16.35 5.42 -19.71
N ASP A 234 17.42 6.13 -19.32
CA ASP A 234 18.75 5.92 -19.90
C ASP A 234 19.84 6.20 -18.85
N LYS A 235 21.06 5.75 -19.10
CA LYS A 235 22.20 5.89 -18.18
C LYS A 235 22.70 7.32 -18.03
N ILE A 236 23.07 7.71 -16.82
CA ILE A 236 23.61 9.02 -16.48
C ILE A 236 25.14 8.92 -16.65
N PHE A 237 25.80 10.05 -16.88
CA PHE A 237 27.25 10.15 -17.04
C PHE A 237 27.75 10.90 -15.79
N GLY A 238 28.90 10.50 -15.25
CA GLY A 238 29.49 11.09 -14.06
C GLY A 238 29.00 10.41 -12.79
N SER A 239 28.04 9.49 -12.88
CA SER A 239 27.48 8.71 -11.81
C SER A 239 27.24 7.28 -12.34
N ASP A 240 26.58 6.45 -11.55
CA ASP A 240 26.27 5.06 -11.89
C ASP A 240 24.78 4.81 -11.61
N GLY A 241 23.89 5.37 -12.43
CA GLY A 241 22.44 5.23 -12.31
C GLY A 241 21.73 5.61 -13.62
N LEU A 242 20.40 5.51 -13.65
CA LEU A 242 19.56 5.83 -14.80
C LEU A 242 18.76 7.12 -14.52
N ILE A 243 18.28 7.80 -15.56
CA ILE A 243 17.48 9.02 -15.47
C ILE A 243 16.30 8.92 -16.44
N ILE A 244 15.12 9.38 -15.99
CA ILE A 244 13.92 9.41 -16.81
C ILE A 244 14.19 10.62 -17.70
N THR A 245 14.69 10.39 -18.90
CA THR A 245 15.01 11.47 -19.83
C THR A 245 13.77 12.06 -20.50
N MET A 246 12.62 11.37 -20.46
CA MET A 246 11.36 11.82 -21.05
C MET A 246 10.22 11.10 -20.32
N LEU A 247 9.13 11.82 -20.03
CA LEU A 247 7.96 11.27 -19.36
C LEU A 247 6.72 11.76 -20.08
N ARG A 248 5.87 10.84 -20.54
CA ARG A 248 4.62 11.16 -21.23
C ARG A 248 3.45 10.80 -20.32
N PHE A 249 2.24 11.16 -20.74
CA PHE A 249 1.01 10.88 -20.03
C PHE A 249 -0.01 10.42 -21.07
N LYS A 250 -0.87 9.49 -20.68
CA LYS A 250 -1.91 8.92 -21.54
C LYS A 250 -3.27 9.29 -21.00
N THR A 251 -4.05 9.96 -21.82
CA THR A 251 -5.39 10.45 -21.55
C THR A 251 -6.22 10.20 -22.80
N ASN A 252 -7.53 10.35 -22.68
CA ASN A 252 -8.45 10.24 -23.80
C ASN A 252 -8.89 11.68 -24.07
N LYS A 253 -9.34 12.01 -25.29
CA LYS A 253 -9.82 13.34 -25.73
C LYS A 253 -8.83 14.52 -25.68
N GLN A 254 -7.74 14.45 -24.94
CA GLN A 254 -6.73 15.51 -24.79
C GLN A 254 -5.51 15.30 -25.68
N THR A 255 -4.59 16.27 -25.69
CA THR A 255 -3.33 16.26 -26.44
C THR A 255 -2.21 16.65 -25.48
N SER A 256 -1.47 15.67 -24.98
CA SER A 256 -0.36 15.89 -24.05
C SER A 256 0.90 16.32 -24.83
N ALA A 257 1.85 16.95 -24.14
CA ALA A 257 3.11 17.42 -24.73
C ALA A 257 4.23 16.39 -24.56
N PRO A 258 5.26 16.41 -25.43
CA PRO A 258 6.39 15.50 -25.33
C PRO A 258 7.40 16.12 -24.34
N PHE A 259 7.27 15.82 -23.05
CA PHE A 259 8.17 16.36 -22.03
C PHE A 259 9.47 15.56 -22.12
N GLY A 260 10.42 16.06 -22.91
CA GLY A 260 11.72 15.45 -23.13
C GLY A 260 11.75 14.63 -24.43
N LEU A 261 12.93 14.15 -24.80
CA LEU A 261 13.19 13.36 -25.99
C LEU A 261 13.23 11.87 -25.62
N GLU A 262 12.37 11.10 -26.27
CA GLU A 262 12.18 9.67 -26.10
C GLU A 262 13.38 8.91 -26.70
N ALA A 263 14.23 8.33 -25.85
CA ALA A 263 15.41 7.55 -26.24
C ALA A 263 15.82 6.62 -25.09
N GLY A 264 16.74 5.68 -25.37
CA GLY A 264 17.24 4.72 -24.40
C GLY A 264 16.41 3.44 -24.42
N THR A 265 15.48 3.32 -23.48
CA THR A 265 14.59 2.17 -23.35
C THR A 265 13.25 2.70 -22.87
N ALA A 266 12.20 2.48 -23.68
CA ALA A 266 10.85 2.90 -23.38
C ALA A 266 10.18 1.78 -22.59
N PHE A 267 9.45 2.15 -21.54
CA PHE A 267 8.74 1.22 -20.68
C PHE A 267 7.27 1.65 -20.58
N GLU A 268 6.43 0.74 -20.07
CA GLU A 268 5.01 1.00 -19.89
C GLU A 268 4.50 0.23 -18.67
N LEU A 269 3.45 0.75 -18.03
CA LEU A 269 2.81 0.20 -16.85
C LEU A 269 1.29 0.37 -17.02
N LYS A 270 0.51 -0.73 -17.00
CA LYS A 270 -0.95 -0.67 -17.15
C LYS A 270 -1.59 -1.96 -16.65
N GLU A 271 -2.83 -1.88 -16.18
CA GLU A 271 -3.63 -3.00 -15.71
C GLU A 271 -5.09 -2.75 -16.07
N GLU A 272 -5.89 -3.81 -16.16
CA GLU A 272 -7.31 -3.70 -16.45
C GLU A 272 -8.05 -3.32 -15.16
N GLY A 273 -9.08 -2.48 -15.27
CA GLY A 273 -9.89 -2.05 -14.14
C GLY A 273 -9.20 -1.20 -13.08
N HIS A 274 -8.16 -0.41 -13.38
CA HIS A 274 -7.49 0.41 -12.38
C HIS A 274 -7.07 1.76 -12.96
N LYS A 275 -7.00 2.78 -12.10
CA LYS A 275 -6.60 4.14 -12.40
C LYS A 275 -5.42 4.48 -11.50
N ILE A 276 -4.72 5.57 -11.82
CA ILE A 276 -3.55 6.04 -11.10
C ILE A 276 -4.03 7.05 -10.04
N VAL A 277 -3.31 7.16 -8.92
CA VAL A 277 -3.64 8.07 -7.81
C VAL A 277 -2.44 8.76 -7.16
N GLY A 278 -1.20 8.38 -7.46
CA GLY A 278 0.01 8.97 -6.89
C GLY A 278 1.26 8.26 -7.40
N PHE A 279 2.43 8.73 -6.94
CA PHE A 279 3.74 8.20 -7.30
C PHE A 279 4.36 7.55 -6.05
N HIS A 280 4.95 6.37 -6.27
CA HIS A 280 5.62 5.55 -5.29
C HIS A 280 6.99 5.26 -5.92
N GLY A 281 8.06 5.33 -5.14
CA GLY A 281 9.41 5.10 -5.59
C GLY A 281 10.36 5.86 -4.70
N LYS A 282 11.49 6.27 -5.26
CA LYS A 282 12.50 7.02 -4.53
C LYS A 282 13.27 7.87 -5.51
N ALA A 283 13.39 9.17 -5.25
CA ALA A 283 14.09 10.11 -6.10
C ALA A 283 14.88 11.09 -5.23
N SER A 284 15.97 11.64 -5.79
CA SER A 284 16.84 12.58 -5.10
C SER A 284 17.30 13.70 -6.04
N GLU A 285 18.11 13.40 -7.06
CA GLU A 285 18.63 14.40 -8.00
C GLU A 285 18.24 14.05 -9.42
N LEU A 286 18.72 12.93 -9.93
CA LEU A 286 18.47 12.47 -11.29
C LEU A 286 17.48 11.33 -11.10
N LEU A 287 16.25 11.49 -11.59
CA LEU A 287 15.14 10.54 -11.45
C LEU A 287 15.48 9.10 -11.84
N HIS A 288 15.90 8.29 -10.85
CA HIS A 288 16.26 6.90 -11.03
C HIS A 288 15.04 5.99 -11.11
N GLN A 289 14.34 5.73 -9.99
CA GLN A 289 13.19 4.84 -9.95
C GLN A 289 11.88 5.62 -9.84
N PHE A 290 11.05 5.53 -10.88
CA PHE A 290 9.73 6.16 -10.98
C PHE A 290 8.71 5.03 -11.11
N GLY A 291 7.44 5.26 -10.76
CA GLY A 291 6.37 4.27 -10.84
C GLY A 291 5.03 4.92 -10.55
N VAL A 292 3.93 4.16 -10.56
CA VAL A 292 2.60 4.71 -10.31
C VAL A 292 1.77 3.78 -9.43
N HIS A 293 0.91 4.36 -8.59
CA HIS A 293 0.02 3.61 -7.72
C HIS A 293 -1.20 3.16 -8.53
N VAL A 294 -1.94 2.15 -8.07
CA VAL A 294 -3.11 1.66 -8.81
C VAL A 294 -4.30 1.46 -7.86
N MET A 295 -5.50 1.87 -8.28
CA MET A 295 -6.73 1.74 -7.51
C MET A 295 -7.93 1.50 -8.44
N PRO A 296 -8.90 0.66 -8.04
CA PRO A 296 -10.08 0.38 -8.84
C PRO A 296 -11.05 1.56 -8.74
N LEU A 297 -11.15 2.36 -9.81
CA LEU A 297 -12.02 3.51 -9.92
C LEU A 297 -12.93 3.15 -11.10
N THR A 298 -13.96 2.36 -10.83
CA THR A 298 -14.86 1.91 -11.89
C THR A 298 -15.78 3.05 -12.36
N ASN A 299 -16.50 2.80 -13.45
CA ASN A 299 -17.44 3.74 -14.04
C ASN A 299 -18.83 3.27 -13.68
N ALA A 1 -21.35 -3.97 20.97
CA ALA A 1 -20.14 -3.51 21.64
C ALA A 1 -20.47 -2.84 22.97
N GLN A 2 -19.68 -3.13 24.00
CA GLN A 2 -19.75 -2.62 25.36
C GLN A 2 -19.35 -1.13 25.40
N LYS A 3 -19.84 -0.36 26.39
CA LYS A 3 -19.52 1.05 26.53
C LYS A 3 -19.51 1.51 28.00
N VAL A 4 -18.34 1.65 28.63
CA VAL A 4 -18.26 2.13 30.02
C VAL A 4 -18.33 3.66 29.97
N GLU A 5 -19.01 4.29 30.93
CA GLU A 5 -19.14 5.74 31.01
C GLU A 5 -18.00 6.33 31.85
N ALA A 6 -17.73 7.63 31.68
CA ALA A 6 -16.67 8.37 32.37
C ALA A 6 -16.73 8.20 33.90
N GLY A 7 -15.82 7.41 34.46
CA GLY A 7 -15.75 7.15 35.90
C GLY A 7 -14.77 8.14 36.52
N GLY A 8 -15.23 9.36 36.82
CA GLY A 8 -14.48 10.45 37.42
C GLY A 8 -15.47 11.54 37.81
N GLY A 9 -15.00 12.76 38.01
CA GLY A 9 -15.87 13.87 38.37
C GLY A 9 -16.92 14.08 37.27
N ALA A 10 -18.11 14.57 37.62
CA ALA A 10 -19.18 14.78 36.65
C ALA A 10 -18.99 16.05 35.80
N GLY A 11 -18.19 17.00 36.27
CA GLY A 11 -17.94 18.26 35.58
C GLY A 11 -17.20 18.13 34.25
N GLY A 12 -17.24 19.19 33.44
CA GLY A 12 -16.59 19.29 32.15
C GLY A 12 -17.48 18.94 30.97
N ALA A 13 -17.04 19.31 29.77
CA ALA A 13 -17.71 19.05 28.51
C ALA A 13 -17.28 17.66 28.05
N SER A 14 -18.19 16.89 27.47
CA SER A 14 -17.91 15.54 26.97
C SER A 14 -17.04 15.67 25.71
N TRP A 15 -15.86 15.03 25.73
CA TRP A 15 -14.89 15.01 24.66
C TRP A 15 -14.56 13.55 24.38
N ASP A 16 -15.39 12.94 23.55
CA ASP A 16 -15.33 11.56 23.08
C ASP A 16 -15.71 11.55 21.62
N ASP A 17 -15.14 10.66 20.82
CA ASP A 17 -15.39 10.51 19.38
C ASP A 17 -14.94 9.11 18.95
N GLY A 18 -15.19 8.73 17.70
CA GLY A 18 -14.77 7.44 17.14
C GLY A 18 -13.43 7.74 16.49
N VAL A 19 -13.35 7.69 15.16
CA VAL A 19 -12.13 7.99 14.40
C VAL A 19 -10.90 7.20 14.89
N HIS A 20 -11.08 5.97 15.40
CA HIS A 20 -9.97 5.15 15.90
C HIS A 20 -9.01 4.81 14.76
N ASP A 21 -7.81 5.37 14.78
CA ASP A 21 -6.77 5.18 13.77
C ASP A 21 -5.55 4.54 14.41
N GLY A 22 -4.88 5.22 15.34
CA GLY A 22 -3.69 4.71 16.02
C GLY A 22 -3.17 5.80 16.96
N VAL A 23 -2.28 5.46 17.89
CA VAL A 23 -1.71 6.39 18.86
C VAL A 23 -0.20 6.47 18.66
N ARG A 24 0.39 7.59 19.09
CA ARG A 24 1.82 7.83 18.98
C ARG A 24 2.45 8.25 20.31
N LYS A 25 1.93 9.30 20.95
CA LYS A 25 2.47 9.79 22.22
C LYS A 25 1.35 10.34 23.10
N VAL A 26 1.69 10.58 24.35
CA VAL A 26 0.87 11.13 25.41
C VAL A 26 1.81 12.10 26.17
N HIS A 27 1.25 13.14 26.80
CA HIS A 27 1.97 14.15 27.58
C HIS A 27 1.15 14.44 28.82
N VAL A 28 1.74 14.24 30.00
CA VAL A 28 1.07 14.49 31.27
C VAL A 28 2.10 15.06 32.24
N GLY A 29 1.68 16.04 33.03
CA GLY A 29 2.50 16.72 34.02
C GLY A 29 1.61 17.10 35.17
N GLN A 30 2.04 16.77 36.39
CA GLN A 30 1.35 17.07 37.64
C GLN A 30 1.32 18.59 37.89
N GLY A 31 0.93 19.00 39.08
CA GLY A 31 0.85 20.40 39.44
C GLY A 31 0.15 20.53 40.77
N GLN A 32 -0.05 21.77 41.20
CA GLN A 32 -0.70 22.13 42.44
C GLN A 32 -2.16 21.64 42.47
N ASP A 33 -2.85 21.61 41.32
CA ASP A 33 -4.23 21.20 41.16
C ASP A 33 -4.39 19.81 40.50
N GLY A 34 -3.30 19.08 40.32
CA GLY A 34 -3.30 17.73 39.73
C GLY A 34 -2.67 17.68 38.34
N VAL A 35 -2.83 16.57 37.62
CA VAL A 35 -2.27 16.42 36.27
C VAL A 35 -3.21 17.19 35.32
N SER A 36 -2.90 18.44 34.98
CA SER A 36 -3.76 19.24 34.12
C SER A 36 -3.34 19.39 32.65
N SER A 37 -2.14 18.95 32.26
CA SER A 37 -1.73 19.07 30.86
C SER A 37 -2.19 17.83 30.08
N ILE A 38 -2.52 17.99 28.80
CA ILE A 38 -2.95 16.89 27.93
C ILE A 38 -2.42 17.16 26.51
N ASN A 39 -2.32 16.13 25.69
CA ASN A 39 -1.85 16.17 24.30
C ASN A 39 -2.49 14.98 23.57
N VAL A 40 -2.72 15.09 22.27
CA VAL A 40 -3.32 14.03 21.47
C VAL A 40 -2.51 13.88 20.18
N VAL A 41 -1.94 12.69 19.95
CA VAL A 41 -1.17 12.37 18.76
C VAL A 41 -1.71 11.08 18.18
N TYR A 42 -2.16 11.11 16.94
CA TYR A 42 -2.62 9.90 16.29
C TYR A 42 -1.47 9.54 15.35
N ALA A 43 -1.41 8.28 14.95
CA ALA A 43 -0.36 7.87 14.04
C ALA A 43 -0.83 6.63 13.32
N LYS A 44 -1.11 6.78 12.03
CA LYS A 44 -1.56 5.72 11.16
C LYS A 44 -0.45 5.42 10.16
N ASP A 45 -0.40 4.19 9.65
CA ASP A 45 0.61 3.75 8.68
C ASP A 45 0.67 4.64 7.45
N SER A 46 -0.46 5.20 7.03
CA SER A 46 -0.59 6.07 5.87
C SER A 46 0.20 7.38 6.05
N GLN A 47 -0.36 8.42 6.67
CA GLN A 47 0.33 9.70 6.91
C GLN A 47 -0.33 10.37 8.09
N ASP A 48 0.44 10.64 9.15
CA ASP A 48 -0.02 11.27 10.39
C ASP A 48 0.62 12.63 10.72
N VAL A 49 0.02 13.37 11.66
CA VAL A 49 0.43 14.70 12.08
C VAL A 49 0.25 14.90 13.59
N GLU A 50 1.12 15.67 14.25
CA GLU A 50 0.98 15.91 15.69
C GLU A 50 -0.09 16.98 15.92
N GLY A 51 -0.93 16.81 16.93
CA GLY A 51 -1.99 17.74 17.27
C GLY A 51 -1.45 18.99 17.96
N GLY A 52 -1.05 18.86 19.22
CA GLY A 52 -0.52 19.93 20.05
C GLY A 52 -0.87 19.67 21.52
N GLU A 53 -0.30 20.46 22.43
CA GLU A 53 -0.54 20.32 23.86
C GLU A 53 -1.53 21.38 24.35
N HIS A 54 -2.41 21.00 25.28
CA HIS A 54 -3.43 21.83 25.90
C HIS A 54 -3.35 21.71 27.43
N GLY A 55 -4.14 22.51 28.13
CA GLY A 55 -4.16 22.52 29.58
C GLY A 55 -3.01 23.37 30.12
N LYS A 56 -2.59 23.11 31.36
CA LYS A 56 -1.50 23.82 32.02
C LYS A 56 -0.33 22.87 32.20
N LYS A 57 0.85 23.25 31.72
CA LYS A 57 2.04 22.42 31.84
C LYS A 57 2.98 22.90 32.94
N THR A 58 3.85 22.00 33.38
CA THR A 58 4.83 22.18 34.43
C THR A 58 6.16 21.67 33.93
N LEU A 59 7.18 22.52 33.75
CA LEU A 59 8.48 22.01 33.29
C LEU A 59 9.00 21.02 34.35
N LEU A 60 8.74 21.34 35.62
CA LEU A 60 9.10 20.58 36.80
C LEU A 60 8.30 19.28 37.04
N GLY A 61 7.32 18.94 36.19
CA GLY A 61 6.53 17.72 36.38
C GLY A 61 6.06 17.03 35.11
N PHE A 62 6.23 17.64 33.94
CA PHE A 62 5.81 17.08 32.66
C PHE A 62 6.75 15.96 32.22
N GLU A 63 6.18 14.81 31.95
CA GLU A 63 6.84 13.59 31.49
C GLU A 63 6.19 13.22 30.17
N THR A 64 7.00 12.75 29.23
CA THR A 64 6.55 12.35 27.89
C THR A 64 6.51 10.82 27.83
N PHE A 65 5.53 10.24 27.12
CA PHE A 65 5.37 8.81 26.97
C PHE A 65 5.10 8.47 25.51
N GLU A 66 5.91 7.59 24.92
CA GLU A 66 5.80 7.13 23.54
C GLU A 66 5.09 5.75 23.51
N VAL A 67 4.27 5.48 22.51
CA VAL A 67 3.53 4.22 22.34
C VAL A 67 4.04 3.50 21.08
N ASP A 68 4.04 2.17 21.09
CA ASP A 68 4.52 1.33 19.97
C ASP A 68 3.40 0.58 19.24
N ALA A 69 3.74 -0.07 18.13
CA ALA A 69 2.83 -0.88 17.31
C ALA A 69 2.72 -2.30 17.86
N ASP A 70 3.83 -2.84 18.35
CA ASP A 70 3.94 -4.17 18.94
C ASP A 70 3.52 -4.13 20.41
N ASP A 71 2.74 -3.11 20.82
CA ASP A 71 2.29 -2.94 22.17
C ASP A 71 0.91 -2.27 22.21
N TYR A 72 0.01 -2.77 23.05
CA TYR A 72 -1.33 -2.24 23.23
C TYR A 72 -1.62 -2.19 24.73
N ILE A 73 -2.46 -1.23 25.13
CA ILE A 73 -2.86 -1.08 26.52
C ILE A 73 -3.96 -2.13 26.74
N VAL A 74 -4.03 -2.67 27.96
CA VAL A 74 -5.02 -3.67 28.35
C VAL A 74 -5.87 -3.17 29.51
N ALA A 75 -5.34 -2.31 30.39
CA ALA A 75 -6.08 -1.76 31.51
C ALA A 75 -5.56 -0.35 31.79
N VAL A 76 -6.41 0.46 32.41
CA VAL A 76 -6.09 1.83 32.77
C VAL A 76 -6.56 2.04 34.21
N GLN A 77 -5.65 1.89 35.18
CA GLN A 77 -5.96 2.10 36.58
C GLN A 77 -5.83 3.62 36.71
N VAL A 78 -6.94 4.30 36.97
CA VAL A 78 -6.99 5.75 37.11
C VAL A 78 -7.30 6.07 38.57
N THR A 79 -6.77 7.18 39.06
CA THR A 79 -7.01 7.66 40.38
C THR A 79 -7.36 9.12 40.23
N TYR A 80 -8.37 9.50 40.99
CA TYR A 80 -8.98 10.79 41.13
C TYR A 80 -9.47 10.84 42.56
N ASP A 81 -9.84 12.01 43.05
CA ASP A 81 -10.39 12.14 44.39
C ASP A 81 -11.14 13.48 44.44
N ASN A 82 -11.95 13.68 45.47
CA ASN A 82 -12.74 14.89 45.66
C ASN A 82 -12.36 15.54 46.99
N VAL A 83 -11.61 16.63 46.90
CA VAL A 83 -11.18 17.38 48.06
C VAL A 83 -12.44 18.04 48.66
N PHE A 84 -12.49 18.15 49.98
CA PHE A 84 -13.63 18.76 50.65
C PHE A 84 -13.69 20.22 50.22
N GLY A 85 -14.68 20.54 49.40
CA GLY A 85 -14.92 21.88 48.84
C GLY A 85 -15.04 21.89 47.32
N GLN A 86 -14.99 20.74 46.63
CA GLN A 86 -15.12 20.65 45.18
C GLN A 86 -16.15 19.57 44.85
N ASP A 87 -17.22 19.98 44.18
CA ASP A 87 -18.37 19.19 43.74
C ASP A 87 -18.06 18.16 42.64
N SER A 88 -16.80 18.04 42.20
CA SER A 88 -16.40 17.11 41.16
C SER A 88 -14.97 16.65 41.44
N ASP A 89 -14.75 15.34 41.29
CA ASP A 89 -13.46 14.71 41.48
C ASP A 89 -12.58 15.19 40.33
N ILE A 90 -11.27 15.10 40.54
CA ILE A 90 -10.22 15.52 39.63
C ILE A 90 -9.16 14.41 39.58
N ILE A 91 -8.60 14.15 38.40
CA ILE A 91 -7.59 13.10 38.19
C ILE A 91 -6.32 13.45 38.97
N THR A 92 -5.86 12.52 39.80
CA THR A 92 -4.67 12.65 40.60
C THR A 92 -3.54 11.80 39.98
N SER A 93 -3.85 10.66 39.34
CA SER A 93 -2.84 9.81 38.69
C SER A 93 -3.46 8.85 37.67
N ILE A 94 -2.61 8.26 36.82
CA ILE A 94 -2.94 7.32 35.75
C ILE A 94 -1.85 6.27 35.62
N THR A 95 -2.22 5.00 35.44
CA THR A 95 -1.34 3.86 35.27
C THR A 95 -1.83 3.04 34.08
N PHE A 96 -1.04 2.97 33.00
CA PHE A 96 -1.38 2.22 31.81
C PHE A 96 -0.69 0.86 31.91
N ASN A 97 -1.46 -0.22 31.87
CA ASN A 97 -0.93 -1.58 31.94
C ASN A 97 -0.93 -2.07 30.50
N THR A 98 0.20 -2.58 29.99
CA THR A 98 0.27 -3.07 28.61
C THR A 98 0.09 -4.58 28.53
N PHE A 99 -0.18 -5.07 27.32
CA PHE A 99 -0.33 -6.48 27.03
C PHE A 99 1.02 -7.18 27.19
N LYS A 100 2.09 -6.52 26.73
CA LYS A 100 3.46 -7.02 26.75
C LYS A 100 4.08 -7.12 28.15
N GLY A 101 3.58 -6.38 29.14
CA GLY A 101 4.11 -6.43 30.50
C GLY A 101 4.77 -5.13 30.97
N LYS A 102 4.95 -4.16 30.07
CA LYS A 102 5.52 -2.86 30.46
C LYS A 102 4.42 -2.14 31.24
N THR A 103 4.79 -1.33 32.22
CA THR A 103 3.84 -0.58 33.02
C THR A 103 4.37 0.83 33.14
N SER A 104 3.56 1.84 32.80
CA SER A 104 4.03 3.22 32.93
C SER A 104 3.88 3.63 34.40
N PRO A 105 4.74 4.52 34.94
CA PRO A 105 4.64 4.95 36.32
C PRO A 105 3.33 5.71 36.57
N PRO A 106 2.84 5.83 37.81
CA PRO A 106 1.61 6.53 38.13
C PRO A 106 1.88 8.04 38.04
N TYR A 107 1.82 8.61 36.83
CA TYR A 107 2.05 10.03 36.60
C TYR A 107 1.10 10.84 37.48
N GLY A 108 1.61 11.49 38.52
CA GLY A 108 0.85 12.29 39.46
C GLY A 108 1.06 11.73 40.86
N LEU A 109 -0.02 11.57 41.63
CA LEU A 109 0.00 11.06 43.00
C LEU A 109 -1.19 10.13 43.22
N GLU A 110 -0.97 9.00 43.90
CA GLU A 110 -2.03 8.03 44.22
C GLU A 110 -3.00 8.67 45.25
N THR A 111 -4.19 8.12 45.47
CA THR A 111 -5.15 8.68 46.44
C THR A 111 -6.05 7.59 47.06
N GLN A 112 -7.13 7.96 47.75
CA GLN A 112 -8.04 7.03 48.40
C GLN A 112 -8.88 6.32 47.35
N LYS A 113 -9.64 7.06 46.55
CA LYS A 113 -10.47 6.50 45.48
C LYS A 113 -9.52 5.94 44.41
N LYS A 114 -10.07 5.34 43.34
CA LYS A 114 -9.41 4.74 42.16
C LYS A 114 -10.42 3.87 41.45
N PHE A 115 -10.14 3.53 40.20
CA PHE A 115 -10.99 2.71 39.35
C PHE A 115 -10.16 2.14 38.22
N VAL A 116 -10.50 0.96 37.73
CA VAL A 116 -9.81 0.31 36.63
C VAL A 116 -10.87 -0.33 35.74
N LEU A 117 -10.58 -0.39 34.45
CA LEU A 117 -11.43 -0.94 33.40
C LEU A 117 -10.48 -1.62 32.41
N LYS A 118 -10.93 -2.72 31.79
CA LYS A 118 -10.16 -3.51 30.83
C LYS A 118 -11.08 -4.18 29.82
N ASP A 119 -10.47 -4.84 28.83
CA ASP A 119 -11.18 -5.56 27.78
C ASP A 119 -10.97 -7.06 27.98
N LYS A 120 -11.94 -7.88 27.62
CA LYS A 120 -11.85 -9.34 27.74
C LYS A 120 -12.56 -9.91 26.53
N ASN A 121 -13.89 -10.06 26.57
CA ASN A 121 -14.67 -10.58 25.45
C ASN A 121 -15.33 -9.43 24.69
N GLY A 122 -15.31 -8.21 25.23
CA GLY A 122 -15.91 -7.04 24.61
C GLY A 122 -15.15 -6.63 23.37
N GLY A 123 -13.82 -6.51 23.42
CA GLY A 123 -13.05 -6.12 22.25
C GLY A 123 -11.64 -5.70 22.60
N LYS A 124 -11.19 -4.57 22.06
CA LYS A 124 -9.86 -4.02 22.29
C LYS A 124 -9.97 -2.53 22.61
N LEU A 125 -9.00 -2.03 23.35
CA LEU A 125 -8.87 -0.64 23.73
C LEU A 125 -8.31 0.02 22.48
N VAL A 126 -9.12 0.79 21.77
CA VAL A 126 -8.72 1.49 20.56
C VAL A 126 -8.79 3.01 20.73
N GLY A 127 -9.13 3.52 21.92
CA GLY A 127 -9.23 4.94 22.21
C GLY A 127 -9.70 5.19 23.64
N PHE A 128 -9.78 6.47 24.00
CA PHE A 128 -10.21 6.99 25.30
C PHE A 128 -11.04 8.26 25.10
N HIS A 129 -11.56 8.82 26.20
CA HIS A 129 -12.33 10.05 26.19
C HIS A 129 -12.00 10.75 27.51
N GLY A 130 -12.02 12.08 27.54
CA GLY A 130 -11.68 12.84 28.73
C GLY A 130 -12.54 14.08 28.88
N ARG A 131 -13.65 13.96 29.61
CA ARG A 131 -14.58 15.06 29.86
C ARG A 131 -13.78 16.12 30.62
N ALA A 132 -13.66 17.34 30.10
CA ALA A 132 -12.89 18.42 30.72
C ALA A 132 -13.45 19.79 30.34
N GLY A 133 -13.06 20.85 31.05
CA GLY A 133 -13.53 22.20 30.77
C GLY A 133 -12.47 23.20 31.20
N GLU A 134 -12.60 23.74 32.41
CA GLU A 134 -11.62 24.70 32.94
C GLU A 134 -10.35 23.98 33.37
N ALA A 135 -10.47 22.69 33.68
CA ALA A 135 -9.43 21.79 34.10
C ALA A 135 -9.91 20.38 33.76
N LEU A 136 -9.07 19.41 34.08
CA LEU A 136 -9.30 17.99 33.89
C LEU A 136 -10.25 17.50 34.98
N TYR A 137 -11.01 16.43 34.72
CA TYR A 137 -11.96 15.88 35.68
C TYR A 137 -12.04 14.34 35.62
N ALA A 138 -12.33 13.76 34.46
CA ALA A 138 -12.44 12.31 34.28
C ALA A 138 -11.74 11.81 33.02
N LEU A 139 -11.35 10.54 33.02
CA LEU A 139 -10.68 9.82 31.94
C LEU A 139 -11.31 8.44 31.86
N GLY A 140 -12.02 8.15 30.77
CA GLY A 140 -12.67 6.86 30.55
C GLY A 140 -12.07 6.12 29.35
N ALA A 141 -12.51 4.89 29.09
CA ALA A 141 -12.03 4.09 27.98
C ALA A 141 -13.21 3.37 27.35
N TYR A 142 -13.03 2.96 26.11
CA TYR A 142 -14.00 2.23 25.31
C TYR A 142 -13.32 0.93 24.87
N PHE A 143 -14.10 -0.13 24.64
CA PHE A 143 -13.60 -1.44 24.24
C PHE A 143 -14.50 -2.01 23.14
N ALA A 144 -14.08 -1.90 21.88
CA ALA A 144 -14.86 -2.41 20.75
C ALA A 144 -13.94 -3.10 19.74
N THR A 145 -14.49 -4.10 19.06
CA THR A 145 -13.82 -4.87 18.01
C THR A 145 -14.86 -5.01 16.90
N THR A 146 -14.49 -4.73 15.66
CA THR A 146 -15.34 -4.81 14.47
C THR A 146 -14.39 -5.06 13.30
N THR A 147 -14.86 -5.78 12.28
CA THR A 147 -14.05 -6.09 11.10
C THR A 147 -14.94 -6.13 9.86
N THR A 148 -14.36 -5.82 8.69
CA THR A 148 -15.00 -5.80 7.38
C THR A 148 -13.95 -6.12 6.31
N PRO A 149 -14.31 -6.84 5.23
CA PRO A 149 -13.38 -7.19 4.16
C PRO A 149 -13.04 -5.99 3.28
N VAL A 150 -11.79 -5.53 3.34
CA VAL A 150 -11.27 -4.40 2.56
C VAL A 150 -9.90 -4.85 2.03
N THR A 151 -9.44 -4.28 0.94
CA THR A 151 -8.17 -4.63 0.30
C THR A 151 -7.28 -3.40 0.04
N PRO A 152 -5.96 -3.59 -0.16
CA PRO A 152 -5.02 -2.51 -0.40
C PRO A 152 -4.91 -2.15 -1.87
N ALA A 153 -4.16 -1.09 -2.15
CA ALA A 153 -3.88 -0.56 -3.48
C ALA A 153 -2.72 -1.36 -4.09
N LYS A 154 -2.27 -1.02 -5.30
CA LYS A 154 -1.16 -1.72 -5.98
C LYS A 154 0.02 -0.75 -6.14
N LYS A 155 1.21 -1.18 -5.73
CA LYS A 155 2.46 -0.43 -5.83
C LYS A 155 3.19 -1.07 -6.99
N LEU A 156 3.25 -0.37 -8.13
CA LEU A 156 3.93 -0.91 -9.30
C LEU A 156 5.43 -1.01 -9.02
N SER A 157 6.14 -1.80 -9.80
CA SER A 157 7.58 -2.01 -9.66
C SER A 157 8.30 -0.90 -10.40
N ALA A 158 8.97 -0.02 -9.67
CA ALA A 158 9.73 1.08 -10.25
C ALA A 158 11.06 0.56 -10.82
N ILE A 159 11.66 1.33 -11.73
CA ILE A 159 12.90 1.09 -12.45
C ILE A 159 13.78 2.33 -12.20
N GLY A 160 15.10 2.27 -12.40
CA GLY A 160 16.00 3.41 -12.20
C GLY A 160 17.20 3.09 -11.32
N GLY A 161 16.96 2.93 -10.02
CA GLY A 161 18.03 2.61 -9.07
C GLY A 161 17.56 2.15 -7.69
N ASP A 162 16.25 2.16 -7.42
CA ASP A 162 15.55 1.76 -6.20
C ASP A 162 16.02 2.40 -4.88
N GLU A 163 17.05 3.22 -4.87
CA GLU A 163 17.60 3.90 -3.70
C GLU A 163 17.34 5.40 -3.69
N GLY A 164 17.53 6.02 -2.53
CA GLY A 164 17.38 7.44 -2.27
C GLY A 164 16.25 7.78 -1.32
N THR A 165 16.04 9.08 -1.15
CA THR A 165 15.03 9.68 -0.28
C THR A 165 13.64 9.49 -0.91
N ALA A 166 12.85 8.56 -0.38
CA ALA A 166 11.51 8.28 -0.85
C ALA A 166 10.54 9.32 -0.31
N TRP A 167 9.44 9.51 -1.04
CA TRP A 167 8.40 10.43 -0.64
C TRP A 167 7.00 9.94 -1.07
N ASP A 168 6.80 8.62 -1.18
CA ASP A 168 5.54 7.96 -1.59
C ASP A 168 4.34 8.63 -0.90
N ASP A 169 3.52 9.34 -1.68
CA ASP A 169 2.37 10.10 -1.16
C ASP A 169 1.20 9.20 -0.74
N GLY A 170 1.24 7.92 -1.09
CA GLY A 170 0.21 6.96 -0.77
C GLY A 170 -0.87 7.03 -1.84
N ALA A 171 -1.82 7.94 -1.67
CA ALA A 171 -2.93 8.18 -2.58
C ALA A 171 -3.60 9.50 -2.20
N TYR A 172 -4.14 10.22 -3.19
CA TYR A 172 -4.82 11.48 -2.99
C TYR A 172 -6.32 11.29 -3.26
N ASP A 173 -7.11 12.17 -2.66
CA ASP A 173 -8.57 12.16 -2.75
C ASP A 173 -9.08 12.70 -4.07
N GLY A 174 -8.23 13.32 -4.89
CA GLY A 174 -8.58 13.87 -6.19
C GLY A 174 -7.33 14.33 -6.90
N VAL A 175 -7.52 14.86 -8.10
CA VAL A 175 -6.47 15.37 -8.97
C VAL A 175 -6.71 16.85 -9.23
N LYS A 176 -5.65 17.58 -9.56
CA LYS A 176 -5.68 19.01 -9.85
C LYS A 176 -4.77 19.26 -11.05
N LYS A 177 -3.45 19.22 -10.88
CA LYS A 177 -2.47 19.41 -11.95
C LYS A 177 -1.22 18.62 -11.61
N VAL A 178 -0.35 18.46 -12.59
CA VAL A 178 0.91 17.76 -12.47
C VAL A 178 1.97 18.68 -13.08
N TYR A 179 3.15 18.78 -12.46
CA TYR A 179 4.25 19.60 -12.93
C TYR A 179 5.43 18.68 -13.22
N VAL A 180 6.33 19.14 -14.08
CA VAL A 180 7.52 18.41 -14.48
C VAL A 180 8.68 19.38 -14.47
N GLY A 181 9.78 18.99 -13.83
CA GLY A 181 10.99 19.79 -13.74
C GLY A 181 12.01 19.10 -14.61
N GLN A 182 11.97 19.37 -15.92
CA GLN A 182 12.88 18.80 -16.91
C GLN A 182 14.32 19.29 -16.66
N GLY A 183 15.24 19.12 -17.61
CA GLY A 183 16.60 19.55 -17.43
C GLY A 183 17.45 19.29 -18.66
N GLN A 184 18.76 19.43 -18.49
CA GLN A 184 19.77 19.25 -19.53
C GLN A 184 20.16 17.78 -19.60
N ASP A 185 20.39 17.15 -18.44
CA ASP A 185 20.79 15.73 -18.35
C ASP A 185 19.57 14.80 -18.43
N GLY A 186 18.38 15.36 -18.24
CA GLY A 186 17.09 14.69 -18.23
C GLY A 186 16.28 15.37 -17.12
N ILE A 187 15.31 14.67 -16.54
CA ILE A 187 14.49 15.24 -15.45
C ILE A 187 15.42 15.65 -14.30
N SER A 188 15.03 16.67 -13.53
CA SER A 188 15.77 17.22 -12.40
C SER A 188 14.94 17.29 -11.12
N ALA A 189 13.65 17.64 -11.19
CA ALA A 189 12.80 17.77 -10.01
C ALA A 189 11.44 17.13 -10.28
N VAL A 190 10.67 16.82 -9.25
CA VAL A 190 9.34 16.21 -9.37
C VAL A 190 8.46 16.86 -8.32
N LYS A 191 7.30 17.37 -8.74
CA LYS A 191 6.31 18.03 -7.90
C LYS A 191 4.97 18.06 -8.62
N PHE A 192 3.87 18.24 -7.90
CA PHE A 192 2.54 18.33 -8.49
C PHE A 192 1.59 19.04 -7.55
N GLU A 193 0.41 19.38 -8.03
CA GLU A 193 -0.64 20.07 -7.28
C GLU A 193 -1.64 19.01 -6.83
N TYR A 194 -2.29 19.18 -5.69
CA TYR A 194 -3.27 18.25 -5.16
C TYR A 194 -4.27 19.03 -4.30
N ASN A 195 -5.41 18.42 -3.96
CA ASN A 195 -6.44 19.04 -3.14
C ASN A 195 -6.95 17.97 -2.20
N LYS A 196 -6.36 17.89 -1.00
CA LYS A 196 -6.73 16.90 0.01
C LYS A 196 -7.85 17.48 0.86
N GLY A 197 -9.11 17.12 0.61
CA GLY A 197 -10.25 17.61 1.37
C GLY A 197 -10.56 19.07 1.06
N ALA A 198 -9.80 19.98 1.65
CA ALA A 198 -9.90 21.42 1.49
C ALA A 198 -8.51 22.07 1.48
N GLU A 199 -7.43 21.28 1.62
CA GLU A 199 -6.07 21.77 1.60
C GLU A 199 -5.70 22.02 0.15
N ASN A 200 -5.73 23.28 -0.25
CA ASN A 200 -5.41 23.76 -1.60
C ASN A 200 -3.88 23.76 -1.75
N ILE A 201 -3.29 22.57 -1.75
CA ILE A 201 -1.86 22.40 -1.85
C ILE A 201 -1.29 22.71 -3.24
N VAL A 202 -0.36 23.65 -3.26
CA VAL A 202 0.40 24.12 -4.41
C VAL A 202 1.87 24.04 -3.99
N GLY A 203 2.78 23.82 -4.95
CA GLY A 203 4.21 23.74 -4.72
C GLY A 203 4.71 22.31 -4.85
N GLY A 204 5.10 21.68 -3.74
CA GLY A 204 5.59 20.31 -3.69
C GLY A 204 6.99 20.08 -4.24
N GLU A 205 7.80 21.11 -4.51
CA GLU A 205 9.14 20.93 -5.05
C GLU A 205 9.98 20.07 -4.10
N HIS A 206 10.41 18.89 -4.55
CA HIS A 206 11.21 17.93 -3.81
C HIS A 206 12.59 17.65 -4.41
N GLY A 207 13.00 18.32 -5.49
CA GLY A 207 14.31 18.09 -6.10
C GLY A 207 14.85 19.38 -6.70
N LYS A 208 16.15 19.42 -6.97
CA LYS A 208 16.88 20.57 -7.53
C LYS A 208 16.12 21.15 -8.74
N PRO A 209 15.48 22.33 -8.61
CA PRO A 209 14.74 22.96 -9.69
C PRO A 209 15.72 23.49 -10.72
N THR A 210 15.44 23.26 -11.99
CA THR A 210 16.26 23.72 -13.11
C THR A 210 15.84 25.18 -13.36
N LEU A 211 16.81 26.08 -13.48
CA LEU A 211 16.56 27.51 -13.70
C LEU A 211 15.70 27.78 -14.95
N LEU A 212 15.74 26.88 -15.93
CA LEU A 212 14.99 26.96 -17.18
C LEU A 212 13.48 27.10 -16.93
N GLY A 213 12.97 26.54 -15.83
CA GLY A 213 11.57 26.57 -15.45
C GLY A 213 11.03 25.15 -15.32
N PHE A 214 9.70 25.04 -15.26
CA PHE A 214 8.96 23.80 -15.14
C PHE A 214 7.88 23.78 -16.23
N GLU A 215 7.28 22.62 -16.43
CA GLU A 215 6.20 22.34 -17.38
C GLU A 215 4.99 21.90 -16.55
N GLU A 216 3.82 21.76 -17.18
CA GLU A 216 2.59 21.37 -16.51
C GLU A 216 1.64 20.59 -17.42
N PHE A 217 0.74 19.83 -16.79
CA PHE A 217 -0.28 19.02 -17.42
C PHE A 217 -1.55 19.10 -16.56
N GLU A 218 -2.69 19.40 -17.16
CA GLU A 218 -3.99 19.48 -16.50
C GLU A 218 -4.68 18.13 -16.65
N ILE A 219 -4.79 17.40 -15.54
CA ILE A 219 -5.42 16.09 -15.48
C ILE A 219 -6.78 16.33 -14.83
N ASP A 220 -7.81 16.31 -15.66
CA ASP A 220 -9.20 16.52 -15.30
C ASP A 220 -9.78 15.15 -14.94
N TYR A 221 -9.75 14.76 -13.66
CA TYR A 221 -10.28 13.47 -13.24
C TYR A 221 -11.77 13.21 -13.60
N PRO A 222 -12.70 14.18 -13.59
CA PRO A 222 -14.08 13.85 -13.96
C PRO A 222 -14.16 13.57 -15.48
N SER A 223 -13.37 14.29 -16.28
CA SER A 223 -13.32 14.18 -17.72
C SER A 223 -12.55 12.93 -18.18
N GLU A 224 -11.23 12.99 -18.11
CA GLU A 224 -10.26 11.98 -18.53
C GLU A 224 -10.14 10.84 -17.52
N TYR A 225 -10.34 9.60 -18.00
CA TYR A 225 -10.24 8.41 -17.18
C TYR A 225 -8.83 7.85 -17.34
N ILE A 226 -7.88 8.39 -16.59
CA ILE A 226 -6.47 8.00 -16.59
C ILE A 226 -6.37 6.48 -16.55
N THR A 227 -5.60 5.89 -17.48
CA THR A 227 -5.40 4.44 -17.58
C THR A 227 -3.92 4.04 -17.54
N ALA A 228 -2.97 4.94 -17.88
CA ALA A 228 -1.55 4.58 -17.88
C ALA A 228 -0.62 5.79 -17.86
N VAL A 229 0.68 5.54 -17.68
CA VAL A 229 1.74 6.53 -17.67
C VAL A 229 2.92 5.93 -18.43
N GLU A 230 3.82 6.77 -18.94
CA GLU A 230 5.00 6.38 -19.69
C GLU A 230 6.21 7.13 -19.15
N GLY A 231 7.38 6.76 -19.63
CA GLY A 231 8.65 7.35 -19.29
C GLY A 231 9.72 6.76 -20.19
N THR A 232 10.91 7.33 -20.13
CA THR A 232 12.04 6.87 -20.92
C THR A 232 13.26 6.97 -20.04
N TYR A 233 14.12 5.96 -20.10
CA TYR A 233 15.33 5.93 -19.32
C TYR A 233 16.53 5.46 -20.14
N ASP A 234 17.74 5.77 -19.66
CA ASP A 234 19.00 5.35 -20.29
C ASP A 234 20.04 5.10 -19.19
N LYS A 235 21.19 4.50 -19.50
CA LYS A 235 22.26 4.18 -18.54
C LYS A 235 23.02 5.45 -18.18
N ILE A 236 23.52 5.52 -16.95
CA ILE A 236 24.26 6.67 -16.45
C ILE A 236 25.75 6.45 -16.68
N PHE A 237 26.35 7.24 -17.57
CA PHE A 237 27.78 7.15 -17.84
C PHE A 237 28.46 7.79 -16.63
N GLY A 238 29.04 7.00 -15.74
CA GLY A 238 29.71 7.45 -14.53
C GLY A 238 29.07 6.92 -13.25
N SER A 239 28.00 6.13 -13.35
CA SER A 239 27.29 5.52 -12.24
C SER A 239 26.89 4.11 -12.71
N ASP A 240 26.13 3.40 -11.88
CA ASP A 240 25.66 2.06 -12.14
C ASP A 240 24.15 2.05 -11.92
N GLY A 241 23.40 2.54 -12.91
CA GLY A 241 21.96 2.61 -12.84
C GLY A 241 21.42 3.36 -14.05
N LEU A 242 20.11 3.56 -14.08
CA LEU A 242 19.44 4.26 -15.17
C LEU A 242 18.96 5.62 -14.70
N ILE A 243 18.77 6.54 -15.64
CA ILE A 243 18.31 7.91 -15.42
C ILE A 243 17.10 8.19 -16.29
N ILE A 244 16.09 8.85 -15.73
CA ILE A 244 14.87 9.20 -16.44
C ILE A 244 15.17 10.47 -17.25
N THR A 245 14.84 10.48 -18.54
CA THR A 245 15.11 11.61 -19.42
C THR A 245 13.82 12.31 -19.89
N MET A 246 12.82 11.60 -20.41
CA MET A 246 11.54 12.16 -20.87
C MET A 246 10.38 11.39 -20.23
N LEU A 247 9.25 12.06 -20.03
CA LEU A 247 8.03 11.51 -19.44
C LEU A 247 6.81 11.86 -20.31
N ARG A 248 5.81 10.98 -20.28
CA ARG A 248 4.55 11.09 -21.01
C ARG A 248 3.44 10.56 -20.12
N PHE A 249 2.25 11.11 -20.23
CA PHE A 249 1.09 10.69 -19.43
C PHE A 249 0.01 10.29 -20.41
N LYS A 250 -0.32 8.99 -20.44
CA LYS A 250 -1.36 8.51 -21.35
C LYS A 250 -2.69 9.03 -20.83
N THR A 251 -3.49 9.51 -21.76
CA THR A 251 -4.82 10.06 -21.54
C THR A 251 -5.67 9.60 -22.74
N ASN A 252 -6.99 9.73 -22.64
CA ASN A 252 -7.94 9.37 -23.70
C ASN A 252 -8.52 10.67 -24.23
N LYS A 253 -8.86 10.73 -25.53
CA LYS A 253 -9.42 11.87 -26.29
C LYS A 253 -8.53 13.14 -26.32
N GLN A 254 -7.71 13.38 -25.30
CA GLN A 254 -6.79 14.47 -25.13
C GLN A 254 -5.50 14.15 -25.91
N THR A 255 -4.56 15.09 -25.98
CA THR A 255 -3.27 14.97 -26.64
C THR A 255 -2.28 15.75 -25.77
N SER A 256 -1.01 15.38 -25.80
CA SER A 256 0.03 16.02 -25.00
C SER A 256 1.38 16.04 -25.72
N ALA A 257 2.36 16.70 -25.10
CA ALA A 257 3.72 16.86 -25.58
C ALA A 257 4.69 15.94 -24.82
N PRO A 258 5.87 15.60 -25.37
CA PRO A 258 6.86 14.77 -24.69
C PRO A 258 7.59 15.69 -23.70
N PHE A 259 7.46 15.45 -22.40
CA PHE A 259 8.12 16.29 -21.41
C PHE A 259 9.55 15.79 -21.26
N GLY A 260 10.48 16.37 -22.03
CA GLY A 260 11.91 16.00 -22.04
C GLY A 260 12.33 15.45 -23.40
N LEU A 261 13.60 15.03 -23.52
CA LEU A 261 14.18 14.49 -24.75
C LEU A 261 13.94 12.98 -24.81
N GLU A 262 13.18 12.52 -25.80
CA GLU A 262 12.87 11.12 -26.02
C GLU A 262 14.14 10.38 -26.46
N ALA A 263 14.69 9.53 -25.59
CA ALA A 263 15.91 8.76 -25.84
C ALA A 263 15.95 7.49 -24.97
N GLY A 264 17.04 6.73 -25.08
CA GLY A 264 17.32 5.51 -24.36
C GLY A 264 16.36 4.37 -24.65
N THR A 265 15.42 4.09 -23.75
CA THR A 265 14.45 3.03 -23.85
C THR A 265 13.17 3.51 -23.17
N ALA A 266 12.04 3.41 -23.88
CA ALA A 266 10.74 3.83 -23.38
C ALA A 266 10.03 2.69 -22.66
N PHE A 267 9.29 3.04 -21.62
CA PHE A 267 8.49 2.12 -20.82
C PHE A 267 7.07 2.66 -20.67
N GLU A 268 6.15 1.81 -20.22
CA GLU A 268 4.73 2.09 -19.98
C GLU A 268 4.31 1.30 -18.75
N LEU A 269 3.39 1.87 -17.97
CA LEU A 269 2.83 1.29 -16.76
C LEU A 269 1.31 1.44 -16.85
N LYS A 270 0.61 0.36 -17.18
CA LYS A 270 -0.86 0.32 -17.28
C LYS A 270 -1.39 -0.82 -16.43
N GLU A 271 -2.68 -0.80 -16.13
CA GLU A 271 -3.38 -1.80 -15.33
C GLU A 271 -4.78 -1.98 -15.92
N GLU A 272 -5.51 -3.02 -15.51
CA GLU A 272 -6.84 -3.35 -16.02
C GLU A 272 -7.98 -2.82 -15.14
N GLY A 273 -8.81 -1.93 -15.68
CA GLY A 273 -9.96 -1.37 -14.97
C GLY A 273 -9.59 -0.52 -13.76
N HIS A 274 -8.36 0.00 -13.71
CA HIS A 274 -7.85 0.84 -12.63
C HIS A 274 -7.73 2.31 -13.06
N LYS A 275 -7.58 3.17 -12.05
CA LYS A 275 -7.41 4.61 -12.11
C LYS A 275 -6.17 4.90 -11.28
N ILE A 276 -5.46 5.96 -11.62
CA ILE A 276 -4.27 6.37 -10.90
C ILE A 276 -4.74 7.16 -9.67
N VAL A 277 -4.03 7.02 -8.56
CA VAL A 277 -4.34 7.70 -7.30
C VAL A 277 -3.14 8.42 -6.68
N GLY A 278 -1.93 8.27 -7.25
CA GLY A 278 -0.74 8.92 -6.71
C GLY A 278 0.51 8.41 -7.42
N PHE A 279 1.67 8.66 -6.83
CA PHE A 279 3.02 8.29 -7.26
C PHE A 279 3.70 7.57 -6.07
N HIS A 280 4.70 6.74 -6.35
CA HIS A 280 5.49 6.02 -5.38
C HIS A 280 6.89 5.86 -5.95
N GLY A 281 7.87 6.50 -5.34
CA GLY A 281 9.24 6.45 -5.79
C GLY A 281 10.09 7.26 -4.85
N LYS A 282 11.34 7.42 -5.27
CA LYS A 282 12.34 8.15 -4.55
C LYS A 282 13.16 8.92 -5.55
N ALA A 283 13.73 10.00 -5.05
CA ALA A 283 14.56 10.89 -5.82
C ALA A 283 15.66 11.42 -4.90
N SER A 284 16.80 11.76 -5.49
CA SER A 284 17.94 12.30 -4.79
C SER A 284 18.80 12.91 -5.88
N GLU A 285 18.93 14.24 -5.83
CA GLU A 285 19.70 15.10 -6.74
C GLU A 285 19.27 15.02 -8.20
N LEU A 286 18.14 14.40 -8.50
CA LEU A 286 17.50 14.19 -9.80
C LEU A 286 16.40 13.15 -9.60
N LEU A 287 15.68 12.79 -10.66
CA LEU A 287 14.61 11.80 -10.61
C LEU A 287 15.16 10.40 -10.81
N HIS A 288 15.31 9.60 -9.75
CA HIS A 288 15.80 8.24 -9.89
C HIS A 288 14.69 7.28 -10.29
N GLN A 289 13.48 7.36 -9.70
CA GLN A 289 12.38 6.45 -10.02
C GLN A 289 11.07 7.17 -10.24
N PHE A 290 10.26 6.71 -11.20
CA PHE A 290 8.96 7.32 -11.49
C PHE A 290 7.91 6.30 -11.91
N GLY A 291 6.64 6.56 -11.61
CA GLY A 291 5.53 5.69 -11.91
C GLY A 291 4.23 6.27 -11.33
N VAL A 292 3.22 5.41 -11.14
CA VAL A 292 1.93 5.80 -10.59
C VAL A 292 1.30 4.66 -9.77
N HIS A 293 0.69 5.01 -8.63
CA HIS A 293 -0.01 4.08 -7.76
C HIS A 293 -1.36 3.88 -8.44
N VAL A 294 -1.84 2.64 -8.49
CA VAL A 294 -3.11 2.32 -9.14
C VAL A 294 -4.08 1.66 -8.15
N MET A 295 -5.38 1.90 -8.38
CA MET A 295 -6.51 1.40 -7.62
C MET A 295 -7.63 1.09 -8.61
N PRO A 296 -8.41 0.00 -8.43
CA PRO A 296 -9.50 -0.33 -9.32
C PRO A 296 -10.61 0.72 -9.15
N LEU A 297 -11.33 1.03 -10.24
CA LEU A 297 -12.42 2.00 -10.14
C LEU A 297 -13.54 1.30 -9.35
N THR A 298 -14.37 2.09 -8.68
CA THR A 298 -15.47 1.57 -7.88
C THR A 298 -16.72 2.36 -8.19
N ASN A 299 -17.56 1.76 -9.03
CA ASN A 299 -18.83 2.28 -9.49
C ASN A 299 -19.71 2.55 -8.29
N ALA A 1 20.13 -0.27 3.62
CA ALA A 1 19.87 0.97 4.33
C ALA A 1 20.07 0.78 5.84
N GLN A 2 18.97 0.64 6.61
CA GLN A 2 19.01 0.47 8.05
C GLN A 2 19.56 -0.91 8.45
N LYS A 3 20.77 -0.91 9.02
CA LYS A 3 21.57 -2.01 9.55
C LYS A 3 22.39 -1.40 10.68
N VAL A 4 22.56 -2.09 11.81
CA VAL A 4 23.31 -1.57 12.95
C VAL A 4 24.39 -2.52 13.44
N GLU A 5 25.61 -1.99 13.59
CA GLU A 5 26.76 -2.73 14.10
C GLU A 5 26.52 -2.92 15.59
N ALA A 6 26.84 -4.12 16.09
CA ALA A 6 26.67 -4.45 17.50
C ALA A 6 27.55 -3.55 18.35
N GLY A 7 28.86 -3.65 18.15
CA GLY A 7 29.89 -2.90 18.83
C GLY A 7 30.55 -3.78 19.89
N GLY A 8 31.31 -4.78 19.44
CA GLY A 8 32.02 -5.74 20.29
C GLY A 8 33.32 -6.16 19.60
N GLY A 9 33.96 -7.23 20.07
CA GLY A 9 35.22 -7.74 19.52
C GLY A 9 35.09 -8.23 18.07
N ALA A 10 36.23 -8.53 17.46
CA ALA A 10 36.39 -9.02 16.10
C ALA A 10 37.27 -10.27 16.01
N GLY A 11 37.82 -10.77 17.14
CA GLY A 11 38.68 -11.96 17.17
C GLY A 11 37.88 -13.27 17.23
N GLY A 12 36.81 -13.38 16.44
CA GLY A 12 35.92 -14.53 16.35
C GLY A 12 35.56 -14.82 14.90
N ALA A 13 34.41 -15.45 14.70
CA ALA A 13 33.88 -15.83 13.40
C ALA A 13 32.48 -15.22 13.28
N SER A 14 32.14 -14.75 12.10
CA SER A 14 30.88 -14.12 11.77
C SER A 14 29.73 -15.12 11.71
N TRP A 15 28.70 -14.91 12.52
CA TRP A 15 27.49 -15.72 12.57
C TRP A 15 26.37 -14.72 12.34
N ASP A 16 26.48 -14.06 11.19
CA ASP A 16 25.60 -13.03 10.68
C ASP A 16 24.46 -13.60 9.83
N ASP A 17 24.15 -14.90 9.95
CA ASP A 17 23.10 -15.53 9.17
C ASP A 17 22.44 -16.65 9.97
N GLY A 18 21.23 -17.02 9.56
CA GLY A 18 20.41 -18.07 10.16
C GLY A 18 18.96 -17.59 10.20
N VAL A 19 18.01 -18.51 10.02
CA VAL A 19 16.59 -18.20 10.04
C VAL A 19 16.15 -17.86 11.47
N HIS A 20 15.10 -17.04 11.61
CA HIS A 20 14.59 -16.66 12.92
C HIS A 20 14.07 -17.90 13.66
N ASP A 21 13.42 -18.82 12.94
CA ASP A 21 12.86 -20.09 13.38
C ASP A 21 11.70 -19.95 14.37
N GLY A 22 11.24 -18.71 14.56
CA GLY A 22 10.14 -18.39 15.44
C GLY A 22 10.51 -18.51 16.91
N VAL A 23 11.45 -17.66 17.36
CA VAL A 23 11.93 -17.65 18.74
C VAL A 23 10.78 -17.37 19.74
N ARG A 24 10.83 -18.04 20.89
CA ARG A 24 9.83 -17.95 21.96
C ARG A 24 10.36 -17.43 23.28
N LYS A 25 11.62 -17.71 23.62
CA LYS A 25 12.26 -17.26 24.86
C LYS A 25 13.74 -17.12 24.55
N VAL A 26 14.47 -16.37 25.36
CA VAL A 26 15.91 -16.15 25.17
C VAL A 26 16.60 -16.50 26.48
N HIS A 27 17.53 -17.45 26.48
CA HIS A 27 18.25 -17.86 27.68
C HIS A 27 19.60 -17.17 27.72
N VAL A 28 20.03 -16.74 28.89
CA VAL A 28 21.32 -16.08 29.10
C VAL A 28 21.80 -16.59 30.47
N GLY A 29 23.10 -16.76 30.66
CA GLY A 29 23.64 -17.24 31.93
C GLY A 29 25.06 -16.75 32.06
N GLN A 30 25.42 -16.37 33.29
CA GLN A 30 26.74 -15.86 33.64
C GLN A 30 27.74 -17.00 33.74
N GLY A 31 28.99 -16.74 33.37
CA GLY A 31 30.11 -17.68 33.40
C GLY A 31 31.38 -16.92 33.70
N GLN A 32 32.41 -17.69 34.04
CA GLN A 32 33.74 -17.19 34.40
C GLN A 32 34.34 -16.32 33.29
N ASP A 33 34.05 -16.64 32.04
CA ASP A 33 34.48 -16.03 30.80
C ASP A 33 33.48 -15.00 30.25
N GLY A 34 32.29 -14.89 30.83
CA GLY A 34 31.26 -13.96 30.39
C GLY A 34 29.96 -14.74 30.16
N VAL A 35 29.01 -14.13 29.45
CA VAL A 35 27.74 -14.79 29.16
C VAL A 35 27.95 -15.67 27.93
N SER A 36 28.24 -16.95 28.14
CA SER A 36 28.50 -17.91 27.06
C SER A 36 27.44 -19.01 26.88
N SER A 37 26.35 -19.00 27.65
CA SER A 37 25.27 -19.98 27.53
C SER A 37 24.10 -19.22 26.90
N ILE A 38 23.79 -19.52 25.65
CA ILE A 38 22.72 -18.89 24.88
C ILE A 38 21.88 -19.96 24.19
N ASN A 39 20.56 -19.83 24.30
CA ASN A 39 19.56 -20.73 23.73
C ASN A 39 18.31 -19.94 23.43
N VAL A 40 17.59 -20.33 22.38
CA VAL A 40 16.35 -19.68 21.96
C VAL A 40 15.34 -20.80 21.70
N VAL A 41 14.26 -20.80 22.47
CA VAL A 41 13.17 -21.77 22.35
C VAL A 41 12.50 -21.48 21.00
N TYR A 42 11.95 -22.47 20.28
CA TYR A 42 11.31 -22.26 18.98
C TYR A 42 9.92 -22.86 18.92
N ALA A 43 8.93 -22.04 18.54
CA ALA A 43 7.55 -22.48 18.42
C ALA A 43 7.36 -23.07 17.03
N LYS A 44 6.62 -24.17 16.92
CA LYS A 44 6.33 -24.83 15.65
C LYS A 44 4.85 -24.66 15.41
N ASP A 45 4.41 -24.91 14.18
CA ASP A 45 2.99 -24.80 13.83
C ASP A 45 2.14 -25.80 14.62
N SER A 46 2.75 -26.89 15.08
CA SER A 46 2.09 -27.96 15.84
C SER A 46 2.41 -27.93 17.34
N GLN A 47 3.65 -27.63 17.76
CA GLN A 47 4.02 -27.63 19.18
C GLN A 47 5.21 -26.72 19.50
N ASP A 48 5.33 -26.29 20.76
CA ASP A 48 6.45 -25.46 21.24
C ASP A 48 7.60 -26.43 21.50
N VAL A 49 8.78 -26.21 20.92
CA VAL A 49 9.93 -27.10 21.06
C VAL A 49 11.16 -26.39 21.64
N GLU A 50 11.91 -27.15 22.43
CA GLU A 50 13.15 -26.76 23.08
C GLU A 50 14.21 -27.77 22.62
N GLY A 51 15.46 -27.34 22.63
CA GLY A 51 16.65 -28.08 22.23
C GLY A 51 17.44 -27.20 21.27
N GLY A 52 17.89 -26.01 21.70
CA GLY A 52 18.65 -25.10 20.82
C GLY A 52 19.90 -24.43 21.38
N GLU A 53 20.43 -24.90 22.51
CA GLU A 53 21.62 -24.29 23.12
C GLU A 53 22.86 -24.50 22.25
N HIS A 54 23.44 -23.41 21.74
CA HIS A 54 24.63 -23.42 20.93
C HIS A 54 25.60 -22.47 21.62
N GLY A 55 26.28 -22.96 22.64
CA GLY A 55 27.23 -22.22 23.43
C GLY A 55 27.80 -23.17 24.44
N LYS A 56 28.09 -22.67 25.64
CA LYS A 56 28.64 -23.50 26.69
C LYS A 56 27.77 -23.34 27.93
N LYS A 57 27.04 -24.39 28.31
CA LYS A 57 26.17 -24.34 29.46
C LYS A 57 26.98 -23.96 30.70
N THR A 58 26.59 -22.85 31.29
CA THR A 58 27.19 -22.25 32.46
C THR A 58 26.93 -23.08 33.71
N LEU A 59 27.83 -22.96 34.67
CA LEU A 59 27.78 -23.67 35.96
C LEU A 59 27.01 -22.84 36.97
N LEU A 60 27.12 -21.51 36.86
CA LEU A 60 26.41 -20.58 37.74
C LEU A 60 24.92 -20.60 37.40
N GLY A 61 24.53 -21.18 36.25
CA GLY A 61 23.17 -21.24 35.83
C GLY A 61 22.87 -20.10 34.88
N PHE A 62 21.79 -20.35 34.17
CA PHE A 62 21.16 -19.49 33.19
C PHE A 62 19.70 -19.26 33.57
N GLU A 63 19.14 -18.18 33.06
CA GLU A 63 17.78 -17.72 33.24
C GLU A 63 17.13 -17.62 31.86
N THR A 64 15.80 -17.50 31.77
CA THR A 64 15.09 -17.41 30.50
C THR A 64 14.17 -16.20 30.52
N PHE A 65 14.33 -15.36 29.50
CA PHE A 65 13.57 -14.15 29.26
C PHE A 65 12.34 -14.54 28.46
N GLU A 66 11.15 -14.29 29.02
CA GLU A 66 9.88 -14.60 28.38
C GLU A 66 9.55 -13.51 27.36
N VAL A 67 8.99 -13.95 26.24
CA VAL A 67 8.58 -13.09 25.15
C VAL A 67 7.05 -13.15 25.01
N ASP A 68 6.40 -12.03 25.31
CA ASP A 68 4.96 -11.89 25.20
C ASP A 68 4.62 -11.67 23.72
N ALA A 69 3.34 -11.68 23.37
CA ALA A 69 2.89 -11.49 22.00
C ALA A 69 2.89 -10.04 21.54
N ASP A 70 2.12 -9.20 22.24
CA ASP A 70 1.94 -7.79 21.91
C ASP A 70 3.14 -6.93 22.26
N ASP A 71 3.98 -7.37 23.19
CA ASP A 71 5.16 -6.62 23.62
C ASP A 71 6.29 -6.84 22.61
N TYR A 72 7.14 -5.84 22.37
CA TYR A 72 8.25 -5.92 21.44
C TYR A 72 9.51 -5.32 22.05
N ILE A 73 10.70 -5.77 21.64
CA ILE A 73 11.96 -5.23 22.14
C ILE A 73 12.21 -3.93 21.35
N VAL A 74 12.20 -2.79 22.02
CA VAL A 74 12.41 -1.48 21.41
C VAL A 74 13.87 -1.04 21.47
N ALA A 75 14.60 -1.45 22.51
CA ALA A 75 16.00 -1.14 22.71
C ALA A 75 16.66 -2.31 23.44
N VAL A 76 17.99 -2.35 23.48
CA VAL A 76 18.75 -3.39 24.15
C VAL A 76 19.99 -2.70 24.68
N GLN A 77 20.13 -2.70 26.00
CA GLN A 77 21.23 -2.10 26.72
C GLN A 77 22.23 -3.24 26.97
N VAL A 78 23.48 -3.05 26.57
CA VAL A 78 24.54 -4.07 26.71
C VAL A 78 25.81 -3.41 27.23
N THR A 79 26.59 -4.15 28.03
CA THR A 79 27.87 -3.69 28.55
C THR A 79 28.91 -4.69 28.06
N TYR A 80 30.15 -4.26 27.91
CA TYR A 80 31.25 -5.08 27.43
C TYR A 80 32.56 -4.50 27.97
N ASP A 81 33.66 -5.22 27.85
CA ASP A 81 34.98 -4.75 28.29
C ASP A 81 36.06 -5.49 27.51
N ASN A 82 37.32 -5.05 27.61
CA ASN A 82 38.49 -5.59 26.94
C ASN A 82 39.57 -5.81 27.99
N VAL A 83 39.81 -7.09 28.29
CA VAL A 83 40.81 -7.48 29.26
C VAL A 83 42.22 -7.17 28.72
N PHE A 84 43.14 -6.84 29.63
CA PHE A 84 44.51 -6.53 29.26
C PHE A 84 45.15 -7.75 28.62
N GLY A 85 46.09 -7.52 27.69
CA GLY A 85 46.77 -8.61 27.00
C GLY A 85 45.97 -9.15 25.81
N GLN A 86 44.83 -8.52 25.47
CA GLN A 86 43.94 -8.85 24.38
C GLN A 86 43.50 -7.53 23.75
N ASP A 87 42.94 -7.58 22.54
CA ASP A 87 42.45 -6.40 21.80
C ASP A 87 40.99 -6.56 21.39
N SER A 88 40.37 -7.68 21.77
CA SER A 88 38.97 -8.00 21.49
C SER A 88 38.17 -7.65 22.75
N ASP A 89 36.88 -7.42 22.57
CA ASP A 89 35.94 -7.07 23.63
C ASP A 89 35.03 -8.26 23.85
N ILE A 90 34.49 -8.42 25.05
CA ILE A 90 33.57 -9.49 25.44
C ILE A 90 32.38 -8.86 26.16
N ILE A 91 31.19 -9.39 25.92
CA ILE A 91 29.95 -8.91 26.50
C ILE A 91 29.97 -9.26 28.00
N THR A 92 29.72 -8.26 28.84
CA THR A 92 29.69 -8.42 30.29
C THR A 92 28.26 -8.44 30.83
N SER A 93 27.28 -7.79 30.18
CA SER A 93 25.88 -7.76 30.60
C SER A 93 25.00 -7.52 29.37
N ILE A 94 23.73 -7.88 29.51
CA ILE A 94 22.66 -7.77 28.54
C ILE A 94 21.41 -7.36 29.32
N THR A 95 20.58 -6.49 28.74
CA THR A 95 19.33 -6.02 29.31
C THR A 95 18.40 -5.68 28.14
N PHE A 96 17.35 -6.47 27.90
CA PHE A 96 16.41 -6.17 26.83
C PHE A 96 15.50 -5.05 27.35
N ASN A 97 14.98 -4.19 26.48
CA ASN A 97 14.09 -3.11 26.87
C ASN A 97 12.83 -3.30 26.04
N THR A 98 11.73 -3.62 26.71
CA THR A 98 10.43 -3.87 26.10
C THR A 98 9.68 -2.57 25.83
N PHE A 99 8.67 -2.63 24.97
CA PHE A 99 7.86 -1.47 24.64
C PHE A 99 7.05 -1.05 25.87
N LYS A 100 6.68 -2.00 26.73
CA LYS A 100 5.88 -1.69 27.92
C LYS A 100 6.71 -1.04 29.03
N GLY A 101 8.04 -1.13 28.99
CA GLY A 101 8.91 -0.56 30.01
C GLY A 101 9.30 -1.61 31.05
N LYS A 102 8.87 -2.86 30.86
CA LYS A 102 9.17 -3.98 31.74
C LYS A 102 10.56 -4.42 31.35
N THR A 103 11.57 -3.85 31.99
CA THR A 103 12.96 -4.15 31.71
C THR A 103 13.40 -5.38 32.50
N SER A 104 14.31 -6.13 31.91
CA SER A 104 14.86 -7.36 32.48
C SER A 104 16.02 -7.02 33.42
N PRO A 105 16.44 -7.94 34.32
CA PRO A 105 17.58 -7.66 35.19
C PRO A 105 18.86 -7.70 34.32
N PRO A 106 19.99 -7.17 34.83
CA PRO A 106 21.26 -7.21 34.10
C PRO A 106 21.75 -8.66 34.18
N TYR A 107 21.73 -9.38 33.06
CA TYR A 107 22.16 -10.78 32.96
C TYR A 107 23.67 -11.00 33.19
N GLY A 108 24.39 -9.97 33.62
CA GLY A 108 25.81 -10.01 33.89
C GLY A 108 26.27 -8.76 34.61
N LEU A 109 27.59 -8.60 34.72
CA LEU A 109 28.21 -7.48 35.40
C LEU A 109 28.18 -6.22 34.54
N GLU A 110 27.31 -5.29 34.91
CA GLU A 110 27.16 -4.03 34.22
C GLU A 110 28.49 -3.28 34.31
N THR A 111 29.18 -3.17 33.19
CA THR A 111 30.48 -2.50 33.10
C THR A 111 30.31 -1.08 32.54
N GLN A 112 31.35 -0.25 32.67
CA GLN A 112 31.35 1.12 32.20
C GLN A 112 31.17 1.18 30.68
N LYS A 113 31.98 0.47 29.90
CA LYS A 113 31.85 0.42 28.44
C LYS A 113 30.49 -0.21 28.14
N LYS A 114 29.59 0.55 27.50
CA LYS A 114 28.24 0.07 27.20
C LYS A 114 27.58 0.82 26.05
N PHE A 115 26.56 0.21 25.42
CA PHE A 115 25.81 0.75 24.30
C PHE A 115 24.32 0.44 24.46
N VAL A 116 23.48 1.07 23.64
CA VAL A 116 22.03 0.90 23.62
C VAL A 116 21.56 0.93 22.16
N LEU A 117 21.04 -0.19 21.65
CA LEU A 117 20.53 -0.24 20.29
C LEU A 117 19.23 0.56 20.28
N LYS A 118 19.08 1.50 19.35
CA LYS A 118 17.89 2.33 19.19
C LYS A 118 17.93 2.92 17.78
N ASP A 119 16.78 2.95 17.13
CA ASP A 119 16.62 3.44 15.76
C ASP A 119 16.63 4.98 15.74
N LYS A 120 16.59 5.59 14.56
CA LYS A 120 16.58 7.05 14.38
C LYS A 120 15.19 7.55 13.95
N ASN A 121 14.39 6.70 13.30
CA ASN A 121 13.06 7.01 12.80
C ASN A 121 12.00 6.10 13.43
N GLY A 122 12.15 5.71 14.69
CA GLY A 122 11.19 4.86 15.39
C GLY A 122 11.02 3.45 14.82
N GLY A 123 12.08 2.88 14.27
CA GLY A 123 12.11 1.54 13.68
C GLY A 123 11.73 0.41 14.62
N LYS A 124 11.64 -0.82 14.10
CA LYS A 124 11.27 -2.02 14.83
C LYS A 124 12.34 -3.08 14.64
N LEU A 125 12.73 -3.78 15.71
CA LEU A 125 13.75 -4.83 15.68
C LEU A 125 13.24 -6.00 14.80
N VAL A 126 14.15 -6.74 14.17
CA VAL A 126 13.81 -7.88 13.31
C VAL A 126 14.51 -9.14 13.81
N GLY A 127 15.84 -9.18 13.80
CA GLY A 127 16.58 -10.36 14.25
C GLY A 127 17.99 -9.97 14.69
N PHE A 128 18.65 -10.88 15.41
CA PHE A 128 19.99 -10.69 15.93
C PHE A 128 21.03 -11.32 15.01
N HIS A 129 22.28 -10.87 15.16
CA HIS A 129 23.46 -11.30 14.43
C HIS A 129 24.62 -11.26 15.41
N GLY A 130 25.62 -12.12 15.24
CA GLY A 130 26.77 -12.17 16.13
C GLY A 130 28.05 -12.47 15.36
N ARG A 131 29.17 -12.38 16.06
CA ARG A 131 30.52 -12.66 15.53
C ARG A 131 31.31 -13.35 16.64
N ALA A 132 30.65 -14.21 17.40
CA ALA A 132 31.23 -14.92 18.52
C ALA A 132 31.90 -16.20 18.04
N GLY A 133 33.22 -16.27 18.13
CA GLY A 133 33.97 -17.45 17.71
C GLY A 133 33.90 -18.46 18.83
N GLU A 134 34.96 -18.55 19.62
CA GLU A 134 35.01 -19.48 20.74
C GLU A 134 34.19 -18.93 21.93
N ALA A 135 34.12 -17.60 22.10
CA ALA A 135 33.36 -16.92 23.16
C ALA A 135 32.52 -15.77 22.58
N LEU A 136 31.62 -15.20 23.39
CA LEU A 136 30.71 -14.11 23.00
C LEU A 136 31.40 -12.74 22.92
N TYR A 137 31.96 -12.42 21.75
CA TYR A 137 32.65 -11.15 21.52
C TYR A 137 31.76 -10.02 21.01
N ALA A 138 30.72 -10.31 20.20
CA ALA A 138 29.81 -9.32 19.63
C ALA A 138 28.45 -9.96 19.39
N LEU A 139 27.38 -9.22 19.68
CA LEU A 139 25.99 -9.66 19.52
C LEU A 139 25.09 -8.41 19.43
N GLY A 140 24.48 -8.17 18.28
CA GLY A 140 23.60 -7.02 18.00
C GLY A 140 22.40 -7.44 17.17
N ALA A 141 21.55 -6.48 16.78
CA ALA A 141 20.36 -6.78 15.98
C ALA A 141 20.04 -5.65 15.02
N TYR A 142 19.27 -5.98 13.99
CA TYR A 142 18.85 -5.05 12.96
C TYR A 142 17.44 -4.57 13.24
N PHE A 143 17.12 -3.39 12.72
CA PHE A 143 15.83 -2.75 12.89
C PHE A 143 15.31 -2.31 11.51
N ALA A 144 14.17 -2.83 11.06
CA ALA A 144 13.52 -2.52 9.80
C ALA A 144 12.01 -2.57 9.99
N THR A 145 11.29 -1.55 9.53
CA THR A 145 9.84 -1.45 9.63
C THR A 145 9.27 -1.01 8.28
N THR A 146 7.98 -1.24 8.04
CA THR A 146 7.28 -0.85 6.81
C THR A 146 7.29 0.68 6.76
N THR A 147 8.19 1.22 5.96
CA THR A 147 8.38 2.66 5.81
C THR A 147 7.32 3.36 4.93
N THR A 148 6.47 2.58 4.28
CA THR A 148 5.43 3.01 3.38
C THR A 148 4.02 2.93 3.97
N PRO A 149 3.03 3.64 3.38
CA PRO A 149 1.65 3.61 3.84
C PRO A 149 1.00 2.28 3.43
N VAL A 150 -0.22 2.00 3.92
CA VAL A 150 -0.95 0.80 3.59
C VAL A 150 -2.31 1.19 3.00
N THR A 151 -2.61 0.69 1.80
CA THR A 151 -3.85 0.97 1.06
C THR A 151 -4.43 -0.31 0.43
N PRO A 152 -5.69 -0.34 -0.01
CA PRO A 152 -6.30 -1.51 -0.67
C PRO A 152 -6.00 -1.65 -2.16
N ALA A 153 -5.13 -0.76 -2.58
CA ALA A 153 -4.60 -0.53 -3.91
C ALA A 153 -3.67 -1.67 -4.36
N LYS A 154 -3.04 -1.47 -5.51
CA LYS A 154 -2.10 -2.37 -6.15
C LYS A 154 -0.89 -1.53 -6.49
N LYS A 155 0.29 -1.89 -5.99
CA LYS A 155 1.54 -1.17 -6.25
C LYS A 155 2.38 -1.98 -7.21
N LEU A 156 3.15 -1.28 -8.05
CA LEU A 156 4.06 -1.82 -9.06
C LEU A 156 5.42 -1.23 -8.79
N SER A 157 6.41 -2.09 -8.58
CA SER A 157 7.80 -1.79 -8.32
C SER A 157 8.39 -1.21 -9.62
N ALA A 158 8.66 0.09 -9.61
CA ALA A 158 9.23 0.82 -10.73
C ALA A 158 10.70 0.43 -10.95
N ILE A 159 11.35 1.05 -11.93
CA ILE A 159 12.74 0.83 -12.30
C ILE A 159 13.55 2.05 -11.87
N GLY A 160 14.85 1.87 -11.67
CA GLY A 160 15.77 2.91 -11.25
C GLY A 160 16.86 2.31 -10.37
N GLY A 161 16.81 2.63 -9.09
CA GLY A 161 17.73 2.19 -8.06
C GLY A 161 17.05 2.27 -6.68
N ASP A 162 17.83 2.24 -5.60
CA ASP A 162 17.34 2.30 -4.22
C ASP A 162 17.94 3.49 -3.46
N GLU A 163 18.56 4.44 -4.17
CA GLU A 163 19.23 5.62 -3.63
C GLU A 163 18.44 6.90 -3.90
N GLY A 164 18.06 7.62 -2.86
CA GLY A 164 17.30 8.87 -2.90
C GLY A 164 16.66 9.12 -1.54
N THR A 165 15.80 10.14 -1.45
CA THR A 165 15.06 10.51 -0.24
C THR A 165 13.68 9.85 -0.43
N ALA A 166 13.05 9.40 0.65
CA ALA A 166 11.74 8.75 0.57
C ALA A 166 10.63 9.70 1.01
N TRP A 167 9.53 9.66 0.27
CA TRP A 167 8.32 10.44 0.49
C TRP A 167 7.19 9.65 -0.16
N ASP A 168 7.00 8.40 0.27
CA ASP A 168 5.96 7.53 -0.25
C ASP A 168 4.65 8.11 0.28
N ASP A 169 3.89 8.79 -0.58
CA ASP A 169 2.61 9.42 -0.18
C ASP A 169 1.43 8.47 -0.36
N GLY A 170 1.54 7.48 -1.25
CA GLY A 170 0.47 6.54 -1.52
C GLY A 170 -0.45 7.15 -2.57
N ALA A 171 -1.74 7.38 -2.26
CA ALA A 171 -2.71 7.97 -3.19
C ALA A 171 -3.53 9.04 -2.49
N TYR A 172 -3.72 10.18 -3.15
CA TYR A 172 -4.45 11.31 -2.60
C TYR A 172 -5.95 11.29 -2.94
N ASP A 173 -6.69 12.20 -2.30
CA ASP A 173 -8.12 12.35 -2.45
C ASP A 173 -8.53 12.97 -3.78
N GLY A 174 -7.81 14.00 -4.24
CA GLY A 174 -8.08 14.69 -5.49
C GLY A 174 -6.86 15.49 -5.94
N VAL A 175 -6.53 15.36 -7.22
CA VAL A 175 -5.42 16.05 -7.89
C VAL A 175 -6.01 17.24 -8.64
N LYS A 176 -5.20 18.26 -8.94
CA LYS A 176 -5.66 19.44 -9.66
C LYS A 176 -4.75 19.68 -10.85
N LYS A 177 -3.47 19.99 -10.63
CA LYS A 177 -2.53 20.27 -11.72
C LYS A 177 -1.29 19.41 -11.63
N VAL A 178 -0.64 19.21 -12.77
CA VAL A 178 0.54 18.41 -12.97
C VAL A 178 1.63 19.33 -13.55
N TYR A 179 2.90 19.12 -13.20
CA TYR A 179 4.01 19.92 -13.71
C TYR A 179 5.17 18.99 -14.07
N VAL A 180 5.94 19.35 -15.10
CA VAL A 180 7.08 18.56 -15.56
C VAL A 180 8.33 19.45 -15.46
N GLY A 181 9.42 18.93 -14.87
CA GLY A 181 10.67 19.66 -14.67
C GLY A 181 11.86 18.91 -15.23
N GLN A 182 11.88 18.76 -16.57
CA GLN A 182 12.96 18.11 -17.31
C GLN A 182 14.16 19.06 -17.45
N GLY A 183 15.24 18.57 -18.04
CA GLY A 183 16.46 19.32 -18.27
C GLY A 183 17.30 18.62 -19.32
N GLN A 184 18.56 19.04 -19.46
CA GLN A 184 19.49 18.50 -20.44
C GLN A 184 19.94 17.07 -20.13
N ASP A 185 19.82 16.60 -18.88
CA ASP A 185 20.25 15.24 -18.49
C ASP A 185 19.10 14.34 -18.04
N GLY A 186 17.92 14.89 -17.73
CA GLY A 186 16.78 14.11 -17.27
C GLY A 186 15.86 14.90 -16.34
N ILE A 187 14.88 14.22 -15.74
CA ILE A 187 13.91 14.81 -14.82
C ILE A 187 14.62 15.13 -13.50
N SER A 188 14.77 16.42 -13.18
CA SER A 188 15.39 16.86 -11.95
C SER A 188 14.34 17.16 -10.88
N ALA A 189 13.18 17.73 -11.24
CA ALA A 189 12.12 18.07 -10.30
C ALA A 189 10.75 17.58 -10.79
N VAL A 190 9.87 17.39 -9.83
CA VAL A 190 8.48 16.96 -9.96
C VAL A 190 7.75 17.73 -8.87
N LYS A 191 6.49 18.07 -9.11
CA LYS A 191 5.60 18.81 -8.23
C LYS A 191 4.21 18.69 -8.82
N PHE A 192 3.17 18.56 -7.99
CA PHE A 192 1.79 18.45 -8.41
C PHE A 192 0.96 19.29 -7.43
N GLU A 193 -0.20 19.75 -7.85
CA GLU A 193 -1.13 20.55 -7.06
C GLU A 193 -2.30 19.62 -6.78
N TYR A 194 -2.71 19.51 -5.52
CA TYR A 194 -3.79 18.62 -5.08
C TYR A 194 -4.66 19.28 -4.02
N ASN A 195 -5.82 18.68 -3.71
CA ASN A 195 -6.79 19.18 -2.73
C ASN A 195 -7.50 18.02 -2.04
N LYS A 196 -7.63 18.06 -0.72
CA LYS A 196 -8.30 17.04 0.09
C LYS A 196 -9.10 17.73 1.18
N GLY A 197 -10.23 17.13 1.53
CA GLY A 197 -11.11 17.62 2.58
C GLY A 197 -11.49 19.08 2.40
N ALA A 198 -10.83 19.98 3.14
CA ALA A 198 -11.04 21.42 3.11
C ALA A 198 -9.70 22.16 3.04
N GLU A 199 -8.60 21.46 2.75
CA GLU A 199 -7.27 22.03 2.68
C GLU A 199 -6.56 21.71 1.36
N ASN A 200 -6.39 22.74 0.55
CA ASN A 200 -5.72 22.72 -0.75
C ASN A 200 -4.22 22.68 -0.49
N ILE A 201 -3.46 22.11 -1.41
CA ILE A 201 -2.01 22.00 -1.32
C ILE A 201 -1.36 22.43 -2.63
N VAL A 202 -0.38 23.32 -2.52
CA VAL A 202 0.43 23.87 -3.60
C VAL A 202 1.88 23.63 -3.19
N GLY A 203 2.76 23.28 -4.13
CA GLY A 203 4.16 23.03 -3.84
C GLY A 203 4.55 21.60 -4.19
N GLY A 204 5.29 20.94 -3.30
CA GLY A 204 5.74 19.56 -3.49
C GLY A 204 6.92 19.46 -4.45
N GLU A 205 7.70 20.53 -4.62
CA GLU A 205 8.85 20.58 -5.49
C GLU A 205 10.00 19.89 -4.76
N HIS A 206 10.01 18.55 -4.79
CA HIS A 206 11.00 17.71 -4.12
C HIS A 206 12.27 17.50 -4.97
N GLY A 207 12.55 18.36 -5.92
CA GLY A 207 13.73 18.23 -6.75
C GLY A 207 14.23 19.61 -7.13
N LYS A 208 15.51 19.73 -7.44
CA LYS A 208 16.11 21.00 -7.80
C LYS A 208 15.59 21.40 -9.19
N PRO A 209 15.09 22.63 -9.38
CA PRO A 209 14.59 23.08 -10.68
C PRO A 209 15.77 23.20 -11.65
N THR A 210 15.51 23.10 -12.95
CA THR A 210 16.52 23.19 -13.99
C THR A 210 16.52 24.61 -14.58
N LEU A 211 17.49 24.92 -15.45
CA LEU A 211 17.53 26.23 -16.11
C LEU A 211 16.44 26.25 -17.20
N LEU A 212 15.95 25.07 -17.61
CA LEU A 212 14.90 24.89 -18.60
C LEU A 212 13.58 25.41 -18.01
N GLY A 213 13.37 25.24 -16.69
CA GLY A 213 12.19 25.68 -15.99
C GLY A 213 11.25 24.50 -15.73
N PHE A 214 9.96 24.69 -16.04
CA PHE A 214 8.89 23.71 -15.89
C PHE A 214 7.92 23.84 -17.06
N GLU A 215 6.89 23.00 -17.04
CA GLU A 215 5.76 22.85 -17.95
C GLU A 215 4.57 22.51 -17.04
N GLU A 216 3.33 22.72 -17.47
CA GLU A 216 2.15 22.43 -16.66
C GLU A 216 0.96 21.90 -17.47
N PHE A 217 0.14 21.04 -16.85
CA PHE A 217 -1.04 20.44 -17.45
C PHE A 217 -2.14 20.33 -16.39
N GLU A 218 -3.41 20.53 -16.76
CA GLU A 218 -4.56 20.44 -15.87
C GLU A 218 -5.49 19.35 -16.41
N ILE A 219 -5.63 18.26 -15.65
CA ILE A 219 -6.48 17.11 -15.98
C ILE A 219 -7.36 16.90 -14.75
N ASP A 220 -8.62 17.33 -14.81
CA ASP A 220 -9.53 17.18 -13.67
C ASP A 220 -9.98 15.71 -13.58
N TYR A 221 -9.61 15.06 -12.48
CA TYR A 221 -9.88 13.65 -12.21
C TYR A 221 -11.33 13.13 -12.20
N PRO A 222 -12.39 13.88 -11.82
CA PRO A 222 -13.75 13.33 -11.82
C PRO A 222 -14.32 13.10 -13.23
N SER A 223 -13.53 13.23 -14.29
CA SER A 223 -13.95 13.02 -15.65
C SER A 223 -12.82 12.41 -16.48
N GLU A 224 -11.74 13.16 -16.74
CA GLU A 224 -10.63 12.64 -17.53
C GLU A 224 -9.66 11.86 -16.63
N TYR A 225 -8.96 10.88 -17.20
CA TYR A 225 -8.04 10.03 -16.47
C TYR A 225 -6.77 9.64 -17.23
N ILE A 226 -5.85 9.08 -16.44
CA ILE A 226 -4.54 8.59 -16.83
C ILE A 226 -4.63 7.07 -16.73
N THR A 227 -4.33 6.32 -17.78
CA THR A 227 -4.41 4.85 -17.77
C THR A 227 -3.04 4.16 -17.95
N ALA A 228 -2.04 4.90 -18.39
CA ALA A 228 -0.69 4.42 -18.62
C ALA A 228 0.27 5.59 -18.48
N VAL A 229 1.58 5.34 -18.46
CA VAL A 229 2.62 6.36 -18.37
C VAL A 229 3.74 5.82 -19.24
N GLU A 230 4.21 6.60 -20.22
CA GLU A 230 5.28 6.22 -21.13
C GLU A 230 6.47 7.14 -20.86
N GLY A 231 7.62 6.83 -21.45
CA GLY A 231 8.84 7.60 -21.31
C GLY A 231 10.03 6.72 -21.61
N THR A 232 11.22 7.28 -21.51
CA THR A 232 12.44 6.54 -21.76
C THR A 232 13.46 6.88 -20.68
N TYR A 233 14.38 5.96 -20.43
CA TYR A 233 15.44 6.14 -19.46
C TYR A 233 16.77 5.75 -20.10
N ASP A 234 17.83 6.45 -19.75
CA ASP A 234 19.17 6.19 -20.28
C ASP A 234 20.18 6.10 -19.13
N LYS A 235 21.36 5.57 -19.42
CA LYS A 235 22.43 5.36 -18.45
C LYS A 235 23.45 6.48 -18.45
N ILE A 236 24.03 6.73 -17.28
CA ILE A 236 25.03 7.76 -17.06
C ILE A 236 26.39 7.05 -17.06
N PHE A 237 27.40 7.65 -17.69
CA PHE A 237 28.74 7.06 -17.73
C PHE A 237 29.40 7.25 -16.36
N GLY A 238 30.31 6.34 -16.02
CA GLY A 238 31.06 6.37 -14.76
C GLY A 238 30.31 5.72 -13.60
N SER A 239 29.11 5.19 -13.85
CA SER A 239 28.26 4.54 -12.85
C SER A 239 27.58 3.33 -13.48
N ASP A 240 26.77 2.62 -12.70
CA ASP A 240 26.03 1.43 -13.13
C ASP A 240 24.56 1.68 -12.80
N GLY A 241 23.95 2.65 -13.48
CA GLY A 241 22.56 3.03 -13.26
C GLY A 241 22.00 3.85 -14.41
N LEU A 242 20.74 4.27 -14.25
CA LEU A 242 19.96 5.04 -15.21
C LEU A 242 19.12 6.12 -14.53
N ILE A 243 18.58 7.04 -15.34
CA ILE A 243 17.75 8.18 -14.95
C ILE A 243 16.65 8.39 -15.99
N ILE A 244 15.53 9.05 -15.64
CA ILE A 244 14.46 9.31 -16.60
C ILE A 244 14.98 10.36 -17.56
N THR A 245 14.90 10.07 -18.85
CA THR A 245 15.37 10.94 -19.90
C THR A 245 14.20 11.58 -20.67
N MET A 246 13.06 10.90 -20.79
CA MET A 246 11.88 11.42 -21.47
C MET A 246 10.63 10.93 -20.74
N LEU A 247 9.51 11.65 -20.84
CA LEU A 247 8.23 11.34 -20.19
C LEU A 247 7.08 11.65 -21.16
N ARG A 248 6.16 10.71 -21.34
CA ARG A 248 4.99 10.86 -22.22
C ARG A 248 3.77 10.48 -21.43
N PHE A 249 2.96 11.48 -21.11
CA PHE A 249 1.73 11.28 -20.36
C PHE A 249 0.70 10.69 -21.32
N LYS A 250 -0.10 9.72 -20.86
CA LYS A 250 -1.14 9.09 -21.66
C LYS A 250 -2.47 9.28 -20.95
N THR A 251 -3.32 10.05 -21.60
CA THR A 251 -4.65 10.45 -21.20
C THR A 251 -5.69 9.81 -22.12
N ASN A 252 -6.95 9.83 -21.72
CA ASN A 252 -8.06 9.33 -22.52
C ASN A 252 -8.67 10.60 -23.11
N LYS A 253 -9.28 10.51 -24.29
CA LYS A 253 -9.94 11.60 -25.03
C LYS A 253 -8.98 12.71 -25.52
N GLN A 254 -7.95 13.05 -24.74
CA GLN A 254 -6.95 14.06 -25.02
C GLN A 254 -5.55 13.42 -25.09
N THR A 255 -4.57 14.22 -25.45
CA THR A 255 -3.16 13.90 -25.56
C THR A 255 -2.48 14.97 -24.69
N SER A 256 -1.36 14.64 -24.05
CA SER A 256 -0.66 15.59 -23.18
C SER A 256 0.74 16.01 -23.67
N ALA A 257 1.19 15.49 -24.81
CA ALA A 257 2.48 15.76 -25.46
C ALA A 257 3.69 15.08 -24.77
N PRO A 258 4.84 14.98 -25.46
CA PRO A 258 6.06 14.40 -24.91
C PRO A 258 6.86 15.48 -24.15
N PHE A 259 7.60 15.09 -23.13
CA PHE A 259 8.41 15.99 -22.31
C PHE A 259 9.82 15.41 -22.24
N GLY A 260 10.79 16.10 -22.85
CA GLY A 260 12.19 15.69 -22.90
C GLY A 260 12.54 15.10 -24.27
N LEU A 261 13.81 14.75 -24.48
CA LEU A 261 14.31 14.18 -25.71
C LEU A 261 14.37 12.66 -25.55
N GLU A 262 13.62 11.93 -26.37
CA GLU A 262 13.56 10.47 -26.37
C GLU A 262 14.95 9.89 -26.63
N ALA A 263 15.55 9.27 -25.61
CA ALA A 263 16.85 8.63 -25.64
C ALA A 263 16.80 7.49 -24.63
N GLY A 264 17.57 6.42 -24.86
CA GLY A 264 17.59 5.27 -23.97
C GLY A 264 16.44 4.30 -24.28
N THR A 265 16.23 3.31 -23.41
CA THR A 265 15.19 2.30 -23.53
C THR A 265 13.84 2.93 -23.16
N ALA A 266 12.78 2.60 -23.90
CA ALA A 266 11.43 3.09 -23.67
C ALA A 266 10.66 2.10 -22.82
N PHE A 267 9.91 2.62 -21.86
CA PHE A 267 9.07 1.84 -20.95
C PHE A 267 7.68 2.44 -20.92
N GLU A 268 6.65 1.62 -20.73
CA GLU A 268 5.27 2.08 -20.66
C GLU A 268 4.45 1.16 -19.77
N LEU A 269 4.17 1.62 -18.56
CA LEU A 269 3.37 0.89 -17.57
C LEU A 269 1.91 1.15 -17.90
N LYS A 270 1.04 0.14 -17.77
CA LYS A 270 -0.39 0.30 -18.05
C LYS A 270 -1.24 -0.62 -17.19
N GLU A 271 -2.54 -0.32 -17.16
CA GLU A 271 -3.59 -1.06 -16.49
C GLU A 271 -4.83 -0.90 -17.38
N GLU A 272 -5.89 -1.66 -17.16
CA GLU A 272 -7.14 -1.60 -17.91
C GLU A 272 -8.25 -1.58 -16.86
N GLY A 273 -9.28 -0.74 -17.03
CA GLY A 273 -10.38 -0.63 -16.07
C GLY A 273 -9.97 0.06 -14.76
N HIS A 274 -8.84 0.77 -14.78
CA HIS A 274 -8.26 1.49 -13.65
C HIS A 274 -7.64 2.80 -14.15
N LYS A 275 -7.20 3.66 -13.22
CA LYS A 275 -6.54 4.91 -13.53
C LYS A 275 -5.41 5.16 -12.51
N ILE A 276 -4.46 6.03 -12.87
CA ILE A 276 -3.34 6.35 -11.98
C ILE A 276 -3.82 7.39 -10.97
N VAL A 277 -3.49 7.19 -9.69
CA VAL A 277 -3.89 8.08 -8.59
C VAL A 277 -2.81 8.28 -7.52
N GLY A 278 -1.62 7.70 -7.66
CA GLY A 278 -0.60 7.88 -6.62
C GLY A 278 0.82 7.68 -7.14
N PHE A 279 1.79 7.96 -6.27
CA PHE A 279 3.22 7.85 -6.48
C PHE A 279 3.86 7.44 -5.15
N HIS A 280 4.75 6.46 -5.23
CA HIS A 280 5.55 5.89 -4.16
C HIS A 280 6.93 5.64 -4.82
N GLY A 281 8.04 5.74 -4.09
CA GLY A 281 9.37 5.54 -4.64
C GLY A 281 10.36 6.44 -3.92
N LYS A 282 11.37 6.94 -4.65
CA LYS A 282 12.37 7.83 -4.06
C LYS A 282 12.90 8.81 -5.10
N ALA A 283 13.27 9.98 -4.61
CA ALA A 283 13.83 11.09 -5.38
C ALA A 283 14.64 11.93 -4.40
N SER A 284 15.64 12.67 -4.85
CA SER A 284 16.48 13.51 -4.00
C SER A 284 16.85 14.73 -4.83
N GLU A 285 18.08 14.85 -5.32
CA GLU A 285 18.48 15.99 -6.15
C GLU A 285 17.83 15.85 -7.54
N LEU A 286 17.49 14.61 -7.89
CA LEU A 286 16.88 14.14 -9.12
C LEU A 286 15.91 13.00 -8.80
N LEU A 287 14.98 12.74 -9.71
CA LEU A 287 14.00 11.66 -9.58
C LEU A 287 14.75 10.38 -9.95
N HIS A 288 14.67 9.31 -9.15
CA HIS A 288 15.36 8.06 -9.45
C HIS A 288 14.40 6.87 -9.62
N GLN A 289 13.26 6.80 -8.92
CA GLN A 289 12.28 5.72 -9.04
C GLN A 289 10.90 6.36 -8.98
N PHE A 290 10.05 6.11 -9.98
CA PHE A 290 8.70 6.67 -10.05
C PHE A 290 7.71 5.51 -10.12
N GLY A 291 7.14 5.12 -8.99
CA GLY A 291 6.19 4.03 -8.87
C GLY A 291 4.77 4.56 -8.88
N VAL A 292 4.13 4.50 -10.05
CA VAL A 292 2.76 4.98 -10.22
C VAL A 292 1.80 3.92 -9.70
N HIS A 293 0.85 4.32 -8.85
CA HIS A 293 -0.15 3.42 -8.28
C HIS A 293 -1.38 3.38 -9.19
N VAL A 294 -2.13 2.27 -9.14
CA VAL A 294 -3.33 2.06 -9.94
C VAL A 294 -4.50 1.69 -9.04
N MET A 295 -5.68 2.25 -9.32
CA MET A 295 -6.93 2.01 -8.58
C MET A 295 -8.08 2.02 -9.59
N PRO A 296 -9.19 1.30 -9.34
CA PRO A 296 -10.31 1.25 -10.28
C PRO A 296 -11.04 2.58 -10.47
N LEU A 297 -11.64 2.74 -11.64
CA LEU A 297 -12.41 3.92 -12.01
C LEU A 297 -13.72 3.81 -11.26
N THR A 298 -13.94 4.69 -10.28
CA THR A 298 -15.16 4.72 -9.48
C THR A 298 -16.32 5.30 -10.29
N ASN A 299 -17.50 5.32 -9.66
CA ASN A 299 -18.75 5.85 -10.16
C ASN A 299 -19.46 6.47 -8.98
N ALA A 1 -13.70 -9.15 15.61
CA ALA A 1 -14.21 -10.40 15.02
C ALA A 1 -13.72 -11.60 15.83
N GLN A 2 -14.41 -12.73 15.68
CA GLN A 2 -14.12 -14.00 16.32
C GLN A 2 -14.26 -15.12 15.29
N LYS A 3 -13.52 -16.21 15.47
CA LYS A 3 -13.54 -17.40 14.62
C LYS A 3 -13.45 -18.60 15.55
N VAL A 4 -14.21 -19.63 15.26
CA VAL A 4 -14.27 -20.89 16.01
C VAL A 4 -13.60 -21.93 15.11
N GLU A 5 -12.75 -22.78 15.67
CA GLU A 5 -12.06 -23.78 14.88
C GLU A 5 -13.05 -24.84 14.37
N ALA A 6 -12.85 -25.26 13.12
CA ALA A 6 -13.69 -26.26 12.47
C ALA A 6 -13.50 -27.64 13.13
N GLY A 7 -14.44 -28.54 12.83
CA GLY A 7 -14.46 -29.90 13.32
C GLY A 7 -14.78 -30.84 12.18
N GLY A 8 -14.18 -32.04 12.24
CA GLY A 8 -14.32 -33.11 11.27
C GLY A 8 -12.95 -33.59 10.80
N GLY A 9 -12.96 -34.52 9.85
CA GLY A 9 -11.79 -35.14 9.25
C GLY A 9 -11.01 -34.22 8.32
N ALA A 10 -10.15 -34.82 7.51
CA ALA A 10 -9.28 -34.14 6.54
C ALA A 10 -9.85 -34.19 5.12
N GLY A 11 -11.03 -34.81 4.92
CA GLY A 11 -11.68 -34.92 3.62
C GLY A 11 -12.30 -33.58 3.22
N GLY A 12 -12.68 -33.43 1.95
CA GLY A 12 -13.28 -32.22 1.41
C GLY A 12 -12.23 -31.21 0.97
N ALA A 13 -12.59 -30.37 -0.02
CA ALA A 13 -11.72 -29.33 -0.55
C ALA A 13 -12.55 -28.11 -1.00
N SER A 14 -12.37 -26.97 -0.32
CA SER A 14 -12.98 -25.64 -0.52
C SER A 14 -14.19 -25.26 0.33
N TRP A 15 -13.97 -25.26 1.63
CA TRP A 15 -14.91 -24.84 2.64
C TRP A 15 -15.32 -23.36 2.54
N ASP A 16 -14.58 -22.54 1.78
CA ASP A 16 -14.84 -21.10 1.63
C ASP A 16 -16.06 -20.96 0.74
N ASP A 17 -17.17 -20.47 1.29
CA ASP A 17 -18.41 -20.30 0.56
C ASP A 17 -18.24 -19.42 -0.69
N GLY A 18 -17.40 -18.39 -0.61
CA GLY A 18 -17.10 -17.48 -1.72
C GLY A 18 -18.29 -16.62 -2.19
N VAL A 19 -19.26 -16.33 -1.32
CA VAL A 19 -20.45 -15.53 -1.61
C VAL A 19 -20.54 -14.37 -0.58
N HIS A 20 -21.60 -13.56 -0.60
CA HIS A 20 -21.79 -12.46 0.36
C HIS A 20 -22.40 -13.03 1.66
N ASP A 21 -22.77 -12.20 2.62
CA ASP A 21 -23.41 -12.62 3.86
C ASP A 21 -24.90 -12.51 3.54
N GLY A 22 -25.52 -13.63 3.21
CA GLY A 22 -26.94 -13.67 2.86
C GLY A 22 -27.64 -14.97 3.21
N VAL A 23 -27.21 -15.70 4.23
CA VAL A 23 -27.86 -16.97 4.58
C VAL A 23 -29.34 -16.67 4.91
N ARG A 24 -30.26 -17.40 4.27
CA ARG A 24 -31.71 -17.25 4.45
C ARG A 24 -32.29 -18.52 5.06
N LYS A 25 -32.06 -19.62 4.37
CA LYS A 25 -32.48 -20.97 4.69
C LYS A 25 -31.31 -21.89 4.38
N VAL A 26 -31.42 -23.14 4.82
CA VAL A 26 -30.40 -24.15 4.60
C VAL A 26 -31.16 -25.45 4.34
N HIS A 27 -30.65 -26.29 3.44
CA HIS A 27 -31.25 -27.59 3.12
C HIS A 27 -30.14 -28.60 3.26
N VAL A 28 -30.20 -29.40 4.31
CA VAL A 28 -29.22 -30.44 4.61
C VAL A 28 -29.93 -31.79 4.52
N GLY A 29 -29.32 -32.79 3.87
CA GLY A 29 -29.89 -34.12 3.73
C GLY A 29 -28.86 -35.17 4.09
N GLN A 30 -29.34 -36.23 4.75
CA GLN A 30 -28.52 -37.36 5.19
C GLN A 30 -28.54 -38.46 4.13
N GLY A 31 -27.57 -39.37 4.20
CA GLY A 31 -27.39 -40.48 3.31
C GLY A 31 -26.29 -41.40 3.84
N GLN A 32 -25.83 -42.33 3.01
CA GLN A 32 -24.79 -43.29 3.38
C GLN A 32 -23.50 -42.58 3.75
N ASP A 33 -23.16 -41.50 3.04
CA ASP A 33 -21.97 -40.69 3.26
C ASP A 33 -22.17 -39.71 4.45
N GLY A 34 -23.22 -39.86 5.26
CA GLY A 34 -23.48 -38.95 6.37
C GLY A 34 -24.22 -37.77 5.74
N VAL A 35 -23.89 -36.52 6.09
CA VAL A 35 -24.54 -35.36 5.47
C VAL A 35 -23.99 -35.38 4.04
N SER A 36 -24.85 -35.77 3.08
CA SER A 36 -24.50 -35.91 1.67
C SER A 36 -25.07 -34.83 0.75
N SER A 37 -26.05 -34.02 1.17
CA SER A 37 -26.59 -32.97 0.33
C SER A 37 -26.65 -31.66 1.10
N ILE A 38 -26.28 -30.57 0.43
CA ILE A 38 -26.26 -29.21 0.95
C ILE A 38 -26.72 -28.31 -0.19
N ASN A 39 -27.51 -27.31 0.17
CA ASN A 39 -28.05 -26.28 -0.72
C ASN A 39 -28.32 -25.07 0.18
N VAL A 40 -28.03 -23.86 -0.31
CA VAL A 40 -28.23 -22.61 0.44
C VAL A 40 -28.72 -21.54 -0.55
N VAL A 41 -29.41 -20.52 -0.02
CA VAL A 41 -29.95 -19.39 -0.76
C VAL A 41 -29.19 -18.17 -0.24
N TYR A 42 -28.90 -17.21 -1.13
CA TYR A 42 -28.14 -16.01 -0.82
C TYR A 42 -28.94 -14.71 -0.98
N ALA A 43 -29.33 -14.10 0.13
CA ALA A 43 -30.05 -12.84 0.17
C ALA A 43 -29.08 -11.72 -0.17
N LYS A 44 -29.38 -10.89 -1.17
CA LYS A 44 -28.54 -9.77 -1.55
C LYS A 44 -29.32 -8.50 -1.26
N ASP A 45 -28.61 -7.38 -1.16
CA ASP A 45 -29.18 -6.05 -0.93
C ASP A 45 -30.06 -5.59 -2.10
N SER A 46 -30.05 -6.35 -3.21
CA SER A 46 -30.84 -6.11 -4.40
C SER A 46 -32.03 -7.09 -4.34
N GLN A 47 -31.78 -8.39 -4.49
CA GLN A 47 -32.79 -9.43 -4.46
C GLN A 47 -32.19 -10.76 -4.02
N ASP A 48 -33.02 -11.72 -3.67
CA ASP A 48 -32.56 -13.05 -3.26
C ASP A 48 -32.12 -13.79 -4.52
N VAL A 49 -31.01 -14.52 -4.45
CA VAL A 49 -30.46 -15.31 -5.53
C VAL A 49 -30.07 -16.66 -4.92
N GLU A 50 -30.19 -17.77 -5.65
CA GLU A 50 -29.86 -19.10 -5.13
C GLU A 50 -28.63 -19.66 -5.83
N GLY A 51 -27.93 -20.55 -5.12
CA GLY A 51 -26.74 -21.21 -5.60
C GLY A 51 -27.18 -22.48 -6.31
N GLY A 52 -26.66 -23.61 -5.88
CA GLY A 52 -26.94 -24.93 -6.41
C GLY A 52 -26.59 -25.95 -5.34
N GLU A 53 -26.84 -27.22 -5.60
CA GLU A 53 -26.54 -28.26 -4.64
C GLU A 53 -25.03 -28.50 -4.62
N HIS A 54 -24.50 -28.74 -3.43
CA HIS A 54 -23.10 -29.01 -3.11
C HIS A 54 -23.09 -30.35 -2.41
N GLY A 55 -23.48 -31.38 -3.16
CA GLY A 55 -23.56 -32.73 -2.67
C GLY A 55 -24.31 -33.57 -3.68
N LYS A 56 -24.76 -34.74 -3.26
CA LYS A 56 -25.51 -35.67 -4.09
C LYS A 56 -26.85 -35.84 -3.40
N LYS A 57 -27.95 -35.57 -4.09
CA LYS A 57 -29.25 -35.73 -3.47
C LYS A 57 -29.40 -37.18 -3.06
N THR A 58 -30.05 -37.40 -1.92
CA THR A 58 -30.23 -38.72 -1.35
C THR A 58 -31.67 -39.20 -1.50
N LEU A 59 -31.94 -40.39 -0.95
CA LEU A 59 -33.25 -41.01 -0.95
C LEU A 59 -33.99 -40.57 0.33
N LEU A 60 -33.27 -40.49 1.45
CA LEU A 60 -33.74 -40.13 2.77
C LEU A 60 -34.47 -38.79 2.80
N GLY A 61 -33.98 -37.81 2.03
CA GLY A 61 -34.53 -36.50 1.96
C GLY A 61 -33.68 -35.57 2.82
N PHE A 62 -33.91 -34.31 2.53
CA PHE A 62 -33.32 -33.14 3.14
C PHE A 62 -34.40 -32.43 3.97
N GLU A 63 -33.96 -31.55 4.87
CA GLU A 63 -34.78 -30.76 5.77
C GLU A 63 -34.67 -29.28 5.42
N THR A 64 -35.59 -28.45 5.93
CA THR A 64 -35.64 -27.01 5.66
C THR A 64 -35.49 -26.15 6.92
N PHE A 65 -34.28 -25.64 7.17
CA PHE A 65 -34.06 -24.76 8.32
C PHE A 65 -34.36 -23.33 7.84
N GLU A 66 -35.01 -22.51 8.67
CA GLU A 66 -35.42 -21.13 8.37
C GLU A 66 -34.88 -20.14 9.39
N VAL A 67 -34.26 -19.06 8.92
CA VAL A 67 -33.72 -17.97 9.74
C VAL A 67 -34.50 -16.70 9.44
N ASP A 68 -35.30 -16.26 10.40
CA ASP A 68 -36.11 -15.05 10.32
C ASP A 68 -35.20 -13.81 10.35
N ALA A 69 -35.78 -12.62 10.15
CA ALA A 69 -35.04 -11.36 10.17
C ALA A 69 -34.49 -11.06 11.56
N ASP A 70 -35.26 -11.36 12.61
CA ASP A 70 -34.92 -11.14 14.02
C ASP A 70 -34.47 -12.42 14.72
N ASP A 71 -34.29 -13.51 13.98
CA ASP A 71 -33.83 -14.78 14.53
C ASP A 71 -32.33 -14.83 14.28
N TYR A 72 -31.60 -15.26 15.30
CA TYR A 72 -30.15 -15.34 15.30
C TYR A 72 -29.78 -16.69 15.90
N ILE A 73 -29.00 -17.50 15.19
CA ILE A 73 -28.54 -18.80 15.68
C ILE A 73 -27.45 -18.44 16.70
N VAL A 74 -27.60 -18.84 17.96
CA VAL A 74 -26.63 -18.52 19.01
C VAL A 74 -25.80 -19.72 19.48
N ALA A 75 -26.25 -20.95 19.22
CA ALA A 75 -25.52 -22.15 19.58
C ALA A 75 -25.82 -23.21 18.53
N VAL A 76 -24.83 -24.07 18.25
CA VAL A 76 -24.98 -25.14 17.29
C VAL A 76 -24.26 -26.37 17.84
N GLN A 77 -25.01 -27.43 18.16
CA GLN A 77 -24.46 -28.67 18.64
C GLN A 77 -24.16 -29.47 17.36
N VAL A 78 -22.96 -30.00 17.25
CA VAL A 78 -22.48 -30.76 16.10
C VAL A 78 -22.01 -32.12 16.61
N THR A 79 -22.23 -33.17 15.82
CA THR A 79 -21.83 -34.54 16.12
C THR A 79 -21.07 -35.03 14.90
N TYR A 80 -19.96 -35.71 15.12
CA TYR A 80 -19.10 -36.24 14.08
C TYR A 80 -18.52 -37.55 14.59
N ASP A 81 -18.27 -38.52 13.71
CA ASP A 81 -17.67 -39.78 14.12
C ASP A 81 -17.07 -40.50 12.91
N ASN A 82 -16.31 -41.56 13.14
CA ASN A 82 -15.64 -42.36 12.12
C ASN A 82 -16.26 -43.76 12.04
N VAL A 83 -16.28 -44.36 10.84
CA VAL A 83 -16.82 -45.69 10.58
C VAL A 83 -15.80 -46.48 9.74
N PHE A 84 -15.91 -47.81 9.72
CA PHE A 84 -15.01 -48.66 8.98
C PHE A 84 -15.09 -48.35 7.48
N GLY A 85 -13.94 -48.12 6.85
CA GLY A 85 -13.84 -47.82 5.42
C GLY A 85 -13.95 -46.34 5.08
N GLN A 86 -14.33 -45.49 6.03
CA GLN A 86 -14.46 -44.04 5.86
C GLN A 86 -13.67 -43.46 7.02
N ASP A 87 -12.34 -43.49 6.84
CA ASP A 87 -11.32 -43.01 7.77
C ASP A 87 -11.46 -41.53 8.12
N SER A 88 -12.32 -40.77 7.44
CA SER A 88 -12.55 -39.35 7.68
C SER A 88 -13.71 -39.18 8.66
N ASP A 89 -13.50 -38.42 9.73
CA ASP A 89 -14.52 -38.15 10.74
C ASP A 89 -15.57 -37.31 9.99
N ILE A 90 -16.79 -37.83 9.80
CA ILE A 90 -17.86 -37.13 9.08
C ILE A 90 -18.97 -36.70 10.05
N ILE A 91 -19.67 -35.62 9.70
CA ILE A 91 -20.74 -35.02 10.48
C ILE A 91 -21.91 -36.02 10.51
N THR A 92 -22.16 -36.63 11.66
CA THR A 92 -23.24 -37.59 11.81
C THR A 92 -24.59 -36.87 11.99
N SER A 93 -24.61 -35.66 12.55
CA SER A 93 -25.80 -34.84 12.78
C SER A 93 -25.39 -33.45 13.22
N ILE A 94 -26.39 -32.59 13.33
CA ILE A 94 -26.31 -31.20 13.73
C ILE A 94 -27.66 -30.82 14.34
N THR A 95 -27.64 -29.96 15.36
CA THR A 95 -28.80 -29.49 16.08
C THR A 95 -28.63 -27.98 16.33
N PHE A 96 -29.33 -27.12 15.58
CA PHE A 96 -29.25 -25.66 15.73
C PHE A 96 -30.09 -25.21 16.92
N ASN A 97 -29.71 -24.11 17.56
CA ASN A 97 -30.39 -23.50 18.72
C ASN A 97 -30.38 -22.00 18.47
N THR A 98 -31.54 -21.35 18.38
CA THR A 98 -31.61 -19.91 18.13
C THR A 98 -32.05 -19.11 19.35
N PHE A 99 -31.82 -17.80 19.27
CA PHE A 99 -32.18 -16.87 20.32
C PHE A 99 -33.70 -16.82 20.51
N LYS A 100 -34.48 -17.14 19.48
CA LYS A 100 -35.95 -17.16 19.55
C LYS A 100 -36.45 -18.43 20.24
N GLY A 101 -35.56 -19.38 20.57
CA GLY A 101 -35.89 -20.64 21.21
C GLY A 101 -36.08 -21.74 20.19
N LYS A 102 -35.87 -21.48 18.89
CA LYS A 102 -36.03 -22.52 17.89
C LYS A 102 -34.93 -23.53 18.14
N THR A 103 -35.30 -24.81 18.10
CA THR A 103 -34.40 -25.93 18.31
C THR A 103 -34.72 -26.88 17.15
N SER A 104 -33.80 -27.01 16.20
CA SER A 104 -34.04 -27.89 15.07
C SER A 104 -33.88 -29.35 15.50
N PRO A 105 -34.49 -30.31 14.80
CA PRO A 105 -34.29 -31.70 15.14
C PRO A 105 -32.86 -32.08 14.70
N PRO A 106 -32.31 -33.21 15.16
CA PRO A 106 -30.98 -33.67 14.79
C PRO A 106 -31.02 -34.02 13.30
N TYR A 107 -30.39 -33.22 12.44
CA TYR A 107 -30.39 -33.47 11.00
C TYR A 107 -29.34 -34.54 10.67
N GLY A 108 -29.65 -35.78 11.05
CA GLY A 108 -28.82 -36.96 10.87
C GLY A 108 -29.13 -37.89 12.04
N LEU A 109 -28.09 -38.39 12.70
CA LEU A 109 -28.16 -39.28 13.86
C LEU A 109 -27.06 -38.82 14.81
N GLU A 110 -27.45 -38.16 15.91
CA GLU A 110 -26.49 -37.69 16.89
C GLU A 110 -25.71 -38.89 17.44
N THR A 111 -24.45 -38.66 17.81
CA THR A 111 -23.56 -39.69 18.32
C THR A 111 -22.95 -39.21 19.66
N GLN A 112 -22.12 -40.06 20.27
CA GLN A 112 -21.44 -39.77 21.53
C GLN A 112 -20.54 -38.55 21.31
N LYS A 113 -19.66 -38.64 20.31
CA LYS A 113 -18.74 -37.57 19.95
C LYS A 113 -19.58 -36.37 19.58
N LYS A 114 -19.26 -35.22 20.14
CA LYS A 114 -19.99 -33.98 19.86
C LYS A 114 -19.13 -32.78 20.24
N PHE A 115 -19.56 -31.62 19.78
CA PHE A 115 -18.95 -30.33 19.99
C PHE A 115 -20.08 -29.29 19.96
N VAL A 116 -19.86 -28.09 20.50
CA VAL A 116 -20.85 -27.03 20.52
C VAL A 116 -20.15 -25.68 20.30
N LEU A 117 -20.51 -24.99 19.21
CA LEU A 117 -19.94 -23.70 18.87
C LEU A 117 -20.95 -22.60 19.14
N LYS A 118 -20.45 -21.49 19.67
CA LYS A 118 -21.16 -20.26 20.01
C LYS A 118 -20.19 -19.09 19.95
N ASP A 119 -20.73 -17.88 20.08
CA ASP A 119 -20.00 -16.62 20.08
C ASP A 119 -19.25 -16.40 21.40
N LYS A 120 -18.48 -15.31 21.47
CA LYS A 120 -17.74 -14.94 22.68
C LYS A 120 -17.65 -13.41 22.86
N ASN A 121 -17.93 -12.62 21.82
CA ASN A 121 -17.91 -11.16 21.84
C ASN A 121 -19.23 -10.58 21.31
N GLY A 122 -20.20 -11.41 20.96
CA GLY A 122 -21.48 -11.00 20.42
C GLY A 122 -21.37 -10.88 18.91
N GLY A 123 -21.99 -11.79 18.16
CA GLY A 123 -21.99 -11.80 16.71
C GLY A 123 -23.02 -12.79 16.17
N LYS A 124 -23.39 -12.67 14.89
CA LYS A 124 -24.36 -13.54 14.21
C LYS A 124 -23.61 -14.38 13.17
N LEU A 125 -24.19 -15.52 12.75
CA LEU A 125 -23.58 -16.40 11.76
C LEU A 125 -23.66 -15.74 10.39
N VAL A 126 -22.54 -15.68 9.66
CA VAL A 126 -22.47 -15.08 8.32
C VAL A 126 -21.77 -15.98 7.28
N GLY A 127 -21.05 -17.01 7.70
CA GLY A 127 -20.33 -17.91 6.81
C GLY A 127 -19.69 -19.05 7.59
N PHE A 128 -19.03 -19.95 6.85
CA PHE A 128 -18.37 -21.14 7.40
C PHE A 128 -16.98 -21.36 6.78
N HIS A 129 -16.22 -22.30 7.33
CA HIS A 129 -14.89 -22.70 6.85
C HIS A 129 -14.49 -24.05 7.46
N GLY A 130 -13.41 -24.69 6.97
CA GLY A 130 -12.95 -25.98 7.48
C GLY A 130 -12.28 -26.90 6.45
N ARG A 131 -13.08 -27.65 5.67
CA ARG A 131 -12.71 -28.65 4.66
C ARG A 131 -13.99 -29.37 4.22
N ALA A 132 -14.68 -28.81 3.24
CA ALA A 132 -15.91 -29.35 2.67
C ALA A 132 -15.83 -29.20 1.16
N GLY A 133 -16.69 -29.91 0.44
CA GLY A 133 -16.71 -29.84 -1.01
C GLY A 133 -17.95 -30.55 -1.50
N GLU A 134 -17.79 -31.80 -1.92
CA GLU A 134 -18.89 -32.63 -2.44
C GLU A 134 -19.70 -33.28 -1.34
N ALA A 135 -19.36 -33.05 -0.08
CA ALA A 135 -20.01 -33.53 1.11
C ALA A 135 -19.55 -32.65 2.27
N LEU A 136 -20.24 -32.75 3.40
CA LEU A 136 -19.93 -31.98 4.59
C LEU A 136 -19.03 -32.83 5.48
N TYR A 137 -17.74 -32.83 5.16
CA TYR A 137 -16.75 -33.61 5.90
C TYR A 137 -16.37 -32.88 7.17
N ALA A 138 -15.76 -31.69 7.06
CA ALA A 138 -15.33 -30.90 8.19
C ALA A 138 -15.69 -29.44 7.99
N LEU A 139 -16.31 -28.82 8.99
CA LEU A 139 -16.69 -27.41 8.90
C LEU A 139 -16.81 -26.79 10.29
N GLY A 140 -17.01 -25.48 10.32
CA GLY A 140 -17.17 -24.65 11.50
C GLY A 140 -17.78 -23.32 11.05
N ALA A 141 -18.35 -22.57 11.99
CA ALA A 141 -18.98 -21.28 11.73
C ALA A 141 -18.43 -20.25 12.70
N TYR A 142 -18.57 -18.98 12.35
CA TYR A 142 -18.12 -17.86 13.16
C TYR A 142 -19.25 -16.92 13.50
N PHE A 143 -19.03 -16.14 14.57
CA PHE A 143 -20.02 -15.20 15.06
C PHE A 143 -19.30 -13.90 15.37
N ALA A 144 -19.35 -12.96 14.43
CA ALA A 144 -18.77 -11.62 14.49
C ALA A 144 -19.62 -10.61 13.72
N THR A 145 -19.44 -9.32 14.00
CA THR A 145 -20.13 -8.22 13.33
C THR A 145 -19.06 -7.14 13.01
N THR A 146 -19.23 -6.39 11.92
CA THR A 146 -18.32 -5.33 11.51
C THR A 146 -19.10 -4.31 10.67
N THR A 147 -18.39 -3.31 10.17
CA THR A 147 -18.88 -2.22 9.33
C THR A 147 -18.81 -2.73 7.87
N THR A 148 -18.32 -1.92 6.93
CA THR A 148 -18.18 -2.26 5.53
C THR A 148 -16.75 -2.69 5.19
N PRO A 149 -16.56 -3.66 4.26
CA PRO A 149 -15.23 -4.09 3.85
C PRO A 149 -14.68 -3.05 2.88
N VAL A 150 -13.37 -2.81 2.91
CA VAL A 150 -12.65 -1.87 2.07
C VAL A 150 -11.27 -2.50 1.81
N THR A 151 -10.61 -2.08 0.73
CA THR A 151 -9.28 -2.55 0.36
C THR A 151 -8.44 -1.34 -0.07
N PRO A 152 -7.12 -1.35 0.22
CA PRO A 152 -6.22 -0.27 -0.16
C PRO A 152 -5.78 -0.46 -1.62
N ALA A 153 -5.05 0.52 -2.12
CA ALA A 153 -4.52 0.53 -3.48
C ALA A 153 -3.36 -0.45 -3.62
N LYS A 154 -2.95 -0.70 -4.86
CA LYS A 154 -1.85 -1.61 -5.18
C LYS A 154 -0.58 -0.79 -5.41
N LYS A 155 0.56 -1.38 -5.06
CA LYS A 155 1.88 -0.80 -5.24
C LYS A 155 2.54 -1.72 -6.27
N LEU A 156 3.38 -1.18 -7.13
CA LEU A 156 4.09 -1.92 -8.17
C LEU A 156 5.59 -1.98 -7.85
N SER A 157 6.40 -2.55 -8.75
CA SER A 157 7.84 -2.70 -8.58
C SER A 157 8.59 -1.79 -9.57
N ALA A 158 9.44 -0.92 -9.02
CA ALA A 158 10.26 0.04 -9.77
C ALA A 158 11.49 -0.65 -10.38
N ILE A 159 12.28 0.14 -11.12
CA ILE A 159 13.51 -0.29 -11.79
C ILE A 159 14.62 0.69 -11.40
N GLY A 160 15.87 0.27 -11.58
CA GLY A 160 17.08 1.03 -11.28
C GLY A 160 17.08 1.49 -9.83
N GLY A 161 16.77 2.77 -9.66
CA GLY A 161 16.73 3.45 -8.39
C GLY A 161 18.11 3.43 -7.75
N ASP A 162 18.20 2.78 -6.60
CA ASP A 162 19.37 2.60 -5.73
C ASP A 162 19.90 3.89 -5.11
N GLU A 163 19.66 5.02 -5.74
CA GLU A 163 20.06 6.34 -5.31
C GLU A 163 18.86 7.29 -5.41
N GLY A 164 18.83 8.25 -4.50
CA GLY A 164 17.84 9.28 -4.34
C GLY A 164 17.28 9.14 -2.93
N THR A 165 16.40 10.05 -2.53
CA THR A 165 15.78 10.02 -1.22
C THR A 165 14.64 9.00 -1.29
N ALA A 166 14.44 8.23 -0.23
CA ALA A 166 13.37 7.25 -0.18
C ALA A 166 12.12 8.06 0.14
N TRP A 167 11.15 8.21 -0.79
CA TRP A 167 9.95 8.99 -0.49
C TRP A 167 8.77 8.62 -1.35
N ASP A 168 7.62 8.38 -0.72
CA ASP A 168 6.35 8.08 -1.37
C ASP A 168 5.55 9.39 -1.42
N ASP A 169 4.73 9.55 -2.46
CA ASP A 169 3.85 10.70 -2.68
C ASP A 169 2.49 10.42 -2.06
N GLY A 170 2.10 9.14 -1.97
CA GLY A 170 0.83 8.69 -1.43
C GLY A 170 -0.21 8.79 -2.53
N ALA A 171 -1.45 9.08 -2.17
CA ALA A 171 -2.58 9.26 -3.07
C ALA A 171 -3.54 10.20 -2.37
N TYR A 172 -4.12 11.13 -3.10
CA TYR A 172 -5.02 12.12 -2.54
C TYR A 172 -6.45 11.92 -3.01
N ASP A 173 -7.36 12.78 -2.56
CA ASP A 173 -8.78 12.75 -2.90
C ASP A 173 -8.95 12.76 -4.42
N GLY A 174 -8.07 13.50 -5.09
CA GLY A 174 -7.98 13.70 -6.52
C GLY A 174 -6.74 14.54 -6.78
N VAL A 175 -6.52 14.87 -8.04
CA VAL A 175 -5.40 15.67 -8.52
C VAL A 175 -5.98 16.89 -9.26
N LYS A 176 -5.21 17.98 -9.39
CA LYS A 176 -5.67 19.18 -10.09
C LYS A 176 -4.73 19.48 -11.26
N LYS A 177 -3.42 19.52 -11.02
CA LYS A 177 -2.45 19.77 -12.08
C LYS A 177 -1.23 18.90 -11.89
N VAL A 178 -0.72 18.38 -13.00
CA VAL A 178 0.46 17.54 -13.03
C VAL A 178 1.60 18.49 -13.39
N TYR A 179 2.79 18.31 -12.81
CA TYR A 179 3.95 19.16 -13.07
C TYR A 179 5.18 18.26 -13.28
N VAL A 180 6.15 18.75 -14.04
CA VAL A 180 7.40 18.05 -14.35
C VAL A 180 8.51 19.12 -14.36
N GLY A 181 9.72 18.77 -13.92
CA GLY A 181 10.87 19.66 -13.87
C GLY A 181 12.10 18.87 -14.29
N GLN A 182 12.93 19.45 -15.15
CA GLN A 182 14.13 18.82 -15.67
C GLN A 182 15.28 19.81 -15.80
N GLY A 183 16.44 19.26 -16.16
CA GLY A 183 17.70 19.91 -16.40
C GLY A 183 18.32 19.20 -17.60
N GLN A 184 19.57 19.53 -17.92
CA GLN A 184 20.28 18.92 -19.05
C GLN A 184 20.51 17.43 -18.78
N ASP A 185 20.52 17.07 -17.50
CA ASP A 185 20.72 15.80 -16.85
C ASP A 185 19.51 14.87 -16.96
N GLY A 186 18.33 15.40 -17.30
CA GLY A 186 17.08 14.66 -17.43
C GLY A 186 16.09 15.15 -16.37
N ILE A 187 15.03 14.38 -16.10
CA ILE A 187 14.03 14.76 -15.10
C ILE A 187 14.75 14.84 -13.75
N SER A 188 14.64 15.99 -13.09
CA SER A 188 15.29 16.29 -11.82
C SER A 188 14.33 16.72 -10.71
N ALA A 189 13.11 17.17 -11.04
CA ALA A 189 12.14 17.61 -10.05
C ALA A 189 10.75 17.10 -10.35
N VAL A 190 9.96 16.89 -9.29
CA VAL A 190 8.59 16.43 -9.40
C VAL A 190 7.82 17.09 -8.28
N LYS A 191 6.58 17.45 -8.61
CA LYS A 191 5.59 18.10 -7.77
C LYS A 191 4.26 17.94 -8.49
N PHE A 192 3.17 18.24 -7.80
CA PHE A 192 1.80 18.17 -8.32
C PHE A 192 1.01 19.29 -7.64
N GLU A 193 -0.24 19.47 -8.02
CA GLU A 193 -1.16 20.45 -7.46
C GLU A 193 -2.44 19.65 -7.21
N TYR A 194 -3.00 19.72 -6.00
CA TYR A 194 -4.21 18.99 -5.62
C TYR A 194 -4.95 19.73 -4.50
N ASN A 195 -6.19 19.32 -4.23
CA ASN A 195 -7.06 19.86 -3.21
C ASN A 195 -7.33 18.81 -2.14
N LYS A 196 -7.54 19.26 -0.91
CA LYS A 196 -7.86 18.42 0.24
C LYS A 196 -9.14 19.02 0.81
N GLY A 197 -10.18 18.20 0.93
CA GLY A 197 -11.49 18.59 1.41
C GLY A 197 -12.08 19.66 0.50
N ALA A 198 -11.97 20.92 0.92
CA ALA A 198 -12.47 22.10 0.21
C ALA A 198 -11.40 23.18 0.04
N GLU A 199 -10.11 22.85 0.19
CA GLU A 199 -9.00 23.79 0.07
C GLU A 199 -7.91 23.26 -0.86
N ASN A 200 -7.55 24.02 -1.89
CA ASN A 200 -6.50 23.67 -2.86
C ASN A 200 -5.13 23.88 -2.20
N ILE A 201 -4.10 23.16 -2.64
CA ILE A 201 -2.74 23.21 -2.12
C ILE A 201 -1.81 23.46 -3.29
N VAL A 202 -0.84 24.36 -3.12
CA VAL A 202 0.13 24.70 -4.14
C VAL A 202 1.51 24.49 -3.52
N GLY A 203 2.39 23.74 -4.19
CA GLY A 203 3.73 23.48 -3.70
C GLY A 203 4.21 22.12 -4.18
N GLY A 204 4.53 21.24 -3.22
CA GLY A 204 5.00 19.88 -3.45
C GLY A 204 6.44 19.79 -3.95
N GLU A 205 7.06 20.90 -4.35
CA GLU A 205 8.42 20.97 -4.86
C GLU A 205 9.39 20.35 -3.85
N HIS A 206 10.28 19.47 -4.33
CA HIS A 206 11.24 18.76 -3.49
C HIS A 206 12.48 18.32 -4.28
N GLY A 207 12.28 17.84 -5.52
CA GLY A 207 13.40 17.42 -6.35
C GLY A 207 14.05 18.67 -6.93
N LYS A 208 15.35 18.60 -7.20
CA LYS A 208 16.21 19.67 -7.71
C LYS A 208 15.56 20.58 -8.76
N PRO A 209 15.07 21.78 -8.38
CA PRO A 209 14.47 22.68 -9.35
C PRO A 209 15.59 23.26 -10.22
N THR A 210 15.24 23.61 -11.46
CA THR A 210 16.19 24.16 -12.43
C THR A 210 15.68 25.52 -12.91
N LEU A 211 16.60 26.41 -13.31
CA LEU A 211 16.23 27.74 -13.82
C LEU A 211 15.44 27.64 -15.13
N LEU A 212 15.40 26.44 -15.74
CA LEU A 212 14.67 26.12 -16.96
C LEU A 212 13.16 26.28 -16.71
N GLY A 213 12.71 26.14 -15.45
CA GLY A 213 11.32 26.25 -15.07
C GLY A 213 10.75 24.86 -14.81
N PHE A 214 9.43 24.75 -14.93
CA PHE A 214 8.64 23.54 -14.76
C PHE A 214 7.58 23.57 -15.85
N GLU A 215 7.12 22.39 -16.24
CA GLU A 215 6.09 22.18 -17.24
C GLU A 215 4.84 21.75 -16.45
N GLU A 216 3.65 21.99 -16.99
CA GLU A 216 2.40 21.62 -16.32
C GLU A 216 1.32 21.18 -17.31
N PHE A 217 0.35 20.39 -16.83
CA PHE A 217 -0.77 19.88 -17.63
C PHE A 217 -2.05 19.87 -16.81
N GLU A 218 -3.16 20.24 -17.43
CA GLU A 218 -4.48 20.28 -16.80
C GLU A 218 -5.08 18.87 -16.89
N ILE A 219 -5.49 18.31 -15.76
CA ILE A 219 -6.09 16.99 -15.68
C ILE A 219 -7.40 17.17 -14.92
N ASP A 220 -8.54 17.03 -15.59
CA ASP A 220 -9.84 17.14 -14.96
C ASP A 220 -10.01 15.78 -14.31
N TYR A 221 -9.56 15.64 -13.07
CA TYR A 221 -9.60 14.42 -12.27
C TYR A 221 -10.86 13.54 -12.46
N PRO A 222 -12.10 14.03 -12.34
CA PRO A 222 -13.29 13.21 -12.54
C PRO A 222 -13.65 12.93 -14.02
N SER A 223 -13.08 13.64 -14.99
CA SER A 223 -13.36 13.44 -16.42
C SER A 223 -12.32 12.48 -17.00
N GLU A 224 -11.06 12.64 -16.61
CA GLU A 224 -9.94 11.82 -17.04
C GLU A 224 -9.79 10.67 -16.02
N TYR A 225 -8.93 9.70 -16.28
CA TYR A 225 -8.66 8.57 -15.38
C TYR A 225 -7.21 8.10 -15.46
N ILE A 226 -6.47 8.43 -16.54
CA ILE A 226 -5.08 8.07 -16.82
C ILE A 226 -4.90 6.56 -16.61
N THR A 227 -5.13 5.78 -17.65
CA THR A 227 -5.00 4.33 -17.61
C THR A 227 -3.59 3.84 -17.98
N ALA A 228 -2.67 4.73 -18.38
CA ALA A 228 -1.31 4.39 -18.74
C ALA A 228 -0.40 5.62 -18.66
N VAL A 229 0.92 5.39 -18.63
CA VAL A 229 1.95 6.43 -18.58
C VAL A 229 3.17 5.92 -19.38
N GLU A 230 3.99 6.81 -19.93
CA GLU A 230 5.18 6.50 -20.73
C GLU A 230 6.36 7.36 -20.26
N GLY A 231 7.52 7.17 -20.86
CA GLY A 231 8.73 7.91 -20.58
C GLY A 231 9.91 7.21 -21.25
N THR A 232 11.11 7.73 -21.08
CA THR A 232 12.31 7.12 -21.66
C THR A 232 13.44 7.25 -20.64
N TYR A 233 14.28 6.22 -20.51
CA TYR A 233 15.41 6.23 -19.60
C TYR A 233 16.68 5.69 -20.26
N ASP A 234 17.84 6.13 -19.77
CA ASP A 234 19.14 5.71 -20.26
C ASP A 234 20.07 5.44 -19.08
N LYS A 235 21.25 4.87 -19.34
CA LYS A 235 22.24 4.50 -18.32
C LYS A 235 23.21 5.63 -18.02
N ILE A 236 23.65 5.65 -16.76
CA ILE A 236 24.59 6.63 -16.23
C ILE A 236 25.96 6.01 -16.43
N PHE A 237 26.81 6.65 -17.23
CA PHE A 237 28.15 6.16 -17.47
C PHE A 237 28.94 6.15 -16.16
N GLY A 238 29.82 5.17 -15.97
CA GLY A 238 30.62 5.03 -14.76
C GLY A 238 29.83 4.41 -13.59
N SER A 239 28.57 4.05 -13.82
CA SER A 239 27.65 3.44 -12.88
C SER A 239 26.88 2.33 -13.60
N ASP A 240 25.95 1.70 -12.89
CA ASP A 240 25.10 0.63 -13.40
C ASP A 240 23.71 0.97 -12.86
N GLY A 241 22.96 1.79 -13.58
CA GLY A 241 21.61 2.21 -13.17
C GLY A 241 20.91 2.93 -14.31
N LEU A 242 19.70 3.45 -14.06
CA LEU A 242 18.88 4.15 -15.05
C LEU A 242 18.46 5.53 -14.53
N ILE A 243 18.28 6.47 -15.44
CA ILE A 243 17.85 7.85 -15.19
C ILE A 243 16.78 8.17 -16.23
N ILE A 244 15.63 8.70 -15.79
CA ILE A 244 14.52 9.06 -16.66
C ILE A 244 14.81 10.46 -17.23
N THR A 245 14.73 10.60 -18.55
CA THR A 245 14.99 11.84 -19.27
C THR A 245 13.70 12.42 -19.90
N MET A 246 12.66 11.59 -20.06
CA MET A 246 11.39 12.02 -20.64
C MET A 246 10.23 11.30 -19.96
N LEU A 247 9.05 11.91 -19.98
CA LEU A 247 7.82 11.41 -19.38
C LEU A 247 6.63 11.82 -20.27
N ARG A 248 5.62 10.96 -20.40
CA ARG A 248 4.41 11.19 -21.17
C ARG A 248 3.29 10.55 -20.38
N PHE A 249 2.05 11.03 -20.52
CA PHE A 249 0.90 10.50 -19.80
C PHE A 249 -0.20 10.19 -20.81
N LYS A 250 -0.57 8.93 -21.01
CA LYS A 250 -1.61 8.62 -22.00
C LYS A 250 -2.94 8.94 -21.34
N THR A 251 -3.59 9.95 -21.88
CA THR A 251 -4.87 10.48 -21.47
C THR A 251 -5.95 9.89 -22.38
N ASN A 252 -7.21 10.01 -21.97
CA ASN A 252 -8.38 9.54 -22.72
C ASN A 252 -9.12 10.80 -23.13
N LYS A 253 -9.79 10.81 -24.29
CA LYS A 253 -10.53 11.98 -24.76
C LYS A 253 -9.64 13.24 -24.90
N GLN A 254 -8.31 13.11 -24.81
CA GLN A 254 -7.34 14.17 -24.92
C GLN A 254 -6.03 13.55 -25.37
N THR A 255 -5.25 14.30 -26.13
CA THR A 255 -3.97 13.89 -26.69
C THR A 255 -2.88 14.74 -26.04
N SER A 256 -2.20 14.16 -25.06
CA SER A 256 -1.11 14.73 -24.28
C SER A 256 0.15 15.04 -25.08
N ALA A 257 0.99 15.89 -24.48
CA ALA A 257 2.27 16.37 -25.00
C ALA A 257 3.45 15.71 -24.27
N PRO A 258 4.68 15.76 -24.83
CA PRO A 258 5.86 15.20 -24.20
C PRO A 258 6.37 16.13 -23.10
N PHE A 259 7.16 15.59 -22.15
CA PHE A 259 7.76 16.32 -21.04
C PHE A 259 9.19 15.83 -20.91
N GLY A 260 10.18 16.67 -21.22
CA GLY A 260 11.60 16.30 -21.14
C GLY A 260 12.22 16.03 -22.51
N LEU A 261 13.41 15.44 -22.54
CA LEU A 261 14.16 15.11 -23.75
C LEU A 261 14.09 13.61 -24.01
N GLU A 262 13.38 13.22 -25.05
CA GLU A 262 13.18 11.85 -25.49
C GLU A 262 14.50 11.22 -25.94
N ALA A 263 15.04 10.29 -25.15
CA ALA A 263 16.26 9.57 -25.42
C ALA A 263 16.31 8.28 -24.59
N GLY A 264 17.09 7.29 -25.04
CA GLY A 264 17.24 6.02 -24.36
C GLY A 264 16.09 5.05 -24.58
N THR A 265 16.05 4.02 -23.74
CA THR A 265 15.08 2.95 -23.71
C THR A 265 13.70 3.53 -23.36
N ALA A 266 12.80 3.57 -24.35
CA ALA A 266 11.46 4.08 -24.16
C ALA A 266 10.65 2.99 -23.47
N PHE A 267 9.77 3.39 -22.57
CA PHE A 267 8.92 2.47 -21.82
C PHE A 267 7.53 3.05 -21.63
N GLU A 268 6.66 2.18 -21.13
CA GLU A 268 5.28 2.47 -20.84
C GLU A 268 4.83 1.60 -19.68
N LEU A 269 3.81 2.06 -18.96
CA LEU A 269 3.19 1.39 -17.82
C LEU A 269 1.69 1.46 -18.08
N LYS A 270 0.93 0.52 -17.52
CA LYS A 270 -0.51 0.42 -17.67
C LYS A 270 -1.02 -0.62 -16.68
N GLU A 271 -2.33 -0.76 -16.56
CA GLU A 271 -3.00 -1.71 -15.71
C GLU A 271 -4.18 -2.26 -16.50
N GLU A 272 -4.80 -3.37 -16.05
CA GLU A 272 -5.94 -3.94 -16.76
C GLU A 272 -7.17 -3.04 -16.66
N GLY A 273 -7.45 -2.52 -15.46
CA GLY A 273 -8.60 -1.66 -15.25
C GLY A 273 -8.46 -0.84 -13.98
N HIS A 274 -7.59 0.18 -13.98
CA HIS A 274 -7.40 1.04 -12.82
C HIS A 274 -6.95 2.43 -13.29
N LYS A 275 -7.16 3.43 -12.44
CA LYS A 275 -6.80 4.83 -12.64
C LYS A 275 -5.38 5.05 -12.14
N ILE A 276 -4.84 6.26 -12.29
CA ILE A 276 -3.50 6.64 -11.86
C ILE A 276 -3.62 7.88 -10.95
N VAL A 277 -3.34 7.68 -9.65
CA VAL A 277 -3.35 8.68 -8.59
C VAL A 277 -2.32 8.26 -7.51
N GLY A 278 -1.10 8.78 -7.62
CA GLY A 278 -0.03 8.53 -6.64
C GLY A 278 1.30 8.03 -7.20
N PHE A 279 2.41 8.45 -6.58
CA PHE A 279 3.79 8.10 -6.94
C PHE A 279 4.52 7.39 -5.77
N HIS A 280 5.24 6.30 -6.03
CA HIS A 280 6.04 5.55 -5.06
C HIS A 280 7.40 5.32 -5.73
N GLY A 281 8.52 5.48 -5.02
CA GLY A 281 9.85 5.31 -5.58
C GLY A 281 10.95 5.96 -4.74
N LYS A 282 12.10 6.21 -5.37
CA LYS A 282 13.27 6.84 -4.77
C LYS A 282 13.81 7.83 -5.80
N ALA A 283 14.01 9.09 -5.41
CA ALA A 283 14.52 10.16 -6.26
C ALA A 283 15.02 11.31 -5.39
N SER A 284 15.96 12.12 -5.87
CA SER A 284 16.50 13.27 -5.12
C SER A 284 16.83 14.34 -6.16
N GLU A 285 18.10 14.43 -6.55
CA GLU A 285 18.58 15.39 -7.53
C GLU A 285 18.28 14.91 -8.95
N LEU A 286 18.06 13.62 -9.14
CA LEU A 286 17.79 13.00 -10.42
C LEU A 286 16.64 12.01 -10.22
N LEU A 287 15.87 11.75 -11.28
CA LEU A 287 14.72 10.85 -11.25
C LEU A 287 15.12 9.43 -11.68
N HIS A 288 15.66 8.63 -10.76
CA HIS A 288 16.05 7.26 -11.07
C HIS A 288 14.84 6.32 -11.10
N GLN A 289 13.72 6.66 -10.43
CA GLN A 289 12.53 5.81 -10.41
C GLN A 289 11.24 6.59 -10.61
N PHE A 290 10.23 5.92 -11.15
CA PHE A 290 8.90 6.47 -11.38
C PHE A 290 7.94 5.29 -11.60
N GLY A 291 6.79 5.34 -10.95
CA GLY A 291 5.75 4.33 -11.01
C GLY A 291 4.45 4.99 -10.59
N VAL A 292 3.32 4.31 -10.77
CA VAL A 292 2.02 4.85 -10.42
C VAL A 292 1.18 3.85 -9.62
N HIS A 293 0.55 4.35 -8.56
CA HIS A 293 -0.31 3.54 -7.70
C HIS A 293 -1.59 3.33 -8.50
N VAL A 294 -2.21 2.16 -8.35
CA VAL A 294 -3.44 1.86 -9.09
C VAL A 294 -4.59 1.61 -8.12
N MET A 295 -5.74 2.20 -8.44
CA MET A 295 -7.03 2.17 -7.75
C MET A 295 -8.11 2.02 -8.82
N PRO A 296 -9.14 1.18 -8.65
CA PRO A 296 -10.17 1.02 -9.66
C PRO A 296 -11.03 2.28 -9.72
N LEU A 297 -11.84 2.41 -10.78
CA LEU A 297 -12.72 3.57 -10.95
C LEU A 297 -13.80 3.53 -9.86
N THR A 298 -14.54 2.43 -9.75
CA THR A 298 -15.59 2.25 -8.76
C THR A 298 -15.01 2.06 -7.34
N ASN A 299 -15.90 1.99 -6.36
CA ASN A 299 -15.62 1.78 -4.94
C ASN A 299 -15.81 0.30 -4.63
N ALA A 1 -12.98 -9.33 -15.60
CA ALA A 1 -12.19 -9.91 -16.71
C ALA A 1 -12.95 -10.99 -17.46
N GLN A 2 -13.83 -11.73 -16.79
CA GLN A 2 -14.60 -12.79 -17.43
C GLN A 2 -15.58 -12.12 -18.40
N LYS A 3 -15.69 -12.64 -19.62
CA LYS A 3 -16.57 -12.08 -20.64
C LYS A 3 -17.21 -13.20 -21.45
N VAL A 4 -18.47 -13.52 -21.17
CA VAL A 4 -19.16 -14.57 -21.91
C VAL A 4 -19.52 -14.02 -23.29
N GLU A 5 -19.43 -14.87 -24.31
CA GLU A 5 -19.72 -14.54 -25.69
C GLU A 5 -21.14 -14.97 -26.08
N ALA A 6 -21.84 -14.07 -26.78
CA ALA A 6 -23.19 -14.28 -27.26
C ALA A 6 -23.23 -15.29 -28.42
N GLY A 7 -24.45 -15.73 -28.75
CA GLY A 7 -24.76 -16.67 -29.82
C GLY A 7 -26.19 -16.40 -30.30
N GLY A 8 -26.52 -16.92 -31.47
CA GLY A 8 -27.83 -16.78 -32.11
C GLY A 8 -27.60 -16.86 -33.61
N GLY A 9 -27.76 -15.72 -34.29
CA GLY A 9 -27.59 -15.57 -35.73
C GLY A 9 -27.03 -14.20 -36.03
N ALA A 10 -26.99 -13.83 -37.32
CA ALA A 10 -26.46 -12.56 -37.77
C ALA A 10 -27.28 -12.05 -38.96
N GLY A 11 -28.30 -11.24 -38.65
CA GLY A 11 -29.20 -10.63 -39.61
C GLY A 11 -29.55 -9.18 -39.25
N GLY A 12 -28.75 -8.54 -38.38
CA GLY A 12 -28.97 -7.17 -37.94
C GLY A 12 -27.68 -6.37 -37.81
N ALA A 13 -27.83 -5.12 -37.36
CA ALA A 13 -26.75 -4.18 -37.17
C ALA A 13 -25.99 -4.46 -35.87
N SER A 14 -24.76 -3.96 -35.84
CA SER A 14 -23.85 -4.07 -34.71
C SER A 14 -24.46 -3.32 -33.52
N TRP A 15 -24.46 -3.99 -32.37
CA TRP A 15 -24.97 -3.45 -31.12
C TRP A 15 -23.99 -3.73 -29.97
N ASP A 16 -23.09 -4.70 -30.15
CA ASP A 16 -22.09 -5.04 -29.16
C ASP A 16 -21.02 -3.97 -29.31
N ASP A 17 -21.05 -2.99 -28.42
CA ASP A 17 -20.15 -1.86 -28.38
C ASP A 17 -19.37 -1.93 -27.08
N GLY A 18 -20.01 -1.57 -25.96
CA GLY A 18 -19.43 -1.57 -24.63
C GLY A 18 -20.51 -1.86 -23.60
N VAL A 19 -20.21 -1.54 -22.34
CA VAL A 19 -21.13 -1.76 -21.22
C VAL A 19 -21.46 -0.42 -20.56
N HIS A 20 -22.60 -0.38 -19.88
CA HIS A 20 -23.10 0.78 -19.17
C HIS A 20 -23.66 0.35 -17.80
N ASP A 21 -24.27 -0.85 -17.73
CA ASP A 21 -24.89 -1.47 -16.55
C ASP A 21 -26.01 -0.65 -15.90
N GLY A 22 -26.42 0.42 -16.56
CA GLY A 22 -27.47 1.33 -16.11
C GLY A 22 -28.89 0.84 -16.41
N VAL A 23 -29.07 -0.38 -16.93
CA VAL A 23 -30.41 -0.91 -17.22
C VAL A 23 -31.20 -1.00 -15.90
N ARG A 24 -32.53 -0.96 -15.98
CA ARG A 24 -33.40 -1.03 -14.80
C ARG A 24 -34.54 -2.05 -14.91
N LYS A 25 -35.05 -2.26 -16.12
CA LYS A 25 -36.16 -3.18 -16.39
C LYS A 25 -35.89 -3.96 -17.66
N VAL A 26 -36.69 -4.99 -17.91
CA VAL A 26 -36.55 -5.85 -19.06
C VAL A 26 -37.96 -6.16 -19.57
N HIS A 27 -38.53 -5.29 -20.41
CA HIS A 27 -39.86 -5.54 -20.96
C HIS A 27 -39.63 -6.36 -22.23
N VAL A 28 -40.42 -7.40 -22.41
CA VAL A 28 -40.41 -8.35 -23.51
C VAL A 28 -41.83 -8.84 -23.70
N GLY A 29 -42.22 -9.17 -24.91
CA GLY A 29 -43.56 -9.69 -25.21
C GLY A 29 -43.43 -11.08 -25.79
N GLN A 30 -44.44 -11.54 -26.52
CA GLN A 30 -44.45 -12.87 -27.12
C GLN A 30 -44.90 -12.79 -28.57
N GLY A 31 -44.63 -13.87 -29.30
CA GLY A 31 -44.94 -14.13 -30.69
C GLY A 31 -44.77 -15.63 -30.88
N GLN A 32 -44.95 -16.11 -32.10
CA GLN A 32 -44.81 -17.54 -32.41
C GLN A 32 -43.38 -17.84 -32.86
N ASP A 33 -42.79 -16.86 -33.52
CA ASP A 33 -41.47 -16.79 -34.11
C ASP A 33 -40.45 -16.02 -33.27
N GLY A 34 -40.85 -15.10 -32.38
CA GLY A 34 -39.88 -14.36 -31.58
C GLY A 34 -40.51 -13.24 -30.76
N VAL A 35 -39.68 -12.34 -30.25
CA VAL A 35 -40.08 -11.20 -29.43
C VAL A 35 -39.82 -9.92 -30.24
N SER A 36 -40.87 -9.43 -30.90
CA SER A 36 -40.78 -8.24 -31.74
C SER A 36 -40.73 -6.91 -30.96
N SER A 37 -41.18 -6.82 -29.70
CA SER A 37 -41.18 -5.57 -28.94
C SER A 37 -40.52 -5.70 -27.57
N ILE A 38 -39.75 -4.66 -27.20
CA ILE A 38 -39.05 -4.53 -25.93
C ILE A 38 -39.05 -3.05 -25.53
N ASN A 39 -38.95 -2.76 -24.24
CA ASN A 39 -38.93 -1.41 -23.67
C ASN A 39 -37.89 -1.43 -22.54
N VAL A 40 -37.06 -0.39 -22.39
CA VAL A 40 -36.03 -0.36 -21.36
C VAL A 40 -35.80 1.04 -20.81
N VAL A 41 -35.22 1.12 -19.60
CA VAL A 41 -34.87 2.34 -18.86
C VAL A 41 -33.35 2.25 -18.69
N TYR A 42 -32.63 3.35 -18.91
CA TYR A 42 -31.18 3.46 -18.78
C TYR A 42 -30.94 4.61 -17.82
N ALA A 43 -30.58 4.29 -16.58
CA ALA A 43 -30.31 5.24 -15.52
C ALA A 43 -28.89 5.75 -15.67
N LYS A 44 -28.73 7.02 -16.03
CA LYS A 44 -27.45 7.69 -16.17
C LYS A 44 -27.39 8.82 -15.15
N ASP A 45 -26.23 9.01 -14.51
CA ASP A 45 -25.99 10.05 -13.51
C ASP A 45 -26.94 9.83 -12.33
N SER A 46 -27.14 10.87 -11.52
CA SER A 46 -28.02 10.86 -10.34
C SER A 46 -29.51 10.87 -10.73
N GLN A 47 -29.87 10.39 -11.93
CA GLN A 47 -31.23 10.34 -12.46
C GLN A 47 -31.48 9.05 -13.24
N ASP A 48 -32.75 8.78 -13.50
CA ASP A 48 -33.25 7.64 -14.26
C ASP A 48 -33.71 8.27 -15.57
N VAL A 49 -33.48 7.63 -16.73
CA VAL A 49 -33.89 8.16 -18.02
C VAL A 49 -34.49 7.00 -18.81
N GLU A 50 -35.64 7.21 -19.45
CA GLU A 50 -36.27 6.18 -20.25
C GLU A 50 -35.37 5.91 -21.47
N GLY A 51 -35.05 4.63 -21.70
CA GLY A 51 -34.22 4.18 -22.80
C GLY A 51 -34.98 4.33 -24.10
N GLY A 52 -36.13 3.67 -24.20
CA GLY A 52 -37.00 3.71 -25.36
C GLY A 52 -37.74 2.39 -25.52
N GLU A 53 -38.74 2.40 -26.39
CA GLU A 53 -39.61 1.28 -26.72
C GLU A 53 -39.43 0.99 -28.21
N HIS A 54 -38.42 0.18 -28.53
CA HIS A 54 -38.11 -0.22 -29.90
C HIS A 54 -38.98 -1.41 -30.29
N GLY A 55 -38.95 -1.75 -31.58
CA GLY A 55 -39.72 -2.85 -32.12
C GLY A 55 -41.15 -2.46 -32.46
N LYS A 56 -41.99 -3.47 -32.69
CA LYS A 56 -43.39 -3.32 -33.02
C LYS A 56 -44.25 -3.81 -31.86
N LYS A 57 -44.80 -2.89 -31.07
CA LYS A 57 -45.63 -3.24 -29.93
C LYS A 57 -46.87 -4.04 -30.33
N THR A 58 -47.14 -5.11 -29.61
CA THR A 58 -48.26 -6.02 -29.84
C THR A 58 -48.95 -6.32 -28.51
N LEU A 59 -50.19 -5.84 -28.32
CA LEU A 59 -50.95 -6.08 -27.09
C LEU A 59 -51.30 -7.56 -26.85
N LEU A 60 -51.04 -8.44 -27.81
CA LEU A 60 -51.32 -9.87 -27.70
C LEU A 60 -50.28 -10.57 -26.83
N GLY A 61 -49.23 -9.89 -26.37
CA GLY A 61 -48.20 -10.49 -25.54
C GLY A 61 -47.14 -9.45 -25.21
N PHE A 62 -47.08 -9.03 -23.95
CA PHE A 62 -46.17 -8.06 -23.36
C PHE A 62 -46.10 -8.40 -21.86
N GLU A 63 -44.93 -8.25 -21.27
CA GLU A 63 -44.62 -8.52 -19.88
C GLU A 63 -43.71 -7.46 -19.30
N THR A 64 -43.63 -7.41 -17.98
CA THR A 64 -42.84 -6.49 -17.20
C THR A 64 -41.98 -7.28 -16.21
N PHE A 65 -40.68 -6.99 -16.22
CA PHE A 65 -39.69 -7.61 -15.36
C PHE A 65 -38.80 -6.47 -14.88
N GLU A 66 -38.47 -6.43 -13.60
CA GLU A 66 -37.63 -5.40 -13.01
C GLU A 66 -36.44 -6.06 -12.32
N VAL A 67 -35.28 -5.44 -12.41
CA VAL A 67 -34.07 -5.94 -11.79
C VAL A 67 -33.97 -5.14 -10.49
N ASP A 68 -34.19 -5.83 -9.37
CA ASP A 68 -34.15 -5.25 -8.04
C ASP A 68 -32.70 -4.96 -7.67
N ALA A 69 -32.49 -4.09 -6.68
CA ALA A 69 -31.14 -3.81 -6.21
C ALA A 69 -30.74 -4.85 -5.19
N ASP A 70 -31.71 -5.44 -4.49
CA ASP A 70 -31.45 -6.44 -3.47
C ASP A 70 -31.29 -7.84 -4.04
N ASP A 71 -31.93 -8.14 -5.18
CA ASP A 71 -31.87 -9.46 -5.82
C ASP A 71 -31.11 -9.33 -7.11
N TYR A 72 -30.38 -10.37 -7.50
CA TYR A 72 -29.60 -10.39 -8.75
C TYR A 72 -29.85 -11.68 -9.48
N ILE A 73 -29.61 -11.65 -10.79
CA ILE A 73 -29.79 -12.77 -11.70
C ILE A 73 -28.51 -13.60 -11.64
N VAL A 74 -28.68 -14.93 -11.64
CA VAL A 74 -27.60 -15.92 -11.58
C VAL A 74 -27.57 -16.82 -12.81
N ALA A 75 -28.69 -16.92 -13.56
CA ALA A 75 -28.76 -17.72 -14.77
C ALA A 75 -29.74 -17.07 -15.75
N VAL A 76 -29.56 -17.37 -17.02
CA VAL A 76 -30.39 -16.87 -18.11
C VAL A 76 -30.64 -18.08 -19.01
N GLN A 77 -31.81 -18.68 -18.88
CA GLN A 77 -32.21 -19.81 -19.69
C GLN A 77 -32.81 -19.11 -20.91
N VAL A 78 -32.30 -19.37 -22.11
CA VAL A 78 -32.80 -18.72 -23.32
C VAL A 78 -32.87 -19.78 -24.42
N THR A 79 -33.74 -19.57 -25.38
CA THR A 79 -34.00 -20.45 -26.51
C THR A 79 -34.12 -19.55 -27.75
N TYR A 80 -33.78 -20.11 -28.91
CA TYR A 80 -33.77 -19.41 -30.18
C TYR A 80 -33.97 -20.39 -31.32
N ASP A 81 -34.27 -19.94 -32.55
CA ASP A 81 -34.42 -20.82 -33.70
C ASP A 81 -34.30 -20.04 -35.02
N ASN A 82 -34.18 -20.77 -36.13
CA ASN A 82 -34.05 -20.27 -37.50
C ASN A 82 -35.26 -20.66 -38.34
N VAL A 83 -35.59 -19.84 -39.36
CA VAL A 83 -36.70 -20.06 -40.27
C VAL A 83 -36.09 -20.25 -41.65
N PHE A 84 -36.47 -21.36 -42.30
CA PHE A 84 -36.01 -21.72 -43.63
C PHE A 84 -36.30 -20.56 -44.59
N GLY A 85 -35.25 -20.05 -45.22
CA GLY A 85 -35.32 -18.93 -46.15
C GLY A 85 -34.62 -17.69 -45.62
N GLN A 86 -34.11 -17.73 -44.38
CA GLN A 86 -33.42 -16.65 -43.72
C GLN A 86 -32.14 -17.21 -43.12
N ASP A 87 -31.06 -16.43 -43.10
CA ASP A 87 -29.77 -16.84 -42.55
C ASP A 87 -29.73 -16.48 -41.06
N SER A 88 -30.56 -15.52 -40.63
CA SER A 88 -30.63 -15.07 -39.25
C SER A 88 -31.19 -16.17 -38.35
N ASP A 89 -31.34 -15.85 -37.08
CA ASP A 89 -31.83 -16.67 -35.99
C ASP A 89 -32.49 -15.65 -35.05
N ILE A 90 -33.49 -16.06 -34.29
CA ILE A 90 -34.23 -15.18 -33.40
C ILE A 90 -34.52 -15.89 -32.08
N ILE A 91 -34.48 -15.12 -30.99
CA ILE A 91 -34.74 -15.61 -29.64
C ILE A 91 -36.22 -15.95 -29.55
N THR A 92 -36.55 -17.20 -29.19
CA THR A 92 -37.92 -17.67 -29.06
C THR A 92 -38.44 -17.46 -27.64
N SER A 93 -37.60 -17.47 -26.59
CA SER A 93 -38.00 -17.23 -25.20
C SER A 93 -36.79 -16.89 -24.34
N ILE A 94 -37.09 -16.29 -23.19
CA ILE A 94 -36.13 -15.83 -22.18
C ILE A 94 -36.71 -16.12 -20.79
N THR A 95 -35.93 -16.77 -19.93
CA THR A 95 -36.30 -17.14 -18.58
C THR A 95 -35.14 -16.81 -17.63
N PHE A 96 -35.22 -15.70 -16.88
CA PHE A 96 -34.20 -15.28 -15.93
C PHE A 96 -34.39 -16.06 -14.63
N ASN A 97 -33.33 -16.24 -13.85
CA ASN A 97 -33.35 -16.96 -12.57
C ASN A 97 -32.57 -16.10 -11.58
N THR A 98 -33.16 -15.75 -10.43
CA THR A 98 -32.49 -14.94 -9.43
C THR A 98 -31.80 -15.79 -8.37
N PHE A 99 -30.94 -15.14 -7.58
CA PHE A 99 -30.21 -15.76 -6.48
C PHE A 99 -31.19 -16.20 -5.39
N LYS A 100 -32.38 -15.59 -5.37
CA LYS A 100 -33.43 -15.89 -4.40
C LYS A 100 -34.14 -17.21 -4.71
N GLY A 101 -33.82 -17.83 -5.84
CA GLY A 101 -34.35 -19.10 -6.28
C GLY A 101 -35.57 -18.93 -7.15
N LYS A 102 -36.04 -17.70 -7.34
CA LYS A 102 -37.19 -17.42 -8.14
C LYS A 102 -36.77 -17.44 -9.61
N THR A 103 -37.70 -17.81 -10.47
CA THR A 103 -37.53 -17.89 -11.90
C THR A 103 -38.76 -17.24 -12.53
N SER A 104 -38.55 -16.40 -13.54
CA SER A 104 -39.62 -15.72 -14.26
C SER A 104 -40.26 -16.72 -15.26
N PRO A 105 -41.46 -16.47 -15.79
CA PRO A 105 -42.04 -17.37 -16.76
C PRO A 105 -41.28 -17.24 -18.10
N PRO A 106 -41.39 -18.21 -19.02
CA PRO A 106 -40.72 -18.16 -20.32
C PRO A 106 -41.38 -17.06 -21.16
N TYR A 107 -40.72 -15.91 -21.27
CA TYR A 107 -41.22 -14.78 -22.05
C TYR A 107 -41.04 -15.10 -23.54
N GLY A 108 -41.94 -15.92 -24.08
CA GLY A 108 -41.95 -16.37 -25.46
C GLY A 108 -42.48 -17.80 -25.49
N LEU A 109 -41.83 -18.69 -26.24
CA LEU A 109 -42.15 -20.11 -26.41
C LEU A 109 -40.84 -20.88 -26.42
N GLU A 110 -40.68 -21.92 -25.60
CA GLU A 110 -39.46 -22.69 -25.57
C GLU A 110 -39.29 -23.51 -26.84
N THR A 111 -38.06 -23.86 -27.18
CA THR A 111 -37.73 -24.62 -28.38
C THR A 111 -36.59 -25.60 -28.05
N GLN A 112 -36.36 -26.60 -28.91
CA GLN A 112 -35.29 -27.59 -28.71
C GLN A 112 -33.92 -26.88 -28.69
N LYS A 113 -33.75 -25.92 -29.59
CA LYS A 113 -32.57 -25.08 -29.73
C LYS A 113 -32.57 -24.18 -28.50
N LYS A 114 -31.62 -24.36 -27.59
CA LYS A 114 -31.55 -23.57 -26.37
C LYS A 114 -30.13 -23.50 -25.83
N PHE A 115 -29.86 -22.51 -24.98
CA PHE A 115 -28.54 -22.33 -24.37
C PHE A 115 -28.63 -21.55 -23.05
N VAL A 116 -27.53 -21.59 -22.30
CA VAL A 116 -27.36 -20.93 -21.02
C VAL A 116 -25.95 -20.33 -21.03
N LEU A 117 -25.74 -19.22 -20.31
CA LEU A 117 -24.44 -18.54 -20.23
C LEU A 117 -23.76 -18.62 -18.87
N LYS A 118 -24.38 -19.36 -17.96
CA LYS A 118 -23.92 -19.52 -16.59
C LYS A 118 -22.43 -19.85 -16.49
N ASP A 119 -21.71 -18.95 -15.85
CA ASP A 119 -20.27 -19.03 -15.59
C ASP A 119 -20.03 -20.10 -14.50
N LYS A 120 -18.78 -20.39 -14.18
CA LYS A 120 -18.41 -21.36 -13.15
C LYS A 120 -17.56 -20.76 -12.03
N ASN A 121 -17.07 -19.54 -12.26
CA ASN A 121 -16.23 -18.81 -11.32
C ASN A 121 -17.00 -18.14 -10.17
N GLY A 122 -18.33 -18.18 -10.17
CA GLY A 122 -19.16 -17.59 -9.14
C GLY A 122 -19.55 -16.15 -9.48
N GLY A 123 -19.56 -15.81 -10.77
CA GLY A 123 -19.91 -14.50 -11.29
C GLY A 123 -21.37 -14.11 -11.01
N LYS A 124 -21.73 -12.89 -11.37
CA LYS A 124 -23.06 -12.30 -11.24
C LYS A 124 -23.38 -11.66 -12.58
N LEU A 125 -24.66 -11.53 -12.95
CA LEU A 125 -25.02 -10.92 -14.22
C LEU A 125 -24.63 -9.43 -14.17
N VAL A 126 -24.13 -8.86 -15.28
CA VAL A 126 -23.70 -7.46 -15.32
C VAL A 126 -24.26 -6.64 -16.49
N GLY A 127 -24.47 -7.24 -17.67
CA GLY A 127 -24.99 -6.48 -18.82
C GLY A 127 -25.29 -7.40 -19.99
N PHE A 128 -25.56 -6.83 -21.16
CA PHE A 128 -25.86 -7.54 -22.40
C PHE A 128 -25.10 -6.97 -23.58
N HIS A 129 -25.20 -7.66 -24.71
CA HIS A 129 -24.61 -7.35 -26.00
C HIS A 129 -25.35 -8.24 -27.02
N GLY A 130 -25.51 -7.79 -28.27
CA GLY A 130 -26.19 -8.64 -29.25
C GLY A 130 -26.74 -7.93 -30.46
N ARG A 131 -26.21 -8.26 -31.64
CA ARG A 131 -26.62 -7.71 -32.93
C ARG A 131 -28.14 -7.79 -33.02
N ALA A 132 -28.80 -6.64 -32.99
CA ALA A 132 -30.25 -6.50 -33.04
C ALA A 132 -30.58 -5.38 -34.03
N GLY A 133 -31.84 -5.31 -34.44
CA GLY A 133 -32.27 -4.29 -35.37
C GLY A 133 -33.79 -4.28 -35.41
N GLU A 134 -34.36 -4.94 -36.42
CA GLU A 134 -35.81 -5.02 -36.59
C GLU A 134 -36.45 -6.10 -35.70
N ALA A 135 -35.64 -6.92 -35.03
CA ALA A 135 -36.05 -7.99 -34.14
C ALA A 135 -34.86 -8.33 -33.23
N LEU A 136 -35.12 -9.13 -32.19
CA LEU A 136 -34.11 -9.58 -31.23
C LEU A 136 -33.55 -10.88 -31.81
N TYR A 137 -32.44 -10.77 -32.55
CA TYR A 137 -31.78 -11.89 -33.19
C TYR A 137 -30.99 -12.72 -32.17
N ALA A 138 -29.87 -12.19 -31.68
CA ALA A 138 -29.00 -12.87 -30.72
C ALA A 138 -29.11 -12.17 -29.36
N LEU A 139 -29.04 -12.93 -28.26
CA LEU A 139 -29.12 -12.41 -26.89
C LEU A 139 -28.04 -13.07 -26.04
N GLY A 140 -27.10 -12.27 -25.56
CA GLY A 140 -25.99 -12.69 -24.71
C GLY A 140 -25.89 -11.77 -23.50
N ALA A 141 -25.00 -12.10 -22.55
CA ALA A 141 -24.78 -11.32 -21.35
C ALA A 141 -23.34 -11.45 -20.88
N TYR A 142 -23.02 -10.70 -19.84
CA TYR A 142 -21.74 -10.64 -19.18
C TYR A 142 -21.97 -11.13 -17.75
N PHE A 143 -21.10 -12.02 -17.29
CA PHE A 143 -21.08 -12.68 -15.98
C PHE A 143 -19.71 -12.47 -15.34
N ALA A 144 -19.61 -11.51 -14.43
CA ALA A 144 -18.37 -11.18 -13.72
C ALA A 144 -18.73 -10.74 -12.30
N THR A 145 -17.77 -10.74 -11.39
CA THR A 145 -18.00 -10.31 -10.02
C THR A 145 -16.88 -9.38 -9.55
N THR A 146 -17.14 -8.71 -8.43
CA THR A 146 -16.27 -7.76 -7.75
C THR A 146 -16.25 -8.05 -6.23
N THR A 147 -16.83 -9.18 -5.81
CA THR A 147 -16.94 -9.63 -4.42
C THR A 147 -15.55 -9.91 -3.84
N THR A 148 -14.95 -8.88 -3.26
CA THR A 148 -13.63 -8.93 -2.64
C THR A 148 -13.64 -7.93 -1.47
N PRO A 149 -12.80 -8.14 -0.45
CA PRO A 149 -12.74 -7.25 0.70
C PRO A 149 -12.04 -5.93 0.32
N VAL A 150 -12.23 -4.91 1.15
CA VAL A 150 -11.65 -3.58 0.97
C VAL A 150 -10.15 -3.67 1.26
N THR A 151 -9.29 -3.25 0.33
CA THR A 151 -7.84 -3.29 0.49
C THR A 151 -7.19 -1.99 -0.02
N PRO A 152 -5.99 -1.65 0.46
CA PRO A 152 -5.24 -0.44 0.08
C PRO A 152 -4.55 -0.57 -1.29
N ALA A 153 -3.73 0.43 -1.64
CA ALA A 153 -2.99 0.51 -2.89
C ALA A 153 -1.89 -0.54 -2.99
N LYS A 154 -1.17 -0.52 -4.11
CA LYS A 154 -0.05 -1.40 -4.42
C LYS A 154 0.97 -0.62 -5.22
N LYS A 155 2.23 -1.02 -5.10
CA LYS A 155 3.41 -0.47 -5.76
C LYS A 155 3.90 -1.53 -6.74
N LEU A 156 4.20 -1.11 -7.97
CA LEU A 156 4.68 -1.99 -9.03
C LEU A 156 6.22 -1.98 -9.04
N SER A 157 6.84 -2.63 -10.02
CA SER A 157 8.28 -2.72 -10.17
C SER A 157 8.72 -1.64 -11.16
N ALA A 158 9.71 -0.83 -10.78
CA ALA A 158 10.28 0.24 -11.59
C ALA A 158 11.78 0.00 -11.78
N ILE A 159 12.47 0.89 -12.51
CA ILE A 159 13.91 0.82 -12.78
C ILE A 159 14.56 2.07 -12.21
N GLY A 160 15.79 1.93 -11.73
CA GLY A 160 16.59 3.00 -11.16
C GLY A 160 17.81 2.43 -10.45
N GLY A 161 17.67 2.21 -9.16
CA GLY A 161 18.67 1.67 -8.24
C GLY A 161 18.02 1.59 -6.86
N ASP A 162 18.81 1.57 -5.78
CA ASP A 162 18.35 1.50 -4.38
C ASP A 162 18.77 2.77 -3.60
N GLU A 163 19.54 3.65 -4.25
CA GLU A 163 20.07 4.90 -3.73
C GLU A 163 19.01 5.98 -3.64
N GLY A 164 18.63 6.39 -2.43
CA GLY A 164 17.64 7.42 -2.16
C GLY A 164 16.62 6.96 -1.13
N THR A 165 15.91 7.91 -0.54
CA THR A 165 14.91 7.66 0.47
C THR A 165 13.61 7.25 -0.22
N ALA A 166 12.87 6.30 0.35
CA ALA A 166 11.59 5.88 -0.21
C ALA A 166 10.64 7.07 -0.04
N TRP A 167 9.82 7.38 -1.06
CA TRP A 167 8.89 8.51 -1.02
C TRP A 167 7.44 8.13 -1.32
N ASP A 168 7.02 6.93 -0.94
CA ASP A 168 5.64 6.48 -1.13
C ASP A 168 4.83 7.30 -0.14
N ASP A 169 4.11 8.30 -0.64
CA ASP A 169 3.31 9.22 0.16
C ASP A 169 1.93 8.64 0.47
N GLY A 170 1.23 8.16 -0.56
CA GLY A 170 -0.09 7.57 -0.45
C GLY A 170 -0.88 7.92 -1.71
N ALA A 171 -2.04 8.56 -1.55
CA ALA A 171 -2.94 9.01 -2.60
C ALA A 171 -3.71 10.22 -2.08
N TYR A 172 -4.27 11.01 -2.97
CA TYR A 172 -5.05 12.19 -2.66
C TYR A 172 -6.44 12.08 -3.24
N ASP A 173 -7.36 12.92 -2.76
CA ASP A 173 -8.75 12.86 -3.19
C ASP A 173 -8.97 13.27 -4.63
N GLY A 174 -8.18 14.20 -5.17
CA GLY A 174 -8.36 14.64 -6.54
C GLY A 174 -7.37 15.73 -6.89
N VAL A 175 -6.32 15.38 -7.63
CA VAL A 175 -5.30 16.35 -8.03
C VAL A 175 -5.91 17.28 -9.09
N LYS A 176 -5.43 18.53 -9.19
CA LYS A 176 -5.98 19.52 -10.13
C LYS A 176 -5.11 19.82 -11.34
N LYS A 177 -3.78 19.93 -11.19
CA LYS A 177 -2.89 20.22 -12.32
C LYS A 177 -1.63 19.38 -12.15
N VAL A 178 -0.95 19.05 -13.25
CA VAL A 178 0.28 18.26 -13.22
C VAL A 178 1.36 19.12 -13.86
N TYR A 179 2.59 19.04 -13.35
CA TYR A 179 3.72 19.81 -13.82
C TYR A 179 4.92 18.95 -14.18
N VAL A 180 5.87 19.52 -14.92
CA VAL A 180 7.09 18.84 -15.33
C VAL A 180 8.27 19.76 -15.02
N GLY A 181 9.30 19.29 -14.31
CA GLY A 181 10.49 20.03 -13.90
C GLY A 181 11.77 19.32 -14.35
N GLN A 182 12.22 19.65 -15.56
CA GLN A 182 13.42 19.10 -16.18
C GLN A 182 14.72 19.69 -15.58
N GLY A 183 15.83 19.26 -16.14
CA GLY A 183 17.20 19.61 -15.84
C GLY A 183 18.05 19.26 -17.05
N GLN A 184 19.33 19.58 -16.98
CA GLN A 184 20.28 19.35 -18.05
C GLN A 184 20.41 17.85 -18.36
N ASP A 185 20.55 17.05 -17.31
CA ASP A 185 20.71 15.60 -17.37
C ASP A 185 19.36 14.93 -17.66
N GLY A 186 18.27 15.53 -17.17
CA GLY A 186 16.93 15.02 -17.33
C GLY A 186 16.01 15.49 -16.22
N ILE A 187 14.84 14.88 -16.16
CA ILE A 187 13.80 15.17 -15.19
C ILE A 187 14.43 14.87 -13.82
N SER A 188 14.51 15.89 -12.97
CA SER A 188 15.09 15.75 -11.64
C SER A 188 14.03 15.78 -10.53
N ALA A 189 12.92 16.49 -10.74
CA ALA A 189 11.84 16.59 -9.77
C ALA A 189 10.51 16.30 -10.45
N VAL A 190 9.48 16.05 -9.65
CA VAL A 190 8.11 15.77 -10.08
C VAL A 190 7.20 16.45 -9.05
N LYS A 191 6.09 17.06 -9.49
CA LYS A 191 5.13 17.72 -8.62
C LYS A 191 3.79 17.88 -9.34
N PHE A 192 2.72 18.07 -8.56
CA PHE A 192 1.35 18.26 -9.02
C PHE A 192 0.65 19.21 -8.04
N GLU A 193 -0.58 19.60 -8.36
CA GLU A 193 -1.43 20.49 -7.58
C GLU A 193 -2.58 19.66 -7.00
N TYR A 194 -3.08 20.01 -5.81
CA TYR A 194 -4.17 19.28 -5.16
C TYR A 194 -5.00 20.28 -4.35
N ASN A 195 -6.29 19.96 -4.14
CA ASN A 195 -7.28 20.73 -3.42
C ASN A 195 -7.89 19.75 -2.41
N LYS A 196 -7.38 19.68 -1.18
CA LYS A 196 -7.92 18.77 -0.17
C LYS A 196 -9.02 19.51 0.59
N GLY A 197 -10.12 18.83 0.91
CA GLY A 197 -11.27 19.38 1.63
C GLY A 197 -11.74 20.71 1.02
N ALA A 198 -11.88 20.73 -0.30
CA ALA A 198 -12.32 21.87 -1.10
C ALA A 198 -11.44 23.14 -1.00
N GLU A 199 -10.31 23.11 -0.30
CA GLU A 199 -9.37 24.23 -0.15
C GLU A 199 -8.39 24.17 -1.35
N ASN A 200 -7.19 24.77 -1.28
CA ASN A 200 -6.19 24.74 -2.36
C ASN A 200 -4.78 24.50 -1.80
N ILE A 201 -3.96 23.67 -2.46
CA ILE A 201 -2.60 23.33 -2.07
C ILE A 201 -1.70 23.65 -3.27
N VAL A 202 -0.70 24.50 -3.04
CA VAL A 202 0.24 24.92 -4.06
C VAL A 202 1.61 24.36 -3.69
N GLY A 203 2.33 23.79 -4.67
CA GLY A 203 3.66 23.22 -4.47
C GLY A 203 3.71 21.80 -4.98
N GLY A 204 4.00 20.85 -4.09
CA GLY A 204 4.09 19.42 -4.36
C GLY A 204 5.48 18.94 -4.75
N GLU A 205 6.49 19.81 -4.69
CA GLU A 205 7.86 19.54 -5.04
C GLU A 205 8.50 18.55 -4.05
N HIS A 206 8.94 17.39 -4.54
CA HIS A 206 9.57 16.33 -3.74
C HIS A 206 10.96 15.98 -4.32
N GLY A 207 11.50 16.81 -5.21
CA GLY A 207 12.80 16.65 -5.87
C GLY A 207 13.41 18.02 -6.11
N LYS A 208 14.58 18.08 -6.72
CA LYS A 208 15.29 19.32 -7.01
C LYS A 208 15.21 19.66 -8.51
N PRO A 209 14.36 20.61 -8.92
CA PRO A 209 14.25 21.01 -10.32
C PRO A 209 15.44 21.94 -10.65
N THR A 210 15.46 22.50 -11.87
CA THR A 210 16.53 23.41 -12.28
C THR A 210 15.95 24.80 -12.56
N LEU A 211 16.82 25.77 -12.84
CA LEU A 211 16.43 27.14 -13.14
C LEU A 211 15.66 27.26 -14.46
N LEU A 212 15.59 26.19 -15.26
CA LEU A 212 14.88 26.18 -16.54
C LEU A 212 13.39 26.45 -16.31
N GLY A 213 12.86 26.11 -15.13
CA GLY A 213 11.46 26.34 -14.77
C GLY A 213 10.68 25.03 -14.81
N PHE A 214 9.36 25.15 -15.01
CA PHE A 214 8.41 24.05 -15.08
C PHE A 214 7.48 24.25 -16.27
N GLU A 215 6.67 23.23 -16.55
CA GLU A 215 5.65 23.15 -17.59
C GLU A 215 4.38 22.69 -16.88
N GLU A 216 3.21 22.89 -17.48
CA GLU A 216 1.93 22.50 -16.90
C GLU A 216 1.01 21.86 -17.94
N PHE A 217 0.09 21.00 -17.49
CA PHE A 217 -0.88 20.32 -18.33
C PHE A 217 -2.22 20.20 -17.61
N GLU A 218 -3.32 20.35 -18.35
CA GLU A 218 -4.70 20.25 -17.88
C GLU A 218 -5.08 18.79 -17.71
N ILE A 219 -5.34 18.35 -16.48
CA ILE A 219 -5.76 16.99 -16.16
C ILE A 219 -7.02 17.10 -15.32
N ASP A 220 -8.18 16.83 -15.92
CA ASP A 220 -9.46 16.90 -15.22
C ASP A 220 -9.92 15.48 -14.96
N TYR A 221 -9.52 14.88 -13.83
CA TYR A 221 -9.92 13.53 -13.49
C TYR A 221 -11.45 13.28 -13.47
N PRO A 222 -12.35 14.22 -13.10
CA PRO A 222 -13.77 13.91 -13.14
C PRO A 222 -14.30 13.80 -14.59
N SER A 223 -13.47 14.05 -15.60
CA SER A 223 -13.80 14.00 -17.02
C SER A 223 -12.78 13.22 -17.85
N GLU A 224 -11.65 12.80 -17.28
CA GLU A 224 -10.56 12.09 -17.94
C GLU A 224 -9.99 11.02 -17.00
N TYR A 225 -9.29 10.02 -17.56
CA TYR A 225 -8.68 8.94 -16.81
C TYR A 225 -7.37 8.57 -17.48
N ILE A 226 -6.28 8.69 -16.72
CA ILE A 226 -4.95 8.35 -17.18
C ILE A 226 -4.87 6.84 -16.99
N THR A 227 -5.17 6.05 -18.02
CA THR A 227 -5.10 4.59 -17.90
C THR A 227 -3.66 4.08 -17.99
N ALA A 228 -2.75 4.84 -18.63
CA ALA A 228 -1.36 4.47 -18.82
C ALA A 228 -0.44 5.70 -18.80
N VAL A 229 0.85 5.47 -18.71
CA VAL A 229 1.90 6.48 -18.70
C VAL A 229 3.05 5.91 -19.53
N GLU A 230 3.83 6.78 -20.17
CA GLU A 230 4.99 6.42 -20.97
C GLU A 230 6.15 7.33 -20.58
N GLY A 231 7.37 6.91 -20.89
CA GLY A 231 8.58 7.65 -20.60
C GLY A 231 9.76 6.88 -21.16
N THR A 232 10.91 7.54 -21.27
CA THR A 232 12.13 6.92 -21.77
C THR A 232 13.27 7.24 -20.80
N TYR A 233 14.25 6.34 -20.68
CA TYR A 233 15.42 6.51 -19.82
C TYR A 233 16.66 5.93 -20.51
N ASP A 234 17.83 6.55 -20.28
CA ASP A 234 19.09 6.10 -20.87
C ASP A 234 20.16 5.99 -19.78
N LYS A 235 21.17 5.15 -19.99
CA LYS A 235 22.26 4.92 -19.03
C LYS A 235 23.17 6.13 -18.88
N ILE A 236 23.70 6.29 -17.67
CA ILE A 236 24.62 7.36 -17.33
C ILE A 236 25.97 6.74 -17.65
N PHE A 237 26.68 7.31 -18.62
CA PHE A 237 27.98 6.82 -19.04
C PHE A 237 28.92 6.69 -17.84
N GLY A 238 29.61 5.55 -17.75
CA GLY A 238 30.54 5.25 -16.68
C GLY A 238 29.86 4.60 -15.46
N SER A 239 28.55 4.33 -15.50
CA SER A 239 27.81 3.71 -14.42
C SER A 239 26.79 2.73 -15.01
N ASP A 240 26.18 1.93 -14.14
CA ASP A 240 25.14 0.94 -14.45
C ASP A 240 23.77 1.64 -14.33
N GLY A 241 23.74 2.85 -13.75
CA GLY A 241 22.58 3.68 -13.53
C GLY A 241 22.07 4.33 -14.81
N LEU A 242 20.95 5.03 -14.69
CA LEU A 242 20.26 5.72 -15.76
C LEU A 242 19.52 6.97 -15.26
N ILE A 243 19.05 7.78 -16.20
CA ILE A 243 18.30 9.01 -15.96
C ILE A 243 17.11 9.05 -16.92
N ILE A 244 16.00 9.59 -16.42
CA ILE A 244 14.74 9.79 -17.10
C ILE A 244 14.86 11.20 -17.68
N THR A 245 15.06 11.34 -19.00
CA THR A 245 15.18 12.64 -19.63
C THR A 245 13.90 13.05 -20.40
N MET A 246 12.89 12.16 -20.46
CA MET A 246 11.61 12.45 -21.13
C MET A 246 10.46 11.68 -20.48
N LEU A 247 9.28 12.31 -20.40
CA LEU A 247 8.04 11.75 -19.82
C LEU A 247 6.82 12.08 -20.70
N ARG A 248 5.78 11.24 -20.61
CA ARG A 248 4.51 11.33 -21.32
C ARG A 248 3.38 10.90 -20.39
N PHE A 249 2.12 11.09 -20.80
CA PHE A 249 0.93 10.72 -20.04
C PHE A 249 -0.18 10.33 -21.00
N LYS A 250 -0.62 9.07 -21.02
CA LYS A 250 -1.69 8.69 -21.93
C LYS A 250 -2.99 9.18 -21.33
N THR A 251 -3.62 10.12 -22.02
CA THR A 251 -4.86 10.77 -21.68
C THR A 251 -5.93 10.30 -22.67
N ASN A 252 -7.21 10.54 -22.39
CA ASN A 252 -8.34 10.17 -23.25
C ASN A 252 -9.00 11.49 -23.65
N LYS A 253 -9.44 11.59 -24.91
CA LYS A 253 -10.10 12.78 -25.48
C LYS A 253 -9.21 14.04 -25.50
N GLN A 254 -8.03 14.03 -24.89
CA GLN A 254 -7.06 15.11 -24.84
C GLN A 254 -5.78 14.62 -25.54
N THR A 255 -4.84 15.52 -25.82
CA THR A 255 -3.58 15.20 -26.47
C THR A 255 -2.40 15.80 -25.71
N SER A 256 -1.62 14.94 -25.04
CA SER A 256 -0.43 15.31 -24.29
C SER A 256 0.75 15.51 -25.25
N ALA A 257 1.94 15.81 -24.73
CA ALA A 257 3.15 16.03 -25.53
C ALA A 257 4.36 15.38 -24.84
N PRO A 258 5.45 15.08 -25.58
CA PRO A 258 6.64 14.48 -25.00
C PRO A 258 7.44 15.56 -24.24
N PHE A 259 7.34 15.56 -22.92
CA PHE A 259 8.05 16.51 -22.08
C PHE A 259 9.48 16.00 -21.95
N GLY A 260 10.39 16.49 -22.79
CA GLY A 260 11.79 16.10 -22.83
C GLY A 260 12.14 15.58 -24.22
N LEU A 261 13.32 14.99 -24.37
CA LEU A 261 13.80 14.45 -25.64
C LEU A 261 13.89 12.93 -25.53
N GLU A 262 13.18 12.24 -26.44
CA GLU A 262 13.09 10.79 -26.54
C GLU A 262 14.47 10.18 -26.78
N ALA A 263 14.99 9.43 -25.81
CA ALA A 263 16.30 8.77 -25.86
C ALA A 263 16.28 7.56 -24.92
N GLY A 264 17.04 6.52 -25.25
CA GLY A 264 17.13 5.31 -24.43
C GLY A 264 15.91 4.40 -24.52
N THR A 265 15.83 3.47 -23.57
CA THR A 265 14.77 2.48 -23.41
C THR A 265 13.45 3.19 -23.14
N ALA A 266 12.37 2.73 -23.76
CA ALA A 266 11.03 3.29 -23.61
C ALA A 266 10.15 2.35 -22.82
N PHE A 267 9.60 2.80 -21.68
CA PHE A 267 8.74 2.00 -20.83
C PHE A 267 7.35 2.61 -20.72
N GLU A 268 6.34 1.73 -20.58
CA GLU A 268 4.93 2.06 -20.45
C GLU A 268 4.40 1.28 -19.24
N LEU A 269 3.69 1.97 -18.35
CA LEU A 269 3.10 1.39 -17.15
C LEU A 269 1.59 1.61 -17.26
N LYS A 270 0.80 0.56 -17.07
CA LYS A 270 -0.66 0.60 -17.12
C LYS A 270 -1.19 -0.47 -16.16
N GLU A 271 -2.49 -0.49 -15.92
CA GLU A 271 -3.12 -1.46 -15.04
C GLU A 271 -4.42 -1.90 -15.71
N GLU A 272 -4.81 -3.15 -15.51
CA GLU A 272 -5.99 -3.77 -16.08
C GLU A 272 -7.32 -3.29 -15.47
N GLY A 273 -7.33 -2.45 -14.43
CA GLY A 273 -8.62 -2.00 -13.87
C GLY A 273 -8.60 -0.83 -12.89
N HIS A 274 -7.47 -0.49 -12.26
CA HIS A 274 -7.30 0.61 -11.31
C HIS A 274 -6.84 1.89 -12.03
N LYS A 275 -6.88 3.04 -11.34
CA LYS A 275 -6.47 4.37 -11.81
C LYS A 275 -5.14 4.79 -11.18
N ILE A 276 -4.45 5.79 -11.75
CA ILE A 276 -3.17 6.31 -11.25
C ILE A 276 -3.45 7.41 -10.24
N VAL A 277 -3.12 7.16 -8.97
CA VAL A 277 -3.28 8.11 -7.87
C VAL A 277 -2.20 7.77 -6.84
N GLY A 278 -1.05 8.44 -6.96
CA GLY A 278 0.11 8.29 -6.09
C GLY A 278 1.35 7.87 -6.86
N PHE A 279 2.52 8.23 -6.34
CA PHE A 279 3.83 7.95 -6.87
C PHE A 279 4.65 7.18 -5.83
N HIS A 280 5.71 6.48 -6.24
CA HIS A 280 6.56 5.72 -5.34
C HIS A 280 7.93 5.47 -5.99
N GLY A 281 8.84 4.84 -5.26
CA GLY A 281 10.19 4.49 -5.67
C GLY A 281 11.18 5.19 -4.74
N LYS A 282 11.95 6.17 -5.23
CA LYS A 282 12.93 6.87 -4.38
C LYS A 282 13.08 8.34 -4.76
N ALA A 283 13.47 9.15 -3.79
CA ALA A 283 13.70 10.58 -3.93
C ALA A 283 15.01 10.89 -3.19
N SER A 284 15.90 11.62 -3.86
CA SER A 284 17.19 12.04 -3.36
C SER A 284 17.73 13.01 -4.41
N GLU A 285 17.16 14.23 -4.39
CA GLU A 285 17.44 15.36 -5.27
C GLU A 285 17.00 15.06 -6.70
N LEU A 286 17.70 14.15 -7.38
CA LEU A 286 17.45 13.69 -8.74
C LEU A 286 16.35 12.64 -8.76
N LEU A 287 15.91 12.25 -9.96
CA LEU A 287 14.86 11.26 -10.20
C LEU A 287 15.50 9.88 -10.41
N HIS A 288 16.17 9.32 -9.38
CA HIS A 288 16.82 8.01 -9.49
C HIS A 288 15.86 6.86 -9.80
N GLN A 289 14.55 7.01 -9.60
CA GLN A 289 13.57 5.97 -9.88
C GLN A 289 12.25 6.71 -10.16
N PHE A 290 11.24 6.05 -10.73
CA PHE A 290 9.95 6.64 -11.01
C PHE A 290 8.94 5.50 -11.18
N GLY A 291 7.87 5.49 -10.38
CA GLY A 291 6.81 4.49 -10.41
C GLY A 291 5.54 5.10 -9.84
N VAL A 292 4.38 4.48 -10.07
CA VAL A 292 3.09 4.98 -9.58
C VAL A 292 2.22 3.89 -8.96
N HIS A 293 1.36 4.32 -8.04
CA HIS A 293 0.43 3.48 -7.30
C HIS A 293 -0.86 3.25 -8.08
N VAL A 294 -1.66 2.30 -7.61
CA VAL A 294 -2.95 1.92 -8.16
C VAL A 294 -4.02 2.01 -7.06
N MET A 295 -5.26 2.33 -7.44
CA MET A 295 -6.44 2.45 -6.58
C MET A 295 -7.68 2.16 -7.43
N PRO A 296 -8.77 1.59 -6.88
CA PRO A 296 -9.96 1.32 -7.65
C PRO A 296 -10.68 2.63 -7.99
N LEU A 297 -11.50 2.57 -9.04
CA LEU A 297 -12.31 3.69 -9.51
C LEU A 297 -13.67 3.64 -8.80
N THR A 298 -13.71 3.10 -7.59
CA THR A 298 -14.87 2.95 -6.72
C THR A 298 -14.38 3.24 -5.31
N ASN A 299 -15.31 3.47 -4.39
CA ASN A 299 -15.02 3.76 -2.99
C ASN A 299 -16.03 2.88 -2.28
#